data_8VDE
#
_entry.id   8VDE
#
_cell.length_a   1.00
_cell.length_b   1.00
_cell.length_c   1.00
_cell.angle_alpha   90.00
_cell.angle_beta   90.00
_cell.angle_gamma   90.00
#
_symmetry.space_group_name_H-M   'P 1'
#
loop_
_entity.id
_entity.type
_entity.pdbx_description
1 polymer 'Major capsid protein'
2 polymer 'Portal protein'
#
loop_
_entity_poly.entity_id
_entity_poly.type
_entity_poly.pdbx_seq_one_letter_code
_entity_poly.pdbx_strand_id
1 'polypeptide(L)'
;MEQTQKLKLNLQHFASNNVKPQVFNPDNVMMHEKKDGTLMNEFTTPILQEVMENSKIMQLGKYEPMEGTEKKFTFWADKP
GAYWVGEGQKIETSKATWVNATMRAFKLGVILPVTKEFLNYTYSQFFEEMKPMIAEAFYKKFDEAGILNQGNNPFGKSIA
QSIEKTNKVIKGDFTQDNIIDLEALLEDDELEANAFISKTQNRSLLRKIVDPETKERIYDRNSDSLDGLPVVNLKSSNLK
RGELITGDFDKLIYGIPQLIEYKIDETAQLSTVKNEDGTPVNLFEQDMVALRATMHVALHIADDKAFAKLVPADKRTDSV
PGEV
;
B1,B2,B3,B4,B5,C1,C2,C3,C4,C5,D1,D2,D3,D4,D5
2 'polypeptide(L)'
;MLKVNEFETDTDLRGNINYLFNDEANVVYTYDGTESDLLQNVNEVSKYIEHHMDYQRPRLKVLSDYYEGKTKNLVELTRR
KEEYMADNRVAHDYASYISDFINGYFLGNPIQYQDDDKDVLEAIEAFNDLNDVESHNRSLGLDLSIYGKAYELMIRNQDD
ETRLYKSDAMSTFIIYDNTVERNSIAGVRYLRTKPIDKTDEDEVFTVDLFTSHGVYRYLTNRTNGLKLTPRENSFESHSF
ERMPITEFSNNERRKGDYEKVITLIDLYDNAESDTANYMSDLNDAMLLIKGNLNLDPVEVRKQKEANVLFLEPTVYVDAE
GRETEGSVDGGYIYKQYDVQGTEAYKDRLNSDIHMFTNTPNMKDDNFSGTQSGEAMKYKLFGLEQRTKTKEGLFTKGLRR
RAKLLETILKNTRSIDANKDFNTVRYVYNRNLPKSLIEELKAYIDSGGKISQTTLMSLFSFFQDPELEVKKIEEDEKESI
KKAQKGIYKDPRDINDDEQDDDTKDTVDKKE
;
P1,P2,P3,P4,P5,P6,P7,P8,P9,Q1,Q2,Q3
#
# COMPACT_ATOMS: atom_id res chain seq x y z
N SER A 16 -31.64 20.75 80.46
CA SER A 16 -32.55 21.80 81.01
C SER A 16 -33.97 21.27 81.16
N ASN A 17 -34.46 20.61 80.11
CA ASN A 17 -35.83 20.08 80.11
C ASN A 17 -36.84 21.16 80.43
N ASN A 18 -36.57 22.39 80.00
CA ASN A 18 -37.51 23.50 80.18
C ASN A 18 -38.59 23.40 79.12
N VAL A 19 -39.81 23.06 79.54
CA VAL A 19 -40.89 22.77 78.60
C VAL A 19 -41.80 23.95 78.30
N LYS A 20 -41.67 25.07 78.99
CA LYS A 20 -42.52 26.21 78.69
C LYS A 20 -42.21 26.77 77.30
N PRO A 21 -43.18 27.39 76.64
CA PRO A 21 -42.97 27.84 75.25
C PRO A 21 -42.07 29.07 75.14
N GLN A 22 -41.35 29.12 74.02
CA GLN A 22 -40.38 30.16 73.71
C GLN A 22 -41.01 31.52 73.43
N VAL A 23 -40.63 32.53 74.21
CA VAL A 23 -41.00 33.92 73.92
C VAL A 23 -40.01 34.48 72.90
N PHE A 24 -40.52 35.26 71.94
CA PHE A 24 -39.71 35.89 70.91
C PHE A 24 -39.86 37.40 70.97
N ASN A 25 -38.86 38.09 70.40
CA ASN A 25 -38.87 39.55 70.33
C ASN A 25 -38.29 39.99 68.99
N PRO A 26 -39.09 40.63 68.11
CA PRO A 26 -40.52 40.98 68.26
C PRO A 26 -41.41 39.74 68.23
N ASP A 27 -42.65 39.89 68.70
CA ASP A 27 -43.58 38.78 68.79
C ASP A 27 -44.16 38.39 67.43
N ASN A 28 -43.31 38.17 66.43
CA ASN A 28 -43.78 37.86 65.09
C ASN A 28 -44.01 36.37 64.82
N VAL A 29 -43.58 35.48 65.71
CA VAL A 29 -43.66 34.04 65.46
C VAL A 29 -45.04 33.53 65.83
N MET A 30 -45.64 32.73 64.94
CA MET A 30 -46.93 32.09 65.20
C MET A 30 -46.75 30.83 66.03
N MET A 31 -47.68 30.59 66.96
CA MET A 31 -47.53 29.48 67.91
C MET A 31 -48.85 28.80 68.23
N HIS A 32 -48.75 27.48 68.44
CA HIS A 32 -49.86 26.62 68.86
C HIS A 32 -50.24 26.83 70.33
N GLU A 33 -49.27 27.17 71.17
CA GLU A 33 -49.46 27.29 72.61
C GLU A 33 -49.29 28.73 73.09
N LYS A 34 -50.36 29.30 73.65
CA LYS A 34 -50.24 30.59 74.33
C LYS A 34 -49.45 30.37 75.63
N LYS A 35 -48.67 31.38 76.01
CA LYS A 35 -47.77 31.17 77.15
C LYS A 35 -48.49 30.95 78.48
N ASP A 36 -49.80 31.19 78.56
CA ASP A 36 -50.55 30.76 79.74
C ASP A 36 -50.82 29.25 79.76
N GLY A 37 -50.44 28.55 78.69
CA GLY A 37 -50.63 27.11 78.59
C GLY A 37 -51.84 26.66 77.81
N THR A 38 -52.62 27.58 77.27
CA THR A 38 -53.71 27.22 76.36
C THR A 38 -53.14 26.67 75.05
N LEU A 39 -53.69 25.57 74.56
CA LEU A 39 -53.39 25.09 73.22
C LEU A 39 -54.54 25.46 72.28
N MET A 40 -54.21 26.04 71.14
CA MET A 40 -55.22 26.49 70.16
C MET A 40 -55.60 25.36 69.20
N ASN A 41 -56.22 24.33 69.76
CA ASN A 41 -56.94 23.35 68.95
C ASN A 41 -58.33 23.85 68.57
N GLU A 42 -58.95 23.15 67.62
CA GLU A 42 -60.28 23.48 67.10
C GLU A 42 -60.34 24.89 66.50
N PHE A 43 -59.21 25.45 66.10
CA PHE A 43 -59.13 26.83 65.64
C PHE A 43 -59.85 27.00 64.30
N THR A 44 -60.97 27.73 64.31
CA THR A 44 -61.68 28.10 63.09
C THR A 44 -60.86 29.15 62.32
N THR A 45 -60.45 28.83 61.10
CA THR A 45 -59.62 29.77 60.35
C THR A 45 -60.37 31.08 60.09
N PRO A 46 -59.70 32.24 60.24
CA PRO A 46 -60.36 33.51 59.97
C PRO A 46 -60.91 33.60 58.56
N ILE A 47 -62.00 34.33 58.39
CA ILE A 47 -62.56 34.64 57.07
C ILE A 47 -62.24 36.08 56.72
N LEU A 48 -61.68 36.28 55.52
CA LEU A 48 -61.29 37.61 55.05
C LEU A 48 -62.52 38.42 54.65
N GLN A 49 -62.78 39.55 55.32
CA GLN A 49 -63.90 40.40 54.92
C GLN A 49 -63.55 41.27 53.72
N GLU A 50 -62.51 42.08 53.85
CA GLU A 50 -62.23 43.16 52.92
C GLU A 50 -61.76 42.64 51.56
N VAL A 51 -62.03 43.41 50.50
CA VAL A 51 -61.54 43.07 49.17
C VAL A 51 -60.05 43.37 49.07
N MET A 52 -59.33 42.51 48.37
CA MET A 52 -57.91 42.72 48.10
C MET A 52 -57.69 43.80 47.04
N GLU A 53 -56.86 44.79 47.38
CA GLU A 53 -56.63 45.96 46.53
C GLU A 53 -55.59 45.71 45.44
N ASN A 54 -55.88 46.20 44.24
CA ASN A 54 -54.93 46.17 43.13
C ASN A 54 -53.92 47.31 43.27
N SER A 55 -52.80 47.19 42.53
CA SER A 55 -51.86 48.30 42.42
C SER A 55 -52.42 49.36 41.48
N LYS A 56 -52.59 50.58 41.99
CA LYS A 56 -53.11 51.65 41.15
C LYS A 56 -52.07 52.10 40.13
N ILE A 57 -50.78 51.95 40.45
CA ILE A 57 -49.76 52.26 39.46
C ILE A 57 -49.85 51.27 38.31
N MET A 58 -50.01 49.99 38.62
CA MET A 58 -50.16 49.00 37.56
C MET A 58 -51.46 49.21 36.81
N GLN A 59 -52.42 49.90 37.41
CA GLN A 59 -53.67 50.18 36.72
C GLN A 59 -53.54 51.35 35.75
N LEU A 60 -53.01 52.48 36.23
CA LEU A 60 -52.92 53.69 35.40
C LEU A 60 -51.70 53.73 34.49
N GLY A 61 -50.53 53.38 35.00
CA GLY A 61 -49.29 53.57 34.26
C GLY A 61 -49.11 52.66 33.05
N LYS A 62 -48.03 52.93 32.33
CA LYS A 62 -47.56 52.10 31.24
C LYS A 62 -46.54 51.08 31.73
N TYR A 63 -46.78 49.82 31.42
CA TYR A 63 -45.76 48.78 31.59
C TYR A 63 -44.60 48.97 30.60
N GLU A 64 -43.44 48.43 30.99
CA GLU A 64 -42.29 48.30 30.09
C GLU A 64 -41.57 46.97 30.32
N PRO A 65 -41.49 46.09 29.32
CA PRO A 65 -40.66 44.88 29.47
C PRO A 65 -39.24 45.22 29.88
N MET A 66 -38.77 44.61 30.96
CA MET A 66 -37.47 44.94 31.53
C MET A 66 -36.81 43.64 31.97
N GLU A 67 -35.76 43.22 31.24
CA GLU A 67 -35.07 41.99 31.58
C GLU A 67 -34.09 42.18 32.74
N GLY A 68 -33.19 43.16 32.64
CA GLY A 68 -32.25 43.44 33.71
C GLY A 68 -32.80 44.38 34.76
N THR A 69 -31.96 44.67 35.75
CA THR A 69 -32.29 45.61 36.82
C THR A 69 -32.24 47.06 36.38
N GLU A 70 -31.96 47.32 35.10
CA GLU A 70 -31.83 48.68 34.61
C GLU A 70 -32.32 48.71 33.17
N LYS A 71 -32.75 49.89 32.75
CA LYS A 71 -33.32 50.08 31.43
C LYS A 71 -32.89 51.45 30.92
N LYS A 72 -32.68 51.52 29.60
CA LYS A 72 -32.24 52.73 28.91
C LYS A 72 -33.27 53.17 27.88
N PHE A 73 -33.48 54.47 27.81
CA PHE A 73 -34.39 55.07 26.85
C PHE A 73 -33.62 56.14 26.10
N THR A 74 -33.93 56.30 24.82
CA THR A 74 -33.34 57.35 24.00
C THR A 74 -34.44 57.94 23.12
N PHE A 75 -34.45 59.26 23.02
CA PHE A 75 -35.51 59.96 22.31
C PHE A 75 -34.92 61.07 21.43
N TRP A 76 -35.57 61.32 20.31
CA TRP A 76 -35.23 62.52 19.53
C TRP A 76 -35.50 63.76 20.35
N ALA A 77 -34.66 64.78 20.13
CA ALA A 77 -34.78 66.05 20.82
C ALA A 77 -34.78 67.21 19.83
N ASP A 78 -33.80 67.24 18.92
CA ASP A 78 -33.73 68.31 17.93
C ASP A 78 -33.88 67.77 16.51
N LYS A 79 -34.63 68.53 15.70
CA LYS A 79 -34.92 68.26 14.30
C LYS A 79 -34.34 69.34 13.40
N PRO A 80 -33.83 68.97 12.22
CA PRO A 80 -33.08 69.92 11.39
C PRO A 80 -33.95 71.09 10.93
N GLY A 81 -33.28 72.24 10.75
CA GLY A 81 -33.93 73.41 10.19
C GLY A 81 -34.08 73.28 8.68
N ALA A 82 -34.51 74.38 8.06
CA ALA A 82 -34.55 74.44 6.60
C ALA A 82 -34.36 75.87 6.15
N TYR A 83 -33.68 76.03 5.01
CA TYR A 83 -33.30 77.34 4.50
C TYR A 83 -33.90 77.60 3.14
N TRP A 84 -34.42 78.81 2.93
CA TRP A 84 -34.61 79.31 1.58
C TRP A 84 -33.23 79.60 1.01
N VAL A 85 -32.93 79.11 -0.19
CA VAL A 85 -31.66 79.41 -0.83
C VAL A 85 -31.90 79.94 -2.23
N GLY A 86 -31.19 81.00 -2.59
CA GLY A 86 -31.26 81.50 -3.94
C GLY A 86 -30.71 80.49 -4.93
N GLU A 87 -31.12 80.64 -6.19
CA GLU A 87 -30.62 79.76 -7.23
C GLU A 87 -29.10 79.77 -7.25
N GLY A 88 -28.51 78.59 -7.05
CA GLY A 88 -27.07 78.44 -7.00
C GLY A 88 -26.39 78.92 -5.73
N GLN A 89 -27.14 79.28 -4.69
CA GLN A 89 -26.54 79.62 -3.42
C GLN A 89 -26.08 78.36 -2.67
N LYS A 90 -25.19 78.56 -1.70
CA LYS A 90 -24.72 77.46 -0.86
C LYS A 90 -25.81 77.03 0.12
N ILE A 91 -26.16 75.75 0.10
CA ILE A 91 -27.16 75.19 1.01
C ILE A 91 -26.55 75.03 2.41
N GLU A 92 -27.05 75.79 3.36
CA GLU A 92 -26.55 75.71 4.74
C GLU A 92 -26.89 74.34 5.34
N THR A 93 -25.98 73.82 6.16
CA THR A 93 -26.21 72.55 6.86
C THR A 93 -27.22 72.73 8.01
N SER A 94 -27.69 71.60 8.55
CA SER A 94 -28.42 71.58 9.82
C SER A 94 -28.13 70.28 10.57
N LYS A 95 -28.79 70.09 11.71
CA LYS A 95 -28.39 69.07 12.68
C LYS A 95 -29.56 68.43 13.41
N ALA A 96 -29.45 67.11 13.64
CA ALA A 96 -30.33 66.32 14.51
C ALA A 96 -29.71 66.09 15.90
N THR A 97 -30.56 65.87 16.91
CA THR A 97 -30.08 65.63 18.28
C THR A 97 -31.01 64.67 19.02
N TRP A 98 -30.43 63.91 19.97
CA TRP A 98 -31.16 62.97 20.82
C TRP A 98 -30.80 63.17 22.29
N VAL A 99 -31.57 62.54 23.17
CA VAL A 99 -31.36 62.57 24.62
C VAL A 99 -31.65 61.21 25.24
N ASN A 100 -30.99 60.89 26.35
CA ASN A 100 -31.16 59.60 27.02
C ASN A 100 -31.71 59.73 28.44
N ALA A 101 -32.40 58.68 28.87
CA ALA A 101 -32.97 58.55 30.21
C ALA A 101 -32.82 57.11 30.65
N THR A 102 -32.95 56.86 31.96
CA THR A 102 -32.76 55.50 32.46
C THR A 102 -33.60 55.26 33.71
N MET A 103 -33.90 53.98 33.98
CA MET A 103 -34.64 53.60 35.18
C MET A 103 -34.06 52.32 35.76
N ARG A 104 -34.17 52.18 37.09
CA ARG A 104 -33.66 51.01 37.80
C ARG A 104 -34.73 50.42 38.72
N ALA A 105 -34.58 49.14 39.02
CA ALA A 105 -35.47 48.37 39.88
C ALA A 105 -35.04 48.34 41.35
N PHE A 106 -36.03 48.10 42.22
CA PHE A 106 -35.81 47.86 43.65
C PHE A 106 -36.58 46.62 44.09
N LYS A 107 -36.12 46.02 45.19
CA LYS A 107 -36.67 44.76 45.72
C LYS A 107 -37.50 44.95 46.97
N LEU A 108 -38.76 44.51 46.91
CA LEU A 108 -39.63 44.40 48.07
C LEU A 108 -39.44 43.03 48.71
N GLY A 109 -39.72 42.91 50.00
CA GLY A 109 -39.74 41.58 50.61
C GLY A 109 -40.27 41.58 52.03
N VAL A 110 -40.63 40.38 52.49
CA VAL A 110 -40.96 40.16 53.89
C VAL A 110 -40.86 38.66 54.21
N ILE A 111 -40.66 38.33 55.49
CA ILE A 111 -40.60 36.96 56.00
C ILE A 111 -41.63 36.75 57.11
N LEU A 112 -42.35 35.64 57.03
CA LEU A 112 -43.28 35.20 58.09
C LEU A 112 -42.72 33.97 58.79
N PRO A 113 -42.41 34.02 60.09
CA PRO A 113 -41.92 32.85 60.82
C PRO A 113 -43.03 32.10 61.54
N VAL A 114 -43.02 30.77 61.43
CA VAL A 114 -44.08 29.93 61.99
C VAL A 114 -43.49 28.69 62.66
N THR A 115 -44.01 28.37 63.85
CA THR A 115 -43.56 27.18 64.57
C THR A 115 -44.16 25.92 63.96
N LYS A 116 -43.34 24.86 63.87
CA LYS A 116 -43.82 23.60 63.30
C LYS A 116 -45.13 23.15 63.92
N GLU A 117 -45.22 23.26 65.25
CA GLU A 117 -46.37 22.73 65.96
C GLU A 117 -47.63 23.50 65.62
N PHE A 118 -47.53 24.83 65.50
CA PHE A 118 -48.64 25.63 65.00
C PHE A 118 -49.05 25.16 63.61
N LEU A 119 -48.08 25.02 62.72
CA LEU A 119 -48.37 24.71 61.33
C LEU A 119 -48.87 23.29 61.14
N ASN A 120 -48.86 22.47 62.18
CA ASN A 120 -49.48 21.16 62.12
C ASN A 120 -50.79 21.04 62.89
N TYR A 121 -50.95 21.74 64.01
CA TYR A 121 -52.08 21.51 64.90
C TYR A 121 -52.98 22.71 65.08
N THR A 122 -52.71 23.83 64.41
CA THR A 122 -53.61 24.97 64.52
C THR A 122 -54.09 25.49 63.18
N TYR A 123 -53.20 25.59 62.18
CA TYR A 123 -53.58 26.26 60.94
C TYR A 123 -52.76 25.68 59.77
N SER A 124 -53.11 24.44 59.41
CA SER A 124 -52.36 23.71 58.40
C SER A 124 -52.16 24.50 57.10
N GLN A 125 -53.16 25.27 56.69
CA GLN A 125 -53.12 26.04 55.44
C GLN A 125 -52.49 27.44 55.57
N PHE A 126 -51.90 27.79 56.71
CA PHE A 126 -51.61 29.21 56.99
C PHE A 126 -50.85 29.93 55.87
N PHE A 127 -49.79 29.33 55.32
CA PHE A 127 -49.03 30.06 54.31
C PHE A 127 -49.83 30.32 53.03
N GLU A 128 -50.74 29.41 52.64
CA GLU A 128 -51.53 29.67 51.44
C GLU A 128 -52.46 30.86 51.60
N GLU A 129 -53.04 31.05 52.78
CA GLU A 129 -53.89 32.22 53.00
C GLU A 129 -53.09 33.49 53.27
N MET A 130 -51.77 33.40 53.38
CA MET A 130 -50.93 34.60 53.45
C MET A 130 -50.53 35.16 52.09
N LYS A 131 -50.27 34.31 51.10
CA LYS A 131 -49.87 34.81 49.77
C LYS A 131 -50.71 35.98 49.28
N PRO A 132 -52.06 35.92 49.31
CA PRO A 132 -52.84 37.11 48.92
C PRO A 132 -52.49 38.34 49.73
N MET A 133 -52.50 38.24 51.06
CA MET A 133 -52.28 39.41 51.88
C MET A 133 -50.88 39.99 51.68
N ILE A 134 -49.90 39.15 51.36
CA ILE A 134 -48.57 39.65 51.06
C ILE A 134 -48.57 40.40 49.74
N ALA A 135 -49.19 39.81 48.71
CA ALA A 135 -49.25 40.51 47.42
C ALA A 135 -49.89 41.89 47.61
N GLU A 136 -51.00 41.93 48.34
CA GLU A 136 -51.72 43.17 48.56
C GLU A 136 -50.84 44.20 49.29
N ALA A 137 -50.09 43.75 50.31
CA ALA A 137 -49.20 44.65 51.02
C ALA A 137 -48.09 45.18 50.11
N PHE A 138 -47.57 44.34 49.20
CA PHE A 138 -46.56 44.82 48.26
C PHE A 138 -47.12 45.87 47.32
N TYR A 139 -48.24 45.57 46.66
CA TYR A 139 -48.90 46.55 45.81
C TYR A 139 -49.12 47.88 46.53
N LYS A 140 -49.65 47.85 47.74
CA LYS A 140 -49.87 49.12 48.44
C LYS A 140 -48.54 49.84 48.72
N LYS A 141 -47.51 49.11 49.14
CA LYS A 141 -46.22 49.74 49.36
C LYS A 141 -45.72 50.41 48.08
N PHE A 142 -45.92 49.77 46.94
CA PHE A 142 -45.46 50.31 45.67
C PHE A 142 -46.26 51.55 45.29
N ASP A 143 -47.59 51.47 45.39
CA ASP A 143 -48.41 52.62 45.04
C ASP A 143 -48.06 53.82 45.90
N GLU A 144 -47.94 53.63 47.21
CA GLU A 144 -47.66 54.77 48.07
C GLU A 144 -46.25 55.30 47.85
N ALA A 145 -45.32 54.45 47.40
CA ALA A 145 -43.98 54.97 47.09
C ALA A 145 -44.01 55.81 45.83
N GLY A 146 -44.50 55.24 44.73
CA GLY A 146 -44.42 55.93 43.45
C GLY A 146 -45.35 57.13 43.32
N ILE A 147 -46.58 57.02 43.82
CA ILE A 147 -47.54 58.11 43.70
C ILE A 147 -47.23 59.22 44.70
N LEU A 148 -47.18 58.88 45.98
CA LEU A 148 -47.13 59.89 47.03
C LEU A 148 -45.75 60.13 47.61
N ASN A 149 -44.73 59.38 47.20
CA ASN A 149 -43.40 59.55 47.77
C ASN A 149 -43.43 59.29 49.29
N GLN A 150 -44.21 58.29 49.69
CA GLN A 150 -44.37 57.95 51.10
C GLN A 150 -43.89 56.53 51.33
N GLY A 151 -43.54 56.25 52.58
CA GLY A 151 -43.06 54.93 52.93
C GLY A 151 -41.65 54.63 52.49
N ASN A 152 -40.73 55.58 52.71
CA ASN A 152 -39.33 55.43 52.35
C ASN A 152 -39.17 55.06 50.87
N ASN A 153 -39.63 55.97 50.01
CA ASN A 153 -39.52 55.77 48.58
C ASN A 153 -38.08 55.50 48.17
N PRO A 154 -37.77 54.32 47.61
CA PRO A 154 -36.37 54.05 47.24
C PRO A 154 -35.98 54.81 45.99
N PHE A 155 -36.94 54.99 45.08
CA PHE A 155 -36.64 55.69 43.85
C PHE A 155 -36.44 57.17 44.13
N GLY A 156 -35.54 57.80 43.38
CA GLY A 156 -35.39 59.23 43.44
C GLY A 156 -36.43 59.91 42.56
N LYS A 157 -37.55 59.23 42.37
CA LYS A 157 -38.57 59.61 41.39
C LYS A 157 -39.94 59.42 42.03
N SER A 158 -40.87 60.32 41.73
CA SER A 158 -42.25 60.09 42.11
C SER A 158 -43.13 61.21 41.54
N ILE A 159 -44.43 60.94 41.48
CA ILE A 159 -45.38 61.95 41.02
C ILE A 159 -45.34 63.15 41.96
N ALA A 160 -45.51 62.90 43.25
CA ALA A 160 -45.50 64.01 44.21
C ALA A 160 -44.22 64.82 44.12
N GLN A 161 -43.09 64.16 43.81
CA GLN A 161 -41.83 64.89 43.73
C GLN A 161 -41.72 65.68 42.43
N SER A 162 -42.27 65.16 41.34
CA SER A 162 -42.30 65.95 40.10
C SER A 162 -43.18 67.17 40.29
N ILE A 163 -44.32 66.97 40.94
CA ILE A 163 -45.21 68.09 41.25
C ILE A 163 -44.48 69.11 42.10
N GLU A 164 -43.70 68.65 43.08
CA GLU A 164 -42.96 69.59 43.92
C GLU A 164 -41.94 70.38 43.12
N LYS A 165 -41.24 69.74 42.19
CA LYS A 165 -40.22 70.49 41.44
C LYS A 165 -40.85 71.44 40.42
N THR A 166 -42.02 71.12 39.88
CA THR A 166 -42.68 72.01 38.94
C THR A 166 -43.60 73.04 39.61
N ASN A 167 -43.94 72.85 40.89
CA ASN A 167 -44.89 73.72 41.58
C ASN A 167 -46.21 73.82 40.83
N LYS A 168 -46.60 72.71 40.19
CA LYS A 168 -47.79 72.64 39.34
C LYS A 168 -49.04 72.32 40.17
N VAL A 169 -49.25 73.18 41.18
CA VAL A 169 -50.31 73.02 42.16
C VAL A 169 -51.32 74.17 42.08
N ILE A 170 -52.59 73.81 42.13
CA ILE A 170 -53.72 74.74 42.21
C ILE A 170 -54.21 74.75 43.65
N LYS A 171 -54.53 75.94 44.17
CA LYS A 171 -55.08 76.07 45.52
C LYS A 171 -56.57 76.38 45.46
N GLY A 172 -57.35 75.68 46.27
CA GLY A 172 -58.77 75.95 46.40
C GLY A 172 -59.70 74.74 46.48
N ASP A 173 -61.00 75.04 46.49
CA ASP A 173 -62.07 74.06 46.65
C ASP A 173 -62.38 73.32 45.35
N PHE A 174 -62.95 72.13 45.50
CA PHE A 174 -63.43 71.35 44.37
C PHE A 174 -64.57 72.10 43.69
N THR A 175 -64.31 72.62 42.50
CA THR A 175 -65.29 73.41 41.77
C THR A 175 -65.05 73.19 40.28
N GLN A 176 -66.09 73.42 39.47
CA GLN A 176 -65.89 73.27 38.03
C GLN A 176 -64.80 74.22 37.55
N ASP A 177 -64.74 75.40 38.15
CA ASP A 177 -63.68 76.36 37.87
C ASP A 177 -62.30 75.75 38.09
N ASN A 178 -62.02 75.33 39.32
CA ASN A 178 -60.69 74.84 39.64
C ASN A 178 -60.38 73.52 38.94
N ILE A 179 -61.38 72.67 38.69
CA ILE A 179 -61.09 71.40 38.05
C ILE A 179 -60.75 71.64 36.58
N ILE A 180 -61.43 72.58 35.93
CA ILE A 180 -61.08 72.93 34.56
C ILE A 180 -59.68 73.52 34.54
N ASP A 181 -59.38 74.45 35.46
CA ASP A 181 -58.05 75.03 35.51
C ASP A 181 -56.99 73.95 35.72
N LEU A 182 -57.29 72.98 36.58
CA LEU A 182 -56.35 71.90 36.86
C LEU A 182 -56.04 71.12 35.59
N GLU A 183 -57.08 70.77 34.83
CA GLU A 183 -56.81 70.03 33.60
C GLU A 183 -56.08 70.90 32.59
N ALA A 184 -56.43 72.18 32.50
CA ALA A 184 -55.75 73.11 31.59
C ALA A 184 -54.27 73.26 31.92
N LEU A 185 -53.91 73.09 33.19
CA LEU A 185 -52.52 73.22 33.59
C LEU A 185 -51.63 72.22 32.86
N LEU A 186 -52.20 71.16 32.32
CA LEU A 186 -51.41 70.18 31.59
C LEU A 186 -51.22 70.57 30.13
N GLU A 187 -52.29 71.04 29.48
CA GLU A 187 -52.12 71.42 28.10
C GLU A 187 -51.31 72.70 27.98
N ASP A 188 -51.13 73.43 29.09
CA ASP A 188 -50.18 74.53 29.05
C ASP A 188 -48.79 74.04 28.68
N ASP A 189 -48.54 72.74 28.83
CA ASP A 189 -47.31 72.09 28.40
C ASP A 189 -47.57 71.12 27.26
N GLU A 190 -48.71 71.30 26.57
CA GLU A 190 -49.08 70.50 25.42
C GLU A 190 -49.33 69.04 25.79
N LEU A 191 -49.79 68.80 27.02
CA LEU A 191 -50.15 67.47 27.47
C LEU A 191 -51.62 67.47 27.84
N GLU A 192 -52.29 66.33 27.65
CA GLU A 192 -53.70 66.22 27.99
C GLU A 192 -53.85 65.27 29.17
N ALA A 193 -54.70 65.65 30.13
CA ALA A 193 -54.96 64.80 31.26
C ALA A 193 -55.63 63.50 30.79
N ASN A 194 -55.32 62.40 31.48
CA ASN A 194 -55.86 61.11 31.12
C ASN A 194 -56.67 60.43 32.21
N ALA A 195 -56.48 60.81 33.48
CA ALA A 195 -57.25 60.20 34.56
C ALA A 195 -57.09 61.06 35.80
N PHE A 196 -57.89 60.76 36.83
CA PHE A 196 -57.78 61.42 38.12
C PHE A 196 -57.53 60.40 39.22
N ILE A 197 -56.72 60.80 40.20
CA ILE A 197 -56.48 60.03 41.41
C ILE A 197 -57.11 60.80 42.55
N SER A 198 -57.98 60.14 43.32
CA SER A 198 -58.63 60.83 44.43
C SER A 198 -58.84 59.89 45.60
N LYS A 199 -59.23 60.48 46.72
CA LYS A 199 -59.51 59.76 47.95
C LYS A 199 -61.01 59.54 48.01
N THR A 200 -61.44 58.28 48.17
CA THR A 200 -62.86 57.98 48.10
C THR A 200 -63.66 58.82 49.09
N GLN A 201 -63.03 59.26 50.18
CA GLN A 201 -63.72 60.11 51.12
C GLN A 201 -64.30 61.37 50.47
N ASN A 202 -63.72 61.83 49.36
CA ASN A 202 -64.08 63.12 48.78
C ASN A 202 -65.08 63.05 47.62
N ARG A 203 -65.52 61.85 47.21
CA ARG A 203 -66.54 61.86 46.18
C ARG A 203 -67.79 62.55 46.70
N SER A 204 -67.95 62.66 48.02
CA SER A 204 -69.03 63.49 48.57
C SER A 204 -68.96 64.89 48.02
N LEU A 205 -67.76 65.47 47.99
CA LEU A 205 -67.58 66.82 47.48
C LEU A 205 -67.78 66.86 45.97
N LEU A 206 -67.20 65.89 45.26
CA LEU A 206 -67.37 65.88 43.81
C LEU A 206 -68.83 65.71 43.39
N ARG A 207 -69.61 64.95 44.16
CA ARG A 207 -71.02 64.71 43.89
C ARG A 207 -71.89 65.96 43.97
N LYS A 208 -71.44 67.03 44.61
CA LYS A 208 -72.27 68.21 44.80
C LYS A 208 -71.73 69.46 44.10
N ILE A 209 -71.16 69.31 42.91
CA ILE A 209 -70.73 70.44 42.08
C ILE A 209 -71.42 70.33 40.72
N VAL A 210 -72.06 71.41 40.29
CA VAL A 210 -72.84 71.44 39.05
C VAL A 210 -72.59 72.74 38.29
N ASP A 211 -72.61 72.63 36.96
CA ASP A 211 -72.45 73.80 36.08
C ASP A 211 -73.68 74.69 36.14
N PRO A 212 -73.55 75.97 36.51
CA PRO A 212 -74.73 76.84 36.53
C PRO A 212 -75.28 77.20 35.16
N GLU A 213 -74.51 77.04 34.08
CA GLU A 213 -75.02 77.38 32.73
C GLU A 213 -75.71 76.20 32.07
N THR A 214 -74.97 75.15 31.76
CA THR A 214 -75.59 73.99 31.14
C THR A 214 -76.38 73.16 32.13
N LYS A 215 -76.14 73.37 33.42
CA LYS A 215 -76.86 72.66 34.47
C LYS A 215 -76.74 71.15 34.28
N GLU A 216 -75.49 70.71 34.11
CA GLU A 216 -75.13 69.30 34.06
C GLU A 216 -74.01 69.11 35.07
N ARG A 217 -73.99 67.97 35.74
CA ARG A 217 -72.97 67.73 36.75
C ARG A 217 -71.69 67.21 36.14
N ILE A 218 -70.57 67.69 36.68
CA ILE A 218 -69.24 67.34 36.21
C ILE A 218 -68.82 65.92 36.61
N TYR A 219 -69.38 65.37 37.69
CA TYR A 219 -69.00 64.06 38.20
C TYR A 219 -70.15 63.07 38.07
N ASP A 220 -69.87 61.93 37.42
CA ASP A 220 -70.82 60.83 37.32
C ASP A 220 -70.79 59.98 38.58
N ARG A 221 -71.83 60.11 39.42
CA ARG A 221 -71.92 59.24 40.58
C ARG A 221 -72.08 57.79 40.17
N ASN A 222 -72.71 57.54 39.02
CA ASN A 222 -72.96 56.18 38.54
C ASN A 222 -71.73 55.53 37.94
N SER A 223 -70.97 56.26 37.12
CA SER A 223 -69.86 55.69 36.39
C SER A 223 -68.50 56.06 36.96
N ASP A 224 -68.46 56.89 38.00
CA ASP A 224 -67.19 57.29 38.62
C ASP A 224 -66.30 57.98 37.60
N SER A 225 -66.90 58.80 36.75
CA SER A 225 -66.19 59.59 35.76
C SER A 225 -66.26 61.04 36.17
N LEU A 226 -65.12 61.72 36.17
CA LEU A 226 -65.03 63.14 36.45
C LEU A 226 -64.67 63.87 35.16
N ASP A 227 -65.53 64.79 34.75
CA ASP A 227 -65.34 65.54 33.51
C ASP A 227 -65.00 64.60 32.36
N GLY A 228 -65.65 63.44 32.34
CA GLY A 228 -65.42 62.43 31.33
C GLY A 228 -64.20 61.56 31.52
N LEU A 229 -63.27 61.94 32.42
CA LEU A 229 -62.11 61.10 32.65
C LEU A 229 -62.35 60.10 33.80
N PRO A 230 -61.70 58.94 33.75
CA PRO A 230 -61.87 57.96 34.82
C PRO A 230 -61.17 58.36 36.12
N VAL A 231 -61.85 58.09 37.23
CA VAL A 231 -61.34 58.38 38.57
C VAL A 231 -60.91 57.07 39.22
N VAL A 232 -59.73 57.09 39.84
CA VAL A 232 -59.18 55.96 40.58
C VAL A 232 -59.06 56.37 42.04
N ASN A 233 -59.44 55.48 42.94
CA ASN A 233 -59.46 55.76 44.37
C ASN A 233 -58.23 55.17 45.06
N LEU A 234 -57.59 55.99 45.90
CA LEU A 234 -56.53 55.51 46.78
C LEU A 234 -57.09 55.16 48.15
N LYS A 235 -56.62 54.04 48.70
CA LYS A 235 -56.97 53.63 50.05
C LYS A 235 -56.01 54.21 51.08
N SER A 236 -54.86 54.70 50.65
CA SER A 236 -53.88 55.29 51.55
C SER A 236 -54.47 56.43 52.38
N SER A 237 -53.95 56.59 53.58
CA SER A 237 -54.32 57.68 54.48
C SER A 237 -53.51 58.96 54.24
N ASN A 238 -52.49 58.91 53.38
CA ASN A 238 -51.65 60.07 53.15
C ASN A 238 -52.29 61.11 52.24
N LEU A 239 -53.13 60.68 51.30
CA LEU A 239 -53.81 61.61 50.40
C LEU A 239 -55.04 62.17 51.12
N LYS A 240 -55.01 63.46 51.43
CA LYS A 240 -56.07 64.07 52.22
C LYS A 240 -57.35 64.20 51.41
N ARG A 241 -58.47 64.34 52.14
CA ARG A 241 -59.78 64.43 51.50
C ARG A 241 -59.82 65.53 50.45
N GLY A 242 -59.42 66.73 50.81
CA GLY A 242 -59.46 67.87 49.91
C GLY A 242 -58.49 67.86 48.75
N GLU A 243 -57.67 66.81 48.60
CA GLU A 243 -56.64 66.80 47.56
C GLU A 243 -57.04 65.93 46.38
N LEU A 244 -56.66 66.38 45.19
CA LEU A 244 -56.95 65.69 43.94
C LEU A 244 -55.72 65.76 43.05
N ILE A 245 -55.42 64.69 42.33
CA ILE A 245 -54.26 64.65 41.45
C ILE A 245 -54.69 64.25 40.05
N THR A 246 -54.04 64.83 39.03
CA THR A 246 -54.28 64.46 37.64
C THR A 246 -52.95 64.46 36.90
N GLY A 247 -52.94 63.81 35.74
CA GLY A 247 -51.74 63.78 34.93
C GLY A 247 -51.98 63.02 33.65
N ASP A 248 -51.01 63.10 32.74
CA ASP A 248 -51.00 62.25 31.55
C ASP A 248 -50.24 60.99 31.94
N PHE A 249 -50.98 60.02 32.47
CA PHE A 249 -50.37 58.83 33.03
C PHE A 249 -49.65 57.96 32.01
N ASP A 250 -49.81 58.21 30.71
CA ASP A 250 -48.98 57.48 29.76
C ASP A 250 -47.51 57.83 29.91
N LYS A 251 -47.21 58.91 30.62
CA LYS A 251 -45.85 59.33 30.92
C LYS A 251 -45.28 58.67 32.18
N LEU A 252 -46.05 57.85 32.88
CA LEU A 252 -45.59 57.13 34.06
C LEU A 252 -45.30 55.70 33.66
N ILE A 253 -44.02 55.31 33.72
CA ILE A 253 -43.58 54.00 33.26
C ILE A 253 -43.16 53.18 34.47
N TYR A 254 -43.61 51.93 34.51
CA TYR A 254 -43.23 51.01 35.56
C TYR A 254 -42.85 49.67 34.94
N GLY A 255 -41.97 48.95 35.62
CA GLY A 255 -41.51 47.65 35.16
C GLY A 255 -41.43 46.67 36.31
N ILE A 256 -41.55 45.38 35.99
CA ILE A 256 -41.52 44.33 37.00
C ILE A 256 -40.53 43.24 36.59
N PRO A 257 -39.23 43.43 36.84
CA PRO A 257 -38.26 42.39 36.49
C PRO A 257 -38.55 41.01 37.08
N GLN A 258 -39.18 40.94 38.26
CA GLN A 258 -39.38 39.64 38.91
C GLN A 258 -40.65 39.67 39.73
N LEU A 259 -41.66 38.93 39.27
CA LEU A 259 -42.89 38.70 40.01
C LEU A 259 -42.64 38.09 41.38
N ILE A 260 -43.61 38.30 42.28
CA ILE A 260 -43.59 37.77 43.64
C ILE A 260 -43.12 36.33 43.68
N GLU A 261 -41.93 36.10 44.24
CA GLU A 261 -41.41 34.77 44.50
C GLU A 261 -41.63 34.41 45.97
N TYR A 262 -42.14 33.21 46.20
CA TYR A 262 -42.29 32.64 47.54
C TYR A 262 -41.32 31.49 47.72
N LYS A 263 -40.59 31.48 48.84
CA LYS A 263 -39.78 30.33 49.22
C LYS A 263 -39.97 30.03 50.70
N ILE A 264 -40.24 28.76 51.02
CA ILE A 264 -40.39 28.28 52.38
C ILE A 264 -39.11 27.56 52.79
N ASP A 265 -38.63 27.86 53.99
CA ASP A 265 -37.35 27.35 54.47
C ASP A 265 -37.48 26.76 55.87
N GLU A 266 -36.89 25.58 56.04
CA GLU A 266 -36.99 24.78 57.25
C GLU A 266 -35.69 24.74 58.05
N THR A 267 -34.65 25.43 57.59
CA THR A 267 -33.30 25.17 58.09
C THR A 267 -32.53 26.43 58.51
N ALA A 268 -32.74 27.54 57.82
CA ALA A 268 -31.89 28.72 57.96
C ALA A 268 -32.02 29.40 59.33
N GLN A 269 -31.34 30.56 59.47
CA GLN A 269 -31.41 31.45 60.63
C GLN A 269 -32.14 32.75 60.29
N LEU A 270 -32.99 33.19 61.22
CA LEU A 270 -33.57 34.54 61.21
C LEU A 270 -32.91 35.40 62.28
N SER A 271 -32.01 36.29 61.85
CA SER A 271 -31.32 37.16 62.79
C SER A 271 -32.19 38.30 63.31
N THR A 272 -33.17 38.75 62.51
CA THR A 272 -34.01 39.87 62.93
C THR A 272 -34.91 39.56 64.13
N VAL A 273 -35.24 38.29 64.35
CA VAL A 273 -36.04 37.86 65.51
C VAL A 273 -35.13 37.16 66.50
N LYS A 274 -35.21 37.57 67.76
CA LYS A 274 -34.38 37.01 68.82
C LYS A 274 -35.18 36.20 69.84
N ASN A 275 -34.55 35.14 70.32
CA ASN A 275 -35.06 34.35 71.44
C ASN A 275 -35.13 35.19 72.70
N GLU A 276 -35.86 34.67 73.69
CA GLU A 276 -35.96 35.32 74.99
C GLU A 276 -34.58 35.56 75.60
N ASP A 277 -33.64 34.64 75.38
CA ASP A 277 -32.30 34.83 75.91
C ASP A 277 -31.43 35.71 75.01
N GLY A 278 -31.95 36.18 73.89
CA GLY A 278 -31.20 37.03 73.00
C GLY A 278 -30.49 36.32 71.86
N THR A 279 -30.47 34.99 71.85
CA THR A 279 -29.87 34.27 70.74
C THR A 279 -30.72 34.42 69.48
N PRO A 280 -30.09 34.53 68.30
CA PRO A 280 -30.83 34.45 67.04
C PRO A 280 -31.63 33.16 66.89
N VAL A 281 -32.83 33.30 66.31
CA VAL A 281 -33.72 32.18 66.02
C VAL A 281 -33.13 31.29 64.94
N ASN A 282 -32.88 30.02 65.29
CA ASN A 282 -32.46 29.03 64.32
C ASN A 282 -33.64 28.12 64.00
N LEU A 283 -34.00 28.06 62.72
CA LEU A 283 -35.22 27.34 62.34
C LEU A 283 -35.08 25.84 62.51
N PHE A 284 -33.94 25.29 62.12
CA PHE A 284 -33.73 23.84 62.24
C PHE A 284 -33.72 23.44 63.70
N GLU A 285 -32.77 23.99 64.44
CA GLU A 285 -32.55 23.64 65.84
C GLU A 285 -33.75 23.97 66.72
N GLN A 286 -34.58 24.94 66.34
CA GLN A 286 -35.81 25.20 67.07
C GLN A 286 -37.04 24.48 66.52
N ASP A 287 -36.95 23.79 65.39
CA ASP A 287 -38.12 23.19 64.75
C ASP A 287 -39.17 24.26 64.41
N MET A 288 -38.79 25.08 63.43
CA MET A 288 -39.62 26.16 62.92
C MET A 288 -39.61 26.13 61.39
N VAL A 289 -40.52 26.88 60.78
CA VAL A 289 -40.64 27.02 59.34
C VAL A 289 -40.86 28.50 59.04
N ALA A 290 -40.28 29.01 57.95
CA ALA A 290 -40.52 30.42 57.61
C ALA A 290 -40.72 30.63 56.11
N LEU A 291 -41.61 31.57 55.79
CA LEU A 291 -41.96 31.92 54.41
C LEU A 291 -41.32 33.25 54.03
N ARG A 292 -40.60 33.29 52.91
CA ARG A 292 -40.03 34.52 52.35
C ARG A 292 -40.70 34.88 51.03
N ALA A 293 -41.17 36.12 50.93
CA ALA A 293 -41.72 36.67 49.70
C ALA A 293 -40.84 37.82 49.21
N THR A 294 -40.46 37.82 47.94
CA THR A 294 -39.76 38.97 47.38
C THR A 294 -40.24 39.33 45.98
N MET A 295 -40.07 40.61 45.63
CA MET A 295 -40.50 41.15 44.34
C MET A 295 -39.56 42.28 43.93
N HIS A 296 -39.21 42.34 42.65
CA HIS A 296 -38.49 43.47 42.06
C HIS A 296 -39.41 44.38 41.26
N VAL A 297 -39.38 45.67 41.56
CA VAL A 297 -40.25 46.67 40.93
C VAL A 297 -39.42 47.90 40.57
N ALA A 298 -39.71 48.47 39.39
CA ALA A 298 -39.01 49.64 38.85
C ALA A 298 -40.02 50.70 38.44
N LEU A 299 -39.69 51.97 38.67
CA LEU A 299 -40.59 53.09 38.40
C LEU A 299 -39.85 54.22 37.70
N HIS A 300 -40.51 54.86 36.74
CA HIS A 300 -39.90 55.95 35.99
C HIS A 300 -40.91 57.01 35.58
N ILE A 301 -40.61 58.28 35.89
CA ILE A 301 -41.42 59.41 35.44
C ILE A 301 -40.80 59.92 34.13
N ALA A 302 -41.51 59.70 33.01
CA ALA A 302 -40.96 60.07 31.72
C ALA A 302 -40.97 61.58 31.48
N ASP A 303 -41.87 62.33 32.10
CA ASP A 303 -41.91 63.79 31.91
C ASP A 303 -42.44 64.45 33.18
N ASP A 304 -41.55 65.08 33.93
CA ASP A 304 -41.91 65.68 35.20
C ASP A 304 -43.04 66.70 35.09
N LYS A 305 -43.27 67.26 33.91
CA LYS A 305 -44.33 68.26 33.76
C LYS A 305 -45.71 67.67 33.56
N ALA A 306 -45.82 66.37 33.33
CA ALA A 306 -47.08 65.74 32.98
C ALA A 306 -48.04 65.55 34.15
N PHE A 307 -47.79 66.14 35.32
CA PHE A 307 -48.64 65.90 36.48
C PHE A 307 -48.96 67.20 37.19
N ALA A 308 -50.18 67.29 37.72
CA ALA A 308 -50.64 68.48 38.42
C ALA A 308 -51.50 68.08 39.60
N LYS A 309 -51.58 68.97 40.59
CA LYS A 309 -52.31 68.66 41.81
C LYS A 309 -53.18 69.83 42.26
N LEU A 310 -54.38 69.52 42.75
CA LEU A 310 -55.30 70.48 43.36
C LEU A 310 -55.31 70.23 44.86
N VAL A 311 -55.09 71.29 45.64
CA VAL A 311 -54.93 71.20 47.08
C VAL A 311 -55.84 72.19 47.80
N PRO A 312 -56.41 71.84 48.95
CA PRO A 312 -57.26 72.81 49.67
C PRO A 312 -56.43 73.95 50.26
N ALA A 313 -56.97 75.15 50.16
CA ALA A 313 -56.28 76.33 50.65
C ALA A 313 -56.29 76.38 52.18
N SER B 16 -28.22 82.61 6.71
CA SER B 16 -28.38 83.68 5.69
C SER B 16 -29.83 83.79 5.18
N ASN B 17 -30.41 82.69 4.67
CA ASN B 17 -31.73 82.73 4.02
C ASN B 17 -31.78 83.77 2.89
N ASN B 18 -30.72 83.79 2.07
CA ASN B 18 -30.61 84.73 0.95
C ASN B 18 -31.18 84.13 -0.32
N VAL B 19 -32.07 84.88 -0.97
CA VAL B 19 -33.04 84.30 -1.90
C VAL B 19 -33.00 84.95 -3.27
N LYS B 20 -31.81 85.28 -3.75
CA LYS B 20 -31.63 85.79 -5.10
C LYS B 20 -30.40 85.16 -5.72
N PRO B 21 -30.32 85.09 -7.05
CA PRO B 21 -29.35 84.20 -7.69
C PRO B 21 -27.91 84.59 -7.41
N GLN B 22 -27.08 83.56 -7.29
CA GLN B 22 -25.64 83.74 -7.11
C GLN B 22 -25.02 84.40 -8.34
N VAL B 23 -24.30 85.50 -8.13
CA VAL B 23 -23.43 86.04 -9.17
C VAL B 23 -22.14 85.25 -9.19
N PHE B 24 -21.74 84.79 -10.37
CA PHE B 24 -20.47 84.09 -10.56
C PHE B 24 -19.46 84.96 -11.29
N ASN B 25 -18.19 84.56 -11.16
CA ASN B 25 -17.10 85.13 -11.95
C ASN B 25 -16.15 84.03 -12.38
N PRO B 26 -15.80 83.94 -13.68
CA PRO B 26 -16.41 84.63 -14.81
C PRO B 26 -17.86 84.22 -14.96
N ASP B 27 -18.59 84.88 -15.87
CA ASP B 27 -20.03 84.72 -16.01
C ASP B 27 -20.42 83.41 -16.68
N ASN B 28 -19.59 82.37 -16.55
CA ASN B 28 -19.74 81.17 -17.37
C ASN B 28 -20.93 80.29 -16.97
N VAL B 29 -21.47 80.43 -15.77
CA VAL B 29 -22.55 79.55 -15.33
C VAL B 29 -23.86 79.94 -16.01
N MET B 30 -24.56 78.93 -16.54
CA MET B 30 -25.90 79.10 -17.05
C MET B 30 -26.87 79.18 -15.88
N MET B 31 -27.92 79.98 -16.03
CA MET B 31 -28.87 80.15 -14.94
C MET B 31 -30.29 80.32 -15.48
N HIS B 32 -31.24 79.91 -14.65
CA HIS B 32 -32.67 80.02 -14.91
C HIS B 32 -33.26 81.36 -14.48
N GLU B 33 -32.70 81.97 -13.45
CA GLU B 33 -33.17 83.27 -12.95
C GLU B 33 -32.21 84.38 -13.32
N LYS B 34 -32.66 85.31 -14.17
CA LYS B 34 -31.89 86.51 -14.40
C LYS B 34 -31.93 87.34 -13.14
N LYS B 35 -30.81 88.01 -12.82
CA LYS B 35 -30.71 88.58 -11.47
C LYS B 35 -31.70 89.70 -11.23
N ASP B 36 -32.28 90.28 -12.27
CA ASP B 36 -33.32 91.29 -12.10
C ASP B 36 -34.68 90.72 -11.72
N GLY B 37 -34.77 89.41 -11.52
CA GLY B 37 -36.03 88.77 -11.17
C GLY B 37 -36.81 88.21 -12.33
N THR B 38 -36.36 88.43 -13.57
CA THR B 38 -36.92 87.73 -14.71
C THR B 38 -36.58 86.25 -14.63
N LEU B 39 -37.55 85.41 -14.98
CA LEU B 39 -37.46 83.98 -14.76
C LEU B 39 -37.73 83.27 -16.07
N MET B 40 -36.79 82.43 -16.49
CA MET B 40 -36.66 81.98 -17.88
C MET B 40 -37.51 80.75 -18.20
N ASN B 41 -38.79 80.80 -17.87
CA ASN B 41 -39.72 79.77 -18.30
C ASN B 41 -40.08 79.94 -19.78
N GLU B 42 -40.85 78.99 -20.31
CA GLU B 42 -41.39 79.04 -21.67
C GLU B 42 -40.30 79.09 -22.74
N PHE B 43 -39.06 78.74 -22.40
CA PHE B 43 -37.91 79.15 -23.21
C PHE B 43 -37.93 78.50 -24.60
N THR B 44 -37.76 79.33 -25.63
CA THR B 44 -37.70 78.90 -27.03
C THR B 44 -36.30 78.39 -27.37
N THR B 45 -36.16 77.08 -27.51
CA THR B 45 -34.87 76.44 -27.75
C THR B 45 -34.15 76.99 -28.99
N PRO B 46 -32.93 77.51 -28.87
CA PRO B 46 -32.21 78.04 -30.04
C PRO B 46 -32.00 76.99 -31.13
N ILE B 47 -32.09 77.45 -32.39
CA ILE B 47 -31.80 76.62 -33.56
C ILE B 47 -30.47 77.01 -34.18
N LEU B 48 -29.66 76.00 -34.53
CA LEU B 48 -28.33 76.20 -35.10
C LEU B 48 -28.42 76.55 -36.59
N GLN B 49 -27.89 77.72 -36.97
CA GLN B 49 -27.91 78.14 -38.37
C GLN B 49 -26.81 77.49 -39.20
N GLU B 50 -25.57 77.54 -38.73
CA GLU B 50 -24.44 76.96 -39.44
C GLU B 50 -24.43 75.43 -39.38
N VAL B 51 -23.57 74.85 -40.23
CA VAL B 51 -23.23 73.44 -40.21
C VAL B 51 -21.89 73.26 -39.51
N MET B 52 -21.80 72.28 -38.63
CA MET B 52 -20.57 72.03 -37.89
C MET B 52 -19.42 71.63 -38.82
N GLU B 53 -18.29 72.30 -38.66
CA GLU B 53 -17.09 72.10 -39.49
C GLU B 53 -16.28 70.87 -39.09
N ASN B 54 -15.75 70.19 -40.11
CA ASN B 54 -14.79 69.09 -39.93
C ASN B 54 -13.52 69.58 -39.24
N SER B 55 -12.59 68.67 -38.97
CA SER B 55 -11.18 69.02 -38.88
C SER B 55 -10.54 68.90 -40.25
N LYS B 56 -9.94 69.99 -40.72
CA LYS B 56 -9.25 69.94 -42.01
C LYS B 56 -8.00 69.08 -41.92
N ILE B 57 -7.36 69.00 -40.75
CA ILE B 57 -6.23 68.09 -40.63
C ILE B 57 -6.69 66.65 -40.75
N MET B 58 -7.81 66.32 -40.14
CA MET B 58 -8.32 64.96 -40.28
C MET B 58 -8.86 64.71 -41.67
N GLN B 59 -9.12 65.77 -42.43
CA GLN B 59 -9.57 65.63 -43.80
C GLN B 59 -8.41 65.41 -44.78
N LEU B 60 -7.32 66.16 -44.63
CA LEU B 60 -6.18 66.06 -45.53
C LEU B 60 -5.11 65.05 -45.08
N GLY B 61 -4.75 65.06 -43.81
CA GLY B 61 -3.61 64.29 -43.36
C GLY B 61 -3.88 62.80 -43.32
N LYS B 62 -2.79 62.05 -43.21
CA LYS B 62 -2.86 60.59 -43.10
C LYS B 62 -3.04 60.21 -41.64
N TYR B 63 -4.08 59.43 -41.37
CA TYR B 63 -4.27 58.90 -40.03
C TYR B 63 -3.15 57.93 -39.68
N GLU B 64 -2.89 57.79 -38.39
CA GLU B 64 -1.89 56.84 -37.93
C GLU B 64 -2.32 56.24 -36.60
N PRO B 65 -2.60 54.94 -36.53
CA PRO B 65 -3.09 54.37 -35.26
C PRO B 65 -2.02 54.48 -34.19
N MET B 66 -2.43 54.89 -33.00
CA MET B 66 -1.51 55.27 -31.93
C MET B 66 -2.12 54.82 -30.62
N GLU B 67 -1.46 53.87 -29.94
CA GLU B 67 -2.02 53.34 -28.70
C GLU B 67 -1.65 54.19 -27.48
N GLY B 68 -0.38 54.54 -27.33
CA GLY B 68 0.06 55.36 -26.21
C GLY B 68 0.03 56.84 -26.55
N THR B 69 0.52 57.65 -25.62
CA THR B 69 0.66 59.06 -25.90
C THR B 69 1.92 59.37 -26.70
N GLU B 70 2.60 58.34 -27.20
CA GLU B 70 3.82 58.55 -27.96
C GLU B 70 3.94 57.45 -29.02
N LYS B 71 4.66 57.77 -30.09
CA LYS B 71 4.83 56.89 -31.23
C LYS B 71 6.23 57.07 -31.79
N LYS B 72 6.84 55.97 -32.24
CA LYS B 72 8.20 55.94 -32.74
C LYS B 72 8.24 55.48 -34.19
N PHE B 73 8.86 56.27 -35.06
CA PHE B 73 9.02 55.97 -36.47
C PHE B 73 10.49 55.71 -36.78
N THR B 74 10.74 54.94 -37.82
CA THR B 74 12.10 54.84 -38.37
C THR B 74 12.07 54.54 -39.86
N PHE B 75 13.10 55.02 -40.56
CA PHE B 75 13.17 55.03 -42.02
C PHE B 75 14.59 54.69 -42.45
N TRP B 76 14.74 54.02 -43.58
CA TRP B 76 16.08 53.86 -44.14
C TRP B 76 16.61 55.20 -44.61
N ALA B 77 17.91 55.40 -44.42
CA ALA B 77 18.58 56.67 -44.70
C ALA B 77 19.78 56.51 -45.61
N ASP B 78 20.62 55.52 -45.39
CA ASP B 78 21.73 55.26 -46.30
C ASP B 78 21.63 53.85 -46.83
N LYS B 79 21.99 53.68 -48.10
CA LYS B 79 21.96 52.42 -48.80
C LYS B 79 23.37 51.99 -49.16
N PRO B 80 23.61 50.68 -49.28
CA PRO B 80 24.96 50.20 -49.52
C PRO B 80 25.49 50.69 -50.86
N GLY B 81 26.80 50.84 -50.94
CA GLY B 81 27.44 51.20 -52.17
C GLY B 81 27.68 49.99 -53.04
N ALA B 82 28.41 50.21 -54.13
CA ALA B 82 28.81 49.12 -55.00
C ALA B 82 30.14 49.49 -55.64
N TYR B 83 30.87 48.49 -56.10
CA TYR B 83 32.18 48.73 -56.67
C TYR B 83 32.40 47.83 -57.88
N TRP B 84 33.30 48.27 -58.74
CA TRP B 84 33.77 47.47 -59.86
C TRP B 84 35.06 46.82 -59.40
N VAL B 85 35.19 45.52 -59.57
CA VAL B 85 36.37 44.80 -59.10
C VAL B 85 36.96 43.99 -60.25
N GLY B 86 38.28 44.07 -60.40
CA GLY B 86 38.94 43.26 -61.40
C GLY B 86 38.98 41.82 -60.94
N GLU B 87 39.30 40.93 -61.87
CA GLU B 87 39.39 39.53 -61.51
C GLU B 87 40.35 39.32 -60.34
N GLY B 88 39.83 38.73 -59.27
CA GLY B 88 40.59 38.50 -58.06
C GLY B 88 40.94 39.73 -57.25
N GLN B 89 40.32 40.86 -57.52
CA GLN B 89 40.53 42.04 -56.71
C GLN B 89 39.73 41.95 -55.41
N LYS B 90 40.25 42.57 -54.36
CA LYS B 90 39.57 42.57 -53.07
C LYS B 90 38.27 43.36 -53.13
N ILE B 91 37.15 42.68 -52.84
CA ILE B 91 35.86 43.34 -52.74
C ILE B 91 35.84 44.20 -51.48
N GLU B 92 35.52 45.47 -51.63
CA GLU B 92 35.48 46.40 -50.50
C GLU B 92 34.10 46.39 -49.86
N THR B 93 34.02 46.95 -48.65
CA THR B 93 32.79 46.90 -47.86
C THR B 93 31.92 48.13 -48.05
N SER B 94 30.70 48.06 -47.50
CA SER B 94 29.74 49.14 -47.55
C SER B 94 28.82 49.04 -46.34
N LYS B 95 28.02 50.08 -46.11
CA LYS B 95 27.22 50.20 -44.90
C LYS B 95 25.84 50.77 -45.15
N ALA B 96 24.86 50.26 -44.40
CA ALA B 96 23.49 50.75 -44.38
C ALA B 96 23.27 51.68 -43.19
N THR B 97 22.26 52.55 -43.29
CA THR B 97 21.93 53.42 -42.18
C THR B 97 20.44 53.72 -42.16
N TRP B 98 19.94 53.98 -40.95
CA TRP B 98 18.52 54.29 -40.71
C TRP B 98 18.42 55.51 -39.82
N VAL B 99 17.25 56.13 -39.77
CA VAL B 99 17.00 57.32 -38.96
C VAL B 99 15.66 57.19 -38.25
N ASN B 100 15.58 57.78 -37.06
CA ASN B 100 14.38 57.74 -36.23
C ASN B 100 13.64 59.09 -36.20
N ALA B 101 12.36 59.02 -35.86
CA ALA B 101 11.54 60.19 -35.57
C ALA B 101 10.49 59.78 -34.55
N THR B 102 9.88 60.77 -33.88
CA THR B 102 8.90 60.43 -32.85
C THR B 102 7.85 61.53 -32.74
N MET B 103 6.65 61.14 -32.29
CA MET B 103 5.55 62.08 -32.11
C MET B 103 4.77 61.77 -30.84
N ARG B 104 4.28 62.81 -30.18
CA ARG B 104 3.52 62.65 -28.94
C ARG B 104 2.22 63.43 -29.01
N ALA B 105 1.26 63.00 -28.19
CA ALA B 105 -0.08 63.58 -28.14
C ALA B 105 -0.22 64.65 -27.05
N PHE B 106 -1.26 65.47 -27.19
CA PHE B 106 -1.62 66.46 -26.19
C PHE B 106 -3.13 66.41 -25.98
N LYS B 107 -3.58 66.95 -24.85
CA LYS B 107 -4.98 66.85 -24.42
C LYS B 107 -5.75 68.17 -24.55
N LEU B 108 -6.87 68.14 -25.27
CA LEU B 108 -7.81 69.25 -25.32
C LEU B 108 -8.87 69.05 -24.23
N GLY B 109 -9.52 70.14 -23.81
CA GLY B 109 -10.62 70.01 -22.87
C GLY B 109 -11.37 71.30 -22.64
N VAL B 110 -12.60 71.15 -22.13
CA VAL B 110 -13.40 72.28 -21.65
C VAL B 110 -14.44 71.75 -20.67
N ILE B 111 -14.87 72.60 -19.75
CA ILE B 111 -15.97 72.32 -18.85
C ILE B 111 -17.08 73.34 -19.03
N LEU B 112 -18.33 72.87 -19.06
CA LEU B 112 -19.50 73.75 -19.05
C LEU B 112 -20.24 73.62 -17.73
N PRO B 113 -20.39 74.69 -16.94
CA PRO B 113 -21.11 74.59 -15.66
C PRO B 113 -22.54 75.09 -15.77
N VAL B 114 -23.50 74.41 -15.13
CA VAL B 114 -24.92 74.69 -15.31
C VAL B 114 -25.68 74.49 -14.01
N THR B 115 -26.59 75.42 -13.72
CA THR B 115 -27.37 75.37 -12.48
C THR B 115 -28.52 74.39 -12.65
N LYS B 116 -28.73 73.55 -11.62
CA LYS B 116 -29.73 72.50 -11.77
C LYS B 116 -31.15 73.04 -11.92
N GLU B 117 -31.41 74.28 -11.51
CA GLU B 117 -32.64 74.93 -11.96
C GLU B 117 -32.63 75.03 -13.48
N PHE B 118 -31.60 75.65 -14.03
CA PHE B 118 -31.58 75.89 -15.46
C PHE B 118 -31.80 74.57 -16.19
N LEU B 119 -30.99 73.58 -15.84
CA LEU B 119 -31.04 72.29 -16.49
C LEU B 119 -32.37 71.57 -16.29
N ASN B 120 -33.17 71.96 -15.28
CA ASN B 120 -34.52 71.39 -15.17
C ASN B 120 -35.55 72.18 -15.95
N TYR B 121 -35.70 73.46 -15.65
CA TYR B 121 -36.89 74.22 -16.03
C TYR B 121 -36.74 75.01 -17.30
N THR B 122 -35.52 75.31 -17.74
CA THR B 122 -35.30 76.15 -18.90
C THR B 122 -34.88 75.39 -20.15
N TYR B 123 -33.88 74.51 -20.06
CA TYR B 123 -33.31 73.91 -21.26
C TYR B 123 -32.92 72.46 -20.95
N SER B 124 -33.95 71.63 -20.75
CA SER B 124 -33.74 70.26 -20.31
C SER B 124 -32.71 69.51 -21.16
N GLN B 125 -32.68 69.78 -22.46
CA GLN B 125 -31.76 69.10 -23.38
C GLN B 125 -30.33 69.61 -23.31
N PHE B 126 -30.08 70.76 -22.67
CA PHE B 126 -28.96 71.62 -23.02
C PHE B 126 -27.65 70.88 -23.33
N PHE B 127 -27.22 69.95 -22.49
CA PHE B 127 -25.94 69.31 -22.75
C PHE B 127 -25.93 68.54 -24.08
N GLU B 128 -27.03 67.89 -24.43
CA GLU B 128 -27.04 67.19 -25.71
C GLU B 128 -26.84 68.15 -26.87
N GLU B 129 -27.36 69.37 -26.73
CA GLU B 129 -27.23 70.36 -27.78
C GLU B 129 -25.82 70.96 -27.85
N MET B 130 -25.06 70.88 -26.75
CA MET B 130 -23.69 71.40 -26.73
C MET B 130 -22.65 70.43 -27.25
N LYS B 131 -22.81 69.13 -27.04
CA LYS B 131 -21.83 68.15 -27.55
C LYS B 131 -21.36 68.45 -28.96
N PRO B 132 -22.22 68.63 -29.96
CA PRO B 132 -21.71 68.87 -31.31
C PRO B 132 -20.84 70.11 -31.38
N MET B 133 -21.24 71.18 -30.69
CA MET B 133 -20.48 72.41 -30.72
C MET B 133 -19.15 72.31 -29.96
N ILE B 134 -19.06 71.44 -28.96
CA ILE B 134 -17.74 71.17 -28.41
C ILE B 134 -16.88 70.44 -29.44
N ALA B 135 -17.43 69.42 -30.09
CA ALA B 135 -16.61 68.71 -31.07
C ALA B 135 -16.06 69.67 -32.12
N GLU B 136 -16.90 70.61 -32.57
CA GLU B 136 -16.44 71.62 -33.51
C GLU B 136 -15.36 72.53 -32.91
N ALA B 137 -15.50 72.89 -31.64
CA ALA B 137 -14.48 73.73 -31.01
C ALA B 137 -13.14 73.01 -30.94
N PHE B 138 -13.17 71.72 -30.61
CA PHE B 138 -11.95 70.93 -30.57
C PHE B 138 -11.30 70.85 -31.95
N TYR B 139 -12.09 70.51 -32.96
CA TYR B 139 -11.51 70.35 -34.30
C TYR B 139 -10.91 71.66 -34.80
N LYS B 140 -11.57 72.79 -34.56
CA LYS B 140 -10.96 74.06 -34.96
C LYS B 140 -9.68 74.34 -34.20
N LYS B 141 -9.69 74.13 -32.87
CA LYS B 141 -8.47 74.35 -32.11
C LYS B 141 -7.33 73.53 -32.68
N PHE B 142 -7.59 72.27 -33.02
CA PHE B 142 -6.55 71.40 -33.54
C PHE B 142 -6.06 71.89 -34.89
N ASP B 143 -6.98 72.19 -35.81
CA ASP B 143 -6.56 72.67 -37.13
C ASP B 143 -5.71 73.93 -37.00
N GLU B 144 -6.14 74.88 -36.16
CA GLU B 144 -5.39 76.12 -36.06
C GLU B 144 -4.05 75.93 -35.38
N ALA B 145 -3.91 74.91 -34.53
CA ALA B 145 -2.61 74.64 -33.94
C ALA B 145 -1.68 74.02 -34.97
N GLY B 146 -2.11 72.94 -35.62
CA GLY B 146 -1.22 72.23 -36.53
C GLY B 146 -0.94 72.96 -37.83
N ILE B 147 -1.96 73.57 -38.42
CA ILE B 147 -1.80 74.25 -39.70
C ILE B 147 -1.12 75.60 -39.54
N LEU B 148 -1.69 76.48 -38.72
CA LEU B 148 -1.26 77.86 -38.64
C LEU B 148 -0.35 78.16 -37.45
N ASN B 149 -0.10 77.20 -36.56
CA ASN B 149 0.74 77.47 -35.40
C ASN B 149 0.17 78.58 -34.54
N GLN B 150 -1.15 78.59 -34.40
CA GLN B 150 -1.85 79.62 -33.65
C GLN B 150 -2.67 78.98 -32.54
N GLY B 151 -3.02 79.79 -31.55
CA GLY B 151 -3.80 79.28 -30.44
C GLY B 151 -2.99 78.48 -29.45
N ASN B 152 -1.81 78.97 -29.09
CA ASN B 152 -0.92 78.30 -28.14
C ASN B 152 -0.66 76.85 -28.55
N ASN B 153 -0.09 76.71 -29.73
CA ASN B 153 0.25 75.41 -30.28
C ASN B 153 1.12 74.63 -29.29
N PRO B 154 0.67 73.47 -28.80
CA PRO B 154 1.47 72.71 -27.83
C PRO B 154 2.61 71.98 -28.51
N PHE B 155 2.39 71.50 -29.72
CA PHE B 155 3.42 70.79 -30.44
C PHE B 155 4.52 71.74 -30.90
N GLY B 156 5.76 71.27 -30.89
CA GLY B 156 6.84 72.03 -31.48
C GLY B 156 6.86 71.83 -32.98
N LYS B 157 5.69 71.55 -33.57
CA LYS B 157 5.57 71.15 -34.96
C LYS B 157 4.38 71.85 -35.59
N SER B 158 4.53 72.26 -36.84
CA SER B 158 3.38 72.77 -37.59
C SER B 158 3.80 73.04 -39.03
N ILE B 159 2.80 73.15 -39.91
CA ILE B 159 3.06 73.49 -41.30
C ILE B 159 3.69 74.86 -41.42
N ALA B 160 3.03 75.88 -40.85
CA ALA B 160 3.56 77.22 -40.93
C ALA B 160 4.98 77.30 -40.38
N GLN B 161 5.28 76.49 -39.37
CA GLN B 161 6.61 76.54 -38.77
C GLN B 161 7.64 75.83 -39.63
N SER B 162 7.25 74.76 -40.31
CA SER B 162 8.17 74.13 -41.26
C SER B 162 8.45 75.09 -42.41
N ILE B 163 7.40 75.76 -42.88
CA ILE B 163 7.57 76.76 -43.93
C ILE B 163 8.51 77.85 -43.46
N GLU B 164 8.35 78.30 -42.22
CA GLU B 164 9.23 79.35 -41.72
C GLU B 164 10.68 78.91 -41.68
N LYS B 165 10.94 77.67 -41.27
CA LYS B 165 12.34 77.26 -41.18
C LYS B 165 12.94 77.02 -42.56
N THR B 166 12.15 76.57 -43.53
CA THR B 166 12.67 76.35 -44.87
C THR B 166 12.65 77.60 -45.75
N ASN B 167 11.94 78.65 -45.35
CA ASN B 167 11.79 79.85 -46.18
C ASN B 167 11.25 79.48 -47.56
N LYS B 168 10.36 78.48 -47.59
CA LYS B 168 9.78 77.97 -48.83
C LYS B 168 8.53 78.78 -49.21
N VAL B 169 8.73 80.10 -49.31
CA VAL B 169 7.67 81.07 -49.54
C VAL B 169 7.88 81.80 -50.86
N ILE B 170 6.80 81.94 -51.63
CA ILE B 170 6.74 82.72 -52.85
C ILE B 170 6.01 84.02 -52.55
N LYS B 171 6.51 85.12 -53.10
CA LYS B 171 5.88 86.43 -52.96
C LYS B 171 5.19 86.83 -54.25
N GLY B 172 3.97 87.35 -54.14
CA GLY B 172 3.28 87.88 -55.30
C GLY B 172 1.80 87.58 -55.43
N ASP B 173 1.24 88.05 -56.54
CA ASP B 173 -0.18 87.96 -56.85
C ASP B 173 -0.58 86.59 -57.36
N PHE B 174 -1.86 86.27 -57.20
CA PHE B 174 -2.43 85.04 -57.72
C PHE B 174 -2.38 85.04 -59.24
N THR B 175 -1.51 84.21 -59.82
CA THR B 175 -1.35 84.12 -61.26
C THR B 175 -0.98 82.70 -61.61
N GLN B 176 -1.25 82.31 -62.85
CA GLN B 176 -0.83 80.99 -63.30
C GLN B 176 0.67 80.84 -63.12
N ASP B 177 1.41 81.89 -63.42
CA ASP B 177 2.86 81.91 -63.23
C ASP B 177 3.25 81.55 -61.81
N ASN B 178 2.77 82.34 -60.84
CA ASN B 178 3.16 82.12 -59.45
C ASN B 178 2.60 80.83 -58.89
N ILE B 179 1.43 80.38 -59.32
CA ILE B 179 0.88 79.15 -58.77
C ILE B 179 1.66 77.94 -59.27
N ILE B 180 2.05 77.98 -60.55
CA ILE B 180 2.90 76.91 -61.08
C ILE B 180 4.23 76.91 -60.35
N ASP B 181 4.83 78.10 -60.18
CA ASP B 181 6.09 78.17 -59.44
C ASP B 181 5.92 77.63 -58.02
N LEU B 182 4.79 77.90 -57.40
CA LEU B 182 4.56 77.42 -56.04
C LEU B 182 4.58 75.91 -56.02
N GLU B 183 3.89 75.27 -56.96
CA GLU B 183 3.92 73.80 -56.99
C GLU B 183 5.30 73.28 -57.36
N ALA B 184 5.99 73.95 -58.28
CA ALA B 184 7.33 73.55 -58.68
C ALA B 184 8.29 73.58 -57.51
N LEU B 185 8.05 74.46 -56.55
CA LEU B 185 8.93 74.56 -55.40
C LEU B 185 8.98 73.25 -54.62
N LEU B 186 8.01 72.36 -54.83
CA LEU B 186 8.04 71.07 -54.16
C LEU B 186 8.82 70.04 -54.97
N GLU B 187 8.64 69.98 -56.29
CA GLU B 187 9.39 68.99 -57.04
C GLU B 187 10.85 69.38 -57.07
N ASP B 188 11.16 70.64 -56.72
CA ASP B 188 12.54 71.03 -56.54
C ASP B 188 13.18 70.21 -55.42
N ASP B 189 12.37 69.57 -54.59
CA ASP B 189 12.82 68.62 -53.57
C ASP B 189 12.35 67.21 -53.89
N GLU B 190 11.96 66.95 -55.14
CA GLU B 190 11.48 65.65 -55.58
C GLU B 190 10.18 65.25 -54.89
N LEU B 191 9.36 66.24 -54.52
CA LEU B 191 8.06 66.02 -53.91
C LEU B 191 6.99 66.60 -54.84
N GLU B 192 5.82 65.99 -54.84
CA GLU B 192 4.70 66.45 -55.67
C GLU B 192 3.55 66.92 -54.79
N ALA B 193 3.00 68.08 -55.14
CA ALA B 193 1.89 68.67 -54.40
C ALA B 193 0.65 67.78 -54.49
N ASN B 194 -0.13 67.77 -53.42
CA ASN B 194 -1.31 66.92 -53.32
C ASN B 194 -2.62 67.66 -53.11
N ALA B 195 -2.60 68.88 -52.59
CA ALA B 195 -3.83 69.63 -52.37
C ALA B 195 -3.46 71.08 -52.08
N PHE B 196 -4.48 71.93 -52.05
CA PHE B 196 -4.31 73.32 -51.65
C PHE B 196 -5.19 73.61 -50.45
N ILE B 197 -4.68 74.45 -49.56
CA ILE B 197 -5.43 75.00 -48.43
C ILE B 197 -5.60 76.47 -48.72
N SER B 198 -6.83 76.96 -48.68
CA SER B 198 -7.05 78.38 -48.95
C SER B 198 -8.20 78.91 -48.12
N LYS B 199 -8.31 80.23 -48.14
CA LYS B 199 -9.34 80.97 -47.42
C LYS B 199 -10.46 81.24 -48.41
N THR B 200 -11.69 80.84 -48.07
CA THR B 200 -12.79 80.95 -49.01
C THR B 200 -12.94 82.38 -49.53
N GLN B 201 -12.50 83.37 -48.77
CA GLN B 201 -12.57 84.76 -49.22
C GLN B 201 -11.86 84.99 -50.55
N ASN B 202 -10.86 84.18 -50.89
CA ASN B 202 -10.00 84.46 -52.05
C ASN B 202 -10.39 83.71 -53.33
N ARG B 203 -11.42 82.88 -53.30
CA ARG B 203 -11.80 82.27 -54.57
C ARG B 203 -12.24 83.34 -55.56
N SER B 204 -12.59 84.53 -55.07
CA SER B 204 -12.81 85.65 -55.98
C SER B 204 -11.60 85.87 -56.87
N LEU B 205 -10.41 85.87 -56.26
CA LEU B 205 -9.18 86.08 -57.03
C LEU B 205 -8.87 84.89 -57.91
N LEU B 206 -9.04 83.68 -57.37
CA LEU B 206 -8.76 82.50 -58.19
C LEU B 206 -9.69 82.40 -59.40
N ARG B 207 -10.93 82.87 -59.26
CA ARG B 207 -11.92 82.83 -60.32
C ARG B 207 -11.60 83.68 -61.54
N LYS B 208 -10.62 84.56 -61.48
CA LYS B 208 -10.27 85.42 -62.62
C LYS B 208 -8.81 85.28 -63.09
N ILE B 209 -8.26 84.06 -63.07
CA ILE B 209 -6.95 83.79 -63.67
C ILE B 209 -7.09 82.72 -64.75
N VAL B 210 -6.60 83.04 -65.95
CA VAL B 210 -6.77 82.25 -67.16
C VAL B 210 -5.41 82.07 -67.85
N ASP B 211 -5.17 80.88 -68.38
CA ASP B 211 -3.97 80.60 -69.17
C ASP B 211 -3.97 81.37 -70.49
N PRO B 212 -2.88 82.10 -70.82
CA PRO B 212 -2.95 83.05 -71.94
C PRO B 212 -2.89 82.43 -73.34
N GLU B 213 -2.46 81.16 -73.47
CA GLU B 213 -2.31 80.53 -74.77
C GLU B 213 -3.41 79.52 -75.03
N THR B 214 -3.70 78.67 -74.04
CA THR B 214 -4.75 77.66 -74.16
C THR B 214 -6.10 78.21 -73.72
N LYS B 215 -6.11 79.37 -73.07
CA LYS B 215 -7.33 80.09 -72.71
C LYS B 215 -8.31 79.20 -71.95
N GLU B 216 -7.78 78.56 -70.91
CA GLU B 216 -8.56 77.78 -69.95
C GLU B 216 -8.24 78.29 -68.55
N ARG B 217 -9.27 78.41 -67.73
CA ARG B 217 -9.09 78.87 -66.35
C ARG B 217 -8.40 77.81 -65.50
N ILE B 218 -7.43 78.24 -64.69
CA ILE B 218 -6.68 77.34 -63.81
C ILE B 218 -7.53 76.86 -62.64
N TYR B 219 -8.61 77.56 -62.29
CA TYR B 219 -9.42 77.23 -61.14
C TYR B 219 -10.81 76.81 -61.60
N ASP B 220 -11.23 75.61 -61.21
CA ASP B 220 -12.57 75.12 -61.51
C ASP B 220 -13.54 75.69 -60.49
N ARG B 221 -14.32 76.69 -60.90
CA ARG B 221 -15.33 77.24 -60.01
C ARG B 221 -16.38 76.19 -59.64
N ASN B 222 -16.63 75.24 -60.54
CA ASN B 222 -17.65 74.23 -60.32
C ASN B 222 -17.23 73.15 -59.35
N SER B 223 -15.99 72.66 -59.47
CA SER B 223 -15.54 71.54 -58.66
C SER B 223 -14.61 71.93 -57.53
N ASP B 224 -14.26 73.22 -57.42
CA ASP B 224 -13.36 73.68 -56.37
C ASP B 224 -12.00 72.99 -56.48
N SER B 225 -11.55 72.79 -57.71
CA SER B 225 -10.25 72.20 -58.00
C SER B 225 -9.34 73.24 -58.62
N LEU B 226 -8.13 73.37 -58.10
CA LEU B 226 -7.13 74.29 -58.61
C LEU B 226 -6.02 73.47 -59.26
N ASP B 227 -5.74 73.75 -60.52
CA ASP B 227 -4.71 73.02 -61.26
C ASP B 227 -4.88 71.52 -61.11
N GLY B 228 -6.14 71.07 -61.12
CA GLY B 228 -6.44 69.67 -60.96
C GLY B 228 -6.38 69.15 -59.53
N LEU B 229 -5.80 69.91 -58.58
CA LEU B 229 -5.73 69.45 -57.19
C LEU B 229 -6.94 69.94 -56.39
N PRO B 230 -7.35 69.18 -55.37
CA PRO B 230 -8.47 69.60 -54.53
C PRO B 230 -8.10 70.75 -53.60
N VAL B 231 -9.05 71.68 -53.44
CA VAL B 231 -8.89 72.83 -52.55
C VAL B 231 -9.74 72.63 -51.30
N VAL B 232 -9.16 72.92 -50.14
CA VAL B 232 -9.82 72.85 -48.85
C VAL B 232 -9.88 74.24 -48.24
N ASN B 233 -11.03 74.59 -47.68
CA ASN B 233 -11.25 75.92 -47.11
C ASN B 233 -11.08 75.94 -45.59
N LEU B 234 -10.27 76.88 -45.11
CA LEU B 234 -10.18 77.15 -43.68
C LEU B 234 -11.14 78.26 -43.32
N LYS B 235 -11.85 78.07 -42.21
CA LYS B 235 -12.75 79.08 -41.69
C LYS B 235 -12.03 80.08 -40.78
N SER B 236 -10.81 79.74 -40.34
CA SER B 236 -10.03 80.60 -39.46
C SER B 236 -9.82 82.00 -40.01
N SER B 237 -9.75 82.97 -39.09
CA SER B 237 -9.46 84.36 -39.42
C SER B 237 -7.98 84.68 -39.47
N ASN B 238 -7.11 83.75 -39.09
CA ASN B 238 -5.67 84.03 -39.12
C ASN B 238 -5.09 83.97 -40.52
N LEU B 239 -5.65 83.14 -41.40
CA LEU B 239 -5.15 83.04 -42.77
C LEU B 239 -5.72 84.19 -43.59
N LYS B 240 -4.86 85.09 -44.03
CA LYS B 240 -5.32 86.27 -44.76
C LYS B 240 -5.78 85.87 -46.17
N ARG B 241 -6.59 86.74 -46.75
CA ARG B 241 -7.16 86.48 -48.07
C ARG B 241 -6.08 86.15 -49.10
N GLY B 242 -5.07 87.00 -49.21
CA GLY B 242 -4.04 86.81 -50.21
C GLY B 242 -3.11 85.63 -50.02
N GLU B 243 -3.28 84.82 -48.97
CA GLU B 243 -2.34 83.74 -48.69
C GLU B 243 -2.88 82.38 -49.11
N LEU B 244 -1.98 81.55 -49.64
CA LEU B 244 -2.29 80.22 -50.14
C LEU B 244 -1.22 79.26 -49.67
N ILE B 245 -1.61 78.04 -49.30
CA ILE B 245 -0.66 77.04 -48.84
C ILE B 245 -0.83 75.77 -49.65
N THR B 246 0.29 75.09 -49.94
CA THR B 246 0.25 73.81 -50.63
C THR B 246 1.32 72.90 -50.05
N GLY B 247 1.15 71.60 -50.26
CA GLY B 247 2.12 70.64 -49.78
C GLY B 247 1.73 69.24 -50.17
N ASP B 248 2.65 68.31 -49.91
CA ASP B 248 2.36 66.88 -50.05
C ASP B 248 1.84 66.41 -48.70
N PHE B 249 0.52 66.49 -48.53
CA PHE B 249 -0.09 66.24 -47.23
C PHE B 249 0.04 64.81 -46.76
N ASP B 250 0.45 63.87 -47.60
CA ASP B 250 0.73 62.54 -47.08
C ASP B 250 1.90 62.56 -46.10
N LYS B 251 2.67 63.64 -46.09
CA LYS B 251 3.76 63.81 -45.14
C LYS B 251 3.29 64.39 -43.81
N LEU B 252 2.00 64.73 -43.68
CA LEU B 252 1.44 65.22 -42.43
C LEU B 252 0.69 64.09 -41.76
N ILE B 253 1.20 63.63 -40.63
CA ILE B 253 0.67 62.47 -39.92
C ILE B 253 0.04 62.96 -38.62
N TYR B 254 -1.16 62.47 -38.32
CA TYR B 254 -1.85 62.76 -37.08
C TYR B 254 -2.41 61.48 -36.48
N GLY B 255 -2.64 61.52 -35.17
CA GLY B 255 -3.18 60.39 -34.44
C GLY B 255 -4.16 60.84 -33.38
N ILE B 256 -5.04 59.91 -33.01
CA ILE B 256 -6.08 60.19 -32.01
C ILE B 256 -6.04 59.11 -30.95
N PRO B 257 -5.24 59.26 -29.89
CA PRO B 257 -5.26 58.24 -28.83
C PRO B 257 -6.58 58.11 -28.09
N GLN B 258 -7.41 59.15 -28.04
CA GLN B 258 -8.66 59.08 -27.27
C GLN B 258 -9.71 59.99 -27.89
N LEU B 259 -10.75 59.43 -28.49
CA LEU B 259 -11.81 60.26 -29.06
C LEU B 259 -12.51 61.04 -27.96
N ILE B 260 -13.44 61.93 -28.32
CA ILE B 260 -14.09 62.80 -27.32
C ILE B 260 -14.79 61.95 -26.28
N GLU B 261 -14.34 62.05 -25.03
CA GLU B 261 -15.04 61.49 -23.87
C GLU B 261 -15.76 62.59 -23.10
N TYR B 262 -17.08 62.42 -22.92
CA TYR B 262 -17.90 63.31 -22.10
C TYR B 262 -18.22 62.65 -20.77
N LYS B 263 -17.96 63.38 -19.68
CA LYS B 263 -18.36 62.97 -18.35
C LYS B 263 -19.13 64.12 -17.71
N ILE B 264 -20.24 63.80 -17.08
CA ILE B 264 -21.08 64.80 -16.41
C ILE B 264 -21.03 64.53 -14.92
N ASP B 265 -20.88 65.60 -14.13
CA ASP B 265 -20.65 65.42 -12.71
C ASP B 265 -21.30 66.49 -11.88
N GLU B 266 -21.56 66.11 -10.63
CA GLU B 266 -22.50 66.72 -9.71
C GLU B 266 -21.92 66.87 -8.32
N THR B 267 -20.73 66.34 -8.07
CA THR B 267 -20.10 66.32 -6.76
C THR B 267 -18.59 66.55 -6.94
N ALA B 268 -18.25 67.79 -7.32
CA ALA B 268 -16.88 68.17 -7.61
C ALA B 268 -16.77 69.68 -7.47
N GLN B 269 -15.54 70.17 -7.46
CA GLN B 269 -15.25 71.60 -7.34
C GLN B 269 -14.68 72.13 -8.64
N LEU B 270 -15.18 73.29 -9.06
CA LEU B 270 -14.59 74.05 -10.17
C LEU B 270 -13.74 75.17 -9.57
N SER B 271 -12.45 74.88 -9.37
CA SER B 271 -11.55 75.89 -8.86
C SER B 271 -11.41 77.08 -9.81
N THR B 272 -11.70 76.91 -11.09
CA THR B 272 -11.53 77.94 -12.10
C THR B 272 -12.72 78.90 -12.21
N VAL B 273 -13.77 78.72 -11.44
CA VAL B 273 -14.90 79.65 -11.39
C VAL B 273 -15.17 79.96 -9.92
N LYS B 274 -15.49 81.21 -9.63
CA LYS B 274 -15.56 81.66 -8.24
C LYS B 274 -16.90 82.33 -7.96
N ASN B 275 -17.44 82.04 -6.79
CA ASN B 275 -18.65 82.70 -6.32
C ASN B 275 -18.42 84.20 -6.17
N GLU B 276 -19.52 84.92 -5.95
CA GLU B 276 -19.42 86.35 -5.66
C GLU B 276 -18.43 86.60 -4.52
N ASP B 277 -18.55 85.82 -3.44
CA ASP B 277 -17.68 86.02 -2.29
C ASP B 277 -16.25 85.57 -2.54
N GLY B 278 -15.94 85.05 -3.72
CA GLY B 278 -14.62 84.54 -4.04
C GLY B 278 -14.38 83.08 -3.72
N THR B 279 -15.31 82.39 -3.08
CA THR B 279 -15.11 80.98 -2.78
C THR B 279 -15.32 80.14 -4.04
N PRO B 280 -14.51 79.09 -4.26
CA PRO B 280 -14.69 78.26 -5.45
C PRO B 280 -16.05 77.58 -5.47
N VAL B 281 -16.56 77.35 -6.69
CA VAL B 281 -17.88 76.72 -6.84
C VAL B 281 -17.83 75.25 -6.44
N ASN B 282 -18.77 74.84 -5.59
CA ASN B 282 -18.96 73.44 -5.23
C ASN B 282 -20.27 72.95 -5.85
N LEU B 283 -20.16 71.93 -6.72
CA LEU B 283 -21.33 71.53 -7.49
C LEU B 283 -22.39 70.87 -6.62
N PHE B 284 -21.97 70.20 -5.55
CA PHE B 284 -22.92 69.51 -4.68
C PHE B 284 -23.57 70.47 -3.70
N GLU B 285 -22.76 71.19 -2.92
CA GLU B 285 -23.30 72.12 -1.95
C GLU B 285 -24.06 73.27 -2.60
N GLN B 286 -23.81 73.57 -3.88
CA GLN B 286 -24.50 74.66 -4.56
C GLN B 286 -25.55 74.19 -5.56
N ASP B 287 -25.74 72.88 -5.72
CA ASP B 287 -26.80 72.37 -6.60
C ASP B 287 -26.55 72.73 -8.07
N MET B 288 -25.42 72.27 -8.58
CA MET B 288 -25.03 72.54 -9.95
C MET B 288 -24.57 71.25 -10.61
N VAL B 289 -24.53 71.28 -11.95
CA VAL B 289 -24.15 70.16 -12.78
C VAL B 289 -23.13 70.69 -13.77
N ALA B 290 -22.13 69.90 -14.13
CA ALA B 290 -21.18 70.36 -15.13
C ALA B 290 -20.68 69.24 -16.02
N LEU B 291 -20.45 69.59 -17.28
CA LEU B 291 -20.03 68.67 -18.34
C LEU B 291 -18.55 68.89 -18.62
N ARG B 292 -17.75 67.81 -18.59
CA ARG B 292 -16.37 67.84 -19.06
C ARG B 292 -16.23 67.04 -20.34
N ALA B 293 -15.61 67.63 -21.35
CA ALA B 293 -15.25 66.96 -22.59
C ALA B 293 -13.72 66.93 -22.72
N THR B 294 -13.16 65.75 -23.03
CA THR B 294 -11.72 65.68 -23.25
C THR B 294 -11.38 64.81 -24.45
N MET B 295 -10.26 65.15 -25.10
CA MET B 295 -9.76 64.43 -26.26
C MET B 295 -8.23 64.50 -26.27
N HIS B 296 -7.61 63.42 -26.75
CA HIS B 296 -6.17 63.39 -26.99
C HIS B 296 -5.89 63.39 -28.50
N VAL B 297 -4.96 64.24 -28.93
CA VAL B 297 -4.63 64.39 -30.33
C VAL B 297 -3.12 64.53 -30.48
N ALA B 298 -2.56 63.98 -31.56
CA ALA B 298 -1.13 64.01 -31.82
C ALA B 298 -0.88 64.41 -33.27
N LEU B 299 0.19 65.19 -33.51
CA LEU B 299 0.51 65.70 -34.84
C LEU B 299 1.99 65.52 -35.15
N HIS B 300 2.30 65.17 -36.40
CA HIS B 300 3.69 65.01 -36.83
C HIS B 300 3.88 65.42 -38.27
N ILE B 301 4.87 66.28 -38.53
CA ILE B 301 5.28 66.64 -39.89
C ILE B 301 6.37 65.66 -40.31
N ALA B 302 6.05 64.78 -41.27
CA ALA B 302 7.02 63.79 -41.69
C ALA B 302 8.18 64.37 -42.49
N ASP B 303 7.99 65.51 -43.15
CA ASP B 303 9.09 66.13 -43.90
C ASP B 303 8.89 67.63 -43.94
N ASP B 304 9.72 68.36 -43.19
CA ASP B 304 9.57 69.80 -43.09
C ASP B 304 9.65 70.50 -44.44
N LYS B 305 10.25 69.87 -45.46
CA LYS B 305 10.37 70.49 -46.77
C LYS B 305 9.15 70.31 -47.67
N ALA B 306 8.21 69.45 -47.29
CA ALA B 306 7.08 69.10 -48.15
C ALA B 306 6.00 70.17 -48.25
N PHE B 307 6.23 71.39 -47.77
CA PHE B 307 5.19 72.40 -47.76
C PHE B 307 5.74 73.74 -48.26
N ALA B 308 4.88 74.49 -48.96
CA ALA B 308 5.25 75.78 -49.51
C ALA B 308 4.07 76.73 -49.40
N LYS B 309 4.37 78.03 -49.38
CA LYS B 309 3.35 79.05 -49.18
C LYS B 309 3.50 80.21 -50.16
N LEU B 310 2.37 80.70 -50.65
CA LEU B 310 2.31 81.89 -51.50
C LEU B 310 1.70 83.04 -50.69
N VAL B 311 2.38 84.18 -50.68
CA VAL B 311 2.01 85.33 -49.84
C VAL B 311 1.94 86.61 -50.65
N PRO B 312 1.01 87.53 -50.36
CA PRO B 312 0.96 88.79 -51.10
C PRO B 312 2.13 89.69 -50.76
N ALA B 313 2.68 90.34 -51.79
CA ALA B 313 3.85 91.20 -51.61
C ALA B 313 3.49 92.49 -50.89
N SER C 16 38.42 52.14 -54.64
CA SER C 16 39.54 52.18 -55.63
C SER C 16 39.02 51.95 -57.04
N ASN C 17 38.12 50.96 -57.19
CA ASN C 17 37.57 50.58 -58.49
C ASN C 17 38.68 50.20 -59.48
N ASN C 18 39.73 49.55 -58.96
CA ASN C 18 40.82 49.07 -59.80
C ASN C 18 40.39 47.77 -60.45
N VAL C 19 40.14 47.80 -61.77
CA VAL C 19 39.58 46.64 -62.47
C VAL C 19 40.62 45.74 -63.13
N LYS C 20 41.90 46.11 -63.12
CA LYS C 20 42.89 45.22 -63.68
C LYS C 20 42.97 43.96 -62.82
N PRO C 21 43.36 42.82 -63.41
CA PRO C 21 43.40 41.58 -62.63
C PRO C 21 44.51 41.56 -61.59
N GLN C 22 44.25 40.81 -60.52
CA GLN C 22 45.17 40.65 -59.39
C GLN C 22 46.41 39.85 -59.75
N VAL C 23 47.59 40.45 -59.56
CA VAL C 23 48.85 39.73 -59.72
C VAL C 23 49.16 38.97 -58.44
N PHE C 24 49.63 37.73 -58.59
CA PHE C 24 49.99 36.88 -57.46
C PHE C 24 51.46 36.47 -57.51
N ASN C 25 52.02 36.28 -56.31
CA ASN C 25 53.40 35.86 -56.14
C ASN C 25 53.49 34.80 -55.06
N PRO C 26 53.87 33.55 -55.40
CA PRO C 26 54.20 33.06 -56.75
C PRO C 26 52.96 33.03 -57.65
N ASP C 27 53.17 32.92 -58.97
CA ASP C 27 52.10 32.91 -59.95
C ASP C 27 51.34 31.58 -59.99
N ASN C 28 50.88 31.10 -58.82
CA ASN C 28 50.21 29.80 -58.74
C ASN C 28 48.70 29.85 -58.92
N VAL C 29 48.08 31.02 -58.99
CA VAL C 29 46.63 31.11 -59.08
C VAL C 29 46.17 30.99 -60.53
N MET C 30 45.20 30.11 -60.76
CA MET C 30 44.59 30.01 -62.08
C MET C 30 43.66 31.20 -62.30
N MET C 31 43.69 31.78 -63.50
CA MET C 31 42.94 33.00 -63.77
C MET C 31 42.30 32.97 -65.15
N HIS C 32 41.13 33.61 -65.25
CA HIS C 32 40.38 33.72 -66.50
C HIS C 32 40.83 34.90 -67.37
N GLU C 33 41.53 35.87 -66.79
CA GLU C 33 41.98 37.06 -67.51
C GLU C 33 43.48 37.25 -67.31
N LYS C 34 44.17 37.53 -68.41
CA LYS C 34 45.60 37.74 -68.37
C LYS C 34 45.90 39.23 -68.25
N LYS C 35 47.07 39.55 -67.70
CA LYS C 35 47.39 40.95 -67.44
C LYS C 35 47.53 41.77 -68.72
N ASP C 36 47.65 41.14 -69.89
CA ASP C 36 47.67 41.89 -71.13
C ASP C 36 46.26 42.20 -71.64
N GLY C 37 45.22 41.80 -70.90
CA GLY C 37 43.85 42.04 -71.28
C GLY C 37 43.18 40.89 -72.01
N THR C 38 43.92 39.83 -72.34
CA THR C 38 43.31 38.67 -72.99
C THR C 38 42.30 38.01 -72.07
N LEU C 39 41.13 37.70 -72.61
CA LEU C 39 40.05 37.06 -71.87
C LEU C 39 39.86 35.67 -72.46
N MET C 40 39.87 34.65 -71.60
CA MET C 40 40.07 33.27 -72.02
C MET C 40 38.77 32.44 -72.09
N ASN C 41 37.82 32.89 -72.91
CA ASN C 41 36.67 32.05 -73.21
C ASN C 41 37.03 30.98 -74.25
N GLU C 42 36.08 30.08 -74.52
CA GLU C 42 36.22 29.05 -75.55
C GLU C 42 37.46 28.19 -75.36
N PHE C 43 37.81 27.93 -74.11
CA PHE C 43 39.01 27.14 -73.81
C PHE C 43 38.82 25.67 -74.18
N THR C 44 39.80 25.12 -74.91
CA THR C 44 39.78 23.71 -75.29
C THR C 44 40.50 22.91 -74.21
N THR C 45 39.75 22.10 -73.47
CA THR C 45 40.25 21.32 -72.35
C THR C 45 41.49 20.49 -72.74
N PRO C 46 42.62 20.64 -72.04
CA PRO C 46 43.81 19.87 -72.37
C PRO C 46 43.58 18.37 -72.31
N ILE C 47 44.42 17.64 -73.06
CA ILE C 47 44.39 16.19 -73.09
C ILE C 47 45.75 15.70 -72.61
N LEU C 48 45.78 14.47 -72.09
CA LEU C 48 46.96 13.92 -71.43
C LEU C 48 47.66 12.89 -72.32
N GLN C 49 48.90 13.18 -72.69
CA GLN C 49 49.76 12.31 -73.48
C GLN C 49 50.43 11.20 -72.66
N GLU C 50 49.94 10.87 -71.46
CA GLU C 50 50.63 9.93 -70.60
C GLU C 50 49.64 9.07 -69.83
N VAL C 51 50.17 8.04 -69.18
CA VAL C 51 49.44 7.20 -68.25
C VAL C 51 49.98 7.50 -66.85
N MET C 52 49.08 7.62 -65.88
CA MET C 52 49.49 7.96 -64.53
C MET C 52 50.23 6.81 -63.87
N GLU C 53 51.41 7.12 -63.31
CA GLU C 53 52.29 6.13 -62.70
C GLU C 53 51.79 5.65 -61.34
N ASN C 54 51.93 4.35 -61.11
CA ASN C 54 51.61 3.73 -59.83
C ASN C 54 52.75 3.95 -58.84
N SER C 55 52.45 3.74 -57.55
CA SER C 55 53.51 3.72 -56.54
C SER C 55 54.26 2.39 -56.63
N LYS C 56 55.56 2.48 -56.88
CA LYS C 56 56.35 1.26 -56.96
C LYS C 56 56.53 0.62 -55.60
N ILE C 57 56.54 1.43 -54.52
CA ILE C 57 56.59 0.83 -53.19
C ILE C 57 55.28 0.09 -52.89
N MET C 58 54.15 0.69 -53.21
CA MET C 58 52.89 -0.04 -53.05
C MET C 58 52.86 -1.29 -53.91
N GLN C 59 53.64 -1.30 -54.99
CA GLN C 59 53.67 -2.48 -55.85
C GLN C 59 54.54 -3.58 -55.25
N LEU C 60 55.77 -3.26 -54.86
CA LEU C 60 56.71 -4.26 -54.39
C LEU C 60 56.53 -4.63 -52.92
N GLY C 61 56.36 -3.63 -52.04
CA GLY C 61 56.34 -3.86 -50.61
C GLY C 61 55.08 -4.57 -50.12
N LYS C 62 55.06 -4.81 -48.81
CA LYS C 62 53.96 -5.49 -48.14
C LYS C 62 53.12 -4.47 -47.38
N TYR C 63 51.82 -4.45 -47.67
CA TYR C 63 50.87 -3.63 -46.92
C TYR C 63 50.81 -4.04 -45.46
N GLU C 64 50.61 -3.05 -44.58
CA GLU C 64 50.49 -3.28 -43.15
C GLU C 64 49.38 -2.44 -42.53
N PRO C 65 48.24 -3.03 -42.15
CA PRO C 65 47.20 -2.27 -41.46
C PRO C 65 47.73 -1.47 -40.28
N MET C 66 47.30 -0.21 -40.20
CA MET C 66 47.83 0.72 -39.21
C MET C 66 46.74 1.72 -38.84
N GLU C 67 46.22 1.67 -37.61
CA GLU C 67 45.13 2.55 -37.25
C GLU C 67 45.63 3.92 -36.81
N GLY C 68 46.61 3.97 -35.89
CA GLY C 68 47.21 5.22 -35.47
C GLY C 68 48.37 5.64 -36.35
N THR C 69 49.00 6.74 -35.98
CA THR C 69 50.20 7.21 -36.68
C THR C 69 51.44 6.39 -36.32
N GLU C 70 51.31 5.34 -35.51
CA GLU C 70 52.47 4.59 -35.06
C GLU C 70 52.11 3.12 -34.93
N LYS C 71 53.11 2.26 -35.12
CA LYS C 71 52.93 0.81 -35.13
C LYS C 71 54.11 0.15 -34.45
N LYS C 72 53.81 -0.91 -33.70
CA LYS C 72 54.79 -1.71 -32.95
C LYS C 72 54.85 -3.13 -33.48
N PHE C 73 56.07 -3.64 -33.64
CA PHE C 73 56.32 -5.01 -34.06
C PHE C 73 57.21 -5.66 -33.01
N THR C 74 57.00 -6.95 -32.78
CA THR C 74 57.86 -7.71 -31.88
C THR C 74 58.14 -9.09 -32.48
N PHE C 75 59.41 -9.50 -32.43
CA PHE C 75 59.88 -10.72 -33.07
C PHE C 75 60.75 -11.51 -32.11
N TRP C 76 60.67 -12.83 -32.18
CA TRP C 76 61.61 -13.66 -31.45
C TRP C 76 63.03 -13.39 -31.94
N ALA C 77 63.98 -13.48 -31.00
CA ALA C 77 65.39 -13.22 -31.26
C ALA C 77 66.24 -14.39 -30.79
N ASP C 78 66.11 -14.79 -29.52
CA ASP C 78 66.92 -15.89 -28.99
C ASP C 78 66.04 -17.08 -28.69
N LYS C 79 66.57 -18.28 -28.99
CA LYS C 79 65.92 -19.55 -28.74
C LYS C 79 66.72 -20.37 -27.74
N PRO C 80 66.06 -21.11 -26.85
CA PRO C 80 66.78 -21.82 -25.80
C PRO C 80 67.68 -22.91 -26.35
N GLY C 81 68.84 -23.08 -25.73
CA GLY C 81 69.67 -24.24 -25.97
C GLY C 81 69.09 -25.49 -25.32
N ALA C 82 69.82 -26.59 -25.45
CA ALA C 82 69.45 -27.84 -24.81
C ALA C 82 70.71 -28.65 -24.52
N TYR C 83 70.61 -29.50 -23.50
CA TYR C 83 71.78 -30.18 -22.93
C TYR C 83 71.61 -31.69 -22.96
N TRP C 84 72.72 -32.39 -23.18
CA TRP C 84 72.78 -33.77 -22.72
C TRP C 84 72.86 -33.76 -21.20
N VAL C 85 72.18 -34.69 -20.54
CA VAL C 85 72.33 -34.87 -19.10
C VAL C 85 72.44 -36.35 -18.78
N GLY C 86 73.38 -36.68 -17.90
CA GLY C 86 73.49 -38.05 -17.43
C GLY C 86 72.32 -38.42 -16.55
N GLU C 87 72.13 -39.73 -16.36
CA GLU C 87 71.07 -40.19 -15.49
C GLU C 87 71.24 -39.61 -14.09
N GLY C 88 70.16 -39.03 -13.56
CA GLY C 88 70.17 -38.40 -12.26
C GLY C 88 70.92 -37.09 -12.17
N GLN C 89 71.51 -36.61 -13.27
CA GLN C 89 72.20 -35.33 -13.26
C GLN C 89 71.21 -34.17 -13.20
N LYS C 90 71.70 -32.99 -12.86
CA LYS C 90 70.89 -31.78 -12.90
C LYS C 90 70.67 -31.31 -14.33
N ILE C 91 69.41 -31.10 -14.71
CA ILE C 91 69.06 -30.53 -16.01
C ILE C 91 69.32 -29.02 -15.98
N GLU C 92 70.20 -28.55 -16.86
CA GLU C 92 70.52 -27.14 -16.96
C GLU C 92 69.34 -26.34 -17.53
N THR C 93 69.37 -25.02 -17.32
CA THR C 93 68.33 -24.11 -17.76
C THR C 93 68.68 -23.43 -19.10
N SER C 94 67.68 -22.77 -19.68
CA SER C 94 67.88 -21.93 -20.86
C SER C 94 66.72 -20.94 -20.98
N LYS C 95 66.76 -20.12 -22.03
CA LYS C 95 66.01 -18.86 -22.06
C LYS C 95 65.63 -18.45 -23.49
N ALA C 96 64.43 -17.88 -23.64
CA ALA C 96 64.00 -17.19 -24.85
C ALA C 96 64.28 -15.70 -24.78
N THR C 97 64.39 -15.05 -25.95
CA THR C 97 64.50 -13.60 -26.02
C THR C 97 63.74 -13.05 -27.22
N TRP C 98 63.23 -11.81 -27.08
CA TRP C 98 62.51 -11.10 -28.13
C TRP C 98 63.09 -9.69 -28.34
N VAL C 99 62.75 -9.10 -29.50
CA VAL C 99 63.17 -7.76 -29.89
C VAL C 99 62.00 -6.99 -30.50
N ASN C 100 61.99 -5.67 -30.32
CA ASN C 100 60.91 -4.81 -30.81
C ASN C 100 61.39 -3.83 -31.87
N ALA C 101 60.45 -3.43 -32.74
CA ALA C 101 60.67 -2.45 -33.80
C ALA C 101 59.41 -1.60 -33.94
N THR C 102 59.53 -0.44 -34.60
CA THR C 102 58.37 0.43 -34.74
C THR C 102 58.45 1.27 -36.01
N MET C 103 57.28 1.70 -36.49
CA MET C 103 57.19 2.55 -37.69
C MET C 103 56.16 3.66 -37.47
N ARG C 104 56.46 4.85 -38.01
CA ARG C 104 55.58 6.01 -37.91
C ARG C 104 55.24 6.60 -39.27
N ALA C 105 54.06 7.23 -39.35
CA ALA C 105 53.53 7.86 -40.54
C ALA C 105 53.92 9.35 -40.70
N PHE C 106 53.89 9.80 -41.96
CA PHE C 106 54.07 11.21 -42.33
C PHE C 106 52.99 11.65 -43.32
N LYS C 107 52.85 12.97 -43.47
CA LYS C 107 51.79 13.59 -44.25
C LYS C 107 52.29 14.23 -45.54
N LEU C 108 51.67 13.88 -46.65
CA LEU C 108 51.85 14.53 -47.95
C LEU C 108 50.67 15.47 -48.21
N GLY C 109 50.96 16.67 -48.75
CA GLY C 109 49.87 17.55 -49.12
C GLY C 109 50.24 18.62 -50.13
N VAL C 110 49.20 19.17 -50.77
CA VAL C 110 49.35 20.25 -51.75
C VAL C 110 48.04 21.01 -51.82
N ILE C 111 48.12 22.32 -52.11
CA ILE C 111 46.96 23.18 -52.29
C ILE C 111 46.98 23.84 -53.66
N LEU C 112 45.88 23.76 -54.40
CA LEU C 112 45.71 24.40 -55.71
C LEU C 112 44.70 25.54 -55.67
N PRO C 113 45.12 26.80 -55.69
CA PRO C 113 44.17 27.93 -55.67
C PRO C 113 43.64 28.31 -57.05
N VAL C 114 42.35 28.65 -57.10
CA VAL C 114 41.66 28.96 -58.35
C VAL C 114 40.75 30.16 -58.18
N THR C 115 40.81 31.10 -59.11
CA THR C 115 39.88 32.23 -59.14
C THR C 115 38.54 31.78 -59.68
N LYS C 116 37.46 32.20 -59.02
CA LYS C 116 36.15 31.69 -59.37
C LYS C 116 35.73 32.07 -60.80
N GLU C 117 36.24 33.18 -61.33
CA GLU C 117 35.97 33.44 -62.74
C GLU C 117 36.53 32.32 -63.60
N PHE C 118 37.77 31.90 -63.31
CA PHE C 118 38.36 30.79 -64.05
C PHE C 118 37.53 29.54 -63.85
N LEU C 119 37.14 29.27 -62.61
CA LEU C 119 36.33 28.09 -62.29
C LEU C 119 34.97 28.09 -62.98
N ASN C 120 34.46 29.25 -63.41
CA ASN C 120 33.17 29.29 -64.10
C ASN C 120 33.28 29.40 -65.62
N TYR C 121 34.08 30.33 -66.13
CA TYR C 121 34.06 30.69 -67.53
C TYR C 121 35.19 30.07 -68.34
N THR C 122 35.96 29.15 -67.77
CA THR C 122 37.06 28.56 -68.51
C THR C 122 37.21 27.05 -68.30
N TYR C 123 37.29 26.60 -67.04
CA TYR C 123 37.62 25.19 -66.81
C TYR C 123 36.94 24.71 -65.53
N SER C 124 35.63 24.45 -65.64
CA SER C 124 34.85 23.94 -64.52
C SER C 124 35.38 22.61 -63.99
N GLN C 125 35.73 21.68 -64.89
CA GLN C 125 36.24 20.36 -64.52
C GLN C 125 37.64 20.38 -63.92
N PHE C 126 38.24 21.53 -63.64
CA PHE C 126 39.63 21.56 -63.18
C PHE C 126 39.84 20.76 -61.91
N PHE C 127 39.01 20.96 -60.89
CA PHE C 127 39.11 20.14 -59.68
C PHE C 127 38.59 18.71 -59.85
N GLU C 128 38.17 18.30 -61.05
CA GLU C 128 38.16 16.88 -61.36
C GLU C 128 39.51 16.43 -61.90
N GLU C 129 39.92 17.02 -63.02
CA GLU C 129 41.11 16.56 -63.74
C GLU C 129 42.37 16.57 -62.88
N MET C 130 42.48 17.48 -61.91
CA MET C 130 43.68 17.50 -61.07
C MET C 130 43.78 16.34 -60.09
N LYS C 131 42.66 15.87 -59.54
CA LYS C 131 42.74 14.83 -58.51
C LYS C 131 43.62 13.64 -58.89
N PRO C 132 43.52 13.07 -60.09
CA PRO C 132 44.46 12.00 -60.46
C PRO C 132 45.91 12.47 -60.58
N MET C 133 46.15 13.66 -61.16
CA MET C 133 47.54 14.12 -61.23
C MET C 133 48.10 14.39 -59.85
N ILE C 134 47.25 14.75 -58.89
CA ILE C 134 47.69 14.89 -57.51
C ILE C 134 48.07 13.53 -56.94
N ALA C 135 47.22 12.52 -57.16
CA ALA C 135 47.54 11.19 -56.65
C ALA C 135 48.87 10.71 -57.21
N GLU C 136 49.10 10.93 -58.51
CA GLU C 136 50.39 10.58 -59.10
C GLU C 136 51.53 11.31 -58.41
N ALA C 137 51.35 12.61 -58.13
CA ALA C 137 52.43 13.34 -57.49
C ALA C 137 52.75 12.78 -56.11
N PHE C 138 51.72 12.42 -55.36
CA PHE C 138 51.94 11.78 -54.06
C PHE C 138 52.69 10.48 -54.19
N TYR C 139 52.19 9.56 -55.02
CA TYR C 139 52.90 8.30 -55.21
C TYR C 139 54.37 8.51 -55.56
N LYS C 140 54.66 9.36 -56.55
CA LYS C 140 56.05 9.58 -56.92
C LYS C 140 56.87 10.14 -55.75
N LYS C 141 56.31 11.09 -55.00
CA LYS C 141 57.02 11.60 -53.82
C LYS C 141 57.36 10.48 -52.86
N PHE C 142 56.37 9.63 -52.57
CA PHE C 142 56.57 8.52 -51.66
C PHE C 142 57.67 7.59 -52.16
N ASP C 143 57.56 7.15 -53.41
CA ASP C 143 58.56 6.24 -53.95
C ASP C 143 59.96 6.84 -53.88
N GLU C 144 60.11 8.11 -54.28
CA GLU C 144 61.45 8.69 -54.27
C GLU C 144 61.98 8.89 -52.86
N ALA C 145 61.10 9.05 -51.88
CA ALA C 145 61.58 9.12 -50.50
C ALA C 145 62.02 7.74 -50.00
N GLY C 146 61.14 6.75 -50.11
CA GLY C 146 61.44 5.44 -49.55
C GLY C 146 62.51 4.65 -50.28
N ILE C 147 62.51 4.68 -51.61
CA ILE C 147 63.50 3.91 -52.36
C ILE C 147 64.83 4.64 -52.40
N LEU C 148 64.83 5.88 -52.87
CA LEU C 148 66.07 6.58 -53.17
C LEU C 148 66.49 7.56 -52.09
N ASN C 149 65.71 7.75 -51.04
CA ASN C 149 66.06 8.70 -49.99
C ASN C 149 66.22 10.10 -50.54
N GLN C 150 65.36 10.46 -51.49
CA GLN C 150 65.41 11.75 -52.15
C GLN C 150 64.10 12.50 -51.91
N GLY C 151 64.17 13.82 -52.06
CA GLY C 151 63.01 14.66 -51.85
C GLY C 151 62.70 14.88 -50.39
N ASN C 152 63.73 15.18 -49.60
CA ASN C 152 63.60 15.42 -48.16
C ASN C 152 62.86 14.28 -47.49
N ASN C 153 63.44 13.09 -47.58
CA ASN C 153 62.85 11.90 -47.00
C ASN C 153 62.54 12.14 -45.52
N PRO C 154 61.27 12.11 -45.12
CA PRO C 154 60.97 12.35 -43.70
C PRO C 154 61.38 11.20 -42.82
N PHE C 155 61.19 9.97 -43.30
CA PHE C 155 61.59 8.80 -42.53
C PHE C 155 63.11 8.72 -42.41
N GLY C 156 63.57 8.28 -41.25
CA GLY C 156 64.98 7.97 -41.08
C GLY C 156 65.29 6.59 -41.65
N LYS C 157 64.50 6.16 -42.63
CA LYS C 157 64.53 4.80 -43.15
C LYS C 157 64.44 4.85 -44.66
N SER C 158 65.21 4.01 -45.34
CA SER C 158 65.06 3.86 -46.79
C SER C 158 65.93 2.72 -47.28
N ILE C 159 65.62 2.26 -48.49
CA ILE C 159 66.43 1.22 -49.12
C ILE C 159 67.85 1.72 -49.36
N ALA C 160 67.98 2.88 -50.01
CA ALA C 160 69.31 3.40 -50.28
C ALA C 160 70.10 3.59 -49.00
N GLN C 161 69.41 3.94 -47.91
CA GLN C 161 70.11 4.18 -46.65
C GLN C 161 70.53 2.87 -45.99
N SER C 162 69.72 1.82 -46.12
CA SER C 162 70.12 0.52 -45.61
C SER C 162 71.32 0.01 -46.39
N ILE C 163 71.28 0.17 -47.70
CA ILE C 163 72.40 -0.22 -48.54
C ILE C 163 73.65 0.55 -48.14
N GLU C 164 73.51 1.84 -47.85
CA GLU C 164 74.67 2.62 -47.45
C GLU C 164 75.24 2.14 -46.12
N LYS C 165 74.38 1.78 -45.16
CA LYS C 165 74.94 1.35 -43.88
C LYS C 165 75.58 -0.03 -43.98
N THR C 166 75.07 -0.91 -44.84
CA THR C 166 75.67 -2.23 -45.01
C THR C 166 76.81 -2.26 -46.02
N ASN C 167 76.96 -1.22 -46.84
CA ASN C 167 77.95 -1.20 -47.90
C ASN C 167 77.81 -2.42 -48.83
N LYS C 168 76.57 -2.84 -49.05
CA LYS C 168 76.22 -4.03 -49.83
C LYS C 168 76.08 -3.69 -51.33
N VAL C 169 77.14 -3.11 -51.88
CA VAL C 169 77.17 -2.63 -53.25
C VAL C 169 78.23 -3.38 -54.07
N ILE C 170 77.84 -3.76 -55.29
CA ILE C 170 78.70 -4.38 -56.29
C ILE C 170 79.09 -3.30 -57.29
N LYS C 171 80.35 -3.29 -57.71
CA LYS C 171 80.84 -2.35 -58.71
C LYS C 171 81.09 -3.07 -60.03
N GLY C 172 80.64 -2.46 -61.13
CA GLY C 172 80.91 -3.01 -62.45
C GLY C 172 79.81 -3.00 -63.48
N ASP C 173 80.11 -3.60 -64.63
CA ASP C 173 79.22 -3.61 -65.79
C ASP C 173 78.13 -4.66 -65.67
N PHE C 174 77.02 -4.40 -66.37
CA PHE C 174 75.93 -5.37 -66.45
C PHE C 174 76.41 -6.60 -67.18
N THR C 175 76.57 -7.70 -66.44
CA THR C 175 77.03 -8.96 -66.97
C THR C 175 76.36 -10.06 -66.16
N GLN C 176 76.18 -11.24 -66.74
CA GLN C 176 75.58 -12.32 -65.98
C GLN C 176 76.41 -12.59 -64.73
N ASP C 177 77.73 -12.46 -64.87
CA ASP C 177 78.64 -12.57 -63.74
C ASP C 177 78.22 -11.67 -62.60
N ASN C 178 78.17 -10.36 -62.86
CA ASN C 178 77.85 -9.41 -61.80
C ASN C 178 76.41 -9.52 -61.34
N ILE C 179 75.48 -9.91 -62.21
CA ILE C 179 74.09 -9.98 -61.79
C ILE C 179 73.89 -11.15 -60.84
N ILE C 180 74.54 -12.27 -61.13
CA ILE C 180 74.50 -13.40 -60.22
C ILE C 180 75.18 -13.04 -58.92
N ASP C 181 76.34 -12.40 -58.98
CA ASP C 181 77.01 -11.98 -57.75
C ASP C 181 76.11 -11.07 -56.92
N LEU C 182 75.37 -10.19 -57.59
CA LEU C 182 74.46 -9.30 -56.89
C LEU C 182 73.42 -10.10 -56.12
N GLU C 183 72.80 -11.08 -56.78
CA GLU C 183 71.80 -11.87 -56.07
C GLU C 183 72.43 -12.71 -54.96
N ALA C 184 73.63 -13.25 -55.20
CA ALA C 184 74.31 -14.03 -54.17
C ALA C 184 74.57 -13.20 -52.92
N LEU C 185 74.75 -11.90 -53.11
CA LEU C 185 75.02 -11.04 -51.96
C LEU C 185 73.87 -11.04 -50.96
N LEU C 186 72.69 -11.49 -51.37
CA LEU C 186 71.58 -11.56 -50.42
C LEU C 186 71.55 -12.88 -49.66
N GLU C 187 71.75 -13.99 -50.35
CA GLU C 187 71.72 -15.25 -49.63
C GLU C 187 72.95 -15.38 -48.74
N ASP C 188 73.96 -14.54 -48.95
CA ASP C 188 75.06 -14.48 -48.00
C ASP C 188 74.55 -14.13 -46.60
N ASP C 189 73.35 -13.58 -46.48
CA ASP C 189 72.69 -13.32 -45.20
C ASP C 189 71.44 -14.18 -45.05
N GLU C 190 71.35 -15.27 -45.80
CA GLU C 190 70.22 -16.20 -45.78
C GLU C 190 68.92 -15.58 -46.29
N LEU C 191 69.01 -14.61 -47.21
CA LEU C 191 67.83 -14.01 -47.83
C LEU C 191 67.88 -14.25 -49.33
N GLU C 192 66.70 -14.36 -49.94
CA GLU C 192 66.59 -14.58 -51.38
C GLU C 192 65.96 -13.37 -52.06
N ALA C 193 66.56 -12.97 -53.18
CA ALA C 193 66.04 -11.86 -53.96
C ALA C 193 64.67 -12.20 -54.52
N ASN C 194 63.78 -11.19 -54.55
CA ASN C 194 62.43 -11.39 -55.05
C ASN C 194 62.07 -10.54 -56.26
N ALA C 195 62.79 -9.45 -56.52
CA ALA C 195 62.50 -8.61 -57.67
C ALA C 195 63.69 -7.69 -57.93
N PHE C 196 63.65 -7.02 -59.08
CA PHE C 196 64.65 -6.02 -59.41
C PHE C 196 64.00 -4.66 -59.67
N ILE C 197 64.70 -3.61 -59.27
CA ILE C 197 64.30 -2.23 -59.53
C ILE C 197 65.32 -1.67 -60.51
N SER C 198 64.87 -1.12 -61.63
CA SER C 198 65.80 -0.59 -62.60
C SER C 198 65.24 0.64 -63.32
N LYS C 199 66.12 1.28 -64.07
CA LYS C 199 65.81 2.46 -64.85
C LYS C 199 65.54 1.99 -66.28
N THR C 200 64.37 2.35 -66.83
CA THR C 200 63.99 1.86 -68.15
C THR C 200 65.05 2.16 -69.20
N GLN C 201 65.86 3.19 -68.99
CA GLN C 201 66.95 3.49 -69.92
C GLN C 201 67.91 2.32 -70.10
N ASN C 202 68.01 1.43 -69.11
CA ASN C 202 69.05 0.39 -69.12
C ASN C 202 68.59 -0.98 -69.63
N ARG C 203 67.32 -1.14 -69.98
CA ARG C 203 66.97 -2.42 -70.57
C ARG C 203 67.71 -2.62 -71.89
N SER C 204 68.20 -1.53 -72.51
CA SER C 204 69.11 -1.67 -73.64
C SER C 204 70.31 -2.52 -73.27
N LEU C 205 70.90 -2.27 -72.09
CA LEU C 205 72.06 -3.03 -71.66
C LEU C 205 71.67 -4.45 -71.31
N LEU C 206 70.55 -4.63 -70.60
CA LEU C 206 70.13 -5.97 -70.25
C LEU C 206 69.82 -6.82 -71.48
N ARG C 207 69.29 -6.19 -72.53
CA ARG C 207 68.93 -6.88 -73.77
C ARG C 207 70.12 -7.47 -74.53
N LYS C 208 71.35 -7.05 -74.25
CA LYS C 208 72.53 -7.52 -75.01
C LYS C 208 73.55 -8.27 -74.15
N ILE C 209 73.11 -9.04 -73.16
CA ILE C 209 73.99 -9.88 -72.35
C ILE C 209 73.48 -11.31 -72.44
N VAL C 210 74.39 -12.25 -72.73
CA VAL C 210 74.03 -13.66 -72.94
C VAL C 210 75.04 -14.57 -72.26
N ASP C 211 74.55 -15.71 -71.78
CA ASP C 211 75.41 -16.74 -71.18
C ASP C 211 76.26 -17.41 -72.25
N PRO C 212 77.59 -17.36 -72.17
CA PRO C 212 78.40 -18.04 -73.20
C PRO C 212 78.36 -19.56 -73.15
N GLU C 213 77.96 -20.16 -72.03
CA GLU C 213 77.92 -21.63 -71.95
C GLU C 213 76.58 -22.18 -72.42
N THR C 214 75.50 -21.88 -71.70
CA THR C 214 74.20 -22.37 -72.11
C THR C 214 73.65 -21.59 -73.29
N LYS C 215 74.21 -20.42 -73.57
CA LYS C 215 73.81 -19.59 -74.70
C LYS C 215 72.31 -19.27 -74.66
N GLU C 216 71.88 -18.79 -73.50
CA GLU C 216 70.54 -18.28 -73.28
C GLU C 216 70.69 -16.91 -72.64
N ARG C 217 69.78 -16.00 -72.99
CA ARG C 217 69.85 -14.64 -72.48
C ARG C 217 69.17 -14.54 -71.11
N ILE C 218 69.80 -13.77 -70.22
CA ILE C 218 69.33 -13.62 -68.86
C ILE C 218 68.09 -12.74 -68.73
N TYR C 219 67.85 -11.84 -69.66
CA TYR C 219 66.73 -10.90 -69.58
C TYR C 219 65.69 -11.23 -70.65
N ASP C 220 64.44 -11.43 -70.21
CA ASP C 220 63.32 -11.64 -71.12
C ASP C 220 62.86 -10.28 -71.65
N ARG C 221 63.18 -9.99 -72.90
CA ARG C 221 62.69 -8.76 -73.50
C ARG C 221 61.18 -8.76 -73.59
N ASN C 222 60.57 -9.94 -73.72
CA ASN C 222 59.13 -10.05 -73.86
C ASN C 222 58.39 -9.88 -72.53
N SER C 223 58.88 -10.50 -71.47
CA SER C 223 58.18 -10.50 -70.18
C SER C 223 58.77 -9.53 -69.17
N ASP C 224 59.86 -8.86 -69.50
CA ASP C 224 60.50 -7.92 -68.57
C ASP C 224 60.94 -8.62 -67.29
N SER C 225 61.40 -9.86 -67.43
CA SER C 225 61.87 -10.64 -66.29
C SER C 225 63.39 -10.79 -66.39
N LEU C 226 64.08 -10.53 -65.29
CA LEU C 226 65.53 -10.68 -65.22
C LEU C 226 65.83 -11.87 -64.34
N ASP C 227 66.57 -12.83 -64.88
CA ASP C 227 66.91 -14.06 -64.16
C ASP C 227 65.66 -14.65 -63.52
N GLY C 228 64.55 -14.58 -64.26
CA GLY C 228 63.29 -15.09 -63.77
C GLY C 228 62.57 -14.21 -62.78
N LEU C 229 63.24 -13.20 -62.23
CA LEU C 229 62.56 -12.32 -61.29
C LEU C 229 61.93 -11.14 -62.03
N PRO C 230 60.81 -10.60 -61.51
CA PRO C 230 60.19 -9.45 -62.16
C PRO C 230 60.98 -8.18 -61.96
N VAL C 231 61.04 -7.37 -63.01
CA VAL C 231 61.71 -6.08 -63.00
C VAL C 231 60.66 -4.98 -62.97
N VAL C 232 60.87 -3.99 -62.11
CA VAL C 232 60.01 -2.81 -61.99
C VAL C 232 60.85 -1.60 -62.36
N ASN C 233 60.27 -0.72 -63.17
CA ASN C 233 60.99 0.44 -63.70
C ASN C 233 60.62 1.71 -62.92
N LEU C 234 61.65 2.47 -62.53
CA LEU C 234 61.45 3.77 -61.92
C LEU C 234 61.50 4.88 -62.96
N LYS C 235 60.57 5.83 -62.83
CA LYS C 235 60.56 7.01 -63.69
C LYS C 235 61.50 8.09 -63.18
N SER C 236 61.85 8.05 -61.90
CA SER C 236 62.72 9.05 -61.29
C SER C 236 64.00 9.24 -62.09
N SER C 237 64.49 10.48 -62.09
CA SER C 237 65.74 10.85 -62.74
C SER C 237 66.96 10.67 -61.84
N ASN C 238 66.77 10.32 -60.57
CA ASN C 238 67.89 10.16 -59.66
C ASN C 238 68.63 8.84 -59.87
N LEU C 239 67.92 7.80 -60.28
CA LEU C 239 68.52 6.49 -60.51
C LEU C 239 69.20 6.47 -61.88
N LYS C 240 70.53 6.37 -61.89
CA LYS C 240 71.28 6.43 -63.13
C LYS C 240 71.11 5.15 -63.95
N ARG C 241 71.43 5.26 -65.24
CA ARG C 241 71.27 4.15 -66.18
C ARG C 241 72.00 2.89 -65.70
N GLY C 242 73.29 3.02 -65.39
CA GLY C 242 74.09 1.88 -64.99
C GLY C 242 73.78 1.30 -63.62
N GLU C 243 72.80 1.82 -62.90
CA GLU C 243 72.52 1.38 -61.54
C GLU C 243 71.34 0.43 -61.50
N LEU C 244 71.43 -0.59 -60.64
CA LEU C 244 70.42 -1.61 -60.48
C LEU C 244 70.28 -1.93 -59.00
N ILE C 245 69.05 -2.13 -58.53
CA ILE C 245 68.80 -2.46 -57.13
C ILE C 245 68.01 -3.76 -57.06
N THR C 246 68.31 -4.57 -56.05
CA THR C 246 67.56 -5.79 -55.81
C THR C 246 67.40 -5.96 -54.31
N GLY C 247 66.41 -6.77 -53.93
CA GLY C 247 66.19 -7.02 -52.52
C GLY C 247 65.05 -8.00 -52.32
N ASP C 248 64.90 -8.44 -51.06
CA ASP C 248 63.75 -9.25 -50.65
C ASP C 248 62.67 -8.28 -50.21
N PHE C 249 61.96 -7.75 -51.20
CA PHE C 249 60.98 -6.70 -50.97
C PHE C 249 59.89 -7.10 -49.98
N ASP C 250 59.70 -8.38 -49.69
CA ASP C 250 58.73 -8.72 -48.65
C ASP C 250 59.18 -8.22 -47.28
N LYS C 251 60.45 -7.85 -47.15
CA LYS C 251 60.98 -7.15 -45.97
C LYS C 251 60.79 -5.64 -46.02
N LEU C 252 60.09 -5.09 -47.01
CA LEU C 252 59.75 -3.67 -47.02
C LEU C 252 58.27 -3.51 -46.68
N ILE C 253 58.00 -2.90 -45.53
CA ILE C 253 56.64 -2.77 -45.00
C ILE C 253 56.18 -1.33 -45.13
N TYR C 254 54.96 -1.13 -45.62
CA TYR C 254 54.33 0.18 -45.73
C TYR C 254 52.92 0.17 -45.18
N GLY C 255 52.48 1.31 -44.67
CA GLY C 255 51.13 1.47 -44.17
C GLY C 255 50.55 2.82 -44.56
N ILE C 256 49.23 2.87 -44.65
CA ILE C 256 48.53 4.09 -45.08
C ILE C 256 47.41 4.46 -44.11
N PRO C 257 47.71 5.20 -43.05
CA PRO C 257 46.67 5.52 -42.04
C PRO C 257 45.55 6.41 -42.56
N GLN C 258 45.76 7.17 -43.64
CA GLN C 258 44.72 8.04 -44.19
C GLN C 258 44.94 8.11 -45.69
N LEU C 259 44.05 7.49 -46.44
CA LEU C 259 44.08 7.60 -47.90
C LEU C 259 43.85 9.05 -48.33
N ILE C 260 44.18 9.33 -49.58
CA ILE C 260 44.07 10.67 -50.17
C ILE C 260 42.72 11.29 -49.86
N GLU C 261 42.73 12.37 -49.09
CA GLU C 261 41.56 13.19 -48.82
C GLU C 261 41.67 14.50 -49.60
N TYR C 262 40.57 14.89 -50.25
CA TYR C 262 40.45 16.18 -50.92
C TYR C 262 39.41 17.02 -50.19
N LYS C 263 39.74 18.29 -49.97
CA LYS C 263 38.80 19.26 -49.44
C LYS C 263 38.89 20.53 -50.25
N ILE C 264 37.75 21.11 -50.60
CA ILE C 264 37.68 22.34 -51.37
C ILE C 264 37.10 23.43 -50.49
N ASP C 265 37.77 24.59 -50.46
CA ASP C 265 37.37 25.67 -49.56
C ASP C 265 37.27 26.99 -50.28
N GLU C 266 36.26 27.78 -49.89
CA GLU C 266 35.94 29.06 -50.51
C GLU C 266 36.08 30.25 -49.56
N THR C 267 36.68 30.07 -48.39
CA THR C 267 36.71 31.13 -47.38
C THR C 267 38.00 31.25 -46.60
N ALA C 268 38.90 30.27 -46.65
CA ALA C 268 40.15 30.30 -45.89
C ALA C 268 41.10 31.44 -46.28
N GLN C 269 42.20 31.54 -45.54
CA GLN C 269 43.35 32.35 -45.93
C GLN C 269 44.47 31.45 -46.42
N LEU C 270 45.10 31.82 -47.52
CA LEU C 270 46.37 31.22 -47.93
C LEU C 270 47.50 32.18 -47.60
N SER C 271 48.43 31.74 -46.76
CA SER C 271 49.58 32.55 -46.39
C SER C 271 50.76 32.36 -47.31
N THR C 272 50.86 31.19 -47.95
CA THR C 272 51.96 30.91 -48.86
C THR C 272 51.77 31.53 -50.25
N VAL C 273 50.69 32.27 -50.48
CA VAL C 273 50.51 33.09 -51.67
C VAL C 273 50.24 34.51 -51.21
N LYS C 274 50.96 35.47 -51.78
CA LYS C 274 50.76 36.88 -51.47
C LYS C 274 50.26 37.69 -52.66
N ASN C 275 49.39 38.66 -52.35
CA ASN C 275 48.92 39.66 -53.29
C ASN C 275 50.05 40.58 -53.76
N GLU C 276 49.75 41.34 -54.82
CA GLU C 276 50.70 42.30 -55.34
C GLU C 276 51.19 43.28 -54.28
N ASP C 277 50.33 43.65 -53.34
CA ASP C 277 50.74 44.55 -52.27
C ASP C 277 51.40 43.83 -51.10
N GLY C 278 51.52 42.51 -51.15
CA GLY C 278 52.15 41.73 -50.10
C GLY C 278 51.20 41.18 -49.06
N THR C 279 49.92 41.53 -49.12
CA THR C 279 48.94 40.96 -48.20
C THR C 279 48.66 39.50 -48.55
N PRO C 280 48.49 38.63 -47.54
CA PRO C 280 48.03 37.26 -47.83
C PRO C 280 46.70 37.22 -48.56
N VAL C 281 46.56 36.21 -49.41
CA VAL C 281 45.36 35.97 -50.20
C VAL C 281 44.24 35.44 -49.31
N ASN C 282 43.11 36.15 -49.27
CA ASN C 282 41.93 35.70 -48.53
C ASN C 282 40.90 35.24 -49.55
N LEU C 283 40.48 33.98 -49.43
CA LEU C 283 39.65 33.37 -50.47
C LEU C 283 38.24 33.94 -50.49
N PHE C 284 37.69 34.30 -49.33
CA PHE C 284 36.37 34.93 -49.29
C PHE C 284 36.42 36.35 -49.81
N GLU C 285 37.16 37.23 -49.15
CA GLU C 285 37.19 38.62 -49.57
C GLU C 285 37.63 38.77 -51.02
N GLN C 286 38.54 37.91 -51.49
CA GLN C 286 39.02 38.01 -52.86
C GLN C 286 38.23 37.16 -53.85
N ASP C 287 37.23 36.41 -53.39
CA ASP C 287 36.39 35.61 -54.27
C ASP C 287 37.19 34.51 -54.98
N MET C 288 37.83 33.66 -54.18
CA MET C 288 38.66 32.59 -54.71
C MET C 288 38.29 31.27 -54.04
N VAL C 289 38.72 30.18 -54.68
CA VAL C 289 38.49 28.82 -54.19
C VAL C 289 39.81 28.07 -54.28
N ALA C 290 40.04 27.15 -53.34
CA ALA C 290 41.26 26.36 -53.38
C ALA C 290 41.04 24.91 -52.93
N LEU C 291 41.77 24.00 -53.58
CA LEU C 291 41.65 22.56 -53.36
C LEU C 291 42.88 22.05 -52.60
N ARG C 292 42.63 21.41 -51.46
CA ARG C 292 43.67 20.83 -50.60
C ARG C 292 43.62 19.31 -50.69
N ALA C 293 44.77 18.68 -50.93
CA ALA C 293 44.90 17.22 -50.92
C ALA C 293 45.89 16.79 -49.84
N THR C 294 45.52 15.81 -49.01
CA THR C 294 46.45 15.26 -48.02
C THR C 294 46.37 13.74 -47.94
N MET C 295 47.51 13.15 -47.60
CA MET C 295 47.68 11.69 -47.51
C MET C 295 48.69 11.37 -46.42
N HIS C 296 48.41 10.35 -45.62
CA HIS C 296 49.37 9.83 -44.64
C HIS C 296 49.95 8.50 -45.09
N VAL C 297 51.28 8.40 -45.05
CA VAL C 297 52.01 7.23 -45.51
C VAL C 297 53.11 6.92 -44.50
N ALA C 298 53.32 5.64 -44.22
CA ALA C 298 54.31 5.17 -43.26
C ALA C 298 55.18 4.09 -43.91
N LEU C 299 56.48 4.14 -43.62
CA LEU C 299 57.47 3.25 -44.23
C LEU C 299 58.37 2.62 -43.18
N HIS C 300 58.63 1.33 -43.34
CA HIS C 300 59.50 0.59 -42.41
C HIS C 300 60.30 -0.48 -43.13
N ILE C 301 61.62 -0.46 -42.93
CA ILE C 301 62.52 -1.50 -43.42
C ILE C 301 62.61 -2.56 -42.33
N ALA C 302 62.06 -3.74 -42.59
CA ALA C 302 62.06 -4.79 -41.58
C ALA C 302 63.44 -5.40 -41.36
N ASP C 303 64.31 -5.38 -42.38
CA ASP C 303 65.65 -5.94 -42.22
C ASP C 303 66.61 -5.18 -43.13
N ASP C 304 67.49 -4.38 -42.52
CA ASP C 304 68.41 -3.54 -43.28
C ASP C 304 69.30 -4.30 -44.23
N LYS C 305 69.54 -5.59 -43.99
CA LYS C 305 70.44 -6.38 -44.81
C LYS C 305 69.78 -6.96 -46.07
N ALA C 306 68.47 -6.86 -46.19
CA ALA C 306 67.74 -7.49 -47.29
C ALA C 306 67.86 -6.77 -48.64
N PHE C 307 68.78 -5.82 -48.82
CA PHE C 307 68.85 -5.08 -50.08
C PHE C 307 70.30 -4.93 -50.53
N ALA C 308 70.51 -4.97 -51.85
CA ALA C 308 71.84 -4.84 -52.42
C ALA C 308 71.75 -4.06 -53.73
N LYS C 309 72.85 -3.40 -54.09
CA LYS C 309 72.86 -2.53 -55.26
C LYS C 309 74.08 -2.76 -56.14
N LEU C 310 73.86 -2.73 -57.46
CA LEU C 310 74.93 -2.79 -58.45
C LEU C 310 75.10 -1.39 -59.04
N VAL C 311 76.34 -0.91 -59.09
CA VAL C 311 76.66 0.45 -59.51
C VAL C 311 77.79 0.41 -60.54
N PRO C 312 77.75 1.27 -61.57
CA PRO C 312 78.85 1.28 -62.54
C PRO C 312 80.12 1.86 -61.94
N ALA C 313 81.25 1.25 -62.28
CA ALA C 313 82.54 1.68 -61.73
C ALA C 313 82.99 3.01 -62.34
N SER D 16 78.49 -28.02 -19.01
CA SER D 16 79.20 -29.25 -18.55
C SER D 16 78.94 -30.41 -19.49
N ASN D 17 77.67 -30.68 -19.74
CA ASN D 17 77.25 -31.72 -20.67
C ASN D 17 77.93 -33.06 -20.33
N ASN D 18 77.90 -33.41 -19.05
CA ASN D 18 78.55 -34.61 -18.54
C ASN D 18 77.49 -35.69 -18.36
N VAL D 19 77.66 -36.84 -19.01
CA VAL D 19 76.55 -37.76 -19.21
C VAL D 19 76.64 -39.04 -18.38
N LYS D 20 77.74 -39.32 -17.71
CA LYS D 20 77.79 -40.48 -16.84
C LYS D 20 77.02 -40.25 -15.53
N PRO D 21 76.39 -41.32 -15.00
CA PRO D 21 75.37 -41.14 -13.96
C PRO D 21 75.88 -40.60 -12.63
N GLN D 22 74.95 -39.95 -11.92
CA GLN D 22 75.21 -39.31 -10.64
C GLN D 22 75.46 -40.34 -9.54
N VAL D 23 76.63 -40.27 -8.91
CA VAL D 23 76.90 -41.02 -7.68
C VAL D 23 76.22 -40.33 -6.51
N PHE D 24 75.50 -41.10 -5.69
CA PHE D 24 74.86 -40.58 -4.49
C PHE D 24 75.55 -41.04 -3.22
N ASN D 25 75.26 -40.32 -2.13
CA ASN D 25 75.73 -40.59 -0.77
C ASN D 25 74.64 -40.31 0.26
N PRO D 26 74.08 -41.33 0.93
CA PRO D 26 74.32 -42.78 0.79
C PRO D 26 73.83 -43.32 -0.55
N ASP D 27 74.28 -44.52 -0.90
CA ASP D 27 74.06 -45.12 -2.20
C ASP D 27 72.63 -45.63 -2.41
N ASN D 28 71.65 -44.96 -1.79
CA ASN D 28 70.28 -45.48 -1.76
C ASN D 28 69.57 -45.47 -3.11
N VAL D 29 69.87 -44.54 -4.00
CA VAL D 29 68.97 -44.29 -5.12
C VAL D 29 69.03 -45.43 -6.13
N MET D 30 67.85 -45.93 -6.51
CA MET D 30 67.77 -46.96 -7.55
C MET D 30 68.12 -46.33 -8.89
N MET D 31 69.08 -46.94 -9.60
CA MET D 31 69.55 -46.41 -10.87
C MET D 31 69.52 -47.45 -11.98
N HIS D 32 69.17 -46.99 -13.17
CA HIS D 32 69.12 -47.82 -14.37
C HIS D 32 70.51 -48.11 -14.92
N GLU D 33 71.33 -47.07 -15.03
CA GLU D 33 72.70 -47.19 -15.54
C GLU D 33 73.67 -47.37 -14.39
N LYS D 34 74.34 -48.53 -14.33
CA LYS D 34 75.45 -48.68 -13.42
C LYS D 34 76.59 -47.78 -13.89
N LYS D 35 77.34 -47.22 -12.94
CA LYS D 35 78.34 -46.22 -13.32
C LYS D 35 79.43 -46.77 -14.25
N ASP D 36 79.64 -48.09 -14.28
CA ASP D 36 80.61 -48.67 -15.21
C ASP D 36 80.12 -48.73 -16.65
N GLY D 37 78.90 -48.27 -16.92
CA GLY D 37 78.34 -48.30 -18.26
C GLY D 37 77.50 -49.51 -18.59
N THR D 38 77.28 -50.41 -17.63
CA THR D 38 76.26 -51.43 -17.79
C THR D 38 74.87 -50.81 -17.68
N LEU D 39 74.00 -51.07 -18.65
CA LEU D 39 72.61 -50.67 -18.56
C LEU D 39 71.78 -51.88 -18.15
N MET D 40 71.07 -51.76 -17.03
CA MET D 40 70.18 -52.82 -16.56
C MET D 40 68.87 -52.76 -17.34
N ASN D 41 68.76 -53.61 -18.34
CA ASN D 41 67.60 -53.67 -19.22
C ASN D 41 67.36 -55.14 -19.57
N GLU D 42 66.13 -55.48 -19.96
CA GLU D 42 65.66 -56.87 -19.91
C GLU D 42 65.86 -57.47 -18.52
N PHE D 43 65.49 -56.70 -17.52
CA PHE D 43 65.68 -57.06 -16.12
C PHE D 43 64.70 -58.16 -15.69
N THR D 44 65.23 -59.24 -15.12
CA THR D 44 64.39 -60.32 -14.54
C THR D 44 63.94 -59.93 -13.13
N THR D 45 62.66 -59.60 -13.00
CA THR D 45 62.11 -59.15 -11.73
C THR D 45 62.37 -60.18 -10.61
N PRO D 46 62.96 -59.77 -9.49
CA PRO D 46 63.29 -60.72 -8.40
C PRO D 46 62.06 -61.43 -7.85
N ILE D 47 62.30 -62.61 -7.26
CA ILE D 47 61.26 -63.40 -6.61
C ILE D 47 61.57 -63.52 -5.12
N LEU D 48 60.51 -63.65 -4.32
CA LEU D 48 60.60 -63.66 -2.86
C LEU D 48 60.51 -65.07 -2.27
N GLN D 49 61.62 -65.53 -1.69
CA GLN D 49 61.73 -66.79 -0.97
C GLN D 49 61.05 -66.77 0.43
N GLU D 50 60.29 -65.77 0.84
CA GLU D 50 59.84 -65.64 2.23
C GLU D 50 58.39 -65.18 2.28
N VAL D 51 57.79 -65.35 3.46
CA VAL D 51 56.44 -64.88 3.75
C VAL D 51 56.51 -63.69 4.69
N MET D 52 55.65 -62.69 4.42
CA MET D 52 55.53 -61.50 5.24
C MET D 52 55.14 -61.85 6.68
N GLU D 53 55.96 -61.42 7.63
CA GLU D 53 55.66 -61.57 9.06
C GLU D 53 54.58 -60.60 9.52
N ASN D 54 53.54 -61.14 10.16
CA ASN D 54 52.55 -60.32 10.85
C ASN D 54 53.14 -59.77 12.15
N SER D 55 52.71 -58.58 12.53
CA SER D 55 53.11 -58.06 13.84
C SER D 55 52.46 -58.84 14.99
N LYS D 56 53.32 -59.32 15.89
CA LYS D 56 52.85 -60.12 17.01
C LYS D 56 52.07 -59.29 18.01
N ILE D 57 52.44 -58.02 18.20
CA ILE D 57 51.60 -57.14 19.01
C ILE D 57 50.18 -57.12 18.48
N MET D 58 49.99 -57.08 17.16
CA MET D 58 48.63 -57.17 16.64
C MET D 58 48.04 -58.52 17.02
N GLN D 59 48.86 -59.56 16.95
CA GLN D 59 48.30 -60.90 17.10
C GLN D 59 47.83 -61.14 18.53
N LEU D 60 48.50 -60.57 19.51
CA LEU D 60 48.22 -60.83 20.94
C LEU D 60 47.52 -59.70 21.67
N GLY D 61 47.84 -58.43 21.41
CA GLY D 61 47.32 -57.36 22.22
C GLY D 61 45.84 -57.10 21.99
N LYS D 62 45.22 -56.45 22.96
CA LYS D 62 43.88 -55.89 22.75
C LYS D 62 43.98 -54.62 21.92
N TYR D 63 43.18 -54.55 20.86
CA TYR D 63 43.09 -53.32 20.08
C TYR D 63 42.33 -52.25 20.85
N GLU D 64 42.58 -50.99 20.49
CA GLU D 64 41.87 -49.85 21.09
C GLU D 64 41.73 -48.74 20.04
N PRO D 65 40.54 -48.58 19.45
CA PRO D 65 40.33 -47.46 18.53
C PRO D 65 40.79 -46.15 19.16
N MET D 66 41.46 -45.33 18.36
CA MET D 66 42.10 -44.10 18.87
C MET D 66 41.99 -43.03 17.80
N GLU D 67 41.20 -42.00 18.07
CA GLU D 67 40.95 -40.94 17.10
C GLU D 67 42.11 -39.96 16.99
N GLY D 68 42.53 -39.37 18.11
CA GLY D 68 43.67 -38.48 18.11
C GLY D 68 44.98 -39.22 18.31
N THR D 69 46.05 -38.45 18.42
CA THR D 69 47.35 -39.02 18.76
C THR D 69 47.46 -39.41 20.22
N GLU D 70 46.39 -39.24 21.01
CA GLU D 70 46.45 -39.46 22.45
C GLU D 70 45.11 -40.00 22.92
N LYS D 71 45.16 -40.78 23.99
CA LYS D 71 43.99 -41.46 24.54
C LYS D 71 44.03 -41.43 26.06
N LYS D 72 42.86 -41.30 26.68
CA LYS D 72 42.71 -41.26 28.12
C LYS D 72 41.86 -42.43 28.61
N PHE D 73 42.30 -43.04 29.70
CA PHE D 73 41.61 -44.14 30.38
C PHE D 73 41.33 -43.76 31.83
N THR D 74 40.18 -44.17 32.33
CA THR D 74 39.84 -43.97 33.73
C THR D 74 39.18 -45.22 34.30
N PHE D 75 39.62 -45.64 35.49
CA PHE D 75 39.22 -46.90 36.12
C PHE D 75 38.84 -46.67 37.57
N TRP D 76 37.86 -47.43 38.05
CA TRP D 76 37.56 -47.41 39.48
C TRP D 76 38.73 -48.00 40.26
N ALA D 77 39.03 -47.39 41.39
CA ALA D 77 40.18 -47.71 42.23
C ALA D 77 39.80 -48.05 43.65
N ASP D 78 38.88 -47.29 44.26
CA ASP D 78 38.41 -47.59 45.61
C ASP D 78 36.92 -47.80 45.60
N LYS D 79 36.47 -48.80 46.34
CA LYS D 79 35.08 -49.15 46.54
C LYS D 79 34.62 -48.70 47.92
N PRO D 80 33.32 -48.49 48.11
CA PRO D 80 32.82 -48.09 49.42
C PRO D 80 33.02 -49.19 50.45
N GLY D 81 33.05 -48.77 51.72
CA GLY D 81 33.02 -49.69 52.83
C GLY D 81 31.62 -49.94 53.34
N ALA D 82 31.53 -50.67 54.45
CA ALA D 82 30.28 -50.95 55.10
C ALA D 82 30.53 -51.02 56.60
N TYR D 83 29.48 -50.86 57.38
CA TYR D 83 29.62 -50.91 58.82
C TYR D 83 28.47 -51.68 59.46
N TRP D 84 28.73 -52.26 60.61
CA TRP D 84 27.68 -52.85 61.43
C TRP D 84 27.24 -51.75 62.38
N VAL D 85 25.95 -51.48 62.44
CA VAL D 85 25.43 -50.41 63.29
C VAL D 85 24.30 -50.96 64.15
N GLY D 86 24.34 -50.62 65.43
CA GLY D 86 23.28 -51.01 66.33
C GLY D 86 22.04 -50.19 66.09
N GLU D 87 20.93 -50.63 66.69
CA GLU D 87 19.69 -49.87 66.59
C GLU D 87 19.90 -48.43 67.01
N GLY D 88 19.58 -47.51 66.12
CA GLY D 88 19.72 -46.10 66.41
C GLY D 88 21.14 -45.57 66.45
N GLN D 89 22.13 -46.33 66.00
CA GLN D 89 23.48 -45.80 65.97
C GLN D 89 23.69 -44.96 64.71
N LYS D 90 24.61 -44.01 64.80
CA LYS D 90 24.95 -43.16 63.65
C LYS D 90 25.61 -43.96 62.55
N ILE D 91 25.03 -43.94 61.35
CA ILE D 91 25.64 -44.60 60.21
C ILE D 91 26.83 -43.76 59.75
N GLU D 92 27.98 -44.40 59.59
CA GLU D 92 29.20 -43.70 59.21
C GLU D 92 29.36 -43.66 57.69
N THR D 93 30.27 -42.81 57.24
CA THR D 93 30.46 -42.53 55.81
C THR D 93 31.54 -43.40 55.17
N SER D 94 31.54 -43.40 53.84
CA SER D 94 32.50 -44.15 53.02
C SER D 94 32.68 -43.41 51.70
N LYS D 95 33.65 -43.83 50.91
CA LYS D 95 33.98 -43.10 49.68
C LYS D 95 34.49 -44.02 48.57
N ALA D 96 34.15 -43.66 47.33
CA ALA D 96 34.68 -44.28 46.12
C ALA D 96 35.83 -43.45 45.54
N THR D 97 36.66 -44.09 44.73
CA THR D 97 37.79 -43.40 44.11
C THR D 97 38.08 -43.98 42.74
N TRP D 98 38.68 -43.17 41.86
CA TRP D 98 39.05 -43.57 40.51
C TRP D 98 40.49 -43.15 40.23
N VAL D 99 41.06 -43.67 39.15
CA VAL D 99 42.43 -43.34 38.72
C VAL D 99 42.46 -43.21 37.21
N ASN D 100 43.40 -42.40 36.70
CA ASN D 100 43.54 -42.14 35.27
C ASN D 100 44.88 -42.61 34.73
N ALA D 101 44.88 -42.94 33.44
CA ALA D 101 46.05 -43.35 32.68
C ALA D 101 45.93 -42.79 31.26
N THR D 102 47.05 -42.72 30.54
CA THR D 102 46.99 -42.16 29.19
C THR D 102 48.06 -42.78 28.30
N MET D 103 47.80 -42.78 26.99
CA MET D 103 48.73 -43.32 26.02
C MET D 103 48.84 -42.40 24.81
N ARG D 104 50.04 -42.30 24.24
CA ARG D 104 50.30 -41.46 23.08
C ARG D 104 50.94 -42.28 21.96
N ALA D 105 50.69 -41.84 20.72
CA ALA D 105 51.19 -42.44 19.48
C ALA D 105 52.53 -41.86 19.02
N PHE D 106 53.25 -42.67 18.23
CA PHE D 106 54.46 -42.27 17.54
C PHE D 106 54.41 -42.70 16.08
N LYS D 107 55.22 -42.04 15.26
CA LYS D 107 55.21 -42.25 13.81
C LYS D 107 56.42 -43.02 13.30
N LEU D 108 56.15 -44.04 12.49
CA LEU D 108 57.12 -44.82 11.73
C LEU D 108 57.17 -44.32 10.29
N GLY D 109 58.36 -44.23 9.71
CA GLY D 109 58.44 -43.89 8.30
C GLY D 109 59.76 -44.25 7.66
N VAL D 110 59.72 -44.36 6.33
CA VAL D 110 60.91 -44.55 5.51
C VAL D 110 60.62 -44.00 4.11
N ILE D 111 61.67 -43.56 3.43
CA ILE D 111 61.58 -43.03 2.07
C ILE D 111 62.44 -43.88 1.14
N LEU D 112 61.95 -44.10 -0.07
CA LEU D 112 62.70 -44.80 -1.13
C LEU D 112 62.83 -43.92 -2.36
N PRO D 113 64.05 -43.53 -2.77
CA PRO D 113 64.24 -42.76 -4.00
C PRO D 113 64.52 -43.63 -5.22
N VAL D 114 63.92 -43.25 -6.36
CA VAL D 114 63.96 -44.06 -7.57
C VAL D 114 64.14 -43.16 -8.79
N THR D 115 65.18 -43.41 -9.58
CA THR D 115 65.46 -42.59 -10.75
C THR D 115 64.48 -42.93 -11.86
N LYS D 116 63.94 -41.91 -12.52
CA LYS D 116 62.87 -42.18 -13.47
C LYS D 116 63.33 -43.02 -14.67
N GLU D 117 64.61 -43.02 -15.02
CA GLU D 117 65.09 -44.04 -15.96
C GLU D 117 64.86 -45.43 -15.41
N PHE D 118 65.25 -45.65 -14.15
CA PHE D 118 65.07 -46.97 -13.56
C PHE D 118 63.59 -47.33 -13.55
N LEU D 119 62.75 -46.38 -13.15
CA LEU D 119 61.32 -46.62 -13.07
C LEU D 119 60.67 -46.85 -14.42
N ASN D 120 61.25 -46.35 -15.52
CA ASN D 120 60.66 -46.58 -16.84
C ASN D 120 61.18 -47.84 -17.52
N TYR D 121 62.50 -48.01 -17.58
CA TYR D 121 63.07 -49.08 -18.41
C TYR D 121 63.48 -50.32 -17.63
N THR D 122 63.85 -50.20 -16.37
CA THR D 122 64.32 -51.37 -15.64
C THR D 122 63.17 -52.14 -15.01
N TYR D 123 62.38 -51.48 -14.15
CA TYR D 123 61.54 -52.26 -13.25
C TYR D 123 60.37 -51.41 -12.76
N SER D 124 59.42 -51.16 -13.67
CA SER D 124 58.31 -50.24 -13.39
C SER D 124 57.48 -50.66 -12.18
N GLN D 125 57.39 -51.96 -11.90
CA GLN D 125 56.65 -52.45 -10.74
C GLN D 125 57.22 -52.00 -9.39
N PHE D 126 58.41 -51.41 -9.37
CA PHE D 126 59.22 -51.34 -8.15
C PHE D 126 58.43 -50.92 -6.90
N PHE D 127 57.67 -49.84 -6.96
CA PHE D 127 56.99 -49.38 -5.75
C PHE D 127 55.94 -50.38 -5.26
N GLU D 128 55.25 -51.06 -6.16
CA GLU D 128 54.26 -52.04 -5.70
C GLU D 128 54.90 -53.21 -4.97
N GLU D 129 56.09 -53.63 -5.41
CA GLU D 129 56.81 -54.71 -4.74
C GLU D 129 57.45 -54.28 -3.44
N MET D 130 57.66 -52.97 -3.23
CA MET D 130 58.24 -52.48 -1.99
C MET D 130 57.23 -52.39 -0.86
N LYS D 131 55.98 -52.05 -1.15
CA LYS D 131 54.94 -51.97 -0.13
C LYS D 131 54.92 -53.17 0.82
N PRO D 132 54.90 -54.42 0.35
CA PRO D 132 54.90 -55.54 1.30
C PRO D 132 56.07 -55.49 2.25
N MET D 133 57.27 -55.26 1.71
CA MET D 133 58.48 -55.31 2.50
C MET D 133 58.58 -54.12 3.45
N ILE D 134 58.02 -52.97 3.06
CA ILE D 134 57.92 -51.86 4.00
C ILE D 134 57.02 -52.23 5.16
N ALA D 135 55.82 -52.74 4.86
CA ALA D 135 54.89 -53.01 5.96
C ALA D 135 55.45 -54.08 6.90
N GLU D 136 56.16 -55.06 6.36
CA GLU D 136 56.90 -55.99 7.21
C GLU D 136 57.91 -55.27 8.08
N ALA D 137 58.69 -54.36 7.49
CA ALA D 137 59.69 -53.62 8.26
C ALA D 137 59.04 -52.87 9.41
N PHE D 138 57.93 -52.19 9.13
CA PHE D 138 57.19 -51.49 10.19
C PHE D 138 56.75 -52.46 11.28
N TYR D 139 56.09 -53.56 10.90
CA TYR D 139 55.58 -54.46 11.92
C TYR D 139 56.69 -54.98 12.81
N LYS D 140 57.81 -55.38 12.21
CA LYS D 140 58.96 -55.82 13.01
C LYS D 140 59.47 -54.71 13.93
N LYS D 141 59.61 -53.49 13.40
CA LYS D 141 60.05 -52.38 14.25
C LYS D 141 59.13 -52.22 15.46
N PHE D 142 57.83 -52.23 15.23
CA PHE D 142 56.88 -52.08 16.31
C PHE D 142 57.03 -53.18 17.34
N ASP D 143 56.98 -54.44 16.88
CA ASP D 143 57.14 -55.57 17.79
C ASP D 143 58.42 -55.47 18.62
N GLU D 144 59.57 -55.27 17.98
CA GLU D 144 60.80 -55.19 18.75
C GLU D 144 60.82 -54.01 19.72
N ALA D 145 60.14 -52.92 19.37
CA ALA D 145 60.05 -51.82 20.33
C ALA D 145 59.21 -52.18 21.54
N GLY D 146 57.93 -52.51 21.31
CA GLY D 146 57.03 -52.77 22.43
C GLY D 146 57.34 -54.02 23.24
N ILE D 147 57.68 -55.12 22.58
CA ILE D 147 57.99 -56.35 23.29
C ILE D 147 59.35 -56.26 24.00
N LEU D 148 60.41 -56.05 23.26
CA LEU D 148 61.75 -56.18 23.78
C LEU D 148 62.44 -54.87 24.15
N ASN D 149 61.80 -53.73 23.92
CA ASN D 149 62.43 -52.45 24.24
C ASN D 149 63.73 -52.25 23.45
N GLN D 150 63.71 -52.63 22.18
CA GLN D 150 64.87 -52.52 21.31
C GLN D 150 64.53 -51.67 20.09
N GLY D 151 65.57 -51.12 19.47
CA GLY D 151 65.40 -50.31 18.28
C GLY D 151 64.92 -48.91 18.54
N ASN D 152 65.53 -48.24 19.53
CA ASN D 152 65.18 -46.87 19.88
C ASN D 152 63.70 -46.74 20.21
N ASN D 153 63.26 -47.53 21.18
CA ASN D 153 61.86 -47.53 21.55
C ASN D 153 61.41 -46.11 21.91
N PRO D 154 60.47 -45.52 21.18
CA PRO D 154 60.05 -44.16 21.54
C PRO D 154 59.21 -44.13 22.79
N PHE D 155 58.34 -45.12 22.95
CA PHE D 155 57.48 -45.20 24.12
C PHE D 155 58.31 -45.45 25.37
N GLY D 156 57.94 -44.79 26.45
CA GLY D 156 58.54 -45.07 27.74
C GLY D 156 57.90 -46.30 28.36
N LYS D 157 57.41 -47.20 27.53
CA LYS D 157 56.59 -48.33 27.95
C LYS D 157 57.02 -49.55 27.16
N SER D 158 57.06 -50.70 27.82
CA SER D 158 57.29 -51.95 27.10
C SER D 158 57.16 -53.12 28.06
N ILE D 159 56.96 -54.30 27.49
CA ILE D 159 56.92 -55.53 28.29
C ILE D 159 58.23 -55.71 29.04
N ALA D 160 59.35 -55.77 28.30
CA ALA D 160 60.64 -55.99 28.96
C ALA D 160 60.90 -54.95 30.03
N GLN D 161 60.43 -53.72 29.83
CA GLN D 161 60.68 -52.68 30.82
C GLN D 161 59.78 -52.84 32.04
N SER D 162 58.55 -53.31 31.86
CA SER D 162 57.71 -53.62 33.01
C SER D 162 58.30 -54.77 33.80
N ILE D 163 58.78 -55.80 33.08
CA ILE D 163 59.43 -56.92 33.73
C ILE D 163 60.63 -56.45 34.53
N GLU D 164 61.42 -55.53 33.95
CA GLU D 164 62.59 -55.05 34.67
C GLU D 164 62.19 -54.29 35.93
N LYS D 165 61.14 -53.47 35.86
CA LYS D 165 60.79 -52.74 37.08
C LYS D 165 60.18 -53.64 38.14
N THR D 166 59.48 -54.71 37.74
CA THR D 166 58.92 -55.63 38.72
C THR D 166 59.89 -56.72 39.17
N ASN D 167 61.02 -56.90 38.48
CA ASN D 167 61.95 -57.99 38.78
C ASN D 167 61.24 -59.34 38.76
N LYS D 168 60.23 -59.46 37.91
CA LYS D 168 59.39 -60.66 37.79
C LYS D 168 60.00 -61.68 36.83
N VAL D 169 61.25 -62.04 37.14
CA VAL D 169 62.05 -62.93 36.32
C VAL D 169 62.39 -64.21 37.08
N ILE D 170 62.27 -65.34 36.38
CA ILE D 170 62.67 -66.67 36.86
C ILE D 170 63.99 -67.03 36.20
N LYS D 171 64.88 -67.65 36.95
CA LYS D 171 66.17 -68.12 36.43
C LYS D 171 66.19 -69.64 36.30
N GLY D 172 66.69 -70.13 35.16
CA GLY D 172 66.86 -71.56 34.97
C GLY D 172 66.49 -72.14 33.61
N ASP D 173 66.59 -73.47 33.51
CA ASP D 173 66.36 -74.23 32.29
C ASP D 173 64.87 -74.49 32.05
N PHE D 174 64.55 -74.72 30.77
CA PHE D 174 63.18 -75.08 30.38
C PHE D 174 62.78 -76.41 31.00
N THR D 175 61.88 -76.38 31.97
CA THR D 175 61.43 -77.56 32.68
C THR D 175 59.99 -77.34 33.09
N GLN D 176 59.26 -78.44 33.30
CA GLN D 176 57.88 -78.31 33.75
C GLN D 176 57.82 -77.54 35.07
N ASP D 177 58.80 -77.77 35.93
CA ASP D 177 58.92 -77.02 37.18
C ASP D 177 58.92 -75.53 36.93
N ASN D 178 59.89 -75.06 36.15
CA ASN D 178 60.03 -73.63 35.93
C ASN D 178 58.88 -73.05 35.12
N ILE D 179 58.29 -73.83 34.22
CA ILE D 179 57.20 -73.27 33.42
C ILE D 179 55.96 -73.07 34.26
N ILE D 180 55.67 -74.02 35.14
CA ILE D 180 54.54 -73.85 36.05
C ILE D 180 54.81 -72.69 36.99
N ASP D 181 56.02 -72.62 37.55
CA ASP D 181 56.36 -71.51 38.42
C ASP D 181 56.22 -70.17 37.70
N LEU D 182 56.63 -70.13 36.43
CA LEU D 182 56.53 -68.91 35.64
C LEU D 182 55.08 -68.48 35.52
N GLU D 183 54.19 -69.41 35.19
CA GLU D 183 52.79 -69.04 35.08
C GLU D 183 52.21 -68.65 36.44
N ALA D 184 52.61 -69.35 37.49
CA ALA D 184 52.15 -69.03 38.84
C ALA D 184 52.55 -67.62 39.25
N LEU D 185 53.68 -67.13 38.73
CA LEU D 185 54.14 -65.80 39.10
C LEU D 185 53.14 -64.72 38.73
N LEU D 186 52.20 -65.01 37.84
CA LEU D 186 51.17 -64.04 37.52
C LEU D 186 49.99 -64.12 38.47
N GLU D 187 49.53 -65.32 38.80
CA GLU D 187 48.40 -65.38 39.71
C GLU D 187 48.81 -64.97 41.10
N ASP D 188 50.13 -64.93 41.37
CA ASP D 188 50.57 -64.35 42.63
C ASP D 188 50.13 -62.90 42.76
N ASP D 189 49.77 -62.27 41.64
CA ASP D 189 49.19 -60.93 41.62
C ASP D 189 47.74 -60.98 41.16
N GLU D 190 47.12 -62.15 41.23
CA GLU D 190 45.72 -62.37 40.86
C GLU D 190 45.49 -62.16 39.37
N LEU D 191 46.51 -62.44 38.55
CA LEU D 191 46.40 -62.37 37.10
C LEU D 191 46.65 -63.76 36.53
N GLU D 192 45.99 -64.06 35.42
CA GLU D 192 46.13 -65.35 34.77
C GLU D 192 46.82 -65.19 33.42
N ALA D 193 47.81 -66.03 33.17
CA ALA D 193 48.55 -66.01 31.91
C ALA D 193 47.64 -66.38 30.75
N ASN D 194 47.91 -65.78 29.59
CA ASN D 194 47.10 -65.98 28.39
C ASN D 194 47.85 -66.61 27.23
N ALA D 195 49.16 -66.40 27.12
CA ALA D 195 49.92 -66.89 25.98
C ALA D 195 51.41 -66.87 26.32
N PHE D 196 52.20 -67.54 25.49
CA PHE D 196 53.66 -67.49 25.58
C PHE D 196 54.30 -66.90 24.34
N ILE D 197 55.33 -66.08 24.55
CA ILE D 197 56.17 -65.52 23.51
C ILE D 197 57.52 -66.23 23.59
N SER D 198 57.93 -66.86 22.49
CA SER D 198 59.18 -67.62 22.49
C SER D 198 59.91 -67.44 21.17
N LYS D 199 61.17 -67.87 21.16
CA LYS D 199 62.02 -67.85 19.99
C LYS D 199 61.96 -69.23 19.36
N THR D 200 61.63 -69.29 18.07
CA THR D 200 61.43 -70.59 17.41
C THR D 200 62.63 -71.50 17.58
N GLN D 201 63.83 -70.94 17.75
CA GLN D 201 65.01 -71.76 18.00
C GLN D 201 64.84 -72.66 19.21
N ASN D 202 63.98 -72.30 20.16
CA ASN D 202 63.88 -73.04 21.42
C ASN D 202 62.76 -74.06 21.47
N ARG D 203 61.96 -74.20 20.41
CA ARG D 203 60.99 -75.29 20.47
C ARG D 203 61.71 -76.63 20.54
N SER D 204 62.99 -76.67 20.16
CA SER D 204 63.78 -77.87 20.40
C SER D 204 63.75 -78.24 21.87
N LEU D 205 63.95 -77.25 22.74
CA LEU D 205 63.93 -77.51 24.18
C LEU D 205 62.52 -77.85 24.65
N LEU D 206 61.53 -77.11 24.17
CA LEU D 206 60.17 -77.39 24.62
C LEU D 206 59.70 -78.78 24.20
N ARG D 207 60.16 -79.26 23.05
CA ARG D 207 59.81 -80.57 22.51
C ARG D 207 60.29 -81.75 23.36
N LYS D 208 61.28 -81.56 24.23
CA LYS D 208 61.84 -82.67 25.01
C LYS D 208 61.69 -82.52 26.52
N ILE D 209 60.56 -81.98 26.98
CA ILE D 209 60.24 -81.91 28.41
C ILE D 209 58.91 -82.59 28.66
N VAL D 210 58.89 -83.55 29.59
CA VAL D 210 57.73 -84.38 29.87
C VAL D 210 57.57 -84.57 31.37
N ASP D 211 56.32 -84.68 31.81
CA ASP D 211 56.01 -84.96 33.21
C ASP D 211 56.39 -86.39 33.56
N PRO D 212 57.27 -86.63 34.54
CA PRO D 212 57.61 -88.02 34.88
C PRO D 212 56.49 -88.80 35.53
N GLU D 213 55.47 -88.15 36.09
CA GLU D 213 54.36 -88.86 36.73
C GLU D 213 53.25 -89.19 35.74
N THR D 214 52.59 -88.18 35.20
CA THR D 214 51.53 -88.43 34.24
C THR D 214 52.07 -88.81 32.87
N LYS D 215 53.35 -88.56 32.62
CA LYS D 215 54.01 -88.94 31.37
C LYS D 215 53.25 -88.39 30.17
N GLU D 216 52.99 -87.09 30.23
CA GLU D 216 52.40 -86.33 29.14
C GLU D 216 53.29 -85.13 28.90
N ARG D 217 53.45 -84.75 27.63
CA ARG D 217 54.33 -83.64 27.31
C ARG D 217 53.61 -82.31 27.40
N ILE D 218 54.31 -81.33 27.97
CA ILE D 218 53.75 -80.01 28.22
C ILE D 218 53.57 -79.20 26.93
N TYR D 219 54.35 -79.49 25.89
CA TYR D 219 54.29 -78.75 24.64
C TYR D 219 53.71 -79.60 23.53
N ASP D 220 52.65 -79.11 22.91
CA ASP D 220 52.05 -79.77 21.76
C ASP D 220 52.88 -79.45 20.52
N ARG D 221 53.68 -80.40 20.07
CA ARG D 221 54.44 -80.19 18.85
C ARG D 221 53.52 -79.97 17.66
N ASN D 222 52.34 -80.59 17.70
CA ASN D 222 51.40 -80.50 16.59
C ASN D 222 50.66 -79.16 16.56
N SER D 223 50.21 -78.67 17.71
CA SER D 223 49.38 -77.47 17.77
C SER D 223 50.14 -76.24 18.22
N ASP D 224 51.41 -76.36 18.61
CA ASP D 224 52.18 -75.22 19.08
C ASP D 224 51.57 -74.61 20.33
N SER D 225 51.00 -75.46 21.19
CA SER D 225 50.38 -75.04 22.42
C SER D 225 51.26 -75.49 23.58
N LEU D 226 51.57 -74.57 24.49
CA LEU D 226 52.36 -74.87 25.67
C LEU D 226 51.44 -74.80 26.88
N ASP D 227 51.38 -75.90 27.64
CA ASP D 227 50.51 -75.98 28.80
C ASP D 227 49.10 -75.51 28.45
N GLY D 228 48.65 -75.86 27.25
CA GLY D 228 47.35 -75.47 26.75
C GLY D 228 47.26 -74.04 26.23
N LEU D 229 48.22 -73.18 26.53
CA LEU D 229 48.23 -71.81 26.03
C LEU D 229 48.92 -71.73 24.66
N PRO D 230 48.45 -70.81 23.80
CA PRO D 230 49.12 -70.62 22.50
C PRO D 230 50.49 -69.98 22.61
N VAL D 231 51.43 -70.50 21.81
CA VAL D 231 52.78 -69.97 21.68
C VAL D 231 52.91 -69.15 20.41
N VAL D 232 53.46 -67.94 20.54
CA VAL D 232 53.75 -67.04 19.43
C VAL D 232 55.26 -66.90 19.33
N ASN D 233 55.79 -67.07 18.13
CA ASN D 233 57.22 -67.01 17.88
C ASN D 233 57.68 -65.64 17.40
N LEU D 234 58.70 -65.09 18.06
CA LEU D 234 59.41 -63.92 17.54
C LEU D 234 60.56 -64.34 16.63
N LYS D 235 60.66 -63.67 15.49
CA LYS D 235 61.81 -63.84 14.62
C LYS D 235 63.01 -63.02 15.07
N SER D 236 62.79 -61.95 15.82
CA SER D 236 63.87 -61.06 16.25
C SER D 236 65.04 -61.84 16.85
N SER D 237 66.24 -61.28 16.65
CA SER D 237 67.48 -61.84 17.19
C SER D 237 67.80 -61.38 18.61
N ASN D 238 67.04 -60.44 19.17
CA ASN D 238 67.33 -59.99 20.53
C ASN D 238 66.89 -60.99 21.59
N LEU D 239 65.82 -61.73 21.33
CA LEU D 239 65.32 -62.71 22.30
C LEU D 239 66.15 -63.98 22.18
N LYS D 240 66.95 -64.26 23.21
CA LYS D 240 67.86 -65.38 23.16
C LYS D 240 67.10 -66.71 23.25
N ARG D 241 67.76 -67.77 22.80
CA ARG D 241 67.14 -69.09 22.76
C ARG D 241 66.54 -69.48 24.11
N GLY D 242 67.35 -69.41 25.17
CA GLY D 242 66.92 -69.83 26.48
C GLY D 242 65.86 -68.96 27.13
N GLU D 243 65.38 -67.92 26.48
CA GLU D 243 64.45 -66.98 27.11
C GLU D 243 63.01 -67.23 26.68
N LEU D 244 62.09 -67.05 27.62
CA LEU D 244 60.67 -67.24 27.38
C LEU D 244 59.91 -66.12 28.09
N ILE D 245 58.87 -65.60 27.46
CA ILE D 245 58.05 -64.54 28.04
C ILE D 245 56.60 -64.98 28.10
N THR D 246 55.92 -64.64 29.20
CA THR D 246 54.50 -64.90 29.32
C THR D 246 53.83 -63.70 29.98
N GLY D 247 52.52 -63.58 29.77
CA GLY D 247 51.77 -62.52 30.41
C GLY D 247 50.29 -62.61 30.07
N ASP D 248 49.51 -61.79 30.78
CA ASP D 248 48.09 -61.60 30.47
C ASP D 248 47.96 -60.51 29.42
N PHE D 249 48.11 -60.91 28.16
CA PHE D 249 48.17 -59.95 27.07
C PHE D 249 46.91 -59.11 26.92
N ASP D 250 45.79 -59.49 27.53
CA ASP D 250 44.64 -58.59 27.51
C ASP D 250 44.98 -57.25 28.14
N LYS D 251 46.02 -57.19 28.97
CA LYS D 251 46.50 -55.94 29.54
C LYS D 251 47.35 -55.11 28.58
N LEU D 252 47.74 -55.67 27.43
CA LEU D 252 48.57 -54.97 26.45
C LEU D 252 47.67 -54.36 25.38
N ILE D 253 47.55 -53.04 25.42
CA ILE D 253 46.66 -52.27 24.55
C ILE D 253 47.48 -51.51 23.53
N TYR D 254 47.11 -51.65 22.25
CA TYR D 254 47.75 -50.93 21.16
C TYR D 254 46.71 -50.25 20.29
N GLY D 255 47.11 -49.13 19.68
CA GLY D 255 46.24 -48.36 18.81
C GLY D 255 46.97 -47.92 17.56
N ILE D 256 46.18 -47.69 16.51
CA ILE D 256 46.75 -47.29 15.22
C ILE D 256 45.97 -46.07 14.71
N PRO D 257 46.37 -44.86 15.11
CA PRO D 257 45.71 -43.67 14.56
C PRO D 257 45.76 -43.55 13.05
N GLN D 258 46.82 -44.03 12.41
CA GLN D 258 46.97 -43.85 10.97
C GLN D 258 47.67 -45.07 10.40
N LEU D 259 46.94 -45.89 9.64
CA LEU D 259 47.54 -47.03 8.99
C LEU D 259 48.56 -46.55 7.96
N ILE D 260 49.26 -47.49 7.34
CA ILE D 260 50.30 -47.13 6.39
C ILE D 260 49.70 -46.25 5.30
N GLU D 261 50.19 -45.01 5.22
CA GLU D 261 49.93 -44.14 4.08
C GLU D 261 51.15 -44.08 3.18
N TYR D 262 50.92 -44.22 1.88
CA TYR D 262 51.93 -44.05 0.84
C TYR D 262 51.67 -42.77 0.07
N LYS D 263 52.71 -41.96 -0.13
CA LYS D 263 52.65 -40.87 -1.08
C LYS D 263 53.88 -40.92 -1.97
N ILE D 264 53.69 -40.66 -3.26
CA ILE D 264 54.77 -40.71 -4.23
C ILE D 264 54.91 -39.32 -4.84
N ASP D 265 56.14 -38.80 -4.86
CA ASP D 265 56.37 -37.39 -5.18
C ASP D 265 57.49 -37.20 -6.17
N GLU D 266 57.29 -36.16 -6.99
CA GLU D 266 58.01 -35.90 -8.22
C GLU D 266 58.63 -34.51 -8.25
N THR D 267 58.49 -33.72 -7.18
CA THR D 267 58.93 -32.33 -7.17
C THR D 267 59.60 -31.89 -5.88
N ALA D 268 59.41 -32.60 -4.77
CA ALA D 268 60.03 -32.22 -3.51
C ALA D 268 61.54 -32.47 -3.53
N GLN D 269 62.19 -32.08 -2.45
CA GLN D 269 63.62 -32.26 -2.23
C GLN D 269 63.86 -33.31 -1.16
N LEU D 270 64.86 -34.17 -1.39
CA LEU D 270 65.40 -35.03 -0.34
C LEU D 270 66.67 -34.40 0.20
N SER D 271 66.70 -34.15 1.50
CA SER D 271 67.83 -33.50 2.14
C SER D 271 68.79 -34.48 2.77
N THR D 272 68.32 -35.67 3.14
CA THR D 272 69.14 -36.71 3.74
C THR D 272 69.84 -37.58 2.71
N VAL D 273 69.79 -37.21 1.42
CA VAL D 273 70.62 -37.82 0.39
C VAL D 273 71.36 -36.70 -0.32
N LYS D 274 72.67 -36.86 -0.47
CA LYS D 274 73.53 -35.84 -1.07
C LYS D 274 74.11 -36.29 -2.40
N ASN D 275 74.17 -35.35 -3.34
CA ASN D 275 74.85 -35.57 -4.61
C ASN D 275 76.36 -35.77 -4.37
N GLU D 276 77.05 -36.16 -5.45
CA GLU D 276 78.50 -36.30 -5.40
C GLU D 276 79.17 -35.04 -4.88
N ASP D 277 78.70 -33.87 -5.30
CA ASP D 277 79.30 -32.62 -4.86
C ASP D 277 78.83 -32.22 -3.46
N GLY D 278 77.91 -32.98 -2.86
CA GLY D 278 77.35 -32.65 -1.57
C GLY D 278 76.05 -31.88 -1.58
N THR D 279 75.53 -31.51 -2.75
CA THR D 279 74.24 -30.84 -2.79
C THR D 279 73.11 -31.84 -2.49
N PRO D 280 72.03 -31.39 -1.85
CA PRO D 280 70.84 -32.23 -1.73
C PRO D 280 70.31 -32.63 -3.10
N VAL D 281 69.55 -33.72 -3.14
CA VAL D 281 68.91 -34.19 -4.36
C VAL D 281 67.58 -33.46 -4.56
N ASN D 282 67.41 -32.83 -5.71
CA ASN D 282 66.16 -32.20 -6.08
C ASN D 282 65.45 -33.10 -7.09
N LEU D 283 64.25 -33.54 -6.75
CA LEU D 283 63.63 -34.59 -7.55
C LEU D 283 63.19 -34.08 -8.92
N PHE D 284 62.76 -32.82 -8.98
CA PHE D 284 62.38 -32.21 -10.25
C PHE D 284 63.60 -31.95 -11.11
N GLU D 285 64.54 -31.15 -10.61
CA GLU D 285 65.68 -30.75 -11.43
C GLU D 285 66.57 -31.93 -11.77
N GLN D 286 66.62 -32.96 -10.93
CA GLN D 286 67.42 -34.14 -11.18
C GLN D 286 66.63 -35.28 -11.81
N ASP D 287 65.34 -35.08 -12.08
CA ASP D 287 64.50 -36.07 -12.74
C ASP D 287 64.40 -37.39 -11.95
N MET D 288 63.71 -37.32 -10.80
CA MET D 288 63.60 -38.44 -9.90
C MET D 288 62.19 -38.50 -9.30
N VAL D 289 61.86 -39.66 -8.74
CA VAL D 289 60.59 -39.89 -8.07
C VAL D 289 60.86 -40.69 -6.80
N ALA D 290 60.11 -40.41 -5.73
CA ALA D 290 60.37 -41.10 -4.46
C ALA D 290 59.09 -41.38 -3.70
N LEU D 291 59.12 -42.46 -2.91
CA LEU D 291 57.97 -42.95 -2.14
C LEU D 291 58.18 -42.72 -0.65
N ARG D 292 57.18 -42.13 0.01
CA ARG D 292 57.13 -41.98 1.46
C ARG D 292 56.06 -42.90 2.02
N ALA D 293 56.45 -43.77 2.95
CA ALA D 293 55.54 -44.58 3.75
C ALA D 293 55.56 -44.10 5.18
N THR D 294 54.38 -43.82 5.76
CA THR D 294 54.32 -43.50 7.19
C THR D 294 53.20 -44.25 7.87
N MET D 295 53.37 -44.45 9.18
CA MET D 295 52.38 -45.13 10.00
C MET D 295 52.45 -44.55 11.41
N HIS D 296 51.29 -44.33 12.02
CA HIS D 296 51.22 -43.95 13.42
C HIS D 296 50.76 -45.12 14.28
N VAL D 297 51.52 -45.40 15.33
CA VAL D 297 51.27 -46.53 16.21
C VAL D 297 51.42 -46.07 17.66
N ALA D 298 50.54 -46.57 18.53
CA ALA D 298 50.52 -46.22 19.95
C ALA D 298 50.49 -47.49 20.79
N LEU D 299 51.22 -47.49 21.91
CA LEU D 299 51.34 -48.63 22.80
C LEU D 299 51.10 -48.26 24.26
N HIS D 300 50.34 -49.10 24.97
CA HIS D 300 50.05 -48.88 26.39
C HIS D 300 50.01 -50.18 27.17
N ILE D 301 50.85 -50.26 28.20
CA ILE D 301 50.83 -51.35 29.18
C ILE D 301 49.82 -50.97 30.26
N ALA D 302 48.65 -51.61 30.24
CA ALA D 302 47.62 -51.28 31.23
C ALA D 302 48.03 -51.64 32.65
N ASP D 303 48.84 -52.68 32.85
CA ASP D 303 49.23 -53.08 34.20
C ASP D 303 50.61 -53.71 34.15
N ASP D 304 51.61 -52.98 34.64
CA ASP D 304 53.00 -53.41 34.56
C ASP D 304 53.27 -54.76 35.23
N LYS D 305 52.42 -55.21 36.14
CA LYS D 305 52.68 -56.48 36.81
C LYS D 305 52.24 -57.71 36.02
N ALA D 306 51.48 -57.54 34.95
CA ALA D 306 50.87 -58.66 34.26
C ALA D 306 51.84 -59.49 33.40
N PHE D 307 53.15 -59.27 33.49
CA PHE D 307 54.09 -59.96 32.61
C PHE D 307 55.26 -60.52 33.40
N ALA D 308 55.73 -61.71 33.01
CA ALA D 308 56.85 -62.38 33.66
C ALA D 308 57.73 -63.03 32.62
N LYS D 309 59.01 -63.21 32.99
CA LYS D 309 60.01 -63.74 32.04
C LYS D 309 60.87 -64.82 32.67
N LEU D 310 61.19 -65.85 31.88
CA LEU D 310 62.09 -66.92 32.26
C LEU D 310 63.39 -66.76 31.47
N VAL D 311 64.52 -66.78 32.17
CA VAL D 311 65.84 -66.51 31.58
C VAL D 311 66.84 -67.58 31.99
N PRO D 312 67.77 -67.97 31.12
CA PRO D 312 68.77 -68.95 31.52
C PRO D 312 69.78 -68.35 32.51
N ALA D 313 70.14 -69.14 33.51
CA ALA D 313 71.04 -68.67 34.57
C ALA D 313 72.47 -68.55 34.04
N SER E 16 34.60 -47.89 64.80
CA SER E 16 33.98 -48.21 66.11
C SER E 16 33.15 -49.47 66.00
N ASN E 17 32.27 -49.52 65.00
CA ASN E 17 31.40 -50.67 64.78
C ASN E 17 30.61 -51.02 66.04
N ASN E 18 30.20 -49.99 66.77
CA ASN E 18 29.48 -50.21 68.04
C ASN E 18 28.04 -50.61 67.73
N VAL E 19 27.70 -51.86 68.03
CA VAL E 19 26.38 -52.39 67.67
C VAL E 19 25.36 -52.35 68.79
N LYS E 20 25.74 -51.96 70.00
CA LYS E 20 24.74 -51.85 71.06
C LYS E 20 23.76 -50.72 70.76
N PRO E 21 22.53 -50.81 71.25
CA PRO E 21 21.53 -49.79 70.92
C PRO E 21 21.85 -48.44 71.54
N GLN E 22 21.34 -47.39 70.89
CA GLN E 22 21.61 -46.01 71.29
C GLN E 22 20.78 -45.62 72.51
N VAL E 23 21.46 -45.12 73.55
CA VAL E 23 20.82 -44.55 74.73
C VAL E 23 20.45 -43.10 74.42
N PHE E 24 19.26 -42.68 74.87
CA PHE E 24 18.79 -41.32 74.66
C PHE E 24 18.44 -40.65 75.97
N ASN E 25 18.55 -39.31 75.98
CA ASN E 25 18.23 -38.48 77.13
C ASN E 25 17.45 -37.25 76.68
N PRO E 26 16.18 -37.09 77.09
CA PRO E 26 15.35 -37.98 77.92
C PRO E 26 15.01 -39.26 77.17
N ASP E 27 14.56 -40.30 77.87
CA ASP E 27 14.25 -41.58 77.23
C ASP E 27 12.92 -41.53 76.47
N ASN E 28 12.76 -40.57 75.57
CA ASN E 28 11.52 -40.42 74.83
C ASN E 28 11.48 -41.23 73.54
N VAL E 29 12.59 -41.83 73.11
CA VAL E 29 12.64 -42.53 71.83
C VAL E 29 12.11 -43.95 71.98
N MET E 30 11.17 -44.31 71.11
CA MET E 30 10.69 -45.69 71.03
C MET E 30 11.75 -46.54 70.36
N MET E 31 11.95 -47.76 70.87
CA MET E 31 13.01 -48.60 70.34
C MET E 31 12.58 -50.06 70.25
N HIS E 32 13.15 -50.76 69.27
CA HIS E 32 12.87 -52.17 69.05
C HIS E 32 13.78 -53.08 69.87
N GLU E 33 14.89 -52.56 70.39
CA GLU E 33 15.87 -53.35 71.13
C GLU E 33 16.16 -52.69 72.46
N LYS E 34 16.16 -53.48 73.52
CA LYS E 34 16.43 -52.97 74.86
C LYS E 34 17.92 -53.10 75.17
N LYS E 35 18.42 -52.23 76.06
CA LYS E 35 19.86 -52.24 76.32
C LYS E 35 20.32 -53.51 77.02
N ASP E 36 19.42 -54.32 77.55
CA ASP E 36 19.80 -55.61 78.12
C ASP E 36 19.91 -56.70 77.06
N GLY E 37 19.66 -56.38 75.79
CA GLY E 37 19.73 -57.33 74.70
C GLY E 37 18.41 -57.97 74.33
N THR E 38 17.34 -57.72 75.07
CA THR E 38 16.04 -58.25 74.71
C THR E 38 15.57 -57.63 73.39
N LEU E 39 15.09 -58.47 72.50
CA LEU E 39 14.64 -58.05 71.17
C LEU E 39 13.13 -58.25 71.12
N MET E 40 12.41 -57.20 70.74
CA MET E 40 10.96 -57.10 71.00
C MET E 40 10.10 -57.45 69.79
N ASN E 41 10.26 -58.67 69.27
CA ASN E 41 9.34 -59.17 68.27
C ASN E 41 8.02 -59.61 68.92
N GLU E 42 7.05 -59.96 68.08
CA GLU E 42 5.77 -60.50 68.54
C GLU E 42 5.08 -59.58 69.55
N PHE E 43 5.20 -58.28 69.35
CA PHE E 43 4.62 -57.32 70.27
C PHE E 43 3.10 -57.35 70.19
N THR E 44 2.44 -57.45 71.35
CA THR E 44 0.99 -57.45 71.44
C THR E 44 0.51 -56.01 71.59
N THR E 45 -0.09 -55.47 70.54
CA THR E 45 -0.44 -54.06 70.47
C THR E 45 -1.41 -53.65 71.58
N PRO E 46 -1.07 -52.66 72.42
CA PRO E 46 -1.93 -52.32 73.56
C PRO E 46 -3.31 -51.85 73.13
N ILE E 47 -4.31 -52.16 73.96
CA ILE E 47 -5.70 -51.75 73.73
C ILE E 47 -6.06 -50.56 74.61
N LEU E 48 -6.73 -49.58 74.02
CA LEU E 48 -7.09 -48.32 74.70
C LEU E 48 -8.25 -48.54 75.68
N GLN E 49 -7.93 -48.44 76.98
CA GLN E 49 -8.91 -48.70 78.05
C GLN E 49 -10.02 -47.65 78.10
N GLU E 50 -9.67 -46.38 78.28
CA GLU E 50 -10.63 -45.29 78.45
C GLU E 50 -11.21 -44.81 77.12
N VAL E 51 -12.04 -43.76 77.23
CA VAL E 51 -12.58 -43.02 76.10
C VAL E 51 -11.91 -41.66 76.07
N MET E 52 -11.52 -41.22 74.87
CA MET E 52 -10.81 -39.95 74.75
C MET E 52 -11.74 -38.78 75.06
N GLU E 53 -11.27 -37.86 75.90
CA GLU E 53 -12.03 -36.72 76.37
C GLU E 53 -12.11 -35.57 75.37
N ASN E 54 -13.30 -34.96 75.29
CA ASN E 54 -13.53 -33.78 74.48
C ASN E 54 -13.04 -32.52 75.20
N SER E 55 -12.86 -31.44 74.43
CA SER E 55 -12.58 -30.13 75.03
C SER E 55 -13.85 -29.54 75.64
N LYS E 56 -13.80 -29.31 76.95
CA LYS E 56 -14.97 -28.74 77.62
C LYS E 56 -15.18 -27.29 77.21
N ILE E 57 -14.11 -26.58 76.85
CA ILE E 57 -14.28 -25.23 76.35
C ILE E 57 -14.98 -25.26 75.01
N MET E 58 -14.58 -26.16 74.12
CA MET E 58 -15.25 -26.25 72.82
C MET E 58 -16.69 -26.72 72.99
N GLN E 59 -17.01 -27.34 74.11
CA GLN E 59 -18.38 -27.78 74.37
C GLN E 59 -19.25 -26.63 74.87
N LEU E 60 -18.78 -25.92 75.89
CA LEU E 60 -19.57 -24.87 76.53
C LEU E 60 -19.51 -23.52 75.80
N GLY E 61 -18.33 -23.11 75.35
CA GLY E 61 -18.14 -21.78 74.79
C GLY E 61 -18.76 -21.53 73.43
N LYS E 62 -18.61 -20.28 72.98
CA LYS E 62 -19.10 -19.80 71.70
C LYS E 62 -17.95 -19.75 70.69
N TYR E 63 -18.12 -20.44 69.57
CA TYR E 63 -17.13 -20.43 68.51
C TYR E 63 -17.06 -19.07 67.83
N GLU E 64 -15.88 -18.72 67.33
CA GLU E 64 -15.69 -17.48 66.58
C GLU E 64 -14.76 -17.68 65.40
N PRO E 65 -15.23 -17.48 64.16
CA PRO E 65 -14.32 -17.57 63.01
C PRO E 65 -13.17 -16.59 63.15
N MET E 66 -11.97 -17.05 62.81
CA MET E 66 -10.77 -16.24 62.99
C MET E 66 -9.78 -16.64 61.91
N GLU E 67 -9.52 -15.74 60.96
CA GLU E 67 -8.65 -16.09 59.84
C GLU E 67 -7.19 -15.91 60.18
N GLY E 68 -6.82 -14.78 60.77
CA GLY E 68 -5.45 -14.54 61.18
C GLY E 68 -5.22 -14.98 62.62
N THR E 69 -4.03 -14.68 63.12
CA THR E 69 -3.74 -15.01 64.51
C THR E 69 -4.33 -13.99 65.48
N GLU E 70 -5.17 -13.07 64.99
CA GLU E 70 -5.74 -12.05 65.85
C GLU E 70 -7.12 -11.67 65.33
N LYS E 71 -7.95 -11.17 66.24
CA LYS E 71 -9.34 -10.86 65.94
C LYS E 71 -9.74 -9.61 66.71
N LYS E 72 -10.63 -8.82 66.10
CA LYS E 72 -11.12 -7.57 66.65
C LYS E 72 -12.64 -7.62 66.82
N PHE E 73 -13.13 -7.06 67.93
CA PHE E 73 -14.55 -6.95 68.21
C PHE E 73 -14.86 -5.50 68.54
N THR E 74 -16.03 -5.03 68.14
CA THR E 74 -16.49 -3.68 68.47
C THR E 74 -17.97 -3.71 68.82
N PHE E 75 -18.33 -3.05 69.92
CA PHE E 75 -19.68 -3.07 70.45
C PHE E 75 -20.14 -1.66 70.78
N TRP E 76 -21.46 -1.44 70.75
CA TRP E 76 -22.01 -0.19 71.25
C TRP E 76 -21.81 -0.09 72.77
N ALA E 77 -21.67 1.14 73.25
CA ALA E 77 -21.45 1.40 74.67
C ALA E 77 -22.37 2.48 75.22
N ASP E 78 -22.53 3.60 74.51
CA ASP E 78 -23.43 4.66 74.96
C ASP E 78 -24.49 4.94 73.91
N LYS E 79 -25.70 5.26 74.39
CA LYS E 79 -26.86 5.56 73.57
C LYS E 79 -27.37 6.97 73.83
N PRO E 80 -28.01 7.60 72.82
CA PRO E 80 -28.48 8.98 72.98
C PRO E 80 -29.57 9.11 74.02
N GLY E 81 -29.67 10.32 74.58
CA GLY E 81 -30.76 10.70 75.45
C GLY E 81 -31.92 11.30 74.69
N ALA E 82 -32.85 11.90 75.44
CA ALA E 82 -33.99 12.60 74.86
C ALA E 82 -34.37 13.73 75.80
N TYR E 83 -35.14 14.69 75.28
CA TYR E 83 -35.53 15.84 76.09
C TYR E 83 -36.96 16.26 75.81
N TRP E 84 -37.60 16.82 76.83
CA TRP E 84 -38.92 17.40 76.71
C TRP E 84 -38.70 18.86 76.32
N VAL E 85 -39.36 19.32 75.26
CA VAL E 85 -39.17 20.69 74.81
C VAL E 85 -40.51 21.37 74.59
N GLY E 86 -40.59 22.62 75.02
CA GLY E 86 -41.78 23.43 74.80
C GLY E 86 -41.92 23.81 73.35
N GLU E 87 -43.09 24.34 73.00
CA GLU E 87 -43.25 24.80 71.63
C GLU E 87 -42.22 25.86 71.31
N GLY E 88 -41.66 25.76 70.10
CA GLY E 88 -40.63 26.68 69.68
C GLY E 88 -39.34 26.61 70.45
N GLN E 89 -39.21 25.69 71.41
CA GLN E 89 -37.99 25.61 72.19
C GLN E 89 -36.89 24.92 71.40
N LYS E 90 -35.63 25.26 71.73
CA LYS E 90 -34.47 24.62 71.12
C LYS E 90 -34.33 23.16 71.50
N ILE E 91 -34.33 22.28 70.50
CA ILE E 91 -34.02 20.87 70.69
C ILE E 91 -32.53 20.71 70.96
N GLU E 92 -32.18 20.02 72.05
CA GLU E 92 -30.79 19.77 72.42
C GLU E 92 -30.22 18.49 71.80
N THR E 93 -28.88 18.39 71.86
CA THR E 93 -28.07 17.33 71.28
C THR E 93 -27.86 16.14 72.23
N SER E 94 -27.40 15.02 71.66
CA SER E 94 -27.02 13.84 72.41
C SER E 94 -25.94 13.10 71.62
N LYS E 95 -25.39 12.04 72.21
CA LYS E 95 -24.22 11.36 71.64
C LYS E 95 -24.26 9.84 71.80
N ALA E 96 -23.76 9.14 70.79
CA ALA E 96 -23.54 7.69 70.80
C ALA E 96 -22.06 7.38 71.02
N THR E 97 -21.79 6.17 71.54
CA THR E 97 -20.40 5.78 71.78
C THR E 97 -20.24 4.27 71.64
N TRP E 98 -19.02 3.83 71.31
CA TRP E 98 -18.67 2.42 71.11
C TRP E 98 -17.40 2.08 71.89
N VAL E 99 -17.12 0.77 71.98
CA VAL E 99 -15.92 0.26 72.64
C VAL E 99 -15.38 -0.94 71.86
N ASN E 100 -14.07 -1.19 71.98
CA ASN E 100 -13.41 -2.29 71.26
C ASN E 100 -12.78 -3.30 72.19
N ALA E 101 -12.67 -4.53 71.69
CA ALA E 101 -12.02 -5.65 72.37
C ALA E 101 -11.26 -6.47 71.32
N THR E 102 -10.31 -7.28 71.77
CA THR E 102 -9.51 -8.04 70.81
C THR E 102 -9.04 -9.35 71.45
N MET E 103 -8.76 -10.34 70.60
CA MET E 103 -8.25 -11.64 71.07
C MET E 103 -7.18 -12.16 70.12
N ARG E 104 -6.22 -12.91 70.68
CA ARG E 104 -5.13 -13.49 69.91
C ARG E 104 -5.00 -14.99 70.20
N ALA E 105 -4.40 -15.70 69.25
CA ALA E 105 -4.20 -17.15 69.31
C ALA E 105 -2.83 -17.53 69.86
N PHE E 106 -2.72 -18.80 70.28
CA PHE E 106 -1.45 -19.39 70.70
C PHE E 106 -1.33 -20.78 70.11
N LYS E 107 -0.10 -21.30 70.06
CA LYS E 107 0.21 -22.58 69.43
C LYS E 107 0.56 -23.66 70.45
N LEU E 108 -0.11 -24.80 70.34
CA LEU E 108 0.21 -26.04 71.04
C LEU E 108 1.18 -26.87 70.19
N GLY E 109 1.84 -27.85 70.80
CA GLY E 109 2.52 -28.86 69.99
C GLY E 109 3.26 -29.91 70.81
N VAL E 110 3.64 -30.99 70.12
CA VAL E 110 4.51 -32.02 70.67
C VAL E 110 5.12 -32.79 69.52
N ILE E 111 6.28 -33.40 69.76
CA ILE E 111 6.94 -34.28 68.81
C ILE E 111 7.17 -35.65 69.44
N LEU E 112 6.88 -36.70 68.67
CA LEU E 112 7.15 -38.09 69.05
C LEU E 112 8.27 -38.63 68.18
N PRO E 113 9.44 -38.98 68.71
CA PRO E 113 10.46 -39.64 67.90
C PRO E 113 10.39 -41.16 67.98
N VAL E 114 10.64 -41.80 66.84
CA VAL E 114 10.52 -43.25 66.71
C VAL E 114 11.68 -43.80 65.89
N THR E 115 12.28 -44.89 66.38
CA THR E 115 13.32 -45.58 65.64
C THR E 115 12.69 -46.44 64.55
N LYS E 116 13.24 -46.37 63.34
CA LYS E 116 12.57 -47.03 62.22
C LYS E 116 12.53 -48.54 62.38
N GLU E 117 13.48 -49.13 63.11
CA GLU E 117 13.33 -50.55 63.41
C GLU E 117 12.05 -50.77 64.20
N PHE E 118 11.80 -49.91 65.18
CA PHE E 118 10.58 -50.01 65.97
C PHE E 118 9.37 -49.88 65.06
N LEU E 119 9.42 -48.93 64.13
CA LEU E 119 8.32 -48.70 63.20
C LEU E 119 8.20 -49.78 62.12
N ASN E 120 9.10 -50.76 62.08
CA ASN E 120 8.98 -51.85 61.12
C ASN E 120 8.71 -53.21 61.75
N TYR E 121 9.34 -53.53 62.87
CA TYR E 121 9.25 -54.86 63.46
C TYR E 121 8.48 -54.91 64.76
N THR E 122 8.01 -53.79 65.29
CA THR E 122 7.29 -53.79 66.56
C THR E 122 5.89 -53.21 66.48
N TYR E 123 5.72 -52.03 65.88
CA TYR E 123 4.42 -51.37 65.98
C TYR E 123 4.16 -50.59 64.69
N SER E 124 3.83 -51.34 63.65
CA SER E 124 3.55 -50.76 62.34
C SER E 124 2.57 -49.59 62.38
N GLN E 125 1.61 -49.60 63.29
CA GLN E 125 0.58 -48.57 63.38
C GLN E 125 0.84 -47.49 64.43
N PHE E 126 1.99 -47.49 65.09
CA PHE E 126 2.17 -46.66 66.28
C PHE E 126 1.74 -45.20 66.06
N PHE E 127 2.25 -44.56 65.01
CA PHE E 127 1.83 -43.18 64.78
C PHE E 127 0.33 -43.06 64.51
N GLU E 128 -0.26 -44.05 63.85
CA GLU E 128 -1.71 -44.01 63.66
C GLU E 128 -2.47 -44.12 64.97
N GLU E 129 -1.94 -44.87 65.95
CA GLU E 129 -2.59 -44.98 67.26
C GLU E 129 -2.35 -43.79 68.17
N MET E 130 -1.32 -42.98 67.93
CA MET E 130 -1.08 -41.82 68.78
C MET E 130 -1.95 -40.61 68.45
N LYS E 131 -2.40 -40.45 67.22
CA LYS E 131 -3.11 -39.23 66.85
C LYS E 131 -4.32 -38.89 67.74
N PRO E 132 -5.15 -39.85 68.18
CA PRO E 132 -6.22 -39.46 69.11
C PRO E 132 -5.69 -39.13 70.49
N MET E 133 -4.63 -39.79 70.94
CA MET E 133 -4.08 -39.47 72.25
C MET E 133 -3.44 -38.08 72.25
N ILE E 134 -2.88 -37.66 71.12
CA ILE E 134 -2.41 -36.29 71.01
C ILE E 134 -3.58 -35.33 71.04
N ALA E 135 -4.64 -35.62 70.28
CA ALA E 135 -5.78 -34.70 70.30
C ALA E 135 -6.35 -34.56 71.71
N GLU E 136 -6.38 -35.67 72.45
CA GLU E 136 -6.83 -35.62 73.84
C GLU E 136 -5.92 -34.73 74.70
N ALA E 137 -4.60 -34.92 74.59
CA ALA E 137 -3.69 -34.13 75.40
C ALA E 137 -3.76 -32.64 75.05
N PHE E 138 -3.97 -32.32 73.77
CA PHE E 138 -4.13 -30.93 73.37
C PHE E 138 -5.43 -30.33 73.93
N TYR E 139 -6.55 -31.04 73.80
CA TYR E 139 -7.79 -30.50 74.33
C TYR E 139 -7.71 -30.30 75.83
N LYS E 140 -7.09 -31.24 76.55
CA LYS E 140 -6.95 -31.05 77.99
C LYS E 140 -6.07 -29.86 78.32
N LYS E 141 -4.96 -29.68 77.58
CA LYS E 141 -4.11 -28.52 77.82
C LYS E 141 -4.89 -27.22 77.64
N PHE E 142 -5.73 -27.18 76.61
CA PHE E 142 -6.52 -25.97 76.35
C PHE E 142 -7.54 -25.74 77.46
N ASP E 143 -8.29 -26.77 77.82
CA ASP E 143 -9.28 -26.62 78.88
C ASP E 143 -8.65 -26.16 80.18
N GLU E 144 -7.55 -26.79 80.58
CA GLU E 144 -6.96 -26.42 81.87
C GLU E 144 -6.33 -25.04 81.82
N ALA E 145 -5.94 -24.57 80.63
CA ALA E 145 -5.45 -23.21 80.53
C ALA E 145 -6.59 -22.20 80.67
N GLY E 146 -7.63 -22.37 79.86
CA GLY E 146 -8.70 -21.38 79.83
C GLY E 146 -9.62 -21.39 81.04
N ILE E 147 -9.98 -22.58 81.53
CA ILE E 147 -10.91 -22.67 82.66
C ILE E 147 -10.22 -22.36 83.98
N LEU E 148 -9.15 -23.09 84.29
CA LEU E 148 -8.55 -23.02 85.61
C LEU E 148 -7.28 -22.18 85.68
N ASN E 149 -6.82 -21.62 84.57
CA ASN E 149 -5.59 -20.83 84.57
C ASN E 149 -4.41 -21.67 85.02
N GLN E 150 -4.36 -22.92 84.56
CA GLN E 150 -3.32 -23.86 84.93
C GLN E 150 -2.56 -24.33 83.69
N GLY E 151 -1.34 -24.81 83.93
CA GLY E 151 -0.50 -25.31 82.85
C GLY E 151 0.15 -24.22 82.03
N ASN E 152 0.68 -23.19 82.67
CA ASN E 152 1.30 -22.07 81.98
C ASN E 152 0.34 -21.46 80.96
N ASN E 153 -0.79 -20.99 81.47
CA ASN E 153 -1.80 -20.37 80.63
C ASN E 153 -1.17 -19.23 79.83
N PRO E 154 -1.13 -19.31 78.50
CA PRO E 154 -0.48 -18.24 77.73
C PRO E 154 -1.34 -16.99 77.65
N PHE E 155 -2.66 -17.18 77.62
CA PHE E 155 -3.56 -16.06 77.56
C PHE E 155 -3.58 -15.32 78.88
N GLY E 156 -3.65 -14.00 78.82
CA GLY E 156 -3.83 -13.21 80.04
C GLY E 156 -5.29 -13.21 80.45
N LYS E 157 -6.00 -14.28 80.10
CA LYS E 157 -7.45 -14.37 80.22
C LYS E 157 -7.79 -15.76 80.74
N SER E 158 -8.75 -15.84 81.66
CA SER E 158 -9.25 -17.16 82.05
C SER E 158 -10.43 -16.97 82.98
N ILE E 159 -11.21 -18.05 83.13
CA ILE E 159 -12.35 -18.02 84.04
C ILE E 159 -11.87 -17.82 85.48
N ALA E 160 -10.96 -18.66 85.93
CA ALA E 160 -10.46 -18.52 87.30
C ALA E 160 -9.89 -17.14 87.54
N GLN E 161 -9.26 -16.54 86.54
CA GLN E 161 -8.67 -15.22 86.72
C GLN E 161 -9.72 -14.12 86.73
N SER E 162 -10.77 -14.27 85.92
CA SER E 162 -11.85 -13.30 85.96
C SER E 162 -12.57 -13.36 87.31
N ILE E 163 -12.83 -14.57 87.79
CA ILE E 163 -13.44 -14.73 89.10
C ILE E 163 -12.55 -14.12 90.17
N GLU E 164 -11.24 -14.32 90.06
CA GLU E 164 -10.35 -13.75 91.07
C GLU E 164 -10.38 -12.23 91.04
N LYS E 165 -10.43 -11.62 89.86
CA LYS E 165 -10.43 -10.16 89.81
C LYS E 165 -11.75 -9.58 90.25
N THR E 166 -12.86 -10.29 90.03
CA THR E 166 -14.17 -9.81 90.47
C THR E 166 -14.50 -10.20 91.90
N ASN E 167 -13.75 -11.14 92.49
CA ASN E 167 -14.04 -11.66 93.83
C ASN E 167 -15.47 -12.19 93.92
N LYS E 168 -15.94 -12.78 92.82
CA LYS E 168 -17.31 -13.29 92.71
C LYS E 168 -17.39 -14.74 93.21
N VAL E 169 -16.94 -14.93 94.45
CA VAL E 169 -16.83 -16.24 95.07
C VAL E 169 -17.75 -16.35 96.29
N ILE E 170 -18.46 -17.48 96.37
CA ILE E 170 -19.28 -17.88 97.51
C ILE E 170 -18.51 -18.92 98.30
N LYS E 171 -18.53 -18.78 99.63
CA LYS E 171 -17.86 -19.72 100.52
C LYS E 171 -18.90 -20.57 101.23
N GLY E 172 -18.66 -21.88 101.31
CA GLY E 172 -19.53 -22.76 102.06
C GLY E 172 -19.81 -24.07 101.37
N ASP E 173 -20.69 -24.84 102.00
CA ASP E 173 -21.08 -26.18 101.59
C ASP E 173 -22.12 -26.17 100.48
N PHE E 174 -22.16 -27.29 99.76
CA PHE E 174 -23.16 -27.53 98.72
C PHE E 174 -24.54 -27.61 99.37
N THR E 175 -25.37 -26.59 99.14
CA THR E 175 -26.71 -26.51 99.71
C THR E 175 -27.60 -25.81 98.69
N GLN E 176 -28.90 -26.09 98.76
CA GLN E 176 -29.82 -25.36 97.89
C GLN E 176 -29.64 -23.86 98.11
N ASP E 177 -29.43 -23.48 99.36
CA ASP E 177 -29.18 -22.09 99.72
C ASP E 177 -28.01 -21.51 98.94
N ASN E 178 -26.83 -22.10 99.09
CA ASN E 178 -25.64 -21.54 98.45
C ASN E 178 -25.68 -21.66 96.94
N ILE E 179 -26.27 -22.71 96.38
CA ILE E 179 -26.26 -22.85 94.93
C ILE E 179 -27.21 -21.84 94.29
N ILE E 180 -28.35 -21.57 94.93
CA ILE E 180 -29.21 -20.50 94.43
C ILE E 180 -28.55 -19.14 94.62
N ASP E 181 -27.87 -18.92 95.75
CA ASP E 181 -27.13 -17.68 95.92
C ASP E 181 -26.07 -17.52 94.84
N LEU E 182 -25.40 -18.62 94.49
CA LEU E 182 -24.36 -18.59 93.46
C LEU E 182 -24.95 -18.13 92.13
N GLU E 183 -26.10 -18.71 91.76
CA GLU E 183 -26.72 -18.29 90.50
C GLU E 183 -27.22 -16.84 90.59
N ALA E 184 -27.76 -16.45 91.74
CA ALA E 184 -28.23 -15.07 91.93
C ALA E 184 -27.10 -14.07 91.76
N LEU E 185 -25.87 -14.49 92.08
CA LEU E 185 -24.73 -13.59 91.96
C LEU E 185 -24.51 -13.15 90.51
N LEU E 186 -25.07 -13.86 89.54
CA LEU E 186 -24.94 -13.42 88.16
C LEU E 186 -26.03 -12.42 87.79
N GLU E 187 -27.28 -12.66 88.18
CA GLU E 187 -28.28 -11.67 87.81
C GLU E 187 -28.08 -10.39 88.61
N ASP E 188 -27.27 -10.46 89.68
CA ASP E 188 -26.88 -9.22 90.33
C ASP E 188 -26.15 -8.30 89.37
N ASP E 189 -25.62 -8.85 88.27
CA ASP E 189 -25.02 -8.08 87.19
C ASP E 189 -25.86 -8.17 85.93
N GLU E 190 -27.14 -8.52 86.07
CA GLU E 190 -28.09 -8.58 84.98
C GLU E 190 -27.72 -9.66 83.96
N LEU E 191 -27.06 -10.72 84.41
CA LEU E 191 -26.73 -11.86 83.58
C LEU E 191 -27.40 -13.11 84.16
N GLU E 192 -27.71 -14.06 83.30
CA GLU E 192 -28.35 -15.31 83.71
C GLU E 192 -27.41 -16.48 83.50
N ALA E 193 -27.34 -17.35 84.51
CA ALA E 193 -26.50 -18.53 84.44
C ALA E 193 -26.96 -19.47 83.32
N ASN E 194 -25.99 -20.15 82.70
CA ASN E 194 -26.27 -21.04 81.59
C ASN E 194 -25.82 -22.49 81.80
N ALA E 195 -24.84 -22.75 82.67
CA ALA E 195 -24.38 -24.11 82.88
C ALA E 195 -23.54 -24.16 84.16
N PHE E 196 -23.21 -25.38 84.59
CA PHE E 196 -22.32 -25.60 85.72
C PHE E 196 -21.12 -26.44 85.31
N ILE E 197 -19.97 -26.12 85.89
CA ILE E 197 -18.74 -26.90 85.72
C ILE E 197 -18.41 -27.52 87.07
N SER E 198 -18.23 -28.84 87.12
CA SER E 198 -17.95 -29.48 88.39
C SER E 198 -17.01 -30.66 88.23
N LYS E 199 -16.54 -31.16 89.37
CA LYS E 199 -15.63 -32.29 89.46
C LYS E 199 -16.48 -33.52 89.77
N THR E 200 -16.35 -34.56 88.95
CA THR E 200 -17.21 -35.73 89.09
C THR E 200 -17.15 -36.32 90.51
N GLN E 201 -16.06 -36.11 91.23
CA GLN E 201 -15.99 -36.58 92.61
C GLN E 201 -17.13 -36.05 93.47
N ASN E 202 -17.70 -34.90 93.13
CA ASN E 202 -18.65 -34.22 93.99
C ASN E 202 -20.13 -34.44 93.65
N ARG E 203 -20.44 -35.19 92.59
CA ARG E 203 -21.85 -35.51 92.40
C ARG E 203 -22.37 -36.35 93.57
N SER E 204 -21.47 -36.93 94.37
CA SER E 204 -21.89 -37.54 95.63
C SER E 204 -22.55 -36.51 96.53
N LEU E 205 -21.97 -35.32 96.62
CA LEU E 205 -22.54 -34.28 97.46
C LEU E 205 -23.82 -33.74 96.85
N LEU E 206 -23.81 -33.49 95.55
CA LEU E 206 -25.03 -32.96 94.90
C LEU E 206 -26.20 -33.95 94.98
N ARG E 207 -25.92 -35.24 94.90
CA ARG E 207 -26.92 -36.29 95.02
C ARG E 207 -27.42 -36.53 96.43
N LYS E 208 -27.36 -35.51 97.31
CA LYS E 208 -28.07 -35.58 98.58
C LYS E 208 -28.47 -34.21 99.15
N ILE E 209 -28.78 -33.25 98.28
CA ILE E 209 -29.32 -31.95 98.71
C ILE E 209 -30.72 -31.77 98.12
N VAL E 210 -31.71 -31.56 99.01
CA VAL E 210 -33.13 -31.62 98.69
C VAL E 210 -33.85 -30.39 99.23
N ASP E 211 -34.79 -29.88 98.46
CA ASP E 211 -35.62 -28.74 98.90
C ASP E 211 -36.59 -29.17 100.00
N PRO E 212 -36.56 -28.55 101.17
CA PRO E 212 -37.33 -29.07 102.32
C PRO E 212 -38.82 -28.77 102.27
N GLU E 213 -39.28 -27.86 101.41
CA GLU E 213 -40.70 -27.65 101.23
C GLU E 213 -41.26 -28.68 100.26
N THR E 214 -40.74 -28.65 99.03
CA THR E 214 -41.30 -29.40 97.92
C THR E 214 -40.82 -30.84 97.90
N LYS E 215 -39.74 -31.12 98.63
CA LYS E 215 -39.04 -32.40 98.58
C LYS E 215 -38.52 -32.71 97.18
N GLU E 216 -38.45 -31.70 96.32
CA GLU E 216 -37.73 -31.84 95.06
C GLU E 216 -36.24 -31.86 95.32
N ARG E 217 -35.53 -32.75 94.63
CA ARG E 217 -34.08 -32.71 94.64
C ARG E 217 -33.57 -31.70 93.63
N ILE E 218 -32.61 -30.88 94.05
CA ILE E 218 -32.03 -29.88 93.16
C ILE E 218 -31.26 -30.52 92.00
N TYR E 219 -30.79 -31.75 92.16
CA TYR E 219 -29.97 -32.45 91.17
C TYR E 219 -30.71 -33.65 90.60
N ASP E 220 -30.80 -33.72 89.27
CA ASP E 220 -31.20 -34.95 88.58
C ASP E 220 -30.00 -35.88 88.49
N ARG E 221 -29.98 -36.92 89.33
CA ARG E 221 -29.02 -37.99 89.13
C ARG E 221 -29.15 -38.61 87.74
N ASN E 222 -30.38 -38.60 87.19
CA ASN E 222 -30.66 -39.24 85.91
C ASN E 222 -30.14 -38.43 84.71
N SER E 223 -30.36 -37.13 84.71
CA SER E 223 -30.01 -36.29 83.57
C SER E 223 -28.77 -35.45 83.77
N ASP E 224 -28.12 -35.53 84.93
CA ASP E 224 -26.93 -34.73 85.19
C ASP E 224 -27.24 -33.24 84.99
N SER E 225 -28.43 -32.84 85.44
CA SER E 225 -28.84 -31.43 85.47
C SER E 225 -28.89 -30.96 86.91
N LEU E 226 -28.35 -29.77 87.16
CA LEU E 226 -28.39 -29.15 88.46
C LEU E 226 -29.27 -27.90 88.39
N ASP E 227 -30.32 -27.86 89.21
CA ASP E 227 -31.39 -26.88 89.09
C ASP E 227 -31.80 -26.68 87.64
N GLY E 228 -31.94 -27.78 86.90
CA GLY E 228 -32.29 -27.76 85.50
C GLY E 228 -31.23 -27.24 84.54
N LEU E 229 -30.13 -26.68 85.03
CA LEU E 229 -29.07 -26.34 84.09
C LEU E 229 -28.14 -27.53 83.84
N PRO E 230 -27.54 -27.61 82.66
CA PRO E 230 -26.63 -28.72 82.37
C PRO E 230 -25.30 -28.62 83.11
N VAL E 231 -24.83 -29.78 83.57
CA VAL E 231 -23.57 -29.91 84.31
C VAL E 231 -22.53 -30.56 83.41
N VAL E 232 -21.32 -29.99 83.41
CA VAL E 232 -20.19 -30.55 82.68
C VAL E 232 -19.11 -30.91 83.67
N ASN E 233 -18.50 -32.09 83.49
CA ASN E 233 -17.50 -32.61 84.41
C ASN E 233 -16.09 -32.39 83.87
N LEU E 234 -15.20 -31.89 84.72
CA LEU E 234 -13.78 -31.81 84.39
C LEU E 234 -13.05 -33.03 84.91
N LYS E 235 -12.18 -33.58 84.07
CA LYS E 235 -11.32 -34.69 84.46
C LYS E 235 -10.05 -34.18 85.16
N SER E 236 -9.77 -32.88 85.05
CA SER E 236 -8.60 -32.28 85.68
C SER E 236 -8.56 -32.53 87.19
N SER E 237 -7.34 -32.67 87.70
CA SER E 237 -7.08 -32.83 89.12
C SER E 237 -6.95 -31.50 89.86
N ASN E 238 -6.96 -30.38 89.15
CA ASN E 238 -6.83 -29.08 89.80
C ASN E 238 -8.11 -28.63 90.47
N LEU E 239 -9.27 -28.98 89.92
CA LEU E 239 -10.54 -28.57 90.49
C LEU E 239 -10.88 -29.51 91.64
N LYS E 240 -10.85 -28.97 92.86
CA LYS E 240 -11.07 -29.79 94.06
C LYS E 240 -12.53 -30.24 94.16
N ARG E 241 -12.74 -31.27 94.98
CA ARG E 241 -14.07 -31.85 95.14
C ARG E 241 -15.12 -30.80 95.49
N GLY E 242 -14.88 -30.03 96.54
CA GLY E 242 -15.84 -29.05 97.03
C GLY E 242 -16.06 -27.83 96.17
N GLU E 243 -15.42 -27.72 95.01
CA GLU E 243 -15.52 -26.51 94.19
C GLU E 243 -16.48 -26.69 93.03
N LEU E 244 -17.22 -25.64 92.74
CA LEU E 244 -18.22 -25.62 91.67
C LEU E 244 -18.12 -24.27 90.95
N ILE E 245 -18.26 -24.28 89.62
CA ILE E 245 -18.17 -23.06 88.85
C ILE E 245 -19.43 -22.92 87.99
N THR E 246 -19.91 -21.68 87.84
CA THR E 246 -21.05 -21.40 86.97
C THR E 246 -20.81 -20.07 86.28
N GLY E 247 -21.52 -19.86 85.18
CA GLY E 247 -21.38 -18.60 84.46
C GLY E 247 -22.30 -18.57 83.26
N ASP E 248 -22.33 -17.40 82.62
CA ASP E 248 -23.02 -17.24 81.34
C ASP E 248 -21.98 -17.53 80.26
N PHE E 249 -21.87 -18.81 79.90
CA PHE E 249 -20.81 -19.25 79.01
C PHE E 249 -20.94 -18.69 77.61
N ASP E 250 -22.07 -18.09 77.26
CA ASP E 250 -22.15 -17.41 75.96
C ASP E 250 -21.20 -16.23 75.90
N LYS E 251 -20.70 -15.77 77.05
CA LYS E 251 -19.71 -14.71 77.11
C LYS E 251 -18.28 -15.22 76.96
N LEU E 252 -18.08 -16.53 76.83
CA LEU E 252 -16.77 -17.13 76.64
C LEU E 252 -16.61 -17.47 75.17
N ILE E 253 -15.67 -16.82 74.50
CA ILE E 253 -15.47 -16.97 73.06
C ILE E 253 -14.14 -17.66 72.81
N TYR E 254 -14.14 -18.62 71.87
CA TYR E 254 -12.93 -19.31 71.48
C TYR E 254 -12.85 -19.41 69.97
N GLY E 255 -11.61 -19.55 69.48
CA GLY E 255 -11.37 -19.66 68.06
C GLY E 255 -10.26 -20.65 67.78
N ILE E 256 -10.27 -21.19 66.56
CA ILE E 256 -9.26 -22.18 66.17
C ILE E 256 -8.71 -21.82 64.79
N PRO E 257 -7.70 -20.95 64.69
CA PRO E 257 -7.14 -20.61 63.37
C PRO E 257 -6.57 -21.79 62.61
N GLN E 258 -6.00 -22.79 63.28
CA GLN E 258 -5.37 -23.94 62.60
C GLN E 258 -5.72 -25.22 63.37
N LEU E 259 -6.64 -26.01 62.82
CA LEU E 259 -6.92 -27.33 63.38
C LEU E 259 -5.65 -28.17 63.40
N ILE E 260 -5.68 -29.26 64.16
CA ILE E 260 -4.48 -30.07 64.37
C ILE E 260 -3.87 -30.42 63.02
N GLU E 261 -2.61 -30.08 62.84
CA GLU E 261 -1.82 -30.48 61.68
C GLU E 261 -0.76 -31.47 62.16
N TYR E 262 -0.81 -32.69 61.61
CA TYR E 262 0.27 -33.64 61.78
C TYR E 262 1.23 -33.54 60.61
N LYS E 263 2.52 -33.74 60.88
CA LYS E 263 3.50 -33.99 59.83
C LYS E 263 4.55 -34.94 60.34
N ILE E 264 5.03 -35.83 59.47
CA ILE E 264 6.00 -36.85 59.85
C ILE E 264 7.27 -36.63 59.02
N ASP E 265 8.41 -36.51 59.70
CA ASP E 265 9.65 -36.13 59.05
C ASP E 265 10.76 -37.10 59.37
N GLU E 266 11.53 -37.42 58.33
CA GLU E 266 12.56 -38.44 58.35
C GLU E 266 13.98 -37.88 58.31
N THR E 267 14.16 -36.56 58.35
CA THR E 267 15.49 -35.99 58.12
C THR E 267 15.82 -34.76 58.96
N ALA E 268 14.87 -34.19 59.70
CA ALA E 268 15.19 -33.08 60.59
C ALA E 268 16.19 -33.46 61.66
N GLN E 269 16.62 -32.44 62.41
CA GLN E 269 17.37 -32.59 63.65
C GLN E 269 16.48 -32.22 64.82
N LEU E 270 16.42 -33.12 65.80
CA LEU E 270 15.89 -32.79 67.11
C LEU E 270 17.00 -32.22 67.97
N SER E 271 16.60 -31.51 69.02
CA SER E 271 17.58 -30.82 69.86
C SER E 271 17.20 -30.84 71.33
N THR E 272 15.94 -31.05 71.66
CA THR E 272 15.49 -31.31 73.02
C THR E 272 15.77 -32.74 73.46
N VAL E 273 16.34 -33.56 72.58
CA VAL E 273 16.78 -34.92 72.89
C VAL E 273 18.23 -35.07 72.45
N LYS E 274 19.05 -35.64 73.32
CA LYS E 274 20.47 -35.80 73.08
C LYS E 274 20.90 -37.26 73.09
N ASN E 275 21.85 -37.59 72.23
CA ASN E 275 22.51 -38.88 72.23
C ASN E 275 23.31 -39.08 73.51
N GLU E 276 23.72 -40.34 73.74
CA GLU E 276 24.53 -40.67 74.90
C GLU E 276 25.76 -39.79 75.01
N ASP E 277 26.37 -39.45 73.87
CA ASP E 277 27.56 -38.60 73.89
C ASP E 277 27.21 -37.11 73.96
N GLY E 278 25.93 -36.76 73.99
CA GLY E 278 25.51 -35.37 74.10
C GLY E 278 25.23 -34.68 72.77
N THR E 279 25.49 -35.34 71.65
CA THR E 279 25.18 -34.76 70.36
C THR E 279 23.67 -34.72 70.10
N PRO E 280 23.16 -33.66 69.48
CA PRO E 280 21.76 -33.67 69.06
C PRO E 280 21.44 -34.85 68.14
N VAL E 281 20.20 -35.34 68.28
CA VAL E 281 19.71 -36.46 67.49
C VAL E 281 19.41 -36.04 66.05
N ASN E 282 20.13 -36.64 65.09
CA ASN E 282 19.87 -36.44 63.66
C ASN E 282 19.05 -37.61 63.14
N LEU E 283 17.84 -37.32 62.64
CA LEU E 283 16.94 -38.39 62.23
C LEU E 283 17.46 -39.13 61.01
N PHE E 284 18.01 -38.41 60.03
CA PHE E 284 18.56 -39.06 58.85
C PHE E 284 19.77 -39.91 59.19
N GLU E 285 20.82 -39.27 59.70
CA GLU E 285 22.06 -39.99 59.99
C GLU E 285 21.85 -41.14 60.98
N GLN E 286 20.93 -41.00 61.93
CA GLN E 286 20.69 -42.05 62.92
C GLN E 286 19.58 -43.02 62.53
N ASP E 287 18.95 -42.82 61.38
CA ASP E 287 17.90 -43.72 60.91
C ASP E 287 16.68 -43.72 61.82
N MET E 288 16.12 -42.53 62.01
CA MET E 288 14.98 -42.33 62.89
C MET E 288 13.91 -41.55 62.14
N VAL E 289 12.70 -41.60 62.69
CA VAL E 289 11.54 -40.88 62.16
C VAL E 289 10.86 -40.17 63.32
N ALA E 290 10.29 -39.00 63.06
CA ALA E 290 9.62 -38.27 64.13
C ALA E 290 8.31 -37.65 63.66
N LEU E 291 7.29 -37.72 64.52
CA LEU E 291 5.94 -37.22 64.24
C LEU E 291 5.72 -35.93 65.01
N ARG E 292 5.39 -34.86 64.29
CA ARG E 292 5.06 -33.56 64.85
C ARG E 292 3.57 -33.31 64.77
N ALA E 293 2.97 -32.83 65.86
CA ALA E 293 1.58 -32.39 65.89
C ALA E 293 1.51 -30.97 66.43
N THR E 294 0.76 -30.10 65.76
CA THR E 294 0.53 -28.75 66.28
C THR E 294 -0.92 -28.33 66.09
N MET E 295 -1.30 -27.31 66.85
CA MET E 295 -2.63 -26.74 66.80
C MET E 295 -2.58 -25.30 67.27
N HIS E 296 -3.35 -24.43 66.63
CA HIS E 296 -3.53 -23.05 67.08
C HIS E 296 -4.88 -22.88 67.73
N VAL E 297 -4.91 -22.23 68.88
CA VAL E 297 -6.13 -22.04 69.65
C VAL E 297 -6.11 -20.65 70.27
N ALA E 298 -7.28 -20.01 70.33
CA ALA E 298 -7.42 -18.66 70.85
C ALA E 298 -8.60 -18.62 71.82
N LEU E 299 -8.46 -17.82 72.89
CA LEU E 299 -9.46 -17.74 73.94
C LEU E 299 -9.72 -16.29 74.32
N HIS E 300 -11.00 -15.97 74.57
CA HIS E 300 -11.38 -14.62 74.96
C HIS E 300 -12.56 -14.61 75.92
N ILE E 301 -12.40 -13.94 77.05
CA ILE E 301 -13.49 -13.72 78.00
C ILE E 301 -14.16 -12.40 77.63
N ALA E 302 -15.40 -12.48 77.14
CA ALA E 302 -16.07 -11.26 76.69
C ALA E 302 -16.53 -10.38 77.85
N ASP E 303 -16.79 -10.96 79.03
CA ASP E 303 -17.24 -10.17 80.18
C ASP E 303 -16.77 -10.86 81.46
N ASP E 304 -15.76 -10.27 82.11
CA ASP E 304 -15.18 -10.86 83.31
C ASP E 304 -16.20 -11.05 84.44
N LYS E 305 -17.31 -10.34 84.42
CA LYS E 305 -18.30 -10.46 85.50
C LYS E 305 -19.24 -11.64 85.31
N ALA E 306 -19.24 -12.27 84.14
CA ALA E 306 -20.19 -13.33 83.80
C ALA E 306 -19.89 -14.69 84.44
N PHE E 307 -18.97 -14.77 85.41
CA PHE E 307 -18.60 -16.05 85.99
C PHE E 307 -18.54 -15.94 87.50
N ALA E 308 -18.95 -17.01 88.20
CA ALA E 308 -18.95 -17.04 89.65
C ALA E 308 -18.55 -18.44 90.12
N LYS E 309 -18.01 -18.49 91.35
CA LYS E 309 -17.48 -19.75 91.86
C LYS E 309 -17.89 -20.01 93.30
N LEU E 310 -18.19 -21.27 93.61
CA LEU E 310 -18.48 -21.75 94.95
C LEU E 310 -17.31 -22.59 95.45
N VAL E 311 -16.82 -22.28 96.64
CA VAL E 311 -15.63 -22.92 97.21
C VAL E 311 -15.90 -23.37 98.64
N PRO E 312 -15.36 -24.50 99.09
CA PRO E 312 -15.55 -24.91 100.49
C PRO E 312 -14.78 -24.01 101.43
N ALA E 313 -15.41 -23.63 102.53
CA ALA E 313 -14.81 -22.69 103.48
C ALA E 313 -13.69 -23.36 104.27
N GLU F 70 -76.17 30.40 69.78
CA GLU F 70 -74.91 31.20 69.80
C GLU F 70 -74.12 30.99 68.52
N LYS F 71 -73.41 32.03 68.06
CA LYS F 71 -72.60 31.95 66.87
C LYS F 71 -71.24 32.59 67.13
N LYS F 72 -70.21 32.13 66.43
CA LYS F 72 -68.86 32.63 66.65
C LYS F 72 -68.14 32.85 65.33
N PHE F 73 -67.47 34.01 65.20
CA PHE F 73 -66.81 34.45 63.99
C PHE F 73 -65.34 34.75 64.28
N THR F 74 -64.49 34.57 63.26
CA THR F 74 -63.10 35.02 63.32
C THR F 74 -62.76 35.76 62.04
N PHE F 75 -62.16 36.95 62.18
CA PHE F 75 -61.79 37.78 61.04
C PHE F 75 -60.29 38.10 61.07
N TRP F 76 -59.69 38.23 59.88
CA TRP F 76 -58.35 38.79 59.79
C TRP F 76 -58.37 40.27 60.19
N ALA F 77 -57.48 40.64 61.09
CA ALA F 77 -57.45 41.97 61.69
C ALA F 77 -56.17 42.74 61.41
N ASP F 78 -55.06 42.06 61.12
CA ASP F 78 -53.85 42.78 60.69
C ASP F 78 -53.29 42.21 59.40
N LYS F 79 -52.85 43.10 58.51
CA LYS F 79 -52.18 42.65 57.30
C LYS F 79 -50.67 42.68 57.47
N PRO F 80 -49.94 41.67 56.99
CA PRO F 80 -48.48 41.68 57.15
C PRO F 80 -47.83 42.84 56.42
N GLY F 81 -46.89 43.49 57.11
CA GLY F 81 -46.16 44.59 56.50
C GLY F 81 -45.28 44.12 55.35
N ALA F 82 -44.64 45.09 54.70
CA ALA F 82 -43.62 44.78 53.70
C ALA F 82 -42.57 45.89 53.66
N TYR F 83 -41.35 45.52 53.27
CA TYR F 83 -40.19 46.38 53.40
C TYR F 83 -39.44 46.50 52.07
N TRP F 84 -38.93 47.70 51.81
CA TRP F 84 -37.91 47.89 50.78
C TRP F 84 -36.56 47.47 51.32
N VAL F 85 -35.82 46.69 50.53
CA VAL F 85 -34.59 46.05 50.97
C VAL F 85 -33.48 46.29 49.95
N GLY F 86 -32.39 46.91 50.40
CA GLY F 86 -31.23 47.09 49.54
C GLY F 86 -30.65 45.75 49.15
N GLU F 87 -29.77 45.79 48.16
CA GLU F 87 -29.10 44.58 47.68
C GLU F 87 -28.38 43.84 48.81
N GLY F 88 -28.86 42.63 49.10
CA GLY F 88 -28.37 41.82 50.20
C GLY F 88 -28.57 42.35 51.60
N GLN F 89 -29.47 43.31 51.80
CA GLN F 89 -29.78 43.73 53.16
C GLN F 89 -30.67 42.71 53.86
N LYS F 90 -30.57 42.65 55.18
CA LYS F 90 -31.43 41.78 55.98
C LYS F 90 -32.90 42.12 55.83
N ILE F 91 -33.68 41.18 55.31
CA ILE F 91 -35.12 41.31 55.23
C ILE F 91 -35.73 41.17 56.62
N GLU F 92 -36.62 42.09 56.99
CA GLU F 92 -37.30 42.03 58.27
C GLU F 92 -38.62 41.25 58.21
N THR F 93 -39.05 40.79 59.38
CA THR F 93 -40.25 40.01 59.63
C THR F 93 -41.49 40.88 59.91
N SER F 94 -42.66 40.26 59.78
CA SER F 94 -43.92 40.89 60.16
C SER F 94 -44.96 39.80 60.42
N LYS F 95 -46.06 40.17 61.09
CA LYS F 95 -47.09 39.20 61.50
C LYS F 95 -48.49 39.63 61.09
N ALA F 96 -49.30 38.65 60.69
CA ALA F 96 -50.75 38.77 60.63
C ALA F 96 -51.39 38.57 62.01
N THR F 97 -52.66 38.97 62.12
CA THR F 97 -53.43 38.84 63.36
C THR F 97 -54.89 38.64 62.99
N TRP F 98 -55.65 38.01 63.91
CA TRP F 98 -57.09 37.88 63.79
C TRP F 98 -57.80 38.31 65.07
N VAL F 99 -59.10 38.55 64.96
CA VAL F 99 -59.97 38.85 66.10
C VAL F 99 -61.18 37.93 66.10
N ASN F 100 -61.67 37.60 67.30
CA ASN F 100 -62.85 36.77 67.48
C ASN F 100 -64.06 37.61 67.92
N ALA F 101 -65.23 37.26 67.39
CA ALA F 101 -66.49 37.90 67.74
C ALA F 101 -67.52 36.81 68.00
N THR F 102 -68.56 37.15 68.78
CA THR F 102 -69.60 36.17 69.06
C THR F 102 -70.95 36.84 69.18
N MET F 103 -71.99 36.07 68.85
CA MET F 103 -73.36 36.54 68.80
C MET F 103 -74.26 35.64 69.66
N GLU G 70 -47.07 87.94 -35.76
CA GLU G 70 -45.67 88.10 -35.26
C GLU G 70 -44.96 86.75 -35.17
N LYS G 71 -43.65 86.76 -35.41
CA LYS G 71 -42.83 85.57 -35.34
C LYS G 71 -41.59 85.86 -34.50
N LYS G 72 -41.08 84.82 -33.82
CA LYS G 72 -39.93 84.97 -32.95
C LYS G 72 -38.94 83.82 -33.14
N PHE G 73 -37.65 84.15 -33.13
CA PHE G 73 -36.57 83.19 -33.36
C PHE G 73 -35.49 83.33 -32.29
N THR G 74 -34.86 82.21 -31.95
CA THR G 74 -33.66 82.18 -31.12
C THR G 74 -32.56 81.44 -31.87
N PHE G 75 -31.37 82.06 -31.95
CA PHE G 75 -30.23 81.47 -32.64
C PHE G 75 -29.05 81.37 -31.70
N TRP G 76 -28.22 80.35 -31.89
CA TRP G 76 -26.93 80.33 -31.23
C TRP G 76 -26.06 81.48 -31.74
N ALA G 77 -25.36 82.12 -30.80
CA ALA G 77 -24.56 83.30 -31.06
C ALA G 77 -23.12 83.15 -30.59
N ASP G 78 -22.81 82.20 -29.70
CA ASP G 78 -21.41 81.91 -29.37
C ASP G 78 -21.17 80.41 -29.35
N LYS G 79 -20.07 79.96 -29.99
CA LYS G 79 -19.59 78.60 -29.72
C LYS G 79 -18.77 78.59 -28.44
N PRO G 80 -18.90 77.55 -27.59
CA PRO G 80 -18.02 77.44 -26.43
C PRO G 80 -16.57 77.18 -26.83
N GLY G 81 -15.64 77.82 -26.13
CA GLY G 81 -14.22 77.69 -26.43
C GLY G 81 -13.66 76.33 -26.05
N ALA G 82 -12.37 76.14 -26.31
CA ALA G 82 -11.65 74.96 -25.86
C ALA G 82 -10.17 75.27 -25.64
N TYR G 83 -9.54 74.53 -24.72
CA TYR G 83 -8.21 74.85 -24.20
C TYR G 83 -7.26 73.66 -24.32
N TRP G 84 -5.98 73.97 -24.56
CA TRP G 84 -4.90 72.99 -24.46
C TRP G 84 -4.45 72.91 -23.01
N VAL G 85 -4.74 71.79 -22.36
CA VAL G 85 -4.50 71.58 -20.94
C VAL G 85 -3.40 70.55 -20.76
N GLY G 86 -2.30 70.96 -20.14
CA GLY G 86 -1.26 70.00 -19.81
C GLY G 86 -1.76 68.96 -18.83
N GLU G 87 -1.02 67.86 -18.73
CA GLU G 87 -1.45 66.77 -17.86
C GLU G 87 -1.50 67.22 -16.40
N GLY G 88 -2.67 67.01 -15.81
CA GLY G 88 -3.02 67.46 -14.47
C GLY G 88 -3.17 68.96 -14.31
N GLN G 89 -3.25 69.72 -15.39
CA GLN G 89 -3.57 71.14 -15.29
C GLN G 89 -5.08 71.29 -15.11
N LYS G 90 -5.50 72.42 -14.53
CA LYS G 90 -6.93 72.71 -14.41
C LYS G 90 -7.57 73.03 -15.76
N ILE G 91 -8.64 72.30 -16.10
CA ILE G 91 -9.44 72.57 -17.29
C ILE G 91 -10.29 73.83 -17.07
N GLU G 92 -10.08 74.86 -17.90
CA GLU G 92 -10.90 76.07 -17.77
C GLU G 92 -12.30 75.85 -18.35
N THR G 93 -13.24 76.71 -17.93
CA THR G 93 -14.63 76.67 -18.38
C THR G 93 -14.90 77.58 -19.58
N SER G 94 -16.11 77.47 -20.13
CA SER G 94 -16.58 78.38 -21.18
C SER G 94 -18.11 78.36 -21.22
N LYS G 95 -18.70 79.31 -21.95
CA LYS G 95 -20.15 79.40 -22.12
C LYS G 95 -20.56 79.66 -23.55
N ALA G 96 -21.67 79.07 -23.98
CA ALA G 96 -22.39 79.50 -25.18
C ALA G 96 -23.42 80.57 -24.83
N THR G 97 -23.88 81.30 -25.86
CA THR G 97 -25.02 82.21 -25.71
C THR G 97 -25.89 82.19 -26.96
N TRP G 98 -27.14 82.64 -26.78
CA TRP G 98 -28.16 82.73 -27.82
C TRP G 98 -28.69 84.16 -27.95
N VAL G 99 -29.17 84.49 -29.15
CA VAL G 99 -29.70 85.80 -29.47
C VAL G 99 -31.13 85.68 -30.00
N ASN G 100 -31.99 86.61 -29.58
CA ASN G 100 -33.40 86.68 -29.97
C ASN G 100 -33.62 87.63 -31.15
N ALA G 101 -34.50 87.21 -32.07
CA ALA G 101 -34.93 88.02 -33.20
C ALA G 101 -36.45 87.92 -33.34
N THR G 102 -37.07 88.95 -33.90
CA THR G 102 -38.51 88.90 -34.10
C THR G 102 -38.90 89.64 -35.37
N MET G 103 -40.01 89.19 -35.96
CA MET G 103 -40.52 89.72 -37.21
C MET G 103 -42.00 90.09 -37.07
N GLU H 70 42.97 23.53 -90.66
CA GLU H 70 43.90 23.73 -89.51
C GLU H 70 43.38 23.02 -88.27
N LYS H 71 44.30 22.53 -87.44
CA LYS H 71 43.95 21.84 -86.21
C LYS H 71 44.75 22.41 -85.05
N LYS H 72 44.18 22.31 -83.84
CA LYS H 72 44.84 22.86 -82.66
C LYS H 72 44.65 21.90 -81.49
N PHE H 73 45.68 21.80 -80.65
CA PHE H 73 45.72 20.87 -79.53
C PHE H 73 46.18 21.56 -78.25
N THR H 74 45.60 21.12 -77.12
CA THR H 74 46.01 21.54 -75.78
C THR H 74 46.48 20.30 -75.03
N PHE H 75 47.71 20.34 -74.49
CA PHE H 75 48.26 19.22 -73.73
C PHE H 75 48.79 19.69 -72.38
N TRP H 76 48.64 18.85 -71.35
CA TRP H 76 49.23 19.19 -70.07
C TRP H 76 50.76 19.25 -70.20
N ALA H 77 51.36 20.23 -69.54
CA ALA H 77 52.79 20.44 -69.53
C ALA H 77 53.41 20.35 -68.14
N ASP H 78 52.71 20.75 -67.08
CA ASP H 78 53.27 20.64 -65.73
C ASP H 78 52.26 20.09 -64.76
N LYS H 79 52.69 19.07 -63.99
CA LYS H 79 51.94 18.42 -62.92
C LYS H 79 52.10 19.24 -61.64
N PRO H 80 51.07 19.29 -60.79
CA PRO H 80 51.24 19.97 -59.50
C PRO H 80 52.22 19.21 -58.62
N GLY H 81 53.04 19.95 -57.88
CA GLY H 81 53.99 19.35 -56.99
C GLY H 81 53.34 18.79 -55.74
N ALA H 82 54.19 18.38 -54.80
CA ALA H 82 53.74 17.91 -53.49
C ALA H 82 54.87 18.12 -52.49
N TYR H 83 54.48 18.33 -51.22
CA TYR H 83 55.43 18.62 -50.17
C TYR H 83 55.18 17.76 -48.93
N TRP H 84 56.28 17.36 -48.28
CA TRP H 84 56.20 16.76 -46.96
C TRP H 84 55.87 17.85 -45.95
N VAL H 85 54.79 17.67 -45.21
CA VAL H 85 54.28 18.67 -44.29
C VAL H 85 54.36 18.13 -42.87
N GLY H 86 55.11 18.82 -42.03
CA GLY H 86 55.13 18.47 -40.62
C GLY H 86 53.78 18.70 -39.97
N GLU H 87 53.61 18.10 -38.80
CA GLU H 87 52.35 18.22 -38.07
C GLU H 87 52.03 19.68 -37.79
N GLY H 88 50.97 20.20 -38.41
CA GLY H 88 50.58 21.59 -38.28
C GLY H 88 51.39 22.62 -39.04
N GLN H 89 52.22 22.20 -40.01
CA GLN H 89 52.90 23.15 -40.88
C GLN H 89 51.98 23.61 -42.02
N LYS H 90 52.35 24.71 -42.65
CA LYS H 90 51.59 25.26 -43.78
C LYS H 90 51.79 24.42 -45.02
N ILE H 91 50.69 23.92 -45.60
CA ILE H 91 50.77 23.24 -46.89
C ILE H 91 51.11 24.25 -47.98
N GLU H 92 52.25 24.06 -48.63
CA GLU H 92 52.64 24.89 -49.76
C GLU H 92 51.70 24.67 -50.94
N THR H 93 51.56 25.68 -51.80
CA THR H 93 50.74 25.57 -53.00
C THR H 93 51.56 25.13 -54.22
N SER H 94 50.84 24.81 -55.29
CA SER H 94 51.45 24.43 -56.57
C SER H 94 50.41 24.66 -57.67
N LYS H 95 50.88 24.72 -58.93
CA LYS H 95 50.03 24.98 -60.07
C LYS H 95 50.24 23.96 -61.17
N ALA H 96 49.17 23.70 -61.92
CA ALA H 96 49.23 22.94 -63.16
C ALA H 96 49.62 23.85 -64.32
N THR H 97 49.95 23.25 -65.46
CA THR H 97 50.21 24.07 -66.65
C THR H 97 49.98 23.25 -67.90
N TRP H 98 49.64 23.94 -69.00
CA TRP H 98 49.39 23.30 -70.29
C TRP H 98 50.06 24.10 -71.41
N VAL H 99 50.22 23.44 -72.56
CA VAL H 99 50.85 24.01 -73.75
C VAL H 99 49.97 23.74 -74.98
N ASN H 100 50.05 24.66 -75.94
CA ASN H 100 49.27 24.62 -77.19
C ASN H 100 50.14 24.21 -78.36
N ALA H 101 49.54 23.47 -79.29
CA ALA H 101 50.19 23.08 -80.54
C ALA H 101 49.19 23.24 -81.68
N THR H 102 49.70 23.36 -82.91
CA THR H 102 48.80 23.51 -84.05
C THR H 102 49.40 22.86 -85.29
N MET H 103 48.51 22.41 -86.17
CA MET H 103 48.85 21.73 -87.41
C MET H 103 48.15 22.41 -88.60
N GLU I 70 70.12 -73.92 -19.10
CA GLU I 70 70.47 -73.05 -17.95
C GLU I 70 69.25 -72.29 -17.43
N LYS I 71 69.25 -72.02 -16.12
CA LYS I 71 68.19 -71.27 -15.47
C LYS I 71 68.80 -70.18 -14.62
N LYS I 72 68.08 -69.06 -14.48
CA LYS I 72 68.59 -67.91 -13.74
C LYS I 72 67.51 -67.36 -12.81
N PHE I 73 67.89 -67.04 -11.58
CA PHE I 73 67.01 -66.57 -10.53
C PHE I 73 67.51 -65.23 -10.01
N THR I 74 66.59 -64.29 -9.80
CA THR I 74 66.84 -63.13 -8.95
C THR I 74 65.99 -63.27 -7.69
N PHE I 75 66.61 -63.09 -6.53
CA PHE I 75 65.91 -63.16 -5.25
C PHE I 75 66.06 -61.86 -4.49
N TRP I 76 65.03 -61.43 -3.79
CA TRP I 76 65.19 -60.32 -2.85
C TRP I 76 66.15 -60.72 -1.74
N ALA I 77 67.10 -59.84 -1.42
CA ALA I 77 68.14 -60.13 -0.43
C ALA I 77 68.10 -59.19 0.77
N ASP I 78 68.00 -57.87 0.57
CA ASP I 78 67.87 -56.93 1.68
C ASP I 78 66.51 -56.25 1.66
N LYS I 79 65.78 -56.41 2.78
CA LYS I 79 64.58 -55.65 3.07
C LYS I 79 64.95 -54.23 3.49
N PRO I 80 64.15 -53.23 3.13
CA PRO I 80 64.40 -51.87 3.62
C PRO I 80 64.22 -51.76 5.12
N GLY I 81 64.80 -50.70 5.69
CA GLY I 81 64.72 -50.43 7.12
C GLY I 81 63.60 -49.46 7.47
N ALA I 82 63.59 -49.04 8.73
CA ALA I 82 62.59 -48.10 9.20
C ALA I 82 63.12 -47.33 10.39
N TYR I 83 62.53 -46.15 10.60
CA TYR I 83 63.06 -45.17 11.54
C TYR I 83 61.96 -44.61 12.43
N TRP I 84 62.22 -44.51 13.73
CA TRP I 84 61.35 -43.72 14.58
C TRP I 84 61.59 -42.25 14.31
N VAL I 85 60.52 -41.54 13.92
CA VAL I 85 60.61 -40.17 13.45
C VAL I 85 59.75 -39.29 14.33
N GLY I 86 60.36 -38.27 14.95
CA GLY I 86 59.58 -37.29 15.65
C GLY I 86 58.72 -36.50 14.70
N GLU I 87 57.68 -35.86 15.24
CA GLU I 87 56.80 -35.06 14.38
C GLU I 87 57.56 -33.89 13.79
N GLY I 88 57.45 -33.75 12.46
CA GLY I 88 58.18 -32.74 11.72
C GLY I 88 59.65 -33.02 11.49
N GLN I 89 60.18 -34.15 11.94
CA GLN I 89 61.56 -34.50 11.67
C GLN I 89 61.70 -35.15 10.29
N LYS I 90 62.94 -35.11 9.77
CA LYS I 90 63.24 -35.70 8.46
C LYS I 90 63.11 -37.22 8.49
N ILE I 91 62.24 -37.77 7.64
CA ILE I 91 62.19 -39.20 7.39
C ILE I 91 63.43 -39.59 6.59
N GLU I 92 64.32 -40.40 7.16
CA GLU I 92 65.47 -40.85 6.40
C GLU I 92 65.10 -41.93 5.37
N THR I 93 66.02 -42.12 4.41
CA THR I 93 65.85 -43.07 3.32
C THR I 93 66.49 -44.43 3.62
N SER I 94 66.18 -45.42 2.77
CA SER I 94 66.77 -46.76 2.85
C SER I 94 66.62 -47.43 1.49
N LYS I 95 67.32 -48.56 1.30
CA LYS I 95 67.26 -49.27 0.02
C LYS I 95 67.13 -50.78 0.19
N ALA I 96 66.33 -51.39 -0.69
CA ALA I 96 66.25 -52.84 -0.89
C ALA I 96 67.24 -53.29 -1.96
N THR I 97 67.68 -54.54 -1.86
CA THR I 97 68.53 -55.08 -2.95
C THR I 97 68.22 -56.55 -3.24
N TRP I 98 68.40 -56.92 -4.52
CA TRP I 98 68.30 -58.30 -4.98
C TRP I 98 69.68 -58.94 -5.21
N VAL I 99 69.68 -60.28 -5.28
CA VAL I 99 70.86 -61.09 -5.58
C VAL I 99 70.55 -62.03 -6.75
N ASN I 100 71.57 -62.31 -7.56
CA ASN I 100 71.45 -63.20 -8.72
C ASN I 100 72.09 -64.56 -8.43
N ALA I 101 71.40 -65.64 -8.78
CA ALA I 101 71.94 -66.99 -8.70
C ALA I 101 71.45 -67.82 -9.89
N THR I 102 72.20 -68.86 -10.25
CA THR I 102 71.97 -69.51 -11.53
C THR I 102 72.28 -71.00 -11.45
N MET I 103 71.65 -71.76 -12.35
CA MET I 103 71.72 -73.22 -12.38
C MET I 103 72.06 -73.70 -13.79
N GLU J 70 -4.19 -69.64 80.28
CA GLU J 70 -3.60 -68.32 80.59
C GLU J 70 -3.99 -67.28 79.56
N LYS J 71 -4.13 -66.03 80.01
CA LYS J 71 -4.44 -64.90 79.16
C LYS J 71 -3.52 -63.74 79.51
N LYS J 72 -3.24 -62.90 78.50
CA LYS J 72 -2.33 -61.78 78.67
C LYS J 72 -2.90 -60.55 77.98
N PHE J 73 -2.65 -59.39 78.58
CA PHE J 73 -3.18 -58.11 78.12
C PHE J 73 -2.08 -57.06 78.13
N THR J 74 -2.19 -56.08 77.24
CA THR J 74 -1.34 -54.89 77.29
C THR J 74 -2.22 -53.66 77.15
N PHE J 75 -1.97 -52.66 78.00
CA PHE J 75 -2.81 -51.46 78.09
C PHE J 75 -1.94 -50.21 77.98
N TRP J 76 -2.50 -49.17 77.38
CA TRP J 76 -1.85 -47.87 77.48
C TRP J 76 -1.87 -47.38 78.92
N ALA J 77 -0.74 -46.85 79.36
CA ALA J 77 -0.55 -46.42 80.74
C ALA J 77 -0.12 -44.96 80.84
N ASP J 78 0.86 -44.52 80.04
CA ASP J 78 1.20 -43.10 79.96
C ASP J 78 0.73 -42.52 78.64
N LYS J 79 -0.10 -41.47 78.72
CA LYS J 79 -0.41 -40.63 77.58
C LYS J 79 0.77 -39.71 77.28
N PRO J 80 1.02 -39.38 76.01
CA PRO J 80 1.95 -38.29 75.72
C PRO J 80 1.44 -36.98 76.29
N GLY J 81 2.37 -36.09 76.64
CA GLY J 81 2.05 -34.74 77.04
C GLY J 81 1.89 -33.81 75.85
N ALA J 82 1.70 -32.52 76.17
CA ALA J 82 1.67 -31.50 75.12
C ALA J 82 2.13 -30.16 75.70
N TYR J 83 2.73 -29.34 74.84
CA TYR J 83 3.42 -28.12 75.25
C TYR J 83 2.87 -26.88 74.54
N TRP J 84 2.86 -25.76 75.26
CA TRP J 84 2.65 -24.45 74.64
C TRP J 84 3.97 -23.97 74.06
N VAL J 85 3.95 -23.51 72.83
CA VAL J 85 5.16 -23.16 72.10
C VAL J 85 5.04 -21.73 71.59
N GLY J 86 6.02 -20.89 71.93
CA GLY J 86 6.05 -19.54 71.41
C GLY J 86 6.37 -19.52 69.93
N GLU J 87 6.21 -18.34 69.33
CA GLU J 87 6.49 -18.21 67.91
C GLU J 87 7.95 -18.56 67.61
N GLY J 88 8.15 -19.56 66.76
CA GLY J 88 9.47 -20.00 66.38
C GLY J 88 10.27 -20.71 67.45
N GLN J 89 9.68 -21.04 68.60
CA GLN J 89 10.40 -21.75 69.64
C GLN J 89 10.49 -23.24 69.32
N LYS J 90 11.32 -23.95 70.08
CA LYS J 90 11.46 -25.40 69.94
C LYS J 90 10.27 -26.14 70.53
N ILE J 91 9.66 -27.01 69.72
CA ILE J 91 8.67 -27.96 70.22
C ILE J 91 9.39 -29.06 70.99
N GLU J 92 9.00 -29.28 72.24
CA GLU J 92 9.58 -30.39 73.00
C GLU J 92 8.84 -31.71 72.73
N THR J 93 9.53 -32.81 73.05
CA THR J 93 9.09 -34.19 72.85
C THR J 93 8.36 -34.78 74.06
N SER J 94 7.66 -35.89 73.83
CA SER J 94 7.05 -36.67 74.89
C SER J 94 6.79 -38.09 74.36
N LYS J 95 6.51 -39.02 75.29
CA LYS J 95 6.34 -40.42 74.95
C LYS J 95 5.07 -41.01 75.58
N ALA J 96 4.47 -41.96 74.88
CA ALA J 96 3.51 -42.88 75.46
C ALA J 96 4.21 -44.07 76.11
N THR J 97 3.51 -44.75 77.02
CA THR J 97 3.96 -46.07 77.49
C THR J 97 2.79 -47.00 77.72
N TRP J 98 3.10 -48.30 77.77
CA TRP J 98 2.13 -49.38 78.00
C TRP J 98 2.57 -50.29 79.13
N VAL J 99 1.61 -51.01 79.70
CA VAL J 99 1.83 -51.93 80.81
C VAL J 99 1.21 -53.28 80.50
N ASN J 100 1.93 -54.36 80.88
CA ASN J 100 1.52 -55.75 80.66
C ASN J 100 0.86 -56.34 81.89
N ALA J 101 -0.17 -57.14 81.67
CA ALA J 101 -0.86 -57.87 82.74
C ALA J 101 -1.18 -59.28 82.24
N THR J 102 -1.39 -60.20 83.18
CA THR J 102 -1.78 -61.55 82.79
C THR J 102 -2.71 -62.12 83.86
N MET J 103 -3.73 -62.84 83.41
CA MET J 103 -4.68 -63.47 84.34
C MET J 103 -5.13 -64.83 83.82
N SER K 16 -5.84 63.48 11.40
CA SER K 16 -4.86 64.21 12.26
C SER K 16 -4.62 63.45 13.56
N ASN K 17 -3.63 63.88 14.34
CA ASN K 17 -3.29 63.23 15.60
C ASN K 17 -4.03 63.78 16.82
N ASN K 18 -5.01 64.66 16.64
CA ASN K 18 -5.85 65.04 17.77
C ASN K 18 -6.65 63.84 18.25
N VAL K 19 -6.54 63.51 19.54
CA VAL K 19 -7.26 62.36 20.06
C VAL K 19 -8.63 62.75 20.61
N LYS K 20 -8.86 64.04 20.90
CA LYS K 20 -10.21 64.51 21.15
C LYS K 20 -10.96 64.62 19.81
N PRO K 21 -12.24 64.26 19.76
CA PRO K 21 -12.95 64.28 18.48
C PRO K 21 -12.90 65.64 17.79
N GLN K 22 -13.07 65.60 16.47
CA GLN K 22 -12.98 66.80 15.65
C GLN K 22 -14.06 67.80 16.03
N VAL K 23 -13.65 68.99 16.46
CA VAL K 23 -14.57 70.10 16.68
C VAL K 23 -14.92 70.75 15.35
N PHE K 24 -16.20 70.78 15.02
CA PHE K 24 -16.67 71.48 13.82
C PHE K 24 -17.33 72.80 14.18
N ASN K 25 -17.38 73.69 13.20
CA ASN K 25 -17.97 75.01 13.36
C ASN K 25 -18.80 75.39 12.15
N PRO K 26 -20.14 75.37 12.24
CA PRO K 26 -20.98 74.95 13.38
C PRO K 26 -20.88 73.45 13.70
N ASP K 27 -21.18 73.12 14.95
CA ASP K 27 -21.17 71.76 15.48
C ASP K 27 -22.29 70.85 14.97
N ASN K 28 -22.63 70.91 13.68
CA ASN K 28 -23.76 70.14 13.18
C ASN K 28 -23.44 68.69 12.83
N VAL K 29 -22.17 68.32 12.68
CA VAL K 29 -21.85 66.95 12.25
C VAL K 29 -22.22 65.95 13.34
N MET K 30 -22.97 64.92 12.96
CA MET K 30 -23.24 63.78 13.84
C MET K 30 -21.95 63.01 14.12
N MET K 31 -21.71 62.67 15.38
CA MET K 31 -20.46 62.02 15.77
C MET K 31 -20.71 60.82 16.66
N HIS K 32 -19.88 59.79 16.46
CA HIS K 32 -19.92 58.58 17.29
C HIS K 32 -19.30 58.82 18.66
N GLU K 33 -18.30 59.70 18.75
CA GLU K 33 -17.57 59.97 19.98
C GLU K 33 -17.93 61.36 20.50
N LYS K 34 -18.39 61.41 21.76
CA LYS K 34 -18.75 62.68 22.36
C LYS K 34 -17.48 63.50 22.65
N LYS K 35 -17.69 64.79 22.96
CA LYS K 35 -16.56 65.65 23.29
C LYS K 35 -15.79 65.15 24.50
N ASP K 36 -16.46 64.45 25.41
CA ASP K 36 -15.79 63.90 26.59
C ASP K 36 -15.14 62.55 26.31
N GLY K 37 -15.16 62.08 25.06
CA GLY K 37 -14.57 60.82 24.68
C GLY K 37 -15.48 59.61 24.78
N THR K 38 -16.73 59.77 25.19
CA THR K 38 -17.64 58.64 25.26
C THR K 38 -18.00 58.16 23.86
N LEU K 39 -18.09 56.84 23.69
CA LEU K 39 -18.38 56.22 22.41
C LEU K 39 -19.76 55.56 22.48
N MET K 40 -20.64 55.94 21.54
CA MET K 40 -21.99 55.37 21.46
C MET K 40 -21.99 54.03 20.71
N ASN K 41 -21.35 53.03 21.32
CA ASN K 41 -21.46 51.66 20.83
C ASN K 41 -22.70 51.03 21.43
N GLU K 42 -23.25 50.04 20.74
CA GLU K 42 -24.45 49.33 21.21
C GLU K 42 -25.63 50.29 21.41
N PHE K 43 -25.57 51.45 20.76
CA PHE K 43 -26.59 52.48 20.90
C PHE K 43 -27.94 52.05 20.36
N THR K 44 -28.95 52.08 21.24
CA THR K 44 -30.31 51.74 20.84
C THR K 44 -30.92 52.87 20.00
N THR K 45 -31.68 52.47 18.98
CA THR K 45 -32.30 53.45 18.09
C THR K 45 -33.38 54.26 18.81
N PRO K 46 -33.39 55.59 18.66
CA PRO K 46 -34.43 56.42 19.29
C PRO K 46 -35.83 56.04 18.86
N ILE K 47 -36.82 56.50 19.63
CA ILE K 47 -38.22 56.28 19.33
C ILE K 47 -38.95 57.62 19.28
N LEU K 48 -39.99 57.65 18.46
CA LEU K 48 -40.78 58.87 18.19
C LEU K 48 -41.66 59.21 19.38
N GLN K 49 -41.18 60.13 20.23
CA GLN K 49 -41.97 60.57 21.36
C GLN K 49 -43.14 61.46 20.95
N GLU K 50 -43.08 62.08 19.76
CA GLU K 50 -44.14 62.93 19.25
C GLU K 50 -44.54 62.46 17.86
N VAL K 51 -45.80 62.70 17.50
CA VAL K 51 -46.26 62.36 16.16
C VAL K 51 -45.67 63.32 15.14
N MET K 52 -45.42 62.78 13.95
CA MET K 52 -44.88 63.56 12.83
C MET K 52 -45.89 64.62 12.36
N GLU K 53 -45.45 65.88 12.33
CA GLU K 53 -46.26 67.00 11.89
C GLU K 53 -46.40 67.08 10.37
N ASN K 54 -47.53 67.64 9.91
CA ASN K 54 -47.88 67.77 8.50
C ASN K 54 -48.15 69.22 8.11
N SER K 55 -47.83 69.55 6.85
CA SER K 55 -48.05 70.89 6.31
C SER K 55 -49.52 71.33 6.34
N LYS K 56 -49.78 72.41 7.07
CA LYS K 56 -51.13 72.95 7.17
C LYS K 56 -51.60 73.67 5.90
N ILE K 57 -50.75 74.49 5.27
CA ILE K 57 -51.23 75.11 4.04
C ILE K 57 -51.41 74.09 2.91
N MET K 58 -50.60 73.03 2.90
CA MET K 58 -50.86 71.96 1.93
C MET K 58 -52.13 71.19 2.29
N GLN K 59 -52.52 71.23 3.57
CA GLN K 59 -53.75 70.58 4.00
C GLN K 59 -54.98 71.41 3.65
N LEU K 60 -54.96 72.70 4.00
CA LEU K 60 -56.10 73.60 3.79
C LEU K 60 -56.20 74.15 2.36
N GLY K 61 -55.11 74.72 1.84
CA GLY K 61 -55.14 75.39 0.55
C GLY K 61 -55.44 74.48 -0.64
N LYS K 62 -55.67 75.14 -1.77
CA LYS K 62 -55.95 74.49 -3.05
C LYS K 62 -54.66 74.27 -3.84
N TYR K 63 -54.39 73.01 -4.18
CA TYR K 63 -53.27 72.68 -5.04
C TYR K 63 -53.43 73.24 -6.45
N GLU K 64 -52.34 73.73 -7.02
CA GLU K 64 -52.31 74.30 -8.37
C GLU K 64 -51.36 73.52 -9.26
N PRO K 65 -51.83 72.76 -10.27
CA PRO K 65 -50.89 72.14 -11.20
C PRO K 65 -49.95 73.17 -11.79
N MET K 66 -48.65 72.99 -11.59
CA MET K 66 -47.67 73.98 -12.01
C MET K 66 -46.50 73.32 -12.70
N GLU K 67 -46.14 73.84 -13.86
CA GLU K 67 -44.97 73.41 -14.62
C GLU K 67 -43.92 74.50 -14.53
N GLY K 68 -42.75 74.15 -14.01
CA GLY K 68 -41.72 75.17 -13.82
C GLY K 68 -42.19 76.21 -12.82
N THR K 69 -41.98 77.48 -13.16
CA THR K 69 -42.08 78.54 -12.17
C THR K 69 -42.62 79.83 -12.77
N ARG K 104 -44.84 82.42 -8.60
CA ARG K 104 -43.42 82.37 -8.30
C ARG K 104 -43.12 81.10 -7.50
N ALA K 105 -41.87 80.64 -7.50
CA ALA K 105 -41.45 79.58 -6.59
C ALA K 105 -40.07 79.89 -6.02
N PHE K 106 -39.78 79.28 -4.87
CA PHE K 106 -38.50 79.43 -4.20
C PHE K 106 -38.00 78.09 -3.67
N LYS K 107 -36.68 77.90 -3.76
CA LYS K 107 -36.05 76.66 -3.31
C LYS K 107 -35.88 76.65 -1.79
N LEU K 108 -36.41 75.61 -1.15
CA LEU K 108 -35.98 75.15 0.16
C LEU K 108 -34.88 74.12 0.02
N GLY K 109 -34.03 74.02 1.04
CA GLY K 109 -33.09 72.90 1.09
C GLY K 109 -32.31 72.85 2.38
N VAL K 110 -31.62 71.72 2.57
CA VAL K 110 -30.76 71.53 3.72
C VAL K 110 -29.78 70.39 3.43
N ILE K 111 -28.66 70.37 4.17
CA ILE K 111 -27.67 69.31 4.07
C ILE K 111 -27.35 68.81 5.49
N LEU K 112 -27.36 67.49 5.68
CA LEU K 112 -26.99 66.88 6.95
C LEU K 112 -25.67 66.11 6.84
N PRO K 113 -24.59 66.56 7.46
CA PRO K 113 -23.35 65.78 7.46
C PRO K 113 -23.30 64.78 8.61
N VAL K 114 -22.71 63.60 8.34
CA VAL K 114 -22.61 62.49 9.28
C VAL K 114 -21.21 61.90 9.25
N THR K 115 -20.63 61.64 10.42
CA THR K 115 -19.36 60.94 10.51
C THR K 115 -19.54 59.46 10.14
N LYS K 116 -18.61 58.95 9.35
CA LYS K 116 -18.75 57.58 8.85
C LYS K 116 -18.81 56.57 10.00
N GLU K 117 -18.01 56.78 11.06
CA GLU K 117 -18.09 55.91 12.24
C GLU K 117 -19.50 55.86 12.82
N PHE K 118 -20.11 57.04 13.02
CA PHE K 118 -21.49 57.10 13.45
C PHE K 118 -22.38 56.27 12.54
N LEU K 119 -22.18 56.39 11.23
CA LEU K 119 -23.00 55.62 10.30
C LEU K 119 -22.76 54.12 10.38
N ASN K 120 -21.59 53.69 10.89
CA ASN K 120 -21.28 52.27 10.90
C ASN K 120 -21.61 51.59 12.22
N TYR K 121 -21.21 52.18 13.34
CA TYR K 121 -21.35 51.57 14.66
C TYR K 121 -22.58 52.06 15.40
N THR K 122 -22.78 53.38 15.46
CA THR K 122 -23.86 53.93 16.29
C THR K 122 -25.23 53.72 15.67
N TYR K 123 -25.41 54.10 14.40
CA TYR K 123 -26.77 54.09 13.84
C TYR K 123 -26.67 53.96 12.31
N SER K 124 -26.75 52.73 11.82
CA SER K 124 -26.60 52.47 10.39
C SER K 124 -27.74 53.08 9.56
N GLN K 125 -28.98 52.88 10.00
CA GLN K 125 -30.15 53.33 9.22
C GLN K 125 -30.46 54.82 9.36
N PHE K 126 -29.56 55.62 9.94
CA PHE K 126 -29.84 57.04 10.16
C PHE K 126 -30.50 57.77 8.97
N PHE K 127 -29.83 57.80 7.81
CA PHE K 127 -30.39 58.55 6.68
C PHE K 127 -31.76 58.06 6.24
N GLU K 128 -32.06 56.79 6.46
CA GLU K 128 -33.35 56.28 6.01
C GLU K 128 -34.47 56.67 6.97
N GLU K 129 -34.14 56.85 8.25
CA GLU K 129 -35.11 57.23 9.24
C GLU K 129 -35.20 58.74 9.45
N MET K 130 -34.21 59.49 8.97
CA MET K 130 -34.25 60.95 9.05
C MET K 130 -35.07 61.64 7.96
N LYS K 131 -35.25 61.03 6.80
CA LYS K 131 -35.96 61.72 5.71
C LYS K 131 -37.32 62.27 6.10
N PRO K 132 -38.17 61.56 6.84
CA PRO K 132 -39.43 62.20 7.28
C PRO K 132 -39.18 63.40 8.15
N MET K 133 -38.16 63.36 9.00
CA MET K 133 -37.88 64.48 9.90
C MET K 133 -37.44 65.73 9.13
N ILE K 134 -36.79 65.54 7.97
CA ILE K 134 -36.49 66.68 7.12
C ILE K 134 -37.77 67.19 6.49
N ALA K 135 -38.56 66.30 5.91
CA ALA K 135 -39.77 66.75 5.24
C ALA K 135 -40.67 67.52 6.20
N GLU K 136 -40.75 67.05 7.45
CA GLU K 136 -41.41 67.81 8.51
C GLU K 136 -40.84 69.21 8.63
N ALA K 137 -39.51 69.33 8.65
CA ALA K 137 -38.94 70.67 8.78
C ALA K 137 -39.36 71.56 7.61
N PHE K 138 -39.37 71.03 6.39
CA PHE K 138 -39.79 71.84 5.24
C PHE K 138 -41.24 72.27 5.39
N TYR K 139 -42.11 71.34 5.79
CA TYR K 139 -43.51 71.71 5.96
C TYR K 139 -43.65 72.83 6.99
N LYS K 140 -42.93 72.74 8.10
CA LYS K 140 -42.99 73.80 9.12
C LYS K 140 -42.46 75.12 8.58
N LYS K 141 -41.39 75.09 7.78
CA LYS K 141 -40.87 76.33 7.18
C LYS K 141 -41.90 76.96 6.25
N PHE K 142 -42.50 76.14 5.38
CA PHE K 142 -43.45 76.67 4.40
C PHE K 142 -44.72 77.17 5.08
N ASP K 143 -45.21 76.43 6.09
CA ASP K 143 -46.36 76.90 6.87
C ASP K 143 -46.04 78.21 7.57
N GLU K 144 -44.88 78.29 8.23
CA GLU K 144 -44.51 79.47 8.98
C GLU K 144 -44.36 80.69 8.08
N ALA K 145 -43.91 80.48 6.85
CA ALA K 145 -43.86 81.57 5.87
C ALA K 145 -45.25 81.97 5.40
N GLY K 146 -46.02 81.00 4.89
CA GLY K 146 -47.32 81.33 4.32
C GLY K 146 -48.29 81.89 5.34
N ILE K 147 -48.46 81.17 6.46
CA ILE K 147 -49.39 81.61 7.51
C ILE K 147 -48.87 82.87 8.20
N LEU K 148 -47.70 82.77 8.81
CA LEU K 148 -47.29 83.71 9.86
C LEU K 148 -46.32 84.78 9.39
N ASN K 149 -45.87 84.73 8.14
CA ASN K 149 -44.87 85.68 7.63
C ASN K 149 -43.54 85.63 8.38
N GLN K 150 -43.27 84.55 9.09
CA GLN K 150 -42.01 84.39 9.81
C GLN K 150 -41.08 83.47 9.02
N GLY K 151 -39.81 83.46 9.43
CA GLY K 151 -38.82 82.62 8.77
C GLY K 151 -38.39 83.14 7.42
N ASN K 152 -38.31 84.46 7.28
CA ASN K 152 -37.77 85.12 6.08
C ASN K 152 -38.50 84.74 4.79
N ASN K 153 -39.83 84.69 4.85
CA ASN K 153 -40.61 84.20 3.72
C ASN K 153 -40.31 85.03 2.47
N PRO K 154 -39.77 84.42 1.41
CA PRO K 154 -39.37 85.22 0.24
C PRO K 154 -40.53 85.68 -0.62
N PHE K 155 -41.70 85.05 -0.49
CA PHE K 155 -42.79 85.26 -1.44
C PHE K 155 -43.34 86.68 -1.45
N GLY K 156 -43.07 87.49 -0.42
CA GLY K 156 -43.73 88.77 -0.29
C GLY K 156 -45.22 88.68 -0.03
N LYS K 157 -45.74 87.47 0.13
CA LYS K 157 -47.15 87.19 0.37
C LYS K 157 -47.25 86.43 1.69
N SER K 158 -48.36 86.62 2.41
CA SER K 158 -48.67 85.76 3.55
C SER K 158 -50.07 86.08 4.05
N ILE K 159 -50.63 85.13 4.80
CA ILE K 159 -51.91 85.39 5.45
C ILE K 159 -51.80 86.56 6.41
N ALA K 160 -50.73 86.56 7.21
CA ALA K 160 -50.50 87.67 8.14
C ALA K 160 -50.42 89.02 7.43
N GLN K 161 -49.77 89.09 6.27
CA GLN K 161 -49.77 90.35 5.52
C GLN K 161 -51.14 90.65 4.93
N SER K 162 -51.87 89.64 4.48
CA SER K 162 -53.19 89.86 3.93
C SER K 162 -54.12 90.48 4.97
N ILE K 163 -54.10 89.91 6.17
CA ILE K 163 -54.93 90.40 7.26
C ILE K 163 -54.44 91.77 7.72
N GLU K 164 -53.13 91.96 7.83
CA GLU K 164 -52.62 93.28 8.21
C GLU K 164 -52.99 94.34 7.19
N LYS K 165 -53.12 93.96 5.92
CA LYS K 165 -53.55 94.89 4.89
C LYS K 165 -55.02 95.24 5.03
N THR K 166 -55.88 94.23 5.02
CA THR K 166 -57.32 94.45 5.10
C THR K 166 -57.83 94.83 6.48
N ASN K 167 -56.97 94.80 7.50
CA ASN K 167 -57.34 95.17 8.88
C ASN K 167 -58.53 94.35 9.40
N LYS K 168 -58.68 93.12 8.90
CA LYS K 168 -59.78 92.24 9.31
C LYS K 168 -59.46 91.51 10.62
N VAL K 169 -59.31 92.30 11.69
CA VAL K 169 -58.89 91.80 13.00
C VAL K 169 -59.93 92.13 14.07
N ILE K 170 -60.19 91.16 14.94
CA ILE K 170 -61.09 91.29 16.10
C ILE K 170 -60.27 91.28 17.39
N LYS K 171 -60.33 92.38 18.13
CA LYS K 171 -59.74 92.46 19.47
C LYS K 171 -60.72 91.86 20.47
N GLY K 172 -60.31 90.84 21.22
CA GLY K 172 -61.21 90.32 22.24
C GLY K 172 -60.82 88.94 22.72
N ASP K 173 -61.43 88.56 23.84
CA ASP K 173 -61.36 87.23 24.42
C ASP K 173 -62.25 86.27 23.63
N PHE K 174 -62.04 84.97 23.84
CA PHE K 174 -62.86 83.98 23.15
C PHE K 174 -64.24 83.93 23.77
N THR K 175 -65.26 84.27 22.97
CA THR K 175 -66.65 84.19 23.37
C THR K 175 -67.45 83.75 22.16
N GLN K 176 -68.67 83.26 22.38
CA GLN K 176 -69.48 82.87 21.23
C GLN K 176 -69.74 84.06 20.32
N ASP K 177 -69.96 85.23 20.92
CA ASP K 177 -70.19 86.43 20.12
C ASP K 177 -68.94 86.84 19.35
N ASN K 178 -67.75 86.64 19.92
CA ASN K 178 -66.55 86.98 19.17
C ASN K 178 -66.26 85.97 18.08
N ILE K 179 -66.62 84.71 18.28
CA ILE K 179 -66.47 83.72 17.21
C ILE K 179 -67.42 84.06 16.07
N ILE K 180 -68.64 84.49 16.42
CA ILE K 180 -69.62 84.85 15.40
C ILE K 180 -69.17 86.10 14.65
N ASP K 181 -68.63 87.10 15.37
CA ASP K 181 -68.13 88.29 14.69
C ASP K 181 -66.94 87.95 13.78
N LEU K 182 -66.05 87.08 14.24
CA LEU K 182 -64.92 86.68 13.41
C LEU K 182 -65.42 86.07 12.10
N GLU K 183 -66.40 85.18 12.19
CA GLU K 183 -66.96 84.57 10.97
C GLU K 183 -67.69 85.61 10.12
N ALA K 184 -68.41 86.53 10.76
CA ALA K 184 -69.14 87.54 10.00
C ALA K 184 -68.20 88.48 9.26
N LEU K 185 -66.98 88.65 9.76
CA LEU K 185 -66.02 89.48 9.02
C LEU K 185 -65.74 88.91 7.64
N LEU K 186 -65.87 87.60 7.48
CA LEU K 186 -65.69 86.99 6.17
C LEU K 186 -67.00 87.07 5.39
N GLU K 187 -68.11 86.70 6.04
CA GLU K 187 -69.36 86.68 5.31
C GLU K 187 -69.81 88.08 4.87
N ASP K 188 -69.23 89.14 5.44
CA ASP K 188 -69.46 90.48 4.94
C ASP K 188 -69.15 90.59 3.45
N ASP K 189 -68.03 90.01 3.02
CA ASP K 189 -67.60 90.05 1.62
C ASP K 189 -68.02 88.81 0.85
N GLU K 190 -69.15 88.22 1.21
CA GLU K 190 -69.74 87.09 0.50
C GLU K 190 -68.89 85.82 0.60
N LEU K 191 -67.89 85.79 1.46
CA LEU K 191 -67.06 84.61 1.67
C LEU K 191 -67.40 83.97 3.01
N GLU K 192 -67.51 82.64 3.02
CA GLU K 192 -67.85 81.89 4.23
C GLU K 192 -66.62 81.15 4.74
N ALA K 193 -66.40 81.23 6.06
CA ALA K 193 -65.25 80.58 6.68
C ALA K 193 -65.22 79.08 6.38
N ASN K 194 -64.03 78.57 6.09
CA ASN K 194 -63.86 77.16 5.79
C ASN K 194 -63.17 76.37 6.90
N ALA K 195 -62.32 77.00 7.70
CA ALA K 195 -61.62 76.30 8.77
C ALA K 195 -61.02 77.33 9.72
N PHE K 196 -60.51 76.85 10.84
CA PHE K 196 -59.81 77.68 11.82
C PHE K 196 -58.38 77.19 12.01
N ILE K 197 -57.48 78.12 12.29
CA ILE K 197 -56.09 77.85 12.62
C ILE K 197 -55.88 78.29 14.05
N SER K 198 -55.40 77.39 14.90
CA SER K 198 -55.27 77.74 16.31
C SER K 198 -54.07 77.10 16.99
N LYS K 199 -53.62 77.77 18.04
CA LYS K 199 -52.63 77.23 18.96
C LYS K 199 -53.34 76.22 19.84
N THR K 200 -52.87 74.98 19.83
CA THR K 200 -53.58 73.92 20.56
C THR K 200 -53.73 74.25 22.04
N GLN K 201 -52.83 75.05 22.58
CA GLN K 201 -52.86 75.41 23.99
C GLN K 201 -54.10 76.20 24.42
N ASN K 202 -54.97 76.62 23.51
CA ASN K 202 -56.16 77.37 23.89
C ASN K 202 -57.45 76.54 23.88
N ARG K 203 -57.37 75.22 23.71
CA ARG K 203 -58.58 74.43 23.88
C ARG K 203 -59.17 74.64 25.27
N SER K 204 -58.32 74.99 26.25
CA SER K 204 -58.80 75.30 27.58
C SER K 204 -59.74 76.50 27.56
N LEU K 205 -59.52 77.41 26.60
CA LEU K 205 -60.42 78.55 26.47
C LEU K 205 -61.67 78.16 25.70
N LEU K 206 -61.51 77.38 24.63
CA LEU K 206 -62.69 77.03 23.84
C LEU K 206 -63.68 76.19 24.63
N ARG K 207 -63.22 75.33 25.54
CA ARG K 207 -64.18 74.53 26.29
C ARG K 207 -65.09 75.38 27.18
N LYS K 208 -64.72 76.63 27.44
CA LYS K 208 -65.50 77.50 28.31
C LYS K 208 -66.68 78.18 27.61
N ILE K 209 -66.90 77.94 26.32
CA ILE K 209 -67.92 78.65 25.56
C ILE K 209 -69.09 77.72 25.28
N VAL K 210 -70.30 78.14 25.66
CA VAL K 210 -71.53 77.40 25.45
C VAL K 210 -72.56 78.32 24.83
N ASP K 211 -73.37 77.77 23.92
CA ASP K 211 -74.46 78.52 23.32
C ASP K 211 -75.54 78.78 24.35
N PRO K 212 -75.79 80.03 24.75
CA PRO K 212 -76.79 80.27 25.81
C PRO K 212 -78.22 80.04 25.34
N GLU K 213 -78.45 79.85 24.05
CA GLU K 213 -79.78 79.48 23.57
C GLU K 213 -79.95 77.97 23.65
N THR K 214 -79.15 77.22 22.90
CA THR K 214 -79.22 75.77 22.96
C THR K 214 -78.61 75.22 24.23
N LYS K 215 -77.84 76.03 24.95
CA LYS K 215 -77.23 75.64 26.23
C LYS K 215 -76.38 74.38 26.09
N GLU K 216 -75.49 74.37 25.10
CA GLU K 216 -74.53 73.29 24.92
C GLU K 216 -73.21 73.86 24.41
N ARG K 217 -72.16 73.04 24.50
CA ARG K 217 -70.82 73.48 24.12
C ARG K 217 -70.75 73.80 22.63
N ILE K 218 -70.26 74.99 22.29
CA ILE K 218 -70.08 75.33 20.88
C ILE K 218 -68.85 74.62 20.31
N TYR K 219 -67.95 74.15 21.16
CA TYR K 219 -66.70 73.52 20.73
C TYR K 219 -66.77 72.04 21.05
N ASP K 220 -66.67 71.21 20.01
CA ASP K 220 -66.65 69.76 20.16
C ASP K 220 -65.19 69.36 20.37
N ARG K 221 -64.82 69.13 21.62
CA ARG K 221 -63.46 68.76 21.97
C ARG K 221 -63.08 67.38 21.44
N ASN K 222 -64.05 66.53 21.11
CA ASN K 222 -63.70 65.22 20.57
C ASN K 222 -63.43 65.29 19.08
N SER K 223 -64.25 66.01 18.33
CA SER K 223 -64.03 66.21 16.91
C SER K 223 -62.92 67.21 16.65
N ASP K 224 -62.63 68.07 17.63
CA ASP K 224 -61.72 69.20 17.44
C ASP K 224 -62.22 70.07 16.30
N SER K 225 -63.49 70.46 16.41
CA SER K 225 -64.15 71.31 15.44
C SER K 225 -64.92 72.37 16.20
N LEU K 226 -64.81 73.62 15.74
CA LEU K 226 -65.47 74.74 16.38
C LEU K 226 -66.60 75.22 15.50
N ASP K 227 -67.80 75.28 16.06
CA ASP K 227 -68.97 75.74 15.31
C ASP K 227 -69.11 74.95 14.01
N GLY K 228 -68.77 73.67 14.06
CA GLY K 228 -68.84 72.77 12.91
C GLY K 228 -67.70 72.88 11.92
N LEU K 229 -66.78 73.83 12.09
CA LEU K 229 -65.67 73.97 11.16
C LEU K 229 -64.40 73.34 11.73
N PRO K 230 -63.60 72.65 10.91
CA PRO K 230 -62.41 72.00 11.44
C PRO K 230 -61.35 73.00 11.88
N VAL K 231 -60.75 72.73 13.04
CA VAL K 231 -59.66 73.53 13.58
C VAL K 231 -58.37 72.74 13.42
N VAL K 232 -57.39 73.34 12.75
CA VAL K 232 -56.05 72.76 12.63
C VAL K 232 -55.16 73.44 13.66
N ASN K 233 -54.25 72.67 14.25
CA ASN K 233 -53.37 73.15 15.31
C ASN K 233 -51.98 73.43 14.76
N LEU K 234 -51.42 74.59 15.11
CA LEU K 234 -50.04 74.93 14.77
C LEU K 234 -49.12 74.78 15.98
N LYS K 235 -48.14 73.89 15.85
CA LYS K 235 -47.16 73.67 16.91
C LYS K 235 -46.12 74.78 16.97
N SER K 236 -46.03 75.62 15.94
CA SER K 236 -45.06 76.70 15.93
C SER K 236 -45.22 77.61 17.14
N SER K 237 -44.09 78.10 17.65
CA SER K 237 -44.05 79.00 18.80
C SER K 237 -44.55 80.40 18.51
N ASN K 238 -44.64 80.80 17.24
CA ASN K 238 -44.96 82.21 16.93
C ASN K 238 -46.43 82.55 17.13
N LEU K 239 -47.34 81.64 16.85
CA LEU K 239 -48.77 81.90 17.08
C LEU K 239 -49.08 81.83 18.57
N LYS K 240 -49.33 82.99 19.16
CA LYS K 240 -49.57 83.11 20.61
C LYS K 240 -50.84 82.40 21.05
N ARG K 241 -50.89 82.19 22.38
CA ARG K 241 -51.99 81.50 23.05
C ARG K 241 -53.36 82.04 22.65
N GLY K 242 -53.59 83.34 22.83
CA GLY K 242 -54.89 83.92 22.58
C GLY K 242 -55.24 84.29 21.15
N GLU K 243 -54.51 83.78 20.16
CA GLU K 243 -54.73 84.16 18.77
C GLU K 243 -55.36 83.02 17.98
N LEU K 244 -56.32 83.38 17.13
CA LEU K 244 -57.06 82.42 16.32
C LEU K 244 -57.22 83.00 14.92
N ILE K 245 -57.06 82.17 13.89
CA ILE K 245 -57.14 82.65 12.51
C ILE K 245 -58.17 81.83 11.75
N THR K 246 -58.86 82.48 10.80
CA THR K 246 -59.82 81.78 9.97
C THR K 246 -59.89 82.43 8.61
N GLY K 247 -60.37 81.68 7.61
CA GLY K 247 -60.53 82.22 6.27
C GLY K 247 -61.11 81.18 5.35
N ASP K 248 -61.40 81.61 4.12
CA ASP K 248 -61.81 80.68 3.05
C ASP K 248 -60.54 80.26 2.34
N PHE K 249 -59.91 79.22 2.88
CA PHE K 249 -58.61 78.76 2.38
C PHE K 249 -58.62 78.35 0.91
N ASP K 250 -59.78 78.11 0.31
CA ASP K 250 -59.77 77.88 -1.14
C ASP K 250 -59.18 79.06 -1.88
N LYS K 251 -59.19 80.25 -1.29
CA LYS K 251 -58.57 81.42 -1.87
C LYS K 251 -57.04 81.42 -1.71
N LEU K 252 -56.50 80.50 -0.93
CA LEU K 252 -55.06 80.37 -0.76
C LEU K 252 -54.55 79.23 -1.63
N ILE K 253 -53.71 79.58 -2.60
CA ILE K 253 -53.24 78.66 -3.63
C ILE K 253 -51.75 78.43 -3.47
N TYR K 254 -51.34 77.18 -3.63
CA TYR K 254 -49.95 76.77 -3.53
C TYR K 254 -49.61 75.78 -4.64
N GLY K 255 -48.32 75.68 -4.96
CA GLY K 255 -47.84 74.74 -5.95
C GLY K 255 -46.46 74.20 -5.60
N ILE K 256 -46.15 73.04 -6.15
CA ILE K 256 -44.88 72.36 -5.84
C ILE K 256 -44.20 71.91 -7.13
N PRO K 257 -43.48 72.81 -7.81
CA PRO K 257 -42.76 72.42 -9.03
C PRO K 257 -41.79 71.27 -8.85
N GLN K 258 -41.31 71.01 -7.63
CA GLN K 258 -40.38 69.90 -7.42
C GLN K 258 -40.55 69.33 -6.02
N LEU K 259 -41.03 68.09 -5.98
CA LEU K 259 -41.03 67.27 -4.77
C LEU K 259 -39.59 67.00 -4.32
N ILE K 260 -39.45 66.64 -3.05
CA ILE K 260 -38.12 66.62 -2.42
C ILE K 260 -37.17 65.69 -3.17
N GLU K 261 -36.08 66.25 -3.70
CA GLU K 261 -34.94 65.42 -4.11
C GLU K 261 -34.09 65.12 -2.88
N TYR K 262 -33.65 63.86 -2.76
CA TYR K 262 -32.60 63.45 -1.83
C TYR K 262 -31.40 62.93 -2.60
N LYS K 263 -30.24 63.55 -2.42
CA LYS K 263 -28.98 62.96 -2.90
C LYS K 263 -28.02 62.75 -1.74
N ILE K 264 -27.64 61.51 -1.48
CA ILE K 264 -26.56 61.18 -0.55
C ILE K 264 -25.22 61.20 -1.28
N ASP K 265 -24.17 61.73 -0.63
CA ASP K 265 -22.86 61.85 -1.25
C ASP K 265 -21.71 61.64 -0.26
N GLU K 266 -20.61 61.08 -0.76
CA GLU K 266 -19.41 60.80 0.03
C GLU K 266 -18.15 61.47 -0.52
N THR K 267 -18.26 62.63 -1.18
CA THR K 267 -17.10 63.15 -1.91
C THR K 267 -17.07 64.66 -2.07
N ALA K 268 -18.21 65.34 -1.88
CA ALA K 268 -18.24 66.79 -2.00
C ALA K 268 -17.41 67.46 -0.91
N GLN K 269 -17.22 68.77 -1.06
CA GLN K 269 -16.72 69.64 0.00
C GLN K 269 -17.88 70.44 0.57
N LEU K 270 -17.99 70.48 1.89
CA LEU K 270 -18.94 71.36 2.58
C LEU K 270 -18.26 72.66 2.95
N SER K 271 -18.29 73.62 2.01
CA SER K 271 -17.65 74.91 2.23
C SER K 271 -18.17 75.62 3.47
N THR K 272 -19.41 75.36 3.87
CA THR K 272 -20.02 76.04 5.01
C THR K 272 -19.69 75.43 6.37
N VAL K 273 -18.94 74.33 6.43
CA VAL K 273 -18.53 73.74 7.71
C VAL K 273 -17.02 73.77 7.80
N LYS K 274 -16.50 74.56 8.75
CA LYS K 274 -15.06 74.72 8.96
C LYS K 274 -14.55 73.72 9.99
N ASN K 275 -13.44 73.06 9.68
CA ASN K 275 -12.69 72.35 10.69
C ASN K 275 -12.28 73.32 11.80
N GLU K 276 -11.73 72.76 12.88
CA GLU K 276 -11.22 73.61 13.95
C GLU K 276 -10.21 74.61 13.43
N ASP K 277 -9.36 74.21 12.48
CA ASP K 277 -8.34 75.10 11.95
C ASP K 277 -8.88 76.07 10.91
N GLY K 278 -10.17 75.97 10.55
CA GLY K 278 -10.76 76.80 9.52
C GLY K 278 -10.77 76.27 8.10
N THR K 279 -10.16 75.12 7.84
CA THR K 279 -10.27 74.52 6.50
C THR K 279 -11.66 73.93 6.26
N PRO K 280 -12.20 74.06 5.05
CA PRO K 280 -13.48 73.40 4.73
C PRO K 280 -13.44 71.88 4.87
N VAL K 281 -14.53 71.31 5.38
CA VAL K 281 -14.64 69.86 5.55
C VAL K 281 -14.74 69.19 4.19
N ASN K 282 -13.87 68.20 3.95
CA ASN K 282 -13.86 67.41 2.72
C ASN K 282 -14.35 66.00 3.02
N LEU K 283 -15.50 65.61 2.46
CA LEU K 283 -16.17 64.42 2.96
C LEU K 283 -15.37 63.15 2.70
N PHE K 284 -14.77 63.04 1.51
CA PHE K 284 -14.02 61.81 1.20
C PHE K 284 -12.82 61.68 2.10
N GLU K 285 -12.25 62.80 2.49
CA GLU K 285 -10.94 62.84 3.09
C GLU K 285 -11.03 62.79 4.60
N GLN K 286 -12.07 63.40 5.15
CA GLN K 286 -12.38 63.29 6.56
C GLN K 286 -13.35 62.15 6.84
N ASP K 287 -13.46 61.20 5.90
CA ASP K 287 -14.19 59.95 6.11
C ASP K 287 -15.60 60.17 6.64
N MET K 288 -16.45 60.67 5.75
CA MET K 288 -17.68 61.34 6.15
C MET K 288 -18.68 61.20 5.02
N VAL K 289 -19.96 61.45 5.33
CA VAL K 289 -21.05 61.34 4.37
C VAL K 289 -22.02 62.50 4.59
N ALA K 290 -22.70 62.94 3.54
CA ALA K 290 -23.72 63.98 3.73
C ALA K 290 -24.96 63.74 2.88
N LEU K 291 -26.12 64.09 3.44
CA LEU K 291 -27.41 63.96 2.77
C LEU K 291 -27.96 65.34 2.38
N ARG K 292 -28.23 65.56 1.09
CA ARG K 292 -28.81 66.80 0.60
C ARG K 292 -30.29 66.63 0.26
N ALA K 293 -31.12 67.54 0.77
CA ALA K 293 -32.54 67.57 0.47
C ALA K 293 -32.92 68.93 -0.12
N THR K 294 -33.73 68.93 -1.18
CA THR K 294 -34.17 70.18 -1.79
C THR K 294 -35.59 70.07 -2.31
N MET K 295 -36.29 71.20 -2.33
CA MET K 295 -37.69 71.26 -2.74
C MET K 295 -37.98 72.66 -3.27
N HIS K 296 -38.83 72.76 -4.28
CA HIS K 296 -39.32 74.07 -4.72
C HIS K 296 -40.79 74.22 -4.34
N VAL K 297 -41.16 75.40 -3.83
CA VAL K 297 -42.54 75.64 -3.45
C VAL K 297 -42.98 77.02 -3.90
N ALA K 298 -44.29 77.16 -4.13
CA ALA K 298 -44.87 78.35 -4.73
C ALA K 298 -46.14 78.72 -3.97
N LEU K 299 -46.39 80.02 -3.82
CA LEU K 299 -47.52 80.49 -3.03
C LEU K 299 -48.16 81.70 -3.69
N HIS K 300 -49.48 81.66 -3.83
CA HIS K 300 -50.25 82.80 -4.29
C HIS K 300 -51.53 82.92 -3.50
N ILE K 301 -51.89 84.15 -3.13
CA ILE K 301 -53.10 84.44 -2.39
C ILE K 301 -54.08 85.12 -3.33
N ALA K 302 -55.09 84.36 -3.75
CA ALA K 302 -56.01 84.83 -4.80
C ALA K 302 -56.85 86.02 -4.35
N ASP K 303 -57.24 86.05 -3.07
CA ASP K 303 -58.09 87.13 -2.57
C ASP K 303 -57.74 87.38 -1.11
N ASP K 304 -56.95 88.42 -0.87
CA ASP K 304 -56.42 88.71 0.46
C ASP K 304 -57.47 89.16 1.47
N LYS K 305 -58.73 89.35 1.07
CA LYS K 305 -59.78 89.67 2.03
C LYS K 305 -60.44 88.43 2.62
N ALA K 306 -60.07 87.24 2.15
CA ALA K 306 -60.70 86.00 2.60
C ALA K 306 -60.19 85.52 3.96
N PHE K 307 -59.38 86.31 4.66
CA PHE K 307 -58.77 85.90 5.92
C PHE K 307 -58.99 86.93 7.01
N ALA K 308 -59.29 86.45 8.21
CA ALA K 308 -59.53 87.30 9.37
C ALA K 308 -58.87 86.69 10.59
N LYS K 309 -58.56 87.55 11.56
CA LYS K 309 -57.80 87.16 12.74
C LYS K 309 -58.43 87.67 14.03
N LEU K 310 -58.48 86.80 15.05
CA LEU K 310 -58.91 87.15 16.39
C LEU K 310 -57.68 87.17 17.29
N VAL K 311 -57.58 88.20 18.13
CA VAL K 311 -56.38 88.44 18.93
C VAL K 311 -56.78 89.00 20.28
N PRO K 312 -56.01 88.70 21.33
CA PRO K 312 -56.36 89.23 22.66
C PRO K 312 -56.29 90.75 22.68
N ALA K 313 -57.19 91.34 23.46
CA ALA K 313 -57.24 92.79 23.59
C ALA K 313 -56.04 93.29 24.39
N SER L 16 32.24 39.97 -26.77
CA SER L 16 33.50 40.16 -26.01
C SER L 16 33.27 41.05 -24.79
N ASN L 17 34.26 41.12 -23.90
CA ASN L 17 34.20 41.92 -22.68
C ASN L 17 34.52 43.38 -22.87
N ASN L 18 34.79 43.84 -24.10
CA ASN L 18 35.10 45.25 -24.30
C ASN L 18 33.88 46.10 -23.96
N VAL L 19 34.06 47.09 -23.09
CA VAL L 19 32.95 47.95 -22.71
C VAL L 19 32.89 49.21 -23.57
N LYS L 20 34.01 49.62 -24.16
CA LYS L 20 33.98 50.59 -25.24
C LYS L 20 33.71 49.87 -26.56
N PRO L 21 32.84 50.41 -27.43
CA PRO L 21 32.63 49.75 -28.72
C PRO L 21 33.88 49.81 -29.59
N GLN L 22 34.02 48.80 -30.44
CA GLN L 22 35.12 48.72 -31.38
C GLN L 22 35.01 49.79 -32.45
N VAL L 23 36.02 50.64 -32.57
CA VAL L 23 36.10 51.56 -33.70
C VAL L 23 36.70 50.82 -34.89
N PHE L 24 36.02 50.92 -36.02
CA PHE L 24 36.46 50.32 -37.28
C PHE L 24 36.82 51.40 -38.29
N ASN L 25 37.78 51.09 -39.15
CA ASN L 25 38.22 52.04 -40.17
C ASN L 25 38.39 51.36 -41.52
N PRO L 26 37.53 51.64 -42.51
CA PRO L 26 36.39 52.56 -42.44
C PRO L 26 35.29 52.05 -41.50
N ASP L 27 34.48 52.97 -41.00
CA ASP L 27 33.42 52.66 -40.04
C ASP L 27 32.20 52.00 -40.67
N ASN L 28 32.40 50.98 -41.51
CA ASN L 28 31.28 50.35 -42.21
C ASN L 28 30.60 49.24 -41.43
N VAL L 29 31.15 48.82 -40.29
CA VAL L 29 30.54 47.72 -39.55
C VAL L 29 29.26 48.18 -38.86
N MET L 30 28.19 47.40 -39.03
CA MET L 30 26.96 47.67 -38.31
C MET L 30 27.17 47.32 -36.85
N MET L 31 26.57 48.09 -35.94
CA MET L 31 26.74 47.81 -34.52
C MET L 31 25.43 48.01 -33.75
N HIS L 32 25.31 47.22 -32.68
CA HIS L 32 24.21 47.37 -31.73
C HIS L 32 24.36 48.63 -30.89
N GLU L 33 25.59 49.05 -30.60
CA GLU L 33 25.86 50.18 -29.71
C GLU L 33 26.55 51.31 -30.46
N LYS L 34 26.00 52.52 -30.35
CA LYS L 34 26.60 53.73 -30.89
C LYS L 34 27.91 54.08 -30.16
N LYS L 35 28.67 54.99 -30.77
CA LYS L 35 29.90 55.50 -30.16
C LYS L 35 29.65 56.18 -28.83
N ASP L 36 28.47 56.75 -28.63
CA ASP L 36 28.11 57.43 -27.39
C ASP L 36 27.57 56.50 -26.32
N GLY L 37 27.60 55.19 -26.55
CA GLY L 37 27.17 54.19 -25.57
C GLY L 37 25.73 53.74 -25.68
N THR L 38 24.96 54.27 -26.64
CA THR L 38 23.55 53.91 -26.81
C THR L 38 23.41 52.51 -27.39
N LEU L 39 22.89 51.57 -26.61
CA LEU L 39 22.38 50.31 -27.16
C LEU L 39 21.06 50.56 -27.88
N MET L 40 20.98 50.16 -29.15
CA MET L 40 19.69 50.06 -29.86
C MET L 40 18.93 48.79 -29.47
N ASN L 41 18.47 48.77 -28.22
CA ASN L 41 17.57 47.71 -27.77
C ASN L 41 16.13 47.95 -28.25
N GLU L 42 15.32 46.88 -28.21
CA GLU L 42 13.89 46.91 -28.54
C GLU L 42 13.60 47.42 -29.96
N PHE L 43 14.61 47.46 -30.82
CA PHE L 43 14.61 48.38 -31.96
C PHE L 43 13.50 48.12 -32.98
N THR L 44 12.74 49.17 -33.27
CA THR L 44 11.68 49.20 -34.28
C THR L 44 12.19 48.79 -35.67
N THR L 45 11.35 48.06 -36.40
CA THR L 45 11.69 47.67 -37.79
C THR L 45 11.75 48.90 -38.69
N PRO L 46 12.87 49.13 -39.40
CA PRO L 46 12.90 50.18 -40.44
C PRO L 46 11.83 49.99 -41.49
N ILE L 47 11.32 51.09 -42.03
CA ILE L 47 10.44 51.03 -43.20
C ILE L 47 10.94 51.94 -44.31
N LEU L 48 10.57 51.57 -45.53
CA LEU L 48 11.01 52.16 -46.80
C LEU L 48 10.32 53.48 -47.09
N GLN L 49 11.01 54.58 -46.78
CA GLN L 49 10.48 55.91 -47.03
C GLN L 49 10.37 56.22 -48.52
N GLU L 50 11.12 55.51 -49.36
CA GLU L 50 11.12 55.73 -50.80
C GLU L 50 10.87 54.42 -51.54
N VAL L 51 10.31 54.53 -52.75
CA VAL L 51 10.27 53.40 -53.65
C VAL L 51 11.68 52.95 -54.02
N MET L 52 11.88 51.64 -54.07
CA MET L 52 13.17 51.08 -54.43
C MET L 52 13.41 51.19 -55.94
N GLU L 53 14.58 51.69 -56.32
CA GLU L 53 14.89 52.05 -57.70
C GLU L 53 15.29 50.84 -58.53
N ASN L 54 14.88 50.83 -59.80
CA ASN L 54 15.13 49.73 -60.73
C ASN L 54 16.01 50.20 -61.89
N SER L 55 16.82 49.27 -62.42
CA SER L 55 17.81 49.62 -63.43
C SER L 55 17.19 50.19 -64.71
N LYS L 56 17.67 51.37 -65.09
CA LYS L 56 17.16 52.03 -66.28
C LYS L 56 17.73 51.45 -67.57
N ILE L 57 19.02 51.10 -67.62
CA ILE L 57 19.48 50.50 -68.87
C ILE L 57 18.97 49.07 -68.99
N MET L 58 18.70 48.42 -67.87
CA MET L 58 18.05 47.11 -67.98
C MET L 58 16.61 47.27 -68.43
N GLN L 59 16.03 48.46 -68.24
CA GLN L 59 14.68 48.69 -68.71
C GLN L 59 14.65 49.07 -70.19
N LEU L 60 15.51 50.00 -70.58
CA LEU L 60 15.54 50.52 -71.96
C LEU L 60 16.28 49.60 -72.93
N GLY L 61 17.49 49.18 -72.59
CA GLY L 61 18.34 48.48 -73.54
C GLY L 61 17.84 47.11 -73.94
N LYS L 62 18.52 46.57 -74.94
CA LYS L 62 18.22 45.27 -75.51
C LYS L 62 19.06 44.19 -74.84
N TYR L 63 18.40 43.17 -74.30
CA TYR L 63 19.12 42.08 -73.66
C TYR L 63 19.80 41.19 -74.70
N GLU L 64 20.99 40.71 -74.35
CA GLU L 64 21.77 39.84 -75.24
C GLU L 64 22.09 38.53 -74.54
N PRO L 65 21.55 37.40 -74.96
CA PRO L 65 21.96 36.13 -74.35
C PRO L 65 23.45 35.96 -74.52
N MET L 66 24.15 35.76 -73.41
CA MET L 66 25.60 35.73 -73.44
C MET L 66 26.13 34.57 -72.60
N GLU L 67 27.10 33.86 -73.15
CA GLU L 67 27.78 32.77 -72.46
C GLU L 67 29.21 33.22 -72.16
N GLY L 68 29.59 33.15 -70.89
CA GLY L 68 30.90 33.63 -70.51
C GLY L 68 30.94 35.15 -70.60
N THR L 69 32.14 35.68 -70.46
CA THR L 69 32.33 37.11 -70.43
C THR L 69 32.38 37.71 -71.83
N ARG L 104 32.13 43.08 -73.59
CA ARG L 104 32.94 42.64 -72.46
C ARG L 104 32.21 42.82 -71.13
N ALA L 105 32.43 41.90 -70.22
CA ALA L 105 31.87 41.98 -68.87
C ALA L 105 32.87 42.56 -67.87
N PHE L 106 32.31 43.00 -66.74
CA PHE L 106 33.07 43.42 -65.57
C PHE L 106 32.28 43.01 -64.33
N LYS L 107 32.99 42.87 -63.22
CA LYS L 107 32.43 42.35 -61.98
C LYS L 107 32.10 43.47 -60.99
N LEU L 108 30.83 43.55 -60.60
CA LEU L 108 30.36 44.40 -59.51
C LEU L 108 30.33 43.58 -58.23
N GLY L 109 30.59 44.24 -57.09
CA GLY L 109 30.55 43.53 -55.83
C GLY L 109 30.59 44.40 -54.57
N VAL L 110 30.06 43.89 -53.46
CA VAL L 110 30.10 44.60 -52.19
C VAL L 110 30.04 43.62 -51.02
N ILE L 111 30.59 44.05 -49.88
CA ILE L 111 30.58 43.28 -48.64
C ILE L 111 30.00 44.11 -47.51
N LEU L 112 28.98 43.57 -46.84
CA LEU L 112 28.33 44.24 -45.71
C LEU L 112 28.65 43.51 -44.41
N PRO L 113 29.55 44.03 -43.58
CA PRO L 113 29.80 43.40 -42.27
C PRO L 113 28.80 43.86 -41.23
N VAL L 114 28.45 42.93 -40.33
CA VAL L 114 27.46 43.13 -39.29
C VAL L 114 27.98 42.48 -38.01
N THR L 115 27.90 43.23 -36.90
CA THR L 115 28.26 42.66 -35.60
C THR L 115 27.15 41.74 -35.16
N LYS L 116 27.52 40.54 -34.70
CA LYS L 116 26.50 39.56 -34.34
C LYS L 116 25.62 40.06 -33.19
N GLU L 117 26.11 40.94 -32.33
CA GLU L 117 25.21 41.57 -31.38
C GLU L 117 24.11 42.32 -32.10
N PHE L 118 24.45 43.06 -33.15
CA PHE L 118 23.41 43.73 -33.93
C PHE L 118 22.50 42.70 -34.59
N LEU L 119 23.06 41.62 -35.11
CA LEU L 119 22.25 40.60 -35.77
C LEU L 119 21.37 39.86 -34.79
N ASN L 120 21.64 39.94 -33.50
CA ASN L 120 20.85 39.28 -32.48
C ASN L 120 19.84 40.23 -31.84
N TYR L 121 20.32 41.31 -31.24
CA TYR L 121 19.59 42.11 -30.27
C TYR L 121 19.03 43.41 -30.84
N THR L 122 19.27 43.70 -32.12
CA THR L 122 18.73 44.90 -32.74
C THR L 122 17.81 44.54 -33.91
N TYR L 123 18.32 43.99 -35.01
CA TYR L 123 17.48 43.72 -36.18
C TYR L 123 17.88 42.39 -36.82
N SER L 124 17.23 41.33 -36.33
CA SER L 124 17.57 39.95 -36.70
C SER L 124 17.49 39.71 -38.20
N GLN L 125 16.44 40.23 -38.85
CA GLN L 125 16.16 39.97 -40.26
C GLN L 125 17.04 40.78 -41.21
N PHE L 126 18.03 41.51 -40.71
CA PHE L 126 18.76 42.47 -41.53
C PHE L 126 19.16 41.91 -42.89
N PHE L 127 19.84 40.75 -42.92
CA PHE L 127 20.34 40.26 -44.19
C PHE L 127 19.25 39.86 -45.18
N GLU L 128 18.05 39.52 -44.73
CA GLU L 128 17.00 39.27 -45.70
C GLU L 128 16.48 40.57 -46.28
N GLU L 129 16.36 41.59 -45.43
CA GLU L 129 15.83 42.87 -45.85
C GLU L 129 16.84 43.72 -46.61
N MET L 130 18.12 43.37 -46.52
CA MET L 130 19.15 44.12 -47.22
C MET L 130 19.43 43.67 -48.64
N LYS L 131 19.07 42.44 -49.01
CA LYS L 131 19.41 41.97 -50.35
C LYS L 131 18.82 42.84 -51.44
N PRO L 132 17.54 43.22 -51.41
CA PRO L 132 17.04 44.18 -52.40
C PRO L 132 17.79 45.49 -52.40
N MET L 133 18.21 45.97 -51.23
CA MET L 133 18.89 47.26 -51.20
C MET L 133 20.24 47.19 -51.89
N ILE L 134 20.89 46.03 -51.84
CA ILE L 134 22.10 45.82 -52.62
C ILE L 134 21.77 45.76 -54.10
N ALA L 135 20.67 45.09 -54.45
CA ALA L 135 20.30 45.03 -55.85
C ALA L 135 20.05 46.43 -56.40
N GLU L 136 19.40 47.28 -55.61
CA GLU L 136 19.33 48.71 -55.93
C GLU L 136 20.71 49.29 -56.18
N ALA L 137 21.64 49.04 -55.27
CA ALA L 137 22.95 49.70 -55.40
C ALA L 137 23.65 49.26 -56.68
N PHE L 138 23.50 47.99 -57.05
CA PHE L 138 24.10 47.52 -58.28
C PHE L 138 23.42 48.17 -59.49
N TYR L 139 22.09 48.24 -59.47
CA TYR L 139 21.38 48.89 -60.56
C TYR L 139 21.87 50.31 -60.74
N LYS L 140 21.99 51.05 -59.63
CA LYS L 140 22.42 52.44 -59.71
C LYS L 140 23.84 52.57 -60.22
N LYS L 141 24.73 51.66 -59.81
CA LYS L 141 26.12 51.74 -60.26
C LYS L 141 26.21 51.45 -61.75
N PHE L 142 25.47 50.45 -62.21
CA PHE L 142 25.50 50.07 -63.62
C PHE L 142 24.88 51.16 -64.48
N ASP L 143 23.73 51.68 -64.07
CA ASP L 143 23.08 52.76 -64.80
C ASP L 143 24.00 53.98 -64.90
N GLU L 144 24.60 54.39 -63.78
CA GLU L 144 25.47 55.56 -63.81
C GLU L 144 26.70 55.34 -64.68
N ALA L 145 27.23 54.11 -64.71
CA ALA L 145 28.37 53.86 -65.58
C ALA L 145 27.98 53.89 -67.04
N GLY L 146 26.92 53.18 -67.41
CA GLY L 146 26.55 53.09 -68.81
C GLY L 146 26.02 54.38 -69.40
N ILE L 147 25.15 55.08 -68.66
CA ILE L 147 24.52 56.29 -69.17
C ILE L 147 25.47 57.48 -69.11
N LEU L 148 25.92 57.83 -67.90
CA LEU L 148 26.61 59.09 -67.67
C LEU L 148 28.13 59.00 -67.73
N ASN L 149 28.71 57.81 -67.86
CA ASN L 149 30.16 57.69 -67.85
C ASN L 149 30.72 58.25 -66.54
N GLN L 150 30.07 57.88 -65.44
CA GLN L 150 30.42 58.34 -64.11
C GLN L 150 30.67 57.15 -63.19
N GLY L 151 31.40 57.40 -62.11
CA GLY L 151 31.69 56.36 -61.16
C GLY L 151 32.78 55.41 -61.59
N ASN L 152 33.81 55.91 -62.26
CA ASN L 152 34.92 55.08 -62.74
C ASN L 152 34.40 53.89 -63.53
N ASN L 153 33.60 54.16 -64.54
CA ASN L 153 33.04 53.07 -65.32
C ASN L 153 34.18 52.30 -65.99
N PRO L 154 34.15 50.97 -65.94
CA PRO L 154 35.28 50.20 -66.49
C PRO L 154 35.24 50.07 -68.00
N PHE L 155 34.05 50.11 -68.58
CA PHE L 155 33.94 50.00 -70.03
C PHE L 155 34.48 51.25 -70.69
N GLY L 156 34.92 51.09 -71.94
CA GLY L 156 35.31 52.20 -72.77
C GLY L 156 34.15 52.74 -73.55
N LYS L 157 32.94 52.35 -73.17
CA LYS L 157 31.72 52.64 -73.89
C LYS L 157 30.73 53.30 -72.95
N SER L 158 30.02 54.32 -73.43
CA SER L 158 28.96 54.93 -72.64
C SER L 158 28.16 55.87 -73.53
N ILE L 159 26.94 56.18 -73.08
CA ILE L 159 26.11 57.12 -73.83
C ILE L 159 26.72 58.51 -73.80
N ALA L 160 27.20 58.92 -72.62
CA ALA L 160 27.83 60.24 -72.51
C ALA L 160 29.03 60.33 -73.45
N GLN L 161 29.82 59.26 -73.57
CA GLN L 161 30.94 59.30 -74.51
C GLN L 161 30.46 59.27 -75.94
N SER L 162 29.38 58.54 -76.24
CA SER L 162 28.87 58.53 -77.60
C SER L 162 28.44 59.93 -78.03
N ILE L 163 27.69 60.61 -77.16
CA ILE L 163 27.24 61.96 -77.46
C ILE L 163 28.42 62.91 -77.53
N GLU L 164 29.35 62.82 -76.58
CA GLU L 164 30.51 63.70 -76.61
C GLU L 164 31.40 63.45 -77.82
N LYS L 165 31.37 62.25 -78.38
CA LYS L 165 32.12 61.96 -79.59
C LYS L 165 31.43 62.53 -80.82
N THR L 166 30.15 62.23 -81.00
CA THR L 166 29.41 62.70 -82.16
C THR L 166 28.99 64.16 -82.06
N ASN L 167 29.20 64.80 -80.91
CA ASN L 167 28.84 66.20 -80.70
C ASN L 167 27.36 66.48 -80.99
N LYS L 168 26.51 65.46 -80.80
CA LYS L 168 25.07 65.56 -81.05
C LYS L 168 24.32 66.20 -79.86
N VAL L 169 24.65 67.47 -79.60
CA VAL L 169 24.13 68.20 -78.45
C VAL L 169 23.41 69.47 -78.90
N ILE L 170 22.29 69.77 -78.24
CA ILE L 170 21.48 70.97 -78.47
C ILE L 170 21.64 71.92 -77.27
N LYS L 171 22.14 73.12 -77.53
CA LYS L 171 22.17 74.18 -76.52
C LYS L 171 20.83 74.89 -76.48
N GLY L 172 20.14 74.88 -75.35
CA GLY L 172 18.90 75.62 -75.25
C GLY L 172 18.04 75.18 -74.09
N ASP L 173 17.07 76.04 -73.77
CA ASP L 173 16.02 75.79 -72.80
C ASP L 173 14.96 74.85 -73.38
N PHE L 174 14.11 74.31 -72.51
CA PHE L 174 13.05 73.41 -72.97
C PHE L 174 11.96 74.20 -73.67
N THR L 175 11.79 73.94 -74.96
CA THR L 175 10.75 74.54 -75.78
C THR L 175 10.31 73.48 -76.78
N GLN L 176 9.12 73.65 -77.36
CA GLN L 176 8.68 72.67 -78.33
C GLN L 176 9.65 72.59 -79.50
N ASP L 177 10.17 73.74 -79.94
CA ASP L 177 11.13 73.75 -81.04
C ASP L 177 12.43 73.07 -80.65
N ASN L 178 12.85 73.19 -79.40
CA ASN L 178 14.08 72.52 -78.99
C ASN L 178 13.89 71.02 -78.81
N ILE L 179 12.69 70.60 -78.39
CA ILE L 179 12.41 69.16 -78.32
C ILE L 179 12.36 68.57 -79.72
N ILE L 180 11.76 69.30 -80.65
CA ILE L 180 11.67 68.81 -82.03
C ILE L 180 13.04 68.76 -82.66
N ASP L 181 13.88 69.78 -82.42
CA ASP L 181 15.23 69.75 -82.94
C ASP L 181 16.04 68.60 -82.34
N LEU L 182 15.87 68.36 -81.04
CA LEU L 182 16.57 67.24 -80.41
C LEU L 182 16.22 65.94 -81.10
N GLU L 183 14.93 65.71 -81.34
CA GLU L 183 14.51 64.49 -82.02
C GLU L 183 15.01 64.46 -83.47
N ALA L 184 15.01 65.60 -84.15
CA ALA L 184 15.48 65.64 -85.53
C ALA L 184 16.97 65.34 -85.61
N LEU L 185 17.73 65.62 -84.56
CA LEU L 185 19.14 65.24 -84.58
C LEU L 185 19.32 63.73 -84.71
N LEU L 186 18.33 62.96 -84.25
CA LEU L 186 18.39 61.51 -84.44
C LEU L 186 17.84 61.14 -85.80
N GLU L 187 16.68 61.68 -86.16
CA GLU L 187 16.08 61.27 -87.42
C GLU L 187 16.89 61.72 -88.62
N ASP L 188 17.81 62.66 -88.45
CA ASP L 188 18.74 63.01 -89.52
C ASP L 188 19.47 61.78 -90.03
N ASP L 189 19.94 60.93 -89.12
CA ASP L 189 20.68 59.72 -89.48
C ASP L 189 19.79 58.49 -89.54
N GLU L 190 18.53 58.66 -89.94
CA GLU L 190 17.60 57.56 -90.16
C GLU L 190 17.22 56.80 -88.90
N LEU L 191 17.57 57.32 -87.72
CA LEU L 191 17.24 56.68 -86.45
C LEU L 191 16.13 57.47 -85.78
N GLU L 192 15.15 56.77 -85.22
CA GLU L 192 14.00 57.40 -84.57
C GLU L 192 14.10 57.25 -83.05
N ALA L 193 13.83 58.35 -82.35
CA ALA L 193 13.87 58.35 -80.90
C ALA L 193 12.93 57.30 -80.33
N ASN L 194 13.37 56.61 -79.29
CA ASN L 194 12.58 55.57 -78.64
C ASN L 194 12.06 55.97 -77.26
N ALA L 195 12.76 56.83 -76.53
CA ALA L 195 12.35 57.22 -75.20
C ALA L 195 13.17 58.45 -74.78
N PHE L 196 12.80 59.03 -73.64
CA PHE L 196 13.55 60.13 -73.04
C PHE L 196 14.06 59.75 -71.66
N ILE L 197 15.23 60.28 -71.31
CA ILE L 197 15.82 60.12 -69.99
C ILE L 197 15.88 61.52 -69.36
N SER L 198 15.31 61.67 -68.16
CA SER L 198 15.26 62.99 -67.57
C SER L 198 15.40 62.98 -66.06
N LYS L 199 15.89 64.11 -65.55
CA LYS L 199 15.91 64.39 -64.12
C LYS L 199 14.49 64.76 -63.72
N THR L 200 13.91 64.02 -62.79
CA THR L 200 12.49 64.22 -62.47
C THR L 200 12.19 65.66 -62.04
N GLN L 201 13.18 66.35 -61.49
CA GLN L 201 12.98 67.73 -61.02
C GLN L 201 12.66 68.75 -62.11
N ASN L 202 12.65 68.35 -63.39
CA ASN L 202 12.34 69.27 -64.47
C ASN L 202 10.93 69.10 -65.05
N ARG L 203 10.09 68.27 -64.44
CA ARG L 203 8.70 68.22 -64.88
C ARG L 203 8.05 69.58 -64.77
N SER L 204 8.54 70.42 -63.86
CA SER L 204 8.04 71.78 -63.75
C SER L 204 8.32 72.58 -65.02
N LEU L 205 9.40 72.23 -65.70
CA LEU L 205 9.71 72.90 -66.97
C LEU L 205 8.89 72.30 -68.08
N LEU L 206 8.74 70.97 -68.10
CA LEU L 206 7.99 70.35 -69.19
C LEU L 206 6.51 70.74 -69.18
N ARG L 207 5.89 70.94 -68.01
CA ARG L 207 4.48 71.30 -68.01
C ARG L 207 4.20 72.65 -68.67
N LYS L 208 5.19 73.52 -68.78
CA LYS L 208 4.98 74.86 -69.33
C LYS L 208 5.01 74.93 -70.86
N ILE L 209 5.13 73.81 -71.56
CA ILE L 209 5.22 73.82 -73.03
C ILE L 209 3.92 73.30 -73.61
N VAL L 210 3.34 74.07 -74.54
CA VAL L 210 2.10 73.71 -75.22
C VAL L 210 2.30 73.87 -76.73
N ASP L 211 1.75 72.94 -77.49
CA ASP L 211 1.80 73.03 -78.95
C ASP L 211 0.98 74.22 -79.41
N PRO L 212 1.59 75.25 -80.03
CA PRO L 212 0.82 76.45 -80.38
C PRO L 212 -0.17 76.25 -81.51
N GLU L 213 -0.09 75.15 -82.26
CA GLU L 213 -1.13 74.88 -83.26
C GLU L 213 -2.31 74.18 -82.59
N THR L 214 -2.08 72.98 -82.05
CA THR L 214 -3.16 72.26 -81.40
C THR L 214 -3.54 72.88 -80.06
N LYS L 215 -2.69 73.75 -79.50
CA LYS L 215 -2.96 74.43 -78.23
C LYS L 215 -3.32 73.44 -77.12
N GLU L 216 -2.40 72.50 -76.87
CA GLU L 216 -2.48 71.61 -75.72
C GLU L 216 -1.09 71.31 -75.20
N ARG L 217 -1.02 70.80 -73.97
CA ARG L 217 0.25 70.41 -73.36
C ARG L 217 0.93 69.34 -74.20
N ILE L 218 2.17 69.59 -74.62
CA ILE L 218 2.94 68.55 -75.28
C ILE L 218 3.36 67.45 -74.31
N TYR L 219 3.32 67.72 -73.01
CA TYR L 219 3.77 66.80 -71.98
C TYR L 219 2.57 66.31 -71.19
N ASP L 220 2.35 65.00 -71.20
CA ASP L 220 1.29 64.38 -70.41
C ASP L 220 1.89 64.06 -69.05
N ARG L 221 1.58 64.89 -68.06
CA ARG L 221 2.10 64.71 -66.71
C ARG L 221 1.53 63.48 -66.03
N ASN L 222 0.39 62.95 -66.49
CA ASN L 222 -0.15 61.75 -65.88
C ASN L 222 0.53 60.50 -66.43
N SER L 223 0.70 60.44 -67.74
CA SER L 223 1.41 59.33 -68.37
C SER L 223 2.91 59.43 -68.18
N ASP L 224 3.44 60.62 -67.92
CA ASP L 224 4.87 60.87 -67.90
C ASP L 224 5.49 60.44 -69.22
N SER L 225 4.92 60.96 -70.30
CA SER L 225 5.36 60.70 -71.66
C SER L 225 5.41 62.05 -72.38
N LEU L 226 6.47 62.28 -73.12
CA LEU L 226 6.67 63.54 -73.82
C LEU L 226 6.52 63.28 -75.31
N ASP L 227 5.65 64.06 -75.96
CA ASP L 227 5.40 63.91 -77.39
C ASP L 227 5.08 62.46 -77.72
N GLY L 228 4.35 61.80 -76.83
CA GLY L 228 3.98 60.42 -77.01
C GLY L 228 5.05 59.41 -76.66
N LEU L 229 6.26 59.84 -76.33
CA LEU L 229 7.34 58.93 -75.98
C LEU L 229 7.50 58.82 -74.45
N PRO L 230 7.73 57.63 -73.91
CA PRO L 230 7.89 57.51 -72.46
C PRO L 230 9.17 58.16 -71.95
N VAL L 231 9.05 58.85 -70.83
CA VAL L 231 10.17 59.49 -70.15
C VAL L 231 10.49 58.68 -68.89
N VAL L 232 11.73 58.22 -68.78
CA VAL L 232 12.21 57.54 -67.59
C VAL L 232 13.00 58.55 -66.77
N ASN L 233 12.91 58.44 -65.45
CA ASN L 233 13.54 59.37 -64.53
C ASN L 233 14.79 58.76 -63.91
N LEU L 234 15.86 59.54 -63.87
CA LEU L 234 17.09 59.14 -63.19
C LEU L 234 17.21 59.87 -61.87
N LYS L 235 17.34 59.10 -60.78
CA LYS L 235 17.49 59.68 -59.44
C LYS L 235 18.90 60.17 -59.17
N SER L 236 19.88 59.74 -59.95
CA SER L 236 21.27 60.09 -59.67
C SER L 236 21.48 61.61 -59.71
N SER L 237 22.44 62.06 -58.89
CA SER L 237 22.75 63.48 -58.74
C SER L 237 23.56 64.04 -59.90
N ASN L 238 24.09 63.20 -60.79
CA ASN L 238 25.00 63.70 -61.82
C ASN L 238 24.29 64.29 -63.03
N LEU L 239 23.10 63.81 -63.36
CA LEU L 239 22.34 64.42 -64.47
C LEU L 239 21.64 65.66 -63.94
N LYS L 240 22.05 66.83 -64.43
CA LYS L 240 21.59 68.11 -63.92
C LYS L 240 20.14 68.39 -64.30
N ARG L 241 19.59 69.40 -63.62
CA ARG L 241 18.20 69.84 -63.81
C ARG L 241 17.84 70.05 -65.27
N GLY L 242 18.60 70.88 -65.96
CA GLY L 242 18.29 71.23 -67.34
C GLY L 242 18.76 70.30 -68.44
N GLU L 243 19.14 69.07 -68.11
CA GLU L 243 19.70 68.15 -69.09
C GLU L 243 18.70 67.05 -69.41
N LEU L 244 18.59 66.74 -70.70
CA LEU L 244 17.67 65.73 -71.20
C LEU L 244 18.39 64.89 -72.24
N ILE L 245 18.15 63.58 -72.24
CA ILE L 245 18.84 62.68 -73.14
C ILE L 245 17.81 61.85 -73.90
N THR L 246 18.12 61.52 -75.16
CA THR L 246 17.23 60.68 -75.94
C THR L 246 18.04 59.87 -76.94
N GLY L 247 17.46 58.75 -77.38
CA GLY L 247 18.12 57.91 -78.37
C GLY L 247 17.25 56.71 -78.73
N ASP L 248 17.75 55.96 -79.72
CA ASP L 248 17.15 54.68 -80.11
C ASP L 248 17.84 53.60 -79.28
N PHE L 249 17.31 53.38 -78.08
CA PHE L 249 17.96 52.52 -77.11
C PHE L 249 18.09 51.06 -77.57
N ASP L 250 17.43 50.66 -78.66
CA ASP L 250 17.72 49.35 -79.20
C ASP L 250 19.14 49.25 -79.73
N LYS L 251 19.80 50.38 -79.93
CA LYS L 251 21.21 50.38 -80.31
C LYS L 251 22.13 50.20 -79.12
N LEU L 252 21.57 50.15 -77.90
CA LEU L 252 22.35 49.91 -76.69
C LEU L 252 22.08 48.49 -76.25
N ILE L 253 23.13 47.69 -76.14
CA ILE L 253 23.04 46.27 -75.86
C ILE L 253 23.75 45.96 -74.55
N TYR L 254 23.18 45.05 -73.77
CA TYR L 254 23.77 44.65 -72.50
C TYR L 254 23.60 43.15 -72.29
N GLY L 255 24.40 42.62 -71.37
CA GLY L 255 24.33 41.22 -71.02
C GLY L 255 24.69 41.02 -69.56
N ILE L 256 24.22 39.91 -68.99
CA ILE L 256 24.45 39.63 -67.59
C ILE L 256 24.89 38.17 -67.43
N PRO L 257 26.18 37.88 -67.57
CA PRO L 257 26.64 36.50 -67.40
C PRO L 257 26.32 35.89 -66.05
N GLN L 258 26.31 36.66 -64.95
CA GLN L 258 26.00 36.13 -63.64
C GLN L 258 25.02 37.03 -62.90
N LEU L 259 23.87 36.48 -62.54
CA LEU L 259 22.92 37.19 -61.71
C LEU L 259 23.51 37.45 -60.33
N ILE L 260 22.86 38.34 -59.58
CA ILE L 260 23.33 38.72 -58.25
C ILE L 260 23.42 37.49 -57.37
N GLU L 261 24.65 37.11 -57.02
CA GLU L 261 24.91 35.99 -56.13
C GLU L 261 25.30 36.49 -54.75
N TYR L 262 24.62 35.98 -53.72
CA TYR L 262 24.85 36.35 -52.32
C TYR L 262 25.48 35.19 -51.57
N LYS L 263 26.50 35.47 -50.77
CA LYS L 263 27.11 34.49 -49.87
C LYS L 263 27.33 35.10 -48.50
N ILE L 264 26.77 34.48 -47.47
CA ILE L 264 26.94 34.93 -46.09
C ILE L 264 28.03 34.11 -45.42
N ASP L 265 28.98 34.80 -44.77
CA ASP L 265 30.16 34.16 -44.18
C ASP L 265 30.39 34.62 -42.74
N GLU L 266 30.79 33.67 -41.91
CA GLU L 266 31.01 33.88 -40.48
C GLU L 266 32.46 33.60 -40.07
N THR L 267 33.42 33.63 -41.01
CA THR L 267 34.72 33.04 -40.77
C THR L 267 35.88 33.77 -41.47
N ALA L 268 35.61 34.38 -42.63
CA ALA L 268 36.65 35.03 -43.43
C ALA L 268 37.36 36.16 -42.67
N GLN L 269 38.44 36.66 -43.29
CA GLN L 269 39.16 37.85 -42.85
C GLN L 269 38.90 39.01 -43.80
N LEU L 270 38.42 40.14 -43.26
CA LEU L 270 38.21 41.38 -44.02
C LEU L 270 39.46 42.27 -43.99
N SER L 271 40.41 41.94 -44.85
CA SER L 271 41.66 42.71 -44.94
C SER L 271 41.42 44.22 -45.07
N THR L 272 40.40 44.63 -45.81
CA THR L 272 40.15 46.05 -46.06
C THR L 272 39.60 46.82 -44.87
N VAL L 273 39.13 46.17 -43.82
CA VAL L 273 38.61 46.86 -42.64
C VAL L 273 39.54 46.63 -41.48
N LYS L 274 40.19 47.70 -41.02
CA LYS L 274 41.14 47.65 -39.93
C LYS L 274 40.47 47.92 -38.58
N ASN L 275 40.82 47.11 -37.59
CA ASN L 275 40.54 47.44 -36.20
C ASN L 275 41.25 48.73 -35.82
N GLU L 276 40.86 49.29 -34.67
CA GLU L 276 41.50 50.52 -34.20
C GLU L 276 43.01 50.38 -34.13
N ASP L 277 43.51 49.20 -33.78
CA ASP L 277 44.96 49.00 -33.70
C ASP L 277 45.59 48.71 -35.06
N GLY L 278 44.80 48.65 -36.13
CA GLY L 278 45.33 48.39 -37.46
C GLY L 278 45.34 46.93 -37.88
N THR L 279 45.06 46.01 -36.97
CA THR L 279 44.94 44.61 -37.36
C THR L 279 43.68 44.39 -38.20
N PRO L 280 43.73 43.51 -39.20
CA PRO L 280 42.51 43.19 -39.96
C PRO L 280 41.45 42.51 -39.09
N VAL L 281 40.19 42.80 -39.44
CA VAL L 281 39.01 42.21 -38.81
C VAL L 281 38.90 40.72 -39.12
N ASN L 282 38.85 39.88 -38.08
CA ASN L 282 38.56 38.46 -38.23
C ASN L 282 37.13 38.21 -37.77
N LEU L 283 36.28 37.73 -38.70
CA LEU L 283 34.87 37.56 -38.38
C LEU L 283 34.65 36.54 -37.27
N PHE L 284 35.21 35.34 -37.41
CA PHE L 284 34.92 34.29 -36.42
C PHE L 284 35.41 34.71 -35.04
N GLU L 285 36.62 35.26 -34.98
CA GLU L 285 37.26 35.53 -33.71
C GLU L 285 36.66 36.77 -33.02
N GLN L 286 36.36 37.81 -33.79
CA GLN L 286 35.63 38.96 -33.28
C GLN L 286 34.12 38.75 -33.24
N ASP L 287 33.63 37.54 -33.51
CA ASP L 287 32.20 37.23 -33.40
C ASP L 287 31.36 38.07 -34.35
N MET L 288 31.71 38.06 -35.62
CA MET L 288 31.16 38.96 -36.62
C MET L 288 30.71 38.17 -37.85
N VAL L 289 29.81 38.77 -38.65
CA VAL L 289 29.25 38.13 -39.83
C VAL L 289 29.32 39.11 -40.99
N ALA L 290 29.49 38.61 -42.21
CA ALA L 290 29.55 39.49 -43.37
C ALA L 290 28.85 38.88 -44.57
N LEU L 291 28.14 39.70 -45.32
CA LEU L 291 27.45 39.25 -46.54
C LEU L 291 28.15 39.80 -47.78
N ARG L 292 28.52 38.90 -48.69
CA ARG L 292 29.16 39.23 -49.96
C ARG L 292 28.14 39.12 -51.09
N ALA L 293 28.06 40.15 -51.93
CA ALA L 293 27.21 40.11 -53.11
C ALA L 293 28.04 40.42 -54.33
N THR L 294 27.83 39.67 -55.42
CA THR L 294 28.57 39.89 -56.65
C THR L 294 27.68 39.69 -57.87
N MET L 295 28.03 40.38 -58.96
CA MET L 295 27.30 40.28 -60.21
C MET L 295 28.27 40.56 -61.35
N HIS L 296 28.00 40.00 -62.52
CA HIS L 296 28.76 40.29 -63.73
C HIS L 296 27.88 40.97 -64.76
N VAL L 297 28.29 42.14 -65.25
CA VAL L 297 27.51 42.85 -66.26
C VAL L 297 28.39 43.23 -67.43
N ALA L 298 27.79 43.28 -68.62
CA ALA L 298 28.47 43.62 -69.87
C ALA L 298 27.63 44.67 -70.59
N LEU L 299 28.31 45.63 -71.23
CA LEU L 299 27.66 46.75 -71.89
C LEU L 299 28.23 46.94 -73.29
N HIS L 300 27.35 47.17 -74.26
CA HIS L 300 27.77 47.41 -75.63
C HIS L 300 26.86 48.45 -76.27
N ILE L 301 27.47 49.34 -77.06
CA ILE L 301 26.76 50.35 -77.83
C ILE L 301 26.95 50.02 -79.30
N ALA L 302 25.86 49.64 -79.98
CA ALA L 302 25.99 49.15 -81.35
C ALA L 302 26.16 50.27 -82.36
N ASP L 303 25.65 51.48 -82.07
CA ASP L 303 25.79 52.60 -82.99
C ASP L 303 25.83 53.88 -82.16
N ASP L 304 27.02 54.48 -82.04
CA ASP L 304 27.18 55.63 -81.15
C ASP L 304 26.57 56.92 -81.71
N LYS L 305 26.00 56.93 -82.90
CA LYS L 305 25.28 58.10 -83.38
C LYS L 305 23.81 58.08 -82.98
N ALA L 306 23.35 57.02 -82.33
CA ALA L 306 21.96 56.84 -81.93
C ALA L 306 21.56 57.62 -80.69
N PHE L 307 22.39 58.51 -80.16
CA PHE L 307 22.07 59.21 -78.93
C PHE L 307 22.35 60.71 -79.07
N ALA L 308 21.45 61.51 -78.50
CA ALA L 308 21.54 62.96 -78.56
C ALA L 308 21.17 63.54 -77.19
N LYS L 309 21.66 64.75 -76.94
CA LYS L 309 21.49 65.38 -75.62
C LYS L 309 21.11 66.85 -75.75
N LEU L 310 20.20 67.27 -74.88
CA LEU L 310 19.79 68.67 -74.75
C LEU L 310 20.35 69.20 -73.43
N VAL L 311 20.91 70.40 -73.48
CA VAL L 311 21.62 70.97 -72.33
C VAL L 311 21.37 72.47 -72.27
N PRO L 312 21.34 73.04 -71.06
CA PRO L 312 21.11 74.48 -70.94
C PRO L 312 22.22 75.29 -71.61
N ALA L 313 21.84 76.42 -72.19
CA ALA L 313 22.79 77.29 -72.86
C ALA L 313 23.67 78.02 -71.85
N SER M 16 58.25 -10.98 -3.91
CA SER M 16 58.98 -10.14 -2.92
C SER M 16 58.66 -8.66 -3.17
N ASN M 17 59.10 -7.80 -2.25
CA ASN M 17 58.86 -6.37 -2.36
C ASN M 17 60.00 -5.61 -3.06
N ASN M 18 60.94 -6.32 -3.67
CA ASN M 18 62.02 -5.68 -4.40
C ASN M 18 61.48 -4.81 -5.54
N VAL M 19 61.84 -3.53 -5.54
CA VAL M 19 61.37 -2.65 -6.62
C VAL M 19 62.38 -2.58 -7.77
N LYS M 20 63.66 -2.85 -7.50
CA LYS M 20 64.56 -3.17 -8.61
C LYS M 20 64.43 -4.65 -8.94
N PRO M 21 64.45 -5.04 -10.22
CA PRO M 21 64.30 -6.47 -10.54
C PRO M 21 65.39 -7.33 -9.93
N GLN M 22 65.02 -8.57 -9.63
CA GLN M 22 65.95 -9.57 -9.10
C GLN M 22 66.99 -9.97 -10.12
N VAL M 23 68.27 -9.78 -9.79
CA VAL M 23 69.35 -10.30 -10.62
C VAL M 23 69.52 -11.80 -10.34
N PHE M 24 69.47 -12.59 -11.41
CA PHE M 24 69.71 -14.03 -11.37
C PHE M 24 71.00 -14.38 -12.09
N ASN M 25 71.64 -15.46 -11.64
CA ASN M 25 72.90 -15.94 -12.19
C ASN M 25 72.86 -17.44 -12.45
N PRO M 26 72.79 -17.89 -13.72
CA PRO M 26 72.71 -17.10 -14.95
C PRO M 26 71.39 -16.33 -15.07
N ASP M 27 71.42 -15.25 -15.86
CA ASP M 27 70.26 -14.41 -16.10
C ASP M 27 69.20 -15.06 -16.99
N ASN M 28 68.88 -16.33 -16.76
CA ASN M 28 68.02 -17.08 -17.67
C ASN M 28 66.53 -16.96 -17.37
N VAL M 29 66.14 -16.40 -16.22
CA VAL M 29 64.72 -16.34 -15.86
C VAL M 29 64.02 -15.27 -16.70
N MET M 30 62.85 -15.63 -17.23
CA MET M 30 61.98 -14.66 -17.90
C MET M 30 61.39 -13.67 -16.90
N MET M 31 61.49 -12.38 -17.23
CA MET M 31 61.05 -11.32 -16.32
C MET M 31 60.16 -10.32 -17.03
N HIS M 32 59.16 -9.82 -16.29
CA HIS M 32 58.29 -8.76 -16.78
C HIS M 32 59.06 -7.44 -16.93
N GLU M 33 59.97 -7.16 -16.00
CA GLU M 33 60.80 -5.95 -16.05
C GLU M 33 62.23 -6.30 -16.44
N LYS M 34 62.69 -5.75 -17.57
CA LYS M 34 64.08 -5.93 -17.97
C LYS M 34 65.02 -5.21 -17.00
N LYS M 35 66.30 -5.59 -17.07
CA LYS M 35 67.34 -4.90 -16.30
C LYS M 35 67.40 -3.40 -16.55
N ASP M 36 67.07 -2.94 -17.75
CA ASP M 36 67.14 -1.52 -18.05
C ASP M 36 65.89 -0.75 -17.61
N GLY M 37 64.96 -1.41 -16.93
CA GLY M 37 63.74 -0.78 -16.47
C GLY M 37 62.58 -0.80 -17.44
N THR M 38 62.74 -1.42 -18.61
CA THR M 38 61.62 -1.56 -19.52
C THR M 38 60.60 -2.53 -18.93
N LEU M 39 59.32 -2.16 -18.98
CA LEU M 39 58.24 -3.02 -18.49
C LEU M 39 57.41 -3.46 -19.69
N MET M 40 57.31 -4.76 -19.88
CA MET M 40 56.53 -5.32 -20.99
C MET M 40 55.06 -5.48 -20.61
N ASN M 41 54.42 -4.35 -20.32
CA ASN M 41 52.98 -4.32 -20.17
C ASN M 41 52.36 -4.13 -21.55
N GLU M 42 51.13 -4.64 -21.72
CA GLU M 42 50.42 -4.49 -22.98
C GLU M 42 51.21 -5.12 -24.12
N PHE M 43 52.13 -6.02 -23.77
CA PHE M 43 53.06 -6.64 -24.72
C PHE M 43 52.35 -7.48 -25.77
N THR M 44 52.53 -7.14 -27.04
CA THR M 44 51.98 -7.94 -28.12
C THR M 44 52.78 -9.22 -28.29
N THR M 45 52.07 -10.31 -28.56
CA THR M 45 52.71 -11.60 -28.77
C THR M 45 53.64 -11.57 -29.98
N PRO M 46 54.92 -11.96 -29.83
CA PRO M 46 55.80 -12.05 -31.00
C PRO M 46 55.22 -12.93 -32.09
N ILE M 47 55.74 -12.80 -33.31
CA ILE M 47 55.31 -13.60 -34.44
C ILE M 47 56.52 -14.30 -35.04
N LEU M 48 56.32 -15.56 -35.46
CA LEU M 48 57.41 -16.45 -35.87
C LEU M 48 57.96 -16.05 -37.23
N GLN M 49 58.86 -15.06 -37.19
CA GLN M 49 59.45 -14.48 -38.39
C GLN M 49 60.18 -15.51 -39.26
N GLU M 50 60.72 -16.57 -38.64
CA GLU M 50 61.32 -17.69 -39.37
C GLU M 50 60.52 -18.96 -39.13
N VAL M 51 60.44 -19.82 -40.16
CA VAL M 51 59.77 -21.10 -40.01
C VAL M 51 60.55 -22.01 -39.06
N MET M 52 59.80 -22.79 -38.29
CA MET M 52 60.35 -23.75 -37.35
C MET M 52 61.19 -24.83 -38.05
N GLU M 53 62.42 -25.03 -37.54
CA GLU M 53 63.34 -26.05 -38.05
C GLU M 53 62.95 -27.46 -37.61
N ASN M 54 63.34 -28.44 -38.42
CA ASN M 54 63.06 -29.86 -38.21
C ASN M 54 64.33 -30.69 -38.17
N SER M 55 64.29 -31.78 -37.39
CA SER M 55 65.42 -32.72 -37.31
C SER M 55 65.73 -33.37 -38.65
N LYS M 56 66.94 -33.11 -39.15
CA LYS M 56 67.37 -33.69 -40.42
C LYS M 56 67.64 -35.19 -40.32
N ILE M 57 68.27 -35.66 -39.24
CA ILE M 57 68.46 -37.11 -39.15
C ILE M 57 67.13 -37.84 -38.93
N MET M 58 66.15 -37.21 -38.27
CA MET M 58 64.84 -37.85 -38.25
C MET M 58 64.20 -37.82 -39.63
N GLN M 59 64.60 -36.88 -40.48
CA GLN M 59 64.08 -36.87 -41.84
C GLN M 59 64.76 -37.93 -42.71
N LEU M 60 66.09 -37.90 -42.76
CA LEU M 60 66.88 -38.79 -43.61
C LEU M 60 67.05 -40.20 -43.07
N GLY M 61 67.48 -40.33 -41.82
CA GLY M 61 67.80 -41.64 -41.27
C GLY M 61 66.61 -42.57 -41.14
N LYS M 62 66.93 -43.83 -40.89
CA LYS M 62 65.97 -44.91 -40.73
C LYS M 62 65.59 -45.08 -39.26
N TYR M 63 64.28 -45.01 -38.98
CA TYR M 63 63.78 -45.25 -37.63
C TYR M 63 64.02 -46.70 -37.24
N GLU M 64 64.26 -46.92 -35.95
CA GLU M 64 64.43 -48.26 -35.38
C GLU M 64 63.50 -48.49 -34.19
N PRO M 65 62.48 -49.35 -34.31
CA PRO M 65 61.67 -49.66 -33.12
C PRO M 65 62.55 -50.10 -31.97
N MET M 66 62.47 -49.40 -30.84
CA MET M 66 63.39 -49.62 -29.73
C MET M 66 62.64 -49.51 -28.42
N GLU M 67 62.72 -50.56 -27.59
CA GLU M 67 62.22 -50.51 -26.22
C GLU M 67 63.39 -50.62 -25.25
N GLY M 68 63.45 -49.71 -24.29
CA GLY M 68 64.64 -49.59 -23.47
C GLY M 68 65.82 -49.14 -24.31
N THR M 69 66.94 -49.85 -24.17
CA THR M 69 68.22 -49.36 -24.68
C THR M 69 69.20 -50.51 -24.89
N ARG M 104 72.16 -47.51 -28.12
CA ARG M 104 72.33 -47.02 -26.75
C ARG M 104 71.85 -45.57 -26.70
N ALA M 105 70.92 -45.28 -25.80
CA ALA M 105 70.32 -43.94 -25.73
C ALA M 105 71.02 -43.02 -24.73
N PHE M 106 70.84 -41.72 -24.95
CA PHE M 106 71.25 -40.66 -24.04
C PHE M 106 70.14 -39.64 -23.90
N LYS M 107 70.03 -39.07 -22.69
CA LYS M 107 68.98 -38.11 -22.39
C LYS M 107 69.36 -36.70 -22.82
N LEU M 108 68.39 -35.99 -23.40
CA LEU M 108 68.42 -34.55 -23.62
C LEU M 108 67.44 -33.88 -22.66
N GLY M 109 67.81 -32.73 -22.10
CA GLY M 109 66.90 -32.08 -21.18
C GLY M 109 67.14 -30.58 -21.07
N VAL M 110 66.12 -29.86 -20.60
CA VAL M 110 66.24 -28.42 -20.36
C VAL M 110 65.10 -27.95 -19.46
N ILE M 111 65.38 -26.90 -18.67
CA ILE M 111 64.36 -26.25 -17.84
C ILE M 111 64.32 -24.76 -18.14
N LEU M 112 63.11 -24.24 -18.38
CA LEU M 112 62.85 -22.82 -18.64
C LEU M 112 62.13 -22.17 -17.47
N PRO M 113 62.79 -21.37 -16.64
CA PRO M 113 62.09 -20.67 -15.56
C PRO M 113 61.44 -19.38 -16.03
N VAL M 114 60.31 -19.04 -15.39
CA VAL M 114 59.50 -17.88 -15.72
C VAL M 114 58.99 -17.21 -14.45
N THR M 115 59.20 -15.90 -14.34
CA THR M 115 58.60 -15.12 -13.26
C THR M 115 57.09 -15.00 -13.47
N LYS M 116 56.33 -15.28 -12.43
CA LYS M 116 54.89 -15.37 -12.62
C LYS M 116 54.25 -14.00 -12.89
N GLU M 117 54.92 -12.89 -12.58
CA GLU M 117 54.45 -11.61 -13.15
C GLU M 117 54.51 -11.67 -14.67
N PHE M 118 55.62 -12.13 -15.22
CA PHE M 118 55.70 -12.30 -16.67
C PHE M 118 54.57 -13.20 -17.16
N LEU M 119 54.31 -14.28 -16.44
CA LEU M 119 53.28 -15.21 -16.89
C LEU M 119 51.87 -14.65 -16.76
N ASN M 120 51.65 -13.67 -15.87
CA ASN M 120 50.32 -13.09 -15.69
C ASN M 120 50.06 -11.93 -16.65
N TYR M 121 50.94 -10.93 -16.64
CA TYR M 121 50.75 -9.69 -17.37
C TYR M 121 51.35 -9.72 -18.77
N THR M 122 52.63 -10.10 -18.88
CA THR M 122 53.32 -10.03 -20.15
C THR M 122 52.78 -11.04 -21.17
N TYR M 123 52.81 -12.33 -20.85
CA TYR M 123 52.55 -13.35 -21.87
C TYR M 123 51.93 -14.60 -21.23
N SER M 124 50.61 -14.60 -21.12
CA SER M 124 49.88 -15.68 -20.44
C SER M 124 50.17 -17.06 -21.03
N GLN M 125 50.04 -17.22 -22.34
CA GLN M 125 50.21 -18.52 -23.01
C GLN M 125 51.66 -18.94 -23.21
N PHE M 126 52.64 -18.23 -22.64
CA PHE M 126 54.06 -18.51 -22.89
C PHE M 126 54.42 -19.99 -22.98
N PHE M 127 54.06 -20.79 -21.97
CA PHE M 127 54.53 -22.19 -21.95
C PHE M 127 53.96 -23.02 -23.08
N GLU M 128 52.78 -22.70 -23.60
CA GLU M 128 52.27 -23.47 -24.73
C GLU M 128 52.95 -23.05 -26.03
N GLU M 129 53.17 -21.75 -26.22
CA GLU M 129 53.87 -21.28 -27.41
C GLU M 129 55.35 -21.67 -27.40
N MET M 130 55.92 -21.94 -26.24
CA MET M 130 57.34 -22.23 -26.11
C MET M 130 57.68 -23.71 -26.33
N LYS M 131 56.69 -24.60 -26.43
CA LYS M 131 56.99 -26.01 -26.62
C LYS M 131 57.61 -26.33 -27.97
N PRO M 132 57.10 -25.81 -29.09
CA PRO M 132 57.76 -26.08 -30.37
C PRO M 132 59.19 -25.60 -30.40
N MET M 133 59.45 -24.43 -29.81
CA MET M 133 60.80 -23.89 -29.81
C MET M 133 61.76 -24.74 -28.97
N ILE M 134 61.25 -25.41 -27.94
CA ILE M 134 62.03 -26.45 -27.26
C ILE M 134 62.30 -27.62 -28.20
N ALA M 135 61.26 -28.15 -28.82
CA ALA M 135 61.49 -29.34 -29.63
C ALA M 135 62.45 -29.03 -30.78
N GLU M 136 62.37 -27.81 -31.31
CA GLU M 136 63.37 -27.34 -32.27
C GLU M 136 64.77 -27.39 -31.67
N ALA M 137 64.94 -26.92 -30.43
CA ALA M 137 66.26 -26.97 -29.82
C ALA M 137 66.77 -28.40 -29.69
N PHE M 138 65.89 -29.34 -29.31
CA PHE M 138 66.31 -30.74 -29.24
C PHE M 138 66.68 -31.29 -30.61
N TYR M 139 65.88 -31.00 -31.63
CA TYR M 139 66.19 -31.45 -32.97
C TYR M 139 67.56 -30.95 -33.41
N LYS M 140 67.82 -29.65 -33.22
CA LYS M 140 69.11 -29.09 -33.60
C LYS M 140 70.25 -29.74 -32.84
N LYS M 141 70.07 -29.97 -31.53
CA LYS M 141 71.14 -30.62 -30.77
C LYS M 141 71.42 -32.00 -31.32
N PHE M 142 70.37 -32.77 -31.58
CA PHE M 142 70.57 -34.15 -32.02
C PHE M 142 71.20 -34.20 -33.41
N ASP M 143 70.72 -33.36 -34.32
CA ASP M 143 71.33 -33.26 -35.65
C ASP M 143 72.81 -32.92 -35.56
N GLU M 144 73.12 -31.83 -34.85
CA GLU M 144 74.50 -31.38 -34.72
C GLU M 144 75.39 -32.47 -34.11
N ALA M 145 74.86 -33.26 -33.19
CA ALA M 145 75.64 -34.35 -32.64
C ALA M 145 75.86 -35.44 -33.68
N GLY M 146 74.78 -35.98 -34.25
CA GLY M 146 74.92 -37.14 -35.11
C GLY M 146 75.72 -36.86 -36.37
N ILE M 147 75.46 -35.71 -37.01
CA ILE M 147 76.11 -35.35 -38.28
C ILE M 147 77.53 -34.84 -38.07
N LEU M 148 77.65 -33.69 -37.40
CA LEU M 148 78.91 -32.98 -37.31
C LEU M 148 79.80 -33.40 -36.14
N ASN M 149 79.29 -34.21 -35.21
CA ASN M 149 80.08 -34.56 -34.02
C ASN M 149 80.41 -33.32 -33.20
N GLN M 150 79.43 -32.43 -33.10
CA GLN M 150 79.59 -31.16 -32.40
C GLN M 150 78.57 -31.09 -31.29
N GLY M 151 78.88 -30.31 -30.26
CA GLY M 151 78.01 -30.21 -29.10
C GLY M 151 78.10 -31.38 -28.16
N ASN M 152 79.32 -31.85 -27.88
CA ASN M 152 79.58 -32.87 -26.87
C ASN M 152 78.83 -34.17 -27.13
N ASN M 153 78.63 -34.53 -28.39
CA ASN M 153 77.78 -35.67 -28.71
C ASN M 153 78.21 -36.88 -27.89
N PRO M 154 77.34 -37.44 -27.03
CA PRO M 154 77.81 -38.47 -26.10
C PRO M 154 78.00 -39.82 -26.75
N PHE M 155 77.42 -40.03 -27.92
CA PHE M 155 77.67 -41.26 -28.67
C PHE M 155 79.14 -41.32 -29.08
N GLY M 156 79.61 -42.54 -29.33
CA GLY M 156 80.85 -42.73 -30.04
C GLY M 156 80.71 -42.67 -31.54
N LYS M 157 79.49 -42.46 -32.02
CA LYS M 157 79.12 -42.65 -33.42
C LYS M 157 78.71 -41.31 -34.01
N SER M 158 79.24 -40.99 -35.18
CA SER M 158 78.76 -39.82 -35.91
C SER M 158 79.20 -39.94 -37.36
N ILE M 159 78.48 -39.23 -38.23
CA ILE M 159 78.89 -39.14 -39.63
C ILE M 159 80.25 -38.47 -39.75
N ALA M 160 80.45 -37.36 -39.06
CA ALA M 160 81.75 -36.71 -39.09
C ALA M 160 82.87 -37.68 -38.76
N GLN M 161 82.69 -38.50 -37.71
CA GLN M 161 83.70 -39.50 -37.40
C GLN M 161 83.79 -40.57 -38.47
N SER M 162 82.66 -41.02 -39.01
CA SER M 162 82.68 -42.02 -40.07
C SER M 162 83.54 -41.55 -41.23
N ILE M 163 83.26 -40.35 -41.73
CA ILE M 163 84.05 -39.78 -42.82
C ILE M 163 85.51 -39.65 -42.42
N GLU M 164 85.78 -39.05 -41.26
CA GLU M 164 87.16 -38.83 -40.87
C GLU M 164 87.92 -40.15 -40.66
N LYS M 165 87.20 -41.22 -40.33
CA LYS M 165 87.80 -42.54 -40.21
C LYS M 165 88.13 -43.12 -41.58
N THR M 166 87.14 -43.20 -42.47
CA THR M 166 87.35 -43.79 -43.79
C THR M 166 88.07 -42.86 -44.76
N ASN M 167 88.35 -41.62 -44.37
CA ASN M 167 89.04 -40.64 -45.21
C ASN M 167 88.34 -40.43 -46.55
N LYS M 168 87.03 -40.62 -46.59
CA LYS M 168 86.23 -40.49 -47.81
C LYS M 168 85.89 -39.02 -48.10
N VAL M 169 86.95 -38.23 -48.35
CA VAL M 169 86.84 -36.78 -48.54
C VAL M 169 87.42 -36.37 -49.88
N ILE M 170 86.71 -35.45 -50.55
CA ILE M 170 87.13 -34.84 -51.81
C ILE M 170 87.54 -33.40 -51.57
N LYS M 171 88.80 -33.09 -51.85
CA LYS M 171 89.30 -31.70 -51.83
C LYS M 171 88.99 -31.04 -53.16
N GLY M 172 88.24 -29.95 -53.16
CA GLY M 172 87.99 -29.27 -54.41
C GLY M 172 86.83 -28.30 -54.35
N ASP M 173 86.78 -27.46 -55.38
CA ASP M 173 85.69 -26.52 -55.64
C ASP M 173 84.49 -27.28 -56.19
N PHE M 174 83.32 -26.63 -56.18
CA PHE M 174 82.14 -27.26 -56.72
C PHE M 174 82.19 -27.25 -58.24
N THR M 175 82.20 -28.45 -58.83
CA THR M 175 82.16 -28.63 -60.28
C THR M 175 81.37 -29.90 -60.53
N GLN M 176 80.89 -30.05 -61.77
CA GLN M 176 80.16 -31.28 -62.08
C GLN M 176 81.05 -32.49 -61.90
N ASP M 177 82.32 -32.37 -62.27
CA ASP M 177 83.23 -33.50 -62.09
C ASP M 177 83.45 -33.81 -60.62
N ASN M 178 83.47 -32.80 -59.76
CA ASN M 178 83.66 -33.07 -58.34
C ASN M 178 82.40 -33.64 -57.71
N ILE M 179 81.22 -33.24 -58.20
CA ILE M 179 79.99 -33.86 -57.72
C ILE M 179 79.95 -35.33 -58.12
N ILE M 180 80.38 -35.63 -59.35
CA ILE M 180 80.37 -37.00 -59.82
C ILE M 180 81.40 -37.82 -59.05
N ASP M 181 82.58 -37.27 -58.79
CA ASP M 181 83.58 -37.99 -58.01
C ASP M 181 83.10 -38.23 -56.59
N LEU M 182 82.44 -37.25 -55.98
CA LEU M 182 81.90 -37.43 -54.64
C LEU M 182 80.91 -38.59 -54.60
N GLU M 183 79.98 -38.62 -55.55
CA GLU M 183 79.02 -39.72 -55.60
C GLU M 183 79.72 -41.05 -55.88
N ALA M 184 80.75 -41.03 -56.73
CA ALA M 184 81.48 -42.24 -57.03
C ALA M 184 82.21 -42.77 -55.81
N LEU M 185 82.58 -41.90 -54.86
CA LEU M 185 83.19 -42.40 -53.64
C LEU M 185 82.27 -43.33 -52.89
N LEU M 186 80.95 -43.18 -53.05
CA LEU M 186 80.02 -44.12 -52.45
C LEU M 186 79.82 -45.33 -53.34
N GLU M 187 79.59 -45.10 -54.63
CA GLU M 187 79.31 -46.24 -55.49
C GLU M 187 80.52 -47.16 -55.63
N ASP M 188 81.71 -46.68 -55.32
CA ASP M 188 82.88 -47.56 -55.25
C ASP M 188 82.64 -48.72 -54.31
N ASP M 189 82.02 -48.46 -53.16
CA ASP M 189 81.74 -49.48 -52.16
C ASP M 189 80.32 -50.03 -52.28
N GLU M 190 79.77 -50.08 -53.48
CA GLU M 190 78.48 -50.68 -53.78
C GLU M 190 77.30 -49.97 -53.13
N LEU M 191 77.52 -48.78 -52.58
CA LEU M 191 76.46 -47.98 -51.96
C LEU M 191 76.14 -46.80 -52.85
N GLU M 192 74.84 -46.51 -53.01
CA GLU M 192 74.39 -45.42 -53.86
C GLU M 192 73.83 -44.27 -53.02
N ALA M 193 74.25 -43.06 -53.36
CA ALA M 193 73.84 -41.86 -52.63
C ALA M 193 72.33 -41.70 -52.62
N ASN M 194 71.80 -41.33 -51.45
CA ASN M 194 70.36 -41.12 -51.28
C ASN M 194 69.97 -39.66 -51.15
N ALA M 195 70.84 -38.79 -50.64
CA ALA M 195 70.50 -37.39 -50.47
C ALA M 195 71.77 -36.60 -50.20
N PHE M 196 71.65 -35.26 -50.23
CA PHE M 196 72.75 -34.37 -49.92
C PHE M 196 72.42 -33.48 -48.73
N ILE M 197 73.44 -33.16 -47.93
CA ILE M 197 73.36 -32.24 -46.81
C ILE M 197 74.23 -31.03 -47.14
N SER M 198 73.64 -29.84 -47.13
CA SER M 198 74.40 -28.66 -47.53
C SER M 198 74.03 -27.42 -46.74
N LYS M 199 75.01 -26.52 -46.66
CA LYS M 199 74.80 -25.18 -46.13
C LYS M 199 74.04 -24.39 -47.20
N THR M 200 72.86 -23.88 -46.85
CA THR M 200 72.03 -23.23 -47.87
C THR M 200 72.75 -22.09 -48.56
N GLN M 201 73.73 -21.47 -47.90
CA GLN M 201 74.45 -20.34 -48.46
C GLN M 201 75.29 -20.64 -49.70
N ASN M 202 75.43 -21.89 -50.13
CA ASN M 202 76.22 -22.18 -51.32
C ASN M 202 75.36 -22.47 -52.56
N ARG M 203 74.05 -22.24 -52.49
CA ARG M 203 73.24 -22.35 -53.68
C ARG M 203 73.75 -21.40 -54.76
N SER M 204 74.40 -20.31 -54.35
CA SER M 204 75.01 -19.40 -55.31
C SER M 204 76.11 -20.08 -56.10
N LEU M 205 76.78 -21.06 -55.50
CA LEU M 205 77.77 -21.83 -56.23
C LEU M 205 77.11 -22.90 -57.08
N LEU M 206 76.09 -23.57 -56.54
CA LEU M 206 75.47 -24.65 -57.29
C LEU M 206 74.78 -24.16 -58.56
N ARG M 207 74.21 -22.96 -58.56
CA ARG M 207 73.56 -22.48 -59.79
C ARG M 207 74.57 -22.26 -60.93
N LYS M 208 75.85 -22.12 -60.62
CA LYS M 208 76.87 -21.86 -61.65
C LYS M 208 77.39 -23.11 -62.35
N ILE M 209 76.88 -24.31 -62.07
CA ILE M 209 77.39 -25.54 -62.67
C ILE M 209 76.38 -26.04 -63.70
N VAL M 210 76.85 -26.28 -64.91
CA VAL M 210 76.03 -26.78 -66.01
C VAL M 210 76.73 -27.98 -66.65
N ASP M 211 75.94 -28.97 -67.05
CA ASP M 211 76.45 -30.16 -67.74
C ASP M 211 76.92 -29.80 -69.14
N PRO M 212 78.22 -29.91 -69.45
CA PRO M 212 78.67 -29.48 -70.78
C PRO M 212 78.25 -30.40 -71.90
N GLU M 213 77.69 -31.58 -71.62
CA GLU M 213 77.13 -32.39 -72.70
C GLU M 213 75.70 -31.95 -72.99
N THR M 214 74.82 -32.08 -71.99
CA THR M 214 73.43 -31.66 -72.19
C THR M 214 73.29 -30.15 -72.16
N LYS M 215 74.31 -29.43 -71.67
CA LYS M 215 74.31 -27.97 -71.63
C LYS M 215 73.11 -27.41 -70.88
N GLU M 216 72.88 -27.92 -69.66
CA GLU M 216 71.81 -27.44 -68.80
C GLU M 216 72.27 -27.46 -67.35
N ARG M 217 71.54 -26.74 -66.51
CA ARG M 217 71.87 -26.62 -65.09
C ARG M 217 71.77 -27.98 -64.41
N ILE M 218 72.85 -28.39 -63.73
CA ILE M 218 72.79 -29.65 -62.98
C ILE M 218 71.97 -29.51 -61.70
N TYR M 219 71.76 -28.29 -61.24
CA TYR M 219 71.05 -28.00 -59.99
C TYR M 219 69.72 -27.34 -60.30
N ASP M 220 68.64 -27.97 -59.89
CA ASP M 220 67.29 -27.42 -60.07
C ASP M 220 66.98 -26.55 -58.85
N ARG M 221 67.08 -25.23 -59.04
CA ARG M 221 66.82 -24.28 -57.97
C ARG M 221 65.37 -24.24 -57.51
N ASN M 222 64.43 -24.71 -58.33
CA ASN M 222 63.05 -24.76 -57.86
C ASN M 222 62.77 -26.00 -57.03
N SER M 223 63.26 -27.16 -57.51
CA SER M 223 63.13 -28.40 -56.76
C SER M 223 64.10 -28.47 -55.60
N ASP M 224 65.17 -27.69 -55.64
CA ASP M 224 66.25 -27.79 -54.66
C ASP M 224 66.75 -29.23 -54.61
N SER M 225 67.09 -29.73 -55.79
CA SER M 225 67.61 -31.08 -55.95
C SER M 225 68.84 -31.00 -56.84
N LEU M 226 69.89 -31.72 -56.44
CA LEU M 226 71.15 -31.72 -57.18
C LEU M 226 71.31 -33.08 -57.85
N ASP M 227 71.52 -33.06 -59.16
CA ASP M 227 71.67 -34.29 -59.93
C ASP M 227 70.51 -35.25 -59.63
N GLY M 228 69.33 -34.67 -59.44
CA GLY M 228 68.14 -35.44 -59.14
C GLY M 228 67.99 -35.89 -57.70
N LEU M 229 68.96 -35.64 -56.85
CA LEU M 229 68.85 -36.07 -55.46
C LEU M 229 68.45 -34.89 -54.56
N PRO M 230 67.59 -35.11 -53.57
CA PRO M 230 67.17 -34.00 -52.71
C PRO M 230 68.28 -33.50 -51.81
N VAL M 231 68.37 -32.18 -51.70
CA VAL M 231 69.34 -31.49 -50.85
C VAL M 231 68.60 -30.94 -49.64
N VAL M 232 69.02 -31.34 -48.44
CA VAL M 232 68.51 -30.78 -47.21
C VAL M 232 69.51 -29.76 -46.70
N ASN M 233 69.01 -28.68 -46.12
CA ASN M 233 69.83 -27.56 -45.66
C ASN M 233 70.01 -27.61 -44.16
N LEU M 234 71.24 -27.42 -43.69
CA LEU M 234 71.52 -27.28 -42.27
C LEU M 234 71.75 -25.81 -41.90
N LYS M 235 70.93 -25.30 -40.99
CA LYS M 235 71.10 -23.94 -40.47
C LYS M 235 72.30 -23.79 -39.55
N SER M 236 72.77 -24.87 -38.95
CA SER M 236 73.85 -24.79 -37.96
C SER M 236 75.07 -24.06 -38.51
N SER M 237 75.70 -23.29 -37.62
CA SER M 237 76.88 -22.48 -37.95
C SER M 237 78.15 -23.30 -38.23
N ASN M 238 78.18 -24.58 -37.86
CA ASN M 238 79.42 -25.33 -37.96
C ASN M 238 79.74 -25.76 -39.40
N LEU M 239 78.74 -26.10 -40.20
CA LEU M 239 78.98 -26.47 -41.60
C LEU M 239 79.30 -25.22 -42.43
N LYS M 240 80.54 -25.10 -42.87
CA LYS M 240 81.01 -23.96 -43.64
C LYS M 240 80.38 -23.88 -45.02
N ARG M 241 80.52 -22.69 -45.63
CA ARG M 241 79.99 -22.39 -46.96
C ARG M 241 80.34 -23.44 -48.01
N GLY M 242 81.62 -23.73 -48.18
CA GLY M 242 82.06 -24.64 -49.22
C GLY M 242 82.00 -26.14 -48.97
N GLU M 243 81.28 -26.59 -47.95
CA GLU M 243 81.28 -28.01 -47.59
C GLU M 243 79.94 -28.67 -47.91
N LEU M 244 80.02 -29.90 -48.44
CA LEU M 244 78.86 -30.66 -48.85
C LEU M 244 79.02 -32.11 -48.41
N ILE M 245 77.95 -32.73 -47.91
CA ILE M 245 77.98 -34.09 -47.39
C ILE M 245 76.96 -34.96 -48.11
N THR M 246 77.31 -36.23 -48.37
CA THR M 246 76.36 -37.15 -48.98
C THR M 246 76.62 -38.56 -48.48
N GLY M 247 75.58 -39.39 -48.55
CA GLY M 247 75.70 -40.77 -48.12
C GLY M 247 74.40 -41.52 -48.35
N ASP M 248 74.45 -42.82 -48.07
CA ASP M 248 73.25 -43.66 -48.07
C ASP M 248 72.67 -43.62 -46.66
N PHE M 249 71.84 -42.61 -46.42
CA PHE M 249 71.27 -42.37 -45.10
C PHE M 249 70.44 -43.52 -44.54
N ASP M 250 70.01 -44.48 -45.35
CA ASP M 250 69.37 -45.65 -44.75
C ASP M 250 70.31 -46.38 -43.79
N LYS M 251 71.62 -46.23 -43.97
CA LYS M 251 72.60 -46.81 -43.06
C LYS M 251 72.73 -46.06 -41.75
N LEU M 252 72.11 -44.88 -41.63
CA LEU M 252 72.12 -44.13 -40.37
C LEU M 252 70.81 -44.38 -39.66
N ILE M 253 70.91 -45.05 -38.50
CA ILE M 253 69.75 -45.56 -37.77
C ILE M 253 69.64 -44.80 -36.45
N TYR M 254 68.41 -44.45 -36.09
CA TYR M 254 68.13 -43.73 -34.86
C TYR M 254 66.89 -44.32 -34.21
N GLY M 255 66.80 -44.11 -32.89
CA GLY M 255 65.63 -44.53 -32.14
C GLY M 255 65.32 -43.55 -31.03
N ILE M 256 64.06 -43.59 -30.59
CA ILE M 256 63.58 -42.66 -29.59
C ILE M 256 62.87 -43.43 -28.48
N PRO M 257 63.62 -44.00 -27.52
CA PRO M 257 62.98 -44.67 -26.38
C PRO M 257 62.09 -43.77 -25.53
N GLN M 258 62.03 -42.47 -25.80
CA GLN M 258 61.04 -41.62 -25.13
C GLN M 258 60.78 -40.37 -25.94
N LEU M 259 59.52 -40.18 -26.31
CA LEU M 259 59.05 -38.91 -26.84
C LEU M 259 59.26 -37.80 -25.81
N ILE M 260 59.30 -36.56 -26.30
CA ILE M 260 59.50 -35.41 -25.41
C ILE M 260 58.45 -35.43 -24.30
N GLU M 261 58.88 -35.65 -23.07
CA GLU M 261 58.06 -35.36 -21.90
C GLU M 261 58.12 -33.86 -21.62
N TYR M 262 57.01 -33.31 -21.13
CA TYR M 262 57.00 -32.01 -20.48
C TYR M 262 56.39 -32.13 -19.09
N LYS M 263 56.94 -31.38 -18.14
CA LYS M 263 56.29 -31.21 -16.85
C LYS M 263 56.44 -29.77 -16.39
N ILE M 264 55.38 -29.19 -15.85
CA ILE M 264 55.37 -27.77 -15.51
C ILE M 264 55.09 -27.65 -14.02
N ASP M 265 55.88 -26.84 -13.33
CA ASP M 265 56.00 -26.97 -11.89
C ASP M 265 56.21 -25.63 -11.20
N GLU M 266 55.67 -25.53 -9.99
CA GLU M 266 55.51 -24.28 -9.27
C GLU M 266 56.08 -24.39 -7.86
N THR M 267 57.03 -25.31 -7.66
CA THR M 267 57.40 -25.74 -6.31
C THR M 267 58.86 -26.19 -6.19
N ALA M 268 59.44 -26.71 -7.27
CA ALA M 268 60.78 -27.26 -7.21
C ALA M 268 61.82 -26.19 -6.85
N GLN M 269 62.96 -26.67 -6.38
CA GLN M 269 64.18 -25.88 -6.28
C GLN M 269 64.99 -25.97 -7.57
N LEU M 270 65.62 -24.86 -7.95
CA LEU M 270 66.53 -24.82 -9.10
C LEU M 270 67.93 -24.51 -8.60
N SER M 271 68.71 -25.56 -8.32
CA SER M 271 70.05 -25.36 -7.80
C SER M 271 70.97 -24.69 -8.82
N THR M 272 70.70 -24.87 -10.10
CA THR M 272 71.52 -24.31 -11.18
C THR M 272 71.21 -22.85 -11.48
N VAL M 273 70.36 -22.18 -10.71
CA VAL M 273 70.08 -20.75 -10.91
C VAL M 273 70.11 -20.08 -9.54
N LYS M 274 71.20 -19.38 -9.24
CA LYS M 274 71.38 -18.75 -7.93
C LYS M 274 70.75 -17.38 -7.89
N ASN M 275 70.25 -17.01 -6.71
CA ASN M 275 69.90 -15.62 -6.47
C ASN M 275 71.16 -14.77 -6.41
N GLU M 276 70.97 -13.45 -6.41
CA GLU M 276 72.11 -12.54 -6.29
C GLU M 276 72.96 -12.87 -5.06
N ASP M 277 72.34 -13.31 -3.97
CA ASP M 277 73.06 -13.62 -2.75
C ASP M 277 73.60 -15.06 -2.71
N GLY M 278 73.40 -15.84 -3.77
CA GLY M 278 73.95 -17.18 -3.84
C GLY M 278 73.06 -18.31 -3.33
N THR M 279 71.90 -18.00 -2.73
CA THR M 279 70.97 -19.07 -2.40
C THR M 279 70.23 -19.57 -3.65
N PRO M 280 70.00 -20.88 -3.76
CA PRO M 280 69.23 -21.40 -4.91
C PRO M 280 67.83 -20.80 -4.98
N VAL M 281 67.31 -20.72 -6.20
CA VAL M 281 65.93 -20.30 -6.41
C VAL M 281 64.98 -21.34 -5.84
N ASN M 282 64.00 -20.89 -5.07
CA ASN M 282 62.86 -21.71 -4.66
C ASN M 282 61.63 -21.17 -5.37
N LEU M 283 61.06 -21.96 -6.29
CA LEU M 283 60.01 -21.45 -7.15
C LEU M 283 58.76 -21.03 -6.36
N PHE M 284 58.43 -21.77 -5.30
CA PHE M 284 57.23 -21.42 -4.55
C PHE M 284 57.48 -20.17 -3.71
N GLU M 285 58.63 -20.08 -3.06
CA GLU M 285 58.89 -18.94 -2.20
C GLU M 285 59.01 -17.67 -3.01
N GLN M 286 59.71 -17.75 -4.15
CA GLN M 286 59.92 -16.61 -5.02
C GLN M 286 58.85 -16.45 -6.10
N ASP M 287 57.70 -17.11 -5.94
CA ASP M 287 56.54 -16.87 -6.79
C ASP M 287 56.89 -17.05 -8.26
N MET M 288 57.37 -18.23 -8.59
CA MET M 288 57.98 -18.48 -9.90
C MET M 288 57.54 -19.85 -10.40
N VAL M 289 57.69 -20.06 -11.71
CA VAL M 289 57.26 -21.30 -12.37
C VAL M 289 58.39 -21.78 -13.26
N ALA M 290 58.47 -23.09 -13.48
CA ALA M 290 59.42 -23.60 -14.47
C ALA M 290 58.81 -24.72 -15.30
N LEU M 291 59.26 -24.80 -16.55
CA LEU M 291 58.93 -25.90 -17.44
C LEU M 291 60.15 -26.81 -17.57
N ARG M 292 59.96 -28.11 -17.44
CA ARG M 292 60.99 -29.10 -17.76
C ARG M 292 60.59 -29.86 -19.02
N ALA M 293 61.55 -30.06 -19.91
CA ALA M 293 61.37 -30.94 -21.05
C ALA M 293 62.51 -31.94 -21.10
N THR M 294 62.19 -33.21 -21.40
CA THR M 294 63.25 -34.22 -21.50
C THR M 294 62.90 -35.27 -22.55
N MET M 295 63.95 -35.85 -23.14
CA MET M 295 63.83 -36.77 -24.25
C MET M 295 64.97 -37.76 -24.17
N HIS M 296 64.76 -38.98 -24.65
CA HIS M 296 65.88 -39.92 -24.85
C HIS M 296 65.99 -40.28 -26.31
N VAL M 297 67.23 -40.31 -26.82
CA VAL M 297 67.45 -40.67 -28.21
C VAL M 297 68.69 -41.54 -28.30
N ALA M 298 68.74 -42.34 -29.36
CA ALA M 298 69.83 -43.28 -29.59
C ALA M 298 70.19 -43.23 -31.05
N LEU M 299 71.47 -43.37 -31.35
CA LEU M 299 71.99 -43.18 -32.70
C LEU M 299 72.93 -44.31 -33.04
N HIS M 300 72.79 -44.84 -34.26
CA HIS M 300 73.68 -45.90 -34.74
C HIS M 300 74.00 -45.73 -36.22
N ILE M 301 75.25 -46.01 -36.56
CA ILE M 301 75.73 -46.02 -37.93
C ILE M 301 76.02 -47.46 -38.34
N ALA M 302 75.17 -48.02 -39.20
CA ALA M 302 75.29 -49.42 -39.56
C ALA M 302 76.52 -49.69 -40.41
N ASP M 303 76.91 -48.74 -41.26
CA ASP M 303 78.08 -48.91 -42.13
C ASP M 303 78.74 -47.55 -42.31
N ASP M 304 79.83 -47.32 -41.59
CA ASP M 304 80.49 -46.01 -41.57
C ASP M 304 81.16 -45.65 -42.89
N LYS M 305 81.21 -46.55 -43.87
CA LYS M 305 81.75 -46.19 -45.18
C LYS M 305 80.68 -45.62 -46.12
N ALA M 306 79.43 -45.54 -45.68
CA ALA M 306 78.35 -45.06 -46.53
C ALA M 306 78.29 -43.54 -46.65
N PHE M 307 79.28 -42.80 -46.16
CA PHE M 307 79.27 -41.34 -46.14
C PHE M 307 80.56 -40.75 -46.69
N ALA M 308 80.42 -39.68 -47.48
CA ALA M 308 81.54 -38.98 -48.08
C ALA M 308 81.30 -37.47 -48.02
N LYS M 309 82.41 -36.73 -48.03
CA LYS M 309 82.38 -35.28 -47.83
C LYS M 309 83.22 -34.54 -48.85
N LEU M 310 82.67 -33.45 -49.39
CA LEU M 310 83.37 -32.55 -50.29
C LEU M 310 83.68 -31.26 -49.54
N VAL M 311 84.92 -30.80 -49.67
CA VAL M 311 85.41 -29.67 -48.86
C VAL M 311 86.37 -28.84 -49.71
N PRO M 312 86.41 -27.53 -49.46
CA PRO M 312 87.32 -26.69 -50.25
C PRO M 312 88.79 -27.06 -50.04
N ALA M 313 89.56 -26.93 -51.11
CA ALA M 313 90.99 -27.22 -51.10
C ALA M 313 91.76 -26.14 -50.34
N SER N 16 30.30 -22.32 48.76
CA SER N 16 30.61 -20.95 49.27
C SER N 16 31.58 -20.23 48.34
N ASN N 17 31.90 -18.98 48.68
CA ASN N 17 32.90 -18.20 47.95
C ASN N 17 34.34 -18.68 48.19
N ASN N 18 34.55 -19.76 48.95
CA ASN N 18 35.89 -20.27 49.18
C ASN N 18 36.57 -20.67 47.87
N VAL N 19 37.72 -20.07 47.58
CA VAL N 19 38.45 -20.39 46.36
C VAL N 19 39.39 -21.58 46.55
N LYS N 20 39.88 -21.82 47.76
CA LYS N 20 40.45 -23.15 48.06
C LYS N 20 39.31 -24.12 48.38
N PRO N 21 39.33 -25.34 47.83
CA PRO N 21 38.29 -26.31 48.20
C PRO N 21 38.23 -26.60 49.69
N GLN N 22 37.02 -26.95 50.14
CA GLN N 22 36.77 -27.33 51.53
C GLN N 22 37.45 -28.64 51.89
N VAL N 23 38.29 -28.61 52.92
CA VAL N 23 38.85 -29.83 53.50
C VAL N 23 37.83 -30.41 54.47
N PHE N 24 37.55 -31.70 54.33
CA PHE N 24 36.65 -32.44 55.21
C PHE N 24 37.41 -33.48 56.02
N ASN N 25 36.91 -33.76 57.21
CA ASN N 25 37.51 -34.73 58.11
C ASN N 25 36.44 -35.64 58.69
N PRO N 26 36.40 -36.93 58.32
CA PRO N 26 37.29 -37.61 57.36
C PRO N 26 37.07 -37.12 55.93
N ASP N 27 38.06 -37.29 55.06
CA ASP N 27 38.01 -36.81 53.68
C ASP N 27 37.13 -37.67 52.77
N ASN N 28 35.92 -38.01 53.20
CA ASN N 28 35.06 -38.89 52.42
C ASN N 28 34.19 -38.19 51.39
N VAL N 29 34.10 -36.86 51.40
CA VAL N 29 33.20 -36.15 50.49
C VAL N 29 33.79 -36.12 49.08
N MET N 30 32.96 -36.46 48.09
CA MET N 30 33.34 -36.37 46.69
C MET N 30 33.38 -34.90 46.27
N MET N 31 34.41 -34.53 45.50
CA MET N 31 34.61 -33.14 45.14
C MET N 31 34.95 -32.99 43.66
N HIS N 32 34.46 -31.89 43.07
CA HIS N 32 34.76 -31.56 41.68
C HIS N 32 36.19 -31.05 41.52
N GLU N 33 36.71 -30.37 42.54
CA GLU N 33 38.04 -29.78 42.50
C GLU N 33 38.99 -30.53 43.44
N LYS N 34 40.12 -31.00 42.89
CA LYS N 34 41.12 -31.66 43.70
C LYS N 34 41.83 -30.65 44.60
N LYS N 35 42.56 -31.16 45.59
CA LYS N 35 43.31 -30.28 46.48
C LYS N 35 44.32 -29.41 45.74
N ASP N 36 44.83 -29.90 44.60
CA ASP N 36 45.82 -29.17 43.83
C ASP N 36 45.20 -28.15 42.87
N GLY N 37 43.88 -27.96 42.91
CA GLY N 37 43.19 -27.02 42.07
C GLY N 37 42.75 -27.54 40.71
N THR N 38 43.02 -28.80 40.40
CA THR N 38 42.56 -29.36 39.14
C THR N 38 41.03 -29.50 39.16
N LEU N 39 40.40 -29.18 38.05
CA LEU N 39 38.95 -29.23 37.93
C LEU N 39 38.55 -30.32 36.95
N MET N 40 37.72 -31.26 37.40
CA MET N 40 37.22 -32.37 36.59
C MET N 40 36.01 -31.95 35.75
N ASN N 41 36.24 -31.04 34.81
CA ASN N 41 35.21 -30.67 33.86
C ASN N 41 35.26 -31.65 32.68
N GLU N 42 34.08 -31.92 32.11
CA GLU N 42 33.98 -32.82 30.94
C GLU N 42 34.58 -34.19 31.24
N PHE N 43 34.63 -34.52 32.53
CA PHE N 43 35.25 -35.74 33.04
C PHE N 43 34.62 -37.01 32.47
N THR N 44 35.45 -37.85 31.84
CA THR N 44 34.98 -39.11 31.26
C THR N 44 34.66 -40.12 32.36
N THR N 45 33.53 -40.81 32.18
CA THR N 45 33.03 -41.75 33.18
C THR N 45 33.97 -42.93 33.40
N PRO N 46 34.29 -43.29 34.64
CA PRO N 46 35.13 -44.47 34.89
C PRO N 46 34.54 -45.73 34.28
N ILE N 47 35.38 -46.76 34.22
CA ILE N 47 35.02 -48.05 33.64
C ILE N 47 35.36 -49.17 34.61
N LEU N 48 34.61 -50.26 34.51
CA LEU N 48 34.69 -51.41 35.42
C LEU N 48 35.93 -52.27 35.19
N GLN N 49 37.01 -51.98 35.89
CA GLN N 49 38.23 -52.78 35.74
C GLN N 49 38.07 -54.18 36.32
N GLU N 50 37.14 -54.40 37.24
CA GLU N 50 36.91 -55.73 37.79
C GLU N 50 35.43 -56.09 37.80
N VAL N 51 35.18 -57.40 37.81
CA VAL N 51 33.83 -57.96 37.99
C VAL N 51 33.33 -57.75 39.42
N MET N 52 32.01 -57.84 39.58
CA MET N 52 31.38 -57.75 40.90
C MET N 52 31.57 -59.04 41.68
N GLU N 53 31.82 -58.90 42.99
CA GLU N 53 32.01 -60.03 43.91
C GLU N 53 30.73 -60.34 44.68
N ASN N 54 29.98 -61.34 44.23
CA ASN N 54 28.76 -61.78 44.91
C ASN N 54 29.05 -62.31 46.31
N SER N 55 28.07 -62.15 47.21
CA SER N 55 28.13 -62.75 48.55
C SER N 55 28.26 -64.26 48.53
N LYS N 56 29.32 -64.77 49.17
CA LYS N 56 29.56 -66.20 49.19
C LYS N 56 28.67 -66.94 50.17
N ILE N 57 28.39 -66.37 51.36
CA ILE N 57 27.47 -67.09 52.24
C ILE N 57 26.05 -67.01 51.73
N MET N 58 25.72 -65.99 50.93
CA MET N 58 24.41 -65.97 50.28
C MET N 58 24.37 -66.96 49.13
N GLN N 59 25.53 -67.36 48.62
CA GLN N 59 25.57 -68.37 47.57
C GLN N 59 25.55 -69.79 48.14
N LEU N 60 26.42 -70.06 49.12
CA LEU N 60 26.55 -71.37 49.72
C LEU N 60 25.46 -71.68 50.74
N GLY N 61 25.23 -70.78 51.68
CA GLY N 61 24.34 -71.07 52.79
C GLY N 61 22.89 -71.23 52.38
N LYS N 62 22.09 -71.67 53.34
CA LYS N 62 20.67 -71.91 53.16
C LYS N 62 19.87 -70.69 53.59
N TYR N 63 19.03 -70.18 52.70
CA TYR N 63 18.16 -69.06 53.05
C TYR N 63 17.09 -69.51 54.02
N GLU N 64 16.75 -68.64 54.97
CA GLU N 64 15.72 -68.92 55.96
C GLU N 64 14.66 -67.83 55.92
N PRO N 65 13.41 -68.12 55.55
CA PRO N 65 12.37 -67.09 55.63
C PRO N 65 12.29 -66.60 57.07
N MET N 66 12.42 -65.29 57.24
CA MET N 66 12.44 -64.72 58.59
C MET N 66 11.59 -63.46 58.63
N GLU N 67 10.76 -63.35 59.66
CA GLU N 67 9.92 -62.19 59.90
C GLU N 67 10.43 -61.46 61.13
N GLY N 68 10.70 -60.17 60.97
CA GLY N 68 11.25 -59.43 62.08
C GLY N 68 12.66 -59.92 62.38
N THR N 69 13.18 -59.42 63.48
CA THR N 69 14.55 -59.73 63.86
C THR N 69 14.60 -61.07 64.57
N ARG N 104 19.19 -64.04 65.03
CA ARG N 104 19.18 -62.63 65.38
C ARG N 104 19.70 -61.80 64.21
N ALA N 105 19.14 -60.62 64.01
CA ALA N 105 19.60 -59.70 62.97
C ALA N 105 20.51 -58.60 63.51
N PHE N 106 21.23 -57.97 62.58
CA PHE N 106 22.02 -56.77 62.82
C PHE N 106 21.95 -55.89 61.58
N LYS N 107 22.16 -54.60 61.78
CA LYS N 107 22.02 -53.60 60.72
C LYS N 107 23.36 -53.16 60.16
N LEU N 108 23.52 -53.30 58.85
CA LEU N 108 24.62 -52.72 58.09
C LEU N 108 24.15 -51.39 57.50
N GLY N 109 25.09 -50.47 57.31
CA GLY N 109 24.74 -49.18 56.72
C GLY N 109 25.94 -48.36 56.34
N VAL N 110 25.72 -47.44 55.39
CA VAL N 110 26.75 -46.48 54.98
C VAL N 110 26.12 -45.21 54.43
N ILE N 111 26.88 -44.11 54.47
CA ILE N 111 26.49 -42.82 53.92
C ILE N 111 27.59 -42.30 53.00
N LEU N 112 27.21 -41.91 51.78
CA LEU N 112 28.13 -41.33 50.80
C LEU N 112 27.81 -39.87 50.52
N PRO N 113 28.59 -38.92 51.02
CA PRO N 113 28.37 -37.51 50.69
C PRO N 113 29.07 -37.12 49.38
N VAL N 114 28.42 -36.23 48.64
CA VAL N 114 28.89 -35.75 47.35
C VAL N 114 28.65 -34.24 47.24
N THR N 115 29.67 -33.51 46.81
CA THR N 115 29.51 -32.09 46.52
C THR N 115 28.68 -31.91 45.26
N LYS N 116 27.63 -31.11 45.35
CA LYS N 116 26.72 -30.98 44.21
C LYS N 116 27.42 -30.43 42.98
N GLU N 117 28.50 -29.64 43.13
CA GLU N 117 29.32 -29.32 41.96
C GLU N 117 29.78 -30.62 41.28
N PHE N 118 30.27 -31.56 42.09
CA PHE N 118 30.68 -32.84 41.54
C PHE N 118 29.51 -33.55 40.87
N LEU N 119 28.33 -33.47 41.49
CA LEU N 119 27.18 -34.16 40.95
C LEU N 119 26.62 -33.49 39.69
N ASN N 120 26.96 -32.23 39.43
CA ASN N 120 26.48 -31.53 38.25
C ASN N 120 27.48 -31.55 37.09
N TYR N 121 28.72 -31.19 37.36
CA TYR N 121 29.75 -31.05 36.33
C TYR N 121 30.62 -32.29 36.15
N THR N 122 31.07 -32.91 37.24
CA THR N 122 32.00 -34.01 37.10
C THR N 122 31.32 -35.32 36.67
N TYR N 123 30.28 -35.74 37.39
CA TYR N 123 29.71 -37.07 37.13
C TYR N 123 28.24 -37.08 37.59
N SER N 124 27.34 -36.78 36.65
CA SER N 124 25.92 -36.64 36.97
C SER N 124 25.29 -37.95 37.47
N GLN N 125 25.58 -39.06 36.79
CA GLN N 125 24.98 -40.35 37.14
C GLN N 125 25.66 -41.06 38.30
N PHE N 126 26.50 -40.37 39.07
CA PHE N 126 27.28 -41.01 40.12
C PHE N 126 26.44 -41.91 41.03
N PHE N 127 25.37 -41.37 41.62
CA PHE N 127 24.60 -42.17 42.58
C PHE N 127 23.91 -43.37 41.95
N GLU N 128 23.60 -43.32 40.66
CA GLU N 128 22.98 -44.48 40.03
C GLU N 128 23.99 -45.59 39.79
N GLU N 129 25.24 -45.24 39.48
CA GLU N 129 26.28 -46.24 39.25
C GLU N 129 26.95 -46.70 40.53
N MET N 130 26.90 -45.92 41.61
CA MET N 130 27.46 -46.34 42.89
C MET N 130 26.62 -47.31 43.69
N LYS N 131 25.31 -47.35 43.48
CA LYS N 131 24.45 -48.25 44.26
C LYS N 131 24.92 -49.70 44.27
N PRO N 132 25.29 -50.30 43.14
CA PRO N 132 25.75 -51.70 43.20
C PRO N 132 27.10 -51.84 43.88
N MET N 133 27.95 -50.82 43.80
CA MET N 133 29.24 -50.92 44.44
C MET N 133 29.06 -50.93 45.96
N ILE N 134 28.07 -50.19 46.46
CA ILE N 134 27.73 -50.26 47.88
C ILE N 134 27.23 -51.66 48.21
N ALA N 135 26.36 -52.21 47.35
CA ALA N 135 25.86 -53.55 47.64
C ALA N 135 27.00 -54.56 47.73
N GLU N 136 27.99 -54.43 46.85
CA GLU N 136 29.20 -55.25 46.97
C GLU N 136 29.91 -55.03 48.30
N ALA N 137 30.02 -53.77 48.73
CA ALA N 137 30.67 -53.53 50.02
C ALA N 137 29.93 -54.24 51.14
N PHE N 138 28.60 -54.28 51.07
CA PHE N 138 27.83 -54.94 52.12
C PHE N 138 28.06 -56.45 52.07
N TYR N 139 27.99 -57.02 50.88
CA TYR N 139 28.25 -58.45 50.73
C TYR N 139 29.63 -58.83 51.27
N LYS N 140 30.65 -58.01 50.98
CA LYS N 140 31.97 -58.32 51.49
C LYS N 140 32.03 -58.22 53.00
N LYS N 141 31.38 -57.21 53.59
CA LYS N 141 31.43 -57.07 55.03
C LYS N 141 30.74 -58.27 55.70
N PHE N 142 29.63 -58.70 55.12
CA PHE N 142 28.88 -59.83 55.67
C PHE N 142 29.66 -61.13 55.52
N ASP N 143 30.21 -61.39 54.34
CA ASP N 143 31.00 -62.60 54.14
C ASP N 143 32.19 -62.64 55.10
N GLU N 144 32.91 -61.52 55.22
CA GLU N 144 34.08 -61.48 56.09
C GLU N 144 33.69 -61.69 57.55
N ALA N 145 32.53 -61.19 57.96
CA ALA N 145 32.10 -61.42 59.34
C ALA N 145 31.69 -62.87 59.57
N GLY N 146 30.85 -63.41 58.68
CA GLY N 146 30.32 -64.75 58.90
C GLY N 146 31.36 -65.84 58.76
N ILE N 147 32.21 -65.76 57.74
CA ILE N 147 33.20 -66.80 57.50
C ILE N 147 34.39 -66.65 58.43
N LEU N 148 35.09 -65.52 58.35
CA LEU N 148 36.38 -65.37 59.00
C LEU N 148 36.30 -64.76 60.39
N ASN N 149 35.13 -64.37 60.86
CA ASN N 149 35.02 -63.73 62.17
C ASN N 149 35.92 -62.49 62.22
N GLN N 150 35.84 -61.69 61.16
CA GLN N 150 36.67 -60.51 60.99
C GLN N 150 35.80 -59.28 60.79
N GLY N 151 36.39 -58.12 61.02
CA GLY N 151 35.67 -56.87 60.81
C GLY N 151 34.68 -56.55 61.89
N ASN N 152 35.01 -56.84 63.14
CA ASN N 152 34.13 -56.56 64.28
C ASN N 152 32.73 -57.13 64.02
N ASN N 153 32.68 -58.43 63.76
CA ASN N 153 31.39 -59.04 63.48
C ASN N 153 30.50 -58.94 64.71
N PRO N 154 29.23 -58.61 64.56
CA PRO N 154 28.36 -58.45 65.72
C PRO N 154 27.84 -59.76 66.26
N PHE N 155 27.73 -60.76 65.37
CA PHE N 155 27.25 -62.04 65.83
C PHE N 155 28.29 -62.70 66.72
N GLY N 156 27.82 -63.59 67.57
CA GLY N 156 28.67 -64.45 68.36
C GLY N 156 28.94 -65.74 67.64
N LYS N 157 28.59 -65.79 66.36
CA LYS N 157 28.61 -67.00 65.56
C LYS N 157 29.46 -66.77 64.31
N SER N 158 30.25 -67.78 63.94
CA SER N 158 31.00 -67.70 62.69
C SER N 158 31.60 -69.08 62.41
N ILE N 159 31.94 -69.30 61.15
CA ILE N 159 32.58 -70.55 60.78
C ILE N 159 33.95 -70.63 61.42
N ALA N 160 34.69 -69.52 61.42
CA ALA N 160 36.01 -69.53 62.04
C ALA N 160 35.90 -69.93 63.51
N GLN N 161 34.87 -69.46 64.20
CA GLN N 161 34.71 -69.84 65.60
C GLN N 161 34.29 -71.29 65.72
N SER N 162 33.47 -71.79 64.78
CA SER N 162 33.09 -73.20 64.82
C SER N 162 34.32 -74.09 64.68
N ILE N 163 35.17 -73.77 63.71
CA ILE N 163 36.39 -74.56 63.49
C ILE N 163 37.32 -74.43 64.69
N GLU N 164 37.50 -73.22 65.21
CA GLU N 164 38.37 -73.06 66.36
C GLU N 164 37.84 -73.81 67.57
N LYS N 165 36.53 -73.98 67.67
CA LYS N 165 35.95 -74.71 68.79
C LYS N 165 36.15 -76.21 68.62
N THR N 166 35.78 -76.75 67.46
CA THR N 166 35.89 -78.18 67.21
C THR N 166 37.31 -78.64 66.86
N ASN N 167 38.25 -77.71 66.69
CA ASN N 167 39.64 -78.02 66.34
C ASN N 167 39.77 -78.88 65.09
N LYS N 168 38.81 -78.76 64.17
CA LYS N 168 38.79 -79.55 62.93
C LYS N 168 39.72 -78.94 61.86
N VAL N 169 41.02 -78.91 62.18
CA VAL N 169 42.04 -78.27 61.35
C VAL N 169 43.13 -79.28 60.97
N ILE N 170 43.55 -79.22 59.70
CA ILE N 170 44.62 -80.04 59.14
C ILE N 170 45.85 -79.18 58.88
N LYS N 171 46.96 -79.51 59.54
CA LYS N 171 48.25 -78.91 59.24
C LYS N 171 48.89 -79.63 58.07
N GLY N 172 49.16 -78.93 56.98
CA GLY N 172 49.84 -79.58 55.87
C GLY N 172 49.71 -78.81 54.58
N ASP N 173 50.56 -79.18 53.64
CA ASP N 173 50.51 -78.68 52.27
C ASP N 173 49.38 -79.34 51.51
N PHE N 174 49.03 -78.76 50.37
CA PHE N 174 47.96 -79.31 49.55
C PHE N 174 48.47 -80.56 48.84
N THR N 175 47.88 -81.70 49.15
CA THR N 175 48.19 -82.98 48.52
C THR N 175 46.88 -83.75 48.42
N GLN N 176 46.83 -84.75 47.55
CA GLN N 176 45.59 -85.51 47.44
C GLN N 176 45.26 -86.18 48.76
N ASP N 177 46.26 -86.67 49.48
CA ASP N 177 46.01 -87.28 50.78
C ASP N 177 45.52 -86.27 51.79
N ASN N 178 46.01 -85.03 51.74
CA ASN N 178 45.55 -84.04 52.69
C ASN N 178 44.15 -83.55 52.34
N ILE N 179 43.82 -83.52 51.04
CA ILE N 179 42.46 -83.18 50.64
C ILE N 179 41.49 -84.26 51.10
N ILE N 180 41.90 -85.52 50.97
CA ILE N 180 41.04 -86.62 51.40
C ILE N 180 40.88 -86.59 52.91
N ASP N 181 41.95 -86.30 53.65
CA ASP N 181 41.83 -86.19 55.10
C ASP N 181 40.90 -85.05 55.49
N LEU N 182 41.03 -83.91 54.80
CA LEU N 182 40.16 -82.78 55.10
C LEU N 182 38.70 -83.17 54.92
N GLU N 183 38.38 -83.85 53.82
CA GLU N 183 37.01 -84.30 53.59
C GLU N 183 36.58 -85.34 54.62
N ALA N 184 37.49 -86.24 55.00
CA ALA N 184 37.16 -87.26 55.97
C ALA N 184 36.90 -86.65 57.35
N LEU N 185 37.48 -85.48 57.63
CA LEU N 185 37.17 -84.83 58.90
C LEU N 185 35.69 -84.52 59.01
N LEU N 186 35.01 -84.33 57.88
CA LEU N 186 33.57 -84.13 57.88
C LEU N 186 32.84 -85.46 57.87
N GLU N 187 33.24 -86.37 56.98
CA GLU N 187 32.50 -87.62 56.87
C GLU N 187 32.65 -88.50 58.12
N ASP N 188 33.64 -88.23 58.97
CA ASP N 188 33.73 -88.91 60.25
C ASP N 188 32.43 -88.78 61.02
N ASP N 189 31.85 -87.58 61.03
CA ASP N 189 30.63 -87.27 61.78
C ASP N 189 29.38 -87.36 60.93
N GLU N 190 29.38 -88.23 59.93
CA GLU N 190 28.24 -88.47 59.06
C GLU N 190 27.86 -87.29 58.17
N LEU N 191 28.68 -86.24 58.11
CA LEU N 191 28.41 -85.08 57.27
C LEU N 191 29.33 -85.11 56.06
N GLU N 192 28.76 -84.82 54.89
CA GLU N 192 29.48 -84.84 53.63
C GLU N 192 29.72 -83.43 53.10
N ALA N 193 30.95 -83.17 52.69
CA ALA N 193 31.35 -81.86 52.17
C ALA N 193 30.49 -81.45 50.99
N ASN N 194 30.13 -80.17 50.95
CA ASN N 194 29.32 -79.63 49.85
C ASN N 194 30.10 -78.72 48.91
N ALA N 195 31.13 -78.03 49.38
CA ALA N 195 31.89 -77.11 48.53
C ALA N 195 33.17 -76.74 49.24
N PHE N 196 34.05 -76.04 48.51
CA PHE N 196 35.30 -75.52 49.05
C PHE N 196 35.34 -74.00 48.95
N ILE N 197 35.99 -73.38 49.93
CA ILE N 197 36.22 -71.94 49.95
C ILE N 197 37.73 -71.74 49.89
N SER N 198 38.19 -70.95 48.92
CA SER N 198 39.63 -70.81 48.74
C SER N 198 40.03 -69.42 48.29
N LYS N 199 41.27 -69.08 48.62
CA LYS N 199 41.93 -67.89 48.09
C LYS N 199 42.33 -68.22 46.65
N THR N 200 41.87 -67.42 45.69
CA THR N 200 42.11 -67.77 44.29
C THR N 200 43.59 -67.94 43.99
N GLN N 201 44.45 -67.26 44.74
CA GLN N 201 45.89 -67.31 44.54
C GLN N 201 46.54 -68.67 44.76
N ASN N 202 45.80 -69.69 45.17
CA ASN N 202 46.38 -71.02 45.36
C ASN N 202 46.02 -72.02 44.26
N ARG N 203 45.37 -71.58 43.18
CA ARG N 203 45.17 -72.50 42.06
C ARG N 203 46.51 -73.01 41.55
N SER N 204 47.58 -72.22 41.74
CA SER N 204 48.91 -72.66 41.36
C SER N 204 49.32 -73.88 42.15
N LEU N 205 48.83 -74.02 43.37
CA LEU N 205 49.11 -75.21 44.16
C LEU N 205 48.20 -76.35 43.75
N LEU N 206 46.92 -76.05 43.52
CA LEU N 206 45.99 -77.12 43.20
C LEU N 206 46.30 -77.79 41.87
N ARG N 207 46.85 -77.07 40.89
CA ARG N 207 47.13 -77.74 39.62
C ARG N 207 48.22 -78.80 39.75
N LYS N 208 49.03 -78.75 40.79
CA LYS N 208 50.12 -79.71 40.97
C LYS N 208 49.70 -81.03 41.62
N ILE N 209 48.41 -81.26 41.86
CA ILE N 209 47.94 -82.49 42.51
C ILE N 209 47.22 -83.34 41.46
N VAL N 210 47.69 -84.58 41.31
CA VAL N 210 47.11 -85.54 40.37
C VAL N 210 46.83 -86.84 41.10
N ASP N 211 45.72 -87.48 40.76
CA ASP N 211 45.35 -88.77 41.33
C ASP N 211 46.27 -89.85 40.80
N PRO N 212 47.11 -90.49 41.63
CA PRO N 212 48.07 -91.46 41.08
C PRO N 212 47.41 -92.74 40.60
N GLU N 213 46.12 -92.96 40.87
CA GLU N 213 45.42 -94.10 40.30
C GLU N 213 44.93 -93.76 38.89
N THR N 214 44.01 -92.81 38.77
CA THR N 214 43.51 -92.41 37.47
C THR N 214 44.54 -91.62 36.70
N LYS N 215 45.58 -91.12 37.38
CA LYS N 215 46.66 -90.38 36.75
C LYS N 215 46.13 -89.16 35.97
N GLU N 216 45.27 -88.38 36.62
CA GLU N 216 44.75 -87.14 36.05
C GLU N 216 44.60 -86.11 37.17
N ARG N 217 44.45 -84.84 36.75
CA ARG N 217 44.34 -83.73 37.69
C ARG N 217 43.10 -83.87 38.56
N ILE N 218 43.28 -83.79 39.89
CA ILE N 218 42.14 -83.81 40.79
C ILE N 218 41.38 -82.49 40.77
N TYR N 219 42.00 -81.43 40.27
CA TYR N 219 41.43 -80.09 40.23
C TYR N 219 41.17 -79.71 38.78
N ASP N 220 39.90 -79.48 38.46
CA ASP N 220 39.51 -79.05 37.11
C ASP N 220 39.62 -77.54 37.06
N ARG N 221 40.71 -77.06 36.45
CA ARG N 221 40.98 -75.62 36.37
C ARG N 221 39.96 -74.87 35.53
N ASN N 222 39.22 -75.55 34.65
CA ASN N 222 38.17 -74.86 33.90
C ASN N 222 36.87 -74.81 34.70
N SER N 223 36.49 -75.92 35.31
CA SER N 223 35.29 -75.94 36.14
C SER N 223 35.53 -75.24 37.47
N ASP N 224 36.78 -75.10 37.88
CA ASP N 224 37.13 -74.57 39.19
C ASP N 224 36.43 -75.40 40.27
N SER N 225 36.62 -76.71 40.16
CA SER N 225 36.03 -77.68 41.07
C SER N 225 37.12 -78.65 41.51
N LEU N 226 37.16 -78.95 42.81
CA LEU N 226 38.16 -79.83 43.37
C LEU N 226 37.51 -81.13 43.81
N ASP N 227 38.05 -82.25 43.32
CA ASP N 227 37.51 -83.57 43.63
C ASP N 227 36.01 -83.61 43.35
N GLY N 228 35.61 -82.94 42.28
CA GLY N 228 34.21 -82.87 41.89
C GLY N 228 33.36 -81.88 42.66
N LEU N 229 33.93 -81.21 43.66
CA LEU N 229 33.16 -80.23 44.43
C LEU N 229 33.49 -78.80 44.00
N PRO N 230 32.51 -77.91 43.91
CA PRO N 230 32.78 -76.55 43.46
C PRO N 230 33.61 -75.77 44.47
N VAL N 231 34.58 -75.01 43.96
CA VAL N 231 35.42 -74.12 44.77
C VAL N 231 35.01 -72.68 44.50
N VAL N 232 34.64 -71.96 45.56
CA VAL N 232 34.35 -70.53 45.48
C VAL N 232 35.59 -69.78 45.94
N ASN N 233 35.83 -68.62 45.33
CA ASN N 233 37.00 -67.80 45.62
C ASN N 233 36.63 -66.60 46.48
N LEU N 234 37.40 -66.36 47.53
CA LEU N 234 37.24 -65.18 48.38
C LEU N 234 38.34 -64.18 48.07
N LYS N 235 37.94 -62.95 47.71
CA LYS N 235 38.91 -61.89 47.40
C LYS N 235 39.46 -61.23 48.65
N SER N 236 38.84 -61.43 49.82
CA SER N 236 39.30 -60.73 51.02
C SER N 236 40.75 -61.09 51.33
N SER N 237 41.47 -60.11 51.90
CA SER N 237 42.88 -60.24 52.22
C SER N 237 43.16 -61.09 53.45
N ASN N 238 42.13 -61.46 54.22
CA ASN N 238 42.38 -62.13 55.48
C ASN N 238 42.61 -63.63 55.33
N LEU N 239 42.02 -64.27 54.33
CA LEU N 239 42.27 -65.69 54.10
C LEU N 239 43.60 -65.83 53.35
N LYS N 240 44.59 -66.42 54.02
CA LYS N 240 45.94 -66.49 53.48
C LYS N 240 46.06 -67.48 52.32
N ARG N 241 47.20 -67.36 51.63
CA ARG N 241 47.51 -68.16 50.44
C ARG N 241 47.29 -69.65 50.64
N GLY N 242 47.91 -70.23 51.66
CA GLY N 242 47.84 -71.66 51.89
C GLY N 242 46.64 -72.20 52.64
N GLU N 243 45.57 -71.42 52.75
CA GLU N 243 44.43 -71.81 53.57
C GLU N 243 43.22 -72.18 52.71
N LEU N 244 42.55 -73.27 53.09
CA LEU N 244 41.40 -73.79 52.38
C LEU N 244 40.34 -74.20 53.39
N ILE N 245 39.07 -73.94 53.08
CA ILE N 245 37.99 -74.28 54.00
C ILE N 245 36.93 -75.11 53.27
N THR N 246 36.30 -76.03 54.01
CA THR N 246 35.23 -76.84 53.43
C THR N 246 34.22 -77.20 54.51
N GLY N 247 33.00 -77.50 54.07
CA GLY N 247 31.95 -77.88 54.99
C GLY N 247 30.66 -78.17 54.26
N ASP N 248 29.67 -78.64 55.03
CA ASP N 248 28.30 -78.83 54.54
C ASP N 248 27.56 -77.53 54.79
N PHE N 249 27.65 -76.62 53.82
CA PHE N 249 27.11 -75.28 54.01
C PHE N 249 25.61 -75.22 54.20
N ASP N 250 24.87 -76.31 53.99
CA ASP N 250 23.45 -76.30 54.35
C ASP N 250 23.26 -76.16 55.86
N LYS N 251 24.30 -76.42 56.64
CA LYS N 251 24.23 -76.23 58.08
C LYS N 251 24.45 -74.78 58.47
N LEU N 252 24.76 -73.91 57.51
CA LEU N 252 24.92 -72.48 57.75
C LEU N 252 23.67 -71.80 57.22
N ILE N 253 22.97 -71.10 58.09
CA ILE N 253 21.67 -70.51 57.76
C ILE N 253 21.75 -69.01 57.92
N TYR N 254 21.08 -68.29 57.02
CA TYR N 254 21.07 -66.85 57.06
C TYR N 254 19.69 -66.34 56.69
N GLY N 255 19.43 -65.08 57.05
CA GLY N 255 18.17 -64.43 56.76
C GLY N 255 18.41 -62.96 56.53
N ILE N 256 17.48 -62.35 55.82
CA ILE N 256 17.62 -60.93 55.46
C ILE N 256 16.29 -60.25 55.72
N PRO N 257 16.01 -59.84 56.94
CA PRO N 257 14.73 -59.18 57.23
C PRO N 257 14.47 -57.95 56.39
N GLN N 258 15.51 -57.18 56.03
CA GLN N 258 15.34 -55.98 55.22
C GLN N 258 16.37 -55.97 54.11
N LEU N 259 15.91 -56.09 52.87
CA LEU N 259 16.79 -55.97 51.72
C LEU N 259 17.38 -54.57 51.64
N ILE N 260 18.49 -54.43 50.91
CA ILE N 260 19.22 -53.17 50.85
C ILE N 260 18.29 -52.04 50.44
N GLU N 261 18.15 -51.04 51.30
CA GLU N 261 17.31 -49.87 51.05
C GLU N 261 18.18 -48.62 50.88
N TYR N 262 17.84 -47.81 49.87
CA TYR N 262 18.57 -46.60 49.52
C TYR N 262 17.69 -45.36 49.70
N LYS N 263 18.27 -44.31 50.29
CA LYS N 263 17.62 -43.01 50.43
C LYS N 263 18.59 -41.88 50.09
N ILE N 264 18.21 -41.01 49.17
CA ILE N 264 19.00 -39.83 48.81
C ILE N 264 18.44 -38.60 49.53
N ASP N 265 19.32 -37.84 50.19
CA ASP N 265 18.94 -36.69 50.99
C ASP N 265 19.80 -35.46 50.70
N GLU N 266 19.15 -34.29 50.67
CA GLU N 266 19.79 -33.02 50.37
C GLU N 266 19.66 -32.01 51.51
N THR N 267 19.43 -32.48 52.74
CA THR N 267 18.95 -31.65 53.83
C THR N 267 19.54 -32.02 55.19
N ALA N 268 19.88 -33.27 55.43
CA ALA N 268 20.31 -33.73 56.74
C ALA N 268 21.60 -33.02 57.16
N GLN N 269 21.98 -33.26 58.41
CA GLN N 269 23.29 -32.87 58.93
C GLN N 269 24.09 -34.14 59.20
N LEU N 270 25.32 -34.18 58.67
CA LEU N 270 26.24 -35.29 58.88
C LEU N 270 27.15 -35.04 60.08
N SER N 271 26.61 -35.32 61.27
CA SER N 271 27.36 -35.11 62.50
C SER N 271 28.75 -35.74 62.43
N THR N 272 28.89 -36.88 61.76
CA THR N 272 30.15 -37.59 61.68
C THR N 272 31.19 -36.95 60.78
N VAL N 273 30.84 -36.00 59.92
CA VAL N 273 31.81 -35.38 59.02
C VAL N 273 31.97 -33.92 59.43
N LYS N 274 33.18 -33.57 59.89
CA LYS N 274 33.50 -32.23 60.34
C LYS N 274 34.09 -31.39 59.21
N ASN N 275 33.62 -30.15 59.10
CA ASN N 275 34.33 -29.14 58.31
C ASN N 275 35.72 -28.93 58.90
N GLU N 276 36.59 -28.27 58.13
CA GLU N 276 37.93 -27.97 58.65
C GLU N 276 37.85 -27.21 59.97
N ASP N 277 36.86 -26.34 60.12
CA ASP N 277 36.71 -25.61 61.38
C ASP N 277 36.13 -26.46 62.50
N GLY N 278 35.70 -27.69 62.21
CA GLY N 278 35.13 -28.57 63.21
C GLY N 278 33.62 -28.55 63.34
N THR N 279 32.93 -27.62 62.70
CA THR N 279 31.48 -27.65 62.69
C THR N 279 30.98 -28.83 61.86
N PRO N 280 29.90 -29.49 62.26
CA PRO N 280 29.32 -30.54 61.42
C PRO N 280 28.85 -30.03 60.07
N VAL N 281 28.97 -30.89 59.06
CA VAL N 281 28.54 -30.62 57.70
C VAL N 281 27.03 -30.48 57.62
N ASN N 282 26.56 -29.34 57.11
CA ASN N 282 25.15 -29.13 56.82
C ASN N 282 24.96 -29.24 55.32
N LEU N 283 24.20 -30.25 54.90
CA LEU N 283 24.06 -30.50 53.46
C LEU N 283 23.37 -29.35 52.75
N PHE N 284 22.29 -28.84 53.30
CA PHE N 284 21.56 -27.79 52.60
C PHE N 284 22.38 -26.52 52.48
N GLU N 285 22.90 -26.01 53.60
CA GLU N 285 23.66 -24.76 53.55
C GLU N 285 24.96 -24.91 52.75
N GLN N 286 25.62 -26.06 52.86
CA GLN N 286 26.86 -26.30 52.11
C GLN N 286 26.61 -26.86 50.71
N ASP N 287 25.36 -26.88 50.25
CA ASP N 287 25.06 -27.26 48.87
C ASP N 287 25.55 -28.67 48.53
N MET N 288 25.18 -29.63 49.38
CA MET N 288 25.75 -30.97 49.35
C MET N 288 24.62 -32.00 49.34
N VAL N 289 24.94 -33.21 48.88
CA VAL N 289 23.97 -34.30 48.74
C VAL N 289 24.56 -35.57 49.34
N ALA N 290 23.72 -36.42 49.90
CA ALA N 290 24.23 -37.66 50.50
C ALA N 290 23.29 -38.84 50.28
N LEU N 291 23.88 -40.02 50.07
CA LEU N 291 23.11 -41.26 49.89
C LEU N 291 23.30 -42.16 51.10
N ARG N 292 22.19 -42.58 51.71
CA ARG N 292 22.16 -43.52 52.83
C ARG N 292 21.70 -44.89 52.36
N ALA N 293 22.45 -45.93 52.73
CA ALA N 293 22.07 -47.30 52.41
C ALA N 293 22.06 -48.10 53.70
N THR N 294 21.04 -48.96 53.87
CA THR N 294 20.94 -49.81 55.05
C THR N 294 20.38 -51.18 54.72
N MET N 295 20.78 -52.16 55.51
CA MET N 295 20.34 -53.54 55.33
C MET N 295 20.32 -54.24 56.68
N HIS N 296 19.45 -55.25 56.83
CA HIS N 296 19.45 -56.11 58.00
C HIS N 296 19.79 -57.53 57.61
N VAL N 297 20.81 -58.10 58.25
CA VAL N 297 21.20 -59.49 57.98
C VAL N 297 21.27 -60.25 59.28
N ALA N 298 20.96 -61.55 59.20
CA ALA N 298 20.97 -62.45 60.35
C ALA N 298 21.72 -63.72 59.96
N LEU N 299 22.50 -64.26 60.90
CA LEU N 299 23.33 -65.43 60.64
C LEU N 299 23.15 -66.45 61.75
N HIS N 300 23.01 -67.72 61.35
CA HIS N 300 22.88 -68.82 62.30
C HIS N 300 23.65 -70.03 61.79
N ILE N 301 24.33 -70.71 62.71
CA ILE N 301 25.07 -71.93 62.41
C ILE N 301 24.36 -73.07 63.13
N ALA N 302 23.77 -73.99 62.36
CA ALA N 302 22.94 -75.04 62.93
C ALA N 302 23.75 -76.18 63.55
N ASP N 303 24.94 -76.46 63.03
CA ASP N 303 25.78 -77.52 63.59
C ASP N 303 27.23 -77.15 63.35
N ASP N 304 27.92 -76.71 64.41
CA ASP N 304 29.27 -76.19 64.28
C ASP N 304 30.34 -77.25 64.06
N LYS N 305 30.02 -78.54 64.00
CA LYS N 305 31.01 -79.54 63.63
C LYS N 305 31.07 -79.78 62.12
N ALA N 306 30.18 -79.16 61.35
CA ALA N 306 30.09 -79.38 59.91
C ALA N 306 31.17 -78.66 59.11
N PHE N 307 32.18 -78.06 59.73
CA PHE N 307 33.17 -77.28 58.98
C PHE N 307 34.59 -77.66 59.37
N ALA N 308 35.48 -77.69 58.37
CA ALA N 308 36.87 -78.08 58.57
C ALA N 308 37.77 -77.17 57.75
N LYS N 309 39.03 -77.04 58.19
CA LYS N 309 39.96 -76.11 57.58
C LYS N 309 41.33 -76.74 57.40
N LEU N 310 41.94 -76.49 56.25
CA LEU N 310 43.30 -76.91 55.93
C LEU N 310 44.19 -75.68 55.94
N VAL N 311 45.36 -75.80 56.56
CA VAL N 311 46.24 -74.65 56.78
C VAL N 311 47.68 -75.10 56.66
N PRO N 312 48.57 -74.21 56.21
CA PRO N 312 49.98 -74.60 56.08
C PRO N 312 50.61 -74.99 57.41
N ALA N 313 51.53 -75.96 57.33
CA ALA N 313 52.24 -76.45 58.51
C ALA N 313 53.22 -75.41 59.00
N SER O 16 -12.74 23.68 59.23
CA SER O 16 -12.02 24.85 59.80
C SER O 16 -10.52 24.69 59.57
N ASN O 17 -9.74 25.70 59.94
CA ASN O 17 -8.29 25.66 59.76
C ASN O 17 -7.55 24.90 60.85
N ASN O 18 -8.21 24.45 61.91
CA ASN O 18 -7.48 23.68 62.93
C ASN O 18 -7.13 22.31 62.36
N VAL O 19 -5.85 21.96 62.41
CA VAL O 19 -5.41 20.68 61.88
C VAL O 19 -5.38 19.59 62.95
N LYS O 20 -5.28 19.97 64.23
CA LYS O 20 -5.60 19.03 65.28
C LYS O 20 -7.11 18.88 65.34
N PRO O 21 -7.63 17.71 65.69
CA PRO O 21 -9.10 17.55 65.66
C PRO O 21 -9.79 18.60 66.51
N GLN O 22 -10.97 19.00 66.04
CA GLN O 22 -11.74 20.05 66.70
C GLN O 22 -12.28 19.58 68.05
N VAL O 23 -11.92 20.29 69.10
CA VAL O 23 -12.54 20.11 70.41
C VAL O 23 -13.89 20.82 70.43
N PHE O 24 -14.94 20.09 70.77
CA PHE O 24 -16.29 20.62 70.87
C PHE O 24 -16.79 20.63 72.31
N ASN O 25 -17.67 21.58 72.61
CA ASN O 25 -18.23 21.75 73.94
C ASN O 25 -19.76 21.89 73.86
N PRO O 26 -20.53 20.87 74.26
CA PRO O 26 -20.11 19.55 74.75
C PRO O 26 -19.51 18.68 73.67
N ASP O 27 -18.73 17.67 74.06
CA ASP O 27 -18.03 16.79 73.13
C ASP O 27 -18.96 15.76 72.50
N ASN O 28 -20.09 16.19 71.95
CA ASN O 28 -21.07 15.27 71.38
C ASN O 28 -20.87 14.97 69.90
N VAL O 29 -20.01 15.70 69.20
CA VAL O 29 -19.81 15.46 67.77
C VAL O 29 -19.05 14.16 67.55
N MET O 30 -19.54 13.33 66.63
CA MET O 30 -18.82 12.12 66.23
C MET O 30 -17.62 12.50 65.38
N MET O 31 -16.49 11.82 65.62
CA MET O 31 -15.26 12.16 64.91
C MET O 31 -14.52 10.92 64.41
N HIS O 32 -13.91 11.06 63.23
CA HIS O 32 -13.07 10.01 62.66
C HIS O 32 -11.72 9.93 63.37
N GLU O 33 -11.20 11.06 63.81
CA GLU O 33 -9.90 11.13 64.47
C GLU O 33 -10.09 11.41 65.96
N LYS O 34 -9.56 10.53 66.80
CA LYS O 34 -9.67 10.69 68.25
C LYS O 34 -8.81 11.88 68.71
N LYS O 35 -9.01 12.28 69.97
CA LYS O 35 -8.21 13.38 70.51
C LYS O 35 -6.72 13.05 70.50
N ASP O 36 -6.36 11.77 70.61
CA ASP O 36 -4.95 11.39 70.59
C ASP O 36 -4.42 11.23 69.16
N GLY O 37 -5.23 11.56 68.17
CA GLY O 37 -4.84 11.45 66.78
C GLY O 37 -5.07 10.10 66.14
N THR O 38 -5.62 9.14 66.88
CA THR O 38 -5.89 7.84 66.28
C THR O 38 -6.98 7.97 65.22
N LEU O 39 -6.80 7.29 64.10
CA LEU O 39 -7.72 7.36 62.97
C LEU O 39 -8.43 6.03 62.83
N MET O 40 -9.76 6.07 62.86
CA MET O 40 -10.59 4.87 62.66
C MET O 40 -10.81 4.61 61.17
N ASN O 41 -9.73 4.28 60.48
CA ASN O 41 -9.83 3.83 59.10
C ASN O 41 -10.09 2.33 59.08
N GLU O 42 -10.79 1.86 58.04
CA GLU O 42 -11.11 0.45 57.87
C GLU O 42 -11.87 -0.10 59.07
N PHE O 43 -12.54 0.80 59.80
CA PHE O 43 -13.25 0.48 61.03
C PHE O 43 -14.39 -0.51 60.81
N THR O 44 -14.35 -1.63 61.54
CA THR O 44 -15.39 -2.65 61.45
C THR O 44 -16.68 -2.18 62.11
N THR O 45 -17.81 -2.49 61.47
CA THR O 45 -19.10 -2.03 61.96
C THR O 45 -19.43 -2.61 63.34
N PRO O 46 -19.84 -1.80 64.30
CA PRO O 46 -20.26 -2.35 65.60
C PRO O 46 -21.43 -3.30 65.45
N ILE O 47 -21.69 -4.04 66.53
CA ILE O 47 -22.84 -4.93 66.60
C ILE O 47 -23.60 -4.68 67.89
N LEU O 48 -24.92 -4.86 67.81
CA LEU O 48 -25.84 -4.64 68.93
C LEU O 48 -25.77 -5.80 69.91
N GLN O 49 -24.78 -5.76 70.80
CA GLN O 49 -24.60 -6.86 71.74
C GLN O 49 -25.75 -6.98 72.74
N GLU O 50 -26.51 -5.90 72.94
CA GLU O 50 -27.75 -5.94 73.70
C GLU O 50 -28.95 -5.77 72.76
N VAL O 51 -30.06 -6.41 73.11
CA VAL O 51 -31.28 -6.28 72.32
C VAL O 51 -31.90 -4.90 72.52
N MET O 52 -32.54 -4.40 71.46
CA MET O 52 -33.26 -3.14 71.52
C MET O 52 -34.39 -3.21 72.54
N GLU O 53 -34.48 -2.19 73.39
CA GLU O 53 -35.55 -2.06 74.37
C GLU O 53 -36.82 -1.47 73.75
N ASN O 54 -37.97 -1.74 74.39
CA ASN O 54 -39.26 -1.27 73.92
C ASN O 54 -40.01 -0.54 75.03
N SER O 55 -40.89 0.39 74.63
CA SER O 55 -41.67 1.17 75.60
C SER O 55 -42.64 0.31 76.39
N LYS O 56 -42.52 0.35 77.71
CA LYS O 56 -43.38 -0.44 78.59
C LYS O 56 -44.76 0.18 78.77
N ILE O 57 -44.87 1.51 78.84
CA ILE O 57 -46.22 2.04 78.95
C ILE O 57 -46.94 1.93 77.63
N MET O 58 -46.21 1.88 76.51
CA MET O 58 -46.86 1.58 75.24
C MET O 58 -47.21 0.10 75.15
N GLN O 59 -46.56 -0.75 75.94
CA GLN O 59 -46.92 -2.16 75.96
C GLN O 59 -48.12 -2.42 76.86
N LEU O 60 -48.10 -1.86 78.06
CA LEU O 60 -49.16 -2.07 79.04
C LEU O 60 -50.39 -1.19 78.81
N GLY O 61 -50.19 0.12 78.67
CA GLY O 61 -51.31 1.04 78.66
C GLY O 61 -52.22 0.94 77.45
N LYS O 62 -53.34 1.67 77.54
CA LYS O 62 -54.36 1.70 76.52
C LYS O 62 -54.12 2.88 75.57
N TYR O 63 -54.07 2.57 74.26
CA TYR O 63 -53.91 3.62 73.27
C TYR O 63 -55.19 4.44 73.13
N GLU O 64 -55.03 5.73 72.91
CA GLU O 64 -56.15 6.66 72.75
C GLU O 64 -56.05 7.41 71.43
N PRO O 65 -56.97 7.21 70.48
CA PRO O 65 -56.93 8.01 69.24
C PRO O 65 -56.99 9.49 69.59
N MET O 66 -56.00 10.25 69.11
CA MET O 66 -55.90 11.66 69.47
C MET O 66 -55.53 12.51 68.27
N GLU O 67 -56.01 13.76 68.27
CA GLU O 67 -55.35 14.88 67.60
C GLU O 67 -55.22 16.05 68.57
N GLY O 68 -54.04 16.67 68.61
CA GLY O 68 -53.83 17.86 69.41
C GLY O 68 -53.76 17.63 70.90
N THR O 69 -54.91 17.45 71.53
CA THR O 69 -55.00 16.99 72.93
C THR O 69 -56.25 16.12 73.11
N ARG O 104 -53.16 16.08 76.77
CA ARG O 104 -52.10 17.08 76.65
C ARG O 104 -50.81 16.38 76.26
N ALA O 105 -50.20 16.80 75.15
CA ALA O 105 -48.95 16.22 74.68
C ALA O 105 -47.74 17.08 75.03
N PHE O 106 -46.57 16.50 74.82
CA PHE O 106 -45.29 17.21 74.92
C PHE O 106 -44.34 16.62 73.89
N LYS O 107 -43.34 17.40 73.51
CA LYS O 107 -42.43 17.03 72.43
C LYS O 107 -41.10 16.53 73.01
N LEU O 108 -40.69 15.35 72.56
CA LEU O 108 -39.37 14.79 72.76
C LEU O 108 -38.52 15.11 71.53
N GLY O 109 -37.22 15.25 71.73
CA GLY O 109 -36.35 15.55 70.59
C GLY O 109 -34.89 15.37 70.92
N VAL O 110 -34.10 15.13 69.86
CA VAL O 110 -32.65 15.05 69.99
C VAL O 110 -32.02 15.40 68.65
N ILE O 111 -30.80 15.93 68.68
CA ILE O 111 -30.01 16.20 67.48
C ILE O 111 -28.64 15.55 67.61
N LEU O 112 -28.29 14.71 66.64
CA LEU O 112 -27.03 13.98 66.61
C LEU O 112 -26.08 14.55 65.56
N PRO O 113 -25.07 15.32 65.94
CA PRO O 113 -24.11 15.86 64.97
C PRO O 113 -22.98 14.88 64.68
N VAL O 114 -22.57 14.85 63.41
CA VAL O 114 -21.57 13.91 62.91
C VAL O 114 -20.61 14.63 61.97
N THR O 115 -19.32 14.39 62.14
CA THR O 115 -18.34 14.92 61.20
C THR O 115 -18.38 14.11 59.91
N LYS O 116 -18.37 14.82 58.78
CA LYS O 116 -18.53 14.12 57.51
C LYS O 116 -17.31 13.27 57.14
N GLU O 117 -16.14 13.48 57.77
CA GLU O 117 -15.09 12.47 57.64
C GLU O 117 -15.50 11.18 58.32
N PHE O 118 -16.12 11.27 59.49
CA PHE O 118 -16.64 10.08 60.14
C PHE O 118 -17.68 9.42 59.26
N LEU O 119 -18.52 10.23 58.62
CA LEU O 119 -19.60 9.72 57.79
C LEU O 119 -19.12 9.15 56.46
N ASN O 120 -17.89 9.47 56.03
CA ASN O 120 -17.36 8.96 54.78
C ASN O 120 -16.43 7.77 54.97
N TYR O 121 -15.47 7.87 55.89
CA TYR O 121 -14.45 6.85 56.08
C TYR O 121 -14.77 5.86 57.19
N THR O 122 -15.16 6.35 58.37
CA THR O 122 -15.31 5.45 59.51
C THR O 122 -16.58 4.60 59.43
N TYR O 123 -17.75 5.21 59.19
CA TYR O 123 -18.98 4.43 59.28
C TYR O 123 -20.06 5.11 58.43
N SER O 124 -20.17 4.67 57.17
CA SER O 124 -21.08 5.31 56.23
C SER O 124 -22.54 5.19 56.63
N GLN O 125 -22.98 4.00 57.03
CA GLN O 125 -24.38 3.73 57.37
C GLN O 125 -24.79 4.22 58.75
N PHE O 126 -24.00 5.08 59.39
CA PHE O 126 -24.30 5.46 60.78
C PHE O 126 -25.75 5.88 61.01
N PHE O 127 -26.25 6.85 60.24
CA PHE O 127 -27.60 7.36 60.54
C PHE O 127 -28.65 6.26 60.42
N GLU O 128 -28.48 5.31 59.52
CA GLU O 128 -29.52 4.32 59.32
C GLU O 128 -29.52 3.33 60.47
N GLU O 129 -28.33 2.97 60.95
CA GLU O 129 -28.20 2.10 62.11
C GLU O 129 -28.64 2.79 63.40
N MET O 130 -28.58 4.12 63.46
CA MET O 130 -28.89 4.88 64.66
C MET O 130 -30.36 5.19 64.89
N LYS O 131 -31.20 5.17 63.87
CA LYS O 131 -32.62 5.47 64.09
C LYS O 131 -33.28 4.54 65.11
N PRO O 132 -33.03 3.24 65.12
CA PRO O 132 -33.53 2.39 66.21
C PRO O 132 -33.08 2.86 67.56
N MET O 133 -31.84 3.35 67.66
CA MET O 133 -31.27 3.69 68.94
C MET O 133 -31.87 4.99 69.49
N ILE O 134 -32.20 5.93 68.61
CA ILE O 134 -32.97 7.11 69.04
C ILE O 134 -34.35 6.68 69.51
N ALA O 135 -35.02 5.84 68.73
CA ALA O 135 -36.37 5.45 69.11
C ALA O 135 -36.37 4.78 70.48
N GLU O 136 -35.35 3.97 70.75
CA GLU O 136 -35.17 3.40 72.08
C GLU O 136 -35.00 4.48 73.14
N ALA O 137 -34.18 5.50 72.86
CA ALA O 137 -33.97 6.54 73.85
C ALA O 137 -35.27 7.26 74.18
N PHE O 138 -36.10 7.52 73.16
CA PHE O 138 -37.40 8.15 73.43
C PHE O 138 -38.27 7.24 74.26
N TYR O 139 -38.33 5.96 73.91
CA TYR O 139 -39.16 5.03 74.66
C TYR O 139 -38.76 5.00 76.13
N LYS O 140 -37.46 4.92 76.39
CA LYS O 140 -36.99 4.93 77.78
C LYS O 140 -37.35 6.24 78.47
N LYS O 141 -37.27 7.36 77.76
CA LYS O 141 -37.59 8.64 78.39
C LYS O 141 -39.07 8.70 78.75
N PHE O 142 -39.93 8.24 77.85
CA PHE O 142 -41.36 8.29 78.10
C PHE O 142 -41.75 7.34 79.22
N ASP O 143 -41.22 6.11 79.19
CA ASP O 143 -41.49 5.17 80.27
C ASP O 143 -41.05 5.73 81.61
N GLU O 144 -39.84 6.26 81.68
CA GLU O 144 -39.32 6.76 82.95
C GLU O 144 -40.15 7.95 83.45
N ALA O 145 -40.66 8.78 82.55
CA ALA O 145 -41.50 9.89 83.00
C ALA O 145 -42.85 9.40 83.50
N GLY O 146 -43.51 8.53 82.73
CA GLY O 146 -44.85 8.12 83.10
C GLY O 146 -44.89 7.20 84.31
N ILE O 147 -43.98 6.24 84.37
CA ILE O 147 -43.99 5.28 85.47
C ILE O 147 -43.39 5.87 86.74
N LEU O 148 -42.13 6.28 86.69
CA LEU O 148 -41.38 6.63 87.87
C LEU O 148 -41.39 8.11 88.22
N ASN O 149 -41.99 8.97 87.39
CA ASN O 149 -41.97 10.41 87.66
C ASN O 149 -40.54 10.91 87.75
N GLN O 150 -39.70 10.47 86.83
CA GLN O 150 -38.28 10.81 86.82
C GLN O 150 -37.91 11.42 85.48
N GLY O 151 -36.80 12.14 85.47
CA GLY O 151 -36.33 12.75 84.25
C GLY O 151 -37.05 14.04 83.90
N ASN O 152 -37.39 14.85 84.90
CA ASN O 152 -38.07 16.12 84.68
C ASN O 152 -39.31 15.93 83.80
N ASN O 153 -40.18 15.02 84.22
CA ASN O 153 -41.37 14.73 83.43
C ASN O 153 -42.24 15.98 83.32
N PRO O 154 -42.78 16.30 82.14
CA PRO O 154 -43.53 17.55 81.99
C PRO O 154 -44.96 17.43 82.47
N PHE O 155 -45.51 16.23 82.40
CA PHE O 155 -46.88 16.03 82.85
C PHE O 155 -46.97 16.17 84.36
N GLY O 156 -48.14 16.52 84.83
CA GLY O 156 -48.42 16.53 86.25
C GLY O 156 -48.95 15.20 86.73
N LYS O 157 -48.84 14.17 85.89
CA LYS O 157 -49.45 12.87 86.12
C LYS O 157 -48.37 11.79 86.04
N SER O 158 -48.44 10.82 86.93
CA SER O 158 -47.53 9.69 86.86
C SER O 158 -48.01 8.62 87.82
N ILE O 159 -47.55 7.39 87.58
CA ILE O 159 -47.90 6.29 88.46
C ILE O 159 -47.27 6.50 89.83
N ALA O 160 -46.01 6.92 89.86
CA ALA O 160 -45.36 7.16 91.15
C ALA O 160 -46.13 8.19 91.96
N GLN O 161 -46.66 9.24 91.30
CA GLN O 161 -47.45 10.24 92.02
C GLN O 161 -48.80 9.67 92.42
N SER O 162 -49.40 8.83 91.58
CA SER O 162 -50.68 8.22 91.95
C SER O 162 -50.52 7.38 93.21
N ILE O 163 -49.47 6.56 93.24
CA ILE O 163 -49.22 5.71 94.39
C ILE O 163 -48.88 6.55 95.61
N GLU O 164 -48.02 7.56 95.45
CA GLU O 164 -47.65 8.38 96.60
C GLU O 164 -48.85 9.16 97.13
N LYS O 165 -49.82 9.49 96.27
CA LYS O 165 -51.01 10.21 96.71
C LYS O 165 -51.96 9.29 97.46
N THR O 166 -52.28 8.14 96.88
CA THR O 166 -53.20 7.20 97.52
C THR O 166 -52.55 6.40 98.64
N ASN O 167 -51.24 6.51 98.81
CA ASN O 167 -50.48 5.78 99.85
C ASN O 167 -50.70 4.27 99.74
N LYS O 168 -50.96 3.78 98.53
CA LYS O 168 -51.21 2.36 98.28
C LYS O 168 -49.88 1.59 98.17
N VAL O 169 -49.14 1.58 99.28
CA VAL O 169 -47.81 0.98 99.35
C VAL O 169 -47.75 -0.08 100.44
N ILE O 170 -47.08 -1.19 100.12
CA ILE O 170 -46.84 -2.30 101.04
C ILE O 170 -45.36 -2.33 101.44
N LYS O 171 -45.09 -2.18 102.73
CA LYS O 171 -43.75 -2.37 103.27
C LYS O 171 -43.53 -3.86 103.53
N GLY O 172 -42.51 -4.45 102.91
CA GLY O 172 -42.23 -5.85 103.19
C GLY O 172 -41.34 -6.50 102.15
N ASP O 173 -40.83 -7.66 102.54
CA ASP O 173 -40.08 -8.57 101.68
C ASP O 173 -41.02 -9.30 100.72
N PHE O 174 -40.44 -9.93 99.70
CA PHE O 174 -41.25 -10.70 98.76
C PHE O 174 -41.67 -12.01 99.41
N THR O 175 -42.97 -12.20 99.59
CA THR O 175 -43.52 -13.45 100.10
C THR O 175 -44.85 -13.66 99.42
N GLN O 176 -45.36 -14.90 99.46
CA GLN O 176 -46.66 -15.15 98.85
C GLN O 176 -47.73 -14.29 99.52
N ASP O 177 -47.64 -14.13 100.84
CA ASP O 177 -48.61 -13.31 101.54
C ASP O 177 -48.49 -11.84 101.13
N ASN O 178 -47.27 -11.36 100.89
CA ASN O 178 -47.12 -9.97 100.49
C ASN O 178 -47.52 -9.75 99.03
N ILE O 179 -47.35 -10.75 98.18
CA ILE O 179 -47.83 -10.64 96.80
C ILE O 179 -49.35 -10.59 96.81
N ILE O 180 -49.98 -11.42 97.64
CA ILE O 180 -51.43 -11.43 97.71
C ILE O 180 -51.93 -10.11 98.30
N ASP O 181 -51.24 -9.59 99.31
CA ASP O 181 -51.64 -8.30 99.88
C ASP O 181 -51.51 -7.18 98.86
N LEU O 182 -50.43 -7.20 98.07
CA LEU O 182 -50.25 -6.20 97.02
C LEU O 182 -51.43 -6.23 96.05
N GLU O 183 -51.82 -7.44 95.61
CA GLU O 183 -52.98 -7.56 94.72
C GLU O 183 -54.27 -7.13 95.41
N ALA O 184 -54.42 -7.47 96.69
CA ALA O 184 -55.63 -7.13 97.41
C ALA O 184 -55.78 -5.63 97.59
N LEU O 185 -54.68 -4.87 97.59
CA LEU O 185 -54.82 -3.42 97.65
C LEU O 185 -55.57 -2.90 96.42
N LEU O 186 -55.51 -3.62 95.30
CA LEU O 186 -56.29 -3.22 94.14
C LEU O 186 -57.70 -3.78 94.22
N GLU O 187 -57.83 -5.07 94.51
CA GLU O 187 -59.18 -5.63 94.51
C GLU O 187 -60.05 -5.07 95.62
N ASP O 188 -59.46 -4.42 96.64
CA ASP O 188 -60.26 -3.71 97.63
C ASP O 188 -61.20 -2.71 96.95
N ASP O 189 -60.69 -2.00 95.93
CA ASP O 189 -61.46 -1.01 95.20
C ASP O 189 -62.08 -1.56 93.92
N GLU O 190 -62.40 -2.85 93.91
CA GLU O 190 -63.07 -3.52 92.80
C GLU O 190 -62.24 -3.57 91.52
N LEU O 191 -60.95 -3.24 91.58
CA LEU O 191 -60.08 -3.28 90.42
C LEU O 191 -59.16 -4.49 90.53
N GLU O 192 -58.96 -5.18 89.42
CA GLU O 192 -58.15 -6.39 89.37
C GLU O 192 -56.83 -6.12 88.65
N ALA O 193 -55.74 -6.57 89.26
CA ALA O 193 -54.41 -6.39 88.70
C ALA O 193 -54.32 -6.97 87.29
N ASN O 194 -53.65 -6.25 86.40
CA ASN O 194 -53.49 -6.71 85.02
C ASN O 194 -52.07 -7.17 84.69
N ALA O 195 -51.05 -6.61 85.34
CA ALA O 195 -49.66 -7.00 85.05
C ALA O 195 -48.78 -6.49 86.18
N PHE O 196 -47.53 -6.94 86.17
CA PHE O 196 -46.54 -6.47 87.13
C PHE O 196 -45.37 -5.81 86.41
N ILE O 197 -44.79 -4.81 87.06
CA ILE O 197 -43.60 -4.12 86.57
C ILE O 197 -42.50 -4.40 87.58
N SER O 198 -41.35 -4.90 87.11
CA SER O 198 -40.31 -5.27 88.05
C SER O 198 -38.92 -5.01 87.50
N LYS O 199 -37.99 -4.81 88.44
CA LYS O 199 -36.57 -4.77 88.14
C LYS O 199 -36.12 -6.20 87.89
N THR O 200 -35.55 -6.47 86.70
CA THR O 200 -35.25 -7.85 86.34
C THR O 200 -34.33 -8.52 87.35
N GLN O 201 -33.52 -7.73 88.07
CA GLN O 201 -32.57 -8.24 89.06
C GLN O 201 -33.22 -8.90 90.28
N ASN O 202 -34.55 -8.93 90.43
CA ASN O 202 -35.17 -9.56 91.60
C ASN O 202 -35.80 -10.92 91.30
N ARG O 203 -35.61 -11.47 90.10
CA ARG O 203 -36.08 -12.83 89.86
C ARG O 203 -35.45 -13.80 90.86
N SER O 204 -34.25 -13.46 91.36
CA SER O 204 -33.62 -14.28 92.39
C SER O 204 -34.46 -14.33 93.65
N LEU O 205 -35.20 -13.27 93.93
CA LEU O 205 -36.10 -13.30 95.08
C LEU O 205 -37.38 -14.04 94.73
N LEU O 206 -37.91 -13.82 93.53
CA LEU O 206 -39.17 -14.48 93.19
C LEU O 206 -39.06 -15.99 93.14
N ARG O 207 -37.91 -16.54 92.73
CA ARG O 207 -37.83 -18.00 92.67
C ARG O 207 -37.90 -18.66 94.04
N LYS O 208 -37.66 -17.93 95.12
CA LYS O 208 -37.66 -18.51 96.46
C LYS O 208 -39.05 -18.62 97.10
N ILE O 209 -40.13 -18.29 96.40
CA ILE O 209 -41.47 -18.33 96.97
C ILE O 209 -42.25 -19.50 96.39
N VAL O 210 -42.78 -20.35 97.27
CA VAL O 210 -43.59 -21.50 96.89
C VAL O 210 -44.90 -21.48 97.67
N ASP O 211 -45.98 -21.86 97.00
CA ASP O 211 -47.30 -21.96 97.62
C ASP O 211 -47.35 -23.10 98.62
N PRO O 212 -47.53 -22.84 99.92
CA PRO O 212 -47.48 -23.95 100.89
C PRO O 212 -48.68 -24.87 100.82
N GLU O 213 -49.72 -24.52 100.06
CA GLU O 213 -50.81 -25.46 99.86
C GLU O 213 -50.48 -26.41 98.71
N THR O 214 -50.35 -25.86 97.50
CA THR O 214 -50.01 -26.69 96.34
C THR O 214 -48.56 -27.12 96.33
N LYS O 215 -47.72 -26.56 97.19
CA LYS O 215 -46.29 -26.91 97.26
C LYS O 215 -45.61 -26.78 95.90
N GLU O 216 -45.77 -25.60 95.27
CA GLU O 216 -45.11 -25.32 94.01
C GLU O 216 -44.74 -23.84 93.90
N ARG O 217 -43.83 -23.55 92.97
CA ARG O 217 -43.34 -22.19 92.76
C ARG O 217 -44.47 -21.29 92.29
N ILE O 218 -44.72 -20.19 93.02
CA ILE O 218 -45.70 -19.22 92.56
C ILE O 218 -45.22 -18.46 91.33
N TYR O 219 -43.92 -18.47 91.06
CA TYR O 219 -43.31 -17.71 89.96
C TYR O 219 -42.82 -18.69 88.90
N ASP O 220 -43.36 -18.57 87.69
CA ASP O 220 -42.91 -19.37 86.56
C ASP O 220 -41.75 -18.63 85.92
N ARG O 221 -40.53 -19.07 86.20
CA ARG O 221 -39.35 -18.41 85.68
C ARG O 221 -39.24 -18.52 84.17
N ASN O 222 -39.88 -19.50 83.54
CA ASN O 222 -39.82 -19.59 82.08
C ASN O 222 -40.83 -18.67 81.43
N SER O 223 -42.06 -18.64 81.94
CA SER O 223 -43.07 -17.73 81.43
C SER O 223 -42.80 -16.30 81.87
N ASP O 224 -42.03 -16.12 82.94
CA ASP O 224 -41.81 -14.81 83.53
C ASP O 224 -43.15 -14.17 83.87
N SER O 225 -43.96 -14.95 84.59
CA SER O 225 -45.28 -14.54 85.04
C SER O 225 -45.42 -14.91 86.51
N LEU O 226 -45.98 -13.99 87.28
CA LEU O 226 -46.13 -14.19 88.72
C LEU O 226 -47.60 -14.35 89.04
N ASP O 227 -47.94 -15.45 89.72
CA ASP O 227 -49.31 -15.74 90.10
C ASP O 227 -50.23 -15.67 88.89
N GLY O 228 -49.73 -16.12 87.75
CA GLY O 228 -50.47 -16.11 86.49
C GLY O 228 -50.50 -14.78 85.76
N LEU O 229 -49.94 -13.72 86.33
CA LEU O 229 -49.94 -12.42 85.67
C LEU O 229 -48.58 -12.14 85.03
N PRO O 230 -48.55 -11.56 83.82
CA PRO O 230 -47.26 -11.27 83.18
C PRO O 230 -46.49 -10.16 83.87
N VAL O 231 -45.19 -10.38 84.01
CA VAL O 231 -44.25 -9.42 84.59
C VAL O 231 -43.41 -8.82 83.47
N VAL O 232 -43.43 -7.49 83.34
CA VAL O 232 -42.58 -6.77 82.40
C VAL O 232 -41.40 -6.21 83.17
N ASN O 233 -40.24 -6.18 82.52
CA ASN O 233 -38.98 -5.79 83.16
C ASN O 233 -38.58 -4.39 82.74
N LEU O 234 -38.16 -3.57 83.72
CA LEU O 234 -37.64 -2.23 83.45
C LEU O 234 -36.12 -2.20 83.63
N LYS O 235 -35.41 -1.76 82.59
CA LYS O 235 -33.96 -1.62 82.64
C LYS O 235 -33.50 -0.34 83.34
N SER O 236 -34.40 0.62 83.57
CA SER O 236 -33.99 1.89 84.17
C SER O 236 -33.40 1.68 85.56
N SER O 237 -32.48 2.56 85.92
CA SER O 237 -31.75 2.52 87.18
C SER O 237 -32.56 3.03 88.37
N ASN O 238 -33.71 3.66 88.14
CA ASN O 238 -34.44 4.28 89.24
C ASN O 238 -35.30 3.31 90.04
N LEU O 239 -35.81 2.25 89.40
CA LEU O 239 -36.58 1.24 90.12
C LEU O 239 -35.61 0.30 90.86
N LYS O 240 -35.65 0.34 92.19
CA LYS O 240 -34.70 -0.40 93.02
C LYS O 240 -34.97 -1.91 92.99
N ARG O 241 -33.95 -2.65 93.48
CA ARG O 241 -33.99 -4.10 93.52
C ARG O 241 -35.25 -4.67 94.16
N GLY O 242 -35.53 -4.25 95.39
CA GLY O 242 -36.67 -4.81 96.11
C GLY O 242 -38.04 -4.23 95.87
N GLU O 243 -38.24 -3.48 94.79
CA GLU O 243 -39.51 -2.82 94.54
C GLU O 243 -40.26 -3.47 93.38
N LEU O 244 -41.58 -3.59 93.54
CA LEU O 244 -42.44 -4.22 92.56
C LEU O 244 -43.69 -3.37 92.42
N ILE O 245 -44.17 -3.18 91.19
CA ILE O 245 -45.33 -2.32 90.97
C ILE O 245 -46.39 -3.09 90.20
N THR O 246 -47.66 -2.81 90.51
CA THR O 246 -48.76 -3.49 89.83
C THR O 246 -49.96 -2.57 89.75
N GLY O 247 -50.83 -2.85 88.78
CA GLY O 247 -52.06 -2.07 88.64
C GLY O 247 -52.89 -2.60 87.49
N ASP O 248 -54.08 -2.02 87.34
CA ASP O 248 -54.93 -2.30 86.19
C ASP O 248 -54.57 -1.28 85.13
N PHE O 249 -53.57 -1.63 84.33
CA PHE O 249 -53.00 -0.71 83.36
C PHE O 249 -53.99 -0.26 82.28
N ASP O 250 -55.18 -0.85 82.20
CA ASP O 250 -56.18 -0.28 81.31
C ASP O 250 -56.62 1.09 81.77
N LYS O 251 -56.33 1.44 83.02
CA LYS O 251 -56.63 2.76 83.55
C LYS O 251 -55.56 3.79 83.21
N LEU O 252 -54.47 3.36 82.58
CA LEU O 252 -53.40 4.26 82.14
C LEU O 252 -53.55 4.45 80.65
N ILE O 253 -53.70 5.70 80.21
CA ILE O 253 -54.02 6.03 78.83
C ILE O 253 -52.91 6.90 78.26
N TYR O 254 -52.59 6.67 76.99
CA TYR O 254 -51.56 7.43 76.31
C TYR O 254 -51.97 7.69 74.87
N GLY O 255 -51.32 8.67 74.25
CA GLY O 255 -51.56 9.01 72.86
C GLY O 255 -50.29 9.51 72.21
N ILE O 256 -50.27 9.44 70.88
CA ILE O 256 -49.08 9.85 70.13
C ILE O 256 -49.52 10.71 68.96
N PRO O 257 -49.69 12.02 69.15
CA PRO O 257 -50.09 12.88 68.02
C PRO O 257 -49.12 12.89 66.86
N GLN O 258 -47.82 12.84 67.12
CA GLN O 258 -46.83 12.79 66.05
C GLN O 258 -45.84 11.67 66.35
N LEU O 259 -45.81 10.67 65.48
CA LEU O 259 -44.80 9.64 65.49
C LEU O 259 -43.43 10.24 65.15
N ILE O 260 -42.37 9.48 65.47
CA ILE O 260 -41.02 10.00 65.33
C ILE O 260 -40.79 10.56 63.94
N GLU O 261 -40.36 11.81 63.87
CA GLU O 261 -40.02 12.50 62.64
C GLU O 261 -38.51 12.70 62.55
N TYR O 262 -37.91 12.25 61.45
CA TYR O 262 -36.48 12.35 61.20
C TYR O 262 -36.18 13.32 60.06
N LYS O 263 -35.35 14.33 60.32
CA LYS O 263 -34.79 15.14 59.24
C LYS O 263 -33.27 15.16 59.33
N ILE O 264 -32.60 15.06 58.19
CA ILE O 264 -31.14 15.14 58.12
C ILE O 264 -30.80 16.47 57.46
N ASP O 265 -29.91 17.24 58.08
CA ASP O 265 -29.58 18.56 57.56
C ASP O 265 -28.08 18.80 57.56
N GLU O 266 -27.66 19.68 56.63
CA GLU O 266 -26.26 19.93 56.34
C GLU O 266 -25.94 21.42 56.34
N THR O 267 -26.89 22.28 56.70
CA THR O 267 -26.67 23.73 56.63
C THR O 267 -27.22 24.50 57.82
N ALA O 268 -27.78 23.85 58.83
CA ALA O 268 -28.22 24.55 60.03
C ALA O 268 -27.02 25.09 60.82
N GLN O 269 -27.34 25.87 61.85
CA GLN O 269 -26.42 26.22 62.92
C GLN O 269 -26.86 25.50 64.20
N LEU O 270 -25.89 24.99 64.95
CA LEU O 270 -26.16 24.37 66.25
C LEU O 270 -25.70 25.33 67.37
N SER O 271 -26.59 26.24 67.75
CA SER O 271 -26.26 27.17 68.84
C SER O 271 -25.93 26.46 70.14
N THR O 272 -26.48 25.27 70.35
CA THR O 272 -26.24 24.49 71.57
C THR O 272 -24.88 23.79 71.61
N VAL O 273 -24.05 23.89 70.58
CA VAL O 273 -22.70 23.32 70.58
C VAL O 273 -21.70 24.39 70.15
N LYS O 274 -20.73 24.69 71.01
CA LYS O 274 -19.76 25.76 70.77
C LYS O 274 -18.43 25.18 70.31
N ASN O 275 -17.79 25.84 69.35
CA ASN O 275 -16.40 25.54 69.03
C ASN O 275 -15.50 25.84 70.23
N GLU O 276 -14.26 25.34 70.15
CA GLU O 276 -13.28 25.65 71.19
C GLU O 276 -13.20 27.15 71.45
N ASP O 277 -13.26 27.96 70.40
CA ASP O 277 -13.21 29.41 70.57
C ASP O 277 -14.50 29.98 71.13
N GLY O 278 -15.55 29.15 71.29
CA GLY O 278 -16.86 29.60 71.73
C GLY O 278 -17.84 30.00 70.65
N THR O 279 -17.44 30.09 69.40
CA THR O 279 -18.41 30.37 68.34
C THR O 279 -19.30 29.14 68.08
N PRO O 280 -20.59 29.33 67.79
CA PRO O 280 -21.47 28.21 67.47
C PRO O 280 -21.03 27.45 66.22
N VAL O 281 -21.33 26.15 66.21
CA VAL O 281 -21.00 25.29 65.06
C VAL O 281 -21.94 25.56 63.89
N ASN O 282 -21.35 25.83 62.73
CA ASN O 282 -22.08 25.89 61.46
C ASN O 282 -21.88 24.58 60.70
N LEU O 283 -22.98 23.86 60.44
CA LEU O 283 -22.85 22.55 59.79
C LEU O 283 -22.15 22.65 58.45
N PHE O 284 -22.59 23.59 57.61
CA PHE O 284 -22.05 23.67 56.26
C PHE O 284 -20.60 24.12 56.32
N GLU O 285 -20.36 25.20 57.06
CA GLU O 285 -19.06 25.85 57.01
C GLU O 285 -17.98 24.91 57.55
N GLN O 286 -18.29 24.17 58.61
CA GLN O 286 -17.37 23.17 59.15
C GLN O 286 -17.51 21.79 58.50
N ASP O 287 -18.28 21.67 57.42
CA ASP O 287 -18.37 20.39 56.71
C ASP O 287 -18.87 19.26 57.59
N MET O 288 -20.01 19.50 58.24
CA MET O 288 -20.56 18.61 59.24
C MET O 288 -22.05 18.41 58.97
N VAL O 289 -22.61 17.32 59.49
CA VAL O 289 -23.99 16.91 59.22
C VAL O 289 -24.68 16.62 60.54
N ALA O 290 -26.00 16.84 60.61
CA ALA O 290 -26.71 16.47 61.83
C ALA O 290 -28.08 15.90 61.53
N LEU O 291 -28.54 15.00 62.40
CA LEU O 291 -29.87 14.41 62.30
C LEU O 291 -30.73 14.90 63.46
N ARG O 292 -31.92 15.41 63.15
CA ARG O 292 -32.89 15.84 64.15
C ARG O 292 -34.03 14.84 64.20
N ALA O 293 -34.38 14.41 65.40
CA ALA O 293 -35.54 13.55 65.63
C ALA O 293 -36.46 14.23 66.61
N THR O 294 -37.76 14.18 66.33
CA THR O 294 -38.77 14.72 67.24
C THR O 294 -39.96 13.78 67.33
N MET O 295 -40.67 13.84 68.45
CA MET O 295 -41.85 13.01 68.68
C MET O 295 -42.77 13.72 69.65
N HIS O 296 -44.07 13.45 69.54
CA HIS O 296 -45.04 13.94 70.51
C HIS O 296 -45.67 12.77 71.25
N VAL O 297 -45.76 12.90 72.57
CA VAL O 297 -46.44 11.90 73.38
C VAL O 297 -47.35 12.59 74.37
N ALA O 298 -48.45 11.93 74.72
CA ALA O 298 -49.42 12.43 75.68
C ALA O 298 -49.76 11.33 76.67
N LEU O 299 -49.96 11.70 77.93
CA LEU O 299 -50.21 10.75 79.01
C LEU O 299 -51.36 11.18 79.89
N HIS O 300 -52.23 10.23 80.21
CA HIS O 300 -53.37 10.45 81.09
C HIS O 300 -53.58 9.24 81.98
N ILE O 301 -53.92 9.48 83.24
CA ILE O 301 -54.26 8.43 84.20
C ILE O 301 -55.73 8.61 84.57
N ALA O 302 -56.55 7.64 84.18
CA ALA O 302 -58.00 7.77 84.38
C ALA O 302 -58.43 7.49 85.80
N ASP O 303 -57.69 6.67 86.56
CA ASP O 303 -58.04 6.38 87.94
C ASP O 303 -56.75 6.11 88.71
N ASP O 304 -56.32 7.08 89.52
CA ASP O 304 -55.04 6.98 90.21
C ASP O 304 -55.06 6.02 91.39
N LYS O 305 -56.19 5.40 91.71
CA LYS O 305 -56.20 4.35 92.73
C LYS O 305 -55.93 2.97 92.14
N ALA O 306 -55.80 2.87 90.82
CA ALA O 306 -55.61 1.59 90.14
C ALA O 306 -54.17 1.08 90.19
N PHE O 307 -53.29 1.68 90.98
CA PHE O 307 -51.90 1.27 91.04
C PHE O 307 -51.42 1.14 92.48
N ALA O 308 -50.61 0.10 92.72
CA ALA O 308 -50.10 -0.20 94.05
C ALA O 308 -48.63 -0.60 93.93
N LYS O 309 -47.90 -0.43 95.03
CA LYS O 309 -46.45 -0.62 95.03
C LYS O 309 -46.00 -1.40 96.25
N LEU O 310 -45.08 -2.34 96.05
CA LEU O 310 -44.42 -3.10 97.10
C LEU O 310 -42.99 -2.62 97.21
N VAL O 311 -42.51 -2.40 98.43
CA VAL O 311 -41.20 -1.81 98.66
C VAL O 311 -40.58 -2.43 99.90
N PRO O 312 -39.24 -2.55 99.92
CA PRO O 312 -38.59 -3.15 101.10
C PRO O 312 -38.82 -2.33 102.35
N ALA O 313 -38.94 -3.05 103.48
CA ALA O 313 -39.14 -2.42 104.78
C ALA O 313 -37.86 -1.76 105.26
N MET P 1 -20.83 36.45 55.67
CA MET P 1 -21.97 35.71 55.07
C MET P 1 -21.82 34.19 55.21
N LEU P 2 -22.82 33.56 55.81
CA LEU P 2 -22.80 32.15 56.12
C LEU P 2 -23.95 31.50 55.36
N LYS P 3 -23.79 30.23 54.98
CA LYS P 3 -24.92 29.57 54.32
C LYS P 3 -26.15 29.59 55.22
N VAL P 4 -25.95 29.73 56.52
CA VAL P 4 -27.03 29.94 57.47
C VAL P 4 -27.76 31.25 57.24
N ASN P 5 -27.05 32.30 56.82
CA ASN P 5 -27.66 33.62 56.65
C ASN P 5 -28.06 33.95 55.22
N GLU P 6 -27.74 33.09 54.26
CA GLU P 6 -28.05 33.44 52.88
C GLU P 6 -29.56 33.48 52.64
N PHE P 7 -30.35 32.70 53.38
CA PHE P 7 -31.79 32.77 53.22
C PHE P 7 -32.33 34.13 53.63
N GLU P 8 -32.06 34.53 54.89
CA GLU P 8 -32.59 35.80 55.35
C GLU P 8 -32.07 36.94 54.50
N THR P 9 -30.93 36.76 53.85
CA THR P 9 -30.43 37.83 52.99
C THR P 9 -31.16 37.84 51.64
N ASP P 10 -31.57 36.69 51.14
CA ASP P 10 -31.82 36.50 49.71
C ASP P 10 -30.62 36.97 48.90
N THR P 11 -29.48 36.39 49.24
CA THR P 11 -28.29 36.39 48.42
C THR P 11 -28.04 34.97 47.92
N ASP P 12 -29.14 34.25 47.69
CA ASP P 12 -29.16 32.80 47.63
C ASP P 12 -28.39 32.26 46.44
N LEU P 13 -27.72 31.13 46.65
CA LEU P 13 -26.96 30.47 45.59
C LEU P 13 -27.88 29.91 44.52
N ARG P 14 -27.52 30.15 43.25
CA ARG P 14 -28.36 29.77 42.11
C ARG P 14 -27.48 29.36 40.94
N GLY P 15 -28.09 28.64 39.98
CA GLY P 15 -27.45 28.32 38.72
C GLY P 15 -28.46 28.04 37.62
N ASN P 16 -28.46 28.83 36.55
CA ASN P 16 -29.63 29.02 35.70
C ASN P 16 -29.55 28.39 34.32
N ILE P 17 -28.45 28.57 33.59
CA ILE P 17 -28.39 28.13 32.20
C ILE P 17 -28.23 26.61 32.09
N ASN P 18 -29.35 25.88 32.14
CA ASN P 18 -29.34 24.43 31.92
C ASN P 18 -30.64 23.95 31.29
N TYR P 19 -31.23 24.77 30.43
CA TYR P 19 -32.64 24.63 30.09
C TYR P 19 -33.03 23.24 29.61
N LEU P 20 -32.17 22.57 28.86
CA LEU P 20 -32.53 21.25 28.34
C LEU P 20 -32.68 20.21 29.44
N PHE P 21 -31.66 20.04 30.26
CA PHE P 21 -31.59 18.90 31.17
C PHE P 21 -32.08 19.21 32.57
N ASN P 22 -32.57 20.42 32.79
CA ASN P 22 -33.30 20.77 33.99
C ASN P 22 -34.43 19.77 34.26
N ASP P 23 -34.67 19.46 35.54
CA ASP P 23 -35.72 18.51 35.92
C ASP P 23 -37.14 19.01 35.66
N GLU P 24 -37.36 20.31 35.74
CA GLU P 24 -38.70 20.84 35.56
C GLU P 24 -39.09 20.97 34.10
N ALA P 25 -38.10 20.98 33.21
CA ALA P 25 -38.29 21.40 31.83
C ALA P 25 -39.17 20.50 30.99
N ASN P 26 -39.54 19.29 31.44
CA ASN P 26 -40.53 18.55 30.66
C ASN P 26 -41.36 17.58 31.52
N VAL P 27 -41.73 17.97 32.74
CA VAL P 27 -42.65 17.15 33.50
C VAL P 27 -44.00 17.05 32.79
N VAL P 28 -44.65 15.91 32.92
CA VAL P 28 -46.05 15.79 32.52
C VAL P 28 -46.92 16.47 33.56
N TYR P 29 -47.82 17.34 33.14
CA TYR P 29 -48.73 17.95 34.09
C TYR P 29 -49.86 17.02 34.47
N THR P 30 -50.18 16.99 35.75
CA THR P 30 -51.32 16.24 36.22
C THR P 30 -52.11 17.09 37.21
N TYR P 31 -53.35 16.69 37.42
CA TYR P 31 -54.26 17.37 38.33
C TYR P 31 -55.09 16.32 39.06
N ASP P 32 -55.28 16.53 40.36
CA ASP P 32 -55.94 15.53 41.19
C ASP P 32 -57.46 15.55 41.07
N GLY P 33 -58.04 16.71 40.76
CA GLY P 33 -59.48 16.84 40.74
C GLY P 33 -60.09 16.51 39.39
N THR P 34 -61.42 16.54 39.38
CA THR P 34 -62.18 16.38 38.15
C THR P 34 -62.15 17.68 37.34
N GLU P 35 -62.69 17.57 36.13
CA GLU P 35 -62.81 18.75 35.28
C GLU P 35 -63.56 19.85 36.00
N SER P 36 -64.63 19.48 36.72
CA SER P 36 -65.38 20.49 37.47
C SER P 36 -64.52 21.11 38.56
N ASP P 37 -63.73 20.30 39.26
CA ASP P 37 -62.88 20.82 40.32
C ASP P 37 -61.86 21.81 39.79
N LEU P 38 -61.47 21.66 38.52
CA LEU P 38 -60.55 22.63 37.92
C LEU P 38 -61.28 23.87 37.46
N LEU P 39 -62.38 23.66 36.73
CA LEU P 39 -63.09 24.75 36.11
C LEU P 39 -63.69 25.70 37.15
N GLN P 40 -64.06 25.18 38.32
CA GLN P 40 -64.50 26.10 39.35
C GLN P 40 -63.32 26.87 39.93
N ASN P 41 -62.11 26.33 39.82
CA ASN P 41 -60.93 26.96 40.39
C ASN P 41 -59.91 27.27 39.31
N VAL P 42 -60.35 28.02 38.30
CA VAL P 42 -59.55 28.37 37.13
C VAL P 42 -58.16 28.91 37.49
N ASN P 43 -57.99 29.46 38.69
CA ASN P 43 -56.68 29.98 39.06
C ASN P 43 -55.60 28.91 38.98
N GLU P 44 -55.96 27.65 39.23
CA GLU P 44 -54.98 26.58 39.11
C GLU P 44 -54.41 26.54 37.71
N VAL P 45 -55.27 26.72 36.71
CA VAL P 45 -54.80 26.75 35.35
C VAL P 45 -53.77 27.85 35.19
N SER P 46 -53.93 28.94 35.94
CA SER P 46 -52.94 30.01 35.88
C SER P 46 -51.61 29.55 36.44
N LYS P 47 -51.63 28.74 37.49
CA LYS P 47 -50.35 28.22 37.99
C LYS P 47 -49.68 27.36 36.95
N TYR P 48 -50.45 26.52 36.26
CA TYR P 48 -49.85 25.69 35.22
C TYR P 48 -49.28 26.52 34.11
N ILE P 49 -50.01 27.53 33.65
CA ILE P 49 -49.50 28.37 32.57
C ILE P 49 -48.21 29.04 32.97
N GLU P 50 -48.15 29.57 34.19
CA GLU P 50 -46.91 30.19 34.66
C GLU P 50 -45.75 29.21 34.69
N HIS P 51 -45.98 27.99 35.20
CA HIS P 51 -44.91 26.99 35.18
C HIS P 51 -44.46 26.69 33.77
N HIS P 52 -45.40 26.51 32.85
CA HIS P 52 -45.04 26.22 31.47
C HIS P 52 -44.16 27.32 30.91
N MET P 53 -44.54 28.58 31.13
CA MET P 53 -43.73 29.70 30.65
C MET P 53 -42.35 29.73 31.28
N ASP P 54 -42.24 29.49 32.58
CA ASP P 54 -40.93 29.63 33.21
C ASP P 54 -40.00 28.47 32.94
N TYR P 55 -40.51 27.27 32.70
CA TYR P 55 -39.63 26.12 32.60
C TYR P 55 -39.72 25.38 31.27
N GLN P 56 -40.91 25.04 30.81
CA GLN P 56 -40.97 24.24 29.61
C GLN P 56 -40.67 25.06 28.36
N ARG P 57 -41.29 26.22 28.20
CA ARG P 57 -41.03 27.01 27.01
C ARG P 57 -39.55 27.24 26.71
N PRO P 58 -38.73 27.76 27.62
CA PRO P 58 -37.29 27.88 27.31
C PRO P 58 -36.64 26.65 26.68
N ARG P 59 -36.97 25.45 27.14
CA ARG P 59 -36.44 24.27 26.48
C ARG P 59 -36.91 24.19 25.03
N LEU P 60 -38.21 24.35 24.81
CA LEU P 60 -38.73 24.22 23.46
C LEU P 60 -38.19 25.31 22.56
N LYS P 61 -37.99 26.51 23.09
CA LYS P 61 -37.40 27.58 22.29
C LYS P 61 -35.98 27.25 21.89
N VAL P 62 -35.17 26.74 22.81
CA VAL P 62 -33.80 26.37 22.43
C VAL P 62 -33.80 25.32 21.34
N LEU P 63 -34.69 24.32 21.44
CA LEU P 63 -34.77 23.30 20.40
C LEU P 63 -35.29 23.84 19.07
N SER P 64 -36.17 24.83 19.09
CA SER P 64 -36.54 25.50 17.85
C SER P 64 -35.40 26.31 17.26
N ASP P 65 -34.71 27.09 18.10
CA ASP P 65 -33.57 27.84 17.58
C ASP P 65 -32.58 26.93 16.88
N TYR P 66 -32.32 25.76 17.45
CA TYR P 66 -31.40 24.86 16.75
C TYR P 66 -31.98 24.37 15.43
N TYR P 67 -33.28 24.11 15.36
CA TYR P 67 -33.78 23.74 14.03
C TYR P 67 -33.62 24.88 13.04
N GLU P 68 -33.75 26.12 13.49
CA GLU P 68 -33.51 27.25 12.60
C GLU P 68 -32.03 27.53 12.36
N GLY P 69 -31.14 26.84 13.07
CA GLY P 69 -29.71 27.11 12.96
C GLY P 69 -29.20 28.33 13.70
N LYS P 70 -30.00 28.94 14.56
CA LYS P 70 -29.52 30.04 15.40
C LYS P 70 -28.73 29.50 16.58
N THR P 71 -27.76 28.62 16.32
CA THR P 71 -27.00 28.01 17.40
C THR P 71 -26.37 29.05 18.30
N LYS P 72 -26.08 28.61 19.53
CA LYS P 72 -25.44 29.43 20.55
C LYS P 72 -24.27 30.22 19.99
N ASN P 73 -23.48 29.62 19.11
CA ASN P 73 -22.30 30.30 18.63
C ASN P 73 -22.62 31.58 17.87
N LEU P 74 -23.79 31.67 17.22
CA LEU P 74 -24.13 32.89 16.51
C LEU P 74 -24.58 34.01 17.46
N VAL P 75 -25.36 33.68 18.48
CA VAL P 75 -25.90 34.74 19.34
C VAL P 75 -24.95 35.13 20.47
N GLU P 76 -24.13 34.21 20.95
CA GLU P 76 -23.25 34.51 22.09
C GLU P 76 -22.11 35.45 21.74
N LEU P 77 -22.45 36.64 21.25
CA LEU P 77 -21.45 37.66 20.92
C LEU P 77 -20.78 38.26 22.15
N THR P 78 -21.27 37.93 23.36
CA THR P 78 -20.83 38.59 24.58
C THR P 78 -19.31 38.63 24.75
N ARG P 79 -18.60 37.58 24.35
CA ARG P 79 -17.14 37.54 24.50
C ARG P 79 -16.40 37.68 23.17
N ARG P 80 -17.09 38.06 22.09
CA ARG P 80 -16.43 38.11 20.80
C ARG P 80 -15.61 39.41 20.66
N LYS P 81 -14.76 39.41 19.63
CA LYS P 81 -13.80 40.47 19.35
C LYS P 81 -13.96 40.91 17.90
N GLU P 82 -13.86 42.21 17.65
CA GLU P 82 -13.95 42.70 16.28
C GLU P 82 -13.26 44.05 16.12
N GLU P 83 -12.21 44.29 16.90
CA GLU P 83 -11.54 45.58 16.84
C GLU P 83 -10.80 45.77 15.52
N TYR P 84 -10.32 44.69 14.91
CA TYR P 84 -9.68 44.76 13.60
C TYR P 84 -9.82 43.44 12.83
N MET P 85 -9.94 42.34 13.56
CA MET P 85 -10.19 41.03 12.96
C MET P 85 -11.66 40.88 12.61
N ALA P 86 -11.96 39.85 11.82
CA ALA P 86 -13.33 39.48 11.51
C ALA P 86 -13.92 38.66 12.66
N ASP P 87 -15.26 38.62 12.70
CA ASP P 87 -15.95 37.88 13.76
C ASP P 87 -15.90 36.37 13.55
N ASN P 88 -16.09 35.91 12.30
CA ASN P 88 -15.99 34.49 11.94
C ASN P 88 -16.80 33.56 12.83
N ARG P 89 -17.90 34.02 13.40
CA ARG P 89 -18.81 33.11 14.09
C ARG P 89 -19.53 32.22 13.07
N VAL P 90 -19.83 30.97 13.45
CA VAL P 90 -20.31 29.95 12.52
C VAL P 90 -21.37 29.06 13.15
N ALA P 91 -22.31 28.58 12.31
CA ALA P 91 -23.33 27.61 12.72
C ALA P 91 -23.45 26.54 11.63
N HIS P 92 -23.55 25.27 12.04
CA HIS P 92 -23.51 24.16 11.08
C HIS P 92 -24.83 23.50 10.70
N ASP P 93 -25.95 23.78 11.36
CA ASP P 93 -27.26 23.26 10.93
C ASP P 93 -27.42 21.72 10.97
N TYR P 94 -26.63 21.03 11.79
CA TYR P 94 -26.85 19.59 11.92
C TYR P 94 -28.26 19.29 12.37
N ALA P 95 -28.83 20.15 13.21
CA ALA P 95 -30.18 19.93 13.72
C ALA P 95 -31.17 19.74 12.59
N SER P 96 -31.15 20.64 11.62
CA SER P 96 -32.08 20.50 10.50
C SER P 96 -31.77 19.28 9.67
N TYR P 97 -30.48 19.03 9.40
CA TYR P 97 -30.17 17.84 8.61
C TYR P 97 -30.75 16.58 9.26
N ILE P 98 -30.47 16.39 10.55
CA ILE P 98 -30.97 15.23 11.29
C ILE P 98 -32.48 15.14 11.24
N SER P 99 -33.17 16.20 11.66
CA SER P 99 -34.61 16.11 11.81
C SER P 99 -35.34 15.96 10.49
N ASP P 100 -34.89 16.62 9.44
CA ASP P 100 -35.51 16.38 8.15
C ASP P 100 -35.29 14.95 7.69
N PHE P 101 -34.10 14.40 7.89
CA PHE P 101 -33.86 13.04 7.45
C PHE P 101 -34.75 12.06 8.19
N ILE P 102 -34.78 12.14 9.51
CA ILE P 102 -35.53 11.19 10.32
C ILE P 102 -37.03 11.32 10.10
N ASN P 103 -37.53 12.55 9.92
CA ASN P 103 -38.95 12.68 9.65
C ASN P 103 -39.29 12.13 8.28
N GLY P 104 -38.50 12.46 7.26
CA GLY P 104 -38.84 11.97 5.94
C GLY P 104 -38.83 10.45 5.91
N TYR P 105 -37.88 9.83 6.60
CA TYR P 105 -37.85 8.38 6.62
C TYR P 105 -39.12 7.83 7.24
N PHE P 106 -39.61 8.47 8.30
CA PHE P 106 -40.77 7.92 8.98
C PHE P 106 -42.07 8.16 8.23
N LEU P 107 -42.33 9.39 7.79
CA LEU P 107 -43.61 9.75 7.20
C LEU P 107 -43.48 10.33 5.80
N GLY P 108 -42.35 10.14 5.13
CA GLY P 108 -42.32 10.55 3.75
C GLY P 108 -43.28 9.78 2.87
N ASN P 109 -43.67 8.58 3.30
CA ASN P 109 -44.60 7.76 2.54
C ASN P 109 -45.93 7.73 3.25
N PRO P 110 -47.03 8.17 2.64
CA PRO P 110 -48.29 8.29 3.37
C PRO P 110 -48.73 7.00 4.05
N ILE P 111 -49.33 7.16 5.23
CA ILE P 111 -49.94 6.03 5.93
C ILE P 111 -51.17 5.58 5.16
N GLN P 112 -51.29 4.28 4.95
CA GLN P 112 -52.47 3.74 4.29
C GLN P 112 -53.45 3.22 5.34
N TYR P 113 -54.71 3.12 4.96
CA TYR P 113 -55.78 2.71 5.86
C TYR P 113 -56.50 1.51 5.30
N GLN P 114 -56.79 0.54 6.16
CA GLN P 114 -57.62 -0.59 5.79
C GLN P 114 -58.72 -0.73 6.81
N ASP P 115 -59.88 -1.17 6.35
CA ASP P 115 -60.94 -1.52 7.27
C ASP P 115 -61.83 -2.57 6.63
N ASP P 116 -62.52 -3.33 7.47
CA ASP P 116 -63.41 -4.35 6.95
C ASP P 116 -64.75 -3.77 6.52
N ASP P 117 -65.13 -2.61 7.04
CA ASP P 117 -66.39 -1.97 6.69
C ASP P 117 -66.13 -0.76 5.78
N LYS P 118 -66.67 -0.82 4.57
CA LYS P 118 -66.42 0.23 3.60
C LYS P 118 -67.10 1.53 3.98
N ASP P 119 -68.16 1.50 4.78
CA ASP P 119 -68.81 2.74 5.15
C ASP P 119 -67.88 3.57 6.02
N VAL P 120 -67.25 2.92 6.99
CA VAL P 120 -66.29 3.60 7.85
C VAL P 120 -65.07 4.00 7.05
N LEU P 121 -64.59 3.10 6.19
CA LEU P 121 -63.41 3.44 5.40
C LEU P 121 -63.65 4.69 4.56
N GLU P 122 -64.83 4.81 3.94
CA GLU P 122 -65.08 5.99 3.12
C GLU P 122 -65.30 7.23 3.98
N ALA P 123 -65.80 7.09 5.20
CA ALA P 123 -65.95 8.29 6.02
C ALA P 123 -64.58 8.80 6.44
N ILE P 124 -63.67 7.87 6.76
CA ILE P 124 -62.31 8.25 7.09
C ILE P 124 -61.66 8.92 5.90
N GLU P 125 -61.76 8.30 4.73
CA GLU P 125 -61.10 8.85 3.56
C GLU P 125 -61.64 10.23 3.20
N ALA P 126 -62.94 10.45 3.40
CA ALA P 126 -63.49 11.78 3.15
C ALA P 126 -62.87 12.80 4.09
N PHE P 127 -62.79 12.47 5.37
CA PHE P 127 -62.19 13.42 6.32
C PHE P 127 -60.72 13.67 5.99
N ASN P 128 -59.98 12.62 5.66
CA ASN P 128 -58.55 12.78 5.36
C ASN P 128 -58.36 13.67 4.15
N ASP P 129 -59.15 13.47 3.10
CA ASP P 129 -58.97 14.31 1.93
C ASP P 129 -59.34 15.75 2.24
N LEU P 130 -60.45 15.96 2.94
CA LEU P 130 -60.84 17.33 3.26
C LEU P 130 -59.74 18.06 4.02
N ASN P 131 -59.09 17.38 4.97
CA ASN P 131 -58.06 18.04 5.75
C ASN P 131 -56.65 17.89 5.20
N ASP P 132 -56.46 17.27 4.04
CA ASP P 132 -55.13 17.09 3.48
C ASP P 132 -54.21 16.45 4.52
N VAL P 133 -54.72 15.38 5.13
CA VAL P 133 -54.06 14.74 6.26
C VAL P 133 -52.65 14.29 5.96
N GLU P 134 -52.32 14.01 4.70
CA GLU P 134 -50.93 13.61 4.41
C GLU P 134 -49.94 14.69 4.86
N SER P 135 -50.16 15.92 4.44
CA SER P 135 -49.25 17.00 4.82
C SER P 135 -49.29 17.23 6.32
N HIS P 136 -50.48 17.12 6.90
CA HIS P 136 -50.62 17.33 8.34
C HIS P 136 -49.77 16.32 9.10
N ASN P 137 -49.93 15.05 8.76
CA ASN P 137 -49.16 14.00 9.41
C ASN P 137 -47.66 14.26 9.29
N ARG P 138 -47.19 14.67 8.12
CA ARG P 138 -45.76 14.96 8.06
C ARG P 138 -45.37 16.14 8.94
N SER P 139 -46.24 17.12 9.10
CA SER P 139 -45.86 18.24 9.98
C SER P 139 -45.89 17.85 11.45
N LEU P 140 -46.71 16.86 11.81
CA LEU P 140 -46.55 16.30 13.15
C LEU P 140 -45.23 15.57 13.26
N GLY P 141 -44.92 14.73 12.27
CA GLY P 141 -43.71 13.95 12.37
C GLY P 141 -42.46 14.79 12.43
N LEU P 142 -42.54 16.03 11.94
CA LEU P 142 -41.45 16.98 12.15
C LEU P 142 -41.44 17.53 13.57
N ASP P 143 -42.60 17.99 14.08
CA ASP P 143 -42.59 18.48 15.44
C ASP P 143 -42.13 17.42 16.43
N LEU P 144 -42.55 16.18 16.24
CA LEU P 144 -42.05 15.10 17.09
C LEU P 144 -40.55 15.02 17.08
N SER P 145 -39.92 15.37 15.96
CA SER P 145 -38.49 15.23 15.87
C SER P 145 -37.75 16.38 16.54
N ILE P 146 -38.31 17.59 16.48
CA ILE P 146 -37.58 18.73 17.06
C ILE P 146 -37.99 18.99 18.51
N TYR P 147 -39.28 19.07 18.82
CA TYR P 147 -39.68 19.31 20.20
C TYR P 147 -39.75 18.06 21.04
N GLY P 148 -39.94 16.90 20.40
CA GLY P 148 -40.18 15.67 21.12
C GLY P 148 -41.65 15.36 21.33
N LYS P 149 -42.54 16.26 20.92
CA LYS P 149 -43.97 16.05 21.10
C LYS P 149 -44.69 16.94 20.10
N ALA P 150 -45.98 16.67 19.91
CA ALA P 150 -46.74 17.50 19.00
C ALA P 150 -48.20 17.48 19.38
N TYR P 151 -48.92 18.54 19.05
CA TYR P 151 -50.33 18.65 19.39
C TYR P 151 -51.16 18.88 18.14
N GLU P 152 -52.36 18.34 18.13
CA GLU P 152 -53.32 18.65 17.08
C GLU P 152 -54.67 18.96 17.68
N LEU P 153 -55.33 19.96 17.11
CA LEU P 153 -56.63 20.43 17.54
C LEU P 153 -57.67 20.14 16.46
N MET P 154 -58.80 19.59 16.87
CA MET P 154 -59.89 19.27 15.95
C MET P 154 -61.08 20.15 16.32
N ILE P 155 -61.66 20.82 15.33
CA ILE P 155 -62.77 21.74 15.58
C ILE P 155 -63.84 21.63 14.51
N ARG P 156 -65.09 21.74 14.92
CA ARG P 156 -66.21 21.81 14.00
C ARG P 156 -66.30 23.24 13.51
N ASN P 157 -65.99 23.44 12.23
CA ASN P 157 -65.89 24.75 11.61
C ASN P 157 -67.25 25.43 11.52
N GLN P 158 -67.19 26.74 11.26
CA GLN P 158 -68.44 27.51 11.14
C GLN P 158 -69.24 27.05 9.93
N ASP P 159 -68.57 26.64 8.86
CA ASP P 159 -69.25 26.10 7.69
C ASP P 159 -69.74 24.68 7.91
N ASP P 160 -69.71 24.20 9.15
CA ASP P 160 -70.19 22.87 9.51
C ASP P 160 -69.40 21.76 8.83
N GLU P 161 -68.10 21.76 9.09
CA GLU P 161 -67.17 20.76 8.59
C GLU P 161 -66.17 20.42 9.69
N THR P 162 -65.72 19.18 9.73
CA THR P 162 -64.75 18.79 10.74
C THR P 162 -63.35 19.12 10.24
N ARG P 163 -62.67 20.04 10.92
CA ARG P 163 -61.34 20.47 10.51
C ARG P 163 -60.29 20.07 11.54
N LEU P 164 -59.08 19.84 11.05
CA LEU P 164 -57.93 19.43 11.85
C LEU P 164 -56.78 20.40 11.63
N TYR P 165 -56.26 20.97 12.72
CA TYR P 165 -55.17 21.93 12.64
C TYR P 165 -54.08 21.61 13.63
N LYS P 166 -52.82 21.70 13.21
CA LYS P 166 -51.72 21.48 14.14
C LYS P 166 -51.61 22.66 15.10
N SER P 167 -51.44 22.38 16.39
CA SER P 167 -51.33 23.43 17.40
C SER P 167 -49.89 23.57 17.86
N ASP P 168 -49.44 24.81 17.96
CA ASP P 168 -48.00 25.06 18.07
C ASP P 168 -47.47 24.58 19.42
N ALA P 169 -46.37 23.83 19.39
CA ALA P 169 -45.89 23.17 20.60
C ALA P 169 -45.42 24.15 21.66
N MET P 170 -44.95 25.33 21.26
CA MET P 170 -44.53 26.36 22.21
C MET P 170 -45.70 27.12 22.84
N SER P 171 -46.93 26.80 22.51
CA SER P 171 -48.06 27.54 23.05
C SER P 171 -49.21 26.63 23.48
N THR P 172 -49.00 25.32 23.51
CA THR P 172 -50.05 24.38 23.87
C THR P 172 -49.55 23.47 24.98
N PHE P 173 -50.43 23.08 25.89
CA PHE P 173 -50.14 21.93 26.72
C PHE P 173 -51.43 21.29 27.20
N ILE P 174 -51.29 20.12 27.83
CA ILE P 174 -52.42 19.36 28.36
C ILE P 174 -52.20 19.04 29.83
N ILE P 175 -53.27 19.09 30.60
CA ILE P 175 -53.33 18.73 32.01
C ILE P 175 -54.03 17.39 32.09
N TYR P 176 -53.36 16.38 32.66
CA TYR P 176 -53.90 15.03 32.71
C TYR P 176 -54.45 14.67 34.08
N ASP P 177 -55.47 13.81 34.08
CA ASP P 177 -55.96 13.16 35.28
C ASP P 177 -54.83 12.50 36.03
N ASN P 178 -54.86 12.60 37.37
CA ASN P 178 -53.78 12.01 38.17
C ASN P 178 -53.82 10.49 38.27
N THR P 179 -54.89 9.82 37.87
CA THR P 179 -54.94 8.38 38.01
C THR P 179 -53.98 7.71 37.02
N VAL P 180 -53.73 6.42 37.27
CA VAL P 180 -52.83 5.64 36.42
C VAL P 180 -53.28 5.62 34.97
N GLU P 181 -54.57 5.87 34.72
CA GLU P 181 -55.06 5.88 33.36
C GLU P 181 -54.65 7.13 32.59
N ARG P 182 -54.34 8.21 33.29
CA ARG P 182 -53.98 9.51 32.70
C ARG P 182 -54.90 9.91 31.54
N ASN P 183 -56.17 10.05 31.87
CA ASN P 183 -57.08 10.69 30.92
C ASN P 183 -56.70 12.16 30.84
N SER P 184 -56.90 12.77 29.68
CA SER P 184 -56.63 14.19 29.55
C SER P 184 -57.79 14.99 30.12
N ILE P 185 -57.51 15.76 31.17
CA ILE P 185 -58.57 16.56 31.79
C ILE P 185 -58.84 17.81 30.98
N ALA P 186 -57.81 18.61 30.73
CA ALA P 186 -58.06 19.85 30.00
C ALA P 186 -56.82 20.26 29.21
N GLY P 187 -57.03 20.92 28.10
CA GLY P 187 -55.92 21.42 27.29
C GLY P 187 -55.95 22.93 27.27
N VAL P 188 -54.79 23.56 27.13
CA VAL P 188 -54.75 25.01 27.04
C VAL P 188 -53.86 25.43 25.88
N ARG P 189 -54.23 26.56 25.28
CA ARG P 189 -53.47 27.25 24.27
C ARG P 189 -53.39 28.70 24.69
N TYR P 190 -52.23 29.33 24.56
CA TYR P 190 -52.10 30.73 24.90
C TYR P 190 -51.17 31.44 23.94
N LEU P 191 -51.63 32.56 23.39
CA LEU P 191 -50.85 33.30 22.39
C LEU P 191 -50.72 34.77 22.73
N ARG P 192 -49.59 35.33 22.31
CA ARG P 192 -49.24 36.74 22.49
C ARG P 192 -49.75 37.60 21.34
N THR P 193 -50.98 38.10 21.45
CA THR P 193 -51.42 39.16 20.58
C THR P 193 -50.51 40.37 20.73
N LYS P 194 -50.25 41.08 19.64
CA LYS P 194 -49.33 42.22 19.69
C LYS P 194 -49.65 43.17 18.55
N PRO P 195 -49.28 44.45 18.70
CA PRO P 195 -49.03 45.29 17.53
C PRO P 195 -47.67 44.97 16.93
N ILE P 196 -47.50 45.35 15.66
CA ILE P 196 -46.17 45.35 15.05
C ILE P 196 -45.52 46.73 15.01
N ASP P 197 -46.28 47.80 15.21
CA ASP P 197 -45.68 49.13 15.04
C ASP P 197 -44.70 49.47 16.16
N LYS P 198 -44.57 48.64 17.19
CA LYS P 198 -43.68 48.93 18.30
C LYS P 198 -43.34 47.64 19.00
N THR P 199 -42.30 47.69 19.82
CA THR P 199 -42.07 46.65 20.82
C THR P 199 -43.29 46.53 21.74
N ASP P 200 -43.56 45.32 22.20
CA ASP P 200 -44.79 45.03 22.91
C ASP P 200 -44.96 45.95 24.12
N GLU P 201 -46.20 46.40 24.34
CA GLU P 201 -46.47 47.36 25.42
C GLU P 201 -46.68 46.63 26.74
N ASP P 202 -47.84 45.99 26.91
CA ASP P 202 -48.11 45.10 28.02
C ASP P 202 -48.09 43.66 27.53
N GLU P 203 -47.39 42.81 28.27
CA GLU P 203 -47.27 41.39 27.94
C GLU P 203 -48.62 40.72 28.17
N VAL P 204 -49.50 40.82 27.17
CA VAL P 204 -50.89 40.37 27.25
C VAL P 204 -51.04 39.08 26.45
N PHE P 205 -51.70 38.08 27.02
CA PHE P 205 -51.94 36.80 26.36
C PHE P 205 -53.42 36.45 26.31
N THR P 206 -53.84 35.93 25.15
CA THR P 206 -55.16 35.36 24.95
C THR P 206 -55.10 33.86 25.21
N VAL P 207 -55.93 33.37 26.14
CA VAL P 207 -55.87 32.00 26.61
C VAL P 207 -57.16 31.27 26.25
N ASP P 208 -57.03 30.13 25.58
CA ASP P 208 -58.16 29.25 25.29
C ASP P 208 -57.99 27.98 26.09
N LEU P 209 -59.00 27.65 26.89
CA LEU P 209 -58.99 26.46 27.74
C LEU P 209 -60.04 25.49 27.21
N PHE P 210 -59.61 24.30 26.82
CA PHE P 210 -60.47 23.30 26.25
C PHE P 210 -60.82 22.25 27.29
N THR P 211 -62.10 22.06 27.51
CA THR P 211 -62.65 21.04 28.39
C THR P 211 -63.34 19.99 27.54
N SER P 212 -63.90 18.99 28.22
CA SER P 212 -64.63 17.94 27.51
C SER P 212 -65.97 18.41 26.94
N HIS P 213 -66.45 19.59 27.32
CA HIS P 213 -67.74 20.07 26.84
C HIS P 213 -67.70 21.41 26.13
N GLY P 214 -66.57 22.11 26.10
CA GLY P 214 -66.56 23.39 25.41
C GLY P 214 -65.23 24.08 25.58
N VAL P 215 -65.12 25.23 24.92
CA VAL P 215 -63.94 26.08 24.95
C VAL P 215 -64.26 27.32 25.77
N TYR P 216 -63.37 27.66 26.70
CA TYR P 216 -63.46 28.87 27.49
C TYR P 216 -62.38 29.82 27.02
N ARG P 217 -62.74 31.08 26.77
CA ARG P 217 -61.77 32.06 26.32
C ARG P 217 -61.54 33.09 27.41
N TYR P 218 -60.25 33.42 27.64
CA TYR P 218 -59.86 34.37 28.67
C TYR P 218 -58.77 35.29 28.14
N LEU P 219 -58.49 36.32 28.92
CA LEU P 219 -57.41 37.25 28.70
C LEU P 219 -56.58 37.34 29.96
N THR P 220 -55.29 37.60 29.80
CA THR P 220 -54.39 37.71 30.94
C THR P 220 -53.26 38.66 30.56
N ASN P 221 -52.55 39.15 31.58
CA ASN P 221 -51.20 39.63 31.36
C ASN P 221 -50.28 39.05 32.42
N ARG P 222 -49.03 38.86 32.04
CA ARG P 222 -48.01 38.47 33.00
C ARG P 222 -47.93 39.47 34.15
N THR P 223 -48.05 40.76 33.84
CA THR P 223 -47.85 41.80 34.85
C THR P 223 -48.77 41.64 36.05
N ASN P 224 -50.07 41.38 35.82
CA ASN P 224 -50.95 41.21 36.96
C ASN P 224 -50.85 39.82 37.59
N GLY P 225 -49.93 39.00 37.12
CA GLY P 225 -49.82 37.64 37.59
C GLY P 225 -50.69 36.66 36.84
N LEU P 226 -50.98 36.93 35.57
CA LEU P 226 -51.75 36.02 34.73
C LEU P 226 -53.13 35.71 35.32
N LYS P 227 -53.76 36.72 35.92
CA LYS P 227 -55.10 36.53 36.46
C LYS P 227 -56.08 36.38 35.30
N LEU P 228 -56.70 35.21 35.20
CA LEU P 228 -57.63 34.94 34.11
C LEU P 228 -58.93 35.73 34.27
N THR P 229 -59.24 36.55 33.26
CA THR P 229 -60.48 37.28 33.18
C THR P 229 -61.27 36.81 31.95
N PRO P 230 -62.52 36.39 32.10
CA PRO P 230 -63.28 35.92 30.93
C PRO P 230 -63.33 36.95 29.81
N ARG P 231 -63.09 36.49 28.60
CA ARG P 231 -63.21 37.32 27.42
C ARG P 231 -64.68 37.50 27.05
N GLU P 232 -64.96 38.56 26.30
CA GLU P 232 -66.30 38.78 25.79
C GLU P 232 -66.76 37.56 24.99
N ASN P 233 -67.95 37.05 25.30
CA ASN P 233 -68.44 35.81 24.71
C ASN P 233 -67.45 34.68 24.98
N SER P 234 -67.17 34.50 26.28
CA SER P 234 -66.12 33.60 26.74
C SER P 234 -66.34 32.16 26.31
N PHE P 235 -67.53 31.60 26.58
CA PHE P 235 -67.76 30.18 26.36
C PHE P 235 -68.25 29.86 24.97
N GLU P 236 -67.87 28.68 24.48
CA GLU P 236 -68.30 28.19 23.17
C GLU P 236 -68.43 26.68 23.24
N SER P 237 -69.66 26.17 23.08
CA SER P 237 -69.89 24.73 23.17
C SER P 237 -69.32 24.00 21.94
N HIS P 238 -68.84 22.79 22.17
CA HIS P 238 -68.40 21.90 21.09
C HIS P 238 -69.06 20.54 21.29
N SER P 239 -69.32 19.85 20.19
CA SER P 239 -70.11 18.63 20.20
C SER P 239 -69.29 17.36 20.41
N PHE P 240 -68.00 17.44 20.65
CA PHE P 240 -67.32 16.22 21.06
C PHE P 240 -67.67 15.91 22.51
N GLU P 241 -67.22 14.76 22.99
CA GLU P 241 -67.48 14.38 24.37
C GLU P 241 -66.19 14.08 25.13
N ARG P 242 -65.08 14.61 24.65
CA ARG P 242 -63.78 14.48 25.27
C ARG P 242 -62.96 15.67 24.82
N MET P 243 -61.87 15.95 25.52
CA MET P 243 -61.10 17.14 25.22
C MET P 243 -60.57 17.06 23.79
N PRO P 244 -60.78 18.09 22.95
CA PRO P 244 -60.42 17.97 21.53
C PRO P 244 -58.94 17.90 21.21
N ILE P 245 -58.06 18.44 22.02
CA ILE P 245 -56.64 18.44 21.66
C ILE P 245 -56.04 17.07 21.92
N THR P 246 -55.18 16.64 21.01
CA THR P 246 -54.48 15.37 21.11
C THR P 246 -52.99 15.61 21.14
N GLU P 247 -52.27 14.82 21.92
CA GLU P 247 -50.82 14.87 21.97
C GLU P 247 -50.20 13.61 21.39
N PHE P 248 -49.05 13.78 20.75
CA PHE P 248 -48.22 12.71 20.22
C PHE P 248 -46.84 12.85 20.82
N SER P 249 -46.11 11.74 20.96
CA SER P 249 -44.81 11.76 21.61
C SER P 249 -43.74 11.11 20.74
N ASN P 250 -42.50 11.61 20.84
CA ASN P 250 -41.41 11.02 20.07
C ASN P 250 -41.00 9.68 20.66
N ASN P 251 -41.06 9.54 21.98
CA ASN P 251 -40.76 8.32 22.71
C ASN P 251 -41.36 8.49 24.09
N GLU P 252 -41.24 7.46 24.92
CA GLU P 252 -41.77 7.57 26.27
C GLU P 252 -41.31 8.85 26.96
N ARG P 253 -40.05 9.26 26.75
CA ARG P 253 -39.54 10.42 27.47
C ARG P 253 -39.94 11.75 26.82
N ARG P 254 -40.59 11.74 25.66
CA ARG P 254 -40.84 12.94 24.87
C ARG P 254 -39.56 13.74 24.60
N LYS P 255 -38.51 13.04 24.19
CA LYS P 255 -37.21 13.65 23.92
C LYS P 255 -36.93 13.75 22.42
N GLY P 256 -36.41 14.91 21.99
CA GLY P 256 -36.24 15.20 20.58
C GLY P 256 -34.92 14.66 20.02
N ASP P 257 -34.87 14.53 18.69
CA ASP P 257 -33.89 13.63 18.08
C ASP P 257 -32.46 14.15 18.13
N TYR P 258 -32.26 15.46 18.15
CA TYR P 258 -30.92 16.01 18.39
C TYR P 258 -30.76 16.57 19.79
N GLU P 259 -31.79 16.44 20.62
CA GLU P 259 -31.75 17.07 21.94
C GLU P 259 -30.52 16.65 22.72
N LYS P 260 -30.08 15.41 22.57
CA LYS P 260 -28.96 14.89 23.32
C LYS P 260 -27.58 15.16 22.73
N VAL P 261 -27.47 15.72 21.53
CA VAL P 261 -26.17 15.97 20.91
C VAL P 261 -25.89 17.44 20.70
N ILE P 262 -26.80 18.33 21.13
CA ILE P 262 -26.57 19.76 21.00
C ILE P 262 -25.20 20.16 21.53
N THR P 263 -24.78 19.58 22.65
CA THR P 263 -23.45 19.93 23.16
C THR P 263 -22.35 19.59 22.16
N LEU P 264 -22.50 18.50 21.40
CA LEU P 264 -21.51 18.19 20.39
C LEU P 264 -21.59 19.16 19.23
N ILE P 265 -22.79 19.51 18.80
CA ILE P 265 -22.91 20.52 17.75
C ILE P 265 -22.18 21.79 18.16
N ASP P 266 -22.40 22.25 19.39
CA ASP P 266 -21.66 23.40 19.89
C ASP P 266 -20.15 23.21 19.80
N LEU P 267 -19.64 22.08 20.28
CA LEU P 267 -18.19 21.87 20.20
C LEU P 267 -17.70 21.99 18.76
N TYR P 268 -18.44 21.43 17.81
CA TYR P 268 -17.99 21.48 16.43
C TYR P 268 -18.02 22.91 15.90
N ASP P 269 -19.02 23.69 16.32
CA ASP P 269 -19.06 25.09 15.92
C ASP P 269 -17.84 25.83 16.46
N ASN P 270 -17.53 25.62 17.73
CA ASN P 270 -16.40 26.32 18.34
C ASN P 270 -15.11 25.95 17.66
N ALA P 271 -14.92 24.67 17.34
CA ALA P 271 -13.69 24.25 16.71
C ALA P 271 -13.54 24.88 15.33
N GLU P 272 -14.60 24.88 14.54
CA GLU P 272 -14.45 25.41 13.19
C GLU P 272 -14.25 26.92 13.20
N SER P 273 -14.95 27.64 14.09
CA SER P 273 -14.69 29.07 14.15
C SER P 273 -13.31 29.37 14.70
N ASP P 274 -12.75 28.47 15.51
CA ASP P 274 -11.36 28.68 15.94
C ASP P 274 -10.41 28.57 14.77
N THR P 275 -10.59 27.54 13.95
CA THR P 275 -9.74 27.45 12.76
C THR P 275 -9.96 28.65 11.85
N ALA P 276 -11.18 29.16 11.77
CA ALA P 276 -11.40 30.32 10.90
C ALA P 276 -10.71 31.55 11.46
N ASN P 277 -10.53 31.62 12.78
CA ASN P 277 -9.76 32.72 13.34
C ASN P 277 -8.29 32.55 12.99
N TYR P 278 -7.74 31.37 13.25
CA TYR P 278 -6.35 31.14 12.87
C TYR P 278 -6.10 31.48 11.41
N MET P 279 -7.07 31.21 10.54
CA MET P 279 -6.88 31.52 9.14
C MET P 279 -6.91 33.03 8.89
N SER P 280 -7.90 33.72 9.47
CA SER P 280 -8.01 35.16 9.26
C SER P 280 -6.85 35.95 9.84
N ASP P 281 -6.40 35.64 11.05
CA ASP P 281 -5.57 36.55 11.81
C ASP P 281 -4.06 36.41 11.63
N LEU P 282 -3.54 35.29 11.17
CA LEU P 282 -2.10 35.16 10.98
C LEU P 282 -1.69 35.26 9.52
N ASN P 283 -0.54 35.89 9.29
CA ASN P 283 0.00 36.01 7.95
C ASN P 283 0.47 34.65 7.46
N ASP P 284 0.14 34.33 6.22
CA ASP P 284 0.49 33.01 5.69
C ASP P 284 1.99 32.79 5.67
N ALA P 285 2.74 33.74 5.15
CA ALA P 285 4.19 33.62 5.11
C ALA P 285 4.79 35.01 4.99
N MET P 286 6.05 35.12 5.40
CA MET P 286 6.76 36.37 5.32
C MET P 286 8.22 36.13 5.02
N LEU P 287 8.83 37.09 4.35
CA LEU P 287 10.28 37.09 4.16
C LEU P 287 10.91 37.73 5.39
N LEU P 288 11.59 36.93 6.20
CA LEU P 288 12.25 37.41 7.39
C LEU P 288 13.67 37.84 7.07
N ILE P 289 14.02 39.08 7.45
CA ILE P 289 15.36 39.61 7.28
C ILE P 289 15.87 40.07 8.63
N LYS P 290 17.03 39.58 9.02
CA LYS P 290 17.68 39.90 10.29
C LYS P 290 18.93 40.72 10.05
N GLY P 291 19.50 41.20 11.14
CA GLY P 291 20.79 41.85 11.10
C GLY P 291 20.72 43.35 10.86
N ASN P 292 21.80 44.01 11.26
CA ASN P 292 21.94 45.46 11.13
C ASN P 292 22.06 45.84 9.67
N LEU P 293 21.09 46.57 9.15
CA LEU P 293 21.04 46.84 7.71
C LEU P 293 20.19 48.08 7.46
N ASN P 294 20.29 48.59 6.25
CA ASN P 294 19.41 49.65 5.76
C ASN P 294 18.45 49.04 4.74
N LEU P 295 17.16 49.07 5.03
CA LEU P 295 16.15 48.67 4.06
C LEU P 295 15.34 49.89 3.70
N ASP P 296 15.31 50.20 2.41
CA ASP P 296 14.54 51.33 1.93
C ASP P 296 13.10 50.88 1.69
N PRO P 297 12.11 51.46 2.37
CA PRO P 297 10.73 51.01 2.13
C PRO P 297 10.26 51.26 0.72
N VAL P 298 11.01 52.04 -0.05
CA VAL P 298 10.70 52.19 -1.46
C VAL P 298 11.27 51.02 -2.24
N GLU P 299 12.42 50.50 -1.82
CA GLU P 299 13.02 49.36 -2.50
C GLU P 299 12.31 48.06 -2.16
N VAL P 300 11.81 47.93 -0.93
CA VAL P 300 11.06 46.74 -0.55
C VAL P 300 9.89 46.47 -1.47
N ARG P 301 9.37 47.47 -2.16
CA ARG P 301 8.26 47.21 -3.08
C ARG P 301 8.68 46.33 -4.25
N LYS P 302 9.97 46.24 -4.54
CA LYS P 302 10.45 45.32 -5.55
C LYS P 302 10.45 43.87 -5.09
N GLN P 303 10.12 43.63 -3.83
CA GLN P 303 10.20 42.29 -3.27
C GLN P 303 9.49 41.25 -4.14
N LYS P 304 8.37 41.63 -4.76
CA LYS P 304 7.65 40.69 -5.62
C LYS P 304 8.34 40.41 -6.94
N GLU P 305 9.23 41.28 -7.40
CA GLU P 305 9.80 41.12 -8.72
C GLU P 305 11.31 41.05 -8.74
N ALA P 306 11.97 41.08 -7.59
CA ALA P 306 13.42 40.93 -7.58
C ALA P 306 13.81 39.47 -7.68
N ASN P 307 14.96 39.22 -8.29
CA ASN P 307 15.51 37.88 -8.42
C ASN P 307 16.61 37.60 -7.41
N VAL P 308 17.47 38.57 -7.17
CA VAL P 308 18.60 38.43 -6.25
C VAL P 308 18.33 39.27 -5.03
N LEU P 309 18.55 38.70 -3.85
CA LEU P 309 18.51 39.43 -2.59
C LEU P 309 19.94 39.50 -2.09
N PHE P 310 20.46 40.71 -1.98
CA PHE P 310 21.84 40.92 -1.54
C PHE P 310 21.84 41.58 -0.18
N LEU P 311 22.44 40.92 0.80
CA LEU P 311 22.57 41.43 2.16
C LEU P 311 24.04 41.72 2.40
N GLU P 312 24.37 42.96 2.69
CA GLU P 312 25.76 43.32 2.91
C GLU P 312 25.94 43.65 4.40
N PRO P 313 26.72 42.88 5.14
CA PRO P 313 26.79 43.08 6.58
C PRO P 313 27.52 44.34 6.98
N THR P 314 27.05 44.95 8.06
CA THR P 314 27.73 46.10 8.64
C THR P 314 29.10 45.68 9.15
N VAL P 315 30.10 46.50 8.86
CA VAL P 315 31.45 46.27 9.35
C VAL P 315 31.69 47.18 10.53
N TYR P 316 32.04 46.61 11.67
CA TYR P 316 32.30 47.38 12.88
C TYR P 316 33.79 47.59 13.03
N VAL P 317 34.18 48.83 13.30
CA VAL P 317 35.59 49.21 13.45
C VAL P 317 35.87 49.45 14.91
N ASP P 318 36.91 48.79 15.41
CA ASP P 318 37.33 48.91 16.80
C ASP P 318 38.25 50.11 16.98
N ALA P 319 38.28 50.64 18.20
CA ALA P 319 39.11 51.81 18.45
C ALA P 319 40.58 51.50 18.21
N GLU P 320 41.00 50.26 18.44
CA GLU P 320 42.36 49.85 18.17
C GLU P 320 42.55 49.39 16.72
N GLY P 321 41.57 49.65 15.86
CA GLY P 321 41.68 49.34 14.45
C GLY P 321 41.17 48.00 13.99
N ARG P 322 40.69 47.14 14.89
CA ARG P 322 40.18 45.85 14.43
C ARG P 322 38.89 46.05 13.64
N GLU P 323 38.58 45.07 12.80
CA GLU P 323 37.37 45.09 12.00
C GLU P 323 36.65 43.75 12.13
N THR P 324 35.32 43.81 12.22
CA THR P 324 34.51 42.61 12.37
C THR P 324 33.14 42.86 11.75
N GLU P 325 32.49 41.78 11.33
CA GLU P 325 31.23 41.84 10.59
C GLU P 325 30.02 41.47 11.42
N GLY P 326 28.92 42.18 11.20
CA GLY P 326 27.65 41.80 11.78
C GLY P 326 27.10 40.52 11.17
N SER P 327 26.17 39.89 11.87
CA SER P 327 25.55 38.64 11.43
C SER P 327 24.23 38.91 10.72
N VAL P 328 24.26 38.95 9.38
CA VAL P 328 23.05 39.08 8.58
C VAL P 328 22.45 37.70 8.34
N ASP P 329 21.13 37.63 8.18
CA ASP P 329 20.47 36.39 7.81
C ASP P 329 19.14 36.70 7.15
N GLY P 330 18.66 35.79 6.31
CA GLY P 330 17.41 36.00 5.61
C GLY P 330 16.76 34.74 5.08
N GLY P 331 15.45 34.63 5.19
CA GLY P 331 14.76 33.44 4.71
C GLY P 331 13.28 33.55 4.97
N TYR P 332 12.53 32.71 4.27
CA TYR P 332 11.08 32.71 4.43
C TYR P 332 10.64 31.92 5.66
N ILE P 333 9.57 32.40 6.29
CA ILE P 333 8.91 31.72 7.39
C ILE P 333 7.43 31.65 7.05
N TYR P 334 6.77 30.60 7.52
CA TYR P 334 5.35 30.41 7.21
C TYR P 334 4.60 29.85 8.41
N LYS P 335 3.35 30.27 8.54
CA LYS P 335 2.52 29.82 9.66
C LYS P 335 2.09 28.37 9.46
N GLN P 336 1.83 27.68 10.57
CA GLN P 336 1.47 26.28 10.52
C GLN P 336 0.63 25.93 11.74
N TYR P 337 -0.22 24.90 11.62
CA TYR P 337 -1.01 24.40 12.75
C TYR P 337 -1.08 22.88 12.72
N ASP P 338 -1.48 22.31 13.85
CA ASP P 338 -1.56 20.85 14.01
C ASP P 338 -2.75 20.28 13.24
N VAL P 339 -2.52 20.08 11.94
CA VAL P 339 -3.57 19.56 11.07
C VAL P 339 -4.01 18.18 11.50
N GLN P 340 -3.06 17.32 11.85
CA GLN P 340 -3.42 15.96 12.24
C GLN P 340 -4.37 15.94 13.40
N GLY P 341 -4.01 16.62 14.49
CA GLY P 341 -4.83 16.51 15.69
C GLY P 341 -6.16 17.22 15.54
N THR P 342 -6.19 18.35 14.83
CA THR P 342 -7.47 19.03 14.75
C THR P 342 -8.41 18.32 13.80
N GLU P 343 -7.90 17.77 12.69
CA GLU P 343 -8.81 17.05 11.81
C GLU P 343 -9.28 15.76 12.45
N ALA P 344 -8.43 15.08 13.23
CA ALA P 344 -8.92 13.88 13.90
C ALA P 344 -9.98 14.22 14.93
N TYR P 345 -9.87 15.37 15.58
CA TYR P 345 -10.86 15.73 16.59
C TYR P 345 -12.19 16.09 15.94
N LYS P 346 -12.14 16.91 14.89
CA LYS P 346 -13.39 17.28 14.23
C LYS P 346 -14.04 16.08 13.55
N ASP P 347 -13.24 15.15 13.03
CA ASP P 347 -13.84 13.96 12.44
C ASP P 347 -14.51 13.13 13.51
N ARG P 348 -13.96 13.14 14.73
CA ARG P 348 -14.60 12.37 15.78
C ARG P 348 -15.93 13.00 16.17
N LEU P 349 -15.98 14.32 16.30
CA LEU P 349 -17.24 14.96 16.64
C LEU P 349 -18.31 14.66 15.60
N ASN P 350 -17.97 14.84 14.32
CA ASN P 350 -18.95 14.54 13.27
C ASN P 350 -19.41 13.08 13.34
N SER P 351 -18.46 12.16 13.51
CA SER P 351 -18.81 10.76 13.60
C SER P 351 -19.75 10.48 14.75
N ASP P 352 -19.49 11.08 15.91
CA ASP P 352 -20.35 10.82 17.06
C ASP P 352 -21.75 11.40 16.88
N ILE P 353 -21.85 12.59 16.29
CA ILE P 353 -23.20 13.11 16.07
C ILE P 353 -24.00 12.15 15.21
N HIS P 354 -23.38 11.64 14.15
CA HIS P 354 -24.13 10.71 13.29
C HIS P 354 -24.37 9.39 13.99
N MET P 355 -23.41 8.88 14.77
CA MET P 355 -23.62 7.60 15.43
C MET P 355 -24.77 7.70 16.42
N PHE P 356 -24.75 8.71 17.28
CA PHE P 356 -25.79 8.81 18.30
C PHE P 356 -27.13 9.22 17.72
N THR P 357 -27.20 9.61 16.46
CA THR P 357 -28.50 9.92 15.87
C THR P 357 -28.86 8.93 14.77
N ASN P 358 -28.11 7.82 14.67
CA ASN P 358 -28.41 6.74 13.73
C ASN P 358 -28.64 7.26 12.31
N THR P 359 -27.97 8.34 11.97
CA THR P 359 -28.06 8.95 10.66
C THR P 359 -26.83 8.58 9.85
N PRO P 360 -26.95 8.28 8.56
CA PRO P 360 -25.78 7.78 7.81
C PRO P 360 -24.66 8.81 7.71
N ASN P 361 -23.45 8.36 8.05
CA ASN P 361 -22.23 9.18 8.03
C ASN P 361 -21.71 9.27 6.61
N MET P 362 -22.15 10.31 5.89
CA MET P 362 -21.82 10.45 4.47
C MET P 362 -20.34 10.49 4.20
N LYS P 363 -19.52 10.98 5.13
CA LYS P 363 -18.09 11.09 4.85
C LYS P 363 -17.39 9.76 4.87
N ASP P 364 -17.94 8.76 5.54
CA ASP P 364 -17.31 7.45 5.63
C ASP P 364 -18.26 6.43 5.05
N ASP P 365 -18.57 6.55 3.77
CA ASP P 365 -19.57 5.71 3.13
C ASP P 365 -19.22 5.52 1.66
N ASN P 366 -19.64 4.38 1.13
CA ASN P 366 -19.73 4.19 -0.31
C ASN P 366 -20.81 3.17 -0.61
N PHE P 367 -21.44 3.31 -1.78
CA PHE P 367 -22.37 2.29 -2.23
C PHE P 367 -21.63 1.05 -2.71
N SER P 368 -22.23 -0.10 -2.45
CA SER P 368 -21.66 -1.39 -2.82
C SER P 368 -22.51 -2.01 -3.93
N GLY P 369 -21.84 -2.49 -4.97
CA GLY P 369 -22.54 -3.24 -6.00
C GLY P 369 -23.52 -2.38 -6.76
N THR P 370 -24.76 -2.86 -6.89
CA THR P 370 -25.70 -2.23 -7.81
C THR P 370 -27.16 -2.38 -7.43
N GLN P 371 -27.50 -2.80 -6.21
CA GLN P 371 -28.87 -2.76 -5.71
C GLN P 371 -28.93 -1.91 -4.46
N SER P 372 -29.81 -0.90 -4.47
CA SER P 372 -29.80 0.20 -3.52
C SER P 372 -30.56 -0.08 -2.22
N GLY P 373 -31.75 -0.67 -2.35
CA GLY P 373 -32.64 -0.74 -1.20
C GLY P 373 -32.08 -1.57 -0.07
N GLU P 374 -31.32 -2.61 -0.40
CA GLU P 374 -30.82 -3.48 0.65
C GLU P 374 -29.72 -2.78 1.43
N ALA P 375 -28.87 -2.04 0.75
CA ALA P 375 -27.86 -1.27 1.45
C ALA P 375 -28.51 -0.27 2.38
N MET P 376 -29.60 0.35 1.94
CA MET P 376 -30.30 1.27 2.85
C MET P 376 -30.88 0.54 4.06
N LYS P 377 -31.57 -0.58 3.83
CA LYS P 377 -32.14 -1.30 4.97
C LYS P 377 -31.08 -1.78 5.93
N TYR P 378 -29.88 -2.08 5.45
CA TYR P 378 -28.79 -2.36 6.39
C TYR P 378 -28.40 -1.10 7.15
N LYS P 379 -28.04 -0.05 6.44
CA LYS P 379 -27.41 1.09 7.09
C LYS P 379 -28.37 1.84 8.01
N LEU P 380 -29.68 1.76 7.76
CA LEU P 380 -30.66 2.40 8.62
C LEU P 380 -31.22 1.45 9.66
N PHE P 381 -30.59 0.30 9.88
CA PHE P 381 -31.13 -0.65 10.84
C PHE P 381 -31.26 -0.02 12.22
N GLY P 382 -30.26 0.75 12.65
CA GLY P 382 -30.36 1.36 13.96
C GLY P 382 -31.50 2.36 14.03
N LEU P 383 -31.72 3.08 12.94
CA LEU P 383 -32.82 4.05 12.91
C LEU P 383 -34.16 3.35 12.90
N GLU P 384 -34.24 2.18 12.28
CA GLU P 384 -35.51 1.47 12.23
C GLU P 384 -35.99 1.09 13.63
N GLN P 385 -35.07 0.70 14.51
CA GLN P 385 -35.48 0.30 15.85
C GLN P 385 -36.21 1.41 16.60
N ARG P 386 -35.73 2.65 16.49
CA ARG P 386 -36.43 3.76 17.15
C ARG P 386 -37.74 4.08 16.43
N THR P 387 -37.71 4.10 15.10
CA THR P 387 -38.91 4.44 14.36
C THR P 387 -40.06 3.50 14.67
N LYS P 388 -39.78 2.22 14.94
CA LYS P 388 -40.88 1.31 15.23
C LYS P 388 -41.61 1.69 16.52
N THR P 389 -40.89 2.25 17.48
CA THR P 389 -41.54 2.71 18.70
C THR P 389 -42.32 3.98 18.43
N LYS P 390 -41.71 4.90 17.69
CA LYS P 390 -42.44 6.11 17.32
C LYS P 390 -43.69 5.77 16.51
N GLU P 391 -43.66 4.67 15.77
CA GLU P 391 -44.83 4.21 15.05
C GLU P 391 -45.90 3.71 16.00
N GLY P 392 -45.49 3.07 17.08
CA GLY P 392 -46.48 2.62 18.04
C GLY P 392 -47.19 3.78 18.69
N LEU P 393 -46.42 4.74 19.19
CA LEU P 393 -47.02 5.91 19.83
C LEU P 393 -47.86 6.74 18.84
N PHE P 394 -47.41 6.85 17.60
CA PHE P 394 -48.21 7.56 16.60
C PHE P 394 -49.54 6.88 16.36
N THR P 395 -49.55 5.55 16.27
CA THR P 395 -50.83 4.89 16.09
C THR P 395 -51.71 5.07 17.32
N LYS P 396 -51.10 5.07 18.51
CA LYS P 396 -51.89 5.32 19.71
C LYS P 396 -52.58 6.66 19.63
N GLY P 397 -51.96 7.64 18.98
CA GLY P 397 -52.60 8.94 18.83
C GLY P 397 -53.66 8.98 17.74
N LEU P 398 -53.35 8.35 16.60
CA LEU P 398 -54.34 8.29 15.53
C LEU P 398 -55.63 7.62 15.98
N ARG P 399 -55.54 6.62 16.86
CA ARG P 399 -56.77 6.02 17.37
C ARG P 399 -57.62 7.03 18.12
N ARG P 400 -56.99 7.98 18.83
CA ARG P 400 -57.79 9.02 19.47
C ARG P 400 -58.41 9.93 18.44
N ARG P 401 -57.65 10.28 17.41
CA ARG P 401 -58.23 11.10 16.34
C ARG P 401 -59.47 10.43 15.77
N ALA P 402 -59.42 9.11 15.57
CA ALA P 402 -60.58 8.41 15.05
C ALA P 402 -61.73 8.38 16.06
N LYS P 403 -61.42 8.19 17.34
CA LYS P 403 -62.47 8.21 18.35
C LYS P 403 -63.23 9.53 18.34
N LEU P 404 -62.50 10.64 18.22
CA LEU P 404 -63.14 11.94 18.13
C LEU P 404 -63.98 12.05 16.87
N LEU P 405 -63.44 11.62 15.74
CA LEU P 405 -64.17 11.75 14.49
C LEU P 405 -65.47 10.95 14.54
N GLU P 406 -65.44 9.73 15.08
CA GLU P 406 -66.68 8.97 15.13
C GLU P 406 -67.69 9.66 16.03
N THR P 407 -67.22 10.30 17.10
CA THR P 407 -68.19 10.92 18.00
C THR P 407 -68.89 12.08 17.31
N ILE P 408 -68.14 12.92 16.61
CA ILE P 408 -68.77 14.05 15.94
C ILE P 408 -69.67 13.59 14.80
N LEU P 409 -69.27 12.55 14.09
CA LEU P 409 -70.14 12.05 13.03
C LEU P 409 -71.45 11.52 13.60
N LYS P 410 -71.40 10.81 14.73
CA LYS P 410 -72.64 10.31 15.30
C LYS P 410 -73.50 11.43 15.85
N ASN P 411 -72.89 12.42 16.52
CA ASN P 411 -73.71 13.50 17.07
C ASN P 411 -74.35 14.34 15.96
N THR P 412 -73.74 14.37 14.78
CA THR P 412 -74.38 15.01 13.64
C THR P 412 -75.23 14.05 12.83
N ARG P 413 -75.27 12.77 13.22
CA ARG P 413 -76.01 11.74 12.49
C ARG P 413 -75.62 11.69 11.01
N SER P 414 -74.35 11.99 10.73
CA SER P 414 -73.81 11.82 9.39
C SER P 414 -73.42 10.38 9.13
N ILE P 415 -73.56 9.52 10.13
CA ILE P 415 -73.28 8.10 10.03
C ILE P 415 -74.18 7.37 11.01
N ASP P 416 -74.45 6.10 10.74
CA ASP P 416 -75.28 5.31 11.63
C ASP P 416 -74.58 5.10 12.97
N ALA P 417 -75.34 5.22 14.06
CA ALA P 417 -74.77 5.01 15.38
C ALA P 417 -74.24 3.60 15.57
N ASN P 418 -74.62 2.68 14.68
CA ASN P 418 -74.14 1.30 14.75
C ASN P 418 -72.66 1.14 14.44
N LYS P 419 -72.05 2.06 13.70
CA LYS P 419 -70.68 1.86 13.24
C LYS P 419 -69.67 1.97 14.39
N ASP P 420 -68.51 1.35 14.17
CA ASP P 420 -67.38 1.39 15.10
C ASP P 420 -66.11 1.67 14.33
N PHE P 421 -65.32 2.66 14.79
CA PHE P 421 -64.08 3.05 14.13
C PHE P 421 -62.83 2.36 14.65
N ASN P 422 -62.87 1.67 15.79
CA ASN P 422 -61.65 1.08 16.33
C ASN P 422 -61.14 -0.11 15.51
N THR P 423 -61.86 -0.56 14.49
CA THR P 423 -61.37 -1.67 13.68
C THR P 423 -60.36 -1.24 12.62
N VAL P 424 -60.21 0.06 12.36
CA VAL P 424 -59.31 0.53 11.32
C VAL P 424 -57.89 0.06 11.57
N ARG P 425 -57.23 -0.44 10.53
CA ARG P 425 -55.84 -0.87 10.57
C ARG P 425 -55.00 0.16 9.84
N TYR P 426 -54.04 0.76 10.54
CA TYR P 426 -53.13 1.74 9.97
C TYR P 426 -51.88 1.02 9.47
N VAL P 427 -51.59 1.15 8.18
CA VAL P 427 -50.48 0.45 7.55
C VAL P 427 -49.39 1.45 7.24
N TYR P 428 -48.19 1.19 7.72
CA TYR P 428 -47.05 2.08 7.55
C TYR P 428 -46.07 1.51 6.54
N ASN P 429 -45.58 2.37 5.65
CA ASN P 429 -44.50 2.03 4.75
C ASN P 429 -43.36 3.01 4.95
N ARG P 430 -42.14 2.51 4.96
CA ARG P 430 -41.00 3.41 5.09
C ARG P 430 -40.75 4.07 3.75
N ASN P 431 -40.03 5.20 3.79
CA ASN P 431 -39.73 5.93 2.55
C ASN P 431 -38.46 5.45 1.87
N LEU P 432 -38.21 4.14 1.89
CA LEU P 432 -37.03 3.61 1.22
C LEU P 432 -37.13 3.77 -0.30
N PRO P 433 -36.00 3.87 -0.99
CA PRO P 433 -36.04 3.93 -2.44
C PRO P 433 -36.51 2.61 -3.04
N LYS P 434 -37.16 2.69 -4.20
CA LYS P 434 -37.77 1.54 -4.83
C LYS P 434 -37.43 1.53 -6.31
N SER P 435 -37.67 0.38 -6.95
CA SER P 435 -37.18 0.12 -8.31
C SER P 435 -38.31 -0.49 -9.12
N LEU P 436 -39.01 0.36 -9.87
CA LEU P 436 -40.20 -0.07 -10.58
C LEU P 436 -39.93 -1.18 -11.58
N ILE P 437 -38.74 -1.21 -12.20
CA ILE P 437 -38.45 -2.30 -13.14
C ILE P 437 -38.39 -3.63 -12.41
N GLU P 438 -37.67 -3.68 -11.29
CA GLU P 438 -37.56 -4.93 -10.54
C GLU P 438 -38.91 -5.34 -9.99
N GLU P 439 -39.72 -4.37 -9.58
CA GLU P 439 -41.01 -4.74 -9.01
C GLU P 439 -41.99 -5.20 -10.09
N LEU P 440 -42.00 -4.55 -11.26
CA LEU P 440 -42.83 -5.08 -12.33
C LEU P 440 -42.41 -6.49 -12.67
N LYS P 441 -41.10 -6.73 -12.79
CA LYS P 441 -40.69 -8.08 -13.14
C LYS P 441 -41.10 -9.08 -12.07
N ALA P 442 -41.07 -8.69 -10.80
CA ALA P 442 -41.47 -9.60 -9.73
C ALA P 442 -42.97 -9.76 -9.64
N TYR P 443 -43.74 -8.77 -10.08
CA TYR P 443 -45.19 -8.88 -10.01
C TYR P 443 -45.76 -9.62 -11.20
N ILE P 444 -45.17 -9.44 -12.38
CA ILE P 444 -45.70 -10.12 -13.54
C ILE P 444 -45.17 -11.53 -13.61
N ASP P 445 -43.91 -11.76 -13.26
CA ASP P 445 -43.60 -13.12 -12.90
C ASP P 445 -44.43 -13.45 -11.68
N SER P 446 -44.67 -14.73 -11.45
CA SER P 446 -45.50 -15.13 -10.34
C SER P 446 -46.99 -14.82 -10.55
N GLY P 447 -47.41 -14.59 -11.79
CA GLY P 447 -48.82 -14.57 -12.11
C GLY P 447 -49.57 -13.26 -12.04
N GLY P 448 -48.90 -12.12 -11.96
CA GLY P 448 -49.64 -10.86 -11.94
C GLY P 448 -50.22 -10.51 -13.29
N LYS P 449 -51.22 -9.63 -13.27
CA LYS P 449 -51.88 -9.13 -14.47
C LYS P 449 -51.95 -7.60 -14.43
N ILE P 450 -51.82 -6.95 -15.59
CA ILE P 450 -51.97 -5.51 -15.68
C ILE P 450 -52.74 -5.13 -16.94
N SER P 451 -53.65 -4.17 -16.79
CA SER P 451 -54.35 -3.61 -17.95
C SER P 451 -53.42 -2.78 -18.80
N GLN P 452 -53.61 -2.83 -20.12
CA GLN P 452 -52.74 -2.13 -21.04
C GLN P 452 -52.59 -0.65 -20.71
N THR P 453 -53.70 0.03 -20.44
CA THR P 453 -53.59 1.46 -20.17
C THR P 453 -52.78 1.74 -18.92
N THR P 454 -52.90 0.89 -17.91
CA THR P 454 -52.12 1.09 -16.68
C THR P 454 -50.64 0.85 -16.95
N LEU P 455 -50.34 -0.27 -17.61
CA LEU P 455 -48.96 -0.57 -17.91
C LEU P 455 -48.34 0.57 -18.69
N MET P 456 -49.04 1.09 -19.68
CA MET P 456 -48.50 2.21 -20.42
C MET P 456 -48.30 3.41 -19.52
N SER P 457 -49.22 3.63 -18.58
CA SER P 457 -49.08 4.80 -17.72
C SER P 457 -47.84 4.71 -16.86
N LEU P 458 -47.27 3.52 -16.66
CA LEU P 458 -46.07 3.46 -15.82
C LEU P 458 -44.80 3.91 -16.52
N PHE P 459 -44.74 3.89 -17.84
CA PHE P 459 -43.53 4.20 -18.57
C PHE P 459 -43.68 5.56 -19.26
N SER P 460 -42.73 6.45 -19.01
CA SER P 460 -42.83 7.83 -19.49
C SER P 460 -42.37 8.03 -20.93
N PHE P 461 -42.01 6.99 -21.67
CA PHE P 461 -41.70 7.20 -23.08
C PHE P 461 -42.95 7.28 -23.94
N PHE P 462 -44.10 6.86 -23.42
CA PHE P 462 -45.37 7.04 -24.11
C PHE P 462 -45.82 8.48 -23.95
N GLN P 463 -45.81 9.23 -25.06
CA GLN P 463 -46.19 10.63 -25.02
C GLN P 463 -47.70 10.80 -24.82
N ASP P 464 -48.50 9.87 -25.35
CA ASP P 464 -49.95 9.91 -25.19
C ASP P 464 -50.43 8.50 -24.82
N PRO P 465 -50.48 8.19 -23.53
CA PRO P 465 -50.80 6.82 -23.09
C PRO P 465 -52.13 6.32 -23.56
N GLU P 466 -53.05 7.20 -23.96
CA GLU P 466 -54.35 6.75 -24.42
C GLU P 466 -54.42 6.70 -25.94
N LEU P 467 -53.90 7.73 -26.60
CA LEU P 467 -53.88 7.74 -28.06
C LEU P 467 -53.17 6.49 -28.59
N GLU P 468 -52.14 6.04 -27.88
CA GLU P 468 -51.43 4.85 -28.32
C GLU P 468 -52.37 3.66 -28.49
N VAL P 469 -53.42 3.56 -27.69
CA VAL P 469 -54.32 2.41 -27.82
C VAL P 469 -55.04 2.44 -29.16
N LYS P 470 -55.54 3.60 -29.55
CA LYS P 470 -56.18 3.72 -30.86
C LYS P 470 -55.17 3.37 -31.95
N LYS P 471 -53.97 3.91 -31.82
CA LYS P 471 -52.93 3.67 -32.82
C LYS P 471 -52.55 2.21 -32.90
N ILE P 472 -52.75 1.46 -31.81
CA ILE P 472 -52.52 0.03 -31.85
C ILE P 472 -53.68 -0.67 -32.52
N GLU P 473 -54.91 -0.20 -32.28
CA GLU P 473 -56.05 -0.83 -32.93
C GLU P 473 -55.94 -0.73 -34.44
N GLU P 474 -55.48 0.42 -34.95
CA GLU P 474 -55.37 0.57 -36.40
C GLU P 474 -54.40 -0.45 -36.99
N ASP P 475 -53.22 -0.57 -36.39
CA ASP P 475 -52.24 -1.55 -36.87
C ASP P 475 -52.79 -2.96 -36.75
N GLU P 476 -53.31 -3.32 -35.58
CA GLU P 476 -53.82 -4.66 -35.36
C GLU P 476 -55.01 -4.97 -36.26
N LYS P 477 -55.71 -3.96 -36.77
CA LYS P 477 -56.80 -4.20 -37.69
C LYS P 477 -56.28 -4.45 -39.10
N GLU P 478 -55.38 -3.59 -39.56
CA GLU P 478 -54.83 -3.80 -40.89
C GLU P 478 -53.96 -5.04 -40.95
N SER P 479 -53.52 -5.56 -39.80
CA SER P 479 -52.80 -6.82 -39.76
C SER P 479 -53.70 -8.00 -40.09
N ILE P 480 -55.02 -7.81 -40.06
CA ILE P 480 -55.94 -8.89 -40.38
C ILE P 480 -56.02 -9.14 -41.88
N LYS P 481 -55.62 -8.16 -42.69
CA LYS P 481 -55.74 -8.24 -44.13
C LYS P 481 -54.45 -8.73 -44.77
N ASN Q 16 -24.66 40.40 7.10
CA ASN Q 16 -25.31 39.10 6.84
C ASN Q 16 -26.11 38.62 8.05
N ILE Q 17 -25.39 38.17 9.07
CA ILE Q 17 -26.05 37.56 10.23
C ILE Q 17 -27.22 38.41 10.69
N ASN Q 18 -26.96 39.71 10.89
CA ASN Q 18 -27.98 40.61 11.43
C ASN Q 18 -29.18 40.77 10.51
N TYR Q 19 -29.10 40.34 9.26
CA TYR Q 19 -30.26 40.36 8.37
C TYR Q 19 -30.89 38.99 8.20
N LEU Q 20 -30.10 37.95 8.06
CA LEU Q 20 -30.65 36.63 7.80
C LEU Q 20 -31.31 36.05 9.04
N PHE Q 21 -30.70 36.23 10.20
CA PHE Q 21 -31.20 35.58 11.40
C PHE Q 21 -31.90 36.52 12.37
N ASN Q 22 -32.26 37.71 11.93
CA ASN Q 22 -32.96 38.61 12.82
C ASN Q 22 -34.33 38.04 13.19
N ASP Q 23 -34.85 38.49 14.33
CA ASP Q 23 -36.12 37.97 14.82
C ASP Q 23 -37.32 38.54 14.09
N GLU Q 24 -37.20 39.73 13.51
CA GLU Q 24 -38.33 40.34 12.82
C GLU Q 24 -38.46 39.90 11.37
N ALA Q 25 -37.37 39.50 10.73
CA ALA Q 25 -37.49 39.00 9.38
C ALA Q 25 -38.18 37.65 9.37
N ASN Q 26 -38.73 37.31 8.22
CA ASN Q 26 -39.33 36.01 7.96
C ASN Q 26 -40.59 35.71 8.78
N VAL Q 27 -41.13 36.67 9.53
CA VAL Q 27 -42.36 36.43 10.27
C VAL Q 27 -43.56 36.47 9.32
N VAL Q 28 -44.68 35.90 9.79
CA VAL Q 28 -45.94 35.88 9.04
C VAL Q 28 -46.86 36.96 9.58
N TYR Q 29 -47.36 37.82 8.69
CA TYR Q 29 -48.25 38.90 9.09
C TYR Q 29 -49.66 38.39 9.38
N THR Q 30 -50.24 38.85 10.48
CA THR Q 30 -51.61 38.54 10.81
C THR Q 30 -52.36 39.81 11.19
N TYR Q 31 -53.65 39.82 10.90
CA TYR Q 31 -54.53 40.94 11.21
C TYR Q 31 -55.74 40.41 11.96
N ASP Q 32 -56.15 41.17 12.99
CA ASP Q 32 -57.23 40.73 13.88
C ASP Q 32 -58.62 40.99 13.32
N GLY Q 33 -58.78 42.03 12.51
CA GLY Q 33 -60.08 42.37 11.99
C GLY Q 33 -60.42 41.66 10.70
N THR Q 34 -61.64 41.89 10.25
CA THR Q 34 -62.06 41.38 8.96
C THR Q 34 -61.45 42.20 7.84
N GLU Q 35 -61.67 41.72 6.61
CA GLU Q 35 -61.23 42.46 5.44
C GLU Q 35 -61.79 43.87 5.48
N SER Q 36 -63.05 44.02 5.89
CA SER Q 36 -63.64 45.34 5.98
C SER Q 36 -62.92 46.18 7.02
N ASP Q 37 -62.57 45.58 8.15
CA ASP Q 37 -61.88 46.31 9.21
C ASP Q 37 -60.52 46.82 8.74
N LEU Q 38 -59.89 46.12 7.80
CA LEU Q 38 -58.62 46.60 7.26
C LEU Q 38 -58.84 47.67 6.21
N LEU Q 39 -59.72 47.37 5.26
CA LEU Q 39 -59.93 48.24 4.12
C LEU Q 39 -60.44 49.60 4.54
N GLN Q 40 -61.24 49.65 5.61
CA GLN Q 40 -61.66 50.96 6.11
C GLN Q 40 -60.51 51.68 6.81
N ASN Q 41 -59.50 50.94 7.25
CA ASN Q 41 -58.37 51.53 7.97
C ASN Q 41 -57.07 51.27 7.23
N VAL Q 42 -57.04 51.65 5.96
CA VAL Q 42 -55.93 51.40 5.05
C VAL Q 42 -54.57 51.80 5.63
N ASN Q 43 -54.55 52.69 6.62
CA ASN Q 43 -53.27 53.03 7.24
C ASN Q 43 -52.56 51.80 7.79
N GLU Q 44 -53.32 50.82 8.27
CA GLU Q 44 -52.68 49.62 8.79
C GLU Q 44 -51.86 48.93 7.72
N VAL Q 45 -52.35 48.96 6.48
CA VAL Q 45 -51.56 48.40 5.40
C VAL Q 45 -50.26 49.17 5.29
N SER Q 46 -50.29 50.48 5.57
CA SER Q 46 -49.04 51.23 5.54
C SER Q 46 -48.09 50.71 6.61
N LYS Q 47 -48.61 50.40 7.80
CA LYS Q 47 -47.73 49.85 8.82
C LYS Q 47 -47.06 48.57 8.33
N TYR Q 48 -47.86 47.67 7.75
CA TYR Q 48 -47.28 46.42 7.25
C TYR Q 48 -46.26 46.68 6.16
N ILE Q 49 -46.55 47.58 5.24
CA ILE Q 49 -45.61 47.86 4.16
C ILE Q 49 -44.29 48.37 4.73
N GLU Q 50 -44.36 49.25 5.73
CA GLU Q 50 -43.12 49.73 6.33
C GLU Q 50 -42.37 48.59 7.02
N HIS Q 51 -43.07 47.74 7.75
CA HIS Q 51 -42.38 46.65 8.40
C HIS Q 51 -41.69 45.76 7.38
N HIS Q 52 -42.35 45.52 6.25
CA HIS Q 52 -41.76 44.68 5.23
C HIS Q 52 -40.49 45.30 4.68
N MET Q 53 -40.57 46.58 4.28
CA MET Q 53 -39.38 47.26 3.77
C MET Q 53 -38.26 47.31 4.80
N ASP Q 54 -38.58 47.53 6.06
CA ASP Q 54 -37.53 47.68 7.06
C ASP Q 54 -36.86 46.34 7.39
N TYR Q 55 -37.61 45.25 7.41
CA TYR Q 55 -37.06 44.01 7.93
C TYR Q 55 -37.05 42.87 6.93
N GLN Q 56 -38.19 42.54 6.33
CA GLN Q 56 -38.20 41.37 5.48
C GLN Q 56 -37.45 41.59 4.17
N ARG Q 57 -37.54 42.78 3.59
CA ARG Q 57 -36.88 42.99 2.31
C ARG Q 57 -35.37 42.87 2.38
N PRO Q 58 -34.66 43.41 3.37
CA PRO Q 58 -33.21 43.17 3.43
C PRO Q 58 -32.81 41.71 3.36
N ARG Q 59 -33.48 40.85 4.10
CA ARG Q 59 -33.17 39.42 4.04
C ARG Q 59 -33.31 38.89 2.62
N LEU Q 60 -34.43 39.18 1.98
CA LEU Q 60 -34.67 38.67 0.64
C LEU Q 60 -33.62 39.20 -0.32
N LYS Q 61 -33.27 40.48 -0.19
CA LYS Q 61 -32.24 41.06 -1.03
C LYS Q 61 -30.92 40.30 -0.86
N VAL Q 62 -30.54 40.02 0.38
CA VAL Q 62 -29.26 39.34 0.58
C VAL Q 62 -29.28 37.96 -0.05
N LEU Q 63 -30.38 37.23 0.13
CA LEU Q 63 -30.45 35.90 -0.48
C LEU Q 63 -30.35 36.00 -2.00
N SER Q 64 -31.03 36.98 -2.58
CA SER Q 64 -30.94 37.17 -4.02
C SER Q 64 -29.52 37.49 -4.46
N ASP Q 65 -28.86 38.40 -3.75
CA ASP Q 65 -27.48 38.75 -4.10
C ASP Q 65 -26.59 37.52 -4.09
N TYR Q 66 -26.81 36.63 -3.13
CA TYR Q 66 -25.98 35.43 -3.15
C TYR Q 66 -26.33 34.56 -4.33
N TYR Q 67 -27.60 34.54 -4.74
CA TYR Q 67 -27.90 33.75 -5.92
C TYR Q 67 -27.21 34.31 -7.14
N GLU Q 68 -27.11 35.63 -7.21
CA GLU Q 68 -26.40 36.26 -8.32
C GLU Q 68 -24.89 36.25 -8.14
N GLY Q 69 -24.39 35.67 -7.06
CA GLY Q 69 -22.96 35.60 -6.84
C GLY Q 69 -22.31 36.84 -6.28
N LYS Q 70 -23.09 37.84 -5.87
CA LYS Q 70 -22.55 39.05 -5.26
C LYS Q 70 -22.31 38.85 -3.77
N THR Q 71 -21.54 37.81 -3.44
CA THR Q 71 -21.32 37.49 -2.03
C THR Q 71 -20.63 38.65 -1.31
N LYS Q 72 -20.68 38.59 0.01
CA LYS Q 72 -20.11 39.65 0.85
C LYS Q 72 -18.69 40.00 0.47
N ASN Q 73 -17.90 39.00 0.08
CA ASN Q 73 -16.48 39.26 -0.18
C ASN Q 73 -16.27 40.22 -1.34
N LEU Q 74 -17.16 40.24 -2.33
CA LEU Q 74 -16.95 41.16 -3.44
C LEU Q 74 -17.22 42.61 -3.03
N VAL Q 75 -18.25 42.85 -2.23
CA VAL Q 75 -18.62 44.23 -1.93
C VAL Q 75 -17.96 44.80 -0.68
N GLU Q 76 -17.55 43.96 0.27
CA GLU Q 76 -16.96 44.47 1.51
C GLU Q 76 -15.50 44.89 1.31
N LEU Q 77 -15.35 45.87 0.41
CA LEU Q 77 -14.04 46.47 0.16
C LEU Q 77 -13.50 47.23 1.37
N THR Q 78 -14.34 47.49 2.38
CA THR Q 78 -13.99 48.42 3.46
C THR Q 78 -12.63 48.14 4.09
N ARG Q 79 -12.22 46.89 4.20
CA ARG Q 79 -10.93 46.55 4.82
C ARG Q 79 -9.90 46.02 3.82
N ARG Q 80 -10.14 46.16 2.52
CA ARG Q 80 -9.23 45.65 1.50
C ARG Q 80 -8.05 46.61 1.28
N LYS Q 81 -7.05 46.10 0.55
CA LYS Q 81 -5.80 46.80 0.27
C LYS Q 81 -5.54 46.79 -1.23
N GLU Q 82 -5.08 47.94 -1.76
CA GLU Q 82 -4.80 48.04 -3.19
C GLU Q 82 -3.76 49.10 -3.51
N GLU Q 83 -2.88 49.42 -2.55
CA GLU Q 83 -1.91 50.48 -2.78
C GLU Q 83 -0.88 50.08 -3.82
N TYR Q 84 -0.57 48.78 -3.93
CA TYR Q 84 0.29 48.30 -5.00
C TYR Q 84 -0.02 46.85 -5.33
N MET Q 85 -0.54 46.09 -4.36
CA MET Q 85 -0.98 44.72 -4.65
C MET Q 85 -2.33 44.73 -5.37
N ALA Q 86 -2.70 43.58 -5.90
CA ALA Q 86 -4.02 43.39 -6.47
C ALA Q 86 -5.05 43.11 -5.38
N ASP Q 87 -6.32 43.30 -5.72
CA ASP Q 87 -7.40 43.10 -4.75
C ASP Q 87 -7.66 41.61 -4.48
N ASN Q 88 -7.72 40.80 -5.54
CA ASN Q 88 -7.92 39.35 -5.44
C ASN Q 88 -9.13 38.94 -4.58
N ARG Q 89 -10.17 39.78 -4.51
CA ARG Q 89 -11.41 39.34 -3.89
C ARG Q 89 -12.10 38.30 -4.79
N VAL Q 90 -12.83 37.36 -4.16
CA VAL Q 90 -13.38 36.21 -4.88
C VAL Q 90 -14.78 35.85 -4.39
N ALA Q 91 -15.59 35.32 -5.31
CA ALA Q 91 -16.94 34.80 -5.01
C ALA Q 91 -17.11 33.46 -5.72
N HIS Q 92 -17.64 32.45 -5.02
CA HIS Q 92 -17.67 31.09 -5.55
C HIS Q 92 -19.00 30.57 -6.13
N ASP Q 93 -20.11 31.27 -5.97
CA ASP Q 93 -21.38 30.84 -6.60
C ASP Q 93 -21.95 29.50 -6.09
N TYR Q 94 -21.66 29.12 -4.85
CA TYR Q 94 -22.29 27.91 -4.33
C TYR Q 94 -23.80 28.04 -4.32
N ALA Q 95 -24.32 29.23 -4.04
CA ALA Q 95 -25.75 29.39 -3.93
C ALA Q 95 -26.45 29.00 -5.22
N SER Q 96 -25.91 29.43 -6.36
CA SER Q 96 -26.52 29.08 -7.62
C SER Q 96 -26.38 27.61 -7.91
N TYR Q 97 -25.19 27.06 -7.72
CA TYR Q 97 -25.04 25.63 -7.99
C TYR Q 97 -26.07 24.82 -7.21
N ILE Q 98 -26.22 25.13 -5.92
CA ILE Q 98 -27.13 24.41 -5.05
C ILE Q 98 -28.57 24.57 -5.48
N SER Q 99 -29.02 25.82 -5.65
CA SER Q 99 -30.42 26.03 -5.95
C SER Q 99 -30.80 25.45 -7.31
N ASP Q 100 -29.94 25.58 -8.32
CA ASP Q 100 -30.30 25.00 -9.59
C ASP Q 100 -30.36 23.48 -9.51
N PHE Q 101 -29.43 22.86 -8.79
CA PHE Q 101 -29.49 21.40 -8.69
C PHE Q 101 -30.77 20.95 -8.00
N ILE Q 102 -31.06 21.52 -6.83
CA ILE Q 102 -32.22 21.08 -6.05
C ILE Q 102 -33.52 21.36 -6.80
N ASN Q 103 -33.62 22.53 -7.43
CA ASN Q 103 -34.86 22.84 -8.14
C ASN Q 103 -35.04 21.92 -9.33
N GLY Q 104 -33.99 21.68 -10.10
CA GLY Q 104 -34.12 20.78 -11.23
C GLY Q 104 -34.53 19.39 -10.79
N TYR Q 105 -34.00 18.93 -9.66
CA TYR Q 105 -34.39 17.61 -9.17
C TYR Q 105 -35.88 17.58 -8.85
N PHE Q 106 -36.39 18.65 -8.25
CA PHE Q 106 -37.80 18.61 -7.87
C PHE Q 106 -38.75 18.81 -9.04
N LEU Q 107 -38.51 19.82 -9.88
CA LEU Q 107 -39.46 20.17 -10.94
C LEU Q 107 -38.90 20.08 -12.34
N GLY Q 108 -37.75 19.47 -12.54
CA GLY Q 108 -37.28 19.33 -13.91
C GLY Q 108 -38.21 18.48 -14.76
N ASN Q 109 -39.01 17.62 -14.13
CA ASN Q 109 -39.95 16.77 -14.84
C ASN Q 109 -41.38 17.25 -14.57
N PRO Q 110 -42.13 17.64 -15.59
CA PRO Q 110 -43.44 18.28 -15.35
C PRO Q 110 -44.39 17.49 -14.47
N ILE Q 111 -45.17 18.21 -13.68
CA ILE Q 111 -46.25 17.61 -12.89
C ILE Q 111 -47.35 17.16 -13.82
N GLN Q 112 -47.81 15.92 -13.67
CA GLN Q 112 -48.90 15.40 -14.47
C GLN Q 112 -50.21 15.48 -13.68
N TYR Q 113 -51.32 15.50 -14.42
CA TYR Q 113 -52.65 15.67 -13.84
C TYR Q 113 -53.54 14.50 -14.21
N GLN Q 114 -54.29 14.00 -13.24
CA GLN Q 114 -55.28 12.97 -13.50
C GLN Q 114 -56.61 13.41 -12.91
N ASP Q 115 -57.70 13.02 -13.59
CA ASP Q 115 -59.01 13.22 -13.00
C ASP Q 115 -59.97 12.19 -13.56
N ASP Q 116 -61.03 11.94 -12.80
CA ASP Q 116 -62.05 11.01 -13.25
C ASP Q 116 -63.03 11.65 -14.22
N ASP Q 117 -63.14 12.99 -14.21
CA ASP Q 117 -64.05 13.72 -15.10
C ASP Q 117 -63.23 14.41 -16.17
N LYS Q 118 -63.48 14.04 -17.43
CA LYS Q 118 -62.71 14.62 -18.51
C LYS Q 118 -63.05 16.07 -18.77
N ASP Q 119 -64.23 16.55 -18.41
CA ASP Q 119 -64.52 17.96 -18.66
C ASP Q 119 -63.61 18.83 -17.82
N VAL Q 120 -63.45 18.47 -16.55
CA VAL Q 120 -62.57 19.20 -15.67
C VAL Q 120 -61.13 19.01 -16.11
N LEU Q 121 -60.76 17.78 -16.47
CA LEU Q 121 -59.39 17.54 -16.89
C LEU Q 121 -59.02 18.40 -18.10
N GLU Q 122 -59.92 18.51 -19.08
CA GLU Q 122 -59.60 19.31 -20.25
C GLU Q 122 -59.64 20.79 -19.95
N ALA Q 123 -60.45 21.23 -19.00
CA ALA Q 123 -60.43 22.66 -18.68
C ALA Q 123 -59.11 23.01 -17.99
N ILE Q 124 -58.64 22.11 -17.12
CA ILE Q 124 -57.34 22.31 -16.48
C ILE Q 124 -56.24 22.32 -17.53
N GLU Q 125 -56.21 21.31 -18.39
CA GLU Q 125 -55.14 21.23 -19.38
C GLU Q 125 -55.17 22.41 -20.32
N ALA Q 126 -56.35 22.92 -20.67
CA ALA Q 126 -56.42 24.10 -21.51
C ALA Q 126 -55.81 25.30 -20.81
N PHE Q 127 -56.14 25.47 -19.53
CA PHE Q 127 -55.56 26.58 -18.78
C PHE Q 127 -54.04 26.44 -18.68
N ASN Q 128 -53.57 25.22 -18.43
CA ASN Q 128 -52.14 24.99 -18.32
C ASN Q 128 -51.43 25.31 -19.62
N ASP Q 129 -52.03 24.91 -20.74
CA ASP Q 129 -51.40 25.14 -22.03
C ASP Q 129 -51.36 26.64 -22.34
N LEU Q 130 -52.46 27.33 -22.12
CA LEU Q 130 -52.48 28.77 -22.35
C LEU Q 130 -51.44 29.49 -21.51
N ASN Q 131 -51.30 29.13 -20.24
CA ASN Q 131 -50.37 29.83 -19.36
C ASN Q 131 -48.97 29.22 -19.31
N ASP Q 132 -48.66 28.22 -20.14
CA ASP Q 132 -47.33 27.61 -20.14
C ASP Q 132 -46.94 27.19 -18.72
N VAL Q 133 -47.89 26.56 -18.03
CA VAL Q 133 -47.72 26.27 -16.61
C VAL Q 133 -46.46 25.46 -16.32
N GLU Q 134 -45.96 24.69 -17.26
CA GLU Q 134 -44.72 23.96 -16.99
C GLU Q 134 -43.59 24.90 -16.58
N SER Q 135 -43.34 25.93 -17.39
CA SER Q 135 -42.28 26.88 -17.05
C SER Q 135 -42.62 27.67 -15.81
N HIS Q 136 -43.89 28.03 -15.63
CA HIS Q 136 -44.28 28.76 -14.45
C HIS Q 136 -43.96 27.98 -13.20
N ASN Q 137 -44.35 26.71 -13.17
CA ASN Q 137 -44.05 25.85 -12.03
C ASN Q 137 -42.56 25.80 -11.77
N ARG Q 138 -41.76 25.60 -12.81
CA ARG Q 138 -40.32 25.57 -12.58
C ARG Q 138 -39.81 26.87 -11.97
N SER Q 139 -40.31 28.00 -12.45
CA SER Q 139 -39.84 29.27 -11.90
C SER Q 139 -40.27 29.44 -10.44
N LEU Q 140 -41.46 28.95 -10.09
CA LEU Q 140 -41.84 29.01 -8.70
C LEU Q 140 -40.93 28.15 -7.86
N GLY Q 141 -40.64 26.94 -8.33
CA GLY Q 141 -39.74 26.08 -7.58
C GLY Q 141 -38.40 26.75 -7.34
N LEU Q 142 -37.92 27.51 -8.33
CA LEU Q 142 -36.65 28.19 -8.14
C LEU Q 142 -36.78 29.28 -7.08
N ASP Q 143 -37.84 30.08 -7.13
CA ASP Q 143 -38.02 31.09 -6.09
C ASP Q 143 -38.12 30.43 -4.72
N LEU Q 144 -38.81 29.30 -4.65
CA LEU Q 144 -38.88 28.59 -3.38
C LEU Q 144 -37.48 28.24 -2.91
N SER Q 145 -36.62 27.83 -3.84
CA SER Q 145 -35.29 27.41 -3.43
C SER Q 145 -34.46 28.59 -2.92
N ILE Q 146 -34.52 29.73 -3.59
CA ILE Q 146 -33.67 30.84 -3.15
C ILE Q 146 -34.29 31.62 -1.99
N TYR Q 147 -35.54 32.07 -2.10
CA TYR Q 147 -36.13 32.88 -1.05
C TYR Q 147 -36.84 32.09 0.03
N GLY Q 148 -37.27 30.88 -0.25
CA GLY Q 148 -38.03 30.11 0.70
C GLY Q 148 -39.52 30.28 0.56
N LYS Q 149 -39.98 31.24 -0.23
CA LYS Q 149 -41.39 31.45 -0.45
C LYS Q 149 -41.57 32.00 -1.86
N ALA Q 150 -42.78 31.85 -2.40
CA ALA Q 150 -43.05 32.35 -3.74
C ALA Q 150 -44.51 32.76 -3.84
N TYR Q 151 -44.80 33.65 -4.78
CA TYR Q 151 -46.16 34.17 -4.93
C TYR Q 151 -46.60 34.11 -6.39
N GLU Q 152 -47.87 33.79 -6.61
CA GLU Q 152 -48.43 33.83 -7.95
C GLU Q 152 -49.73 34.61 -7.95
N LEU Q 153 -49.94 35.40 -8.99
CA LEU Q 153 -51.11 36.25 -9.17
C LEU Q 153 -51.91 35.77 -10.37
N MET Q 154 -53.23 35.62 -10.19
CA MET Q 154 -54.11 35.19 -11.26
C MET Q 154 -55.09 36.31 -11.57
N ILE Q 155 -55.20 36.68 -12.84
CA ILE Q 155 -56.04 37.80 -13.24
C ILE Q 155 -56.80 37.50 -14.52
N ARG Q 156 -58.03 38.00 -14.59
CA ARG Q 156 -58.82 37.94 -15.82
C ARG Q 156 -58.38 39.12 -16.68
N ASN Q 157 -57.68 38.81 -17.78
CA ASN Q 157 -57.04 39.79 -18.64
C ASN Q 157 -58.05 40.62 -19.43
N GLN Q 158 -57.52 41.67 -20.04
CA GLN Q 158 -58.33 42.55 -20.89
C GLN Q 158 -58.84 41.81 -22.10
N ASP Q 159 -58.04 40.90 -22.66
CA ASP Q 159 -58.46 40.07 -23.77
C ASP Q 159 -59.40 38.97 -23.33
N ASP Q 160 -59.86 39.02 -22.08
CA ASP Q 160 -60.82 38.07 -21.53
C ASP Q 160 -60.26 36.64 -21.53
N GLU Q 161 -59.16 36.47 -20.82
CA GLU Q 161 -58.52 35.17 -20.62
C GLU Q 161 -58.02 35.11 -19.20
N THR Q 162 -58.01 33.92 -18.62
CA THR Q 162 -57.49 33.76 -17.27
C THR Q 162 -55.99 33.57 -17.35
N ARG Q 163 -55.23 34.53 -16.83
CA ARG Q 163 -53.79 34.52 -16.93
C ARG Q 163 -53.17 34.35 -15.55
N LEU Q 164 -51.99 33.71 -15.55
CA LEU Q 164 -51.25 33.41 -14.34
C LEU Q 164 -49.85 33.99 -14.45
N TYR Q 165 -49.46 34.84 -13.50
CA TYR Q 165 -48.16 35.51 -13.53
C TYR Q 165 -47.46 35.41 -12.19
N LYS Q 166 -46.16 35.14 -12.21
CA LYS Q 166 -45.43 35.08 -10.95
C LYS Q 166 -45.20 36.48 -10.41
N SER Q 167 -45.24 36.63 -9.09
CA SER Q 167 -45.04 37.90 -8.42
C SER Q 167 -43.76 37.85 -7.60
N ASP Q 168 -42.91 38.85 -7.76
CA ASP Q 168 -41.61 38.81 -7.12
C ASP Q 168 -41.77 38.83 -5.60
N ALA Q 169 -40.93 38.05 -4.92
CA ALA Q 169 -41.01 37.97 -3.46
C ALA Q 169 -40.58 39.27 -2.79
N MET Q 170 -39.59 39.96 -3.35
CA MET Q 170 -39.12 41.20 -2.75
C MET Q 170 -40.15 42.31 -2.78
N SER Q 171 -41.28 42.11 -3.46
CA SER Q 171 -42.26 43.18 -3.59
C SER Q 171 -43.69 42.73 -3.30
N THR Q 172 -43.89 41.54 -2.75
CA THR Q 172 -45.23 41.02 -2.50
C THR Q 172 -45.32 40.43 -1.11
N PHE Q 173 -46.46 40.60 -0.46
CA PHE Q 173 -46.67 39.88 0.80
C PHE Q 173 -48.16 39.76 1.06
N ILE Q 174 -48.50 38.89 2.01
CA ILE Q 174 -49.89 38.61 2.35
C ILE Q 174 -50.12 38.82 3.83
N ILE Q 175 -51.30 39.36 4.15
CA ILE Q 175 -51.76 39.58 5.52
C ILE Q 175 -52.85 38.57 5.79
N TYR Q 176 -52.64 37.72 6.80
CA TYR Q 176 -53.55 36.61 7.10
C TYR Q 176 -54.51 36.89 8.24
N ASP Q 177 -55.66 36.23 8.17
CA ASP Q 177 -56.62 36.19 9.26
C ASP Q 177 -55.93 35.71 10.53
N ASN Q 178 -56.25 36.36 11.66
CA ASN Q 178 -55.58 35.97 12.90
C ASN Q 178 -56.04 34.64 13.47
N THR Q 179 -57.14 34.07 13.01
CA THR Q 179 -57.60 32.81 13.59
C THR Q 179 -56.68 31.66 13.19
N VAL Q 180 -56.83 30.54 13.90
CA VAL Q 180 -55.97 29.38 13.69
C VAL Q 180 -56.05 28.88 12.25
N GLU Q 181 -57.12 29.20 11.54
CA GLU Q 181 -57.25 28.75 10.16
C GLU Q 181 -56.33 29.52 9.22
N ARG Q 182 -55.94 30.73 9.60
CA ARG Q 182 -55.15 31.64 8.77
C ARG Q 182 -55.60 31.69 7.33
N ASN Q 183 -56.83 32.12 7.12
CA ASN Q 183 -57.25 32.48 5.77
C ASN Q 183 -56.47 33.72 5.37
N SER Q 184 -56.24 33.88 4.08
CA SER Q 184 -55.55 35.08 3.61
C SER Q 184 -56.54 36.23 3.54
N ILE Q 185 -56.28 37.30 4.28
CA ILE Q 185 -57.16 38.46 4.24
C ILE Q 185 -56.86 39.33 3.03
N ALA Q 186 -55.62 39.78 2.88
CA ALA Q 186 -55.32 40.66 1.76
C ALA Q 186 -53.87 40.51 1.32
N GLY Q 187 -53.62 40.71 0.04
CA GLY Q 187 -52.26 40.68 -0.49
C GLY Q 187 -51.87 42.06 -0.99
N VAL Q 188 -50.58 42.40 -0.90
CA VAL Q 188 -50.14 43.68 -1.44
C VAL Q 188 -48.91 43.49 -2.30
N ARG Q 189 -48.85 44.30 -3.35
CA ARG Q 189 -47.70 44.42 -4.24
C ARG Q 189 -47.30 45.88 -4.22
N TYR Q 190 -46.04 46.18 -3.90
CA TYR Q 190 -45.56 47.54 -3.97
C TYR Q 190 -44.31 47.61 -4.82
N LEU Q 191 -44.29 48.53 -5.78
CA LEU Q 191 -43.24 48.57 -6.79
C LEU Q 191 -42.65 49.96 -6.90
N ARG Q 192 -41.32 50.03 -6.97
CA ARG Q 192 -40.64 51.29 -7.26
C ARG Q 192 -40.67 51.54 -8.76
N THR Q 193 -41.41 52.56 -9.18
CA THR Q 193 -41.20 53.11 -10.52
C THR Q 193 -39.89 53.89 -10.53
N LYS Q 194 -39.02 53.59 -11.49
CA LYS Q 194 -37.91 54.51 -11.76
C LYS Q 194 -37.57 54.58 -13.23
N PRO Q 195 -37.24 55.79 -13.73
CA PRO Q 195 -36.62 55.91 -15.04
C PRO Q 195 -35.12 55.58 -14.99
N ILE Q 196 -34.53 55.56 -16.18
CA ILE Q 196 -33.16 55.10 -16.39
C ILE Q 196 -32.15 56.25 -16.42
N ASP Q 197 -32.55 57.41 -16.95
CA ASP Q 197 -31.57 58.47 -17.17
C ASP Q 197 -31.08 59.06 -15.85
N LYS Q 198 -31.96 59.21 -14.87
CA LYS Q 198 -31.62 59.84 -13.61
C LYS Q 198 -31.74 58.80 -12.52
N THR Q 199 -30.88 58.87 -11.51
CA THR Q 199 -31.09 58.09 -10.30
C THR Q 199 -32.23 58.72 -9.51
N ASP Q 200 -33.43 58.66 -10.09
CA ASP Q 200 -34.56 59.53 -9.79
C ASP Q 200 -34.83 59.62 -8.30
N GLU Q 201 -34.47 60.75 -7.70
CA GLU Q 201 -34.10 60.82 -6.30
C GLU Q 201 -35.26 60.53 -5.34
N ASP Q 202 -36.51 60.74 -5.75
CA ASP Q 202 -37.64 60.50 -4.86
C ASP Q 202 -38.13 59.05 -4.86
N GLU Q 203 -38.59 58.62 -3.69
CA GLU Q 203 -39.01 57.25 -3.40
C GLU Q 203 -40.53 57.05 -3.58
N VAL Q 204 -41.03 57.26 -4.79
CA VAL Q 204 -42.43 56.97 -5.10
C VAL Q 204 -42.61 55.48 -5.33
N PHE Q 205 -43.58 54.87 -4.64
CA PHE Q 205 -44.02 53.51 -4.87
C PHE Q 205 -45.46 53.50 -5.35
N THR Q 206 -45.77 52.56 -6.24
CA THR Q 206 -47.15 52.23 -6.59
C THR Q 206 -47.54 51.00 -5.80
N VAL Q 207 -48.59 51.14 -4.99
CA VAL Q 207 -49.01 50.09 -4.06
C VAL Q 207 -50.37 49.56 -4.48
N ASP Q 208 -50.45 48.27 -4.77
CA ASP Q 208 -51.69 47.63 -5.21
C ASP Q 208 -52.11 46.64 -4.14
N LEU Q 209 -53.32 46.82 -3.63
CA LEU Q 209 -53.86 46.04 -2.53
C LEU Q 209 -54.98 45.15 -3.05
N PHE Q 210 -54.81 43.84 -2.90
CA PHE Q 210 -55.75 42.85 -3.42
C PHE Q 210 -56.62 42.32 -2.30
N THR Q 211 -57.92 42.48 -2.44
CA THR Q 211 -58.94 41.97 -1.53
C THR Q 211 -59.72 40.85 -2.21
N SER Q 212 -60.65 40.26 -1.47
CA SER Q 212 -61.49 39.21 -2.03
C SER Q 212 -62.50 39.72 -3.06
N HIS Q 213 -62.67 41.04 -3.19
CA HIS Q 213 -63.61 41.59 -4.17
C HIS Q 213 -63.02 42.56 -5.16
N GLY Q 214 -61.76 42.94 -5.05
CA GLY Q 214 -61.21 43.85 -6.03
C GLY Q 214 -59.81 44.30 -5.66
N VAL Q 215 -59.23 45.05 -6.57
CA VAL Q 215 -57.89 45.63 -6.43
C VAL Q 215 -58.05 47.12 -6.18
N TYR Q 216 -57.36 47.63 -5.17
CA TYR Q 216 -57.30 49.06 -4.87
C TYR Q 216 -55.90 49.54 -5.21
N ARG Q 217 -55.78 50.64 -5.93
CA ARG Q 217 -54.47 51.15 -6.31
C ARG Q 217 -54.17 52.47 -5.60
N TYR Q 218 -52.91 52.60 -5.15
CA TYR Q 218 -52.47 53.77 -4.42
C TYR Q 218 -51.12 54.23 -4.93
N LEU Q 219 -50.75 55.43 -4.49
CA LEU Q 219 -49.38 55.91 -4.49
C LEU Q 219 -48.93 56.17 -3.07
N THR Q 220 -47.62 56.04 -2.84
CA THR Q 220 -47.02 56.34 -1.55
C THR Q 220 -45.60 56.83 -1.76
N ASN Q 221 -45.06 57.51 -0.76
CA ASN Q 221 -43.61 57.67 -0.66
C ASN Q 221 -43.19 57.60 0.80
N ARG Q 222 -41.91 57.29 1.00
CA ARG Q 222 -41.41 57.08 2.36
C ARG Q 222 -41.50 58.35 3.21
N THR Q 223 -41.28 59.52 2.59
CA THR Q 223 -41.12 60.75 3.37
C THR Q 223 -42.35 61.06 4.22
N ASN Q 224 -43.54 60.83 3.70
CA ASN Q 224 -44.76 61.14 4.44
C ASN Q 224 -45.24 59.98 5.30
N GLY Q 225 -44.38 58.99 5.54
CA GLY Q 225 -44.73 57.82 6.31
C GLY Q 225 -45.55 56.82 5.55
N LEU Q 226 -45.37 56.74 4.24
CA LEU Q 226 -46.17 55.88 3.39
C LEU Q 226 -47.66 56.10 3.60
N LYS Q 227 -48.07 57.37 3.55
CA LYS Q 227 -49.49 57.67 3.48
C LYS Q 227 -50.02 57.17 2.15
N LEU Q 228 -50.99 56.28 2.18
CA LEU Q 228 -51.58 55.73 0.96
C LEU Q 228 -52.60 56.72 0.38
N THR Q 229 -52.32 57.24 -0.83
CA THR Q 229 -53.25 58.15 -1.50
C THR Q 229 -53.84 57.46 -2.72
N PRO Q 230 -55.16 57.37 -2.86
CA PRO Q 230 -55.74 56.61 -3.97
C PRO Q 230 -55.31 57.15 -5.33
N ARG Q 231 -54.94 56.23 -6.22
CA ARG Q 231 -54.63 56.59 -7.59
C ARG Q 231 -55.92 56.89 -8.34
N GLU Q 232 -55.84 57.74 -9.37
CA GLU Q 232 -57.01 57.98 -10.21
C GLU Q 232 -57.56 56.66 -10.74
N ASN Q 233 -58.87 56.46 -10.61
CA ASN Q 233 -59.51 55.18 -10.92
C ASN Q 233 -58.85 54.10 -10.07
N SER Q 234 -58.92 54.34 -8.76
CA SER Q 234 -58.27 53.50 -7.77
C SER Q 234 -58.79 52.07 -7.78
N PHE Q 235 -60.10 51.89 -7.74
CA PHE Q 235 -60.67 50.55 -7.60
C PHE Q 235 -60.88 49.85 -8.94
N GLU Q 236 -60.73 48.53 -8.92
CA GLU Q 236 -60.94 47.68 -10.09
C GLU Q 236 -61.49 46.34 -9.63
N SER Q 237 -62.71 46.02 -10.01
CA SER Q 237 -63.31 44.76 -9.58
C SER Q 237 -62.70 43.56 -10.29
N HIS Q 238 -62.67 42.42 -9.59
CA HIS Q 238 -62.25 41.14 -10.14
C HIS Q 238 -63.31 40.10 -9.76
N SER Q 239 -63.52 39.12 -10.63
CA SER Q 239 -64.64 38.20 -10.48
C SER Q 239 -64.36 36.97 -9.63
N PHE Q 240 -63.19 36.85 -9.01
CA PHE Q 240 -63.00 35.74 -8.09
C PHE Q 240 -63.76 36.04 -6.80
N GLU Q 241 -63.75 35.09 -5.87
CA GLU Q 241 -64.40 35.28 -4.58
C GLU Q 241 -63.45 35.05 -3.42
N ARG Q 242 -62.15 35.11 -3.68
CA ARG Q 242 -61.13 34.98 -2.66
C ARG Q 242 -59.90 35.71 -3.16
N MET Q 243 -59.02 36.09 -2.26
CA MET Q 243 -57.90 36.94 -2.64
C MET Q 243 -57.06 36.26 -3.73
N PRO Q 244 -56.80 36.92 -4.86
CA PRO Q 244 -56.18 36.22 -6.00
C PRO Q 244 -54.73 35.78 -5.82
N ILE Q 245 -53.95 36.42 -4.96
CA ILE Q 245 -52.55 36.02 -4.82
C ILE Q 245 -52.45 34.77 -3.96
N THR Q 246 -51.56 33.86 -4.35
CA THR Q 246 -51.31 32.64 -3.61
C THR Q 246 -49.85 32.59 -3.21
N GLU Q 247 -49.58 32.03 -2.02
CA GLU Q 247 -48.24 31.90 -1.48
C GLU Q 247 -47.86 30.43 -1.35
N PHE Q 248 -46.63 30.12 -1.73
CA PHE Q 248 -46.04 28.79 -1.63
C PHE Q 248 -44.85 28.87 -0.68
N SER Q 249 -44.60 27.77 0.03
CA SER Q 249 -43.57 27.72 1.05
C SER Q 249 -42.60 26.58 0.77
N ASN Q 250 -41.31 26.85 0.97
CA ASN Q 250 -40.29 25.82 0.81
C ASN Q 250 -40.35 24.80 1.93
N ASN Q 251 -40.75 25.23 3.12
CA ASN Q 251 -40.92 24.37 4.28
C ASN Q 251 -41.70 25.16 5.31
N GLU Q 252 -42.00 24.53 6.44
CA GLU Q 252 -42.89 25.18 7.40
C GLU Q 252 -42.30 26.45 7.98
N ARG Q 253 -40.99 26.59 7.97
CA ARG Q 253 -40.30 27.82 8.34
C ARG Q 253 -40.05 28.75 7.17
N ARG Q 254 -40.39 28.35 5.95
CA ARG Q 254 -40.20 29.20 4.77
C ARG Q 254 -38.76 29.67 4.65
N LYS Q 255 -37.82 28.82 5.00
CA LYS Q 255 -36.40 29.13 4.87
C LYS Q 255 -35.83 28.61 3.55
N GLY Q 256 -34.84 29.32 3.05
CA GLY Q 256 -34.21 28.97 1.80
C GLY Q 256 -33.35 27.72 1.92
N ASP Q 257 -32.81 27.31 0.78
CA ASP Q 257 -32.02 26.09 0.74
C ASP Q 257 -30.57 26.31 1.16
N TYR Q 258 -29.94 27.42 0.75
CA TYR Q 258 -28.57 27.73 1.14
C TYR Q 258 -28.48 28.76 2.27
N GLU Q 259 -29.63 29.27 2.73
CA GLU Q 259 -29.63 30.29 3.76
C GLU Q 259 -28.85 29.87 4.98
N LYS Q 260 -28.87 28.59 5.31
CA LYS Q 260 -28.20 28.11 6.51
C LYS Q 260 -26.72 27.80 6.31
N VAL Q 261 -26.18 27.95 5.09
CA VAL Q 261 -24.78 27.70 4.84
C VAL Q 261 -24.08 28.93 4.29
N ILE Q 262 -24.77 30.07 4.24
CA ILE Q 262 -24.12 31.28 3.75
C ILE Q 262 -22.84 31.58 4.54
N THR Q 263 -22.83 31.32 5.85
CA THR Q 263 -21.62 31.61 6.62
C THR Q 263 -20.45 30.73 6.22
N LEU Q 264 -20.72 29.52 5.76
CA LEU Q 264 -19.63 28.68 5.28
C LEU Q 264 -19.18 29.15 3.92
N ILE Q 265 -20.13 29.61 3.09
CA ILE Q 265 -19.73 30.14 1.80
C ILE Q 265 -18.82 31.33 1.99
N ASP Q 266 -19.13 32.19 2.95
CA ASP Q 266 -18.24 33.30 3.26
C ASP Q 266 -16.87 32.82 3.68
N LEU Q 267 -16.81 31.81 4.55
CA LEU Q 267 -15.49 31.36 4.98
C LEU Q 267 -14.69 30.82 3.80
N TYR Q 268 -15.35 30.19 2.85
CA TYR Q 268 -14.62 29.67 1.70
C TYR Q 268 -14.12 30.80 0.82
N ASP Q 269 -14.92 31.85 0.64
CA ASP Q 269 -14.46 33.01 -0.11
C ASP Q 269 -13.24 33.62 0.55
N ASN Q 270 -13.30 33.80 1.87
CA ASN Q 270 -12.18 34.42 2.56
C ASN Q 270 -10.93 33.58 2.45
N ALA Q 271 -11.06 32.26 2.64
CA ALA Q 271 -9.87 31.40 2.59
C ALA Q 271 -9.24 31.45 1.21
N GLU Q 272 -10.07 31.36 0.16
CA GLU Q 272 -9.48 31.32 -1.17
C GLU Q 272 -8.87 32.65 -1.56
N SER Q 273 -9.50 33.77 -1.19
CA SER Q 273 -8.88 35.05 -1.49
C SER Q 273 -7.62 35.25 -0.64
N ASP Q 274 -7.54 34.64 0.53
CA ASP Q 274 -6.32 34.72 1.31
C ASP Q 274 -5.17 34.04 0.59
N THR Q 275 -5.41 32.84 0.08
CA THR Q 275 -4.35 32.19 -0.67
C THR Q 275 -4.03 32.96 -1.94
N ALA Q 276 -5.02 33.57 -2.59
CA ALA Q 276 -4.68 34.33 -3.79
C ALA Q 276 -3.82 35.54 -3.44
N ASN Q 277 -3.95 36.06 -2.23
CA ASN Q 277 -3.07 37.14 -1.83
C ASN Q 277 -1.66 36.62 -1.60
N TYR Q 278 -1.54 35.53 -0.83
CA TYR Q 278 -0.23 34.95 -0.64
C TYR Q 278 0.46 34.67 -1.97
N MET Q 279 -0.29 34.23 -2.97
CA MET Q 279 0.31 33.93 -4.26
C MET Q 279 0.75 35.22 -4.96
N SER Q 280 -0.11 36.24 -4.97
CA SER Q 280 0.24 37.48 -5.65
C SER Q 280 1.41 38.21 -5.00
N ASP Q 281 1.46 38.29 -3.67
CA ASP Q 281 2.36 39.26 -3.03
C ASP Q 281 3.77 38.77 -2.73
N LEU Q 282 4.01 37.48 -2.59
CA LEU Q 282 5.35 37.00 -2.29
C LEU Q 282 6.07 36.45 -3.50
N ASN Q 283 7.39 36.67 -3.51
CA ASN Q 283 8.25 36.15 -4.56
C ASN Q 283 8.40 34.64 -4.43
N ASP Q 284 8.31 33.93 -5.56
CA ASP Q 284 8.40 32.48 -5.51
C ASP Q 284 9.73 32.01 -4.94
N ALA Q 285 10.82 32.56 -5.46
CA ALA Q 285 12.15 32.19 -4.99
C ALA Q 285 13.11 33.31 -5.32
N MET Q 286 14.23 33.34 -4.60
CA MET Q 286 15.25 34.34 -4.82
C MET Q 286 16.61 33.74 -4.54
N LEU Q 287 17.62 34.26 -5.22
CA LEU Q 287 19.01 33.92 -4.92
C LEU Q 287 19.48 34.83 -3.81
N LEU Q 288 19.75 34.26 -2.63
CA LEU Q 288 20.26 35.02 -1.50
C LEU Q 288 21.78 35.00 -1.51
N ILE Q 289 22.38 36.18 -1.45
CA ILE Q 289 23.83 36.33 -1.37
C ILE Q 289 24.15 37.16 -0.13
N LYS Q 290 24.98 36.63 0.74
CA LYS Q 290 25.38 37.29 1.98
C LYS Q 290 26.86 37.63 1.95
N GLY Q 291 27.24 38.47 2.90
CA GLY Q 291 28.62 38.85 3.12
C GLY Q 291 29.05 40.09 2.37
N ASN Q 292 30.11 40.71 2.89
CA ASN Q 292 30.67 41.93 2.35
C ASN Q 292 31.26 41.67 0.97
N LEU Q 293 30.73 42.33 -0.05
CA LEU Q 293 31.07 41.99 -1.42
C LEU Q 293 30.78 43.19 -2.31
N ASN Q 294 31.29 43.14 -3.53
CA ASN Q 294 30.93 44.09 -4.57
C ASN Q 294 30.05 43.37 -5.57
N LEU Q 295 28.82 43.82 -5.73
CA LEU Q 295 27.95 43.33 -6.78
C LEU Q 295 27.68 44.47 -7.75
N ASP Q 296 28.01 44.25 -9.02
CA ASP Q 296 27.70 45.22 -10.04
C ASP Q 296 26.27 44.99 -10.53
N PRO Q 297 25.39 45.98 -10.43
CA PRO Q 297 24.00 45.76 -10.86
C PRO Q 297 23.91 45.49 -12.35
N VAL Q 298 24.99 45.71 -13.10
CA VAL Q 298 25.01 45.31 -14.49
C VAL Q 298 25.36 43.83 -14.60
N GLU Q 299 26.23 43.36 -13.70
CA GLU Q 299 26.63 41.96 -13.74
C GLU Q 299 25.54 41.05 -13.21
N VAL Q 300 24.76 41.53 -12.25
CA VAL Q 300 23.66 40.72 -11.72
C VAL Q 300 22.70 40.29 -12.83
N ARG Q 301 22.62 41.03 -13.93
CA ARG Q 301 21.71 40.65 -15.00
C ARG Q 301 22.16 39.42 -15.76
N LYS Q 302 23.41 39.00 -15.62
CA LYS Q 302 23.84 37.74 -16.20
C LYS Q 302 23.31 36.56 -15.40
N GLN Q 303 22.69 36.83 -14.26
CA GLN Q 303 22.25 35.79 -13.34
C GLN Q 303 21.50 34.66 -14.04
N LYS Q 304 20.68 34.98 -15.04
CA LYS Q 304 19.95 33.92 -15.72
C LYS Q 304 20.81 33.05 -16.61
N GLU Q 305 21.98 33.51 -17.03
CA GLU Q 305 22.77 32.76 -18.00
C GLU Q 305 24.18 32.45 -17.53
N ALA Q 306 24.55 32.78 -16.31
CA ALA Q 306 25.85 32.39 -15.78
C ALA Q 306 25.82 30.95 -15.29
N ASN Q 307 26.98 30.28 -15.41
CA ASN Q 307 27.13 28.91 -14.92
C ASN Q 307 27.87 28.82 -13.59
N VAL Q 308 28.89 29.64 -13.36
CA VAL Q 308 29.67 29.62 -12.13
C VAL Q 308 29.39 30.90 -11.35
N LEU Q 309 29.11 30.74 -10.07
CA LEU Q 309 28.99 31.87 -9.15
C LEU Q 309 30.22 31.84 -8.26
N PHE Q 310 31.07 32.85 -8.37
CA PHE Q 310 32.31 32.92 -7.62
C PHE Q 310 32.23 34.05 -6.61
N LEU Q 311 32.35 33.71 -5.34
CA LEU Q 311 32.31 34.67 -4.25
C LEU Q 311 33.68 34.78 -3.61
N GLU Q 312 34.29 35.96 -3.68
CA GLU Q 312 35.61 36.18 -3.14
C GLU Q 312 35.49 37.04 -1.88
N PRO Q 313 35.83 36.52 -0.71
CA PRO Q 313 35.58 37.26 0.52
C PRO Q 313 36.52 38.44 0.72
N THR Q 314 35.98 39.46 1.38
CA THR Q 314 36.79 40.61 1.78
C THR Q 314 37.86 40.19 2.77
N VAL Q 315 39.08 40.66 2.55
CA VAL Q 315 40.20 40.38 3.46
C VAL Q 315 40.41 41.57 4.36
N TYR Q 316 40.30 41.37 5.67
CA TYR Q 316 40.47 42.44 6.64
C TYR Q 316 41.87 42.38 7.22
N VAL Q 317 42.55 43.52 7.23
CA VAL Q 317 43.92 43.61 7.73
C VAL Q 317 43.92 44.33 9.06
N ASP Q 318 44.55 43.72 10.05
CA ASP Q 318 44.65 44.28 11.38
C ASP Q 318 45.80 45.28 11.44
N ALA Q 319 45.71 46.22 12.37
CA ALA Q 319 46.76 47.22 12.49
C ALA Q 319 48.10 46.59 12.81
N GLU Q 320 48.11 45.45 13.50
CA GLU Q 320 49.35 44.74 13.77
C GLU Q 320 49.72 43.77 12.66
N GLY Q 321 49.04 43.85 11.51
CA GLY Q 321 49.36 43.03 10.36
C GLY Q 321 48.59 41.74 10.20
N ARG Q 322 47.70 41.39 11.11
CA ARG Q 322 46.96 40.14 10.94
C ARG Q 322 45.99 40.26 9.76
N GLU Q 323 45.62 39.11 9.19
CA GLU Q 323 44.68 39.06 8.08
C GLU Q 323 43.61 38.03 8.36
N THR Q 324 42.37 38.36 7.99
CA THR Q 324 41.24 37.47 8.22
C THR Q 324 40.19 37.70 7.14
N GLU Q 325 39.38 36.67 6.88
CA GLU Q 325 38.39 36.67 5.81
C GLU Q 325 36.96 36.87 6.28
N GLY Q 326 36.20 37.65 5.52
CA GLY Q 326 34.77 37.78 5.76
C GLY Q 326 34.01 36.51 5.40
N SER Q 327 32.81 36.39 5.95
CA SER Q 327 31.97 35.21 5.71
C SER Q 327 31.02 35.45 4.55
N VAL Q 328 31.40 35.02 3.36
CA VAL Q 328 30.54 35.10 2.18
C VAL Q 328 29.60 33.91 2.15
N ASP Q 329 28.42 34.07 1.55
CA ASP Q 329 27.56 32.90 1.42
C ASP Q 329 26.55 33.10 0.29
N GLY Q 330 26.02 32.00 -0.22
CA GLY Q 330 25.04 32.07 -1.29
C GLY Q 330 24.15 30.84 -1.45
N GLY Q 331 22.87 31.04 -1.73
CA GLY Q 331 21.97 29.91 -1.90
C GLY Q 331 20.56 30.38 -2.19
N TYR Q 332 19.77 29.50 -2.79
CA TYR Q 332 18.39 29.85 -3.11
C TYR Q 332 17.47 29.70 -1.91
N ILE Q 333 16.48 30.59 -1.84
CA ILE Q 333 15.42 30.53 -0.85
C ILE Q 333 14.09 30.63 -1.59
N TYR Q 334 13.07 29.96 -1.08
CA TYR Q 334 11.79 29.94 -1.77
C TYR Q 334 10.64 29.99 -0.77
N LYS Q 335 9.57 30.65 -1.18
CA LYS Q 335 8.40 30.79 -0.32
C LYS Q 335 7.69 29.46 -0.18
N GLN Q 336 7.01 29.28 0.95
CA GLN Q 336 6.33 28.04 1.25
C GLN Q 336 5.15 28.36 2.17
N TYR Q 337 4.11 27.53 2.12
CA TYR Q 337 2.98 27.70 3.03
C TYR Q 337 2.45 26.34 3.45
N ASP Q 338 1.65 26.34 4.51
CA ASP Q 338 1.09 25.12 5.08
C ASP Q 338 0.02 24.54 4.17
N VAL Q 339 0.46 23.86 3.13
CA VAL Q 339 -0.47 23.27 2.17
C VAL Q 339 -1.34 22.22 2.85
N GLN Q 340 -0.74 21.39 3.68
CA GLN Q 340 -1.50 20.33 4.33
C GLN Q 340 -2.68 20.92 5.09
N GLY Q 341 -2.42 21.90 5.95
CA GLY Q 341 -3.48 22.41 6.79
C GLY Q 341 -4.50 23.24 6.03
N THR Q 342 -4.05 24.00 5.04
CA THR Q 342 -5.02 24.84 4.36
C THR Q 342 -5.90 24.01 3.45
N GLU Q 343 -5.33 22.98 2.80
CA GLU Q 343 -6.18 22.17 1.94
C GLU Q 343 -7.10 21.29 2.75
N ALA Q 344 -6.65 20.79 3.91
CA ALA Q 344 -7.57 20.02 4.73
C ALA Q 344 -8.71 20.88 5.24
N TYR Q 345 -8.44 22.15 5.53
CA TYR Q 345 -9.49 23.04 6.01
C TYR Q 345 -10.48 23.39 4.91
N LYS Q 346 -9.98 23.77 3.75
CA LYS Q 346 -10.87 24.11 2.65
C LYS Q 346 -11.67 22.89 2.20
N ASP Q 347 -11.07 21.70 2.24
CA ASP Q 347 -11.81 20.51 1.91
C ASP Q 347 -12.92 20.27 2.91
N ARG Q 348 -12.68 20.59 4.18
CA ARG Q 348 -13.74 20.40 5.15
C ARG Q 348 -14.89 21.36 4.90
N LEU Q 349 -14.58 22.63 4.61
CA LEU Q 349 -15.66 23.58 4.33
C LEU Q 349 -16.51 23.12 3.16
N ASN Q 350 -15.87 22.74 2.06
CA ASN Q 350 -16.62 22.28 0.90
C ASN Q 350 -17.47 21.06 1.23
N SER Q 351 -16.88 20.09 1.93
CA SER Q 351 -17.62 18.89 2.27
C SER Q 351 -18.83 19.23 3.12
N ASP Q 352 -18.67 20.14 4.08
CA ASP Q 352 -19.80 20.46 4.94
C ASP Q 352 -20.91 21.16 4.18
N ILE Q 353 -20.55 22.05 3.26
CA ILE Q 353 -21.61 22.70 2.48
C ILE Q 353 -22.41 21.64 1.73
N HIS Q 354 -21.74 20.66 1.14
CA HIS Q 354 -22.49 19.64 0.41
C HIS Q 354 -23.28 18.74 1.35
N MET Q 355 -22.74 18.45 2.53
CA MET Q 355 -23.50 17.61 3.46
C MET Q 355 -24.76 18.32 3.92
N PHE Q 356 -24.63 19.57 4.36
CA PHE Q 356 -25.78 20.28 4.89
C PHE Q 356 -26.78 20.67 3.82
N THR Q 357 -26.44 20.53 2.55
CA THR Q 357 -27.41 20.80 1.50
C THR Q 357 -27.82 19.53 0.77
N ASN Q 358 -27.37 18.36 1.24
CA ASN Q 358 -27.74 17.09 0.62
C ASN Q 358 -27.44 17.10 -0.87
N THR Q 359 -26.43 17.83 -1.26
CA THR Q 359 -26.03 17.90 -2.65
C THR Q 359 -24.85 16.97 -2.88
N PRO Q 360 -24.78 16.23 -3.98
CA PRO Q 360 -23.70 15.25 -4.12
C PRO Q 360 -22.34 15.93 -4.17
N ASN Q 361 -21.43 15.43 -3.34
CA ASN Q 361 -20.06 15.95 -3.24
C ASN Q 361 -19.25 15.40 -4.41
N MET Q 362 -19.21 16.17 -5.50
CA MET Q 362 -18.55 15.71 -6.72
C MET Q 362 -17.09 15.39 -6.54
N LYS Q 363 -16.40 16.03 -5.58
CA LYS Q 363 -14.96 15.79 -5.43
C LYS Q 363 -14.65 14.43 -4.83
N ASP Q 364 -15.57 13.83 -4.10
CA ASP Q 364 -15.37 12.54 -3.45
C ASP Q 364 -16.43 11.58 -3.95
N ASP Q 365 -16.36 11.20 -5.23
CA ASP Q 365 -17.47 10.49 -5.83
C ASP Q 365 -17.00 9.43 -6.81
N ASN Q 366 -17.79 8.36 -6.90
CA ASN Q 366 -17.50 7.19 -7.70
C ASN Q 366 -18.81 6.63 -8.23
N PHE Q 367 -18.74 5.90 -9.33
CA PHE Q 367 -19.92 5.23 -9.88
C PHE Q 367 -19.59 3.81 -10.30
N SER Q 368 -20.50 2.90 -9.94
CA SER Q 368 -20.35 1.47 -10.17
C SER Q 368 -21.32 0.99 -11.24
N GLY Q 369 -20.81 0.23 -12.20
CA GLY Q 369 -21.65 -0.34 -13.24
C GLY Q 369 -22.22 0.71 -14.19
N THR Q 370 -23.47 0.48 -14.60
CA THR Q 370 -24.08 1.22 -15.70
C THR Q 370 -25.42 1.86 -15.34
N GLN Q 371 -26.12 1.38 -14.31
CA GLN Q 371 -27.47 1.83 -13.95
C GLN Q 371 -27.41 3.12 -13.10
N SER Q 372 -26.99 4.19 -13.78
CA SER Q 372 -26.82 5.50 -13.15
C SER Q 372 -28.08 5.93 -12.40
N GLY Q 373 -29.26 5.62 -12.94
CA GLY Q 373 -30.47 6.10 -12.30
C GLY Q 373 -30.86 5.31 -11.08
N GLU Q 374 -30.58 4.01 -11.07
CA GLU Q 374 -30.93 3.21 -9.91
C GLU Q 374 -29.96 3.45 -8.78
N ALA Q 375 -28.68 3.65 -9.10
CA ALA Q 375 -27.71 4.01 -8.07
C ALA Q 375 -27.91 5.43 -7.54
N MET Q 376 -28.36 6.37 -8.39
CA MET Q 376 -28.51 7.75 -7.95
C MET Q 376 -29.48 7.93 -6.79
N LYS Q 377 -30.54 7.13 -6.71
CA LYS Q 377 -31.46 7.25 -5.59
C LYS Q 377 -30.77 7.03 -4.26
N TYR Q 378 -29.68 6.27 -4.23
CA TYR Q 378 -28.94 6.16 -2.97
C TYR Q 378 -28.33 7.50 -2.60
N LYS Q 379 -27.61 8.12 -3.53
CA LYS Q 379 -26.89 9.33 -3.18
C LYS Q 379 -27.85 10.46 -2.89
N LEU Q 380 -28.99 10.49 -3.56
CA LEU Q 380 -29.98 11.54 -3.34
C LEU Q 380 -31.03 11.15 -2.31
N PHE Q 381 -30.83 10.06 -1.57
CA PHE Q 381 -31.83 9.70 -0.57
C PHE Q 381 -32.06 10.82 0.43
N GLY Q 382 -30.99 11.48 0.88
CA GLY Q 382 -31.17 12.54 1.84
C GLY Q 382 -31.94 13.71 1.26
N LEU Q 383 -31.72 14.00 -0.01
CA LEU Q 383 -32.43 15.09 -0.66
C LEU Q 383 -33.91 14.75 -0.85
N GLU Q 384 -34.21 13.48 -1.09
CA GLU Q 384 -35.60 13.07 -1.29
C GLU Q 384 -36.45 13.35 -0.05
N GLN Q 385 -35.91 13.16 1.15
CA GLN Q 385 -36.69 13.40 2.36
C GLN Q 385 -37.20 14.83 2.44
N ARG Q 386 -36.37 15.81 2.08
CA ARG Q 386 -36.84 17.19 2.07
C ARG Q 386 -37.81 17.46 0.93
N THR Q 387 -37.48 16.93 -0.24
CA THR Q 387 -38.33 17.16 -1.41
C THR Q 387 -39.74 16.63 -1.21
N LYS Q 388 -39.92 15.54 -0.46
CA LYS Q 388 -41.28 15.05 -0.26
C LYS Q 388 -42.13 16.02 0.56
N THR Q 389 -41.51 16.75 1.47
CA THR Q 389 -42.25 17.75 2.22
C THR Q 389 -42.57 18.93 1.32
N LYS Q 390 -41.57 19.38 0.57
CA LYS Q 390 -41.82 20.47 -0.36
C LYS Q 390 -42.96 20.10 -1.28
N GLU Q 391 -43.02 18.83 -1.70
CA GLU Q 391 -44.09 18.37 -2.58
C GLU Q 391 -45.44 18.50 -1.91
N GLY Q 392 -45.50 18.24 -0.61
CA GLY Q 392 -46.79 18.38 0.07
C GLY Q 392 -47.25 19.82 0.08
N LEU Q 393 -46.37 20.73 0.47
CA LEU Q 393 -46.75 22.14 0.48
C LEU Q 393 -47.07 22.67 -0.92
N PHE Q 394 -46.37 22.17 -1.93
CA PHE Q 394 -46.63 22.62 -3.29
C PHE Q 394 -48.02 22.19 -3.73
N THR Q 395 -48.38 20.95 -3.47
CA THR Q 395 -49.73 20.51 -3.83
C THR Q 395 -50.77 21.31 -3.08
N LYS Q 396 -50.48 21.65 -1.83
CA LYS Q 396 -51.42 22.45 -1.06
C LYS Q 396 -51.68 23.77 -1.77
N GLY Q 397 -50.67 24.33 -2.43
CA GLY Q 397 -50.89 25.55 -3.18
C GLY Q 397 -51.61 25.38 -4.51
N LEU Q 398 -51.23 24.34 -5.25
CA LEU Q 398 -51.90 24.08 -6.52
C LEU Q 398 -53.39 23.87 -6.32
N ARG Q 399 -53.81 23.27 -5.20
CA ARG Q 399 -55.24 23.10 -4.98
C ARG Q 399 -55.95 24.45 -4.92
N ARG Q 400 -55.29 25.46 -4.37
CA ARG Q 400 -55.88 26.79 -4.35
C ARG Q 400 -55.94 27.37 -5.75
N ARG Q 401 -54.88 27.18 -6.53
CA ARG Q 401 -54.92 27.65 -7.91
C ARG Q 401 -56.14 27.07 -8.63
N ALA Q 402 -56.42 25.79 -8.42
CA ALA Q 402 -57.56 25.17 -9.05
C ALA Q 402 -58.86 25.76 -8.51
N LYS Q 403 -58.92 26.02 -7.20
CA LYS Q 403 -60.13 26.60 -6.64
C LYS Q 403 -60.45 27.93 -7.31
N LEU Q 404 -59.42 28.76 -7.52
CA LEU Q 404 -59.64 30.04 -8.18
C LEU Q 404 -60.13 29.83 -9.60
N LEU Q 405 -59.48 28.92 -10.33
CA LEU Q 405 -59.87 28.71 -11.72
C LEU Q 405 -61.31 28.23 -11.84
N GLU Q 406 -61.72 27.28 -11.00
CA GLU Q 406 -63.10 26.83 -11.08
C GLU Q 406 -64.05 27.96 -10.76
N THR Q 407 -63.65 28.87 -9.88
CA THR Q 407 -64.58 29.94 -9.52
C THR Q 407 -64.77 30.88 -10.69
N ILE Q 408 -63.69 31.27 -11.35
CA ILE Q 408 -63.85 32.19 -12.48
C ILE Q 408 -64.57 31.51 -13.64
N LEU Q 409 -64.29 30.23 -13.88
CA LEU Q 409 -64.99 29.54 -14.95
C LEU Q 409 -66.48 29.47 -14.68
N LYS Q 410 -66.87 29.22 -13.43
CA LYS Q 410 -68.29 29.16 -13.14
C LYS Q 410 -68.93 30.54 -13.25
N ASN Q 411 -68.26 31.58 -12.75
CA ASN Q 411 -68.86 32.90 -12.84
C ASN Q 411 -68.97 33.38 -14.28
N THR Q 412 -68.13 32.87 -15.19
CA THR Q 412 -68.28 33.15 -16.61
C THR Q 412 -69.15 32.12 -17.31
N ARG Q 413 -69.63 31.11 -16.59
CA ARG Q 413 -70.42 30.03 -17.17
C ARG Q 413 -69.71 29.36 -18.33
N SER Q 414 -68.39 29.27 -18.26
CA SER Q 414 -67.65 28.50 -19.25
C SER Q 414 -67.66 27.02 -18.91
N ILE Q 415 -68.21 26.65 -17.77
CA ILE Q 415 -68.30 25.27 -17.32
C ILE Q 415 -69.54 25.13 -16.47
N ASP Q 416 -70.06 23.92 -16.36
CA ASP Q 416 -71.25 23.68 -15.56
C ASP Q 416 -70.96 23.90 -14.09
N ALA Q 417 -71.90 24.55 -13.40
CA ALA Q 417 -71.76 24.77 -11.97
C ALA Q 417 -71.70 23.45 -11.21
N ASN Q 418 -72.07 22.35 -11.85
CA ASN Q 418 -72.06 21.04 -11.23
C ASN Q 418 -70.67 20.48 -10.98
N LYS Q 419 -69.66 20.94 -11.70
CA LYS Q 419 -68.32 20.34 -11.60
C LYS Q 419 -67.63 20.69 -10.28
N ASP Q 420 -66.68 19.82 -9.91
CA ASP Q 420 -65.84 19.99 -8.72
C ASP Q 420 -64.38 19.75 -9.10
N PHE Q 421 -63.51 20.68 -8.72
CA PHE Q 421 -62.10 20.58 -9.07
C PHE Q 421 -61.23 19.92 -8.01
N ASN Q 422 -61.72 19.71 -6.79
CA ASN Q 422 -60.84 19.08 -5.81
C ASN Q 422 -60.58 17.60 -6.08
N THR Q 423 -61.21 17.00 -7.08
CA THR Q 423 -60.93 15.61 -7.39
C THR Q 423 -59.64 15.40 -8.17
N VAL Q 424 -59.05 16.47 -8.70
CA VAL Q 424 -57.83 16.33 -9.49
C VAL Q 424 -56.72 15.75 -8.63
N ARG Q 425 -55.98 14.80 -9.20
CA ARG Q 425 -54.82 14.19 -8.57
C ARG Q 425 -53.56 14.71 -9.25
N TYR Q 426 -52.68 15.30 -8.46
CA TYR Q 426 -51.40 15.82 -8.95
C TYR Q 426 -50.33 14.77 -8.78
N VAL Q 427 -49.73 14.32 -9.88
CA VAL Q 427 -48.74 13.26 -9.87
C VAL Q 427 -47.37 13.87 -10.16
N TYR Q 428 -46.42 13.60 -9.28
CA TYR Q 428 -45.07 14.14 -9.38
C TYR Q 428 -44.10 13.05 -9.80
N ASN Q 429 -43.20 13.39 -10.71
CA ASN Q 429 -42.09 12.51 -11.05
C ASN Q 429 -40.79 13.27 -10.83
N ARG Q 430 -39.80 12.59 -10.25
CA ARG Q 430 -38.50 13.21 -10.05
C ARG Q 430 -37.74 13.23 -11.36
N ASN Q 431 -36.77 14.12 -11.45
CA ASN Q 431 -35.97 14.23 -12.68
C ASN Q 431 -34.78 13.28 -12.71
N LEU Q 432 -34.92 12.09 -12.15
CA LEU Q 432 -33.84 11.13 -12.23
C LEU Q 432 -33.57 10.72 -13.68
N PRO Q 433 -32.34 10.36 -14.01
CA PRO Q 433 -32.04 9.90 -15.36
C PRO Q 433 -32.68 8.54 -15.64
N LYS Q 434 -32.98 8.31 -16.91
CA LYS Q 434 -33.73 7.14 -17.33
C LYS Q 434 -33.05 6.51 -18.54
N SER Q 435 -33.42 5.25 -18.83
CA SER Q 435 -32.69 4.42 -19.79
C SER Q 435 -33.70 3.70 -20.68
N LEU Q 436 -34.04 4.36 -21.79
CA LEU Q 436 -35.12 3.89 -22.65
C LEU Q 436 -34.93 2.47 -23.14
N ILE Q 437 -33.69 2.01 -23.34
CA ILE Q 437 -33.51 0.64 -23.79
C ILE Q 437 -33.88 -0.37 -22.71
N GLU Q 438 -33.54 -0.09 -21.46
CA GLU Q 438 -33.98 -0.95 -20.37
C GLU Q 438 -35.49 -0.87 -20.19
N GLU Q 439 -36.06 0.33 -20.31
CA GLU Q 439 -37.49 0.44 -20.08
C GLU Q 439 -38.27 -0.25 -21.19
N LEU Q 440 -37.85 -0.10 -22.44
CA LEU Q 440 -38.51 -0.85 -23.51
C LEU Q 440 -38.42 -2.34 -23.26
N LYS Q 441 -37.24 -2.84 -22.91
CA LYS Q 441 -37.16 -4.28 -22.71
C LYS Q 441 -38.05 -4.73 -21.57
N ALA Q 442 -38.21 -3.88 -20.55
CA ALA Q 442 -39.08 -4.22 -19.42
C ALA Q 442 -40.55 -4.05 -19.74
N TYR Q 443 -40.89 -3.21 -20.71
CA TYR Q 443 -42.29 -3.01 -21.08
C TYR Q 443 -42.77 -4.02 -22.09
N ILE Q 444 -41.90 -4.44 -23.00
CA ILE Q 444 -42.34 -5.42 -23.98
C ILE Q 444 -42.23 -6.81 -23.41
N ASP Q 445 -41.19 -7.10 -22.63
CA ASP Q 445 -41.37 -8.23 -21.75
C ASP Q 445 -42.52 -7.86 -20.84
N SER Q 446 -43.20 -8.86 -20.30
CA SER Q 446 -44.37 -8.61 -19.48
C SER Q 446 -45.59 -8.15 -20.27
N GLY Q 447 -45.58 -8.32 -21.60
CA GLY Q 447 -46.81 -8.20 -22.37
C GLY Q 447 -47.20 -6.85 -22.93
N GLY Q 448 -46.30 -5.88 -23.00
CA GLY Q 448 -46.67 -4.61 -23.58
C GLY Q 448 -46.84 -4.68 -25.10
N LYS Q 449 -47.54 -3.69 -25.64
CA LYS Q 449 -47.75 -3.56 -27.08
C LYS Q 449 -47.41 -2.15 -27.52
N ILE Q 450 -46.85 -2.00 -28.72
CA ILE Q 450 -46.55 -0.70 -29.29
C ILE Q 450 -46.87 -0.69 -30.77
N SER Q 451 -47.47 0.40 -31.25
CA SER Q 451 -47.69 0.57 -32.68
C SER Q 451 -46.36 0.83 -33.38
N GLN Q 452 -46.23 0.29 -34.59
CA GLN Q 452 -44.97 0.39 -35.32
C GLN Q 452 -44.49 1.83 -35.44
N THR Q 453 -45.38 2.75 -35.78
CA THR Q 453 -44.93 4.14 -35.94
C THR Q 453 -44.40 4.72 -34.64
N THR Q 454 -44.99 4.35 -33.51
CA THR Q 454 -44.49 4.83 -32.23
C THR Q 454 -43.13 4.22 -31.92
N LEU Q 455 -43.04 2.90 -32.08
CA LEU Q 455 -41.77 2.24 -31.80
C LEU Q 455 -40.67 2.88 -32.63
N MET Q 456 -40.93 3.12 -33.92
CA MET Q 456 -39.93 3.78 -34.74
C MET Q 456 -39.64 5.17 -34.22
N SER Q 457 -40.66 5.87 -33.72
CA SER Q 457 -40.42 7.22 -33.23
C SER Q 457 -39.50 7.23 -32.03
N LEU Q 458 -39.32 6.08 -31.37
CA LEU Q 458 -38.41 6.09 -30.23
C LEU Q 458 -36.94 6.01 -30.62
N PHE Q 459 -36.61 5.51 -31.80
CA PHE Q 459 -35.22 5.28 -32.21
C PHE Q 459 -34.82 6.28 -33.28
N SER Q 460 -33.73 7.01 -33.04
CA SER Q 460 -33.32 8.09 -33.91
C SER Q 460 -32.46 7.67 -35.09
N PHE Q 461 -32.20 6.38 -35.30
CA PHE Q 461 -31.50 6.03 -36.54
C PHE Q 461 -32.43 5.99 -37.75
N PHE Q 462 -33.75 5.96 -37.52
CA PHE Q 462 -34.71 6.06 -38.61
C PHE Q 462 -34.77 7.50 -39.07
N GLN Q 463 -34.26 7.77 -40.28
CA GLN Q 463 -34.26 9.14 -40.76
C GLN Q 463 -35.66 9.62 -41.12
N ASP Q 464 -36.54 8.73 -41.55
CA ASP Q 464 -37.94 9.08 -41.83
C ASP Q 464 -38.85 8.01 -41.24
N PRO Q 465 -39.26 8.20 -39.99
CA PRO Q 465 -40.06 7.17 -39.30
C PRO Q 465 -41.35 6.81 -39.98
N GLU Q 466 -41.89 7.65 -40.85
CA GLU Q 466 -43.15 7.32 -41.51
C GLU Q 466 -42.93 6.78 -42.91
N LEU Q 467 -42.04 7.39 -43.68
CA LEU Q 467 -41.72 6.86 -45.01
C LEU Q 467 -41.29 5.41 -44.90
N GLU Q 468 -40.58 5.07 -43.82
CA GLU Q 468 -40.14 3.69 -43.64
C GLU Q 468 -41.30 2.71 -43.73
N VAL Q 469 -42.50 3.09 -43.30
CA VAL Q 469 -43.62 2.14 -43.34
C VAL Q 469 -43.97 1.79 -44.79
N LYS Q 470 -44.02 2.79 -45.66
CA LYS Q 470 -44.26 2.50 -47.07
C LYS Q 470 -43.15 1.64 -47.62
N LYS Q 471 -41.92 1.98 -47.27
CA LYS Q 471 -40.76 1.24 -47.77
C LYS Q 471 -40.78 -0.20 -47.28
N ILE Q 472 -41.42 -0.46 -46.15
CA ILE Q 472 -41.57 -1.82 -45.67
C ILE Q 472 -42.68 -2.53 -46.42
N GLU Q 473 -43.77 -1.82 -46.70
CA GLU Q 473 -44.86 -2.44 -47.45
C GLU Q 473 -44.39 -2.90 -48.81
N GLU Q 474 -43.55 -2.11 -49.49
CA GLU Q 474 -43.07 -2.54 -50.80
C GLU Q 474 -42.33 -3.87 -50.72
N ASP Q 475 -41.40 -3.96 -49.77
CA ASP Q 475 -40.64 -5.20 -49.58
C ASP Q 475 -41.55 -6.36 -49.22
N GLU Q 476 -42.39 -6.17 -48.21
CA GLU Q 476 -43.28 -7.23 -47.75
C GLU Q 476 -44.27 -7.63 -48.82
N LYS Q 477 -44.53 -6.77 -49.80
CA LYS Q 477 -45.41 -7.12 -50.89
C LYS Q 477 -44.68 -7.99 -51.90
N GLU Q 478 -43.48 -7.57 -52.30
CA GLU Q 478 -42.74 -8.38 -53.25
C GLU Q 478 -42.29 -9.70 -52.64
N SER Q 479 -42.28 -9.81 -51.32
CA SER Q 479 -41.97 -11.10 -50.69
C SER Q 479 -43.08 -12.12 -50.88
N ILE Q 480 -44.28 -11.68 -51.28
CA ILE Q 480 -45.39 -12.60 -51.48
C ILE Q 480 -45.27 -13.37 -52.78
N LYS Q 481 -44.47 -12.89 -53.72
CA LYS Q 481 -44.37 -13.48 -55.04
C LYS Q 481 -43.25 -14.50 -55.11
N MET R 1 -3.44 66.19 -4.58
CA MET R 1 -4.85 65.95 -4.97
C MET R 1 -5.82 66.22 -3.83
N LEU R 2 -6.91 66.89 -4.12
CA LEU R 2 -8.12 66.77 -3.34
C LEU R 2 -9.15 66.03 -4.20
N LYS R 3 -9.77 64.99 -3.64
CA LYS R 3 -10.70 64.22 -4.44
C LYS R 3 -11.82 65.11 -4.96
N VAL R 4 -12.07 66.21 -4.24
CA VAL R 4 -13.04 67.23 -4.66
C VAL R 4 -12.76 67.79 -6.04
N ASN R 5 -11.48 67.88 -6.45
CA ASN R 5 -11.16 68.44 -7.76
C ASN R 5 -10.25 67.55 -8.61
N GLU R 6 -10.15 66.27 -8.28
CA GLU R 6 -9.59 65.34 -9.25
C GLU R 6 -10.37 65.40 -10.56
N PHE R 7 -11.66 65.69 -10.50
CA PHE R 7 -12.48 65.84 -11.70
C PHE R 7 -12.00 67.00 -12.55
N GLU R 8 -11.85 68.18 -11.94
CA GLU R 8 -11.42 69.34 -12.70
C GLU R 8 -10.01 69.18 -13.26
N THR R 9 -9.12 68.50 -12.53
CA THR R 9 -7.84 68.14 -13.14
C THR R 9 -7.96 67.08 -14.22
N ASP R 10 -9.07 66.33 -14.25
CA ASP R 10 -9.15 65.10 -15.03
C ASP R 10 -8.08 64.10 -14.59
N THR R 11 -7.89 64.02 -13.27
CA THR R 11 -7.13 62.94 -12.65
C THR R 11 -8.06 61.82 -12.20
N ASP R 12 -9.31 62.18 -11.93
CA ASP R 12 -10.40 61.27 -11.57
C ASP R 12 -10.28 59.93 -12.30
N LEU R 13 -10.03 58.87 -11.55
CA LEU R 13 -9.33 57.70 -12.05
C LEU R 13 -10.16 56.95 -13.09
N ARG R 14 -9.60 56.85 -14.29
CA ARG R 14 -10.19 56.20 -15.45
C ARG R 14 -9.73 54.76 -15.60
N GLY R 15 -10.68 53.85 -15.86
CA GLY R 15 -10.39 52.44 -16.05
C GLY R 15 -10.55 51.49 -14.88
N ASN R 16 -11.57 51.69 -14.03
CA ASN R 16 -11.65 51.05 -12.73
C ASN R 16 -12.87 50.14 -12.57
N ILE R 17 -14.04 50.75 -12.41
CA ILE R 17 -15.30 50.09 -12.05
C ILE R 17 -15.54 48.74 -12.71
N ASN R 18 -15.92 47.75 -11.89
CA ASN R 18 -16.25 46.41 -12.34
C ASN R 18 -17.53 46.39 -13.16
N TYR R 19 -17.47 45.72 -14.31
CA TYR R 19 -18.56 45.73 -15.29
C TYR R 19 -19.56 44.60 -15.14
N LEU R 20 -19.13 43.41 -14.76
CA LEU R 20 -20.05 42.27 -14.78
C LEU R 20 -21.14 42.40 -13.72
N PHE R 21 -20.77 42.81 -12.51
CA PHE R 21 -21.67 42.81 -11.37
C PHE R 21 -22.19 44.19 -11.05
N ASN R 22 -22.09 45.13 -11.97
CA ASN R 22 -22.66 46.44 -11.75
C ASN R 22 -24.18 46.32 -11.70
N ASP R 23 -24.80 47.25 -10.99
CA ASP R 23 -26.25 47.20 -10.83
C ASP R 23 -26.99 47.69 -12.06
N GLU R 24 -26.37 48.57 -12.85
CA GLU R 24 -27.04 49.11 -14.02
C GLU R 24 -27.03 48.13 -15.18
N ALA R 25 -25.99 47.33 -15.34
CA ALA R 25 -25.99 46.37 -16.41
C ALA R 25 -26.98 45.26 -16.08
N ASN R 26 -27.43 44.55 -17.11
CA ASN R 26 -28.39 43.47 -16.97
C ASN R 26 -29.79 43.89 -16.57
N VAL R 27 -30.08 45.16 -16.29
CA VAL R 27 -31.46 45.57 -16.06
C VAL R 27 -32.32 45.36 -17.30
N VAL R 28 -33.62 45.16 -17.08
CA VAL R 28 -34.63 45.08 -18.13
C VAL R 28 -35.27 46.44 -18.32
N TYR R 29 -35.23 46.96 -19.54
CA TYR R 29 -35.81 48.27 -19.82
C TYR R 29 -37.32 48.20 -19.91
N THR R 30 -37.99 49.16 -19.27
CA THR R 30 -39.43 49.26 -19.37
C THR R 30 -39.85 50.69 -19.68
N TYR R 31 -41.04 50.82 -20.22
CA TYR R 31 -41.63 52.11 -20.55
C TYR R 31 -43.08 52.11 -20.11
N ASP R 32 -43.51 53.25 -19.54
CA ASP R 32 -44.87 53.38 -19.01
C ASP R 32 -45.89 53.65 -20.10
N GLY R 33 -45.51 54.32 -21.19
CA GLY R 33 -46.46 54.69 -22.22
C GLY R 33 -46.65 53.64 -23.29
N THR R 34 -47.62 53.90 -24.16
CA THR R 34 -47.85 53.03 -25.29
C THR R 34 -46.76 53.22 -26.35
N GLU R 35 -46.81 52.37 -27.36
CA GLU R 35 -45.92 52.51 -28.49
C GLU R 35 -46.03 53.90 -29.10
N SER R 36 -47.25 54.41 -29.24
CA SER R 36 -47.41 55.76 -29.80
C SER R 36 -46.78 56.80 -28.89
N ASP R 37 -46.97 56.66 -27.58
CA ASP R 37 -46.41 57.64 -26.66
C ASP R 37 -44.89 57.65 -26.73
N LEU R 38 -44.31 56.50 -27.06
CA LEU R 38 -42.86 56.44 -27.21
C LEU R 38 -42.42 57.00 -28.55
N LEU R 39 -43.07 56.56 -29.61
CA LEU R 39 -42.65 56.92 -30.96
C LEU R 39 -42.79 58.40 -31.24
N GLN R 40 -43.79 59.08 -30.65
CA GLN R 40 -43.89 60.51 -30.86
C GLN R 40 -42.79 61.29 -30.15
N ASN R 41 -42.13 60.67 -29.17
CA ASN R 41 -41.10 61.34 -28.39
C ASN R 41 -39.78 60.59 -28.53
N VAL R 42 -39.31 60.43 -29.76
CA VAL R 42 -38.15 59.61 -30.08
C VAL R 42 -36.93 59.88 -29.20
N ASN R 43 -36.83 61.07 -28.64
CA ASN R 43 -35.71 61.35 -27.74
C ASN R 43 -35.58 60.31 -26.63
N GLU R 44 -36.71 59.80 -26.12
CA GLU R 44 -36.65 58.75 -25.11
C GLU R 44 -35.78 57.59 -25.58
N VAL R 45 -36.00 57.16 -26.82
CA VAL R 45 -35.19 56.07 -27.34
C VAL R 45 -33.72 56.45 -27.33
N SER R 46 -33.43 57.74 -27.51
CA SER R 46 -32.03 58.17 -27.38
C SER R 46 -31.51 57.90 -25.99
N LYS R 47 -32.31 58.22 -24.96
CA LYS R 47 -31.86 57.94 -23.61
C LYS R 47 -31.59 56.45 -23.41
N TYR R 48 -32.49 55.60 -23.89
CA TYR R 48 -32.27 54.16 -23.71
C TYR R 48 -31.01 53.71 -24.43
N ILE R 49 -30.79 54.19 -25.66
CA ILE R 49 -29.60 53.81 -26.40
C ILE R 49 -28.34 54.22 -25.63
N GLU R 50 -28.34 55.46 -25.14
CA GLU R 50 -27.19 55.94 -24.38
C GLU R 50 -26.92 55.10 -23.15
N HIS R 51 -27.96 54.85 -22.35
CA HIS R 51 -27.79 53.97 -21.20
C HIS R 51 -27.21 52.62 -21.60
N HIS R 52 -27.71 52.05 -22.70
CA HIS R 52 -27.20 50.75 -23.11
C HIS R 52 -25.73 50.81 -23.44
N MET R 53 -25.30 51.89 -24.13
CA MET R 53 -23.88 52.03 -24.46
C MET R 53 -23.03 52.25 -23.21
N ASP R 54 -23.52 53.00 -22.24
CA ASP R 54 -22.68 53.30 -21.08
C ASP R 54 -22.62 52.17 -20.07
N TYR R 55 -23.61 51.29 -20.02
CA TYR R 55 -23.60 50.23 -19.01
C TYR R 55 -23.70 48.83 -19.61
N GLN R 56 -24.72 48.51 -20.37
CA GLN R 56 -24.86 47.12 -20.77
C GLN R 56 -23.78 46.69 -21.74
N ARG R 57 -23.46 47.50 -22.74
CA ARG R 57 -22.48 47.03 -23.72
C ARG R 57 -21.15 46.65 -23.09
N PRO R 58 -20.54 47.44 -22.21
CA PRO R 58 -19.29 47.00 -21.59
C PRO R 58 -19.32 45.60 -21.01
N ARG R 59 -20.39 45.24 -20.31
CA ARG R 59 -20.50 43.88 -19.77
C ARG R 59 -20.48 42.85 -20.88
N LEU R 60 -21.33 43.01 -21.88
CA LEU R 60 -21.38 42.04 -22.96
C LEU R 60 -20.03 41.97 -23.66
N LYS R 61 -19.34 43.10 -23.77
CA LYS R 61 -18.04 43.14 -24.42
C LYS R 61 -16.98 42.36 -23.64
N VAL R 62 -17.02 42.43 -22.30
CA VAL R 62 -16.08 41.65 -21.51
C VAL R 62 -16.38 40.16 -21.65
N LEU R 63 -17.66 39.80 -21.60
CA LEU R 63 -18.03 38.40 -21.76
C LEU R 63 -17.58 37.87 -23.12
N SER R 64 -17.74 38.67 -24.16
CA SER R 64 -17.25 38.29 -25.47
C SER R 64 -15.74 38.14 -25.50
N ASP R 65 -15.00 39.07 -24.88
CA ASP R 65 -13.55 38.95 -24.91
C ASP R 65 -13.09 37.67 -24.23
N TYR R 66 -13.77 37.26 -23.17
CA TYR R 66 -13.36 36.00 -22.57
C TYR R 66 -13.70 34.83 -23.47
N TYR R 67 -14.81 34.91 -24.20
CA TYR R 67 -15.09 33.82 -25.12
C TYR R 67 -14.06 33.76 -26.24
N GLU R 68 -13.53 34.90 -26.64
CA GLU R 68 -12.49 34.93 -27.64
C GLU R 68 -11.10 34.68 -27.05
N GLY R 69 -11.00 34.46 -25.75
CA GLY R 69 -9.71 34.20 -25.14
C GLY R 69 -8.84 35.41 -24.88
N LYS R 70 -9.37 36.62 -25.08
CA LYS R 70 -8.63 37.85 -24.77
C LYS R 70 -8.79 38.21 -23.29
N THR R 71 -8.42 37.27 -22.43
CA THR R 71 -8.62 37.47 -21.00
C THR R 71 -7.84 38.67 -20.49
N LYS R 72 -8.22 39.14 -19.31
CA LYS R 72 -7.60 40.31 -18.71
C LYS R 72 -6.09 40.21 -18.68
N ASN R 73 -5.56 39.00 -18.45
CA ASN R 73 -4.11 38.86 -18.33
C ASN R 73 -3.38 39.21 -19.61
N LEU R 74 -3.99 39.03 -20.78
CA LEU R 74 -3.30 39.40 -22.01
C LEU R 74 -3.28 40.91 -22.21
N VAL R 75 -4.35 41.61 -21.85
CA VAL R 75 -4.42 43.04 -22.14
C VAL R 75 -3.90 43.96 -21.04
N GLU R 76 -3.91 43.54 -19.77
CA GLU R 76 -3.47 44.42 -18.70
C GLU R 76 -1.94 44.49 -18.62
N LEU R 77 -1.35 45.03 -19.68
CA LEU R 77 0.10 45.21 -19.78
C LEU R 77 0.64 46.28 -18.84
N THR R 78 -0.24 47.04 -18.18
CA THR R 78 0.18 48.21 -17.40
C THR R 78 1.26 47.91 -16.36
N ARG R 79 1.21 46.76 -15.70
CA ARG R 79 2.18 46.44 -14.65
C ARG R 79 3.19 45.37 -15.03
N ARG R 80 3.31 45.05 -16.32
CA ARG R 80 4.25 44.03 -16.75
C ARG R 80 5.66 44.59 -16.86
N LYS R 81 6.63 43.69 -17.00
CA LYS R 81 8.05 43.98 -17.08
C LYS R 81 8.60 43.30 -18.33
N GLU R 82 9.40 44.03 -19.13
CA GLU R 82 9.99 43.43 -20.33
C GLU R 82 11.31 44.11 -20.70
N GLU R 83 11.99 44.68 -19.70
CA GLU R 83 13.28 45.31 -19.94
C GLU R 83 14.35 44.30 -20.39
N TYR R 84 14.31 43.08 -19.87
CA TYR R 84 15.20 42.05 -20.40
C TYR R 84 14.58 40.66 -20.35
N MET R 85 13.67 40.42 -19.42
CA MET R 85 12.97 39.14 -19.36
C MET R 85 11.87 39.07 -20.42
N ALA R 86 11.33 37.87 -20.61
CA ALA R 86 10.18 37.69 -21.49
C ALA R 86 8.89 38.06 -20.75
N ASP R 87 7.84 38.33 -21.54
CA ASP R 87 6.57 38.75 -20.95
C ASP R 87 5.80 37.58 -20.33
N ASN R 88 5.74 36.43 -21.00
CA ASN R 88 5.10 35.22 -20.48
C ASN R 88 3.68 35.45 -19.98
N ARG R 89 2.95 36.40 -20.53
CA ARG R 89 1.52 36.52 -20.23
C ARG R 89 0.74 35.38 -20.89
N VAL R 90 -0.35 34.95 -20.24
CA VAL R 90 -1.07 33.75 -20.64
C VAL R 90 -2.58 33.89 -20.50
N ALA R 91 -3.31 33.18 -21.37
CA ALA R 91 -4.78 33.08 -21.33
C ALA R 91 -5.17 31.63 -21.54
N HIS R 92 -6.11 31.11 -20.74
CA HIS R 92 -6.42 29.68 -20.77
C HIS R 92 -7.67 29.25 -21.53
N ASP R 93 -8.55 30.14 -21.97
CA ASP R 93 -9.69 29.75 -22.83
C ASP R 93 -10.73 28.84 -22.14
N TYR R 94 -10.84 28.90 -20.82
CA TYR R 94 -11.89 28.14 -20.17
C TYR R 94 -13.26 28.56 -20.67
N ALA R 95 -13.43 29.84 -21.02
CA ALA R 95 -14.73 30.32 -21.45
C ALA R 95 -15.20 29.59 -22.71
N SER R 96 -14.31 29.44 -23.68
CA SER R 96 -14.69 28.72 -24.89
C SER R 96 -14.95 27.27 -24.60
N TYR R 97 -14.07 26.63 -23.81
CA TYR R 97 -14.28 25.22 -23.51
C TYR R 97 -15.67 24.99 -22.89
N ILE R 98 -15.99 25.77 -21.87
CA ILE R 98 -17.27 25.65 -21.18
C ILE R 98 -18.44 25.89 -22.13
N SER R 99 -18.45 27.02 -22.83
CA SER R 99 -19.64 27.38 -23.58
C SER R 99 -19.87 26.48 -24.77
N ASP R 100 -18.82 25.99 -25.42
CA ASP R 100 -19.07 25.02 -26.48
C ASP R 100 -19.57 23.71 -25.93
N PHE R 101 -19.05 23.26 -24.80
CA PHE R 101 -19.55 22.01 -24.24
C PHE R 101 -21.02 22.11 -23.88
N ILE R 102 -21.39 23.15 -23.13
CA ILE R 102 -22.77 23.30 -22.67
C ILE R 102 -23.73 23.47 -23.83
N ASN R 103 -23.35 24.26 -24.85
CA ASN R 103 -24.26 24.43 -25.96
C ASN R 103 -24.38 23.19 -26.81
N GLY R 104 -23.29 22.46 -27.03
CA GLY R 104 -23.40 21.22 -27.77
C GLY R 104 -24.29 20.22 -27.05
N TYR R 105 -24.19 20.16 -25.73
CA TYR R 105 -25.07 19.26 -25.00
C TYR R 105 -26.53 19.66 -25.17
N PHE R 106 -26.83 20.96 -25.18
CA PHE R 106 -28.22 21.38 -25.28
C PHE R 106 -28.78 21.20 -26.69
N LEU R 107 -28.16 21.83 -27.67
CA LEU R 107 -28.72 21.93 -29.02
C LEU R 107 -27.91 21.19 -30.08
N GLY R 108 -26.99 20.33 -29.67
CA GLY R 108 -26.29 19.58 -30.69
C GLY R 108 -27.18 18.63 -31.47
N ASN R 109 -28.33 18.27 -30.92
CA ASN R 109 -29.24 17.36 -31.59
C ASN R 109 -30.50 18.16 -31.98
N PRO R 110 -30.85 18.25 -33.26
CA PRO R 110 -31.92 19.16 -33.68
C PRO R 110 -33.24 18.98 -32.94
N ILE R 111 -33.92 20.10 -32.72
CA ILE R 111 -35.28 20.09 -32.17
C ILE R 111 -36.24 19.52 -33.20
N GLN R 112 -37.10 18.59 -32.76
CA GLN R 112 -38.13 18.01 -33.61
C GLN R 112 -39.47 18.68 -33.36
N TYR R 113 -40.36 18.60 -34.35
CA TYR R 113 -41.66 19.24 -34.29
C TYR R 113 -42.76 18.22 -34.53
N GLN R 114 -43.83 18.30 -33.74
CA GLN R 114 -45.00 17.48 -33.95
C GLN R 114 -46.24 18.34 -33.98
N ASP R 115 -47.22 17.94 -34.79
CA ASP R 115 -48.50 18.63 -34.77
C ASP R 115 -49.59 17.67 -35.23
N ASP R 116 -50.83 17.99 -34.85
CA ASP R 116 -51.97 17.19 -35.29
C ASP R 116 -52.43 17.54 -36.70
N ASP R 117 -52.10 18.73 -37.20
CA ASP R 117 -52.49 19.15 -38.54
C ASP R 117 -51.27 19.19 -39.46
N LYS R 118 -51.32 18.40 -40.53
CA LYS R 118 -50.19 18.37 -41.44
C LYS R 118 -50.02 19.66 -42.23
N ASP R 119 -51.06 20.47 -42.42
CA ASP R 119 -50.84 21.72 -43.14
C ASP R 119 -49.94 22.63 -42.32
N VAL R 120 -50.21 22.75 -41.02
CA VAL R 120 -49.36 23.56 -40.18
C VAL R 120 -47.99 22.95 -40.07
N LEU R 121 -47.93 21.63 -39.87
CA LEU R 121 -46.62 21.00 -39.76
C LEU R 121 -45.77 21.21 -41.00
N GLU R 122 -46.37 21.11 -42.19
CA GLU R 122 -45.58 21.30 -43.40
C GLU R 122 -45.25 22.76 -43.65
N ALA R 123 -46.07 23.69 -43.16
CA ALA R 123 -45.68 25.09 -43.31
C ALA R 123 -44.50 25.42 -42.42
N ILE R 124 -44.51 24.85 -41.21
CA ILE R 124 -43.39 25.02 -40.30
C ILE R 124 -42.14 24.41 -40.90
N GLU R 125 -42.24 23.17 -41.36
CA GLU R 125 -41.07 22.50 -41.93
C GLU R 125 -40.53 23.24 -43.14
N ALA R 126 -41.42 23.82 -43.97
CA ALA R 126 -40.94 24.58 -45.12
C ALA R 126 -40.14 25.79 -44.68
N PHE R 127 -40.68 26.53 -43.70
CA PHE R 127 -39.95 27.70 -43.20
C PHE R 127 -38.62 27.30 -42.58
N ASN R 128 -38.61 26.21 -41.80
CA ASN R 128 -37.38 25.76 -41.16
C ASN R 128 -36.33 25.38 -42.19
N ASP R 129 -36.73 24.69 -43.25
CA ASP R 129 -35.75 24.32 -44.25
C ASP R 129 -35.23 25.55 -44.98
N LEU R 130 -36.12 26.46 -45.34
CA LEU R 130 -35.67 27.67 -46.02
C LEU R 130 -34.66 28.44 -45.17
N ASN R 131 -34.91 28.56 -43.87
CA ASN R 131 -34.03 29.34 -43.00
C ASN R 131 -32.93 28.53 -42.32
N ASP R 132 -32.75 27.25 -42.65
CA ASP R 132 -31.69 26.47 -42.01
C ASP R 132 -31.76 26.59 -40.49
N VAL R 133 -32.98 26.48 -39.97
CA VAL R 133 -33.23 26.76 -38.56
C VAL R 133 -32.38 25.91 -37.63
N GLU R 134 -31.93 24.74 -38.04
CA GLU R 134 -31.08 23.94 -37.16
C GLU R 134 -29.81 24.70 -36.75
N SER R 135 -29.08 25.23 -37.74
CA SER R 135 -27.87 25.99 -37.43
C SER R 135 -28.21 27.26 -36.68
N HIS R 136 -29.31 27.89 -37.05
CA HIS R 136 -29.73 29.10 -36.36
C HIS R 136 -29.95 28.83 -34.89
N ASN R 137 -30.69 27.77 -34.58
CA ASN R 137 -30.93 27.42 -33.19
C ASN R 137 -29.62 27.17 -32.45
N ARG R 138 -28.67 26.49 -33.08
CA ARG R 138 -27.39 26.31 -32.39
C ARG R 138 -26.72 27.65 -32.09
N SER R 139 -26.79 28.59 -33.02
CA SER R 139 -26.07 29.83 -32.78
C SER R 139 -26.78 30.72 -31.78
N LEU R 140 -28.10 30.62 -31.68
CA LEU R 140 -28.77 31.25 -30.56
C LEU R 140 -28.32 30.62 -29.26
N GLY R 141 -28.31 29.29 -29.19
CA GLY R 141 -27.98 28.65 -27.93
C GLY R 141 -26.57 28.97 -27.47
N LEU R 142 -25.72 29.37 -28.40
CA LEU R 142 -24.40 29.82 -27.99
C LEU R 142 -24.37 31.27 -27.56
N ASP R 143 -25.10 32.17 -28.23
CA ASP R 143 -25.23 33.49 -27.62
C ASP R 143 -25.87 33.41 -26.24
N LEU R 144 -26.83 32.50 -26.05
CA LEU R 144 -27.37 32.29 -24.71
C LEU R 144 -26.30 31.85 -23.73
N SER R 145 -25.29 31.15 -24.22
CA SER R 145 -24.28 30.68 -23.28
C SER R 145 -23.27 31.77 -22.96
N ILE R 146 -22.96 32.63 -23.93
CA ILE R 146 -21.98 33.68 -23.71
C ILE R 146 -22.61 34.88 -23.02
N TYR R 147 -23.57 35.52 -23.66
CA TYR R 147 -24.13 36.77 -23.15
C TYR R 147 -25.27 36.55 -22.17
N GLY R 148 -25.75 35.33 -22.03
CA GLY R 148 -26.91 35.08 -21.22
C GLY R 148 -28.22 35.42 -21.90
N LYS R 149 -28.18 35.96 -23.12
CA LYS R 149 -29.41 36.27 -23.83
C LYS R 149 -29.09 36.30 -25.33
N ALA R 150 -30.13 36.19 -26.15
CA ALA R 150 -29.92 36.28 -27.59
C ALA R 150 -31.15 36.83 -28.27
N TYR R 151 -30.97 37.39 -29.48
CA TYR R 151 -32.05 38.01 -30.22
C TYR R 151 -32.18 37.42 -31.61
N GLU R 152 -33.42 37.35 -32.11
CA GLU R 152 -33.65 36.99 -33.50
C GLU R 152 -34.66 37.93 -34.13
N LEU R 153 -34.39 38.31 -35.38
CA LEU R 153 -35.20 39.23 -36.15
C LEU R 153 -35.83 38.50 -37.33
N MET R 154 -37.11 38.72 -37.55
CA MET R 154 -37.83 38.09 -38.66
C MET R 154 -38.32 39.17 -39.61
N ILE R 155 -38.02 39.03 -40.90
CA ILE R 155 -38.37 40.05 -41.89
C ILE R 155 -38.87 39.41 -43.18
N ARG R 156 -39.87 40.05 -43.80
CA ARG R 156 -40.32 39.65 -45.13
C ARG R 156 -39.41 40.30 -46.15
N ASN R 157 -38.62 39.48 -46.84
CA ASN R 157 -37.56 39.91 -47.74
C ASN R 157 -38.12 40.56 -49.00
N GLN R 158 -37.20 41.20 -49.74
CA GLN R 158 -37.55 41.84 -51.00
C GLN R 158 -38.01 40.81 -52.02
N ASP R 159 -37.40 39.62 -52.01
CA ASP R 159 -37.83 38.54 -52.88
C ASP R 159 -39.10 37.87 -52.39
N ASP R 160 -39.78 38.46 -51.43
CA ASP R 160 -41.06 37.94 -50.91
C ASP R 160 -40.90 36.57 -50.28
N GLU R 161 -40.07 36.53 -49.23
CA GLU R 161 -39.81 35.32 -48.47
C GLU R 161 -39.73 35.69 -46.99
N THR R 162 -40.12 34.79 -46.11
CA THR R 162 -39.99 35.06 -44.68
C THR R 162 -38.61 34.59 -44.23
N ARG R 163 -37.77 35.53 -43.80
CA ARG R 163 -36.41 35.21 -43.40
C ARG R 163 -36.21 35.47 -41.91
N LEU R 164 -35.35 34.66 -41.30
CA LEU R 164 -35.02 34.72 -39.88
C LEU R 164 -33.51 34.91 -39.72
N TYR R 165 -33.11 35.98 -39.04
CA TYR R 165 -31.70 36.30 -38.87
C TYR R 165 -31.40 36.58 -37.41
N LYS R 166 -30.27 36.07 -36.91
CA LYS R 166 -29.84 36.42 -35.57
C LYS R 166 -29.36 37.87 -35.54
N SER R 167 -29.66 38.57 -34.45
CA SER R 167 -29.22 39.94 -34.28
C SER R 167 -28.19 40.03 -33.18
N ASP R 168 -27.14 40.81 -33.42
CA ASP R 168 -25.98 40.80 -32.54
C ASP R 168 -26.36 41.36 -31.17
N ALA R 169 -26.05 40.60 -30.13
CA ALA R 169 -26.41 40.96 -28.77
C ALA R 169 -25.74 42.24 -28.27
N MET R 170 -24.57 42.57 -28.77
CA MET R 170 -23.94 43.84 -28.40
C MET R 170 -24.58 45.04 -29.06
N SER R 171 -25.50 44.85 -29.99
CA SER R 171 -26.07 45.96 -30.74
C SER R 171 -27.59 45.95 -30.76
N THR R 172 -28.23 45.13 -29.94
CA THR R 172 -29.68 45.02 -29.95
C THR R 172 -30.20 45.17 -28.54
N PHE R 173 -31.40 45.72 -28.41
CA PHE R 173 -32.12 45.57 -27.15
C PHE R 173 -33.60 45.78 -27.39
N ILE R 174 -34.40 45.48 -26.36
CA ILE R 174 -35.85 45.63 -26.42
C ILE R 174 -36.34 46.44 -25.22
N ILE R 175 -37.34 47.28 -25.47
CA ILE R 175 -38.00 48.09 -24.46
C ILE R 175 -39.38 47.46 -24.23
N TYR R 176 -39.65 47.08 -22.98
CA TYR R 176 -40.87 46.37 -22.62
C TYR R 176 -41.95 47.24 -21.99
N ASP R 177 -43.19 46.80 -22.19
CA ASP R 177 -44.36 47.35 -21.50
C ASP R 177 -44.18 47.27 -19.99
N ASN R 178 -44.60 48.32 -19.29
CA ASN R 178 -44.45 48.32 -17.83
C ASN R 178 -45.41 47.41 -17.08
N THR R 179 -46.46 46.89 -17.71
CA THR R 179 -47.39 46.04 -16.97
C THR R 179 -46.77 44.70 -16.61
N VAL R 180 -47.42 44.01 -15.67
CA VAL R 180 -46.94 42.70 -15.23
C VAL R 180 -46.79 41.73 -16.38
N GLU R 181 -47.52 41.95 -17.48
CA GLU R 181 -47.43 41.06 -18.64
C GLU R 181 -46.14 41.26 -19.42
N ARG R 182 -45.54 42.44 -19.31
CA ARG R 182 -44.32 42.83 -20.03
C ARG R 182 -44.31 42.38 -21.49
N ASN R 183 -45.27 42.89 -22.25
CA ASN R 183 -45.19 42.78 -23.70
C ASN R 183 -44.02 43.62 -24.19
N SER R 184 -43.45 43.25 -25.33
CA SER R 184 -42.38 44.05 -25.90
C SER R 184 -42.97 45.22 -26.67
N ILE R 185 -42.62 46.43 -26.24
CA ILE R 185 -43.12 47.64 -26.92
C ILE R 185 -42.31 47.92 -28.17
N ALA R 186 -40.99 48.00 -28.05
CA ALA R 186 -40.19 48.34 -29.23
C ALA R 186 -38.81 47.73 -29.13
N GLY R 187 -38.22 47.42 -30.27
CA GLY R 187 -36.87 46.88 -30.33
C GLY R 187 -35.96 47.82 -31.08
N VAL R 188 -34.69 47.84 -30.71
CA VAL R 188 -33.73 48.65 -31.46
C VAL R 188 -32.47 47.84 -31.77
N ARG R 189 -31.86 48.19 -32.90
CA ARG R 189 -30.57 47.68 -33.34
C ARG R 189 -29.73 48.88 -33.75
N TYR R 190 -28.46 48.90 -33.38
CA TYR R 190 -27.64 50.03 -33.82
C TYR R 190 -26.22 49.55 -34.07
N LEU R 191 -25.67 49.94 -35.21
CA LEU R 191 -24.37 49.47 -35.63
C LEU R 191 -23.46 50.65 -35.97
N ARG R 192 -22.20 50.54 -35.60
CA ARG R 192 -21.23 51.55 -35.99
C ARG R 192 -20.77 51.27 -37.41
N THR R 193 -21.09 52.17 -38.34
CA THR R 193 -20.33 52.25 -39.58
C THR R 193 -18.96 52.85 -39.27
N LYS R 194 -17.93 52.37 -39.95
CA LYS R 194 -16.65 53.06 -39.94
C LYS R 194 -15.93 52.83 -41.26
N PRO R 195 -15.12 53.79 -41.71
CA PRO R 195 -14.22 53.50 -42.82
C PRO R 195 -13.25 52.41 -42.42
N ILE R 196 -12.73 51.71 -43.43
CA ILE R 196 -11.82 50.60 -43.14
C ILE R 196 -10.40 51.07 -42.93
N ASP R 197 -10.02 52.22 -43.50
CA ASP R 197 -8.64 52.68 -43.55
C ASP R 197 -8.31 53.71 -42.47
N LYS R 198 -9.23 53.96 -41.53
CA LYS R 198 -9.21 55.16 -40.73
C LYS R 198 -10.15 54.95 -39.54
N THR R 199 -10.05 55.81 -38.53
CA THR R 199 -11.15 56.03 -37.60
C THR R 199 -11.82 57.35 -37.93
N ASP R 200 -13.14 57.33 -38.10
CA ASP R 200 -13.89 58.57 -38.27
C ASP R 200 -13.64 59.51 -37.09
N GLU R 201 -13.70 60.81 -37.36
CA GLU R 201 -13.41 61.80 -36.33
C GLU R 201 -14.48 61.75 -35.25
N ASP R 202 -15.74 61.90 -35.66
CA ASP R 202 -16.87 61.43 -34.89
C ASP R 202 -16.96 59.91 -34.96
N GLU R 203 -17.80 59.34 -34.09
CA GLU R 203 -18.27 57.97 -34.27
C GLU R 203 -19.70 58.03 -34.79
N VAL R 204 -19.95 57.38 -35.93
CA VAL R 204 -21.26 57.40 -36.57
C VAL R 204 -21.99 56.08 -36.35
N PHE R 205 -23.22 56.14 -35.84
CA PHE R 205 -24.07 54.99 -35.59
C PHE R 205 -25.32 55.04 -36.46
N THR R 206 -25.67 53.89 -37.04
CA THR R 206 -26.93 53.71 -37.75
C THR R 206 -27.89 53.04 -36.79
N VAL R 207 -29.10 53.58 -36.64
CA VAL R 207 -30.05 53.11 -35.64
C VAL R 207 -31.35 52.69 -36.33
N ASP R 208 -31.79 51.47 -36.05
CA ASP R 208 -33.07 50.95 -36.52
C ASP R 208 -33.99 50.71 -35.34
N LEU R 209 -35.18 51.31 -35.38
CA LEU R 209 -36.17 51.17 -34.32
C LEU R 209 -37.37 50.40 -34.89
N PHE R 210 -37.66 49.24 -34.31
CA PHE R 210 -38.72 48.36 -34.76
C PHE R 210 -39.92 48.50 -33.85
N THR R 211 -41.06 48.85 -34.42
CA THR R 211 -42.31 48.96 -33.70
C THR R 211 -43.23 47.81 -34.10
N SER R 212 -44.43 47.79 -33.51
CA SER R 212 -45.38 46.75 -33.89
C SER R 212 -45.96 46.95 -35.28
N HIS R 213 -45.72 48.10 -35.91
CA HIS R 213 -46.28 48.37 -37.23
C HIS R 213 -45.25 48.70 -38.30
N GLY R 214 -43.98 48.88 -37.96
CA GLY R 214 -43.02 49.22 -38.99
C GLY R 214 -41.64 49.46 -38.41
N VAL R 215 -40.70 49.70 -39.31
CA VAL R 215 -39.31 50.00 -38.99
C VAL R 215 -39.02 51.46 -39.28
N TYR R 216 -38.41 52.16 -38.32
CA TYR R 216 -37.96 53.53 -38.50
C TYR R 216 -36.44 53.53 -38.54
N ARG R 217 -35.85 54.23 -39.50
CA ARG R 217 -34.40 54.29 -39.61
C ARG R 217 -33.88 55.69 -39.31
N TYR R 218 -32.81 55.75 -38.52
CA TYR R 218 -32.22 57.02 -38.10
C TYR R 218 -30.70 56.95 -38.16
N LEU R 219 -30.10 58.12 -38.02
CA LEU R 219 -28.65 58.28 -37.95
C LEU R 219 -28.31 59.08 -36.70
N THR R 220 -27.12 58.80 -36.14
CA THR R 220 -26.67 59.46 -34.93
C THR R 220 -25.15 59.44 -34.86
N ASN R 221 -24.59 60.32 -34.04
CA ASN R 221 -23.17 60.32 -33.76
C ASN R 221 -23.00 60.29 -32.25
N ARG R 222 -21.88 59.74 -31.79
CA ARG R 222 -21.55 59.87 -30.38
C ARG R 222 -21.38 61.33 -29.99
N THR R 223 -20.73 62.12 -30.85
CA THR R 223 -20.45 63.53 -30.59
C THR R 223 -21.64 64.46 -30.80
N ASN R 224 -22.72 64.03 -31.45
CA ASN R 224 -23.91 64.87 -31.54
C ASN R 224 -24.84 64.71 -30.34
N GLY R 225 -24.41 63.98 -29.32
CA GLY R 225 -25.30 63.50 -28.27
C GLY R 225 -26.39 62.56 -28.73
N LEU R 226 -26.14 61.79 -29.78
CA LEU R 226 -27.10 60.82 -30.29
C LEU R 226 -28.45 61.43 -30.68
N LYS R 227 -28.46 62.66 -31.18
CA LYS R 227 -29.71 63.23 -31.68
C LYS R 227 -30.15 62.45 -32.91
N LEU R 228 -31.23 61.68 -32.77
CA LEU R 228 -31.75 60.85 -33.85
C LEU R 228 -32.24 61.71 -35.00
N THR R 229 -31.62 61.57 -36.17
CA THR R 229 -32.12 62.27 -37.34
C THR R 229 -32.62 61.24 -38.35
N PRO R 230 -33.86 61.35 -38.83
CA PRO R 230 -34.36 60.36 -39.78
C PRO R 230 -33.48 60.21 -40.99
N ARG R 231 -33.24 58.96 -41.37
CA ARG R 231 -32.53 58.66 -42.60
C ARG R 231 -33.47 58.83 -43.79
N GLU R 232 -32.89 59.00 -44.98
CA GLU R 232 -33.71 59.07 -46.18
C GLU R 232 -34.55 57.80 -46.32
N ASN R 233 -35.84 57.98 -46.57
CA ASN R 233 -36.80 56.88 -46.55
C ASN R 233 -36.74 56.18 -45.19
N SER R 234 -37.04 57.00 -44.17
CA SER R 234 -36.95 56.55 -42.79
C SER R 234 -37.88 55.38 -42.49
N PHE R 235 -39.15 55.51 -42.82
CA PHE R 235 -40.12 54.49 -42.45
C PHE R 235 -40.24 53.38 -43.48
N GLU R 236 -40.52 52.18 -42.99
CA GLU R 236 -40.75 51.01 -43.83
C GLU R 236 -41.76 50.13 -43.14
N SER R 237 -42.93 49.96 -43.73
CA SER R 237 -43.96 49.15 -43.11
C SER R 237 -43.61 47.67 -43.18
N HIS R 238 -44.04 46.93 -42.15
CA HIS R 238 -43.92 45.49 -42.12
C HIS R 238 -45.28 44.90 -41.76
N SER R 239 -45.58 43.74 -42.31
CA SER R 239 -46.92 43.18 -42.23
C SER R 239 -47.20 42.34 -40.99
N PHE R 240 -46.27 42.25 -40.04
CA PHE R 240 -46.62 41.59 -38.80
C PHE R 240 -47.52 42.52 -38.00
N GLU R 241 -48.01 42.03 -36.87
CA GLU R 241 -48.86 42.86 -36.01
C GLU R 241 -48.29 42.94 -34.60
N ARG R 242 -47.00 42.62 -34.47
CA ARG R 242 -46.29 42.70 -33.20
C ARG R 242 -44.83 42.91 -33.53
N MET R 243 -44.08 43.43 -32.57
CA MET R 243 -42.70 43.80 -32.84
C MET R 243 -41.91 42.58 -33.31
N PRO R 244 -41.17 42.66 -34.41
CA PRO R 244 -40.55 41.45 -34.98
C PRO R 244 -39.43 40.83 -34.16
N ILE R 245 -38.70 41.58 -33.35
CA ILE R 245 -37.57 41.00 -32.64
C ILE R 245 -38.06 40.12 -31.49
N THR R 246 -37.39 39.00 -31.29
CA THR R 246 -37.67 38.10 -30.18
C THR R 246 -36.41 37.97 -29.34
N GLU R 247 -36.57 37.93 -28.02
CA GLU R 247 -35.48 37.76 -27.08
C GLU R 247 -35.59 36.42 -26.36
N PHE R 248 -34.49 35.68 -26.37
CA PHE R 248 -34.36 34.42 -25.66
C PHE R 248 -33.44 34.64 -24.47
N SER R 249 -33.71 33.98 -23.35
CA SER R 249 -32.93 34.16 -22.13
C SER R 249 -32.23 32.87 -21.75
N ASN R 250 -31.01 32.97 -21.22
CA ASN R 250 -30.34 31.77 -20.74
C ASN R 250 -31.03 31.23 -19.50
N ASN R 251 -31.55 32.11 -18.67
CA ASN R 251 -32.24 31.75 -17.44
C ASN R 251 -33.02 32.97 -16.98
N GLU R 252 -33.64 32.84 -15.81
CA GLU R 252 -34.39 33.96 -15.26
C GLU R 252 -33.54 35.23 -15.16
N ARG R 253 -32.29 35.10 -14.72
CA ARG R 253 -31.44 36.27 -14.53
C ARG R 253 -30.69 36.73 -15.77
N ARG R 254 -30.80 36.04 -16.90
CA ARG R 254 -30.03 36.39 -18.10
C ARG R 254 -28.53 36.48 -17.83
N LYS R 255 -27.98 35.50 -17.12
CA LYS R 255 -26.56 35.46 -16.80
C LYS R 255 -25.83 34.36 -17.58
N GLY R 256 -24.62 34.68 -18.04
CA GLY R 256 -23.87 33.78 -18.88
C GLY R 256 -23.35 32.57 -18.12
N ASP R 257 -23.06 31.50 -18.87
CA ASP R 257 -22.74 30.22 -18.25
C ASP R 257 -21.40 30.20 -17.54
N TYR R 258 -20.47 31.09 -17.87
CA TYR R 258 -19.23 31.22 -17.12
C TYR R 258 -19.07 32.62 -16.54
N GLU R 259 -20.11 33.45 -16.61
CA GLU R 259 -20.00 34.79 -16.08
C GLU R 259 -19.61 34.81 -14.62
N LYS R 260 -19.97 33.77 -13.87
CA LYS R 260 -19.73 33.75 -12.44
C LYS R 260 -18.38 33.17 -12.02
N VAL R 261 -17.57 32.69 -12.96
CA VAL R 261 -16.28 32.10 -12.63
C VAL R 261 -15.12 32.84 -13.28
N ILE R 262 -15.39 33.98 -13.90
CA ILE R 262 -14.32 34.74 -14.53
C ILE R 262 -13.23 35.08 -13.53
N THR R 263 -13.57 35.31 -12.26
CA THR R 263 -12.52 35.59 -11.31
C THR R 263 -11.63 34.39 -11.07
N LEU R 264 -12.17 33.18 -11.16
CA LEU R 264 -11.30 32.01 -11.01
C LEU R 264 -10.47 31.81 -12.27
N ILE R 265 -11.02 32.14 -13.43
CA ILE R 265 -10.22 32.05 -14.64
C ILE R 265 -9.05 33.01 -14.55
N ASP R 266 -9.30 34.23 -14.07
CA ASP R 266 -8.23 35.19 -13.86
C ASP R 266 -7.19 34.68 -12.87
N LEU R 267 -7.63 34.14 -11.74
CA LEU R 267 -6.65 33.65 -10.78
C LEU R 267 -5.79 32.55 -11.39
N TYR R 268 -6.38 31.70 -12.22
CA TYR R 268 -5.59 30.63 -12.82
C TYR R 268 -4.59 31.20 -13.82
N ASP R 269 -4.99 32.23 -14.56
CA ASP R 269 -4.06 32.88 -15.47
C ASP R 269 -2.89 33.48 -14.72
N ASN R 270 -3.18 34.17 -13.62
CA ASN R 270 -2.12 34.79 -12.86
C ASN R 270 -1.18 33.75 -12.30
N ALA R 271 -1.72 32.65 -11.77
CA ALA R 271 -0.84 31.63 -11.18
C ALA R 271 0.08 31.03 -12.23
N GLU R 272 -0.46 30.68 -13.39
CA GLU R 272 0.39 30.03 -14.37
C GLU R 272 1.42 31.00 -14.96
N SER R 273 1.05 32.26 -15.19
CA SER R 273 2.07 33.17 -15.66
C SER R 273 3.10 33.47 -14.58
N ASP R 274 2.73 33.33 -13.32
CA ASP R 274 3.71 33.50 -12.26
C ASP R 274 4.76 32.41 -12.32
N THR R 275 4.31 31.16 -12.43
CA THR R 275 5.28 30.09 -12.55
C THR R 275 6.12 30.24 -13.81
N ALA R 276 5.52 30.72 -14.89
CA ALA R 276 6.32 30.90 -16.10
C ALA R 276 7.37 31.99 -15.91
N ASN R 277 7.09 32.98 -15.05
CA ASN R 277 8.11 33.98 -14.75
C ASN R 277 9.23 33.37 -13.94
N TYR R 278 8.90 32.65 -12.88
CA TYR R 278 9.93 31.99 -12.09
C TYR R 278 10.84 31.14 -12.95
N MET R 279 10.26 30.42 -13.90
CA MET R 279 11.05 29.55 -14.76
C MET R 279 11.94 30.37 -15.68
N SER R 280 11.38 31.39 -16.32
CA SER R 280 12.17 32.21 -17.23
C SER R 280 13.31 32.92 -16.52
N ASP R 281 13.05 33.48 -15.33
CA ASP R 281 14.00 34.41 -14.72
C ASP R 281 15.03 33.80 -13.80
N LEU R 282 14.83 32.62 -13.23
CA LEU R 282 15.86 32.09 -12.34
C LEU R 282 16.70 31.01 -13.00
N ASN R 283 17.99 31.01 -12.68
CA ASN R 283 18.91 30.01 -13.19
C ASN R 283 18.61 28.66 -12.57
N ASP R 284 18.61 27.61 -13.40
CA ASP R 284 18.28 26.28 -12.89
C ASP R 284 19.28 25.84 -11.83
N ALA R 285 20.57 25.95 -12.12
CA ALA R 285 21.59 25.57 -11.16
C ALA R 285 22.88 26.29 -11.51
N MET R 286 23.77 26.37 -10.52
CA MET R 286 25.07 26.98 -10.72
C MET R 286 26.09 26.29 -9.86
N LEU R 287 27.33 26.30 -10.32
CA LEU R 287 28.46 25.83 -9.54
C LEU R 287 28.95 26.98 -8.67
N LEU R 288 28.78 26.86 -7.37
CA LEU R 288 29.21 27.86 -6.41
C LEU R 288 30.63 27.57 -5.96
N ILE R 289 31.51 28.57 -6.08
CA ILE R 289 32.88 28.48 -5.59
C ILE R 289 33.10 29.66 -4.64
N LYS R 290 33.53 29.38 -3.43
CA LYS R 290 33.79 30.40 -2.42
C LYS R 290 35.28 30.53 -2.15
N GLY R 291 35.62 31.52 -1.35
CA GLY R 291 36.97 31.68 -0.86
C GLY R 291 37.88 32.48 -1.77
N ASN R 292 38.92 33.02 -1.15
CA ASN R 292 39.93 33.82 -1.84
C ASN R 292 40.70 32.95 -2.81
N LEU R 293 40.60 33.24 -4.10
CA LEU R 293 41.17 32.36 -5.11
C LEU R 293 41.42 33.15 -6.38
N ASN R 294 42.20 32.55 -7.28
CA ASN R 294 42.42 33.09 -8.61
C ASN R 294 41.69 32.18 -9.59
N LEU R 295 40.67 32.71 -10.25
CA LEU R 295 39.98 31.99 -11.32
C LEU R 295 40.27 32.69 -12.63
N ASP R 296 40.81 31.94 -13.57
CA ASP R 296 41.03 32.47 -14.89
C ASP R 296 39.75 32.32 -15.70
N PRO R 297 39.13 33.41 -16.16
CA PRO R 297 37.90 33.27 -16.94
C PRO R 297 38.11 32.57 -18.25
N VAL R 298 39.38 32.38 -18.65
CA VAL R 298 39.67 31.50 -19.78
C VAL R 298 39.56 30.05 -19.36
N GLU R 299 40.00 29.75 -18.14
CA GLU R 299 39.95 28.38 -17.66
C GLU R 299 38.53 27.96 -17.31
N VAL R 300 37.73 28.88 -16.77
CA VAL R 300 36.35 28.55 -16.42
C VAL R 300 35.59 27.99 -17.61
N ARG R 301 36.01 28.27 -18.84
CA ARG R 301 35.31 27.71 -19.98
C ARG R 301 35.45 26.20 -20.06
N LYS R 302 36.41 25.63 -19.35
CA LYS R 302 36.54 24.17 -19.30
C LYS R 302 35.54 23.52 -18.34
N GLN R 303 34.76 24.32 -17.61
CA GLN R 303 33.90 23.78 -16.59
C GLN R 303 33.05 22.62 -17.08
N LYS R 304 32.58 22.68 -18.33
CA LYS R 304 31.80 21.56 -18.85
C LYS R 304 32.59 20.28 -18.98
N GLU R 305 33.90 20.35 -19.17
CA GLU R 305 34.67 19.18 -19.54
C GLU R 305 35.74 18.77 -18.53
N ALA R 306 35.90 19.48 -17.43
CA ALA R 306 36.87 19.06 -16.43
C ALA R 306 36.29 17.94 -15.58
N ASN R 307 37.17 17.05 -15.12
CA ASN R 307 36.83 16.00 -14.18
C ASN R 307 37.12 16.36 -12.74
N VAL R 308 38.30 16.92 -12.47
CA VAL R 308 38.72 17.26 -11.12
C VAL R 308 38.68 18.77 -10.95
N LEU R 309 38.08 19.20 -9.84
CA LEU R 309 38.07 20.60 -9.41
C LEU R 309 38.98 20.70 -8.20
N PHE R 310 40.07 21.44 -8.33
CA PHE R 310 41.06 21.57 -7.28
C PHE R 310 41.04 23.00 -6.73
N LEU R 311 40.78 23.13 -5.43
CA LEU R 311 40.77 24.41 -4.75
C LEU R 311 41.94 24.46 -3.78
N GLU R 312 42.87 25.39 -4.00
CA GLU R 312 44.02 25.51 -3.13
C GLU R 312 43.86 26.77 -2.31
N PRO R 313 43.74 26.68 -0.99
CA PRO R 313 43.46 27.90 -0.22
C PRO R 313 44.64 28.82 -0.13
N THR R 314 44.34 30.11 -0.09
CA THR R 314 45.36 31.12 0.15
C THR R 314 45.97 30.93 1.54
N VAL R 315 47.30 30.99 1.61
CA VAL R 315 48.01 30.88 2.88
C VAL R 315 48.37 32.28 3.33
N TYR R 316 47.92 32.67 4.52
CA TYR R 316 48.19 33.99 5.06
C TYR R 316 49.36 33.92 6.03
N VAL R 317 50.32 34.81 5.86
CA VAL R 317 51.52 34.84 6.68
C VAL R 317 51.43 36.00 7.66
N ASP R 318 51.63 35.70 8.93
CA ASP R 318 51.57 36.70 9.98
C ASP R 318 52.92 37.39 10.10
N ALA R 319 52.89 38.64 10.58
CA ALA R 319 54.13 39.39 10.66
C ALA R 319 55.12 38.72 11.60
N GLU R 320 54.63 37.98 12.59
CA GLU R 320 55.50 37.23 13.49
C GLU R 320 55.82 35.84 12.95
N GLY R 321 55.49 35.56 11.69
CA GLY R 321 55.83 34.30 11.05
C GLY R 321 54.78 33.21 11.07
N ARG R 322 53.64 33.41 11.72
CA ARG R 322 52.63 32.35 11.72
C ARG R 322 52.04 32.16 10.33
N GLU R 323 51.48 30.99 10.09
CA GLU R 323 50.85 30.66 8.82
C GLU R 323 49.46 30.10 9.06
N THR R 324 48.50 30.50 8.23
CA THR R 324 47.12 30.04 8.36
C THR R 324 46.45 30.01 6.99
N GLU R 325 45.47 29.13 6.84
CA GLU R 325 44.81 28.86 5.56
C GLU R 325 43.42 29.46 5.46
N GLY R 326 43.11 30.02 4.30
CA GLY R 326 41.76 30.47 4.01
C GLY R 326 40.79 29.32 3.85
N SER R 327 39.51 29.63 3.98
CA SER R 327 38.44 28.63 3.88
C SER R 327 37.87 28.59 2.46
N VAL R 328 38.33 27.66 1.66
CA VAL R 328 37.79 27.44 0.32
C VAL R 328 36.58 26.52 0.40
N ASP R 329 35.67 26.64 -0.57
CA ASP R 329 34.52 25.74 -0.62
C ASP R 329 33.98 25.69 -2.05
N GLY R 330 33.25 24.61 -2.34
CA GLY R 330 32.67 24.41 -3.66
C GLY R 330 31.50 23.45 -3.66
N GLY R 331 30.47 23.74 -4.44
CA GLY R 331 29.32 22.84 -4.52
C GLY R 331 28.26 23.40 -5.45
N TYR R 332 27.39 22.51 -5.92
CA TYR R 332 26.30 22.93 -6.79
C TYR R 332 25.11 23.44 -5.98
N ILE R 333 24.45 24.46 -6.50
CA ILE R 333 23.22 25.00 -5.92
C ILE R 333 22.19 25.03 -7.03
N TYR R 334 20.91 24.83 -6.66
CA TYR R 334 19.86 24.79 -7.66
C TYR R 334 18.59 25.43 -7.13
N LYS R 335 17.84 26.06 -8.04
CA LYS R 335 16.61 26.74 -7.67
C LYS R 335 15.52 25.73 -7.35
N GLN R 336 14.57 26.15 -6.50
CA GLN R 336 13.49 25.27 -6.08
C GLN R 336 12.28 26.11 -5.70
N TYR R 337 11.08 25.56 -5.83
CA TYR R 337 9.88 26.25 -5.39
C TYR R 337 8.90 25.28 -4.74
N ASP R 338 7.91 25.83 -4.05
CA ASP R 338 6.91 25.03 -3.33
C ASP R 338 5.95 24.36 -4.30
N VAL R 339 6.44 23.27 -4.89
CA VAL R 339 5.65 22.55 -5.89
C VAL R 339 4.36 22.00 -5.27
N GLN R 340 4.45 21.43 -4.08
CA GLN R 340 3.25 20.86 -3.48
C GLN R 340 2.17 21.91 -3.34
N GLY R 341 2.51 23.07 -2.77
CA GLY R 341 1.49 24.07 -2.50
C GLY R 341 0.97 24.74 -3.75
N THR R 342 1.82 24.95 -4.75
CA THR R 342 1.31 25.62 -5.93
C THR R 342 0.50 24.67 -6.78
N GLU R 343 0.88 23.40 -6.85
CA GLU R 343 0.05 22.49 -7.63
C GLU R 343 -1.25 22.20 -6.93
N ALA R 344 -1.25 22.13 -5.59
CA ALA R 344 -2.52 21.96 -4.91
C ALA R 344 -3.44 23.15 -5.11
N TYR R 345 -2.87 24.35 -5.16
CA TYR R 345 -3.70 25.54 -5.36
C TYR R 345 -4.26 25.59 -6.77
N LYS R 346 -3.42 25.37 -7.77
CA LYS R 346 -3.90 25.41 -9.15
C LYS R 346 -4.88 24.27 -9.41
N ASP R 347 -4.69 23.12 -8.77
CA ASP R 347 -5.65 22.04 -8.92
C ASP R 347 -6.99 22.42 -8.32
N ARG R 348 -6.97 23.14 -7.19
CA ARG R 348 -8.24 23.55 -6.61
C ARG R 348 -8.95 24.52 -7.53
N LEU R 349 -8.23 25.45 -8.13
CA LEU R 349 -8.87 26.38 -9.05
C LEU R 349 -9.53 25.65 -10.20
N ASN R 350 -8.80 24.75 -10.86
CA ASN R 350 -9.38 24.02 -11.97
C ASN R 350 -10.61 23.22 -11.55
N SER R 351 -10.52 22.54 -10.40
CA SER R 351 -11.65 21.75 -9.93
C SER R 351 -12.87 22.63 -9.67
N ASP R 352 -12.67 23.80 -9.07
CA ASP R 352 -13.82 24.66 -8.78
C ASP R 352 -14.41 25.23 -10.06
N ILE R 353 -13.57 25.57 -11.04
CA ILE R 353 -14.11 26.05 -12.30
C ILE R 353 -15.02 25.01 -12.93
N HIS R 354 -14.63 23.74 -12.88
CA HIS R 354 -15.52 22.74 -13.45
C HIS R 354 -16.73 22.47 -12.57
N MET R 355 -16.56 22.50 -11.24
CA MET R 355 -17.70 22.21 -10.37
C MET R 355 -18.79 23.26 -10.52
N PHE R 356 -18.44 24.54 -10.47
CA PHE R 356 -19.49 25.55 -10.54
C PHE R 356 -20.13 25.67 -11.91
N THR R 357 -19.63 24.99 -12.92
CA THR R 357 -20.23 25.00 -14.24
C THR R 357 -20.71 23.62 -14.65
N ASN R 358 -20.73 22.66 -13.74
CA ASN R 358 -21.23 21.32 -14.02
C ASN R 358 -20.57 20.71 -15.23
N THR R 359 -19.32 21.06 -15.47
CA THR R 359 -18.63 20.52 -16.63
C THR R 359 -17.74 19.37 -16.20
N PRO R 360 -17.61 18.29 -16.96
CA PRO R 360 -16.82 17.15 -16.47
C PRO R 360 -15.36 17.52 -16.32
N ASN R 361 -14.83 17.28 -15.11
CA ASN R 361 -13.43 17.53 -14.77
C ASN R 361 -12.55 16.42 -15.33
N MET R 362 -12.06 16.64 -16.54
CA MET R 362 -11.29 15.61 -17.23
C MET R 362 -10.07 15.15 -16.45
N LYS R 363 -9.51 16.00 -15.58
CA LYS R 363 -8.29 15.61 -14.87
C LYS R 363 -8.52 14.60 -13.77
N ASP R 364 -9.73 14.52 -13.23
CA ASP R 364 -10.06 13.59 -12.15
C ASP R 364 -11.22 12.72 -12.62
N ASP R 365 -10.94 11.86 -13.59
CA ASP R 365 -12.00 11.20 -14.35
C ASP R 365 -11.65 9.75 -14.62
N ASN R 366 -12.67 8.90 -14.57
CA ASN R 366 -12.55 7.50 -14.93
C ASN R 366 -13.80 7.07 -15.66
N PHE R 367 -13.64 6.10 -16.56
CA PHE R 367 -14.71 5.65 -17.44
C PHE R 367 -15.38 4.42 -16.82
N SER R 368 -16.69 4.52 -16.59
CA SER R 368 -17.46 3.47 -15.91
C SER R 368 -17.70 2.31 -16.87
N GLY R 369 -16.78 1.36 -16.88
CA GLY R 369 -16.86 0.25 -17.80
C GLY R 369 -16.74 0.65 -19.25
N THR R 370 -17.87 0.63 -19.97
CA THR R 370 -17.84 0.79 -21.42
C THR R 370 -19.05 1.53 -21.99
N GLN R 371 -20.12 1.73 -21.20
CA GLN R 371 -21.39 2.22 -21.74
C GLN R 371 -21.51 3.74 -21.60
N SER R 372 -20.94 4.41 -22.60
CA SER R 372 -20.85 5.85 -22.67
C SER R 372 -22.19 6.55 -22.44
N GLY R 373 -23.26 6.04 -23.05
CA GLY R 373 -24.53 6.75 -22.99
C GLY R 373 -25.11 6.86 -21.60
N GLU R 374 -24.85 5.89 -20.74
CA GLU R 374 -25.37 5.90 -19.38
C GLU R 374 -24.35 6.46 -18.41
N ALA R 375 -23.07 6.18 -18.68
CA ALA R 375 -22.01 6.76 -17.87
C ALA R 375 -22.02 8.27 -17.93
N MET R 376 -22.16 8.85 -19.13
CA MET R 376 -22.26 10.30 -19.19
C MET R 376 -23.50 10.78 -18.43
N LYS R 377 -24.62 10.10 -18.59
CA LYS R 377 -25.84 10.56 -17.92
C LYS R 377 -25.67 10.63 -16.42
N TYR R 378 -24.76 9.85 -15.85
CA TYR R 378 -24.49 10.05 -14.42
C TYR R 378 -23.77 11.38 -14.18
N LYS R 379 -22.72 11.64 -14.95
CA LYS R 379 -21.87 12.80 -14.71
C LYS R 379 -22.57 14.12 -15.03
N LEU R 380 -23.30 14.14 -16.13
CA LEU R 380 -24.06 15.29 -16.60
C LEU R 380 -25.37 15.47 -15.87
N PHE R 381 -25.58 14.82 -14.73
CA PHE R 381 -26.84 15.02 -14.02
C PHE R 381 -27.01 16.48 -13.58
N GLY R 382 -25.95 17.10 -13.07
CA GLY R 382 -26.08 18.47 -12.63
C GLY R 382 -26.36 19.41 -13.79
N LEU R 383 -25.71 19.18 -14.92
CA LEU R 383 -25.92 20.03 -16.08
C LEU R 383 -27.32 19.86 -16.64
N GLU R 384 -27.91 18.68 -16.49
CA GLU R 384 -29.28 18.46 -16.94
C GLU R 384 -30.26 19.34 -16.18
N GLN R 385 -30.04 19.54 -14.89
CA GLN R 385 -30.99 20.33 -14.09
C GLN R 385 -31.14 21.75 -14.62
N ARG R 386 -30.02 22.39 -14.98
CA ARG R 386 -30.07 23.74 -15.53
C ARG R 386 -30.64 23.73 -16.95
N THR R 387 -30.20 22.77 -17.76
CA THR R 387 -30.65 22.71 -19.13
C THR R 387 -32.16 22.58 -19.24
N LYS R 388 -32.81 21.90 -18.30
CA LYS R 388 -34.26 21.76 -18.41
C LYS R 388 -34.96 23.11 -18.26
N THR R 389 -34.41 24.00 -17.44
CA THR R 389 -34.99 25.34 -17.34
C THR R 389 -34.71 26.12 -18.60
N LYS R 390 -33.47 26.03 -19.09
CA LYS R 390 -33.16 26.72 -20.33
C LYS R 390 -34.09 26.23 -21.45
N GLU R 391 -34.42 24.95 -21.44
CA GLU R 391 -35.31 24.40 -22.44
C GLU R 391 -36.70 25.02 -22.33
N GLY R 392 -37.14 25.26 -21.11
CA GLY R 392 -38.45 25.88 -20.96
C GLY R 392 -38.47 27.28 -21.56
N LEU R 393 -37.47 28.09 -21.21
CA LEU R 393 -37.41 29.44 -21.77
C LEU R 393 -37.22 29.44 -23.29
N PHE R 394 -36.43 28.50 -23.81
CA PHE R 394 -36.21 28.43 -25.24
C PHE R 394 -37.50 28.12 -25.98
N THR R 395 -38.29 27.17 -25.46
CA THR R 395 -39.57 26.90 -26.10
C THR R 395 -40.48 28.11 -25.99
N LYS R 396 -40.44 28.81 -24.85
CA LYS R 396 -41.23 30.03 -24.74
C LYS R 396 -40.90 30.99 -25.85
N GLY R 397 -39.65 31.02 -26.31
CA GLY R 397 -39.31 31.88 -27.42
C GLY R 397 -39.77 31.35 -28.77
N LEU R 398 -39.59 30.05 -28.97
CA LEU R 398 -40.03 29.46 -30.23
C LEU R 398 -41.53 29.65 -30.44
N ARG R 399 -42.31 29.65 -29.37
CA ARG R 399 -43.75 29.85 -29.55
C ARG R 399 -44.03 31.21 -30.16
N ARG R 400 -43.27 32.23 -29.77
CA ARG R 400 -43.46 33.54 -30.38
C ARG R 400 -43.02 33.55 -31.83
N ARG R 401 -41.89 32.88 -32.11
CA ARG R 401 -41.48 32.78 -33.51
C ARG R 401 -42.62 32.21 -34.36
N ALA R 402 -43.28 31.17 -33.85
CA ALA R 402 -44.38 30.57 -34.58
C ALA R 402 -45.56 31.52 -34.69
N LYS R 403 -45.86 32.27 -33.63
CA LYS R 403 -46.95 33.24 -33.70
C LYS R 403 -46.71 34.25 -34.82
N LEU R 404 -45.47 34.73 -34.94
CA LEU R 404 -45.15 35.65 -36.01
C LEU R 404 -45.33 35.00 -37.37
N LEU R 405 -44.81 33.78 -37.51
CA LEU R 405 -44.91 33.12 -38.81
C LEU R 405 -46.36 32.91 -39.22
N GLU R 406 -47.22 32.50 -38.29
CA GLU R 406 -48.61 32.34 -38.67
C GLU R 406 -49.22 33.67 -39.05
N THR R 407 -48.79 34.75 -38.42
CA THR R 407 -49.40 36.03 -38.73
C THR R 407 -49.07 36.45 -40.15
N ILE R 408 -47.80 36.32 -40.53
CA ILE R 408 -47.43 36.73 -41.89
C ILE R 408 -48.02 35.79 -42.93
N LEU R 409 -48.11 34.50 -42.62
CA LEU R 409 -48.72 33.59 -43.59
C LEU R 409 -50.19 33.93 -43.81
N LYS R 410 -50.90 34.29 -42.74
CA LYS R 410 -52.31 34.63 -42.91
C LYS R 410 -52.45 35.95 -43.65
N ASN R 411 -51.61 36.94 -43.33
CA ASN R 411 -51.75 38.22 -44.02
C ASN R 411 -51.40 38.11 -45.50
N THR R 412 -50.58 37.13 -45.89
CA THR R 412 -50.36 36.87 -47.30
C THR R 412 -51.32 35.83 -47.85
N ARG R 413 -52.21 35.30 -47.01
CA ARG R 413 -53.16 34.25 -47.40
C ARG R 413 -52.44 33.04 -47.97
N SER R 414 -51.23 32.78 -47.49
CA SER R 414 -50.52 31.57 -47.88
C SER R 414 -51.00 30.36 -47.09
N ILE R 415 -51.90 30.56 -46.14
CA ILE R 415 -52.47 29.48 -45.33
C ILE R 415 -53.87 29.90 -44.93
N ASP R 416 -54.71 28.92 -44.62
CA ASP R 416 -56.07 29.24 -44.23
C ASP R 416 -56.08 29.99 -42.90
N ALA R 417 -56.93 31.01 -42.81
CA ALA R 417 -57.05 31.76 -41.58
C ALA R 417 -57.55 30.88 -40.44
N ASN R 418 -58.10 29.71 -40.75
CA ASN R 418 -58.61 28.79 -39.75
C ASN R 418 -57.54 28.13 -38.90
N LYS R 419 -56.29 28.07 -39.37
CA LYS R 419 -55.26 27.30 -38.68
C LYS R 419 -54.83 27.99 -37.38
N ASP R 420 -54.28 27.19 -36.47
CA ASP R 420 -53.70 27.65 -35.21
C ASP R 420 -52.34 26.99 -35.05
N PHE R 421 -51.32 27.80 -34.76
CA PHE R 421 -49.96 27.30 -34.62
C PHE R 421 -49.56 26.96 -33.19
N ASN R 422 -50.33 27.37 -32.18
CA ASN R 422 -49.92 27.06 -30.82
C ASN R 422 -50.05 25.59 -30.45
N THR R 423 -50.61 24.74 -31.31
CA THR R 423 -50.68 23.32 -31.00
C THR R 423 -49.37 22.58 -31.23
N VAL R 424 -48.41 23.19 -31.91
CA VAL R 424 -47.15 22.52 -32.19
C VAL R 424 -46.47 22.08 -30.90
N ARG R 425 -45.96 20.86 -30.89
CA ARG R 425 -45.20 20.31 -29.78
C ARG R 425 -43.73 20.28 -30.17
N TYR R 426 -42.89 20.94 -29.39
CA TYR R 426 -41.45 20.98 -29.61
C TYR R 426 -40.79 19.87 -28.80
N VAL R 427 -40.12 18.95 -29.48
CA VAL R 427 -39.51 17.78 -28.85
C VAL R 427 -38.00 17.97 -28.84
N TYR R 428 -37.40 17.89 -27.65
CA TYR R 428 -35.97 18.07 -27.46
C TYR R 428 -35.28 16.74 -27.17
N ASN R 429 -34.13 16.53 -27.81
CA ASN R 429 -33.28 15.39 -27.51
C ASN R 429 -31.91 15.91 -27.11
N ARG R 430 -31.32 15.32 -26.07
CA ARG R 430 -29.98 15.71 -25.68
C ARG R 430 -28.96 15.06 -26.62
N ASN R 431 -27.77 15.64 -26.67
CA ASN R 431 -26.71 15.14 -27.55
C ASN R 431 -25.86 14.06 -26.92
N LEU R 432 -26.43 13.17 -26.13
CA LEU R 432 -25.67 12.08 -25.53
C LEU R 432 -25.26 11.04 -26.58
N PRO R 433 -24.11 10.38 -26.39
CA PRO R 433 -23.61 9.45 -27.40
C PRO R 433 -24.40 8.16 -27.43
N LYS R 434 -24.61 7.62 -28.62
CA LYS R 434 -25.54 6.53 -28.85
C LYS R 434 -24.84 5.38 -29.56
N SER R 435 -25.38 4.17 -29.38
CA SER R 435 -24.75 2.93 -29.83
C SER R 435 -25.70 2.23 -30.80
N LEU R 436 -25.49 2.47 -32.08
CA LEU R 436 -26.42 1.96 -33.09
C LEU R 436 -26.60 0.46 -33.03
N ILE R 437 -25.58 -0.29 -32.65
CA ILE R 437 -25.74 -1.74 -32.60
C ILE R 437 -26.66 -2.14 -31.46
N GLU R 438 -26.47 -1.53 -30.28
CA GLU R 438 -27.34 -1.83 -29.15
C GLU R 438 -28.76 -1.33 -29.39
N GLU R 439 -28.92 -0.28 -30.17
CA GLU R 439 -30.27 0.18 -30.48
C GLU R 439 -30.93 -0.70 -31.55
N LEU R 440 -30.20 -1.14 -32.56
CA LEU R 440 -30.79 -2.10 -33.47
C LEU R 440 -31.22 -3.35 -32.73
N LYS R 441 -30.37 -3.87 -31.84
CA LYS R 441 -30.78 -5.08 -31.14
C LYS R 441 -32.00 -4.82 -30.28
N ALA R 442 -32.11 -3.62 -29.70
CA ALA R 442 -33.28 -3.31 -28.88
C ALA R 442 -34.53 -3.04 -29.69
N TYR R 443 -34.37 -2.62 -30.94
CA TYR R 443 -35.53 -2.37 -31.80
C TYR R 443 -36.01 -3.59 -32.54
N ILE R 444 -35.12 -4.46 -32.97
CA ILE R 444 -35.57 -5.64 -33.69
C ILE R 444 -36.01 -6.70 -32.70
N ASP R 445 -35.32 -6.84 -31.57
CA ASP R 445 -35.99 -7.51 -30.49
C ASP R 445 -37.18 -6.65 -30.13
N SER R 446 -38.17 -7.24 -29.50
CA SER R 446 -39.37 -6.50 -29.15
C SER R 446 -40.22 -6.12 -30.35
N GLY R 447 -40.04 -6.79 -31.49
CA GLY R 447 -41.00 -6.70 -32.57
C GLY R 447 -40.82 -5.62 -33.62
N GLY R 448 -39.66 -5.00 -33.73
CA GLY R 448 -39.47 -4.01 -34.76
C GLY R 448 -39.34 -4.62 -36.14
N LYS R 449 -39.55 -3.80 -37.17
CA LYS R 449 -39.37 -4.18 -38.56
C LYS R 449 -38.52 -3.15 -39.28
N ILE R 450 -37.68 -3.60 -40.21
CA ILE R 450 -36.85 -2.71 -41.02
C ILE R 450 -36.82 -3.20 -42.46
N SER R 451 -36.92 -2.26 -43.39
CA SER R 451 -36.77 -2.58 -44.81
C SER R 451 -35.32 -2.90 -45.12
N GLN R 452 -35.12 -3.86 -46.03
CA GLN R 452 -33.77 -4.32 -46.37
C GLN R 452 -32.86 -3.17 -46.77
N THR R 453 -33.34 -2.28 -47.63
CA THR R 453 -32.48 -1.18 -48.09
C THR R 453 -32.07 -0.27 -46.95
N THR R 454 -32.98 0.00 -46.02
CA THR R 454 -32.64 0.85 -44.89
C THR R 454 -31.62 0.15 -44.00
N LEU R 455 -31.88 -1.12 -43.70
CA LEU R 455 -30.96 -1.86 -42.86
C LEU R 455 -29.57 -1.82 -43.46
N MET R 456 -29.46 -2.02 -44.77
CA MET R 456 -28.16 -1.96 -45.41
C MET R 456 -27.56 -0.58 -45.27
N SER R 457 -28.40 0.45 -45.38
CA SER R 457 -27.88 1.81 -45.28
C SER R 457 -27.29 2.10 -43.92
N LEU R 458 -27.63 1.30 -42.91
CA LEU R 458 -27.08 1.58 -41.59
C LEU R 458 -25.64 1.07 -41.40
N PHE R 459 -25.19 0.11 -42.20
CA PHE R 459 -23.88 -0.50 -42.03
C PHE R 459 -22.97 -0.07 -43.16
N SER R 460 -21.82 0.50 -42.82
CA SER R 460 -20.93 1.06 -43.83
C SER R 460 -20.00 0.04 -44.47
N PHE R 461 -20.11 -1.25 -44.18
CA PHE R 461 -19.29 -2.19 -44.92
C PHE R 461 -19.86 -2.50 -46.30
N PHE R 462 -21.13 -2.16 -46.54
CA PHE R 462 -21.72 -2.28 -47.86
C PHE R 462 -21.24 -1.14 -48.74
N GLN R 463 -20.44 -1.48 -49.75
CA GLN R 463 -19.92 -0.46 -50.67
C GLN R 463 -21.00 0.06 -51.60
N ASP R 464 -21.99 -0.77 -51.95
CA ASP R 464 -23.12 -0.38 -52.81
C ASP R 464 -24.41 -0.83 -52.15
N PRO R 465 -25.01 0.02 -51.31
CA PRO R 465 -26.20 -0.38 -50.55
C PRO R 465 -27.40 -0.75 -51.40
N GLU R 466 -27.47 -0.35 -52.66
CA GLU R 466 -28.61 -0.73 -53.48
C GLU R 466 -28.27 -1.87 -54.43
N LEU R 467 -27.13 -1.76 -55.11
CA LEU R 467 -26.70 -2.81 -56.02
C LEU R 467 -26.66 -4.16 -55.32
N GLU R 468 -26.30 -4.16 -54.03
CA GLU R 468 -26.29 -5.42 -53.29
C GLU R 468 -27.63 -6.15 -53.38
N VAL R 469 -28.74 -5.42 -53.43
CA VAL R 469 -30.04 -6.08 -53.49
C VAL R 469 -30.19 -6.85 -54.80
N LYS R 470 -29.78 -6.25 -55.91
CA LYS R 470 -29.85 -6.96 -57.18
C LYS R 470 -28.96 -8.20 -57.13
N LYS R 471 -27.78 -8.05 -56.56
CA LYS R 471 -26.85 -9.18 -56.48
C LYS R 471 -27.44 -10.31 -55.64
N ILE R 472 -28.26 -9.96 -54.66
CA ILE R 472 -28.88 -10.97 -53.84
C ILE R 472 -30.01 -11.64 -54.60
N GLU R 473 -30.75 -10.88 -55.38
CA GLU R 473 -31.79 -11.49 -56.20
C GLU R 473 -31.16 -12.46 -57.20
N GLU R 474 -30.00 -12.12 -57.76
CA GLU R 474 -29.34 -13.04 -58.67
C GLU R 474 -29.00 -14.35 -57.96
N ASP R 475 -28.38 -14.25 -56.79
CA ASP R 475 -28.02 -15.45 -56.05
C ASP R 475 -29.25 -16.28 -55.70
N GLU R 476 -30.25 -15.65 -55.10
CA GLU R 476 -31.48 -16.33 -54.69
C GLU R 476 -32.26 -16.87 -55.88
N LYS R 477 -32.05 -16.33 -57.08
CA LYS R 477 -32.74 -16.84 -58.25
C LYS R 477 -32.06 -18.09 -58.77
N GLU R 478 -30.74 -18.03 -58.93
CA GLU R 478 -30.03 -19.20 -59.40
C GLU R 478 -30.04 -20.32 -58.36
N SER R 479 -30.35 -20.00 -57.11
CA SER R 479 -30.51 -21.05 -56.10
C SER R 479 -31.76 -21.87 -56.34
N ILE R 480 -32.70 -21.37 -57.15
CA ILE R 480 -33.92 -22.11 -57.44
C ILE R 480 -33.69 -23.23 -58.44
N LYS R 481 -32.59 -23.15 -59.20
CA LYS R 481 -32.32 -24.12 -60.25
C LYS R 481 -31.40 -25.23 -59.73
N ASN S 16 3.65 37.42 -31.76
CA ASN S 16 2.44 36.58 -31.63
C ASN S 16 1.23 37.36 -31.14
N ILE S 17 1.18 37.66 -29.84
CA ILE S 17 -0.01 38.29 -29.28
C ILE S 17 -0.46 39.47 -30.13
N ASN S 18 0.49 40.35 -30.44
CA ASN S 18 0.17 41.56 -31.19
C ASN S 18 -0.40 41.27 -32.57
N TYR S 19 -0.27 40.05 -33.07
CA TYR S 19 -0.87 39.69 -34.35
C TYR S 19 -2.11 38.84 -34.23
N LEU S 20 -2.13 37.88 -33.31
CA LEU S 20 -3.28 36.99 -33.22
C LEU S 20 -4.47 37.70 -32.58
N PHE S 21 -4.24 38.47 -31.52
CA PHE S 21 -5.34 39.04 -30.76
C PHE S 21 -5.55 40.51 -31.04
N ASN S 22 -5.01 41.03 -32.12
CA ASN S 22 -5.26 42.40 -32.50
C ASN S 22 -6.73 42.58 -32.89
N ASP S 23 -7.21 43.81 -32.79
CA ASP S 23 -8.61 44.08 -33.13
C ASP S 23 -8.82 44.20 -34.63
N GLU S 24 -7.80 44.57 -35.39
CA GLU S 24 -8.00 44.75 -36.82
C GLU S 24 -7.94 43.43 -37.56
N ALA S 25 -7.25 42.43 -37.03
CA ALA S 25 -7.26 41.13 -37.67
C ALA S 25 -8.59 40.44 -37.45
N ASN S 26 -8.89 39.48 -38.32
CA ASN S 26 -10.05 38.62 -38.23
C ASN S 26 -11.39 39.34 -38.40
N VAL S 27 -11.41 40.61 -38.81
CA VAL S 27 -12.67 41.29 -39.04
C VAL S 27 -13.26 40.90 -40.40
N VAL S 28 -14.56 41.09 -40.54
CA VAL S 28 -15.30 40.85 -41.78
C VAL S 28 -15.50 42.16 -42.52
N TYR S 29 -15.10 42.20 -43.79
CA TYR S 29 -15.25 43.42 -44.57
C TYR S 29 -16.67 43.57 -45.11
N THR S 30 -17.22 44.78 -44.98
CA THR S 30 -18.52 45.10 -45.52
C THR S 30 -18.45 46.38 -46.34
N TYR S 31 -19.31 46.47 -47.34
CA TYR S 31 -19.39 47.63 -48.21
C TYR S 31 -20.84 48.08 -48.31
N ASP S 32 -21.03 49.41 -48.31
CA ASP S 32 -22.38 49.97 -48.32
C ASP S 32 -23.01 49.99 -49.69
N GLY S 33 -22.22 50.08 -50.75
CA GLY S 33 -22.77 50.20 -52.08
C GLY S 33 -23.04 48.87 -52.74
N THR S 34 -23.61 48.96 -53.94
CA THR S 34 -23.81 47.79 -54.78
C THR S 34 -22.51 47.39 -55.47
N GLU S 35 -22.59 46.24 -56.15
CA GLU S 35 -21.47 45.79 -56.96
C GLU S 35 -21.06 46.86 -57.95
N SER S 36 -22.04 47.51 -58.59
CA SER S 36 -21.72 48.57 -59.53
C SER S 36 -21.02 49.73 -58.83
N ASP S 37 -21.50 50.09 -57.64
CA ASP S 37 -20.89 51.19 -56.90
C ASP S 37 -19.44 50.90 -56.54
N LEU S 38 -19.09 49.63 -56.38
CA LEU S 38 -17.71 49.29 -56.10
C LEU S 38 -16.89 49.26 -57.38
N LEU S 39 -17.41 48.57 -58.38
CA LEU S 39 -16.67 48.34 -59.60
C LEU S 39 -16.37 49.65 -60.33
N GLN S 40 -17.26 50.64 -60.21
CA GLN S 40 -16.94 51.94 -60.78
C GLN S 40 -15.91 52.67 -59.94
N ASN S 41 -15.76 52.31 -58.66
CA ASN S 41 -14.81 52.97 -57.78
C ASN S 41 -13.79 51.97 -57.25
N VAL S 42 -13.15 51.26 -58.17
CA VAL S 42 -12.21 50.18 -57.87
C VAL S 42 -11.17 50.55 -56.81
N ASN S 43 -10.88 51.84 -56.64
CA ASN S 43 -9.91 52.22 -55.62
C ASN S 43 -10.28 51.69 -54.25
N GLU S 44 -11.58 51.59 -53.97
CA GLU S 44 -11.99 51.05 -52.69
C GLU S 44 -11.39 49.66 -52.49
N VAL S 45 -11.42 48.85 -53.55
CA VAL S 45 -10.85 47.52 -53.44
C VAL S 45 -9.38 47.63 -53.08
N SER S 46 -8.72 48.71 -53.49
CA SER S 46 -7.32 48.88 -53.11
C SER S 46 -7.22 49.11 -51.61
N LYS S 47 -8.15 49.87 -51.03
CA LYS S 47 -8.09 50.04 -49.58
C LYS S 47 -8.31 48.72 -48.86
N TYR S 48 -9.23 47.91 -49.37
CA TYR S 48 -9.45 46.62 -48.72
C TYR S 48 -8.22 45.74 -48.82
N ILE S 49 -7.60 45.69 -50.00
CA ILE S 49 -6.41 44.86 -50.14
C ILE S 49 -5.32 45.33 -49.20
N GLU S 50 -5.12 46.64 -49.09
CA GLU S 50 -4.08 47.14 -48.19
C GLU S 50 -4.37 46.77 -46.74
N HIS S 51 -5.62 46.94 -46.31
CA HIS S 51 -5.95 46.56 -44.95
C HIS S 51 -5.66 45.08 -44.72
N HIS S 52 -6.02 44.25 -45.70
CA HIS S 52 -5.79 42.83 -45.55
C HIS S 52 -4.31 42.54 -45.37
N MET S 53 -3.47 43.15 -46.21
CA MET S 53 -2.03 42.92 -46.11
C MET S 53 -1.49 43.40 -44.77
N ASP S 54 -1.99 44.52 -44.25
CA ASP S 54 -1.36 45.04 -43.05
C ASP S 54 -1.88 44.42 -41.76
N TYR S 55 -3.09 43.89 -41.74
CA TYR S 55 -3.61 43.35 -40.48
C TYR S 55 -4.00 41.88 -40.53
N GLN S 56 -4.67 41.42 -41.58
CA GLN S 56 -5.11 40.03 -41.55
C GLN S 56 -4.01 39.05 -41.95
N ARG S 57 -3.23 39.37 -42.98
CA ARG S 57 -2.24 38.40 -43.40
C ARG S 57 -1.25 38.03 -42.29
N PRO S 58 -0.68 38.98 -41.54
CA PRO S 58 0.23 38.57 -40.46
C PRO S 58 -0.30 37.47 -39.56
N ARG S 59 -1.57 37.58 -39.14
CA ARG S 59 -2.17 36.53 -38.31
C ARG S 59 -2.14 35.19 -39.02
N LEU S 60 -2.59 35.16 -40.27
CA LEU S 60 -2.63 33.89 -40.99
C LEU S 60 -1.23 33.33 -41.17
N LYS S 61 -0.26 34.18 -41.46
CA LYS S 61 1.12 33.72 -41.58
C LYS S 61 1.60 33.09 -40.28
N VAL S 62 1.27 33.70 -39.15
CA VAL S 62 1.73 33.13 -37.88
C VAL S 62 1.10 31.76 -37.65
N LEU S 63 -0.21 31.66 -37.89
CA LEU S 63 -0.87 30.37 -37.70
C LEU S 63 -0.29 29.30 -38.63
N SER S 64 -0.04 29.67 -39.88
CA SER S 64 0.57 28.73 -40.80
C SER S 64 1.96 28.31 -40.35
N ASP S 65 2.78 29.26 -39.90
CA ASP S 65 4.11 28.88 -39.41
C ASP S 65 4.01 27.92 -38.24
N TYR S 66 3.00 28.07 -37.38
CA TYR S 66 2.88 27.11 -36.30
C TYR S 66 2.47 25.76 -36.83
N TYR S 67 1.63 25.71 -37.86
CA TYR S 67 1.32 24.40 -38.42
C TYR S 67 2.56 23.76 -39.01
N GLU S 68 3.42 24.56 -39.60
CA GLU S 68 4.67 24.03 -40.14
C GLU S 68 5.73 23.81 -39.07
N GLY S 69 5.41 24.09 -37.82
CA GLY S 69 6.36 23.88 -36.74
C GLY S 69 7.43 24.93 -36.58
N LYS S 70 7.34 26.03 -37.32
CA LYS S 70 8.30 27.12 -37.20
C LYS S 70 7.91 28.01 -36.03
N THR S 71 7.77 27.39 -34.86
CA THR S 71 7.32 28.13 -33.69
C THR S 71 8.30 29.25 -33.34
N LYS S 72 7.80 30.20 -32.56
CA LYS S 72 8.60 31.35 -32.18
C LYS S 72 9.97 30.98 -31.65
N ASN S 73 10.06 29.85 -30.94
CA ASN S 73 11.34 29.49 -30.35
C ASN S 73 12.43 29.21 -31.38
N LEU S 74 12.08 28.72 -32.57
CA LEU S 74 13.12 28.49 -33.58
C LEU S 74 13.59 29.76 -34.26
N VAL S 75 12.67 30.67 -34.58
CA VAL S 75 13.06 31.86 -35.32
C VAL S 75 13.52 33.00 -34.41
N GLU S 76 13.14 32.98 -33.13
CA GLU S 76 13.54 34.01 -32.18
C GLU S 76 14.98 33.80 -31.70
N LEU S 77 15.92 33.75 -32.65
CA LEU S 77 17.33 33.72 -32.28
C LEU S 77 17.79 35.04 -31.68
N THR S 78 16.92 36.05 -31.70
CA THR S 78 17.27 37.41 -31.27
C THR S 78 17.97 37.47 -29.91
N ARG S 79 17.58 36.63 -28.95
CA ARG S 79 18.19 36.62 -27.63
C ARG S 79 19.17 35.48 -27.37
N ARG S 80 19.37 34.57 -28.33
CA ARG S 80 20.14 33.36 -28.09
C ARG S 80 21.63 33.66 -27.89
N LYS S 81 22.32 32.64 -27.36
CA LYS S 81 23.74 32.63 -27.02
C LYS S 81 24.44 31.50 -27.73
N GLU S 82 25.63 31.79 -28.28
CA GLU S 82 26.39 30.75 -28.97
C GLU S 82 27.90 31.01 -28.88
N GLU S 83 28.35 31.71 -27.86
CA GLU S 83 29.77 32.01 -27.75
C GLU S 83 30.60 30.75 -27.56
N TYR S 84 30.06 29.75 -26.86
CA TYR S 84 30.74 28.47 -26.72
C TYR S 84 29.76 27.32 -26.48
N MET S 85 28.61 27.61 -25.87
CA MET S 85 27.56 26.61 -25.70
C MET S 85 26.86 26.31 -27.03
N ALA S 86 26.13 25.19 -27.04
CA ALA S 86 25.21 24.84 -28.12
C ALA S 86 23.92 25.66 -28.05
N ASP S 87 23.27 25.80 -29.21
CA ASP S 87 22.03 26.56 -29.31
C ASP S 87 20.85 25.85 -28.64
N ASN S 88 20.62 24.57 -28.96
CA ASN S 88 19.56 23.76 -28.34
C ASN S 88 18.16 24.38 -28.42
N ARG S 89 17.87 25.19 -29.44
CA ARG S 89 16.50 25.68 -29.63
C ARG S 89 15.58 24.55 -30.08
N VAL S 90 14.30 24.64 -29.71
CA VAL S 90 13.36 23.52 -29.85
C VAL S 90 11.97 23.97 -30.31
N ALA S 91 11.29 23.08 -31.04
CA ALA S 91 9.89 23.24 -31.46
C ALA S 91 9.16 21.92 -31.27
N HIS S 92 7.92 21.96 -30.74
CA HIS S 92 7.20 20.73 -30.41
C HIS S 92 6.10 20.26 -31.37
N ASP S 93 5.64 21.06 -32.33
CA ASP S 93 4.66 20.56 -33.32
C ASP S 93 3.28 20.20 -32.73
N TYR S 94 2.88 20.81 -31.62
CA TYR S 94 1.53 20.58 -31.12
C TYR S 94 0.49 21.03 -32.13
N ALA S 95 0.76 22.09 -32.87
CA ALA S 95 -0.24 22.61 -33.81
C ALA S 95 -0.59 21.57 -34.85
N SER S 96 0.41 20.89 -35.40
CA SER S 96 0.12 19.86 -36.38
C SER S 96 -0.60 18.69 -35.74
N TYR S 97 -0.10 18.21 -34.60
CA TYR S 97 -0.78 17.08 -33.98
C TYR S 97 -2.27 17.36 -33.77
N ILE S 98 -2.59 18.55 -33.25
CA ILE S 98 -3.98 18.91 -32.99
C ILE S 98 -4.78 19.00 -34.27
N SER S 99 -4.29 19.76 -35.26
CA SER S 99 -5.12 19.98 -36.43
C SER S 99 -5.33 18.69 -37.21
N ASP S 100 -4.28 17.87 -37.36
CA ASP S 100 -4.47 16.63 -38.10
C ASP S 100 -5.47 15.74 -37.40
N PHE S 101 -5.42 15.67 -36.07
CA PHE S 101 -6.39 14.84 -35.36
C PHE S 101 -7.80 15.35 -35.55
N ILE S 102 -8.04 16.64 -35.30
CA ILE S 102 -9.40 17.14 -35.34
C ILE S 102 -9.97 17.05 -36.75
N ASN S 103 -9.17 17.40 -37.76
CA ASN S 103 -9.71 17.35 -39.11
C ASN S 103 -10.01 15.93 -39.53
N GLY S 104 -9.11 14.99 -39.23
CA GLY S 104 -9.40 13.63 -39.60
C GLY S 104 -10.67 13.13 -38.94
N TYR S 105 -10.88 13.50 -37.67
CA TYR S 105 -12.10 13.09 -36.99
C TYR S 105 -13.34 13.66 -37.66
N PHE S 106 -13.25 14.88 -38.18
CA PHE S 106 -14.42 15.49 -38.79
C PHE S 106 -14.71 14.98 -40.19
N LEU S 107 -13.70 14.94 -41.05
CA LEU S 107 -13.90 14.61 -42.46
C LEU S 107 -13.13 13.40 -42.93
N GLY S 108 -12.57 12.59 -42.02
CA GLY S 108 -11.88 11.42 -42.50
C GLY S 108 -12.78 10.46 -43.21
N ASN S 109 -14.08 10.54 -42.96
CA ASN S 109 -15.06 9.64 -43.58
C ASN S 109 -15.89 10.45 -44.56
N PRO S 110 -15.92 10.10 -45.85
CA PRO S 110 -16.56 10.97 -46.84
C PRO S 110 -18.01 11.32 -46.52
N ILE S 111 -18.39 12.54 -46.88
CA ILE S 111 -19.78 12.99 -46.78
C ILE S 111 -20.63 12.24 -47.79
N GLN S 112 -21.77 11.72 -47.34
CA GLN S 112 -22.71 11.02 -48.21
C GLN S 112 -23.85 11.94 -48.62
N TYR S 113 -24.44 11.66 -49.77
CA TYR S 113 -25.50 12.49 -50.35
C TYR S 113 -26.75 11.67 -50.60
N GLN S 114 -27.90 12.24 -50.24
CA GLN S 114 -29.19 11.63 -50.53
C GLN S 114 -30.08 12.66 -51.20
N ASP S 115 -30.91 12.21 -52.13
CA ASP S 115 -31.92 13.09 -52.68
C ASP S 115 -33.09 12.28 -53.19
N ASP S 116 -34.23 12.94 -53.33
CA ASP S 116 -35.42 12.27 -53.84
C ASP S 116 -35.42 12.14 -55.35
N ASP S 117 -34.65 12.95 -56.06
CA ASP S 117 -34.58 12.90 -57.52
C ASP S 117 -33.24 12.34 -57.95
N LYS S 118 -33.28 11.21 -58.65
CA LYS S 118 -32.04 10.58 -59.10
C LYS S 118 -31.33 11.40 -60.17
N ASP S 119 -32.05 12.24 -60.93
CA ASP S 119 -31.35 13.04 -61.93
C ASP S 119 -30.43 14.03 -61.25
N VAL S 120 -30.93 14.69 -60.21
CA VAL S 120 -30.11 15.63 -59.47
C VAL S 120 -29.01 14.89 -58.73
N LEU S 121 -29.35 13.77 -58.10
CA LEU S 121 -28.33 13.02 -57.38
C LEU S 121 -27.20 12.57 -58.30
N GLU S 122 -27.51 12.09 -59.51
CA GLU S 122 -26.43 11.65 -60.37
C GLU S 122 -25.65 12.83 -60.95
N ALA S 123 -26.29 14.00 -61.11
CA ALA S 123 -25.50 15.14 -61.59
C ALA S 123 -24.52 15.57 -60.51
N ILE S 124 -24.98 15.54 -59.25
CA ILE S 124 -24.09 15.84 -58.13
C ILE S 124 -22.96 14.84 -58.08
N GLU S 125 -23.29 13.55 -58.13
CA GLU S 125 -22.26 12.52 -58.04
C GLU S 125 -21.25 12.63 -59.17
N ALA S 126 -21.72 12.97 -60.37
CA ALA S 126 -20.79 13.16 -61.48
C ALA S 126 -19.84 14.30 -61.19
N PHE S 127 -20.36 15.41 -60.69
CA PHE S 127 -19.50 16.55 -60.38
C PHE S 127 -18.49 16.19 -59.28
N ASN S 128 -18.95 15.48 -58.26
CA ASN S 128 -18.06 15.09 -57.16
C ASN S 128 -16.95 14.19 -57.66
N ASP S 129 -17.29 13.21 -58.50
CA ASP S 129 -16.26 12.30 -58.97
C ASP S 129 -15.27 13.02 -59.87
N LEU S 130 -15.77 13.88 -60.75
CA LEU S 130 -14.87 14.64 -61.61
C LEU S 130 -13.88 15.47 -60.80
N ASN S 131 -14.35 16.13 -59.75
CA ASN S 131 -13.47 17.01 -58.97
C ASN S 131 -12.79 16.34 -57.79
N ASP S 132 -12.96 15.04 -57.58
CA ASP S 132 -12.35 14.38 -56.43
C ASP S 132 -12.73 15.10 -55.14
N VAL S 133 -14.03 15.41 -55.03
CA VAL S 133 -14.51 16.23 -53.92
C VAL S 133 -14.14 15.66 -52.56
N GLU S 134 -13.91 14.35 -52.46
CA GLU S 134 -13.50 13.81 -51.16
C GLU S 134 -12.21 14.48 -50.67
N SER S 135 -11.20 14.50 -51.52
CA SER S 135 -9.94 15.13 -51.13
C SER S 135 -10.12 16.62 -50.94
N HIS S 136 -10.91 17.25 -51.79
CA HIS S 136 -11.11 18.68 -51.66
C HIS S 136 -11.73 19.02 -50.30
N ASN S 137 -12.81 18.35 -49.94
CA ASN S 137 -13.42 18.59 -48.65
C ASN S 137 -12.43 18.39 -47.52
N ARG S 138 -11.63 17.33 -47.58
CA ARG S 138 -10.66 17.15 -46.50
C ARG S 138 -9.70 18.33 -46.43
N SER S 139 -9.25 18.82 -47.58
CA SER S 139 -8.31 19.95 -47.52
C SER S 139 -8.99 21.18 -46.95
N LEU S 140 -10.28 21.38 -47.26
CA LEU S 140 -10.97 22.50 -46.67
C LEU S 140 -11.07 22.34 -45.17
N GLY S 141 -11.41 21.14 -44.70
CA GLY S 141 -11.47 20.94 -43.26
C GLY S 141 -10.14 21.24 -42.59
N LEU S 142 -9.05 20.92 -43.27
CA LEU S 142 -7.74 21.23 -42.70
C LEU S 142 -7.50 22.73 -42.63
N ASP S 143 -7.81 23.45 -43.70
CA ASP S 143 -7.67 24.91 -43.62
C ASP S 143 -8.57 25.47 -42.55
N LEU S 144 -9.79 24.96 -42.43
CA LEU S 144 -10.67 25.44 -41.37
C LEU S 144 -10.01 25.25 -40.03
N SER S 145 -9.31 24.13 -39.87
CA SER S 145 -8.70 23.84 -38.57
C SER S 145 -7.54 24.77 -38.26
N ILE S 146 -6.66 25.04 -39.23
CA ILE S 146 -5.49 25.85 -38.91
C ILE S 146 -5.80 27.35 -38.98
N TYR S 147 -6.39 27.83 -40.06
CA TYR S 147 -6.66 29.26 -40.17
C TYR S 147 -8.00 29.69 -39.59
N GLY S 148 -8.97 28.79 -39.50
CA GLY S 148 -10.28 29.14 -39.04
C GLY S 148 -11.26 29.50 -40.14
N LYS S 149 -10.78 29.70 -41.36
CA LYS S 149 -11.65 29.98 -42.48
C LYS S 149 -11.01 29.38 -43.72
N ALA S 150 -11.85 29.08 -44.73
CA ALA S 150 -11.32 28.51 -45.97
C ALA S 150 -12.18 28.95 -47.13
N TYR S 151 -11.59 28.99 -48.33
CA TYR S 151 -12.29 29.50 -49.49
C TYR S 151 -12.20 28.52 -50.65
N GLU S 152 -13.27 28.44 -51.43
CA GLU S 152 -13.23 27.63 -52.65
C GLU S 152 -13.74 28.44 -53.83
N LEU S 153 -13.09 28.26 -54.96
CA LEU S 153 -13.40 28.95 -56.20
C LEU S 153 -13.88 27.94 -57.24
N MET S 154 -14.98 28.24 -57.90
CA MET S 154 -15.54 27.37 -58.92
C MET S 154 -15.46 28.06 -60.28
N ILE S 155 -14.96 27.36 -61.29
CA ILE S 155 -14.78 27.94 -62.61
C ILE S 155 -15.15 26.96 -63.71
N ARG S 156 -15.77 27.49 -64.77
CA ARG S 156 -16.03 26.69 -65.97
C ARG S 156 -14.76 26.71 -66.80
N ASN S 157 -14.10 25.56 -66.88
CA ASN S 157 -12.79 25.42 -67.48
C ASN S 157 -12.84 25.60 -69.00
N GLN S 158 -11.66 25.76 -69.58
CA GLN S 158 -11.55 25.94 -71.02
C GLN S 158 -11.99 24.68 -71.76
N ASP S 159 -11.73 23.52 -71.19
CA ASP S 159 -12.20 22.27 -71.78
C ASP S 159 -13.67 22.06 -71.55
N ASP S 160 -14.35 23.09 -71.04
CA ASP S 160 -15.80 23.06 -70.82
C ASP S 160 -16.19 22.00 -69.80
N GLU S 161 -15.65 22.16 -68.60
CA GLU S 161 -15.96 21.29 -67.46
C GLU S 161 -16.05 22.17 -66.22
N THR S 162 -16.90 21.79 -65.28
CA THR S 162 -17.05 22.58 -64.05
C THR S 162 -16.00 22.11 -63.05
N ARG S 163 -15.05 22.97 -62.72
CA ARG S 163 -13.96 22.60 -61.82
C ARG S 163 -14.03 23.41 -60.53
N LEU S 164 -13.59 22.77 -59.44
CA LEU S 164 -13.61 23.35 -58.10
C LEU S 164 -12.19 23.32 -57.54
N TYR S 165 -11.68 24.48 -57.12
CA TYR S 165 -10.32 24.59 -56.63
C TYR S 165 -10.29 25.37 -55.32
N LYS S 166 -9.48 24.92 -54.37
CA LYS S 166 -9.34 25.67 -53.14
C LYS S 166 -8.51 26.93 -53.38
N SER S 167 -8.85 28.00 -52.66
CA SER S 167 -8.15 29.26 -52.75
C SER S 167 -7.49 29.55 -51.42
N ASP S 168 -6.21 29.88 -51.45
CA ASP S 168 -5.45 29.99 -50.21
C ASP S 168 -6.00 31.12 -49.37
N ALA S 169 -6.06 30.90 -48.05
CA ALA S 169 -6.59 31.92 -47.16
C ALA S 169 -5.70 33.14 -47.08
N MET S 170 -4.38 32.96 -47.15
CA MET S 170 -3.47 34.10 -47.07
C MET S 170 -3.55 35.02 -48.28
N SER S 171 -4.27 34.66 -49.33
CA SER S 171 -4.29 35.50 -50.53
C SER S 171 -5.69 35.75 -51.07
N THR S 172 -6.74 35.40 -50.32
CA THR S 172 -8.11 35.55 -50.79
C THR S 172 -8.97 36.18 -49.71
N PHE S 173 -9.92 37.01 -50.11
CA PHE S 173 -10.90 37.49 -49.15
C PHE S 173 -12.15 37.94 -49.89
N ILE S 174 -13.23 38.16 -49.14
CA ILE S 174 -14.51 38.54 -49.71
C ILE S 174 -15.02 39.82 -49.05
N ILE S 175 -15.64 40.67 -49.86
CA ILE S 175 -16.27 41.91 -49.44
C ILE S 175 -17.78 41.66 -49.46
N TYR S 176 -18.42 41.78 -48.30
CA TYR S 176 -19.84 41.46 -48.17
C TYR S 176 -20.72 42.69 -48.17
N ASP S 177 -21.97 42.47 -48.60
CA ASP S 177 -23.03 43.46 -48.49
C ASP S 177 -23.21 43.91 -47.05
N ASN S 178 -23.46 45.22 -46.87
CA ASN S 178 -23.63 45.75 -45.52
C ASN S 178 -24.96 45.40 -44.85
N THR S 179 -25.94 44.87 -45.57
CA THR S 179 -27.22 44.56 -44.92
C THR S 179 -27.08 43.36 -43.98
N VAL S 180 -28.10 43.19 -43.13
CA VAL S 180 -28.11 42.10 -42.17
C VAL S 180 -28.03 40.75 -42.86
N GLU S 181 -28.40 40.69 -44.13
CA GLU S 181 -28.37 39.44 -44.87
C GLU S 181 -26.95 39.03 -45.25
N ARG S 182 -26.07 40.02 -45.36
CA ARG S 182 -24.68 39.85 -45.80
C ARG S 182 -24.53 38.93 -47.01
N ASN S 183 -25.11 39.36 -48.11
CA ASN S 183 -24.78 38.72 -49.37
C ASN S 183 -23.34 39.08 -49.73
N SER S 184 -22.66 38.19 -50.43
CA SER S 184 -21.29 38.47 -50.85
C SER S 184 -21.31 39.36 -52.08
N ILE S 185 -20.70 40.55 -51.96
CA ILE S 185 -20.65 41.48 -53.08
C ILE S 185 -19.55 41.11 -54.06
N ALA S 186 -18.32 41.00 -53.58
CA ALA S 186 -17.22 40.68 -54.49
C ALA S 186 -16.10 39.98 -53.76
N GLY S 187 -15.37 39.12 -54.46
CA GLY S 187 -14.23 38.42 -53.89
C GLY S 187 -12.95 38.84 -54.59
N VAL S 188 -11.84 38.82 -53.86
CA VAL S 188 -10.56 39.14 -54.48
C VAL S 188 -9.51 38.10 -54.13
N ARG S 189 -8.60 37.90 -55.07
CA ARG S 189 -7.42 37.06 -54.93
C ARG S 189 -6.24 37.88 -55.42
N TYR S 190 -5.10 37.79 -54.75
CA TYR S 190 -3.93 38.49 -55.21
C TYR S 190 -2.69 37.66 -54.96
N LEU S 191 -1.80 37.60 -55.95
CA LEU S 191 -0.61 36.76 -55.88
C LEU S 191 0.65 37.54 -56.24
N ARG S 192 1.71 37.28 -55.47
CA ARG S 192 3.03 37.84 -55.72
C ARG S 192 3.69 37.08 -56.87
N THR S 193 3.91 37.75 -57.99
CA THR S 193 4.73 37.18 -59.05
C THR S 193 6.21 37.24 -58.65
N LYS S 194 6.93 36.14 -58.85
CA LYS S 194 8.35 36.10 -58.50
C LYS S 194 9.10 35.16 -59.43
N PRO S 195 10.38 35.43 -59.70
CA PRO S 195 11.30 34.37 -60.09
C PRO S 195 11.71 33.55 -58.87
N ILE S 196 12.34 32.40 -59.15
CA ILE S 196 12.65 31.48 -58.06
C ILE S 196 13.72 32.03 -57.12
N ASP S 197 14.64 32.85 -57.61
CA ASP S 197 15.82 33.24 -56.83
C ASP S 197 15.98 34.74 -56.68
N LYS S 198 15.85 35.49 -57.77
CA LYS S 198 16.08 36.93 -57.76
C LYS S 198 14.94 37.69 -57.10
N THR S 199 15.01 37.84 -55.78
CA THR S 199 13.97 38.51 -55.00
C THR S 199 13.67 39.91 -55.55
N ASP S 200 12.42 40.13 -55.91
CA ASP S 200 12.03 41.36 -56.60
C ASP S 200 12.14 42.57 -55.68
N GLU S 201 12.68 43.66 -56.24
CA GLU S 201 12.76 44.92 -55.50
C GLU S 201 11.41 45.62 -55.40
N ASP S 202 10.48 45.35 -56.32
CA ASP S 202 9.08 45.71 -56.15
C ASP S 202 8.26 44.46 -55.88
N GLU S 203 7.47 44.49 -54.81
CA GLU S 203 6.52 43.43 -54.53
C GLU S 203 5.31 43.64 -55.43
N VAL S 204 5.45 43.17 -56.66
CA VAL S 204 4.41 43.26 -57.69
C VAL S 204 3.33 42.21 -57.44
N PHE S 205 2.08 42.65 -57.34
CA PHE S 205 0.94 41.76 -57.13
C PHE S 205 -0.01 41.78 -58.32
N THR S 206 -0.38 40.59 -58.77
CA THR S 206 -1.45 40.42 -59.76
C THR S 206 -2.75 40.17 -59.01
N VAL S 207 -3.79 40.92 -59.36
CA VAL S 207 -5.04 40.95 -58.58
C VAL S 207 -6.20 40.52 -59.47
N ASP S 208 -7.00 39.56 -58.98
CA ASP S 208 -8.21 39.11 -59.65
C ASP S 208 -9.39 39.50 -58.77
N LEU S 209 -10.35 40.22 -59.35
CA LEU S 209 -11.55 40.68 -58.66
C LEU S 209 -12.75 39.98 -59.27
N PHE S 210 -13.46 39.20 -58.46
CA PHE S 210 -14.57 38.38 -58.90
C PHE S 210 -15.88 39.06 -58.53
N THR S 211 -16.69 39.34 -59.53
CA THR S 211 -18.01 39.92 -59.39
C THR S 211 -19.06 38.88 -59.75
N SER S 212 -20.32 39.26 -59.62
CA SER S 212 -21.40 38.35 -59.94
C SER S 212 -21.53 38.08 -61.43
N HIS S 213 -20.84 38.84 -62.28
CA HIS S 213 -20.93 38.66 -63.72
C HIS S 213 -19.61 38.41 -64.42
N GLY S 214 -18.48 38.48 -63.73
CA GLY S 214 -17.23 38.23 -64.41
C GLY S 214 -16.03 38.46 -63.51
N VAL S 215 -14.86 38.15 -64.06
CA VAL S 215 -13.58 38.33 -63.40
C VAL S 215 -12.85 39.50 -64.04
N TYR S 216 -12.35 40.41 -63.23
CA TYR S 216 -11.53 41.53 -63.69
C TYR S 216 -10.11 41.28 -63.23
N ARG S 217 -9.14 41.48 -64.12
CA ARG S 217 -7.74 41.27 -63.78
C ARG S 217 -6.98 42.59 -63.78
N TYR S 218 -6.13 42.80 -62.77
CA TYR S 218 -5.38 44.03 -62.62
C TYR S 218 -3.95 43.76 -62.18
N LEU S 219 -3.14 44.80 -62.27
CA LEU S 219 -1.75 44.82 -61.86
C LEU S 219 -1.56 45.88 -60.79
N THR S 220 -0.64 45.62 -59.86
CA THR S 220 -0.33 46.57 -58.79
C THR S 220 1.07 46.28 -58.29
N ASN S 221 1.59 47.20 -57.51
CA ASN S 221 2.67 46.90 -56.59
C ASN S 221 2.45 47.65 -55.29
N ARG S 222 3.01 47.10 -54.21
CA ARG S 222 2.86 47.75 -52.90
C ARG S 222 3.52 49.12 -52.88
N THR S 223 4.64 49.27 -53.58
CA THR S 223 5.43 50.49 -53.46
C THR S 223 4.72 51.72 -54.03
N ASN S 224 3.94 51.56 -55.11
CA ASN S 224 3.18 52.69 -55.64
C ASN S 224 1.87 52.95 -54.91
N GLY S 225 1.58 52.23 -53.83
CA GLY S 225 0.32 52.41 -53.13
C GLY S 225 -0.83 51.59 -53.67
N LEU S 226 -0.54 50.43 -54.28
CA LEU S 226 -1.57 49.51 -54.75
C LEU S 226 -2.55 50.17 -55.73
N LYS S 227 -2.02 51.02 -56.60
CA LYS S 227 -2.86 51.62 -57.64
C LYS S 227 -3.24 50.52 -58.64
N LEU S 228 -4.52 50.18 -58.71
CA LEU S 228 -4.96 49.13 -59.62
C LEU S 228 -4.93 49.61 -61.07
N THR S 229 -4.18 48.92 -61.92
CA THR S 229 -4.19 49.21 -63.34
C THR S 229 -4.71 47.99 -64.11
N PRO S 230 -5.74 48.13 -64.94
CA PRO S 230 -6.27 46.97 -65.65
C PRO S 230 -5.20 46.24 -66.45
N ARG S 231 -5.22 44.91 -66.35
CA ARG S 231 -4.33 44.08 -67.13
C ARG S 231 -4.87 43.94 -68.55
N GLU S 232 -3.97 43.65 -69.49
CA GLU S 232 -4.38 43.39 -70.86
C GLU S 232 -5.40 42.26 -70.87
N ASN S 233 -6.50 42.48 -71.60
CA ASN S 233 -7.64 41.55 -71.58
C ASN S 233 -8.14 41.42 -70.14
N SER S 234 -8.44 42.58 -69.55
CA SER S 234 -8.82 42.65 -68.14
C SER S 234 -10.04 41.82 -67.82
N PHE S 235 -11.12 41.98 -68.59
CA PHE S 235 -12.38 41.34 -68.25
C PHE S 235 -12.52 39.94 -68.84
N GLU S 236 -13.25 39.10 -68.12
CA GLU S 236 -13.54 37.73 -68.54
C GLU S 236 -14.92 37.35 -68.01
N SER S 237 -15.86 37.09 -68.89
CA SER S 237 -17.20 36.73 -68.44
C SER S 237 -17.25 35.31 -67.86
N HIS S 238 -18.12 35.12 -66.88
CA HIS S 238 -18.42 33.81 -66.31
C HIS S 238 -19.93 33.62 -66.28
N SER S 239 -20.37 32.39 -66.44
CA SER S 239 -21.78 32.10 -66.63
C SER S 239 -22.57 31.88 -65.34
N PHE S 240 -21.96 32.03 -64.18
CA PHE S 240 -22.77 31.97 -62.97
C PHE S 240 -23.54 33.27 -62.84
N GLU S 241 -24.41 33.34 -61.83
CA GLU S 241 -25.18 34.55 -61.59
C GLU S 241 -24.97 35.06 -60.17
N ARG S 242 -23.89 34.63 -59.53
CA ARG S 242 -23.53 35.08 -58.20
C ARG S 242 -22.02 34.91 -58.08
N MET S 243 -21.43 35.63 -57.14
CA MET S 243 -19.98 35.63 -57.05
C MET S 243 -19.47 34.21 -56.82
N PRO S 244 -18.51 33.73 -57.62
CA PRO S 244 -18.14 32.31 -57.55
C PRO S 244 -17.45 31.86 -56.28
N ILE S 245 -16.74 32.72 -55.56
CA ILE S 245 -16.01 32.26 -54.40
C ILE S 245 -16.96 32.02 -53.24
N THR S 246 -16.71 30.96 -52.49
CA THR S 246 -17.45 30.62 -51.29
C THR S 246 -16.51 30.59 -50.11
N GLU S 247 -16.99 31.03 -48.95
CA GLU S 247 -16.22 31.01 -47.72
C GLU S 247 -16.85 30.06 -46.72
N PHE S 248 -16.00 29.29 -46.05
CA PHE S 248 -16.40 28.37 -45.00
C PHE S 248 -15.75 28.85 -43.71
N SER S 249 -16.45 28.69 -42.59
CA SER S 249 -15.99 29.18 -41.30
C SER S 249 -15.90 28.05 -40.30
N ASN S 250 -14.83 28.03 -39.52
CA ASN S 250 -14.67 26.98 -38.53
C ASN S 250 -15.68 27.14 -37.41
N ASN S 251 -16.06 28.38 -37.10
CA ASN S 251 -17.09 28.62 -36.10
C ASN S 251 -17.56 30.07 -36.26
N GLU S 252 -18.51 30.44 -35.40
CA GLU S 252 -19.11 31.76 -35.46
C GLU S 252 -18.07 32.87 -35.52
N ARG S 253 -16.95 32.72 -34.81
CA ARG S 253 -15.87 33.70 -34.78
C ARG S 253 -14.76 33.45 -35.80
N ARG S 254 -14.84 32.40 -36.59
CA ARG S 254 -13.80 32.10 -37.58
C ARG S 254 -12.42 32.01 -36.95
N LYS S 255 -12.34 31.47 -35.74
CA LYS S 255 -11.07 31.25 -35.08
C LYS S 255 -10.55 29.83 -35.29
N GLY S 256 -9.23 29.70 -35.36
CA GLY S 256 -8.60 28.42 -35.58
C GLY S 256 -8.75 27.50 -34.38
N ASP S 257 -8.19 26.29 -34.53
CA ASP S 257 -8.32 25.31 -33.46
C ASP S 257 -7.28 25.46 -32.35
N TYR S 258 -6.02 25.69 -32.70
CA TYR S 258 -4.98 25.92 -31.71
C TYR S 258 -4.66 27.39 -31.48
N GLU S 259 -5.37 28.28 -32.17
CA GLU S 259 -5.11 29.70 -32.04
C GLU S 259 -5.18 30.15 -30.59
N LYS S 260 -6.02 29.52 -29.79
CA LYS S 260 -6.16 29.92 -28.40
C LYS S 260 -5.16 29.27 -27.44
N VAL S 261 -4.29 28.38 -27.92
CA VAL S 261 -3.31 27.75 -27.06
C VAL S 261 -1.89 27.99 -27.54
N ILE S 262 -1.71 28.85 -28.54
CA ILE S 262 -0.34 29.10 -28.99
C ILE S 262 0.56 29.59 -27.85
N THR S 263 0.02 30.36 -26.90
CA THR S 263 0.86 30.81 -25.78
C THR S 263 1.33 29.65 -24.92
N LEU S 264 0.53 28.60 -24.80
CA LEU S 264 0.96 27.45 -24.03
C LEU S 264 1.98 26.65 -24.81
N ILE S 265 1.83 26.59 -26.12
CA ILE S 265 2.85 25.91 -26.92
C ILE S 265 4.19 26.61 -26.73
N ASP S 266 4.16 27.94 -26.74
CA ASP S 266 5.38 28.70 -26.50
C ASP S 266 5.98 28.40 -25.13
N LEU S 267 5.15 28.39 -24.08
CA LEU S 267 5.72 28.12 -22.76
C LEU S 267 6.34 26.74 -22.70
N TYR S 268 5.74 25.75 -23.36
CA TYR S 268 6.32 24.42 -23.31
C TYR S 268 7.64 24.39 -24.05
N ASP S 269 7.72 25.11 -25.17
CA ASP S 269 8.99 25.18 -25.89
C ASP S 269 10.07 25.81 -25.03
N ASN S 270 9.75 26.93 -24.38
CA ASN S 270 10.76 27.59 -23.57
C ASN S 270 11.21 26.71 -22.42
N ALA S 271 10.27 26.03 -21.76
CA ALA S 271 10.65 25.19 -20.62
C ALA S 271 11.57 24.06 -21.05
N GLU S 272 11.23 23.40 -22.16
CA GLU S 272 12.06 22.26 -22.55
C GLU S 272 13.43 22.72 -23.03
N SER S 273 13.51 23.84 -23.75
CA SER S 273 14.82 24.30 -24.16
C SER S 273 15.63 24.78 -22.97
N ASP S 274 14.95 25.23 -21.91
CA ASP S 274 15.67 25.60 -20.69
C ASP S 274 16.33 24.38 -20.06
N THR S 275 15.58 23.30 -19.92
CA THR S 275 16.20 22.09 -19.39
C THR S 275 17.31 21.60 -20.29
N ALA S 276 17.16 21.75 -21.61
CA ALA S 276 18.23 21.30 -22.48
C ALA S 276 19.49 22.15 -22.32
N ASN S 277 19.33 23.42 -21.96
CA ASN S 277 20.52 24.23 -21.67
C ASN S 277 21.17 23.77 -20.39
N TYR S 278 20.37 23.59 -19.34
CA TYR S 278 20.92 23.09 -18.09
C TYR S 278 21.69 21.80 -18.31
N MET S 279 21.21 20.93 -19.18
CA MET S 279 21.91 19.67 -19.43
C MET S 279 23.21 19.91 -20.20
N SER S 280 23.14 20.70 -21.26
CA SER S 280 24.33 21.00 -22.06
C SER S 280 25.45 21.63 -21.25
N ASP S 281 25.15 22.66 -20.46
CA ASP S 281 26.19 23.57 -19.97
C ASP S 281 26.85 23.20 -18.65
N LEU S 282 26.25 22.40 -17.78
CA LEU S 282 26.88 22.05 -16.50
C LEU S 282 27.50 20.67 -16.50
N ASN S 283 28.63 20.56 -15.80
CA ASN S 283 29.31 19.27 -15.65
C ASN S 283 28.49 18.36 -14.75
N ASP S 284 28.33 17.11 -15.16
CA ASP S 284 27.49 16.19 -14.39
C ASP S 284 28.02 16.00 -12.99
N ALA S 285 29.32 15.69 -12.86
CA ALA S 285 29.90 15.51 -11.54
C ALA S 285 31.40 15.74 -11.64
N MET S 286 32.00 16.05 -10.51
CA MET S 286 33.43 16.28 -10.45
C MET S 286 33.98 15.79 -9.13
N LEU S 287 35.25 15.42 -9.15
CA LEU S 287 35.97 15.07 -7.93
C LEU S 287 36.53 16.37 -7.36
N LEU S 288 35.99 16.81 -6.24
CA LEU S 288 36.43 18.03 -5.59
C LEU S 288 37.55 17.70 -4.61
N ILE S 289 38.68 18.38 -4.76
CA ILE S 289 39.81 18.25 -3.84
C ILE S 289 40.15 19.63 -3.31
N LYS S 290 40.18 19.75 -1.99
CA LYS S 290 40.48 21.00 -1.32
C LYS S 290 41.85 20.93 -0.64
N GLY S 291 42.27 22.05 -0.09
CA GLY S 291 43.46 22.09 0.72
C GLY S 291 44.74 22.33 -0.07
N ASN S 292 45.73 22.82 0.66
CA ASN S 292 47.05 23.13 0.11
C ASN S 292 47.77 21.84 -0.25
N LEU S 293 48.06 21.66 -1.54
CA LEU S 293 48.60 20.38 -2.02
C LEU S 293 49.34 20.61 -3.33
N ASN S 294 50.08 19.57 -3.74
CA ASN S 294 50.71 19.51 -5.05
C ASN S 294 49.97 18.47 -5.87
N LEU S 295 49.32 18.90 -6.95
CA LEU S 295 48.72 17.98 -7.89
C LEU S 295 49.46 18.06 -9.20
N ASP S 296 49.98 16.93 -9.66
CA ASP S 296 50.63 16.90 -10.95
C ASP S 296 49.55 16.71 -12.02
N PRO S 297 49.41 17.65 -12.96
CA PRO S 297 48.36 17.48 -13.97
C PRO S 297 48.59 16.28 -14.86
N VAL S 298 49.78 15.69 -14.78
CA VAL S 298 50.02 14.42 -15.47
C VAL S 298 49.46 13.27 -14.63
N GLU S 299 49.56 13.38 -13.31
CA GLU S 299 49.06 12.34 -12.43
C GLU S 299 47.54 12.34 -12.37
N VAL S 300 46.92 13.52 -12.45
CA VAL S 300 45.47 13.61 -12.43
C VAL S 300 44.83 12.78 -13.53
N ARG S 301 45.56 12.53 -14.62
CA ARG S 301 44.97 11.74 -15.70
C ARG S 301 44.79 10.28 -15.33
N LYS S 302 45.44 9.81 -14.28
CA LYS S 302 45.19 8.47 -13.76
C LYS S 302 43.87 8.39 -13.00
N GLN S 303 43.20 9.52 -12.82
CA GLN S 303 41.99 9.56 -12.00
C GLN S 303 41.00 8.45 -12.35
N LYS S 304 40.87 8.12 -13.64
CA LYS S 304 39.92 7.08 -14.00
C LYS S 304 40.32 5.67 -13.58
N GLU S 305 41.60 5.44 -13.27
CA GLU S 305 42.06 4.09 -13.02
C GLU S 305 42.74 3.88 -11.68
N ALA S 306 42.82 4.90 -10.83
CA ALA S 306 43.38 4.72 -9.50
C ALA S 306 42.35 4.12 -8.57
N ASN S 307 42.83 3.35 -7.60
CA ASN S 307 41.98 2.77 -6.57
C ASN S 307 42.03 3.55 -5.26
N VAL S 308 43.21 3.97 -4.82
CA VAL S 308 43.39 4.69 -3.57
C VAL S 308 43.73 6.13 -3.88
N LEU S 309 43.06 7.06 -3.22
CA LEU S 309 43.37 8.48 -3.27
C LEU S 309 43.95 8.86 -1.92
N PHE S 310 45.21 9.27 -1.91
CA PHE S 310 45.91 9.62 -0.69
C PHE S 310 46.19 11.11 -0.67
N LEU S 311 45.69 11.80 0.36
CA LEU S 311 45.90 13.23 0.56
C LEU S 311 46.81 13.44 1.75
N GLU S 312 47.97 14.03 1.53
CA GLU S 312 48.91 14.27 2.60
C GLU S 312 48.96 15.76 2.88
N PRO S 313 48.54 16.22 4.06
CA PRO S 313 48.43 17.66 4.30
C PRO S 313 49.77 18.35 4.47
N THR S 314 49.83 19.59 4.01
CA THR S 314 50.98 20.43 4.24
C THR S 314 51.17 20.68 5.72
N VAL S 315 52.41 20.55 6.20
CA VAL S 315 52.73 20.80 7.60
C VAL S 315 53.34 22.18 7.72
N TYR S 316 52.73 23.03 8.54
CA TYR S 316 53.22 24.39 8.73
C TYR S 316 54.05 24.42 10.00
N VAL S 317 55.24 25.00 9.89
CA VAL S 317 56.18 25.09 11.00
C VAL S 317 56.22 26.53 11.48
N ASP S 318 56.02 26.72 12.78
CA ASP S 318 56.04 28.06 13.35
C ASP S 318 57.47 28.48 13.63
N ALA S 319 57.70 29.79 13.64
CA ALA S 319 59.05 30.27 13.87
C ALA S 319 59.56 29.86 15.24
N GLU S 320 58.66 29.68 16.20
CA GLU S 320 59.04 29.20 17.53
C GLU S 320 59.08 27.69 17.60
N GLY S 321 59.02 27.00 16.46
CA GLY S 321 59.14 25.56 16.40
C GLY S 321 57.86 24.75 16.43
N ARG S 322 56.69 25.38 16.59
CA ARG S 322 55.46 24.62 16.60
C ARG S 322 55.19 24.03 15.22
N GLU S 323 54.41 22.95 15.18
CA GLU S 323 54.02 22.31 13.93
C GLU S 323 52.51 22.09 13.91
N THR S 324 51.90 22.30 12.74
CA THR S 324 50.47 22.13 12.59
C THR S 324 50.15 21.73 11.15
N GLU S 325 49.01 21.09 10.95
CA GLU S 325 48.62 20.52 9.67
C GLU S 325 47.53 21.31 8.96
N GLY S 326 47.67 21.45 7.65
CA GLY S 326 46.62 22.03 6.83
C GLY S 326 45.43 21.09 6.68
N SER S 327 44.28 21.66 6.30
CA SER S 327 43.04 20.91 6.17
C SER S 327 42.83 20.42 4.74
N VAL S 328 43.14 19.15 4.48
CA VAL S 328 42.84 18.51 3.21
C VAL S 328 41.42 17.95 3.21
N ASP S 329 40.80 17.85 2.04
CA ASP S 329 39.49 17.21 1.91
C ASP S 329 39.26 16.78 0.47
N GLY S 330 38.38 15.78 0.30
CA GLY S 330 38.08 15.28 -1.03
C GLY S 330 36.76 14.52 -1.16
N GLY S 331 36.03 14.73 -2.25
CA GLY S 331 34.76 14.02 -2.45
C GLY S 331 34.08 14.44 -3.73
N TYR S 332 33.16 13.60 -4.19
CA TYR S 332 32.44 13.88 -5.43
C TYR S 332 31.29 14.85 -5.22
N ILE S 333 31.08 15.74 -6.19
CA ILE S 333 29.96 16.66 -6.21
C ILE S 333 29.24 16.51 -7.55
N TYR S 334 27.92 16.65 -7.55
CA TYR S 334 27.14 16.43 -8.76
C TYR S 334 26.01 17.44 -8.89
N LYS S 335 25.72 17.80 -10.15
CA LYS S 335 24.68 18.78 -10.43
C LYS S 335 23.30 18.19 -10.18
N GLN S 336 22.35 19.06 -9.84
CA GLN S 336 21.00 18.63 -9.52
C GLN S 336 20.02 19.74 -9.84
N TYR S 337 18.76 19.39 -10.13
CA TYR S 337 17.72 20.39 -10.35
C TYR S 337 16.39 19.90 -9.78
N ASP S 338 15.45 20.82 -9.66
CA ASP S 338 14.13 20.54 -9.10
C ASP S 338 13.29 19.70 -10.06
N VAL S 339 13.54 18.39 -10.03
CA VAL S 339 12.82 17.49 -10.93
C VAL S 339 11.33 17.53 -10.64
N GLN S 340 10.96 17.54 -9.36
CA GLN S 340 9.54 17.52 -9.02
C GLN S 340 8.83 18.74 -9.58
N GLY S 341 9.34 19.94 -9.32
CA GLY S 341 8.62 21.12 -9.74
C GLY S 341 8.63 21.32 -11.24
N THR S 342 9.72 20.93 -11.91
CA THR S 342 9.72 21.17 -13.34
C THR S 342 8.87 20.14 -14.06
N GLU S 343 8.86 18.89 -13.59
CA GLU S 343 7.99 17.93 -14.25
C GLU S 343 6.53 18.19 -13.94
N ALA S 344 6.21 18.67 -12.74
CA ALA S 344 4.82 19.01 -12.50
C ALA S 344 4.38 20.18 -13.36
N TYR S 345 5.27 21.12 -13.63
CA TYR S 345 4.92 22.27 -14.46
C TYR S 345 4.77 21.88 -15.92
N LYS S 346 5.72 21.11 -16.45
CA LYS S 346 5.61 20.69 -17.84
C LYS S 346 4.44 19.73 -18.05
N ASP S 347 4.12 18.88 -17.07
CA ASP S 347 2.93 18.06 -17.18
C ASP S 347 1.68 18.90 -17.18
N ARG S 348 1.66 19.99 -16.41
CA ARG S 348 0.48 20.82 -16.43
C ARG S 348 0.31 21.50 -17.77
N LEU S 349 1.40 21.99 -18.35
CA LEU S 349 1.29 22.61 -19.67
C LEU S 349 0.74 21.65 -20.71
N ASN S 350 1.30 20.44 -20.77
CA ASN S 350 0.78 19.46 -21.72
C ASN S 350 -0.69 19.15 -21.45
N SER S 351 -1.05 18.97 -20.19
CA SER S 351 -2.42 18.65 -19.87
C SER S 351 -3.36 19.75 -20.32
N ASP S 352 -2.99 21.00 -20.10
CA ASP S 352 -3.87 22.09 -20.50
C ASP S 352 -3.97 22.21 -22.01
N ILE S 353 -2.85 21.99 -22.72
CA ILE S 353 -2.92 22.03 -24.17
C ILE S 353 -3.93 21.01 -24.68
N HIS S 354 -3.94 19.82 -24.09
CA HIS S 354 -4.93 18.85 -24.55
C HIS S 354 -6.35 19.15 -24.06
N MET S 355 -6.50 19.63 -22.82
CA MET S 355 -7.84 19.91 -22.32
C MET S 355 -8.53 20.98 -23.15
N PHE S 356 -7.86 22.11 -23.38
CA PHE S 356 -8.53 23.19 -24.08
C PHE S 356 -8.77 22.91 -25.56
N THR S 357 -8.22 21.83 -26.09
CA THR S 357 -8.45 21.47 -27.49
C THR S 357 -9.21 20.16 -27.61
N ASN S 358 -9.70 19.63 -26.50
CA ASN S 358 -10.51 18.41 -26.52
C ASN S 358 -9.82 17.27 -27.24
N THR S 359 -8.51 17.24 -27.17
CA THR S 359 -7.72 16.19 -27.80
C THR S 359 -7.34 15.15 -26.76
N PRO S 360 -7.33 13.85 -27.05
CA PRO S 360 -7.04 12.87 -26.00
C PRO S 360 -5.61 12.99 -25.49
N ASN S 361 -5.47 13.08 -24.17
CA ASN S 361 -4.18 13.19 -23.49
C ASN S 361 -3.55 11.80 -23.42
N MET S 362 -2.73 11.48 -24.42
CA MET S 362 -2.13 10.14 -24.50
C MET S 362 -1.26 9.82 -23.29
N LYS S 363 -0.70 10.81 -22.60
CA LYS S 363 0.18 10.49 -21.48
C LYS S 363 -0.59 10.02 -20.26
N ASP S 364 -1.85 10.39 -20.12
CA ASP S 364 -2.67 10.02 -18.96
C ASP S 364 -3.91 9.28 -19.45
N ASP S 365 -3.71 8.09 -20.01
CA ASP S 365 -4.76 7.40 -20.74
C ASP S 365 -4.75 5.90 -20.44
N ASN S 366 -5.96 5.33 -20.41
CA ASN S 366 -6.16 3.90 -20.18
C ASN S 366 -7.37 3.46 -20.99
N PHE S 367 -7.38 2.19 -21.38
CA PHE S 367 -8.42 1.63 -22.23
C PHE S 367 -9.11 0.45 -21.56
N SER S 368 -10.43 0.35 -21.78
CA SER S 368 -11.30 -0.61 -21.12
C SER S 368 -11.79 -1.66 -22.11
N GLY S 369 -11.47 -2.93 -21.83
CA GLY S 369 -11.87 -4.04 -22.68
C GLY S 369 -11.34 -3.92 -24.10
N THR S 370 -12.25 -4.06 -25.07
CA THR S 370 -11.93 -3.87 -26.48
C THR S 370 -12.93 -2.95 -27.18
N GLN S 371 -13.75 -2.23 -26.42
CA GLN S 371 -14.84 -1.42 -26.97
C GLN S 371 -14.31 -0.07 -27.51
N SER S 372 -13.48 -0.17 -28.54
CA SER S 372 -12.89 1.02 -29.13
C SER S 372 -13.93 2.08 -29.42
N GLY S 373 -15.04 1.71 -30.05
CA GLY S 373 -15.96 2.72 -30.54
C GLY S 373 -16.73 3.42 -29.44
N GLU S 374 -17.09 2.71 -28.38
CA GLU S 374 -17.80 3.35 -27.29
C GLU S 374 -16.86 4.12 -26.37
N ALA S 375 -15.72 3.54 -26.04
CA ALA S 375 -14.75 4.28 -25.26
C ALA S 375 -14.36 5.58 -25.98
N MET S 376 -14.20 5.52 -27.30
CA MET S 376 -13.89 6.72 -28.04
C MET S 376 -15.04 7.72 -28.02
N LYS S 377 -16.28 7.25 -28.15
CA LYS S 377 -17.39 8.18 -28.05
C LYS S 377 -17.50 8.81 -26.67
N TYR S 378 -17.01 8.15 -25.64
CA TYR S 378 -16.93 8.82 -24.34
C TYR S 378 -15.80 9.85 -24.33
N LYS S 379 -14.59 9.45 -24.73
CA LYS S 379 -13.46 10.36 -24.56
C LYS S 379 -13.53 11.56 -25.49
N LEU S 380 -14.14 11.42 -26.65
CA LEU S 380 -14.28 12.50 -27.60
C LEU S 380 -15.61 13.23 -27.49
N PHE S 381 -16.33 13.04 -26.38
CA PHE S 381 -17.59 13.75 -26.23
C PHE S 381 -17.41 15.26 -26.32
N GLY S 382 -16.38 15.79 -25.68
CA GLY S 382 -16.20 17.23 -25.73
C GLY S 382 -15.88 17.72 -27.13
N LEU S 383 -15.09 16.96 -27.87
CA LEU S 383 -14.77 17.32 -29.25
C LEU S 383 -15.99 17.22 -30.15
N GLU S 384 -16.90 16.29 -29.86
CA GLU S 384 -18.10 16.17 -30.69
C GLU S 384 -18.96 17.42 -30.63
N GLN S 385 -19.04 18.06 -29.46
CA GLN S 385 -19.87 19.26 -29.33
C GLN S 385 -19.44 20.36 -30.29
N ARG S 386 -18.13 20.59 -30.44
CA ARG S 386 -17.66 21.59 -31.38
C ARG S 386 -17.88 21.13 -32.82
N THR S 387 -17.55 19.88 -33.09
CA THR S 387 -17.70 19.36 -34.45
C THR S 387 -19.13 19.44 -34.92
N LYS S 388 -20.11 19.29 -34.04
CA LYS S 388 -21.50 19.36 -34.49
C LYS S 388 -21.85 20.76 -34.96
N THR S 389 -21.22 21.80 -34.41
CA THR S 389 -21.43 23.15 -34.92
C THR S 389 -20.73 23.33 -36.26
N LYS S 390 -19.48 22.88 -36.32
CA LYS S 390 -18.74 22.96 -37.57
C LYS S 390 -19.52 22.30 -38.69
N GLU S 391 -20.17 21.18 -38.39
CA GLU S 391 -20.96 20.48 -39.41
C GLU S 391 -22.06 21.37 -39.95
N GLY S 392 -22.66 22.19 -39.09
CA GLY S 392 -23.69 23.08 -39.56
C GLY S 392 -23.15 24.11 -40.52
N LEU S 393 -22.05 24.76 -40.14
CA LEU S 393 -21.50 25.77 -41.04
C LEU S 393 -20.99 25.16 -42.34
N PHE S 394 -20.43 23.95 -42.27
CA PHE S 394 -19.95 23.31 -43.49
C PHE S 394 -21.10 23.01 -44.43
N THR S 395 -22.21 22.49 -43.91
CA THR S 395 -23.35 22.27 -44.80
C THR S 395 -23.86 23.58 -45.36
N LYS S 396 -23.86 24.63 -44.54
CA LYS S 396 -24.30 25.94 -45.03
C LYS S 396 -23.48 26.36 -46.23
N GLY S 397 -22.22 25.98 -46.28
CA GLY S 397 -21.39 26.30 -47.43
C GLY S 397 -21.63 25.38 -48.63
N LEU S 398 -21.78 24.09 -48.34
CA LEU S 398 -22.06 23.14 -49.41
C LEU S 398 -23.35 23.48 -50.15
N ARG S 399 -24.35 24.02 -49.45
CA ARG S 399 -25.57 24.40 -50.16
C ARG S 399 -25.30 25.50 -51.18
N ARG S 400 -24.38 26.42 -50.87
CA ARG S 400 -24.03 27.43 -51.86
C ARG S 400 -23.27 26.80 -53.02
N ARG S 401 -22.39 25.87 -52.73
CA ARG S 401 -21.71 25.15 -53.81
C ARG S 401 -22.74 24.52 -54.75
N ALA S 402 -23.79 23.94 -54.18
CA ALA S 402 -24.83 23.33 -55.00
C ALA S 402 -25.60 24.39 -55.78
N LYS S 403 -25.86 25.54 -55.17
CA LYS S 403 -26.57 26.60 -55.89
C LYS S 403 -25.79 27.03 -57.13
N LEU S 404 -24.47 27.16 -56.99
CA LEU S 404 -23.65 27.51 -58.14
C LEU S 404 -23.68 26.41 -59.20
N LEU S 405 -23.55 25.16 -58.77
CA LEU S 405 -23.52 24.07 -59.74
C LEU S 405 -24.81 23.98 -60.52
N GLU S 406 -25.96 24.11 -59.84
CA GLU S 406 -27.21 24.05 -60.58
C GLU S 406 -27.33 25.21 -61.53
N THR S 407 -26.78 26.37 -61.17
CA THR S 407 -26.92 27.52 -62.06
C THR S 407 -26.15 27.30 -63.34
N ILE S 408 -24.91 26.82 -63.23
CA ILE S 408 -24.13 26.61 -64.43
C ILE S 408 -24.69 25.47 -65.28
N LEU S 409 -25.20 24.41 -64.64
CA LEU S 409 -25.81 23.32 -65.41
C LEU S 409 -27.02 23.82 -66.18
N LYS S 410 -27.86 24.64 -65.56
CA LYS S 410 -29.03 25.12 -66.26
C LYS S 410 -28.63 26.07 -67.39
N ASN S 411 -27.66 26.95 -67.14
CA ASN S 411 -27.30 27.88 -68.19
C ASN S 411 -26.68 27.17 -69.38
N THR S 412 -26.07 26.00 -69.16
CA THR S 412 -25.59 25.20 -70.28
C THR S 412 -26.63 24.19 -70.76
N ARG S 413 -27.80 24.15 -70.13
CA ARG S 413 -28.85 23.20 -70.45
C ARG S 413 -28.38 21.76 -70.37
N SER S 414 -27.45 21.48 -69.46
CA SER S 414 -27.04 20.11 -69.22
C SER S 414 -28.04 19.37 -68.34
N ILE S 415 -29.06 20.08 -67.84
CA ILE S 415 -30.10 19.52 -67.01
C ILE S 415 -31.37 20.31 -67.27
N ASP S 416 -32.52 19.68 -67.01
CA ASP S 416 -33.78 20.38 -67.21
C ASP S 416 -33.92 21.53 -66.22
N ALA S 417 -34.39 22.67 -66.70
CA ALA S 417 -34.57 23.83 -65.84
C ALA S 417 -35.56 23.56 -64.72
N ASN S 418 -36.32 22.47 -64.81
CA ASN S 418 -37.28 22.11 -63.78
C ASN S 418 -36.65 21.66 -62.47
N LYS S 419 -35.39 21.20 -62.49
CA LYS S 419 -34.79 20.59 -61.31
C LYS S 419 -34.47 21.61 -60.23
N ASP S 420 -34.40 21.12 -58.99
CA ASP S 420 -34.04 21.90 -57.81
C ASP S 420 -33.02 21.11 -56.99
N PHE S 421 -31.91 21.76 -56.62
CA PHE S 421 -30.85 21.12 -55.86
C PHE S 421 -30.95 21.31 -54.34
N ASN S 422 -31.77 22.24 -53.85
CA ASN S 422 -31.80 22.43 -52.41
C ASN S 422 -32.45 21.28 -51.64
N THR S 423 -32.97 20.27 -52.33
CA THR S 423 -33.53 19.12 -51.64
C THR S 423 -32.47 18.11 -51.17
N VAL S 424 -31.23 18.25 -51.62
CA VAL S 424 -30.19 17.31 -51.23
C VAL S 424 -30.00 17.29 -49.73
N ARG S 425 -29.87 16.08 -49.17
CA ARG S 425 -29.59 15.85 -47.76
C ARG S 425 -28.14 15.40 -47.63
N TYR S 426 -27.36 16.14 -46.84
CA TYR S 426 -25.97 15.82 -46.59
C TYR S 426 -25.85 15.01 -45.30
N VAL S 427 -25.30 13.80 -45.40
CA VAL S 427 -25.16 12.89 -44.26
C VAL S 427 -23.69 12.81 -43.88
N TYR S 428 -23.39 13.09 -42.61
CA TYR S 428 -22.04 13.10 -42.08
C TYR S 428 -21.82 11.90 -41.18
N ASN S 429 -20.70 11.22 -41.35
CA ASN S 429 -20.29 10.14 -40.45
C ASN S 429 -18.95 10.50 -39.85
N ARG S 430 -18.80 10.24 -38.56
CA ARG S 430 -17.52 10.50 -37.94
C ARG S 430 -16.54 9.39 -38.32
N ASN S 431 -15.26 9.68 -38.14
CA ASN S 431 -14.22 8.70 -38.45
C ASN S 431 -13.92 7.79 -37.28
N LEU S 432 -14.92 7.40 -36.50
CA LEU S 432 -14.70 6.50 -35.38
C LEU S 432 -14.31 5.10 -35.84
N PRO S 433 -13.50 4.39 -35.06
CA PRO S 433 -13.06 3.05 -35.46
C PRO S 433 -14.23 2.06 -35.43
N LYS S 434 -14.23 1.13 -36.39
CA LYS S 434 -15.34 0.21 -36.54
C LYS S 434 -14.88 -1.24 -36.56
N SER S 435 -15.77 -2.12 -36.13
CA SER S 435 -15.50 -3.53 -35.87
C SER S 435 -16.33 -4.40 -36.82
N LEU S 436 -15.75 -4.71 -37.99
CA LEU S 436 -16.52 -5.35 -39.05
C LEU S 436 -17.14 -6.68 -38.62
N ILE S 437 -16.49 -7.44 -37.76
CA ILE S 437 -17.07 -8.71 -37.33
C ILE S 437 -18.32 -8.48 -36.49
N GLU S 438 -18.27 -7.55 -35.54
CA GLU S 438 -19.46 -7.24 -34.76
C GLU S 438 -20.55 -6.62 -35.60
N GLU S 439 -20.19 -5.84 -36.62
CA GLU S 439 -21.23 -5.29 -37.48
C GLU S 439 -21.84 -6.38 -38.36
N LEU S 440 -21.05 -7.30 -38.89
CA LEU S 440 -21.66 -8.42 -39.59
C LEU S 440 -22.59 -9.20 -38.70
N LYS S 441 -22.19 -9.48 -37.47
CA LYS S 441 -23.08 -10.24 -36.61
C LYS S 441 -24.34 -9.45 -36.31
N ALA S 442 -24.23 -8.12 -36.22
CA ALA S 442 -25.40 -7.29 -35.95
C ALA S 442 -26.30 -7.15 -37.16
N TYR S 443 -25.76 -7.25 -38.36
CA TYR S 443 -26.55 -7.14 -39.57
C TYR S 443 -27.18 -8.45 -39.97
N ILE S 444 -26.50 -9.58 -39.75
CA ILE S 444 -27.08 -10.85 -40.15
C ILE S 444 -28.01 -11.37 -39.07
N ASP S 445 -27.67 -11.22 -37.80
CA ASP S 445 -28.76 -11.30 -36.87
C ASP S 445 -29.71 -10.17 -37.23
N SER S 446 -30.97 -10.32 -36.85
CA SER S 446 -31.97 -9.32 -37.21
C SER S 446 -32.33 -9.32 -38.69
N GLY S 447 -32.01 -10.38 -39.43
CA GLY S 447 -32.60 -10.58 -40.75
C GLY S 447 -31.91 -10.03 -41.98
N GLY S 448 -30.64 -9.66 -41.91
CA GLY S 448 -29.97 -9.19 -43.11
C GLY S 448 -29.70 -10.30 -44.10
N LYS S 449 -29.42 -9.90 -45.34
CA LYS S 449 -29.04 -10.83 -46.41
C LYS S 449 -27.78 -10.33 -47.11
N ILE S 450 -26.91 -11.25 -47.53
CA ILE S 450 -25.71 -10.88 -48.28
C ILE S 450 -25.47 -11.89 -49.39
N SER S 451 -25.12 -11.38 -50.57
CA SER S 451 -24.73 -12.23 -51.68
C SER S 451 -23.37 -12.87 -51.38
N GLN S 452 -23.21 -14.13 -51.80
CA GLN S 452 -22.00 -14.86 -51.48
C GLN S 452 -20.75 -14.11 -51.91
N THR S 453 -20.74 -13.56 -53.12
CA THR S 453 -19.54 -12.86 -53.59
C THR S 453 -19.21 -11.65 -52.73
N THR S 454 -20.24 -10.94 -52.26
CA THR S 454 -19.98 -9.80 -51.39
C THR S 454 -19.43 -10.25 -50.04
N LEU S 455 -20.09 -11.24 -49.45
CA LEU S 455 -19.64 -11.72 -48.16
C LEU S 455 -18.19 -12.17 -48.26
N MET S 456 -17.85 -12.88 -49.33
CA MET S 456 -16.46 -13.30 -49.51
C MET S 456 -15.57 -12.08 -49.63
N SER S 457 -16.04 -11.04 -50.32
CA SER S 457 -15.20 -9.86 -50.49
C SER S 457 -14.91 -9.18 -49.16
N LEU S 458 -15.68 -9.47 -48.12
CA LEU S 458 -15.37 -8.81 -46.86
C LEU S 458 -14.21 -9.45 -46.11
N PHE S 459 -13.88 -10.71 -46.38
CA PHE S 459 -12.86 -11.44 -45.65
C PHE S 459 -11.63 -11.66 -46.50
N SER S 460 -10.47 -11.24 -45.99
CA SER S 460 -9.23 -11.28 -46.75
C SER S 460 -8.51 -12.62 -46.71
N PHE S 461 -9.04 -13.67 -46.08
CA PHE S 461 -8.37 -14.95 -46.21
C PHE S 461 -8.71 -15.64 -47.52
N PHE S 462 -9.75 -15.19 -48.22
CA PHE S 462 -10.07 -15.71 -49.55
C PHE S 462 -9.10 -15.14 -50.56
N GLN S 463 -8.21 -15.99 -51.08
CA GLN S 463 -7.23 -15.53 -52.04
C GLN S 463 -7.86 -15.26 -53.41
N ASP S 464 -8.92 -16.00 -53.76
CA ASP S 464 -9.62 -15.80 -55.03
C ASP S 464 -11.12 -15.73 -54.74
N PRO S 465 -11.63 -14.54 -54.45
CA PRO S 465 -13.04 -14.42 -54.04
C PRO S 465 -14.04 -14.88 -55.08
N GLU S 466 -13.67 -14.95 -56.35
CA GLU S 466 -14.62 -15.42 -57.36
C GLU S 466 -14.37 -16.85 -57.75
N LEU S 467 -13.11 -17.22 -57.99
CA LEU S 467 -12.80 -18.59 -58.33
C LEU S 467 -13.37 -19.53 -57.28
N GLU S 468 -13.39 -19.08 -56.02
CA GLU S 468 -13.94 -19.91 -54.96
C GLU S 468 -15.36 -20.36 -55.28
N VAL S 469 -16.13 -19.55 -56.00
CA VAL S 469 -17.51 -19.95 -56.31
C VAL S 469 -17.52 -21.17 -57.23
N LYS S 470 -16.67 -21.17 -58.25
CA LYS S 470 -16.58 -22.33 -59.13
C LYS S 470 -16.13 -23.54 -58.32
N LYS S 471 -15.12 -23.33 -57.47
CA LYS S 471 -14.58 -24.43 -56.68
C LYS S 471 -15.63 -24.98 -55.73
N ILE S 472 -16.58 -24.16 -55.30
CA ILE S 472 -17.65 -24.65 -54.45
C ILE S 472 -18.66 -25.41 -55.27
N GLU S 473 -18.94 -24.94 -56.49
CA GLU S 473 -19.88 -25.66 -57.34
C GLU S 473 -19.39 -27.07 -57.63
N GLU S 474 -18.09 -27.23 -57.85
CA GLU S 474 -17.57 -28.58 -58.12
C GLU S 474 -17.84 -29.53 -56.97
N ASP S 475 -17.48 -29.12 -55.75
CA ASP S 475 -17.74 -29.94 -54.58
C ASP S 475 -19.24 -30.21 -54.41
N GLU S 476 -20.05 -29.15 -54.48
CA GLU S 476 -21.49 -29.29 -54.33
C GLU S 476 -22.09 -30.18 -55.39
N LYS S 477 -21.42 -30.32 -56.54
CA LYS S 477 -21.90 -31.22 -57.57
C LYS S 477 -21.53 -32.66 -57.27
N GLU S 478 -20.26 -32.89 -56.93
CA GLU S 478 -19.85 -34.25 -56.60
C GLU S 478 -20.54 -34.75 -55.34
N SER S 479 -21.13 -33.86 -54.55
CA SER S 479 -21.92 -34.28 -53.40
C SER S 479 -23.25 -34.91 -53.83
N ILE S 480 -23.66 -34.71 -55.08
CA ILE S 480 -24.92 -35.27 -55.57
C ILE S 480 -24.80 -36.74 -55.89
N LYS S 481 -23.59 -37.25 -56.09
CA LYS S 481 -23.40 -38.62 -56.54
C LYS S 481 -23.20 -39.58 -55.38
N ASN T 16 21.20 21.76 -39.53
CA ASN T 16 19.79 21.29 -39.48
C ASN T 16 18.77 22.41 -39.66
N ILE T 17 18.48 23.14 -38.58
CA ILE T 17 17.40 24.11 -38.62
C ILE T 17 17.47 24.94 -39.90
N ASN T 18 18.64 25.49 -40.18
CA ASN T 18 18.79 26.35 -41.34
C ASN T 18 18.54 25.64 -42.66
N TYR T 19 18.50 24.31 -42.68
CA TYR T 19 18.18 23.58 -43.89
C TYR T 19 16.76 23.06 -43.93
N LEU T 20 16.23 22.56 -42.81
CA LEU T 20 14.88 22.03 -42.83
C LEU T 20 13.83 23.13 -42.88
N PHE T 21 14.04 24.23 -42.15
CA PHE T 21 13.00 25.24 -42.03
C PHE T 21 13.29 26.49 -42.85
N ASN T 22 14.18 26.40 -43.82
CA ASN T 22 14.43 27.52 -44.69
C ASN T 22 13.18 27.79 -45.52
N ASP T 23 13.02 29.04 -45.95
CA ASP T 23 11.82 29.36 -46.71
C ASP T 23 11.87 28.88 -48.15
N GLU T 24 13.05 28.80 -48.75
CA GLU T 24 13.14 28.44 -50.15
C GLU T 24 13.21 26.95 -50.40
N ALA T 25 13.48 26.14 -49.38
CA ALA T 25 13.31 24.71 -49.55
C ALA T 25 11.84 24.36 -49.55
N ASN T 26 11.53 23.17 -50.08
CA ASN T 26 10.17 22.67 -50.03
C ASN T 26 9.14 23.49 -50.81
N VAL T 27 9.56 24.53 -51.54
CA VAL T 27 8.63 25.25 -52.41
C VAL T 27 8.32 24.45 -53.69
N VAL T 28 7.25 24.87 -54.36
CA VAL T 28 6.77 24.29 -55.61
C VAL T 28 7.22 25.17 -56.77
N TYR T 29 7.91 24.58 -57.74
CA TYR T 29 8.38 25.34 -58.89
C TYR T 29 7.24 25.57 -59.89
N THR T 30 7.10 26.80 -60.34
CA THR T 30 6.10 27.13 -61.35
C THR T 30 6.72 27.97 -62.46
N TYR T 31 6.06 27.93 -63.62
CA TYR T 31 6.48 28.68 -64.78
C TYR T 31 5.26 29.32 -65.42
N ASP T 32 5.42 30.55 -65.89
CA ASP T 32 4.29 31.29 -66.45
C ASP T 32 3.96 30.90 -67.89
N GLY T 33 4.96 30.50 -68.68
CA GLY T 33 4.73 30.23 -70.08
C GLY T 33 4.31 28.80 -70.35
N THR T 34 3.99 28.56 -71.62
CA THR T 34 3.66 27.21 -72.06
C THR T 34 4.92 26.35 -72.17
N GLU T 35 4.68 25.07 -72.45
CA GLU T 35 5.77 24.15 -72.69
C GLU T 35 6.69 24.67 -73.79
N SER T 36 6.11 25.20 -74.86
CA SER T 36 6.92 25.74 -75.94
C SER T 36 7.75 26.93 -75.46
N ASP T 37 7.14 27.81 -74.68
CA ASP T 37 7.86 28.98 -74.19
C ASP T 37 9.01 28.57 -73.30
N LEU T 38 8.87 27.45 -72.61
CA LEU T 38 9.96 26.98 -71.75
C LEU T 38 11.04 26.30 -72.58
N LEU T 39 10.62 25.38 -73.45
CA LEU T 39 11.57 24.57 -74.20
C LEU T 39 12.41 25.43 -75.15
N GLN T 40 11.85 26.51 -75.68
CA GLN T 40 12.66 27.37 -76.53
C GLN T 40 13.70 28.16 -75.74
N ASN T 41 13.53 28.29 -74.42
CA ASN T 41 14.45 29.04 -73.58
C ASN T 41 15.07 28.14 -72.52
N VAL T 42 15.74 27.09 -72.96
CA VAL T 42 16.29 26.06 -72.08
C VAL T 42 17.08 26.62 -70.90
N ASN T 43 17.61 27.84 -71.03
CA ASN T 43 18.35 28.42 -69.92
C ASN T 43 17.52 28.49 -68.63
N GLU T 44 16.20 28.68 -68.77
CA GLU T 44 15.37 28.77 -67.59
C GLU T 44 15.43 27.48 -66.79
N VAL T 45 15.46 26.35 -67.47
CA VAL T 45 15.58 25.07 -66.77
C VAL T 45 16.88 25.02 -66.00
N SER T 46 17.93 25.65 -66.54
CA SER T 46 19.18 25.72 -65.77
C SER T 46 18.95 26.47 -64.48
N LYS T 47 18.22 27.57 -64.54
CA LYS T 47 17.97 28.31 -63.30
C LYS T 47 17.25 27.44 -62.29
N TYR T 48 16.22 26.72 -62.73
CA TYR T 48 15.50 25.84 -61.82
C TYR T 48 16.40 24.77 -61.22
N ILE T 49 17.24 24.15 -62.03
CA ILE T 49 18.13 23.12 -61.52
C ILE T 49 19.07 23.71 -60.47
N GLU T 50 19.63 24.88 -60.76
CA GLU T 50 20.53 25.50 -59.80
C GLU T 50 19.82 25.83 -58.50
N HIS T 51 18.57 26.31 -58.57
CA HIS T 51 17.84 26.57 -57.35
C HIS T 51 17.59 25.29 -56.58
N HIS T 52 17.29 24.20 -57.28
CA HIS T 52 17.06 22.94 -56.59
C HIS T 52 18.29 22.52 -55.82
N MET T 53 19.44 22.52 -56.48
CA MET T 53 20.68 22.17 -55.80
C MET T 53 21.00 23.11 -54.64
N ASP T 54 20.84 24.42 -54.84
CA ASP T 54 21.23 25.32 -53.77
C ASP T 54 20.34 25.15 -52.54
N TYR T 55 19.05 24.90 -52.73
CA TYR T 55 18.13 24.98 -51.61
C TYR T 55 17.44 23.67 -51.27
N GLN T 56 16.79 23.03 -52.24
CA GLN T 56 15.96 21.88 -51.92
C GLN T 56 16.76 20.63 -51.63
N ARG T 57 17.86 20.40 -52.33
CA ARG T 57 18.63 19.19 -52.06
C ARG T 57 19.15 19.11 -50.64
N PRO T 58 19.80 20.12 -50.08
CA PRO T 58 20.28 19.99 -48.68
C PRO T 58 19.22 19.48 -47.71
N ARG T 59 18.00 19.95 -47.82
CA ARG T 59 16.92 19.44 -46.98
C ARG T 59 16.77 17.93 -47.15
N LEU T 60 16.63 17.48 -48.40
CA LEU T 60 16.41 16.07 -48.65
C LEU T 60 17.59 15.24 -48.19
N LYS T 61 18.81 15.76 -48.34
CA LYS T 61 19.97 15.07 -47.81
C LYS T 61 19.86 14.89 -46.31
N VAL T 62 19.54 15.95 -45.58
CA VAL T 62 19.46 15.83 -44.12
C VAL T 62 18.44 14.77 -43.73
N LEU T 63 17.28 14.77 -44.37
CA LEU T 63 16.26 13.77 -44.01
C LEU T 63 16.69 12.36 -44.39
N SER T 64 17.38 12.20 -45.51
CA SER T 64 17.98 10.91 -45.84
C SER T 64 18.98 10.46 -44.78
N ASP T 65 19.89 11.35 -44.40
CA ASP T 65 20.88 11.00 -43.38
C ASP T 65 20.21 10.51 -42.11
N TYR T 66 19.13 11.15 -41.69
CA TYR T 66 18.48 10.65 -40.48
C TYR T 66 17.87 9.28 -40.71
N TYR T 67 17.31 9.02 -41.89
CA TYR T 67 16.84 7.66 -42.13
C TYR T 67 17.98 6.66 -42.05
N GLU T 68 19.16 7.05 -42.51
CA GLU T 68 20.31 6.15 -42.43
C GLU T 68 20.95 6.10 -41.06
N GLY T 69 20.54 6.95 -40.12
CA GLY T 69 21.14 6.97 -38.80
C GLY T 69 22.30 7.92 -38.63
N LYS T 70 22.72 8.62 -39.68
CA LYS T 70 23.85 9.54 -39.61
C LYS T 70 23.42 10.87 -39.02
N THR T 71 22.85 10.81 -37.82
CA THR T 71 22.43 12.03 -37.14
C THR T 71 23.59 12.99 -36.93
N LYS T 72 23.24 14.27 -36.76
CA LYS T 72 24.20 15.33 -36.51
C LYS T 72 25.25 14.98 -35.47
N ASN T 73 24.84 14.32 -34.39
CA ASN T 73 25.81 14.00 -33.34
C ASN T 73 26.99 13.19 -33.86
N LEU T 74 26.76 12.26 -34.78
CA LEU T 74 27.87 11.46 -35.30
C LEU T 74 28.83 12.29 -36.14
N VAL T 75 28.31 13.16 -37.00
CA VAL T 75 29.15 13.88 -37.96
C VAL T 75 29.72 15.18 -37.41
N GLU T 76 29.10 15.79 -36.40
CA GLU T 76 29.62 17.01 -35.81
C GLU T 76 30.78 16.76 -34.86
N LEU T 77 31.66 15.83 -35.22
CA LEU T 77 32.79 15.42 -34.40
C LEU T 77 33.81 16.55 -34.22
N THR T 78 33.70 17.61 -35.02
CA THR T 78 34.65 18.71 -35.03
C THR T 78 34.90 19.33 -33.65
N ARG T 79 33.89 19.39 -32.79
CA ARG T 79 34.06 19.97 -31.45
C ARG T 79 34.40 18.95 -30.36
N ARG T 80 34.41 17.65 -30.68
CA ARG T 80 34.61 16.61 -29.68
C ARG T 80 36.05 16.55 -29.16
N LYS T 81 36.18 15.95 -27.98
CA LYS T 81 37.43 15.76 -27.24
C LYS T 81 37.85 14.29 -27.28
N GLU T 82 39.14 14.03 -27.56
CA GLU T 82 39.63 12.66 -27.50
C GLU T 82 41.13 12.62 -27.17
N GLU T 83 41.60 13.56 -26.35
CA GLU T 83 42.99 13.57 -25.95
C GLU T 83 43.35 12.29 -25.18
N TYR T 84 42.41 11.77 -24.39
CA TYR T 84 42.63 10.51 -23.68
C TYR T 84 41.32 9.78 -23.43
N MET T 85 40.23 10.52 -23.23
CA MET T 85 38.91 9.89 -23.08
C MET T 85 38.42 9.31 -24.40
N ALA T 86 37.41 8.44 -24.30
CA ALA T 86 36.67 7.96 -25.46
C ALA T 86 35.70 9.03 -25.99
N ASP T 87 35.36 8.90 -27.28
CA ASP T 87 34.47 9.87 -27.92
C ASP T 87 33.01 9.67 -27.52
N ASN T 88 32.53 8.42 -27.49
CA ASN T 88 31.17 8.09 -27.04
C ASN T 88 30.06 8.91 -27.72
N ARG T 89 30.27 9.36 -28.95
CA ARG T 89 29.19 10.02 -29.70
C ARG T 89 28.22 8.98 -30.27
N VAL T 90 26.92 9.24 -30.15
CA VAL T 90 25.85 8.25 -30.28
C VAL T 90 24.75 8.70 -31.24
N ALA T 91 24.13 7.74 -31.94
CA ALA T 91 22.96 7.97 -32.80
C ALA T 91 21.88 6.93 -32.52
N HIS T 92 20.62 7.37 -32.33
CA HIS T 92 19.53 6.49 -31.92
C HIS T 92 18.61 5.91 -32.99
N ASP T 93 18.59 6.39 -34.23
CA ASP T 93 17.77 5.77 -35.29
C ASP T 93 16.25 5.85 -35.09
N TYR T 94 15.76 6.81 -34.31
CA TYR T 94 14.31 7.03 -34.24
C TYR T 94 13.72 7.21 -35.62
N ALA T 95 14.42 7.91 -36.51
CA ALA T 95 13.90 8.17 -37.85
C ALA T 95 13.49 6.89 -38.56
N SER T 96 14.39 5.91 -38.61
CA SER T 96 14.05 4.65 -39.24
C SER T 96 12.89 3.99 -38.53
N TYR T 97 12.97 3.87 -37.21
CA TYR T 97 11.86 3.26 -36.49
C TYR T 97 10.50 3.84 -36.91
N ILE T 98 10.38 5.16 -36.81
CA ILE T 98 9.13 5.85 -37.12
C ILE T 98 8.70 5.60 -38.56
N SER T 99 9.60 5.79 -39.52
CA SER T 99 9.18 5.76 -40.91
C SER T 99 8.84 4.35 -41.39
N ASP T 100 9.56 3.34 -40.91
CA ASP T 100 9.14 1.98 -41.20
C ASP T 100 7.78 1.68 -40.61
N PHE T 101 7.54 2.08 -39.36
CA PHE T 101 6.24 1.76 -38.78
C PHE T 101 5.10 2.42 -39.54
N ILE T 102 5.21 3.72 -39.80
CA ILE T 102 4.12 4.46 -40.43
C ILE T 102 3.89 3.99 -41.88
N ASN T 103 4.95 3.65 -42.59
CA ASN T 103 4.74 3.17 -43.94
C ASN T 103 4.15 1.76 -43.94
N GLY T 104 4.67 0.87 -43.11
CA GLY T 104 4.11 -0.46 -43.12
C GLY T 104 2.64 -0.43 -42.76
N TYR T 105 2.25 0.44 -41.83
CA TYR T 105 0.85 0.55 -41.49
C TYR T 105 0.02 1.01 -42.68
N PHE T 106 0.56 1.90 -43.51
CA PHE T 106 -0.25 2.43 -44.61
C PHE T 106 -0.31 1.48 -45.81
N LEU T 107 0.81 0.91 -46.22
CA LEU T 107 0.87 0.10 -47.44
C LEU T 107 1.42 -1.30 -47.21
N GLY T 108 1.50 -1.75 -45.97
CA GLY T 108 1.91 -3.12 -45.76
C GLY T 108 0.95 -4.13 -46.35
N ASN T 109 -0.30 -3.72 -46.57
CA ASN T 109 -1.30 -4.59 -47.14
C ASN T 109 -1.63 -4.10 -48.55
N PRO T 110 -1.46 -4.92 -49.59
CA PRO T 110 -1.60 -4.40 -50.96
C PRO T 110 -2.92 -3.71 -51.23
N ILE T 111 -2.85 -2.66 -52.06
CA ILE T 111 -4.04 -1.97 -52.54
C ILE T 111 -4.79 -2.87 -53.51
N GLN T 112 -6.11 -2.99 -53.32
CA GLN T 112 -6.93 -3.79 -54.20
C GLN T 112 -7.61 -2.90 -55.23
N TYR T 113 -8.00 -3.51 -56.35
CA TYR T 113 -8.63 -2.80 -57.45
C TYR T 113 -9.97 -3.42 -57.78
N GLN T 114 -10.99 -2.59 -57.98
CA GLN T 114 -12.28 -3.04 -58.45
C GLN T 114 -12.66 -2.20 -59.66
N ASP T 115 -13.35 -2.82 -60.61
CA ASP T 115 -13.88 -2.05 -61.72
C ASP T 115 -15.13 -2.73 -62.24
N ASP T 116 -15.99 -1.95 -62.87
CA ASP T 116 -17.21 -2.52 -63.42
C ASP T 116 -16.96 -3.18 -64.77
N ASP T 117 -15.89 -2.82 -65.47
CA ASP T 117 -15.57 -3.40 -66.77
C ASP T 117 -14.33 -4.28 -66.64
N LYS T 118 -14.51 -5.56 -66.92
CA LYS T 118 -13.42 -6.51 -66.77
C LYS T 118 -12.32 -6.32 -67.80
N ASP T 119 -12.61 -5.69 -68.94
CA ASP T 119 -11.53 -5.48 -69.91
C ASP T 119 -10.50 -4.52 -69.33
N VAL T 120 -10.98 -3.44 -68.72
CA VAL T 120 -10.10 -2.49 -68.09
C VAL T 120 -9.45 -3.12 -66.87
N LEU T 121 -10.23 -3.85 -66.08
CA LEU T 121 -9.66 -4.46 -64.89
C LEU T 121 -8.53 -5.42 -65.24
N GLU T 122 -8.69 -6.22 -66.29
CA GLU T 122 -7.62 -7.15 -66.65
C GLU T 122 -6.43 -6.45 -67.27
N ALA T 123 -6.63 -5.31 -67.94
CA ALA T 123 -5.45 -4.62 -68.46
C ALA T 123 -4.65 -4.02 -67.31
N ILE T 124 -5.36 -3.48 -66.32
CA ILE T 124 -4.72 -2.94 -65.12
C ILE T 124 -3.96 -4.04 -64.40
N GLU T 125 -4.63 -5.16 -64.15
CA GLU T 125 -3.99 -6.26 -63.44
C GLU T 125 -2.76 -6.77 -64.18
N ALA T 126 -2.82 -6.81 -65.51
CA ALA T 126 -1.65 -7.25 -66.26
C ALA T 126 -0.48 -6.30 -66.05
N PHE T 127 -0.75 -5.00 -66.15
CA PHE T 127 0.32 -4.02 -65.96
C PHE T 127 0.90 -4.11 -64.54
N ASN T 128 0.03 -4.24 -63.54
CA ASN T 128 0.53 -4.33 -62.17
C ASN T 128 1.38 -5.56 -61.97
N ASP T 129 0.95 -6.69 -62.53
CA ASP T 129 1.71 -7.91 -62.33
C ASP T 129 3.07 -7.80 -63.00
N LEU T 130 3.11 -7.28 -64.22
CA LEU T 130 4.39 -7.11 -64.89
C LEU T 130 5.33 -6.21 -64.09
N ASN T 131 4.82 -5.09 -63.55
CA ASN T 131 5.70 -4.15 -62.86
C ASN T 131 5.85 -4.41 -61.36
N ASP T 132 5.27 -5.46 -60.80
CA ASP T 132 5.38 -5.72 -59.37
C ASP T 132 4.94 -4.49 -58.57
N VAL T 133 3.80 -3.93 -58.97
CA VAL T 133 3.35 -2.67 -58.40
C VAL T 133 3.20 -2.72 -56.89
N GLU T 134 2.99 -3.89 -56.31
CA GLU T 134 2.91 -3.95 -54.85
C GLU T 134 4.19 -3.40 -54.20
N SER T 135 5.34 -3.92 -54.61
CA SER T 135 6.60 -3.45 -54.05
C SER T 135 6.84 -2.00 -54.40
N HIS T 136 6.48 -1.61 -55.62
CA HIS T 136 6.66 -0.24 -56.03
C HIS T 136 5.89 0.71 -55.13
N ASN T 137 4.60 0.42 -54.95
CA ASN T 137 3.79 1.25 -54.07
C ASN T 137 4.39 1.34 -52.68
N ARG T 138 4.89 0.23 -52.14
CA ARG T 138 5.49 0.32 -50.82
C ARG T 138 6.72 1.21 -50.80
N SER T 139 7.50 1.22 -51.87
CA SER T 139 8.68 2.08 -51.85
C SER T 139 8.34 3.54 -52.13
N LEU T 140 7.23 3.81 -52.83
CA LEU T 140 6.72 5.17 -52.83
C LEU T 140 6.31 5.58 -51.42
N GLY T 141 5.48 4.79 -50.78
CA GLY T 141 5.02 5.15 -49.45
C GLY T 141 6.16 5.39 -48.48
N LEU T 142 7.28 4.71 -48.68
CA LEU T 142 8.43 5.01 -47.83
C LEU T 142 9.11 6.31 -48.21
N ASP T 143 9.23 6.62 -49.50
CA ASP T 143 9.75 7.94 -49.83
C ASP T 143 8.84 9.03 -49.29
N LEU T 144 7.52 8.85 -49.40
CA LEU T 144 6.63 9.84 -48.84
C LEU T 144 6.89 10.03 -47.36
N SER T 145 7.26 8.96 -46.66
CA SER T 145 7.49 9.11 -45.23
C SER T 145 8.77 9.87 -44.93
N ILE T 146 9.87 9.51 -45.58
CA ILE T 146 11.14 10.18 -45.23
C ILE T 146 11.25 11.56 -45.87
N TYR T 147 11.04 11.67 -47.18
CA TYR T 147 11.25 12.94 -47.86
C TYR T 147 10.03 13.85 -47.85
N GLY T 148 8.83 13.28 -47.80
CA GLY T 148 7.62 14.05 -47.91
C GLY T 148 6.98 14.00 -49.28
N LYS T 149 7.68 13.47 -50.26
CA LYS T 149 7.19 13.45 -51.63
C LYS T 149 7.90 12.32 -52.36
N ALA T 150 7.33 11.88 -53.47
CA ALA T 150 7.97 10.82 -54.23
C ALA T 150 7.59 10.92 -55.70
N TYR T 151 8.45 10.44 -56.58
CA TYR T 151 8.24 10.56 -58.01
C TYR T 151 8.24 9.20 -58.68
N GLU T 152 7.41 9.03 -59.69
CA GLU T 152 7.46 7.81 -60.48
C GLU T 152 7.47 8.17 -61.96
N LEU T 153 8.30 7.45 -62.71
CA LEU T 153 8.49 7.65 -64.14
C LEU T 153 7.98 6.44 -64.89
N MET T 154 7.18 6.66 -65.93
CA MET T 154 6.64 5.57 -66.73
C MET T 154 7.20 5.68 -68.14
N ILE T 155 7.75 4.58 -68.66
CA ILE T 155 8.39 4.60 -69.98
C ILE T 155 8.03 3.35 -70.76
N ARG T 156 7.88 3.50 -72.07
CA ARG T 156 7.68 2.38 -72.98
C ARG T 156 9.05 1.81 -73.31
N ASN T 157 9.31 0.60 -72.82
CA ASN T 157 10.61 -0.05 -72.92
C ASN T 157 10.94 -0.44 -74.34
N GLN T 158 12.22 -0.79 -74.55
CA GLN T 158 12.69 -1.19 -75.86
C GLN T 158 12.02 -2.48 -76.32
N ASP T 159 11.76 -3.40 -75.39
CA ASP T 159 11.04 -4.62 -75.70
C ASP T 159 9.55 -4.38 -75.88
N ASP T 160 9.14 -3.12 -75.95
CA ASP T 160 7.76 -2.74 -76.21
C ASP T 160 6.81 -3.22 -75.10
N GLU T 161 7.12 -2.75 -73.89
CA GLU T 161 6.33 -3.04 -72.70
C GLU T 161 6.25 -1.77 -71.88
N THR T 162 5.15 -1.58 -71.16
CA THR T 162 5.00 -0.39 -70.33
C THR T 162 5.65 -0.66 -68.97
N ARG T 163 6.71 0.07 -68.65
CA ARG T 163 7.44 -0.12 -67.42
C ARG T 163 7.33 1.10 -66.53
N LEU T 164 7.38 0.85 -65.22
CA LEU T 164 7.23 1.85 -64.18
C LEU T 164 8.44 1.82 -63.27
N TYR T 165 9.11 2.95 -63.09
CA TYR T 165 10.31 3.00 -62.25
C TYR T 165 10.25 4.19 -61.30
N LYS T 166 10.56 3.94 -60.03
CA LYS T 166 10.61 5.04 -59.07
C LYS T 166 11.80 5.94 -59.39
N SER T 167 11.59 7.26 -59.30
CA SER T 167 12.64 8.23 -59.56
C SER T 167 13.09 8.88 -58.26
N ASP T 168 14.40 9.01 -58.07
CA ASP T 168 14.94 9.33 -56.76
C ASP T 168 14.63 10.77 -56.39
N ALA T 169 14.15 10.96 -55.16
CA ALA T 169 13.71 12.28 -54.71
C ALA T 169 14.81 13.33 -54.70
N MET T 170 16.06 12.93 -54.44
CA MET T 170 17.17 13.88 -54.45
C MET T 170 17.68 14.25 -55.83
N SER T 171 17.06 13.76 -56.90
CA SER T 171 17.53 14.07 -58.23
C SER T 171 16.42 14.37 -59.22
N THR T 172 15.19 14.54 -58.77
CA THR T 172 14.04 14.73 -59.65
C THR T 172 13.24 15.92 -59.18
N PHE T 173 12.69 16.69 -60.12
CA PHE T 173 11.66 17.65 -59.73
C PHE T 173 10.78 17.96 -60.92
N ILE T 174 9.67 18.66 -60.64
CA ILE T 174 8.70 19.02 -61.67
C ILE T 174 8.44 20.51 -61.65
N ILE T 175 8.26 21.08 -62.84
CA ILE T 175 7.95 22.49 -63.05
C ILE T 175 6.50 22.56 -63.49
N TYR T 176 5.67 23.24 -62.70
CA TYR T 176 4.23 23.28 -62.92
C TYR T 176 3.74 24.56 -63.61
N ASP T 177 2.61 24.42 -64.29
CA ASP T 177 1.87 25.53 -64.84
C ASP T 177 1.54 26.54 -63.74
N ASN T 178 1.65 27.83 -64.05
CA ASN T 178 1.37 28.85 -63.03
C ASN T 178 -0.11 29.04 -62.73
N THR T 179 -1.03 28.50 -63.52
CA THR T 179 -2.45 28.70 -63.24
C THR T 179 -2.88 27.94 -61.99
N VAL T 180 -4.07 28.31 -61.49
CA VAL T 180 -4.62 27.68 -60.29
C VAL T 180 -4.78 26.18 -60.47
N GLU T 181 -4.86 25.71 -61.70
CA GLU T 181 -5.00 24.27 -61.95
C GLU T 181 -3.68 23.55 -61.73
N ARG T 182 -2.57 24.25 -61.85
CA ARG T 182 -1.21 23.72 -61.74
C ARG T 182 -1.03 22.39 -62.46
N ASN T 183 -1.22 22.43 -63.77
CA ASN T 183 -0.81 21.30 -64.60
C ASN T 183 0.72 21.22 -64.58
N SER T 184 1.26 20.02 -64.70
CA SER T 184 2.71 19.87 -64.75
C SER T 184 3.21 20.17 -66.15
N ILE T 185 4.05 21.19 -66.28
CA ILE T 185 4.57 21.56 -67.60
C ILE T 185 5.72 20.65 -67.99
N ALA T 186 6.75 20.54 -67.17
CA ALA T 186 7.89 19.71 -67.54
C ALA T 186 8.57 19.14 -66.31
N GLY T 187 9.14 17.95 -66.44
CA GLY T 187 9.86 17.30 -65.35
C GLY T 187 11.32 17.17 -65.69
N VAL T 188 12.17 17.21 -64.67
CA VAL T 188 13.61 17.04 -64.91
C VAL T 188 14.20 16.03 -63.94
N ARG T 189 15.19 15.30 -64.44
CA ARG T 189 16.00 14.37 -63.69
C ARG T 189 17.44 14.72 -64.01
N TYR T 190 18.31 14.69 -63.02
CA TYR T 190 19.72 14.94 -63.29
C TYR T 190 20.58 14.05 -62.40
N LEU T 191 21.53 13.35 -63.02
CA LEU T 191 22.33 12.36 -62.31
C LEU T 191 23.82 12.65 -62.46
N ARG T 192 24.49 12.63 -61.31
CA ARG T 192 25.95 12.61 -61.21
C ARG T 192 26.48 11.29 -61.75
N THR T 193 27.72 11.33 -62.27
CA THR T 193 28.48 10.10 -62.43
C THR T 193 29.91 10.36 -61.98
N LYS T 194 30.46 9.45 -61.17
CA LYS T 194 31.85 9.47 -60.76
C LYS T 194 32.53 8.15 -61.07
N PRO T 195 33.74 8.15 -61.61
CA PRO T 195 34.54 6.92 -61.58
C PRO T 195 34.91 6.55 -60.16
N ILE T 196 34.80 5.25 -59.87
CA ILE T 196 34.75 4.79 -58.48
C ILE T 196 35.93 5.30 -57.65
N ASP T 197 37.13 5.33 -58.22
CA ASP T 197 38.30 5.74 -57.43
C ASP T 197 38.54 7.25 -57.34
N LYS T 198 37.87 8.09 -58.14
CA LYS T 198 38.16 9.53 -58.20
C LYS T 198 36.89 10.38 -58.02
N THR T 199 36.51 10.61 -56.76
CA THR T 199 35.33 11.41 -56.43
C THR T 199 35.46 12.86 -56.89
N ASP T 200 34.60 13.26 -57.85
CA ASP T 200 34.62 14.59 -58.42
C ASP T 200 34.13 15.63 -57.40
N GLU T 201 34.26 16.92 -57.78
CA GLU T 201 33.52 17.98 -57.11
C GLU T 201 32.94 19.05 -58.03
N ASP T 202 33.52 19.33 -59.20
CA ASP T 202 32.74 19.94 -60.28
C ASP T 202 31.83 18.88 -60.87
N GLU T 203 30.69 18.69 -60.21
CA GLU T 203 29.79 17.59 -60.50
C GLU T 203 29.29 17.66 -61.94
N VAL T 204 29.71 16.72 -62.78
CA VAL T 204 29.16 16.56 -64.13
C VAL T 204 27.84 15.81 -64.06
N PHE T 205 26.82 16.35 -64.71
CA PHE T 205 25.51 15.71 -64.74
C PHE T 205 25.10 15.37 -66.16
N THR T 206 24.33 14.29 -66.26
CA THR T 206 23.37 14.12 -67.35
C THR T 206 22.03 14.65 -66.89
N VAL T 207 21.43 15.54 -67.67
CA VAL T 207 20.12 16.10 -67.35
C VAL T 207 19.12 15.64 -68.39
N ASP T 208 18.05 15.00 -67.94
CA ASP T 208 16.94 14.60 -68.81
C ASP T 208 15.74 15.48 -68.49
N LEU T 209 15.20 16.10 -69.53
CA LEU T 209 14.03 16.99 -69.41
C LEU T 209 12.86 16.34 -70.15
N PHE T 210 11.78 16.08 -69.42
CA PHE T 210 10.62 15.38 -69.95
C PHE T 210 9.52 16.38 -70.23
N THR T 211 9.07 16.41 -71.47
CA THR T 211 7.97 17.23 -71.94
C THR T 211 6.78 16.34 -72.26
N SER T 212 5.68 16.97 -72.66
CA SER T 212 4.48 16.22 -73.02
C SER T 212 4.64 15.44 -74.32
N HIS T 213 5.71 15.67 -75.09
CA HIS T 213 5.92 14.95 -76.34
C HIS T 213 7.23 14.21 -76.45
N GLY T 214 8.16 14.36 -75.51
CA GLY T 214 9.41 13.63 -75.64
C GLY T 214 10.38 14.00 -74.53
N VAL T 215 11.51 13.30 -74.55
CA VAL T 215 12.60 13.49 -73.60
C VAL T 215 13.77 14.15 -74.29
N TYR T 216 14.31 15.19 -73.68
CA TYR T 216 15.50 15.88 -74.16
C TYR T 216 16.67 15.56 -73.24
N ARG T 217 17.79 15.14 -73.80
CA ARG T 217 18.93 14.72 -73.01
C ARG T 217 20.06 15.76 -73.13
N TYR T 218 20.70 16.09 -72.01
CA TYR T 218 21.72 17.12 -71.95
C TYR T 218 22.90 16.65 -71.10
N LEU T 219 24.00 17.39 -71.22
CA LEU T 219 25.13 17.36 -70.30
C LEU T 219 25.40 18.74 -69.73
N THR T 220 25.88 18.77 -68.47
CA THR T 220 26.09 20.03 -67.77
C THR T 220 27.17 19.88 -66.70
N ASN T 221 27.79 21.03 -66.36
CA ASN T 221 28.75 21.13 -65.26
C ASN T 221 28.20 22.12 -64.24
N ARG T 222 28.35 21.80 -62.94
CA ARG T 222 27.81 22.70 -61.92
C ARG T 222 28.48 24.08 -61.98
N THR T 223 29.81 24.11 -61.91
CA THR T 223 30.51 25.38 -61.78
C THR T 223 30.51 26.21 -63.06
N ASN T 224 30.13 25.66 -64.20
CA ASN T 224 29.95 26.50 -65.39
C ASN T 224 28.66 27.31 -65.34
N GLY T 225 27.93 27.25 -64.23
CA GLY T 225 26.59 27.78 -64.13
C GLY T 225 25.53 26.92 -64.75
N LEU T 226 25.77 25.61 -64.81
CA LEU T 226 24.79 24.62 -65.26
C LEU T 226 24.23 24.90 -66.65
N LYS T 227 25.06 25.40 -67.57
CA LYS T 227 24.56 25.68 -68.92
C LYS T 227 24.38 24.38 -69.70
N LEU T 228 23.14 24.10 -70.06
CA LEU T 228 22.78 22.86 -70.74
C LEU T 228 23.39 22.77 -72.13
N THR T 229 23.89 21.58 -72.49
CA THR T 229 24.28 21.33 -73.87
C THR T 229 23.70 19.99 -74.33
N PRO T 230 23.15 19.90 -75.54
CA PRO T 230 22.53 18.63 -75.96
C PRO T 230 23.50 17.48 -75.87
N ARG T 231 23.03 16.35 -75.33
CA ARG T 231 23.76 15.11 -75.53
C ARG T 231 23.54 14.65 -76.97
N GLU T 232 24.45 13.82 -77.46
CA GLU T 232 24.26 13.25 -78.79
C GLU T 232 22.92 12.50 -78.83
N ASN T 233 22.19 12.66 -79.93
CA ASN T 233 20.83 12.14 -80.04
C ASN T 233 19.99 12.64 -78.86
N SER T 234 19.98 13.97 -78.74
CA SER T 234 19.36 14.62 -77.60
C SER T 234 17.88 14.29 -77.46
N PHE T 235 17.11 14.41 -78.53
CA PHE T 235 15.67 14.20 -78.45
C PHE T 235 15.27 12.75 -78.63
N GLU T 236 14.21 12.35 -77.93
CA GLU T 236 13.66 11.01 -78.04
C GLU T 236 12.16 11.08 -77.81
N SER T 237 11.37 10.71 -78.82
CA SER T 237 9.92 10.79 -78.70
C SER T 237 9.35 9.73 -77.77
N HIS T 238 8.25 10.10 -77.08
CA HIS T 238 7.49 9.16 -76.25
C HIS T 238 6.02 9.27 -76.62
N SER T 239 5.31 8.15 -76.52
CA SER T 239 3.95 8.05 -77.03
C SER T 239 2.86 8.45 -76.04
N PHE T 240 3.20 8.93 -74.85
CA PHE T 240 2.16 9.46 -73.99
C PHE T 240 1.73 10.83 -74.52
N GLU T 241 0.74 11.44 -73.90
CA GLU T 241 0.28 12.76 -74.32
C GLU T 241 0.34 13.76 -73.18
N ARG T 242 1.11 13.45 -72.14
CA ARG T 242 1.31 14.32 -71.01
C ARG T 242 2.66 13.95 -70.40
N MET T 243 3.23 14.85 -69.63
CA MET T 243 4.56 14.61 -69.10
C MET T 243 4.55 13.34 -68.25
N PRO T 244 5.44 12.38 -68.50
CA PRO T 244 5.32 11.06 -67.84
C PRO T 244 5.56 11.03 -66.35
N ILE T 245 6.33 11.94 -65.78
CA ILE T 245 6.63 11.84 -64.35
C ILE T 245 5.44 12.27 -63.52
N THR T 246 5.19 11.54 -62.43
CA THR T 246 4.13 11.87 -61.49
C THR T 246 4.73 12.11 -60.12
N GLU T 247 4.21 13.09 -59.39
CA GLU T 247 4.63 13.35 -58.01
C GLU T 247 3.50 13.02 -57.04
N PHE T 248 3.88 12.40 -55.93
CA PHE T 248 3.01 12.03 -54.82
C PHE T 248 3.43 12.83 -53.60
N SER T 249 2.47 13.18 -52.74
CA SER T 249 2.72 14.08 -51.62
C SER T 249 2.27 13.45 -50.30
N ASN T 250 3.10 13.60 -49.26
CA ASN T 250 2.73 13.07 -47.96
C ASN T 250 1.55 13.80 -47.36
N ASN T 251 1.45 15.10 -47.60
CA ASN T 251 0.30 15.89 -47.18
C ASN T 251 0.36 17.20 -47.95
N GLU T 252 -0.58 18.09 -47.64
CA GLU T 252 -0.62 19.37 -48.35
C GLU T 252 0.73 20.05 -48.38
N ARG T 253 1.46 20.04 -47.26
CA ARG T 253 2.74 20.72 -47.18
C ARG T 253 3.91 19.90 -47.72
N ARG T 254 3.69 18.65 -48.13
CA ARG T 254 4.78 17.76 -48.51
C ARG T 254 5.87 17.69 -47.43
N LYS T 255 5.47 17.50 -46.19
CA LYS T 255 6.39 17.40 -45.07
C LYS T 255 6.56 15.97 -44.57
N GLY T 256 7.78 15.61 -44.21
CA GLY T 256 8.10 14.27 -43.79
C GLY T 256 7.47 13.95 -42.45
N ASP T 257 7.58 12.69 -42.05
CA ASP T 257 6.96 12.27 -40.80
C ASP T 257 7.76 12.72 -39.58
N TYR T 258 9.07 12.47 -39.56
CA TYR T 258 9.95 12.87 -38.46
C TYR T 258 10.59 14.22 -38.66
N GLU T 259 10.34 14.87 -39.79
CA GLU T 259 10.93 16.18 -40.03
C GLU T 259 10.68 17.13 -38.88
N LYS T 260 9.53 17.03 -38.25
CA LYS T 260 9.21 17.96 -37.17
C LYS T 260 9.73 17.54 -35.80
N VAL T 261 10.37 16.38 -35.68
CA VAL T 261 10.93 15.94 -34.41
C VAL T 261 12.43 15.73 -34.48
N ILE T 262 13.04 16.12 -35.58
CA ILE T 262 14.49 15.96 -35.67
C ILE T 262 15.20 16.66 -34.52
N THR T 263 14.69 17.81 -34.06
CA THR T 263 15.35 18.50 -32.96
C THR T 263 15.29 17.70 -31.67
N LEU T 264 14.23 16.92 -31.46
CA LEU T 264 14.17 16.09 -30.27
C LEU T 264 15.08 14.89 -30.40
N ILE T 265 15.19 14.32 -31.60
CA ILE T 265 16.17 13.26 -31.79
C ILE T 265 17.57 13.76 -31.45
N ASP T 266 17.92 14.94 -31.96
CA ASP T 266 19.20 15.56 -31.59
C ASP T 266 19.38 15.67 -30.08
N LEU T 267 18.37 16.20 -29.38
CA LEU T 267 18.53 16.34 -27.94
C LEU T 267 18.72 14.99 -27.25
N TYR T 268 18.04 13.96 -27.73
CA TYR T 268 18.20 12.67 -27.08
C TYR T 268 19.59 12.11 -27.31
N ASP T 269 20.12 12.28 -28.52
CA ASP T 269 21.50 11.89 -28.78
C ASP T 269 22.46 12.58 -27.85
N ASN T 270 22.35 13.91 -27.74
CA ASN T 270 23.23 14.66 -26.87
C ASN T 270 23.15 14.18 -25.43
N ALA T 271 21.94 14.00 -24.90
CA ALA T 271 21.83 13.58 -23.50
C ALA T 271 22.45 12.21 -23.28
N GLU T 272 22.21 11.26 -24.18
CA GLU T 272 22.79 9.94 -23.97
C GLU T 272 24.31 9.97 -24.07
N SER T 273 24.85 10.66 -25.06
CA SER T 273 26.31 10.75 -25.13
C SER T 273 26.89 11.46 -23.91
N ASP T 274 26.15 12.41 -23.35
CA ASP T 274 26.60 13.04 -22.11
C ASP T 274 26.75 12.02 -21.00
N THR T 275 25.72 11.21 -20.77
CA THR T 275 25.86 10.21 -19.73
C THR T 275 26.95 9.21 -20.06
N ALA T 276 27.13 8.88 -21.34
CA ALA T 276 28.23 7.97 -21.67
C ALA T 276 29.57 8.55 -21.33
N ASN T 277 29.74 9.87 -21.49
CA ASN T 277 30.97 10.50 -21.04
C ASN T 277 31.12 10.42 -19.52
N TYR T 278 30.10 10.85 -18.79
CA TYR T 278 30.17 10.72 -17.34
C TYR T 278 30.62 9.34 -16.90
N MET T 279 30.07 8.30 -17.53
CA MET T 279 30.41 6.93 -17.14
C MET T 279 31.85 6.61 -17.51
N SER T 280 32.26 6.96 -18.72
CA SER T 280 33.62 6.71 -19.14
C SER T 280 34.63 7.41 -18.23
N ASP T 281 34.45 8.71 -18.01
CA ASP T 281 35.51 9.55 -17.45
C ASP T 281 35.64 9.53 -15.94
N LEU T 282 34.58 9.32 -15.16
CA LEU T 282 34.78 9.38 -13.72
C LEU T 282 34.94 8.01 -13.08
N ASN T 283 35.80 7.96 -12.07
CA ASN T 283 36.05 6.73 -11.31
C ASN T 283 34.84 6.37 -10.47
N ASP T 284 34.47 5.10 -10.48
CA ASP T 284 33.29 4.68 -9.74
C ASP T 284 33.42 4.95 -8.25
N ALA T 285 34.52 4.52 -7.64
CA ALA T 285 34.72 4.72 -6.22
C ALA T 285 36.21 4.64 -5.92
N MET T 286 36.60 5.22 -4.79
CA MET T 286 38.00 5.20 -4.37
C MET T 286 38.08 5.12 -2.85
N LEU T 287 39.17 4.52 -2.37
CA LEU T 287 39.50 4.53 -0.96
C LEU T 287 40.26 5.81 -0.66
N LEU T 288 39.64 6.74 0.06
CA LEU T 288 40.28 8.00 0.42
C LEU T 288 40.98 7.85 1.76
N ILE T 289 42.26 8.19 1.81
CA ILE T 289 43.05 8.20 3.04
C ILE T 289 43.63 9.59 3.21
N LYS T 290 43.39 10.19 4.37
CA LYS T 290 43.86 11.52 4.69
C LYS T 290 44.95 11.46 5.75
N GLY T 291 45.56 12.61 5.99
CA GLY T 291 46.53 12.78 7.05
C GLY T 291 47.95 12.45 6.65
N ASN T 292 48.88 13.00 7.42
CA ASN T 292 50.31 12.82 7.21
C ASN T 292 50.68 11.38 7.55
N LEU T 293 51.18 10.64 6.57
CA LEU T 293 51.39 9.21 6.73
C LEU T 293 52.42 8.75 5.73
N ASN T 294 52.93 7.54 5.93
CA ASN T 294 53.80 6.88 4.96
C ASN T 294 53.00 5.75 4.32
N LEU T 295 52.77 5.85 3.03
CA LEU T 295 52.16 4.78 2.25
C LEU T 295 53.20 4.23 1.29
N ASP T 296 53.46 2.94 1.41
CA ASP T 296 54.35 2.28 0.48
C ASP T 296 53.56 1.92 -0.77
N PRO T 297 53.94 2.42 -1.95
CA PRO T 297 53.17 2.07 -3.15
C PRO T 297 53.23 0.60 -3.45
N VAL T 298 54.15 -0.12 -2.83
CA VAL T 298 54.18 -1.57 -2.96
C VAL T 298 53.15 -2.19 -2.04
N GLU T 299 52.96 -1.60 -0.86
CA GLU T 299 51.98 -2.13 0.08
C GLU T 299 50.56 -1.84 -0.38
N VAL T 300 50.33 -0.69 -0.99
CA VAL T 300 49.00 -0.35 -1.48
C VAL T 300 48.45 -1.41 -2.43
N ARG T 301 49.30 -2.18 -3.10
CA ARG T 301 48.79 -3.18 -4.02
C ARG T 301 48.06 -4.30 -3.31
N LYS T 302 48.31 -4.50 -2.02
CA LYS T 302 47.57 -5.45 -1.21
C LYS T 302 46.18 -4.95 -0.83
N GLN T 303 45.82 -3.73 -1.23
CA GLN T 303 44.54 -3.14 -0.83
C GLN T 303 43.36 -4.06 -1.14
N LYS T 304 43.41 -4.79 -2.26
CA LYS T 304 42.31 -5.68 -2.59
C LYS T 304 42.21 -6.87 -1.65
N GLU T 305 43.30 -7.21 -0.97
CA GLU T 305 43.39 -8.46 -0.24
C GLU T 305 43.43 -8.30 1.27
N ALA T 306 43.70 -7.10 1.79
CA ALA T 306 43.86 -6.89 3.21
C ALA T 306 42.50 -6.80 3.91
N ASN T 307 42.47 -7.20 5.18
CA ASN T 307 41.26 -7.12 5.99
C ASN T 307 41.25 -5.98 6.99
N VAL T 308 42.41 -5.61 7.52
CA VAL T 308 42.51 -4.51 8.48
C VAL T 308 43.27 -3.37 7.83
N LEU T 309 42.75 -2.17 7.97
CA LEU T 309 43.44 -0.95 7.57
C LEU T 309 43.84 -0.25 8.85
N PHE T 310 45.12 -0.07 9.06
CA PHE T 310 45.65 0.53 10.28
C PHE T 310 46.29 1.87 9.93
N LEU T 311 45.79 2.94 10.52
CA LEU T 311 46.32 4.29 10.33
C LEU T 311 46.91 4.76 11.64
N GLU T 312 48.21 5.00 11.66
CA GLU T 312 48.89 5.45 12.86
C GLU T 312 49.27 6.91 12.67
N PRO T 313 48.74 7.83 13.46
CA PRO T 313 48.98 9.25 13.21
C PRO T 313 50.39 9.67 13.59
N THR T 314 50.92 10.61 12.82
CA THR T 314 52.19 11.22 13.16
C THR T 314 52.09 11.97 14.48
N VAL T 315 53.10 11.81 15.33
CA VAL T 315 53.17 12.52 16.60
C VAL T 315 54.12 13.69 16.44
N TYR T 316 53.64 14.90 16.67
CA TYR T 316 54.46 16.11 16.55
C TYR T 316 54.96 16.52 17.92
N VAL T 317 56.26 16.76 18.02
CA VAL T 317 56.90 17.13 19.27
C VAL T 317 57.26 18.60 19.23
N ASP T 318 56.86 19.33 20.25
CA ASP T 318 57.11 20.76 20.34
C ASP T 318 58.50 21.01 20.91
N ALA T 319 59.05 22.19 20.60
CA ALA T 319 60.39 22.49 21.08
C ALA T 319 60.43 22.50 22.60
N GLU T 320 59.33 22.86 23.24
CA GLU T 320 59.24 22.84 24.70
C GLU T 320 58.82 21.48 25.24
N GLY T 321 58.80 20.45 24.39
CA GLY T 321 58.52 19.10 24.82
C GLY T 321 57.07 18.62 24.72
N ARG T 322 56.14 19.45 24.27
CA ARG T 322 54.77 18.97 24.15
C ARG T 322 54.66 17.94 23.04
N GLU T 323 53.61 17.11 23.13
CA GLU T 323 53.34 16.10 22.12
C GLU T 323 51.88 16.18 21.68
N THR T 324 51.64 16.02 20.38
CA THR T 324 50.30 16.06 19.83
C THR T 324 50.25 15.21 18.58
N GLU T 325 49.04 14.75 18.24
CA GLU T 325 48.82 13.81 17.14
C GLU T 325 48.17 14.45 15.91
N GLY T 326 48.63 14.06 14.73
CA GLY T 326 48.01 14.47 13.49
C GLY T 326 46.64 13.84 13.31
N SER T 327 45.83 14.44 12.43
CA SER T 327 44.47 13.96 12.17
C SER T 327 44.45 13.01 10.97
N VAL T 328 44.47 11.71 11.24
CA VAL T 328 44.30 10.69 10.21
C VAL T 328 42.83 10.43 9.99
N ASP T 329 42.46 10.01 8.77
CA ASP T 329 41.08 9.62 8.49
C ASP T 329 41.05 8.75 7.25
N GLY T 330 39.99 7.95 7.13
CA GLY T 330 39.87 7.06 5.97
C GLY T 330 38.47 6.60 5.65
N GLY T 331 38.12 6.48 4.37
CA GLY T 331 36.79 6.02 4.01
C GLY T 331 36.62 6.01 2.50
N TYR T 332 35.62 5.27 2.06
CA TYR T 332 35.34 5.18 0.62
C TYR T 332 34.48 6.36 0.15
N ILE T 333 34.74 6.82 -1.08
CA ILE T 333 33.93 7.83 -1.73
C ILE T 333 33.56 7.29 -3.10
N TYR T 334 32.38 7.67 -3.59
CA TYR T 334 31.91 7.15 -4.86
C TYR T 334 31.17 8.21 -5.67
N LYS T 335 31.32 8.14 -6.99
CA LYS T 335 30.68 9.11 -7.87
C LYS T 335 29.18 8.88 -7.91
N GLN T 336 28.45 9.94 -8.23
CA GLN T 336 27.00 9.90 -8.26
C GLN T 336 26.50 10.96 -9.24
N TYR T 337 25.29 10.76 -9.77
CA TYR T 337 24.69 11.79 -10.63
C TYR T 337 23.19 11.85 -10.39
N ASP T 338 22.58 12.93 -10.87
CA ASP T 338 21.15 13.18 -10.69
C ASP T 338 20.33 12.25 -11.58
N VAL T 339 20.18 11.02 -11.10
CA VAL T 339 19.44 10.02 -11.86
C VAL T 339 17.98 10.42 -12.01
N GLN T 340 17.35 10.92 -10.95
CA GLN T 340 15.94 11.25 -11.03
C GLN T 340 15.67 12.27 -12.13
N GLY T 341 16.39 13.38 -12.10
CA GLY T 341 16.10 14.44 -13.06
C GLY T 341 16.53 14.09 -14.47
N THR T 342 17.61 13.33 -14.61
CA THR T 342 18.04 13.04 -15.97
C THR T 342 17.15 11.98 -16.59
N GLU T 343 16.72 10.99 -15.81
CA GLU T 343 15.83 10.01 -16.40
C GLU T 343 14.44 10.58 -16.63
N ALA T 344 13.95 11.46 -15.77
CA ALA T 344 12.67 12.07 -16.08
C ALA T 344 12.74 12.91 -17.34
N TYR T 345 13.90 13.52 -17.60
CA TYR T 345 14.05 14.33 -18.80
C TYR T 345 14.19 13.47 -20.06
N LYS T 346 15.04 12.45 -20.02
CA LYS T 346 15.17 11.58 -21.17
C LYS T 346 13.87 10.84 -21.45
N ASP T 347 13.14 10.47 -20.41
CA ASP T 347 11.84 9.85 -20.63
C ASP T 347 10.87 10.82 -21.25
N ARG T 348 10.95 12.10 -20.89
CA ARG T 348 10.04 13.05 -21.52
C ARG T 348 10.36 13.20 -22.99
N LEU T 349 11.65 13.25 -23.34
CA LEU T 349 12.01 13.34 -24.76
C LEU T 349 11.48 12.16 -25.54
N ASN T 350 11.69 10.94 -25.02
CA ASN T 350 11.17 9.77 -25.73
C ASN T 350 9.66 9.82 -25.87
N SER T 351 8.97 10.17 -24.79
CA SER T 351 7.52 10.22 -24.85
C SER T 351 7.06 11.23 -25.90
N ASP T 352 7.71 12.39 -25.96
CA ASP T 352 7.28 13.38 -26.93
C ASP T 352 7.58 12.95 -28.35
N ILE T 353 8.71 12.29 -28.58
CA ILE T 353 8.99 11.78 -29.93
C ILE T 353 7.88 10.84 -30.37
N HIS T 354 7.38 10.01 -29.46
CA HIS T 354 6.28 9.15 -29.88
C HIS T 354 4.95 9.88 -29.98
N MET T 355 4.68 10.83 -29.10
CA MET T 355 3.40 11.53 -29.15
C MET T 355 3.24 12.31 -30.44
N PHE T 356 4.27 13.08 -30.81
CA PHE T 356 4.13 13.92 -32.00
C PHE T 356 4.15 13.15 -33.29
N THR T 357 4.50 11.87 -33.26
CA THR T 357 4.51 11.06 -34.47
C THR T 357 3.47 9.96 -34.41
N ASN T 358 2.58 9.99 -33.41
CA ASN T 358 1.49 9.03 -33.32
C ASN T 358 1.98 7.59 -33.43
N THR T 359 3.16 7.35 -32.91
CA THR T 359 3.78 6.03 -32.91
C THR T 359 3.60 5.40 -31.54
N PRO T 360 3.34 4.10 -31.42
CA PRO T 360 3.07 3.54 -30.09
C PRO T 360 4.29 3.60 -29.18
N ASN T 361 4.09 4.15 -28.00
CA ASN T 361 5.13 4.30 -26.97
C ASN T 361 5.31 2.97 -26.25
N MET T 362 6.25 2.15 -26.76
CA MET T 362 6.47 0.82 -26.21
C MET T 362 6.87 0.84 -24.74
N LYS T 363 7.51 1.90 -24.26
CA LYS T 363 7.96 1.88 -22.86
C LYS T 363 6.84 2.04 -21.85
N ASP T 364 5.72 2.66 -22.23
CA ASP T 364 4.60 2.85 -21.32
C ASP T 364 3.35 2.23 -21.93
N ASP T 365 3.36 0.91 -22.11
CA ASP T 365 2.37 0.25 -22.95
C ASP T 365 1.66 -0.82 -22.13
N ASN T 366 0.34 -0.64 -21.98
CA ASN T 366 -0.53 -1.62 -21.34
C ASN T 366 -1.37 -2.30 -22.43
N PHE T 367 -1.37 -3.63 -22.42
CA PHE T 367 -2.10 -4.42 -23.41
C PHE T 367 -3.44 -4.88 -22.80
N SER T 368 -4.53 -4.41 -23.40
CA SER T 368 -5.88 -4.67 -22.89
C SER T 368 -6.37 -6.04 -23.34
N GLY T 369 -6.28 -7.03 -22.45
CA GLY T 369 -6.72 -8.38 -22.76
C GLY T 369 -5.85 -9.11 -23.77
N THR T 370 -6.46 -9.56 -24.87
CA THR T 370 -5.74 -10.32 -25.89
C THR T 370 -6.15 -10.03 -27.33
N GLN T 371 -7.19 -9.21 -27.58
CA GLN T 371 -7.71 -9.06 -28.95
C GLN T 371 -6.92 -7.99 -29.70
N SER T 372 -5.84 -8.44 -30.34
CA SER T 372 -4.80 -7.56 -30.87
C SER T 372 -5.26 -6.70 -32.04
N GLY T 373 -6.44 -6.95 -32.61
CA GLY T 373 -6.96 -6.02 -33.59
C GLY T 373 -7.42 -4.72 -32.96
N GLU T 374 -8.49 -4.80 -32.18
CA GLU T 374 -9.04 -3.61 -31.54
C GLU T 374 -8.05 -2.98 -30.56
N ALA T 375 -7.31 -3.81 -29.84
CA ALA T 375 -6.28 -3.27 -28.95
C ALA T 375 -5.29 -2.38 -29.67
N MET T 376 -5.01 -2.64 -30.95
CA MET T 376 -4.19 -1.71 -31.71
C MET T 376 -5.03 -0.57 -32.27
N LYS T 377 -6.16 -0.90 -32.90
CA LYS T 377 -6.92 0.09 -33.63
C LYS T 377 -7.33 1.27 -32.75
N TYR T 378 -7.51 1.06 -31.45
CA TYR T 378 -7.69 2.22 -30.57
C TYR T 378 -6.41 3.04 -30.45
N LYS T 379 -5.26 2.39 -30.30
CA LYS T 379 -4.01 3.11 -30.12
C LYS T 379 -3.59 3.88 -31.37
N LEU T 380 -3.80 3.29 -32.52
CA LEU T 380 -3.48 3.88 -33.81
C LEU T 380 -4.55 4.83 -34.32
N PHE T 381 -5.40 5.35 -33.43
CA PHE T 381 -6.44 6.27 -33.89
C PHE T 381 -5.85 7.58 -34.39
N GLY T 382 -4.88 8.13 -33.65
CA GLY T 382 -4.28 9.38 -34.11
C GLY T 382 -3.52 9.20 -35.40
N LEU T 383 -2.84 8.06 -35.56
CA LEU T 383 -2.13 7.78 -36.80
C LEU T 383 -3.08 7.59 -37.96
N GLU T 384 -4.27 7.05 -37.71
CA GLU T 384 -5.24 6.84 -38.77
C GLU T 384 -5.70 8.15 -39.39
N GLN T 385 -5.86 9.21 -38.59
CA GLN T 385 -6.32 10.48 -39.12
C GLN T 385 -5.38 11.03 -40.18
N ARG T 386 -4.07 10.94 -39.96
CA ARG T 386 -3.13 11.40 -40.98
C ARG T 386 -3.15 10.49 -42.19
N THR T 387 -3.15 9.18 -41.96
CA THR T 387 -3.14 8.24 -43.07
C THR T 387 -4.31 8.41 -44.00
N LYS T 388 -5.49 8.81 -43.50
CA LYS T 388 -6.61 8.97 -44.42
C LYS T 388 -6.38 10.11 -45.41
N THR T 389 -5.68 11.16 -44.98
CA THR T 389 -5.36 12.24 -45.91
C THR T 389 -4.30 11.78 -46.89
N LYS T 390 -3.27 11.13 -46.38
CA LYS T 390 -2.26 10.57 -47.27
C LYS T 390 -2.90 9.65 -48.30
N GLU T 391 -3.92 8.90 -47.89
CA GLU T 391 -4.62 8.00 -48.82
C GLU T 391 -5.32 8.80 -49.91
N GLY T 392 -5.85 9.96 -49.56
CA GLY T 392 -6.50 10.76 -50.58
C GLY T 392 -5.51 11.23 -51.63
N LEU T 393 -4.40 11.82 -51.18
CA LEU T 393 -3.40 12.29 -52.14
C LEU T 393 -2.80 11.14 -52.95
N PHE T 394 -2.60 9.97 -52.32
CA PHE T 394 -2.08 8.83 -53.04
C PHE T 394 -3.02 8.39 -54.15
N THR T 395 -4.32 8.30 -53.86
CA THR T 395 -5.24 7.92 -54.92
C THR T 395 -5.23 8.97 -56.02
N LYS T 396 -5.10 10.24 -55.64
CA LYS T 396 -5.03 11.28 -56.65
C LYS T 396 -3.89 11.03 -57.61
N GLY T 397 -2.80 10.47 -57.11
CA GLY T 397 -1.69 10.15 -58.00
C GLY T 397 -1.90 8.90 -58.83
N LEU T 398 -2.45 7.86 -58.20
CA LEU T 398 -2.72 6.64 -58.94
C LEU T 398 -3.66 6.89 -60.11
N ARG T 399 -4.60 7.83 -59.97
CA ARG T 399 -5.48 8.11 -61.09
C ARG T 399 -4.70 8.64 -62.29
N ARG T 400 -3.67 9.43 -62.04
CA ARG T 400 -2.84 9.90 -63.16
C ARG T 400 -2.05 8.75 -63.76
N ARG T 401 -1.51 7.87 -62.92
CA ARG T 401 -0.85 6.69 -63.46
C ARG T 401 -1.79 5.92 -64.39
N ALA T 402 -3.05 5.80 -63.99
CA ALA T 402 -4.02 5.11 -64.83
C ALA T 402 -4.29 5.87 -66.11
N LYS T 403 -4.37 7.19 -66.03
CA LYS T 403 -4.60 7.99 -67.23
C LYS T 403 -3.48 7.77 -68.24
N LEU T 404 -2.25 7.75 -67.75
CA LEU T 404 -1.11 7.50 -68.63
C LEU T 404 -1.20 6.11 -69.24
N LEU T 405 -1.51 5.12 -68.42
CA LEU T 405 -1.56 3.76 -68.92
C LEU T 405 -2.60 3.59 -70.00
N GLU T 406 -3.79 4.16 -69.80
CA GLU T 406 -4.80 4.05 -70.85
C GLU T 406 -4.36 4.76 -72.11
N THR T 407 -3.62 5.86 -71.97
CA THR T 407 -3.25 6.59 -73.17
C THR T 407 -2.27 5.79 -74.00
N ILE T 408 -1.27 5.19 -73.35
CA ILE T 408 -0.30 4.38 -74.09
C ILE T 408 -0.96 3.13 -74.67
N LEU T 409 -1.88 2.52 -73.92
CA LEU T 409 -2.57 1.36 -74.47
C LEU T 409 -3.37 1.73 -75.69
N LYS T 410 -4.04 2.88 -75.67
CA LYS T 410 -4.84 3.27 -76.82
C LYS T 410 -3.95 3.61 -78.01
N ASN T 411 -2.84 4.31 -77.79
CA ASN T 411 -1.98 4.63 -78.92
C ASN T 411 -1.34 3.38 -79.50
N THR T 412 -1.19 2.32 -78.72
CA THR T 412 -0.72 1.06 -79.27
C THR T 412 -1.88 0.18 -79.72
N ARG T 413 -3.11 0.65 -79.54
CA ARG T 413 -4.31 -0.10 -79.90
C ARG T 413 -4.34 -1.47 -79.24
N SER T 414 -3.76 -1.56 -78.05
CA SER T 414 -3.83 -2.78 -77.27
C SER T 414 -5.14 -2.88 -76.51
N ILE T 415 -5.99 -1.86 -76.62
CA ILE T 415 -7.30 -1.85 -75.99
C ILE T 415 -8.21 -1.00 -76.87
N ASP T 416 -9.51 -1.25 -76.76
CA ASP T 416 -10.46 -0.48 -77.55
C ASP T 416 -10.48 0.97 -77.07
N ALA T 417 -10.50 1.90 -78.02
CA ALA T 417 -10.52 3.31 -77.66
C ALA T 417 -11.78 3.69 -76.89
N ASN T 418 -12.79 2.83 -76.90
CA ASN T 418 -14.04 3.10 -76.20
C ASN T 418 -13.91 3.06 -74.68
N LYS T 419 -12.89 2.39 -74.13
CA LYS T 419 -12.80 2.17 -72.70
C LYS T 419 -12.43 3.44 -71.93
N ASP T 420 -12.77 3.45 -70.64
CA ASP T 420 -12.44 4.54 -69.72
C ASP T 420 -11.87 3.96 -68.44
N PHE T 421 -10.73 4.50 -67.99
CA PHE T 421 -10.08 4.01 -66.79
C PHE T 421 -10.46 4.73 -65.50
N ASN T 422 -11.07 5.90 -65.56
CA ASN T 422 -11.36 6.61 -64.31
C ASN T 422 -12.44 5.93 -63.47
N THR T 423 -13.07 4.87 -63.94
CA THR T 423 -14.07 4.18 -63.14
C THR T 423 -13.45 3.25 -62.09
N VAL T 424 -12.16 2.96 -62.18
CA VAL T 424 -11.51 2.05 -61.25
C VAL T 424 -11.65 2.55 -59.82
N ARG T 425 -12.01 1.66 -58.90
CA ARG T 425 -12.10 1.95 -57.48
C ARG T 425 -10.90 1.34 -56.77
N TYR T 426 -10.12 2.19 -56.11
CA TYR T 426 -8.95 1.75 -55.35
C TYR T 426 -9.36 1.50 -53.91
N VAL T 427 -9.18 0.27 -53.43
CA VAL T 427 -9.61 -0.13 -52.10
C VAL T 427 -8.37 -0.32 -51.24
N TYR T 428 -8.32 0.37 -50.10
CA TYR T 428 -7.18 0.35 -49.19
C TYR T 428 -7.52 -0.43 -47.94
N ASN T 429 -6.58 -1.27 -47.50
CA ASN T 429 -6.69 -1.98 -46.23
C ASN T 429 -5.48 -1.66 -45.37
N ARG T 430 -5.71 -1.44 -44.08
CA ARG T 430 -4.59 -1.22 -43.19
C ARG T 430 -3.94 -2.56 -42.86
N ASN T 431 -2.69 -2.52 -42.42
CA ASN T 431 -1.97 -3.74 -42.08
C ASN T 431 -2.20 -4.19 -40.65
N LEU T 432 -3.41 -4.06 -40.10
CA LEU T 432 -3.63 -4.50 -38.74
C LEU T 432 -3.62 -6.03 -38.64
N PRO T 433 -3.17 -6.56 -37.50
CA PRO T 433 -3.09 -8.02 -37.34
C PRO T 433 -4.46 -8.66 -37.32
N LYS T 434 -4.54 -9.86 -37.88
CA LYS T 434 -5.81 -10.53 -38.09
C LYS T 434 -5.79 -11.91 -37.44
N SER T 435 -6.99 -12.45 -37.22
CA SER T 435 -7.20 -13.66 -36.42
C SER T 435 -8.08 -14.62 -37.21
N LEU T 436 -7.42 -15.48 -38.00
CA LEU T 436 -8.12 -16.35 -38.94
C LEU T 436 -9.18 -17.22 -38.28
N ILE T 437 -9.05 -17.56 -37.00
CA ILE T 437 -10.10 -18.35 -36.37
C ILE T 437 -11.30 -17.49 -36.01
N GLU T 438 -11.09 -16.24 -35.59
CA GLU T 438 -12.24 -15.36 -35.38
C GLU T 438 -12.92 -15.03 -36.69
N GLU T 439 -12.16 -15.05 -37.78
CA GLU T 439 -12.75 -14.70 -39.06
C GLU T 439 -13.46 -15.89 -39.70
N LEU T 440 -12.90 -17.09 -39.59
CA LEU T 440 -13.65 -18.25 -40.05
C LEU T 440 -14.94 -18.37 -39.28
N LYS T 441 -14.91 -18.24 -37.96
CA LYS T 441 -16.15 -18.41 -37.23
C LYS T 441 -17.16 -17.33 -37.60
N ALA T 442 -16.70 -16.10 -37.89
CA ALA T 442 -17.63 -15.05 -38.27
C ALA T 442 -18.14 -15.21 -39.70
N TYR T 443 -17.37 -15.85 -40.58
CA TYR T 443 -17.80 -16.04 -41.95
C TYR T 443 -18.67 -17.26 -42.13
N ILE T 444 -18.41 -18.34 -41.40
CA ILE T 444 -19.21 -19.53 -41.59
C ILE T 444 -20.49 -19.43 -40.78
N ASP T 445 -20.43 -18.89 -39.56
CA ASP T 445 -21.70 -18.41 -39.06
C ASP T 445 -22.15 -17.32 -40.01
N SER T 446 -23.45 -17.06 -40.05
CA SER T 446 -23.98 -16.07 -40.97
C SER T 446 -23.97 -16.53 -42.43
N GLY T 447 -23.86 -17.84 -42.68
CA GLY T 447 -24.16 -18.39 -43.99
C GLY T 447 -23.06 -18.50 -45.02
N GLY T 448 -21.78 -18.44 -44.64
CA GLY T 448 -20.73 -18.62 -45.62
C GLY T 448 -20.57 -20.06 -46.06
N LYS T 449 -19.91 -20.25 -47.21
CA LYS T 449 -19.57 -21.57 -47.74
C LYS T 449 -18.10 -21.62 -48.12
N ILE T 450 -17.46 -22.77 -47.91
CA ILE T 450 -16.07 -22.98 -48.31
C ILE T 450 -15.89 -24.38 -48.87
N SER T 451 -15.15 -24.47 -49.98
CA SER T 451 -14.82 -25.77 -50.55
C SER T 451 -13.79 -26.48 -49.67
N GLN T 452 -13.92 -27.81 -49.62
CA GLN T 452 -13.06 -28.61 -48.76
C GLN T 452 -11.58 -28.31 -48.99
N THR T 453 -11.15 -28.24 -50.25
CA THR T 453 -9.73 -28.01 -50.51
C THR T 453 -9.27 -26.65 -50.00
N THR T 454 -10.13 -25.63 -50.12
CA THR T 454 -9.74 -24.31 -49.63
C THR T 454 -9.65 -24.32 -48.11
N LEU T 455 -10.68 -24.88 -47.48
CA LEU T 455 -10.68 -24.94 -46.02
C LEU T 455 -9.44 -25.66 -45.54
N MET T 456 -9.09 -26.78 -46.17
CA MET T 456 -7.88 -27.47 -45.77
C MET T 456 -6.67 -26.57 -45.95
N SER T 457 -6.63 -25.81 -47.04
CA SER T 457 -5.47 -24.96 -47.27
C SER T 457 -5.31 -23.91 -46.19
N LEU T 458 -6.36 -23.63 -45.43
CA LEU T 458 -6.20 -22.61 -44.38
C LEU T 458 -5.51 -23.13 -43.12
N PHE T 459 -5.50 -24.44 -42.87
CA PHE T 459 -4.93 -25.00 -41.65
C PHE T 459 -3.66 -25.75 -41.98
N SER T 460 -2.56 -25.39 -41.32
CA SER T 460 -1.25 -25.92 -41.66
C SER T 460 -0.94 -27.27 -41.03
N PHE T 461 -1.86 -27.90 -40.30
CA PHE T 461 -1.55 -29.25 -39.83
C PHE T 461 -1.72 -30.29 -40.91
N PHE T 462 -2.42 -29.97 -42.00
CA PHE T 462 -2.55 -30.86 -43.14
C PHE T 462 -1.25 -30.87 -43.93
N GLN T 463 -0.54 -31.98 -43.90
CA GLN T 463 0.73 -32.07 -44.62
C GLN T 463 0.52 -32.18 -46.13
N ASP T 464 -0.59 -32.77 -46.57
CA ASP T 464 -0.90 -32.90 -48.00
C ASP T 464 -2.35 -32.47 -48.22
N PRO T 465 -2.57 -31.17 -48.47
CA PRO T 465 -3.94 -30.66 -48.55
C PRO T 465 -4.80 -31.29 -49.63
N GLU T 466 -4.20 -31.92 -50.63
CA GLU T 466 -5.00 -32.57 -51.67
C GLU T 466 -5.08 -34.07 -51.46
N LEU T 467 -3.96 -34.71 -51.13
CA LEU T 467 -3.98 -36.14 -50.88
C LEU T 467 -5.02 -36.48 -49.83
N GLU T 468 -5.20 -35.58 -48.85
CA GLU T 468 -6.21 -35.82 -47.83
C GLU T 468 -7.58 -36.08 -48.42
N VAL T 469 -7.91 -35.48 -49.57
CA VAL T 469 -9.23 -35.72 -50.15
C VAL T 469 -9.37 -37.16 -50.63
N LYS T 470 -8.36 -37.69 -51.31
CA LYS T 470 -8.40 -39.09 -51.71
C LYS T 470 -8.50 -39.98 -50.49
N LYS T 471 -7.69 -39.67 -49.48
CA LYS T 471 -7.69 -40.47 -48.27
C LYS T 471 -9.04 -40.42 -47.56
N ILE T 472 -9.78 -39.34 -47.74
CA ILE T 472 -11.13 -39.28 -47.16
C ILE T 472 -12.09 -40.10 -47.99
N GLU T 473 -11.95 -40.07 -49.31
CA GLU T 473 -12.82 -40.91 -50.13
C GLU T 473 -12.63 -42.39 -49.82
N GLU T 474 -11.40 -42.82 -49.57
CA GLU T 474 -11.22 -44.24 -49.27
C GLU T 474 -12.00 -44.65 -48.03
N ASP T 475 -11.88 -43.87 -46.96
CA ASP T 475 -12.62 -44.13 -45.74
C ASP T 475 -14.12 -44.08 -45.99
N GLU T 476 -14.57 -43.03 -46.66
CA GLU T 476 -15.99 -42.87 -46.97
C GLU T 476 -16.49 -43.99 -47.89
N LYS T 477 -15.59 -44.65 -48.60
CA LYS T 477 -15.96 -45.76 -49.45
C LYS T 477 -16.17 -47.02 -48.63
N GLU T 478 -15.22 -47.33 -47.76
CA GLU T 478 -15.39 -48.50 -46.91
C GLU T 478 -16.50 -48.29 -45.89
N SER T 479 -16.89 -47.04 -45.66
CA SER T 479 -18.05 -46.78 -44.81
C SER T 479 -19.36 -47.18 -45.49
N ILE T 480 -19.34 -47.39 -46.80
CA ILE T 480 -20.55 -47.81 -47.51
C ILE T 480 -20.81 -49.29 -47.33
N LYS T 481 -19.79 -50.06 -46.99
CA LYS T 481 -19.91 -51.50 -46.85
C LYS T 481 -20.08 -51.88 -45.39
N MET U 1 45.09 30.03 -32.39
CA MET U 1 45.46 30.17 -33.83
C MET U 1 44.32 30.84 -34.60
N LEU U 2 44.67 31.60 -35.64
CA LEU U 2 43.66 32.26 -36.45
C LEU U 2 42.77 31.24 -37.13
N LYS U 3 41.45 31.43 -36.99
CA LYS U 3 40.49 30.51 -37.60
C LYS U 3 40.71 30.37 -39.10
N VAL U 4 41.13 31.44 -39.79
CA VAL U 4 41.33 31.38 -41.23
C VAL U 4 42.53 30.54 -41.66
N ASN U 5 43.44 30.17 -40.75
CA ASN U 5 44.55 29.29 -41.09
C ASN U 5 44.26 27.81 -40.85
N GLU U 6 43.15 27.46 -40.21
CA GLU U 6 42.81 26.05 -40.02
C GLU U 6 42.54 25.33 -41.32
N PHE U 7 42.50 26.02 -42.45
CA PHE U 7 42.53 25.36 -43.75
C PHE U 7 43.96 25.02 -44.16
N GLU U 8 44.77 26.06 -44.38
CA GLU U 8 46.10 25.87 -44.95
C GLU U 8 46.98 25.01 -44.05
N THR U 9 46.71 25.02 -42.75
CA THR U 9 47.46 24.20 -41.81
C THR U 9 47.14 22.72 -41.94
N ASP U 10 45.98 22.37 -42.48
CA ASP U 10 45.32 21.12 -42.16
C ASP U 10 45.17 20.98 -40.65
N THR U 11 44.18 21.67 -40.09
CA THR U 11 43.68 21.39 -38.75
C THR U 11 42.22 20.97 -38.91
N ASP U 12 41.91 19.79 -38.39
CA ASP U 12 40.85 18.96 -38.94
C ASP U 12 39.44 19.42 -38.52
N LEU U 13 38.50 19.24 -39.47
CA LEU U 13 37.08 19.10 -39.15
C LEU U 13 36.80 17.79 -38.41
N ARG U 14 37.74 16.84 -38.47
CA ARG U 14 37.52 15.44 -38.10
C ARG U 14 36.45 14.77 -38.94
N GLY U 15 36.58 14.89 -40.26
CA GLY U 15 36.07 13.87 -41.15
C GLY U 15 36.89 12.62 -40.91
N ASN U 16 36.24 11.51 -40.56
CA ASN U 16 36.95 10.43 -39.88
C ASN U 16 36.55 9.05 -40.39
N ILE U 17 37.45 8.10 -40.15
CA ILE U 17 37.26 6.67 -40.38
C ILE U 17 36.16 6.15 -39.46
N ASN U 18 35.01 5.79 -40.02
CA ASN U 18 34.09 4.90 -39.31
C ASN U 18 33.41 4.02 -40.36
N TYR U 19 33.91 2.79 -40.49
CA TYR U 19 33.63 1.98 -41.66
C TYR U 19 32.14 1.83 -41.92
N LEU U 20 31.33 1.75 -40.87
CA LEU U 20 29.91 1.48 -41.08
C LEU U 20 29.22 2.63 -41.78
N PHE U 21 29.52 3.86 -41.40
CA PHE U 21 28.79 5.02 -41.91
C PHE U 21 29.63 5.86 -42.83
N ASN U 22 30.86 5.44 -43.11
CA ASN U 22 31.59 5.93 -44.28
C ASN U 22 30.71 5.80 -45.51
N ASP U 23 30.72 6.83 -46.35
CA ASP U 23 29.82 6.87 -47.51
C ASP U 23 30.29 6.07 -48.71
N GLU U 24 31.57 5.71 -48.79
CA GLU U 24 31.97 4.83 -49.89
C GLU U 24 31.53 3.40 -49.67
N ALA U 25 31.43 2.95 -48.43
CA ALA U 25 30.83 1.66 -48.19
C ALA U 25 29.37 1.71 -48.61
N ASN U 26 28.79 0.54 -48.83
CA ASN U 26 27.35 0.42 -49.05
C ASN U 26 26.84 1.04 -50.35
N VAL U 27 27.72 1.45 -51.27
CA VAL U 27 27.27 1.95 -52.58
C VAL U 27 26.99 0.80 -53.54
N VAL U 28 26.25 1.11 -54.60
CA VAL U 28 25.94 0.20 -55.70
C VAL U 28 26.84 0.51 -56.88
N TYR U 29 27.62 -0.48 -57.32
CA TYR U 29 28.49 -0.29 -58.49
C TYR U 29 27.71 -0.25 -59.80
N THR U 30 27.99 0.77 -60.61
CA THR U 30 27.38 0.91 -61.93
C THR U 30 28.46 1.13 -62.98
N TYR U 31 28.18 0.64 -64.18
CA TYR U 31 29.07 0.75 -65.32
C TYR U 31 28.29 1.29 -66.51
N ASP U 32 28.93 2.20 -67.25
CA ASP U 32 28.27 2.87 -68.37
C ASP U 32 28.22 2.03 -69.62
N GLY U 33 29.17 1.13 -69.83
CA GLY U 33 29.24 0.37 -71.05
C GLY U 33 28.47 -0.93 -71.00
N THR U 34 28.43 -1.59 -72.15
CA THR U 34 27.84 -2.91 -72.24
C THR U 34 28.77 -3.96 -71.66
N GLU U 35 28.24 -5.17 -71.56
CA GLU U 35 29.06 -6.30 -71.13
C GLU U 35 30.29 -6.41 -72.00
N SER U 36 30.13 -6.22 -73.31
CA SER U 36 31.29 -6.28 -74.20
C SER U 36 32.29 -5.19 -73.88
N ASP U 37 31.81 -3.98 -73.61
CA ASP U 37 32.70 -2.87 -73.29
C ASP U 37 33.47 -3.13 -72.01
N LEU U 38 32.91 -3.90 -71.09
CA LEU U 38 33.64 -4.25 -69.88
C LEU U 38 34.63 -5.37 -70.14
N LEU U 39 34.14 -6.43 -70.78
CA LEU U 39 34.94 -7.63 -70.98
C LEU U 39 36.15 -7.35 -71.84
N GLN U 40 36.05 -6.42 -72.79
CA GLN U 40 37.23 -6.05 -73.55
C GLN U 40 38.18 -5.21 -72.70
N ASN U 41 37.69 -4.57 -71.65
CA ASN U 41 38.51 -3.73 -70.79
C ASN U 41 38.49 -4.25 -69.35
N VAL U 42 38.83 -5.51 -69.20
CA VAL U 42 38.80 -6.22 -67.91
C VAL U 42 39.47 -5.46 -66.78
N ASN U 43 40.40 -4.55 -67.09
CA ASN U 43 41.06 -3.81 -66.04
C ASN U 43 40.06 -3.05 -65.16
N GLU U 44 38.95 -2.62 -65.75
CA GLU U 44 37.94 -1.92 -64.96
C GLU U 44 37.42 -2.81 -63.85
N VAL U 45 37.29 -4.10 -64.12
CA VAL U 45 36.89 -5.01 -63.07
C VAL U 45 37.93 -5.00 -61.96
N SER U 46 39.19 -4.78 -62.31
CA SER U 46 40.21 -4.69 -61.27
C SER U 46 39.98 -3.46 -60.40
N LYS U 47 39.60 -2.34 -61.02
CA LYS U 47 39.24 -1.18 -60.19
C LYS U 47 38.12 -1.51 -59.23
N TYR U 48 37.02 -2.09 -59.73
CA TYR U 48 35.92 -2.44 -58.84
C TYR U 48 36.37 -3.34 -57.71
N ILE U 49 37.10 -4.41 -58.03
CA ILE U 49 37.57 -5.30 -56.98
C ILE U 49 38.37 -4.55 -55.91
N GLU U 50 39.30 -3.70 -56.35
CA GLU U 50 40.09 -2.95 -55.38
C GLU U 50 39.21 -2.06 -54.51
N HIS U 51 38.31 -1.31 -55.13
CA HIS U 51 37.36 -0.50 -54.35
C HIS U 51 36.61 -1.33 -53.33
N HIS U 52 36.12 -2.49 -53.76
CA HIS U 52 35.38 -3.33 -52.82
C HIS U 52 36.25 -3.73 -51.64
N MET U 53 37.49 -4.13 -51.90
CA MET U 53 38.41 -4.48 -50.80
C MET U 53 38.65 -3.30 -49.87
N ASP U 54 38.88 -2.11 -50.41
CA ASP U 54 39.27 -0.99 -49.57
C ASP U 54 38.12 -0.30 -48.88
N TYR U 55 36.89 -0.44 -49.35
CA TYR U 55 35.80 0.30 -48.72
C TYR U 55 34.62 -0.57 -48.29
N GLN U 56 34.14 -1.48 -49.13
CA GLN U 56 32.99 -2.26 -48.72
C GLN U 56 33.34 -3.39 -47.77
N ARG U 57 34.42 -4.11 -48.00
CA ARG U 57 34.76 -5.20 -47.09
C ARG U 57 34.89 -4.78 -45.63
N PRO U 58 35.65 -3.75 -45.27
CA PRO U 58 35.76 -3.39 -43.85
C PRO U 58 34.44 -3.10 -43.16
N ARG U 59 33.37 -2.78 -43.88
CA ARG U 59 32.06 -2.74 -43.25
C ARG U 59 31.56 -4.14 -42.93
N LEU U 60 31.57 -5.00 -43.94
CA LEU U 60 31.04 -6.35 -43.76
C LEU U 60 31.80 -7.12 -42.70
N LYS U 61 33.11 -6.96 -42.63
CA LYS U 61 33.87 -7.67 -41.60
C LYS U 61 33.45 -7.25 -40.20
N VAL U 62 33.15 -5.98 -39.99
CA VAL U 62 32.72 -5.57 -38.65
C VAL U 62 31.33 -6.10 -38.34
N LEU U 63 30.44 -6.10 -39.33
CA LEU U 63 29.12 -6.68 -39.08
C LEU U 63 29.22 -8.17 -38.75
N SER U 64 30.11 -8.87 -39.45
CA SER U 64 30.31 -10.28 -39.18
C SER U 64 30.95 -10.54 -37.82
N ASP U 65 31.95 -9.75 -37.44
CA ASP U 65 32.53 -9.91 -36.11
C ASP U 65 31.55 -9.60 -34.98
N TYR U 66 30.60 -8.71 -35.19
CA TYR U 66 29.57 -8.60 -34.16
C TYR U 66 28.64 -9.79 -34.15
N TYR U 67 28.31 -10.37 -35.31
CA TYR U 67 27.49 -11.57 -35.24
C TYR U 67 28.21 -12.67 -34.47
N GLU U 68 29.48 -12.89 -34.76
CA GLU U 68 30.26 -13.85 -33.97
C GLU U 68 30.48 -13.41 -32.53
N GLY U 69 30.11 -12.19 -32.18
CA GLY U 69 30.31 -11.69 -30.84
C GLY U 69 31.70 -11.20 -30.51
N LYS U 70 32.58 -11.12 -31.50
CA LYS U 70 33.92 -10.53 -31.32
C LYS U 70 33.79 -9.01 -31.28
N THR U 71 32.96 -8.51 -30.36
CA THR U 71 32.79 -7.06 -30.26
C THR U 71 34.10 -6.36 -29.93
N LYS U 72 34.15 -5.09 -30.31
CA LYS U 72 35.28 -4.22 -30.08
C LYS U 72 35.84 -4.33 -28.67
N ASN U 73 34.99 -4.46 -27.67
CA ASN U 73 35.49 -4.54 -26.30
C ASN U 73 36.47 -5.69 -26.09
N LEU U 74 36.31 -6.81 -26.80
CA LEU U 74 37.26 -7.89 -26.62
C LEU U 74 38.60 -7.63 -27.30
N VAL U 75 38.60 -7.05 -28.48
CA VAL U 75 39.86 -6.87 -29.22
C VAL U 75 40.60 -5.59 -28.85
N GLU U 76 39.90 -4.53 -28.49
CA GLU U 76 40.53 -3.24 -28.20
C GLU U 76 41.30 -3.21 -26.89
N LEU U 77 42.26 -4.13 -26.73
CA LEU U 77 43.13 -4.15 -25.57
C LEU U 77 44.02 -2.91 -25.48
N THR U 78 44.13 -2.12 -26.56
CA THR U 78 45.06 -0.99 -26.60
C THR U 78 45.03 -0.09 -25.36
N ARG U 79 43.84 0.21 -24.82
CA ARG U 79 43.74 1.07 -23.65
C ARG U 79 43.44 0.32 -22.36
N ARG U 80 43.42 -1.01 -22.37
CA ARG U 80 43.09 -1.74 -21.17
C ARG U 80 44.33 -1.87 -20.26
N LYS U 81 44.09 -2.34 -19.04
CA LYS U 81 45.09 -2.48 -18.01
C LYS U 81 45.10 -3.91 -17.49
N GLU U 82 46.31 -4.42 -17.22
CA GLU U 82 46.43 -5.79 -16.72
C GLU U 82 47.71 -5.98 -15.91
N GLU U 83 48.18 -4.93 -15.24
CA GLU U 83 49.42 -5.03 -14.48
C GLU U 83 49.26 -5.77 -13.16
N TYR U 84 48.07 -5.82 -12.60
CA TYR U 84 47.82 -6.63 -11.41
C TYR U 84 46.33 -6.97 -11.30
N MET U 85 45.48 -6.11 -11.86
CA MET U 85 44.06 -6.38 -11.91
C MET U 85 43.76 -7.43 -12.98
N ALA U 86 42.53 -7.93 -12.96
CA ALA U 86 42.05 -8.75 -14.05
C ALA U 86 41.60 -7.86 -15.21
N ASP U 87 41.48 -8.48 -16.40
CA ASP U 87 41.05 -7.72 -17.57
C ASP U 87 39.55 -7.44 -17.54
N ASN U 88 38.75 -8.44 -17.19
CA ASN U 88 37.29 -8.31 -17.10
C ASN U 88 36.67 -7.68 -18.34
N ARG U 89 37.26 -7.89 -19.51
CA ARG U 89 36.62 -7.50 -20.76
C ARG U 89 35.42 -8.41 -21.04
N VAL U 90 34.38 -7.84 -21.67
CA VAL U 90 33.10 -8.50 -21.83
C VAL U 90 32.51 -8.26 -23.21
N ALA U 91 31.75 -9.25 -23.71
CA ALA U 91 30.99 -9.15 -24.95
C ALA U 91 29.58 -9.71 -24.70
N HIS U 92 28.55 -9.02 -25.17
CA HIS U 92 27.17 -9.40 -24.84
C HIS U 92 26.37 -10.16 -25.90
N ASP U 93 26.82 -10.23 -27.15
CA ASP U 93 26.13 -11.04 -28.17
C ASP U 93 24.69 -10.59 -28.49
N TYR U 94 24.38 -9.31 -28.30
CA TYR U 94 23.11 -8.80 -28.80
C TYR U 94 22.96 -9.04 -30.29
N ALA U 95 24.05 -8.87 -31.02
CA ALA U 95 24.00 -8.96 -32.48
C ALA U 95 23.43 -10.30 -32.94
N SER U 96 23.85 -11.38 -32.30
CA SER U 96 23.31 -12.69 -32.65
C SER U 96 21.91 -12.87 -32.14
N TYR U 97 21.64 -12.48 -30.90
CA TYR U 97 20.27 -12.62 -30.42
C TYR U 97 19.28 -11.97 -31.39
N ILE U 98 19.56 -10.72 -31.79
CA ILE U 98 18.69 -9.98 -32.69
C ILE U 98 18.55 -10.66 -34.04
N SER U 99 19.67 -11.01 -34.67
CA SER U 99 19.58 -11.57 -36.02
C SER U 99 18.89 -12.92 -36.05
N ASP U 100 19.18 -13.79 -35.09
CA ASP U 100 18.48 -15.08 -35.08
C ASP U 100 16.99 -14.88 -34.85
N PHE U 101 16.60 -13.98 -33.96
CA PHE U 101 15.18 -13.78 -33.73
C PHE U 101 14.48 -13.27 -34.99
N ILE U 102 15.00 -12.20 -35.59
CA ILE U 102 14.34 -11.57 -36.73
C ILE U 102 14.29 -12.50 -37.93
N ASN U 103 15.36 -13.24 -38.17
CA ASN U 103 15.33 -14.14 -39.31
C ASN U 103 14.44 -15.34 -39.06
N GLY U 104 14.50 -15.94 -37.88
CA GLY U 104 13.60 -17.04 -37.62
C GLY U 104 12.16 -16.62 -37.78
N TYR U 105 11.83 -15.41 -37.37
CA TYR U 105 10.46 -14.94 -37.54
C TYR U 105 10.08 -14.84 -39.01
N PHE U 106 11.00 -14.40 -39.85
CA PHE U 106 10.63 -14.23 -41.26
C PHE U 106 10.60 -15.55 -42.02
N LEU U 107 11.67 -16.33 -41.95
CA LEU U 107 11.82 -17.55 -42.75
C LEU U 107 11.84 -18.82 -41.93
N GLY U 108 11.43 -18.79 -40.67
CA GLY U 108 11.38 -20.03 -39.94
C GLY U 108 10.32 -20.98 -40.45
N ASN U 109 9.31 -20.47 -41.14
CA ASN U 109 8.25 -21.30 -41.69
C ASN U 109 8.40 -21.32 -43.21
N PRO U 110 8.59 -22.48 -43.84
CA PRO U 110 8.94 -22.50 -45.27
C PRO U 110 7.95 -21.77 -46.16
N ILE U 111 8.51 -21.12 -47.20
CA ILE U 111 7.70 -20.49 -48.23
C ILE U 111 6.99 -21.55 -49.06
N GLN U 112 5.70 -21.37 -49.26
CA GLN U 112 4.91 -22.28 -50.07
C GLN U 112 4.74 -21.73 -51.49
N TYR U 113 4.44 -22.63 -52.42
CA TYR U 113 4.32 -22.29 -53.83
C TYR U 113 2.96 -22.70 -54.36
N GLN U 114 2.34 -21.83 -55.15
CA GLN U 114 1.11 -22.15 -55.85
C GLN U 114 1.27 -21.81 -57.32
N ASP U 115 0.69 -22.61 -58.20
CA ASP U 115 0.67 -22.25 -59.61
C ASP U 115 -0.54 -22.88 -60.27
N ASP U 116 -0.93 -22.29 -61.40
CA ASP U 116 -2.07 -22.79 -62.14
C ASP U 116 -1.71 -23.98 -63.02
N ASP U 117 -0.43 -24.15 -63.37
CA ASP U 117 0.03 -25.25 -64.21
C ASP U 117 0.83 -26.24 -63.38
N LYS U 118 0.35 -27.49 -63.32
CA LYS U 118 1.06 -28.48 -62.52
C LYS U 118 2.39 -28.89 -63.14
N ASP U 119 2.57 -28.72 -64.44
CA ASP U 119 3.88 -29.06 -65.00
C ASP U 119 4.94 -28.14 -64.43
N VAL U 120 4.64 -26.84 -64.38
CA VAL U 120 5.56 -25.88 -63.81
C VAL U 120 5.68 -26.10 -62.30
N LEU U 121 4.56 -26.34 -61.64
CA LEU U 121 4.61 -26.54 -60.19
C LEU U 121 5.51 -27.73 -59.84
N GLU U 122 5.39 -28.84 -60.57
CA GLU U 122 6.23 -29.98 -60.26
C GLU U 122 7.67 -29.76 -60.67
N ALA U 123 7.93 -28.93 -61.69
CA ALA U 123 9.31 -28.67 -62.04
C ALA U 123 9.98 -27.83 -60.96
N ILE U 124 9.23 -26.86 -60.45
CA ILE U 124 9.73 -26.03 -59.36
C ILE U 124 9.99 -26.89 -58.14
N GLU U 125 9.00 -27.68 -57.73
CA GLU U 125 9.19 -28.49 -56.53
C GLU U 125 10.31 -29.49 -56.69
N ALA U 126 10.52 -30.04 -57.88
CA ALA U 126 11.64 -30.95 -58.08
C ALA U 126 12.96 -30.22 -57.85
N PHE U 127 13.09 -29.01 -58.42
CA PHE U 127 14.32 -28.25 -58.21
C PHE U 127 14.50 -27.92 -56.73
N ASN U 128 13.42 -27.52 -56.06
CA ASN U 128 13.52 -27.17 -54.64
C ASN U 128 13.95 -28.36 -53.82
N ASP U 129 13.40 -29.54 -54.12
CA ASP U 129 13.77 -30.72 -53.36
C ASP U 129 15.23 -31.07 -53.59
N LEU U 130 15.67 -31.03 -54.84
CA LEU U 130 17.06 -31.32 -55.12
C LEU U 130 17.99 -30.38 -54.37
N ASN U 131 17.66 -29.09 -54.32
CA ASN U 131 18.53 -28.11 -53.67
C ASN U 131 18.25 -27.87 -52.20
N ASP U 132 17.31 -28.57 -51.59
CA ASP U 132 16.99 -28.35 -50.17
C ASP U 132 16.75 -26.87 -49.92
N VAL U 133 15.98 -26.25 -50.81
CA VAL U 133 15.81 -24.81 -50.83
C VAL U 133 15.33 -24.24 -49.51
N GLU U 134 14.64 -25.02 -48.68
CA GLU U 134 14.21 -24.47 -47.39
C GLU U 134 15.40 -23.95 -46.58
N SER U 135 16.41 -24.80 -46.39
CA SER U 135 17.57 -24.39 -45.62
C SER U 135 18.28 -23.24 -46.30
N HIS U 136 18.35 -23.29 -47.62
CA HIS U 136 19.01 -22.24 -48.36
C HIS U 136 18.34 -20.90 -48.11
N ASN U 137 17.03 -20.85 -48.27
CA ASN U 137 16.32 -19.60 -48.04
C ASN U 137 16.56 -19.08 -46.64
N ARG U 138 16.56 -19.95 -45.64
CA ARG U 138 16.85 -19.47 -44.29
C ARG U 138 18.25 -18.87 -44.20
N SER U 139 19.25 -19.50 -44.80
CA SER U 139 20.60 -18.97 -44.65
C SER U 139 20.80 -17.69 -45.46
N LEU U 140 20.03 -17.51 -46.53
CA LEU U 140 19.94 -16.21 -47.17
C LEU U 140 19.33 -15.18 -46.23
N GLY U 141 18.17 -15.49 -45.66
CA GLY U 141 17.53 -14.53 -44.78
C GLY U 141 18.43 -14.14 -43.63
N LEU U 142 19.29 -15.06 -43.20
CA LEU U 142 20.26 -14.71 -42.17
C LEU U 142 21.27 -13.72 -42.69
N ASP U 143 21.84 -13.97 -43.88
CA ASP U 143 22.77 -12.98 -44.41
C ASP U 143 22.08 -11.63 -44.54
N LEU U 144 20.85 -11.61 -45.02
CA LEU U 144 20.14 -10.34 -45.13
C LEU U 144 20.10 -9.63 -43.80
N SER U 145 19.92 -10.39 -42.73
CA SER U 145 19.84 -9.75 -41.42
C SER U 145 21.19 -9.24 -40.94
N ILE U 146 22.27 -9.93 -41.30
CA ILE U 146 23.62 -9.51 -40.91
C ILE U 146 24.11 -8.37 -41.78
N TYR U 147 24.37 -8.67 -43.05
CA TYR U 147 25.09 -7.76 -43.93
C TYR U 147 24.17 -6.72 -44.55
N GLY U 148 22.88 -7.02 -44.65
CA GLY U 148 21.96 -6.22 -45.42
C GLY U 148 21.76 -6.68 -46.84
N LYS U 149 22.55 -7.64 -47.29
CA LYS U 149 22.46 -8.12 -48.67
C LYS U 149 22.96 -9.55 -48.71
N ALA U 150 22.51 -10.30 -49.70
CA ALA U 150 22.98 -11.68 -49.81
C ALA U 150 22.99 -12.11 -51.26
N TYR U 151 23.88 -13.02 -51.62
CA TYR U 151 24.06 -13.41 -53.01
C TYR U 151 23.84 -14.90 -53.18
N GLU U 152 23.23 -15.31 -54.30
CA GLU U 152 23.18 -16.73 -54.61
C GLU U 152 23.57 -16.97 -56.05
N LEU U 153 24.32 -18.06 -56.25
CA LEU U 153 24.86 -18.47 -57.53
C LEU U 153 24.23 -19.78 -57.97
N MET U 154 23.77 -19.83 -59.22
CA MET U 154 23.14 -21.01 -59.79
C MET U 154 24.04 -21.57 -60.88
N ILE U 155 24.32 -22.87 -60.85
CA ILE U 155 25.24 -23.47 -61.81
C ILE U 155 24.75 -24.84 -62.26
N ARG U 156 24.97 -25.14 -63.54
CA ARG U 156 24.69 -26.48 -64.08
C ARG U 156 25.88 -27.36 -63.75
N ASN U 157 25.67 -28.31 -62.83
CA ASN U 157 26.69 -29.13 -62.25
C ASN U 157 27.29 -30.13 -63.24
N GLN U 158 28.40 -30.73 -62.82
CA GLN U 158 29.09 -31.72 -63.64
C GLN U 158 28.19 -32.93 -63.89
N ASP U 159 27.41 -33.32 -62.88
CA ASP U 159 26.46 -34.41 -63.02
C ASP U 159 25.23 -34.01 -63.83
N ASP U 160 25.26 -32.83 -64.45
CA ASP U 160 24.17 -32.34 -65.28
C ASP U 160 22.90 -32.16 -64.48
N GLU U 161 22.99 -31.31 -63.45
CA GLU U 161 21.88 -30.99 -62.57
C GLU U 161 21.95 -29.50 -62.25
N THR U 162 20.80 -28.87 -62.05
CA THR U 162 20.79 -27.45 -61.73
C THR U 162 20.95 -27.29 -60.22
N ARG U 163 22.06 -26.68 -59.79
CA ARG U 163 22.35 -26.52 -58.39
C ARG U 163 22.36 -25.05 -57.99
N LEU U 164 21.99 -24.79 -56.73
CA LEU U 164 21.88 -23.45 -56.16
C LEU U 164 22.76 -23.36 -54.92
N TYR U 165 23.67 -22.39 -54.89
CA TYR U 165 24.59 -22.24 -53.76
C TYR U 165 24.67 -20.79 -53.29
N LYS U 166 24.66 -20.57 -51.98
CA LYS U 166 24.85 -19.22 -51.46
C LYS U 166 26.31 -18.81 -51.63
N SER U 167 26.53 -17.53 -51.88
CA SER U 167 27.88 -17.00 -52.09
C SER U 167 28.19 -15.90 -51.09
N ASP U 168 29.41 -15.91 -50.56
CA ASP U 168 29.71 -15.10 -49.39
C ASP U 168 29.73 -13.61 -49.74
N ALA U 169 28.95 -12.83 -48.99
CA ALA U 169 28.92 -11.39 -49.16
C ALA U 169 30.28 -10.73 -48.97
N MET U 170 31.18 -11.34 -48.22
CA MET U 170 32.51 -10.79 -48.08
C MET U 170 33.35 -10.89 -49.34
N SER U 171 32.93 -11.68 -50.34
CA SER U 171 33.79 -11.97 -51.47
C SER U 171 33.05 -11.91 -52.81
N THR U 172 31.82 -11.42 -52.85
CA THR U 172 31.02 -11.39 -54.06
C THR U 172 30.50 -9.99 -54.27
N PHE U 173 30.39 -9.55 -55.52
CA PHE U 173 29.53 -8.40 -55.79
C PHE U 173 29.04 -8.41 -57.24
N ILE U 174 28.16 -7.46 -57.54
CA ILE U 174 27.57 -7.31 -58.86
C ILE U 174 27.80 -5.88 -59.36
N ILE U 175 28.13 -5.77 -60.65
CA ILE U 175 28.27 -4.50 -61.37
C ILE U 175 27.03 -4.36 -62.24
N TYR U 176 26.28 -3.27 -62.04
CA TYR U 176 25.03 -3.05 -62.73
C TYR U 176 25.14 -2.06 -63.89
N ASP U 177 24.24 -2.24 -64.86
CA ASP U 177 24.01 -1.29 -65.92
C ASP U 177 23.67 0.08 -65.33
N ASN U 178 24.22 1.14 -65.94
CA ASN U 178 23.98 2.46 -65.39
C ASN U 178 22.57 3.01 -65.63
N THR U 179 21.76 2.39 -66.49
CA THR U 179 20.43 2.92 -66.76
C THR U 179 19.49 2.74 -65.56
N VAL U 180 18.37 3.46 -65.60
CA VAL U 180 17.36 3.40 -64.56
C VAL U 180 16.83 2.00 -64.36
N GLU U 181 16.95 1.15 -65.36
CA GLU U 181 16.48 -0.23 -65.25
C GLU U 181 17.42 -1.07 -64.39
N ARG U 182 18.68 -0.69 -64.31
CA ARG U 182 19.74 -1.39 -63.58
C ARG U 182 19.68 -2.91 -63.74
N ASN U 183 19.84 -3.36 -64.98
CA ASN U 183 20.09 -4.77 -65.22
C ASN U 183 21.47 -5.11 -64.67
N SER U 184 21.68 -6.34 -64.24
CA SER U 184 23.00 -6.70 -63.74
C SER U 184 23.91 -7.06 -64.92
N ILE U 185 24.99 -6.30 -65.09
CA ILE U 185 25.90 -6.57 -66.19
C ILE U 185 26.83 -7.73 -65.87
N ALA U 186 27.52 -7.69 -64.73
CA ALA U 186 28.46 -8.77 -64.45
C ALA U 186 28.60 -8.99 -62.95
N GLY U 187 28.89 -10.23 -62.56
CA GLY U 187 29.13 -10.56 -61.17
C GLY U 187 30.56 -11.03 -60.97
N VAL U 188 31.12 -10.78 -59.81
CA VAL U 188 32.47 -11.26 -59.53
C VAL U 188 32.54 -11.89 -58.16
N ARG U 189 33.41 -12.90 -58.07
CA ARG U 189 33.75 -13.59 -56.83
C ARG U 189 35.26 -13.64 -56.78
N TYR U 190 35.85 -13.40 -55.62
CA TYR U 190 37.30 -13.47 -55.51
C TYR U 190 37.67 -14.01 -54.14
N LEU U 191 38.63 -14.94 -54.10
CA LEU U 191 39.04 -15.53 -52.82
C LEU U 191 40.55 -15.59 -52.69
N ARG U 192 41.03 -15.26 -51.49
CA ARG U 192 42.44 -15.46 -51.17
C ARG U 192 42.70 -16.95 -51.06
N THR U 193 43.58 -17.46 -51.93
CA THR U 193 43.97 -18.86 -51.89
C THR U 193 45.03 -19.07 -50.82
N LYS U 194 44.60 -18.87 -49.53
CA LYS U 194 45.50 -19.04 -48.39
C LYS U 194 45.73 -20.52 -48.08
N PRO U 195 46.97 -20.90 -47.76
CA PRO U 195 47.28 -22.26 -47.31
C PRO U 195 47.06 -22.41 -45.81
N ILE U 196 47.19 -23.65 -45.34
CA ILE U 196 47.61 -23.83 -43.95
C ILE U 196 49.00 -23.22 -43.81
N ASP U 197 49.13 -22.31 -42.86
CA ASP U 197 50.09 -21.21 -42.94
C ASP U 197 51.52 -21.64 -43.27
N LYS U 198 51.99 -21.13 -44.41
CA LYS U 198 53.37 -21.17 -44.82
C LYS U 198 54.11 -19.91 -44.39
N THR U 199 53.42 -19.01 -43.68
CA THR U 199 53.84 -17.63 -43.43
C THR U 199 54.07 -16.87 -44.74
N ASP U 200 53.02 -16.83 -45.56
CA ASP U 200 53.03 -16.12 -46.84
C ASP U 200 52.99 -14.61 -46.62
N GLU U 201 54.11 -13.94 -46.90
CA GLU U 201 54.19 -12.48 -46.86
C GLU U 201 53.84 -11.84 -48.22
N ASP U 202 53.23 -12.61 -49.13
CA ASP U 202 52.72 -12.14 -50.41
C ASP U 202 51.35 -12.79 -50.64
N GLU U 203 50.39 -12.02 -51.16
CA GLU U 203 48.97 -12.36 -51.09
C GLU U 203 48.34 -12.59 -52.47
N VAL U 204 47.85 -13.81 -52.72
CA VAL U 204 47.36 -14.27 -54.02
C VAL U 204 45.84 -14.46 -54.00
N PHE U 205 45.14 -13.92 -55.00
CA PHE U 205 43.68 -14.04 -55.14
C PHE U 205 43.29 -14.73 -56.44
N THR U 206 42.31 -15.62 -56.34
CA THR U 206 41.68 -16.26 -57.50
C THR U 206 40.34 -15.60 -57.77
N VAL U 207 40.11 -15.18 -59.01
CA VAL U 207 38.99 -14.30 -59.36
C VAL U 207 38.12 -14.97 -60.42
N ASP U 208 36.83 -15.04 -60.18
CA ASP U 208 35.84 -15.54 -61.12
C ASP U 208 34.94 -14.39 -61.54
N LEU U 209 34.81 -14.18 -62.85
CA LEU U 209 33.98 -13.12 -63.42
C LEU U 209 32.85 -13.77 -64.21
N PHE U 210 31.61 -13.49 -63.83
CA PHE U 210 30.43 -14.09 -64.44
C PHE U 210 29.76 -13.08 -65.36
N THR U 211 29.63 -13.45 -66.62
CA THR U 211 28.95 -12.67 -67.64
C THR U 211 27.66 -13.39 -68.03
N SER U 212 26.91 -12.78 -68.95
CA SER U 212 25.68 -13.39 -69.41
C SER U 212 25.90 -14.62 -70.28
N HIS U 213 27.13 -14.89 -70.72
CA HIS U 213 27.41 -16.04 -71.56
C HIS U 213 28.42 -17.03 -71.00
N GLY U 214 29.08 -16.72 -69.90
CA GLY U 214 30.06 -17.66 -69.38
C GLY U 214 30.79 -17.11 -68.18
N VAL U 215 31.66 -17.95 -67.63
CA VAL U 215 32.51 -17.60 -66.49
C VAL U 215 33.94 -17.50 -66.99
N TYR U 216 34.62 -16.42 -66.62
CA TYR U 216 36.01 -16.19 -66.91
C TYR U 216 36.79 -16.34 -65.62
N ARG U 217 37.90 -17.07 -65.65
CA ARG U 217 38.71 -17.26 -64.45
C ARG U 217 40.06 -16.57 -64.60
N TYR U 218 40.48 -15.90 -63.54
CA TYR U 218 41.73 -15.16 -63.53
C TYR U 218 42.47 -15.37 -62.22
N LEU U 219 43.74 -14.98 -62.24
CA LEU U 219 44.60 -14.97 -61.07
C LEU U 219 45.14 -13.58 -60.89
N THR U 220 45.42 -13.21 -59.64
CA THR U 220 45.89 -11.87 -59.31
C THR U 220 46.66 -11.93 -58.01
N ASN U 221 47.39 -10.85 -57.73
CA ASN U 221 47.82 -10.58 -56.37
C ASN U 221 47.77 -9.08 -56.12
N ARG U 222 47.57 -8.72 -54.85
CA ARG U 222 47.52 -7.32 -54.47
C ARG U 222 48.82 -6.60 -54.84
N THR U 223 49.96 -7.26 -54.63
CA THR U 223 51.24 -6.61 -54.86
C THR U 223 51.40 -6.11 -56.29
N ASN U 224 51.01 -6.90 -57.28
CA ASN U 224 51.16 -6.42 -58.66
C ASN U 224 50.06 -5.43 -59.06
N GLY U 225 49.21 -5.02 -58.13
CA GLY U 225 48.15 -4.10 -58.43
C GLY U 225 46.88 -4.75 -58.94
N LEU U 226 46.64 -6.02 -58.58
CA LEU U 226 45.46 -6.75 -59.02
C LEU U 226 45.36 -6.82 -60.54
N LYS U 227 46.49 -7.00 -61.20
CA LYS U 227 46.49 -7.22 -62.64
C LYS U 227 45.90 -8.60 -62.92
N LEU U 228 44.74 -8.63 -63.57
CA LEU U 228 44.10 -9.90 -63.88
C LEU U 228 44.84 -10.65 -64.97
N THR U 229 45.28 -11.87 -64.68
CA THR U 229 45.90 -12.72 -65.67
C THR U 229 45.01 -13.95 -65.89
N PRO U 230 44.60 -14.25 -67.12
CA PRO U 230 43.73 -15.41 -67.33
C PRO U 230 44.35 -16.68 -66.80
N ARG U 231 43.52 -17.46 -66.09
CA ARG U 231 43.95 -18.76 -65.62
C ARG U 231 43.96 -19.76 -66.76
N GLU U 232 44.74 -20.83 -66.59
CA GLU U 232 44.75 -21.89 -67.60
C GLU U 232 43.34 -22.37 -67.87
N ASN U 233 42.94 -22.38 -69.13
CA ASN U 233 41.56 -22.67 -69.50
C ASN U 233 40.62 -21.70 -68.78
N SER U 234 40.88 -20.43 -69.06
CA SER U 234 40.19 -19.33 -68.38
C SER U 234 38.67 -19.36 -68.58
N PHE U 235 38.22 -19.49 -69.82
CA PHE U 235 36.80 -19.38 -70.11
C PHE U 235 36.06 -20.69 -69.94
N GLU U 236 34.79 -20.58 -69.53
CA GLU U 236 33.91 -21.73 -69.37
C GLU U 236 32.49 -21.29 -69.68
N SER U 237 31.89 -21.86 -70.72
CA SER U 237 30.54 -21.46 -71.11
C SER U 237 29.49 -21.96 -70.12
N HIS U 238 28.41 -21.20 -69.98
CA HIS U 238 27.23 -21.59 -69.21
C HIS U 238 25.99 -21.37 -70.07
N SER U 239 24.98 -22.22 -69.86
CA SER U 239 23.82 -22.25 -70.74
C SER U 239 22.71 -21.29 -70.35
N PHE U 240 22.86 -20.47 -69.32
CA PHE U 240 21.86 -19.46 -69.08
C PHE U 240 22.04 -18.33 -70.09
N GLU U 241 21.11 -17.37 -70.07
CA GLU U 241 21.20 -16.24 -70.98
C GLU U 241 21.24 -14.91 -70.23
N ARG U 242 21.58 -14.96 -68.95
CA ARG U 242 21.71 -13.77 -68.13
C ARG U 242 22.69 -14.12 -67.00
N MET U 243 23.24 -13.08 -66.38
CA MET U 243 24.26 -13.31 -65.37
C MET U 243 23.72 -14.17 -64.23
N PRO U 244 24.36 -15.29 -63.90
CA PRO U 244 23.75 -16.24 -62.95
C PRO U 244 23.63 -15.76 -61.51
N ILE U 245 24.48 -14.87 -61.03
CA ILE U 245 24.40 -14.49 -59.63
C ILE U 245 23.24 -13.53 -59.40
N THR U 246 22.53 -13.73 -58.30
CA THR U 246 21.43 -12.88 -57.90
C THR U 246 21.76 -12.24 -56.57
N GLU U 247 21.30 -11.01 -56.38
CA GLU U 247 21.47 -10.32 -55.10
C GLU U 247 20.10 -10.09 -54.46
N PHE U 248 20.06 -10.19 -53.14
CA PHE U 248 18.87 -9.92 -52.35
C PHE U 248 19.20 -8.77 -51.40
N SER U 249 18.16 -8.05 -50.96
CA SER U 249 18.33 -6.80 -50.22
C SER U 249 17.45 -6.79 -48.98
N ASN U 250 18.02 -6.40 -47.84
CA ASN U 250 17.25 -6.38 -46.61
C ASN U 250 16.27 -5.21 -46.58
N ASN U 251 16.62 -4.12 -47.23
CA ASN U 251 15.73 -2.99 -47.39
C ASN U 251 16.32 -2.10 -48.47
N GLU U 252 15.61 -1.02 -48.79
CA GLU U 252 16.04 -0.13 -49.86
C GLU U 252 17.50 0.27 -49.72
N ARG U 253 17.97 0.55 -48.50
CA ARG U 253 19.35 0.93 -48.26
C ARG U 253 20.31 -0.25 -48.15
N ARG U 254 19.84 -1.49 -48.22
CA ARG U 254 20.69 -2.65 -47.99
C ARG U 254 21.48 -2.50 -46.69
N LYS U 255 20.79 -2.16 -45.60
CA LYS U 255 21.39 -2.05 -44.28
C LYS U 255 20.98 -3.21 -43.37
N GLY U 256 21.90 -3.63 -42.52
CA GLY U 256 21.68 -4.76 -41.64
C GLY U 256 20.71 -4.40 -40.53
N ASP U 257 20.36 -5.40 -39.71
CA ASP U 257 19.38 -5.15 -38.66
C ASP U 257 19.98 -4.43 -37.47
N TYR U 258 21.10 -4.90 -36.96
CA TYR U 258 21.74 -4.25 -35.82
C TYR U 258 22.74 -3.18 -36.23
N GLU U 259 22.91 -2.93 -37.53
CA GLU U 259 23.96 -2.01 -37.95
C GLU U 259 23.84 -0.67 -37.25
N LYS U 260 22.63 -0.25 -36.92
CA LYS U 260 22.42 1.08 -36.37
C LYS U 260 22.42 1.13 -34.84
N VAL U 261 22.54 -0.01 -34.16
CA VAL U 261 22.60 -0.05 -32.70
C VAL U 261 23.93 -0.53 -32.17
N ILE U 262 24.90 -0.80 -33.04
CA ILE U 262 26.20 -1.28 -32.60
C ILE U 262 26.86 -0.32 -31.62
N THR U 263 26.57 0.97 -31.71
CA THR U 263 27.11 1.89 -30.71
C THR U 263 26.47 1.69 -29.35
N LEU U 264 25.22 1.22 -29.30
CA LEU U 264 24.62 0.92 -28.00
C LEU U 264 25.16 -0.38 -27.45
N ILE U 265 25.39 -1.37 -28.31
CA ILE U 265 26.02 -2.60 -27.83
C ILE U 265 27.39 -2.29 -27.23
N ASP U 266 28.22 -1.53 -27.94
CA ASP U 266 29.49 -1.10 -27.37
C ASP U 266 29.34 -0.39 -26.03
N LEU U 267 28.45 0.59 -25.94
CA LEU U 267 28.25 1.26 -24.65
C LEU U 267 27.88 0.28 -23.55
N TYR U 268 27.03 -0.70 -23.84
CA TYR U 268 26.67 -1.68 -22.82
C TYR U 268 27.88 -2.51 -22.39
N ASP U 269 28.68 -2.96 -23.36
CA ASP U 269 29.91 -3.66 -23.00
C ASP U 269 30.77 -2.84 -22.06
N ASN U 270 31.02 -1.58 -22.42
CA ASN U 270 31.84 -0.72 -21.58
C ASN U 270 31.24 -0.58 -20.18
N ALA U 271 29.94 -0.35 -20.08
CA ALA U 271 29.35 -0.16 -18.75
C ALA U 271 29.51 -1.41 -17.91
N GLU U 272 29.23 -2.57 -18.48
CA GLU U 272 29.30 -3.77 -17.66
C GLU U 272 30.73 -4.11 -17.28
N SER U 273 31.69 -3.92 -18.20
CA SER U 273 33.07 -4.17 -17.80
C SER U 273 33.56 -3.14 -16.80
N ASP U 274 32.97 -1.95 -16.79
CA ASP U 274 33.33 -0.97 -15.77
C ASP U 274 32.90 -1.45 -14.39
N THR U 275 31.67 -1.92 -14.29
CA THR U 275 31.25 -2.46 -13.01
C THR U 275 32.08 -3.67 -12.62
N ALA U 276 32.48 -4.49 -13.59
CA ALA U 276 33.30 -5.64 -13.25
C ALA U 276 34.68 -5.22 -12.74
N ASN U 277 35.19 -4.09 -13.21
CA ASN U 277 36.46 -3.60 -12.66
C ASN U 277 36.25 -3.13 -11.24
N TYR U 278 35.19 -2.35 -11.02
CA TYR U 278 34.90 -1.91 -9.67
C TYR U 278 34.78 -3.07 -8.70
N MET U 279 34.21 -4.17 -9.16
CA MET U 279 34.07 -5.33 -8.28
C MET U 279 35.42 -5.99 -8.02
N SER U 280 36.20 -6.22 -9.08
CA SER U 280 37.48 -6.87 -8.93
C SER U 280 38.47 -6.09 -8.08
N ASP U 281 38.57 -4.77 -8.27
CA ASP U 281 39.71 -4.03 -7.71
C ASP U 281 39.53 -3.45 -6.32
N LEU U 282 38.32 -3.24 -5.82
CA LEU U 282 38.17 -2.69 -4.48
C LEU U 282 37.76 -3.72 -3.45
N ASN U 283 38.29 -3.56 -2.24
CA ASN U 283 37.97 -4.43 -1.12
C ASN U 283 36.54 -4.18 -0.66
N ASP U 284 35.80 -5.27 -0.41
CA ASP U 284 34.41 -5.13 -0.02
C ASP U 284 34.26 -4.35 1.28
N ALA U 285 35.04 -4.72 2.29
CA ALA U 285 34.99 -4.03 3.57
C ALA U 285 36.30 -4.25 4.30
N MET U 286 36.57 -3.37 5.26
CA MET U 286 37.76 -3.51 6.09
C MET U 286 37.48 -2.99 7.48
N LEU U 287 38.18 -3.56 8.46
CA LEU U 287 38.17 -3.06 9.82
C LEU U 287 39.19 -1.93 9.90
N LEU U 288 38.72 -0.70 10.05
CA LEU U 288 39.57 0.46 10.16
C LEU U 288 39.91 0.71 11.63
N ILE U 289 41.20 0.78 11.93
CA ILE U 289 41.69 1.10 13.27
C ILE U 289 42.59 2.31 13.15
N LYS U 290 42.34 3.32 13.96
CA LYS U 290 43.09 4.57 13.97
C LYS U 290 43.87 4.71 15.27
N GLY U 291 44.68 5.75 15.32
CA GLY U 291 45.35 6.14 16.54
C GLY U 291 46.69 5.46 16.75
N ASN U 292 47.49 6.10 17.60
CA ASN U 292 48.81 5.60 17.97
C ASN U 292 48.66 4.34 18.81
N LEU U 293 49.15 3.21 18.29
CA LEU U 293 48.90 1.93 18.95
C LEU U 293 49.97 0.93 18.52
N ASN U 294 50.03 -0.17 19.26
CA ASN U 294 50.88 -1.30 18.91
C ASN U 294 50.00 -2.43 18.42
N LEU U 295 50.12 -2.79 17.16
CA LEU U 295 49.41 -3.94 16.61
C LEU U 295 50.41 -5.02 16.25
N ASP U 296 50.23 -6.19 16.81
CA ASP U 296 51.07 -7.32 16.45
C ASP U 296 50.48 -7.96 15.20
N PRO U 297 51.23 -8.01 14.08
CA PRO U 297 50.67 -8.64 12.88
C PRO U 297 50.40 -10.11 13.06
N VAL U 298 50.91 -10.71 14.14
CA VAL U 298 50.53 -12.07 14.47
C VAL U 298 49.19 -12.07 15.18
N GLU U 299 48.91 -11.04 15.98
CA GLU U 299 47.64 -10.98 16.69
C GLU U 299 46.49 -10.65 15.75
N VAL U 300 46.74 -9.78 14.76
CA VAL U 300 45.69 -9.37 13.85
C VAL U 300 45.15 -10.51 12.99
N ARG U 301 45.80 -11.66 12.98
CA ARG U 301 45.20 -12.85 12.39
C ARG U 301 44.05 -13.42 13.22
N LYS U 302 43.96 -13.10 14.51
CA LYS U 302 42.80 -13.50 15.31
C LYS U 302 41.57 -12.69 14.99
N GLN U 303 41.68 -11.69 14.14
CA GLN U 303 40.56 -10.81 13.84
C GLN U 303 39.29 -11.58 13.48
N LYS U 304 39.41 -12.71 12.77
CA LYS U 304 38.24 -13.48 12.39
C LYS U 304 37.60 -14.25 13.52
N GLU U 305 38.14 -14.25 14.73
CA GLU U 305 37.44 -14.90 15.83
C GLU U 305 37.56 -14.17 17.16
N ALA U 306 38.00 -12.91 17.16
CA ALA U 306 38.07 -12.13 18.38
C ALA U 306 36.73 -11.46 18.61
N ASN U 307 36.13 -11.72 19.78
CA ASN U 307 34.83 -11.17 20.10
C ASN U 307 34.89 -9.81 20.78
N VAL U 308 35.96 -9.51 21.50
CA VAL U 308 36.18 -8.18 22.05
C VAL U 308 37.39 -7.56 21.39
N LEU U 309 37.26 -6.31 20.98
CA LEU U 309 38.36 -5.50 20.49
C LEU U 309 38.62 -4.42 21.52
N PHE U 310 39.81 -4.42 22.11
CA PHE U 310 40.16 -3.47 23.15
C PHE U 310 41.24 -2.55 22.64
N LEU U 311 40.94 -1.25 22.61
CA LEU U 311 41.88 -0.23 22.15
C LEU U 311 42.27 0.63 23.34
N GLU U 312 43.56 0.60 23.71
CA GLU U 312 44.01 1.38 24.85
C GLU U 312 44.83 2.55 24.34
N PRO U 313 44.41 3.79 24.59
CA PRO U 313 45.10 4.94 24.00
C PRO U 313 46.46 5.20 24.62
N THR U 314 47.37 5.69 23.80
CA THR U 314 48.66 6.15 24.29
C THR U 314 48.48 7.31 25.24
N VAL U 315 49.18 7.29 26.36
CA VAL U 315 49.16 8.39 27.32
C VAL U 315 50.41 9.23 27.12
N TYR U 316 50.24 10.51 26.84
CA TYR U 316 51.38 11.41 26.62
C TYR U 316 51.68 12.17 27.90
N VAL U 317 52.95 12.17 28.28
CA VAL U 317 53.39 12.84 29.50
C VAL U 317 54.16 14.08 29.11
N ASP U 318 53.77 15.21 29.67
CA ASP U 318 54.41 16.49 29.41
C ASP U 318 55.60 16.67 30.33
N ALA U 319 56.56 17.47 29.90
CA ALA U 319 57.75 17.65 30.72
C ALA U 319 57.40 18.26 32.07
N GLU U 320 56.33 19.05 32.14
CA GLU U 320 55.88 19.61 33.40
C GLU U 320 54.98 18.65 34.17
N GLY U 321 54.85 17.41 33.70
CA GLY U 321 54.08 16.40 34.38
C GLY U 321 52.64 16.20 33.94
N ARG U 322 52.14 16.99 33.00
CA ARG U 322 50.76 16.77 32.57
C ARG U 322 50.63 15.44 31.84
N GLU U 323 49.40 14.92 31.83
CA GLU U 323 49.09 13.67 31.14
C GLU U 323 47.87 13.85 30.26
N THR U 324 47.92 13.30 29.05
CA THR U 324 46.81 13.40 28.12
C THR U 324 46.81 12.19 27.20
N GLU U 325 45.63 11.83 26.72
CA GLU U 325 45.41 10.59 25.97
C GLU U 325 45.26 10.81 24.48
N GLY U 326 45.83 9.91 23.69
CA GLY U 326 45.62 9.91 22.26
C GLY U 326 44.22 9.50 21.88
N SER U 327 43.82 9.83 20.65
CA SER U 327 42.47 9.53 20.15
C SER U 327 42.46 8.23 19.35
N VAL U 328 42.07 7.13 20.00
CA VAL U 328 41.89 5.85 19.32
C VAL U 328 40.50 5.79 18.71
N ASP U 329 40.35 5.00 17.64
CA ASP U 329 39.03 4.77 17.08
C ASP U 329 39.04 3.50 16.25
N GLY U 330 37.86 2.90 16.09
CA GLY U 330 37.76 1.67 15.32
C GLY U 330 36.36 1.42 14.78
N GLY U 331 36.27 0.91 13.55
CA GLY U 331 34.97 0.65 12.96
C GLY U 331 35.13 0.09 11.56
N TYR U 332 34.06 -0.53 11.07
CA TYR U 332 34.08 -1.10 9.74
C TYR U 332 33.74 -0.08 8.66
N ILE U 333 34.40 -0.21 7.52
CA ILE U 333 34.11 0.60 6.34
C ILE U 333 33.88 -0.35 5.16
N TYR U 334 33.03 0.05 4.23
CA TYR U 334 32.69 -0.81 3.10
C TYR U 334 32.53 0.00 1.83
N LYS U 335 32.91 -0.61 0.70
CA LYS U 335 32.82 0.05 -0.59
C LYS U 335 31.39 0.15 -1.06
N GLN U 336 31.10 1.15 -1.88
CA GLN U 336 29.75 1.38 -2.36
C GLN U 336 29.81 2.09 -3.70
N TYR U 337 28.78 1.92 -4.52
CA TYR U 337 28.71 2.64 -5.80
C TYR U 337 27.26 3.04 -6.09
N ASP U 338 27.10 3.94 -7.07
CA ASP U 338 25.79 4.47 -7.44
C ASP U 338 24.94 3.43 -8.16
N VAL U 339 24.35 2.52 -7.39
CA VAL U 339 23.53 1.49 -7.99
C VAL U 339 22.33 2.08 -8.71
N GLN U 340 21.67 3.05 -8.09
CA GLN U 340 20.47 3.63 -8.70
C GLN U 340 20.76 4.14 -10.11
N GLY U 341 21.78 4.99 -10.24
CA GLY U 341 22.05 5.59 -11.53
C GLY U 341 22.66 4.65 -12.54
N THR U 342 23.46 3.68 -12.08
CA THR U 342 24.06 2.80 -13.07
C THR U 342 23.05 1.79 -13.57
N GLU U 343 22.16 1.32 -12.71
CA GLU U 343 21.15 0.40 -13.19
C GLU U 343 20.11 1.11 -14.06
N ALA U 344 19.76 2.35 -13.73
CA ALA U 344 18.85 3.05 -14.63
C ALA U 344 19.49 3.33 -15.98
N TYR U 345 20.79 3.58 -16.01
CA TYR U 345 21.48 3.79 -17.29
C TYR U 345 21.56 2.51 -18.11
N LYS U 346 22.02 1.43 -17.50
CA LYS U 346 22.13 0.18 -18.24
C LYS U 346 20.76 -0.34 -18.67
N ASP U 347 19.73 -0.13 -17.86
CA ASP U 347 18.40 -0.51 -18.30
C ASP U 347 17.95 0.33 -19.48
N ARG U 348 18.33 1.61 -19.52
CA ARG U 348 17.95 2.40 -20.67
C ARG U 348 18.65 1.91 -21.93
N LEU U 349 19.94 1.59 -21.84
CA LEU U 349 20.62 1.02 -22.99
C LEU U 349 19.92 -0.23 -23.50
N ASN U 350 19.65 -1.18 -22.61
CA ASN U 350 18.99 -2.41 -23.05
C ASN U 350 17.64 -2.12 -23.69
N SER U 351 16.85 -1.26 -23.07
CA SER U 351 15.54 -0.96 -23.61
C SER U 351 15.65 -0.35 -24.99
N ASP U 352 16.60 0.56 -25.20
CA ASP U 352 16.70 1.20 -26.51
C ASP U 352 17.16 0.23 -27.58
N ILE U 353 18.09 -0.67 -27.25
CA ILE U 353 18.44 -1.69 -28.23
C ILE U 353 17.21 -2.44 -28.70
N HIS U 354 16.40 -2.90 -27.76
CA HIS U 354 15.24 -3.66 -28.19
C HIS U 354 14.20 -2.78 -28.91
N MET U 355 14.04 -1.53 -28.49
CA MET U 355 13.06 -0.68 -29.17
C MET U 355 13.45 -0.46 -30.62
N PHE U 356 14.71 -0.06 -30.86
CA PHE U 356 15.14 0.18 -32.24
C PHE U 356 15.24 -1.07 -33.08
N THR U 357 15.24 -2.26 -32.47
CA THR U 357 15.28 -3.48 -33.28
C THR U 357 13.95 -4.22 -33.26
N ASN U 358 12.92 -3.63 -32.68
CA ASN U 358 11.58 -4.22 -32.67
C ASN U 358 11.60 -5.64 -32.11
N THR U 359 12.52 -5.90 -31.22
CA THR U 359 12.66 -7.22 -30.62
C THR U 359 11.99 -7.21 -29.25
N PRO U 360 11.28 -8.26 -28.83
CA PRO U 360 10.56 -8.16 -27.56
C PRO U 360 11.52 -8.02 -26.39
N ASN U 361 11.27 -7.00 -25.57
CA ASN U 361 12.09 -6.71 -24.39
C ASN U 361 11.69 -7.66 -23.27
N MET U 362 12.40 -8.79 -23.19
CA MET U 362 12.07 -9.83 -22.22
C MET U 362 12.10 -9.34 -20.78
N LYS U 363 12.91 -8.33 -20.47
CA LYS U 363 13.03 -7.92 -19.09
C LYS U 363 11.79 -7.18 -18.58
N ASP U 364 11.02 -6.57 -19.48
CA ASP U 364 9.82 -5.81 -19.10
C ASP U 364 8.62 -6.41 -19.83
N ASP U 365 8.23 -7.62 -19.46
CA ASP U 365 7.16 -8.30 -20.18
C ASP U 365 6.40 -9.24 -19.26
N ASN U 366 5.12 -9.46 -19.58
CA ASN U 366 4.31 -10.49 -18.97
C ASN U 366 3.35 -11.07 -19.99
N PHE U 367 3.07 -12.37 -19.86
CA PHE U 367 2.12 -13.07 -20.72
C PHE U 367 0.67 -12.78 -20.33
N SER U 368 -0.18 -12.69 -21.35
CA SER U 368 -1.60 -12.43 -21.17
C SER U 368 -2.43 -13.68 -21.48
N GLY U 369 -3.26 -14.08 -20.51
CA GLY U 369 -4.21 -15.16 -20.71
C GLY U 369 -3.57 -16.46 -21.16
N THR U 370 -4.27 -17.17 -22.05
CA THR U 370 -3.86 -18.49 -22.50
C THR U 370 -3.30 -18.55 -23.91
N GLN U 371 -3.56 -17.54 -24.75
CA GLN U 371 -3.26 -17.63 -26.18
C GLN U 371 -1.97 -16.88 -26.51
N SER U 372 -1.05 -17.59 -27.16
CA SER U 372 0.27 -17.07 -27.48
C SER U 372 0.32 -16.41 -28.84
N GLY U 373 -0.51 -16.84 -29.81
CA GLY U 373 -0.51 -16.19 -31.11
C GLY U 373 -0.92 -14.73 -31.07
N GLU U 374 -2.04 -14.42 -30.41
CA GLU U 374 -2.54 -13.05 -30.44
C GLU U 374 -1.78 -12.15 -29.47
N ALA U 375 -1.26 -12.72 -28.39
CA ALA U 375 -0.31 -11.99 -27.57
C ALA U 375 0.94 -11.65 -28.35
N MET U 376 1.41 -12.57 -29.19
CA MET U 376 2.64 -12.28 -29.91
C MET U 376 2.40 -11.27 -31.02
N LYS U 377 1.37 -11.47 -31.85
CA LYS U 377 1.11 -10.49 -32.90
C LYS U 377 0.98 -9.07 -32.36
N TYR U 378 0.40 -8.90 -31.17
CA TYR U 378 0.34 -7.56 -30.62
C TYR U 378 1.73 -6.98 -30.40
N LYS U 379 2.66 -7.79 -29.92
CA LYS U 379 3.98 -7.32 -29.53
C LYS U 379 4.96 -7.27 -30.70
N LEU U 380 4.80 -8.17 -31.64
CA LEU U 380 5.58 -8.22 -32.87
C LEU U 380 4.99 -7.36 -33.98
N PHE U 381 4.01 -6.50 -33.67
CA PHE U 381 3.43 -5.69 -34.72
C PHE U 381 4.49 -4.79 -35.37
N GLY U 382 5.38 -4.19 -34.59
CA GLY U 382 6.37 -3.32 -35.18
C GLY U 382 7.34 -4.07 -36.09
N LEU U 383 7.73 -5.27 -35.68
CA LEU U 383 8.62 -6.08 -36.51
C LEU U 383 7.93 -6.53 -37.78
N GLU U 384 6.61 -6.71 -37.74
CA GLU U 384 5.88 -7.11 -38.94
C GLU U 384 5.95 -6.05 -40.04
N GLN U 385 5.97 -4.77 -39.67
CA GLN U 385 6.00 -3.73 -40.69
C GLN U 385 7.26 -3.78 -41.55
N ARG U 386 8.43 -3.97 -40.95
CA ARG U 386 9.65 -4.14 -41.73
C ARG U 386 9.64 -5.43 -42.52
N THR U 387 9.29 -6.53 -41.87
CA THR U 387 9.34 -7.82 -42.54
C THR U 387 8.47 -7.84 -43.79
N LYS U 388 7.36 -7.13 -43.81
CA LYS U 388 6.54 -7.15 -45.03
C LYS U 388 7.27 -6.51 -46.22
N THR U 389 8.10 -5.51 -45.97
CA THR U 389 8.90 -4.94 -47.06
C THR U 389 10.00 -5.89 -47.46
N LYS U 390 10.67 -6.48 -46.46
CA LYS U 390 11.67 -7.49 -46.79
C LYS U 390 11.05 -8.58 -47.63
N GLU U 391 9.79 -8.93 -47.35
CA GLU U 391 9.10 -9.94 -48.11
C GLU U 391 8.91 -9.51 -49.55
N GLY U 392 8.67 -8.22 -49.77
CA GLY U 392 8.53 -7.77 -51.14
C GLY U 392 9.83 -7.93 -51.91
N LEU U 393 10.93 -7.39 -51.36
CA LEU U 393 12.21 -7.53 -52.04
C LEU U 393 12.60 -9.00 -52.24
N PHE U 394 12.29 -9.85 -51.26
CA PHE U 394 12.60 -11.26 -51.40
C PHE U 394 11.84 -11.91 -52.54
N THR U 395 10.56 -11.61 -52.66
CA THR U 395 9.83 -12.17 -53.79
C THR U 395 10.42 -11.66 -55.10
N LYS U 396 10.85 -10.41 -55.10
CA LYS U 396 11.47 -9.86 -56.30
C LYS U 396 12.68 -10.66 -56.70
N GLY U 397 13.41 -11.18 -55.73
CA GLY U 397 14.56 -12.01 -56.06
C GLY U 397 14.18 -13.41 -56.53
N LEU U 398 13.19 -13.98 -55.83
CA LEU U 398 12.73 -15.31 -56.23
C LEU U 398 12.25 -15.34 -57.67
N ARG U 399 11.64 -14.25 -58.15
CA ARG U 399 11.19 -14.25 -59.54
C ARG U 399 12.38 -14.38 -60.50
N ARG U 400 13.51 -13.76 -60.17
CA ARG U 400 14.68 -13.93 -61.02
C ARG U 400 15.20 -15.34 -60.96
N ARG U 401 15.23 -15.92 -59.76
CA ARG U 401 15.65 -17.31 -59.64
C ARG U 401 14.82 -18.21 -60.54
N ALA U 402 13.51 -17.97 -60.57
CA ALA U 402 12.64 -18.75 -61.44
C ALA U 402 12.95 -18.49 -62.91
N LYS U 403 13.23 -17.24 -63.26
CA LYS U 403 13.56 -16.94 -64.65
C LYS U 403 14.78 -17.73 -65.12
N LEU U 404 15.80 -17.81 -64.27
CA LEU U 404 16.98 -18.59 -64.61
C LEU U 404 16.63 -20.06 -64.76
N LEU U 405 15.85 -20.59 -63.82
CA LEU U 405 15.52 -22.00 -63.87
C LEU U 405 14.75 -22.34 -65.14
N GLU U 406 13.79 -21.50 -65.53
CA GLU U 406 13.06 -21.79 -66.76
C GLU U 406 13.98 -21.73 -67.95
N THR U 407 14.96 -20.83 -67.94
CA THR U 407 15.82 -20.71 -69.10
C THR U 407 16.66 -21.96 -69.27
N ILE U 408 17.25 -22.46 -68.19
CA ILE U 408 18.06 -23.67 -68.31
C ILE U 408 17.19 -24.87 -68.64
N LEU U 409 15.98 -24.95 -68.09
CA LEU U 409 15.10 -26.06 -68.43
C LEU U 409 14.74 -26.05 -69.91
N LYS U 410 14.47 -24.87 -70.47
CA LYS U 410 14.12 -24.83 -71.88
C LYS U 410 15.32 -25.15 -72.76
N ASN U 411 16.49 -24.60 -72.43
CA ASN U 411 17.66 -24.88 -73.26
C ASN U 411 18.07 -26.35 -73.18
N THR U 412 17.74 -27.05 -72.10
CA THR U 412 17.94 -28.49 -72.08
C THR U 412 16.72 -29.23 -72.58
N ARG U 413 15.66 -28.51 -72.95
CA ARG U 413 14.40 -29.11 -73.40
C ARG U 413 13.85 -30.09 -72.38
N SER U 414 14.06 -29.81 -71.10
CA SER U 414 13.44 -30.59 -70.03
C SER U 414 12.01 -30.16 -69.79
N ILE U 415 11.54 -29.12 -70.48
CA ILE U 415 10.18 -28.62 -70.38
C ILE U 415 9.82 -27.98 -71.71
N ASP U 416 8.52 -27.93 -72.00
CA ASP U 416 8.08 -27.31 -73.24
C ASP U 416 8.35 -25.82 -73.22
N ALA U 417 8.83 -25.29 -74.34
CA ALA U 417 9.08 -23.87 -74.46
C ALA U 417 7.81 -23.05 -74.28
N ASN U 418 6.65 -23.69 -74.33
CA ASN U 418 5.37 -23.03 -74.16
C ASN U 418 5.11 -22.55 -72.73
N LYS U 419 5.76 -23.13 -71.73
CA LYS U 419 5.47 -22.81 -70.35
C LYS U 419 5.97 -21.42 -69.94
N ASP U 420 5.35 -20.91 -68.88
CA ASP U 420 5.71 -19.62 -68.28
C ASP U 420 5.82 -19.78 -66.77
N PHE U 421 6.93 -19.30 -66.20
CA PHE U 421 7.15 -19.39 -64.77
C PHE U 421 6.70 -18.17 -63.98
N ASN U 422 6.42 -17.05 -64.64
CA ASN U 422 6.03 -15.87 -63.86
C ASN U 422 4.65 -15.98 -63.25
N THR U 423 3.91 -17.05 -63.51
CA THR U 423 2.60 -17.22 -62.87
C THR U 423 2.69 -17.73 -61.45
N VAL U 424 3.85 -18.24 -61.02
CA VAL U 424 3.97 -18.80 -59.67
C VAL U 424 3.66 -17.74 -58.61
N ARG U 425 2.86 -18.13 -57.63
CA ARG U 425 2.52 -17.30 -56.48
C ARG U 425 3.30 -17.81 -55.28
N TYR U 426 4.07 -16.93 -54.66
CA TYR U 426 4.83 -17.26 -53.46
C TYR U 426 4.01 -16.90 -52.22
N VAL U 427 3.73 -17.88 -51.37
CA VAL U 427 2.91 -17.69 -50.18
C VAL U 427 3.81 -17.74 -48.95
N TYR U 428 3.73 -16.70 -48.13
CA TYR U 428 4.56 -16.55 -46.94
C TYR U 428 3.74 -16.75 -45.68
N ASN U 429 4.29 -17.51 -44.74
CA ASN U 429 3.72 -17.65 -43.40
C ASN U 429 4.77 -17.24 -42.38
N ARG U 430 4.34 -16.54 -41.35
CA ARG U 430 5.26 -16.19 -40.29
C ARG U 430 5.43 -17.40 -39.38
N ASN U 431 6.50 -17.40 -38.60
CA ASN U 431 6.77 -18.50 -37.67
C ASN U 431 6.07 -18.31 -36.34
N LEU U 432 4.85 -17.79 -36.34
CA LEU U 432 4.12 -17.58 -35.10
C LEU U 432 3.72 -18.91 -34.43
N PRO U 433 3.64 -18.92 -33.11
CA PRO U 433 3.19 -20.13 -32.40
C PRO U 433 1.75 -20.48 -32.73
N LYS U 434 1.48 -21.77 -32.88
CA LYS U 434 0.17 -22.26 -33.27
C LYS U 434 -0.30 -23.31 -32.27
N SER U 435 -1.61 -23.54 -32.22
CA SER U 435 -2.24 -24.37 -31.18
C SER U 435 -3.13 -25.43 -31.82
N LEU U 436 -2.56 -26.60 -32.07
CA LEU U 436 -3.23 -27.62 -32.86
C LEU U 436 -4.59 -28.01 -32.30
N ILE U 437 -4.75 -28.04 -30.98
CA ILE U 437 -6.04 -28.45 -30.44
C ILE U 437 -7.13 -27.46 -30.83
N GLU U 438 -6.82 -26.17 -30.72
CA GLU U 438 -7.78 -25.12 -31.07
C GLU U 438 -7.96 -25.00 -32.57
N GLU U 439 -6.95 -25.35 -33.36
CA GLU U 439 -7.13 -25.36 -34.80
C GLU U 439 -7.97 -26.56 -35.24
N LEU U 440 -7.79 -27.73 -34.64
CA LEU U 440 -8.68 -28.83 -34.95
C LEU U 440 -10.12 -28.46 -34.63
N LYS U 441 -10.35 -27.87 -33.45
CA LYS U 441 -11.73 -27.53 -33.15
C LYS U 441 -12.28 -26.51 -34.14
N ALA U 442 -11.43 -25.60 -34.63
CA ALA U 442 -11.90 -24.62 -35.60
C ALA U 442 -12.10 -25.20 -36.99
N TYR U 443 -11.38 -26.26 -37.34
CA TYR U 443 -11.53 -26.85 -38.66
C TYR U 443 -12.66 -27.85 -38.72
N ILE U 444 -12.90 -28.59 -37.64
CA ILE U 444 -13.96 -29.58 -37.68
C ILE U 444 -15.29 -28.90 -37.40
N ASP U 445 -15.35 -27.94 -36.48
CA ASP U 445 -16.49 -27.05 -36.59
C ASP U 445 -16.37 -26.37 -37.93
N SER U 446 -17.49 -25.88 -38.45
CA SER U 446 -17.49 -25.21 -39.74
C SER U 446 -17.30 -26.19 -40.91
N GLY U 447 -17.53 -27.48 -40.70
CA GLY U 447 -17.67 -28.40 -41.82
C GLY U 447 -16.45 -29.13 -42.35
N GLY U 448 -15.35 -29.18 -41.61
CA GLY U 448 -14.20 -29.92 -42.10
C GLY U 448 -14.38 -31.42 -42.02
N LYS U 449 -13.57 -32.14 -42.80
CA LYS U 449 -13.52 -33.61 -42.78
C LYS U 449 -12.08 -34.07 -42.63
N ILE U 450 -11.87 -35.16 -41.89
CA ILE U 450 -10.53 -35.75 -41.73
C ILE U 450 -10.62 -37.27 -41.80
N SER U 451 -9.68 -37.88 -42.51
CA SER U 451 -9.57 -39.33 -42.53
C SER U 451 -9.03 -39.82 -41.19
N GLN U 452 -9.53 -40.98 -40.75
CA GLN U 452 -9.17 -41.50 -39.44
C GLN U 452 -7.65 -41.60 -39.25
N THR U 453 -6.94 -42.15 -40.23
CA THR U 453 -5.49 -42.28 -40.05
C THR U 453 -4.80 -40.94 -39.95
N THR U 454 -5.28 -39.92 -40.65
CA THR U 454 -4.65 -38.61 -40.55
C THR U 454 -4.89 -38.03 -39.17
N LEU U 455 -6.15 -38.09 -38.72
CA LEU U 455 -6.46 -37.57 -37.41
C LEU U 455 -5.59 -38.26 -36.37
N MET U 456 -5.45 -39.58 -36.47
CA MET U 456 -4.62 -40.28 -35.51
C MET U 456 -3.18 -39.82 -35.57
N SER U 457 -2.68 -39.54 -36.78
CA SER U 457 -1.30 -39.11 -36.87
C SER U 457 -1.07 -37.80 -36.17
N LEU U 458 -2.12 -37.04 -35.90
CA LEU U 458 -1.90 -35.77 -35.20
C LEU U 458 -1.72 -35.91 -33.69
N PHE U 459 -2.21 -36.98 -33.07
CA PHE U 459 -2.14 -37.15 -31.62
C PHE U 459 -1.10 -38.19 -31.26
N SER U 460 -0.14 -37.81 -30.43
CA SER U 460 1.01 -38.67 -30.13
C SER U 460 0.76 -39.71 -29.05
N PHE U 461 -0.45 -39.82 -28.50
CA PHE U 461 -0.67 -40.90 -27.55
C PHE U 461 -0.92 -42.24 -28.23
N PHE U 462 -1.23 -42.24 -29.52
CA PHE U 462 -1.37 -43.48 -30.27
C PHE U 462 0.02 -44.05 -30.57
N GLN U 463 0.33 -45.19 -29.95
CA GLN U 463 1.65 -45.80 -30.13
C GLN U 463 1.81 -46.40 -31.52
N ASP U 464 0.73 -46.91 -32.13
CA ASP U 464 0.77 -47.46 -33.47
C ASP U 464 -0.40 -46.88 -34.26
N PRO U 465 -0.18 -45.72 -34.90
CA PRO U 465 -1.29 -45.04 -35.58
C PRO U 465 -1.95 -45.86 -36.66
N GLU U 466 -1.32 -46.90 -37.17
CA GLU U 466 -1.93 -47.71 -38.21
C GLU U 466 -2.52 -48.99 -37.64
N LEU U 467 -1.78 -49.65 -36.74
CA LEU U 467 -2.31 -50.85 -36.10
C LEU U 467 -3.63 -50.56 -35.40
N GLU U 468 -3.78 -49.35 -34.85
CA GLU U 468 -5.03 -49.01 -34.19
C GLU U 468 -6.25 -49.21 -35.08
N VAL U 469 -6.12 -49.02 -36.39
CA VAL U 469 -7.28 -49.20 -37.26
C VAL U 469 -7.71 -50.66 -37.27
N LYS U 470 -6.74 -51.58 -37.39
CA LYS U 470 -7.08 -53.00 -37.34
C LYS U 470 -7.72 -53.34 -36.01
N LYS U 471 -7.13 -52.83 -34.94
CA LYS U 471 -7.65 -53.12 -33.61
C LYS U 471 -9.04 -52.55 -33.40
N ILE U 472 -9.39 -51.49 -34.14
CA ILE U 472 -10.75 -50.98 -34.06
C ILE U 472 -11.69 -51.82 -34.89
N GLU U 473 -11.23 -52.29 -36.04
CA GLU U 473 -12.09 -53.15 -36.86
C GLU U 473 -12.46 -54.42 -36.11
N GLU U 474 -11.52 -54.99 -35.37
CA GLU U 474 -11.83 -56.21 -34.61
C GLU U 474 -12.96 -55.97 -33.60
N ASP U 475 -12.81 -54.91 -32.80
CA ASP U 475 -13.84 -54.57 -31.83
C ASP U 475 -15.17 -54.30 -32.52
N GLU U 476 -15.15 -53.45 -33.54
CA GLU U 476 -16.36 -53.10 -34.27
C GLU U 476 -17.01 -54.30 -34.95
N LYS U 477 -16.24 -55.35 -35.23
CA LYS U 477 -16.81 -56.54 -35.83
C LYS U 477 -17.44 -57.44 -34.79
N GLU U 478 -16.72 -57.72 -33.70
CA GLU U 478 -17.31 -58.57 -32.67
C GLU U 478 -18.47 -57.87 -31.97
N SER U 479 -18.58 -56.56 -32.11
CA SER U 479 -19.74 -55.86 -31.56
C SER U 479 -21.02 -56.21 -32.31
N ILE U 480 -20.89 -56.79 -33.51
CA ILE U 480 -22.05 -57.16 -34.31
C ILE U 480 -22.69 -58.46 -33.83
N LYS U 481 -21.95 -59.28 -33.09
CA LYS U 481 -22.44 -60.59 -32.68
C LYS U 481 -23.03 -60.56 -31.28
N ASN V 16 41.11 -18.47 -21.88
CA ASN V 16 39.76 -18.53 -22.49
C ASN V 16 39.70 -17.76 -23.79
N ILE V 17 39.60 -16.43 -23.65
CA ILE V 17 39.33 -15.57 -24.80
C ILE V 17 40.24 -15.96 -25.96
N ASN V 18 41.53 -16.02 -25.70
CA ASN V 18 42.51 -16.27 -26.74
C ASN V 18 42.36 -17.63 -27.40
N TYR V 19 41.59 -18.54 -26.81
CA TYR V 19 41.29 -19.82 -27.45
C TYR V 19 39.94 -19.86 -28.14
N LEU V 20 38.90 -19.32 -27.54
CA LEU V 20 37.59 -19.42 -28.16
C LEU V 20 37.50 -18.50 -29.37
N PHE V 21 37.93 -17.25 -29.24
CA PHE V 21 37.70 -16.28 -30.29
C PHE V 21 38.89 -16.13 -31.25
N ASN V 22 39.88 -17.01 -31.16
CA ASN V 22 41.01 -16.94 -32.06
C ASN V 22 40.54 -17.16 -33.50
N ASP V 23 41.34 -16.65 -34.45
CA ASP V 23 40.96 -16.78 -35.86
C ASP V 23 41.26 -18.13 -36.48
N GLU V 24 42.27 -18.84 -36.03
CA GLU V 24 42.58 -20.12 -36.64
C GLU V 24 41.79 -21.27 -36.05
N ALA V 25 41.16 -21.08 -34.90
CA ALA V 25 40.19 -22.06 -34.44
C ALA V 25 38.91 -21.90 -35.26
N ASN V 26 38.07 -22.93 -35.23
CA ASN V 26 36.73 -22.86 -35.80
C ASN V 26 36.70 -22.72 -37.33
N VAL V 27 37.84 -22.75 -38.03
CA VAL V 27 37.85 -22.74 -39.50
C VAL V 27 37.44 -24.08 -40.09
N VAL V 28 37.18 -24.10 -41.40
CA VAL V 28 36.90 -25.32 -42.16
C VAL V 28 38.11 -25.66 -43.01
N TYR V 29 38.57 -26.90 -42.92
CA TYR V 29 39.71 -27.32 -43.73
C TYR V 29 39.28 -27.58 -45.16
N THR V 30 40.09 -27.14 -46.11
CA THR V 30 39.82 -27.39 -47.52
C THR V 30 41.12 -27.72 -48.23
N TYR V 31 40.98 -28.53 -49.28
CA TYR V 31 42.10 -29.03 -50.06
C TYR V 31 41.80 -28.81 -51.53
N ASP V 32 42.82 -28.39 -52.28
CA ASP V 32 42.63 -28.07 -53.69
C ASP V 32 42.61 -29.29 -54.59
N GLY V 33 43.30 -30.36 -54.22
CA GLY V 33 43.42 -31.52 -55.08
C GLY V 33 42.31 -32.53 -54.88
N THR V 34 42.34 -33.54 -55.73
CA THR V 34 41.43 -34.66 -55.60
C THR V 34 41.86 -35.56 -54.45
N GLU V 35 40.98 -36.52 -54.15
CA GLU V 35 41.29 -37.51 -53.13
C GLU V 35 42.61 -38.18 -53.42
N SER V 36 42.86 -38.53 -54.69
CA SER V 36 44.12 -39.16 -55.05
C SER V 36 45.30 -38.23 -54.81
N ASP V 37 45.14 -36.96 -55.17
CA ASP V 37 46.24 -36.01 -54.96
C ASP V 37 46.55 -35.85 -53.48
N LEU V 38 45.55 -36.06 -52.62
CA LEU V 38 45.83 -36.00 -51.20
C LEU V 38 46.47 -37.29 -50.72
N LEU V 39 45.88 -38.42 -51.09
CA LEU V 39 46.32 -39.71 -50.58
C LEU V 39 47.75 -40.04 -51.00
N GLN V 40 48.18 -39.59 -52.18
CA GLN V 40 49.57 -39.83 -52.55
C GLN V 40 50.55 -38.99 -51.75
N ASN V 41 50.08 -37.89 -51.16
CA ASN V 41 50.96 -36.98 -50.43
C ASN V 41 50.53 -36.92 -48.97
N VAL V 42 50.51 -38.07 -48.31
CA VAL V 42 50.01 -38.24 -46.95
C VAL V 42 50.57 -37.22 -45.96
N ASN V 43 51.72 -36.64 -46.25
CA ASN V 43 52.26 -35.61 -45.36
C ASN V 43 51.30 -34.43 -45.20
N GLU V 44 50.57 -34.08 -46.27
CA GLU V 44 49.63 -32.98 -46.18
C GLU V 44 48.63 -33.21 -45.06
N VAL V 45 48.20 -34.45 -44.91
CA VAL V 45 47.31 -34.77 -43.80
C VAL V 45 48.02 -34.54 -42.48
N SER V 46 49.33 -34.75 -42.46
CA SER V 46 50.07 -34.45 -41.24
C SER V 46 49.99 -32.97 -40.91
N LYS V 47 50.00 -32.11 -41.92
CA LYS V 47 49.85 -30.68 -41.62
C LYS V 47 48.47 -30.37 -41.08
N TYR V 48 47.44 -30.98 -41.65
CA TYR V 48 46.10 -30.73 -41.11
C TYR V 48 45.98 -31.23 -39.67
N ILE V 49 46.53 -32.40 -39.36
CA ILE V 49 46.48 -32.87 -37.98
C ILE V 49 47.22 -31.91 -37.05
N GLU V 50 48.42 -31.49 -37.45
CA GLU V 50 49.15 -30.53 -36.61
C GLU V 50 48.35 -29.27 -36.39
N HIS V 51 47.77 -28.71 -37.45
CA HIS V 51 46.97 -27.50 -37.29
C HIS V 51 45.80 -27.74 -36.36
N HIS V 52 45.19 -28.92 -36.43
CA HIS V 52 44.08 -29.22 -35.54
C HIS V 52 44.53 -29.20 -34.09
N MET V 53 45.58 -29.96 -33.77
CA MET V 53 46.08 -29.95 -32.40
C MET V 53 46.45 -28.55 -31.93
N ASP V 54 47.11 -27.76 -32.77
CA ASP V 54 47.61 -26.49 -32.27
C ASP V 54 46.53 -25.43 -32.14
N TYR V 55 45.49 -25.47 -32.95
CA TYR V 55 44.52 -24.38 -32.97
C TYR V 55 43.11 -24.80 -32.63
N GLN V 56 42.59 -25.89 -33.19
CA GLN V 56 41.19 -26.21 -32.93
C GLN V 56 40.99 -26.95 -31.62
N ARG V 57 41.81 -27.95 -31.32
CA ARG V 57 41.57 -28.71 -30.09
C ARG V 57 41.47 -27.82 -28.86
N PRO V 58 42.39 -26.92 -28.59
CA PRO V 58 42.24 -26.06 -27.40
C PRO V 58 40.84 -25.50 -27.22
N ARG V 59 40.24 -24.98 -28.28
CA ARG V 59 38.89 -24.44 -28.17
C ARG V 59 37.93 -25.50 -27.68
N LEU V 60 37.94 -26.66 -28.32
CA LEU V 60 36.99 -27.70 -27.97
C LEU V 60 37.20 -28.16 -26.53
N LYS V 61 38.47 -28.31 -26.14
CA LYS V 61 38.79 -28.65 -24.75
C LYS V 61 38.18 -27.65 -23.78
N VAL V 62 38.32 -26.35 -24.06
CA VAL V 62 37.77 -25.36 -23.14
C VAL V 62 36.25 -25.48 -23.07
N LEU V 63 35.59 -25.66 -24.21
CA LEU V 63 34.14 -25.80 -24.18
C LEU V 63 33.75 -27.01 -23.36
N SER V 64 34.46 -28.12 -23.53
CA SER V 64 34.17 -29.30 -22.74
C SER V 64 34.36 -29.05 -21.25
N ASP V 65 35.46 -28.39 -20.87
CA ASP V 65 35.67 -28.13 -19.45
C ASP V 65 34.55 -27.30 -18.87
N TYR V 66 34.00 -26.37 -19.65
CA TYR V 66 32.88 -25.62 -19.09
C TYR V 66 31.65 -26.50 -18.98
N TYR V 67 31.45 -27.44 -19.90
CA TYR V 67 30.30 -28.31 -19.72
C TYR V 67 30.46 -29.18 -18.49
N GLU V 68 31.69 -29.62 -18.22
CA GLU V 68 31.97 -30.38 -17.00
C GLU V 68 31.99 -29.51 -15.75
N GLY V 69 31.83 -28.19 -15.89
CA GLY V 69 31.90 -27.29 -14.76
C GLY V 69 33.29 -26.96 -14.23
N LYS V 70 34.34 -27.37 -14.94
CA LYS V 70 35.70 -27.00 -14.55
C LYS V 70 36.01 -25.58 -15.00
N THR V 71 35.14 -24.64 -14.66
CA THR V 71 35.33 -23.25 -15.10
C THR V 71 36.71 -22.73 -14.68
N LYS V 72 37.13 -21.69 -15.40
CA LYS V 72 38.40 -21.02 -15.10
C LYS V 72 38.60 -20.75 -13.62
N ASN V 73 37.56 -20.30 -12.92
CA ASN V 73 37.76 -19.94 -11.52
C ASN V 73 38.32 -21.09 -10.68
N LEU V 74 37.93 -22.34 -10.96
CA LEU V 74 38.50 -23.45 -10.20
C LEU V 74 39.98 -23.66 -10.50
N VAL V 75 40.36 -23.62 -11.78
CA VAL V 75 41.73 -23.99 -12.14
C VAL V 75 42.71 -22.84 -11.98
N GLU V 76 42.26 -21.60 -12.11
CA GLU V 76 43.17 -20.46 -12.00
C GLU V 76 43.64 -20.20 -10.58
N LEU V 77 44.25 -21.22 -9.94
CA LEU V 77 44.87 -21.03 -8.63
C LEU V 77 45.93 -19.95 -8.65
N THR V 78 46.37 -19.52 -9.83
CA THR V 78 47.57 -18.72 -10.00
C THR V 78 47.59 -17.50 -9.09
N ARG V 79 46.44 -16.95 -8.73
CA ARG V 79 46.34 -15.79 -7.84
C ARG V 79 46.06 -16.09 -6.36
N ARG V 80 45.27 -17.10 -6.02
CA ARG V 80 44.80 -17.25 -4.64
C ARG V 80 45.96 -17.50 -3.68
N LYS V 81 45.98 -16.73 -2.59
CA LYS V 81 47.07 -16.75 -1.61
C LYS V 81 47.00 -17.94 -0.66
N GLU V 82 48.14 -18.62 -0.51
CA GLU V 82 48.28 -19.92 0.19
C GLU V 82 48.45 -19.79 1.70
N GLU V 83 47.76 -18.84 2.32
CA GLU V 83 47.97 -18.52 3.73
C GLU V 83 46.98 -19.27 4.62
N TYR V 84 46.77 -18.77 5.84
CA TYR V 84 45.67 -19.16 6.71
C TYR V 84 44.30 -18.82 6.14
N MET V 85 44.24 -17.98 5.11
CA MET V 85 42.99 -17.58 4.48
C MET V 85 42.35 -18.73 3.71
N ALA V 86 41.01 -18.68 3.59
CA ALA V 86 40.26 -19.64 2.80
C ALA V 86 40.25 -19.27 1.30
N ASP V 87 40.00 -20.28 0.47
CA ASP V 87 40.00 -20.15 -0.98
C ASP V 87 38.66 -19.69 -1.55
N ASN V 88 37.58 -20.39 -1.20
CA ASN V 88 36.25 -20.19 -1.77
C ASN V 88 36.21 -20.00 -3.28
N ARG V 89 37.06 -20.70 -4.02
CA ARG V 89 36.92 -20.75 -5.48
C ARG V 89 35.65 -21.52 -5.85
N VAL V 90 34.83 -20.95 -6.74
CA VAL V 90 33.48 -21.44 -7.07
C VAL V 90 33.24 -21.59 -8.57
N ALA V 91 32.46 -22.60 -8.95
CA ALA V 91 32.00 -22.82 -10.33
C ALA V 91 30.50 -23.11 -10.35
N HIS V 92 29.75 -22.41 -11.21
CA HIS V 92 28.27 -22.48 -11.21
C HIS V 92 27.61 -23.47 -12.17
N ASP V 93 28.27 -24.01 -13.19
CA ASP V 93 27.65 -24.99 -14.10
C ASP V 93 26.53 -24.44 -15.00
N TYR V 94 26.54 -23.14 -15.29
CA TYR V 94 25.53 -22.63 -16.22
C TYR V 94 25.63 -23.33 -17.56
N ALA V 95 26.83 -23.71 -17.98
CA ALA V 95 27.01 -24.31 -19.29
C ALA V 95 26.21 -25.59 -19.42
N SER V 96 26.28 -26.46 -18.43
CA SER V 96 25.51 -27.69 -18.49
C SER V 96 24.02 -27.38 -18.41
N TYR V 97 23.62 -26.50 -17.49
CA TYR V 97 22.19 -26.21 -17.43
C TYR V 97 21.64 -25.79 -18.79
N ILE V 98 22.36 -24.91 -19.47
CA ILE V 98 21.93 -24.41 -20.77
C ILE V 98 21.92 -25.52 -21.82
N SER V 99 23.02 -26.25 -21.94
CA SER V 99 23.10 -27.23 -23.01
C SER V 99 22.06 -28.32 -22.83
N ASP V 100 21.84 -28.78 -21.60
CA ASP V 100 20.85 -29.83 -21.41
C ASP V 100 19.46 -29.32 -21.72
N PHE V 101 19.14 -28.08 -21.33
CA PHE V 101 17.80 -27.57 -21.62
C PHE V 101 17.58 -27.44 -23.13
N ILE V 102 18.51 -26.79 -23.83
CA ILE V 102 18.32 -26.58 -25.26
C ILE V 102 18.31 -27.90 -26.03
N ASN V 103 19.16 -28.84 -25.65
CA ASN V 103 19.16 -30.11 -26.37
C ASN V 103 17.89 -30.89 -26.09
N GLY V 104 17.47 -30.97 -24.84
CA GLY V 104 16.26 -31.71 -24.56
C GLY V 104 15.07 -31.13 -25.30
N TYR V 105 15.00 -29.80 -25.38
CA TYR V 105 13.90 -29.19 -26.12
C TYR V 105 13.95 -29.60 -27.58
N PHE V 106 15.14 -29.70 -28.16
CA PHE V 106 15.19 -30.00 -29.58
C PHE V 106 14.95 -31.47 -29.90
N LEU V 107 15.58 -32.39 -29.17
CA LEU V 107 15.53 -33.81 -29.50
C LEU V 107 15.00 -34.70 -28.39
N GLY V 108 14.37 -34.14 -27.38
CA GLY V 108 13.80 -35.01 -26.36
C GLY V 108 12.67 -35.87 -26.88
N ASN V 109 12.04 -35.47 -27.99
CA ASN V 109 10.95 -36.23 -28.59
C ASN V 109 11.45 -36.84 -29.88
N PRO V 110 11.45 -38.16 -30.03
CA PRO V 110 12.10 -38.78 -31.19
C PRO V 110 11.62 -38.24 -32.53
N ILE V 111 12.56 -38.14 -33.47
CA ILE V 111 12.23 -37.78 -34.85
C ILE V 111 11.44 -38.93 -35.46
N GLN V 112 10.34 -38.60 -36.13
CA GLN V 112 9.52 -39.61 -36.80
C GLN V 112 9.89 -39.64 -38.27
N TYR V 113 9.64 -40.79 -38.89
CA TYR V 113 9.99 -40.99 -40.29
C TYR V 113 8.74 -41.38 -41.07
N GLN V 114 8.58 -40.76 -42.24
CA GLN V 114 7.49 -41.09 -43.12
C GLN V 114 8.06 -41.37 -44.50
N ASP V 115 7.44 -42.30 -45.21
CA ASP V 115 7.82 -42.53 -46.59
C ASP V 115 6.63 -43.09 -47.34
N ASP V 116 6.66 -42.90 -48.67
CA ASP V 116 5.59 -43.44 -49.49
C ASP V 116 5.79 -44.92 -49.82
N ASP V 117 7.02 -45.42 -49.72
CA ASP V 117 7.33 -46.81 -50.02
C ASP V 117 7.64 -47.56 -48.73
N LYS V 118 6.85 -48.59 -48.45
CA LYS V 118 7.04 -49.34 -47.22
C LYS V 118 8.32 -50.15 -47.21
N ASP V 119 8.86 -50.53 -48.37
CA ASP V 119 10.09 -51.29 -48.34
C ASP V 119 11.23 -50.44 -47.79
N VAL V 120 11.32 -49.21 -48.26
CA VAL V 120 12.33 -48.30 -47.77
C VAL V 120 12.05 -47.96 -46.32
N LEU V 121 10.78 -47.69 -46.00
CA LEU V 121 10.46 -47.34 -44.62
C LEU V 121 10.84 -48.44 -43.65
N GLU V 122 10.57 -49.71 -43.99
CA GLU V 122 10.93 -50.78 -43.07
C GLU V 122 12.44 -51.01 -43.03
N ALA V 123 13.14 -50.72 -44.12
CA ALA V 123 14.60 -50.86 -44.06
C ALA V 123 15.18 -49.79 -43.15
N ILE V 124 14.64 -48.58 -43.25
CA ILE V 124 15.06 -47.49 -42.37
C ILE V 124 14.78 -47.85 -40.92
N GLU V 125 13.55 -48.27 -40.64
CA GLU V 125 13.18 -48.60 -39.27
C GLU V 125 14.02 -49.74 -38.71
N ALA V 126 14.37 -50.73 -39.54
CA ALA V 126 15.23 -51.80 -39.06
C ALA V 126 16.59 -51.26 -38.68
N PHE V 127 17.17 -50.44 -39.54
CA PHE V 127 18.48 -49.87 -39.23
C PHE V 127 18.42 -49.01 -37.97
N ASN V 128 17.37 -48.20 -37.83
CA ASN V 128 17.25 -47.34 -36.67
C ASN V 128 17.10 -48.15 -35.39
N ASP V 129 16.29 -49.22 -35.43
CA ASP V 129 16.11 -50.00 -34.22
C ASP V 129 17.39 -50.73 -33.85
N LEU V 130 18.06 -51.32 -34.84
CA LEU V 130 19.31 -52.01 -34.56
C LEU V 130 20.33 -51.07 -33.91
N ASN V 131 20.44 -49.84 -34.42
CA ASN V 131 21.42 -48.91 -33.89
C ASN V 131 20.91 -48.03 -32.76
N ASP V 132 19.69 -48.25 -32.27
CA ASP V 132 19.15 -47.43 -31.19
C ASP V 132 19.28 -45.94 -31.52
N VAL V 133 18.93 -45.60 -32.77
CA VAL V 133 19.16 -44.26 -33.27
C VAL V 133 18.53 -43.16 -32.43
N GLU V 134 17.49 -43.45 -31.65
CA GLU V 134 16.94 -42.39 -30.82
C GLU V 134 17.99 -41.82 -29.86
N SER V 135 18.63 -42.70 -29.10
CA SER V 135 19.64 -42.24 -28.15
C SER V 135 20.82 -41.63 -28.88
N HIS V 136 21.20 -42.21 -30.01
CA HIS V 136 22.30 -41.68 -30.79
C HIS V 136 22.01 -40.25 -31.20
N ASN V 137 20.84 -40.02 -31.77
CA ASN V 137 20.46 -38.68 -32.18
C ASN V 137 20.52 -37.71 -31.02
N ARG V 138 20.00 -38.11 -29.86
CA ARG V 138 20.09 -37.20 -28.72
C ARG V 138 21.54 -36.88 -28.36
N SER V 139 22.43 -37.87 -28.42
CA SER V 139 23.81 -37.59 -28.08
C SER V 139 24.43 -36.64 -29.08
N LEU V 140 24.05 -36.76 -30.34
CA LEU V 140 24.54 -35.81 -31.33
C LEU V 140 24.01 -34.41 -31.02
N GLY V 141 22.74 -34.31 -30.69
CA GLY V 141 22.20 -33.00 -30.35
C GLY V 141 22.96 -32.36 -29.21
N LEU V 142 23.40 -33.18 -28.24
CA LEU V 142 24.17 -32.64 -27.14
C LEU V 142 25.55 -32.16 -27.60
N ASP V 143 26.21 -32.96 -28.44
CA ASP V 143 27.50 -32.49 -28.95
C ASP V 143 27.34 -31.21 -29.75
N LEU V 144 26.28 -31.12 -30.56
CA LEU V 144 26.03 -29.87 -31.28
C LEU V 144 25.90 -28.72 -30.30
N SER V 145 25.25 -28.98 -29.17
CA SER V 145 24.97 -27.90 -28.24
C SER V 145 26.23 -27.43 -27.52
N ILE V 146 27.16 -28.32 -27.19
CA ILE V 146 28.37 -27.86 -26.50
C ILE V 146 29.47 -27.47 -27.47
N TYR V 147 29.81 -28.27 -28.47
CA TYR V 147 30.94 -27.93 -29.34
C TYR V 147 30.55 -27.11 -30.56
N GLY V 148 29.27 -27.06 -30.91
CA GLY V 148 28.84 -26.46 -32.15
C GLY V 148 28.87 -27.37 -33.36
N LYS V 149 29.51 -28.54 -33.26
CA LYS V 149 29.54 -29.48 -34.38
C LYS V 149 29.68 -30.89 -33.84
N ALA V 150 29.25 -31.87 -34.62
CA ALA V 150 29.35 -33.26 -34.17
C ALA V 150 29.59 -34.19 -35.34
N TYR V 151 30.21 -35.34 -35.08
CA TYR V 151 30.57 -36.27 -36.13
C TYR V 151 30.02 -37.66 -35.87
N GLU V 152 29.59 -38.34 -36.92
CA GLU V 152 29.17 -39.73 -36.79
C GLU V 152 29.84 -40.59 -37.85
N LEU V 153 30.23 -41.79 -37.44
CA LEU V 153 30.94 -42.76 -38.26
C LEU V 153 30.05 -43.98 -38.48
N MET V 154 29.96 -44.43 -39.73
CA MET V 154 29.18 -45.60 -40.09
C MET V 154 30.12 -46.67 -40.59
N ILE V 155 29.99 -47.89 -40.09
CA ILE V 155 30.90 -48.97 -40.48
C ILE V 155 30.16 -50.29 -40.63
N ARG V 156 30.60 -51.10 -41.60
CA ARG V 156 30.09 -52.45 -41.75
C ARG V 156 30.86 -53.34 -40.78
N ASN V 157 30.17 -53.84 -39.76
CA ASN V 157 30.76 -54.61 -38.69
C ASN V 157 31.22 -55.98 -39.16
N GLN V 158 32.01 -56.64 -38.32
CA GLN V 158 32.49 -57.98 -38.65
C GLN V 158 31.33 -58.97 -38.72
N ASP V 159 30.33 -58.79 -37.87
CA ASP V 159 29.15 -59.64 -37.90
C ASP V 159 28.22 -59.30 -39.05
N ASP V 160 28.72 -58.50 -39.99
CA ASP V 160 27.99 -58.15 -41.20
C ASP V 160 26.70 -57.40 -40.88
N GLU V 161 26.87 -56.26 -40.23
CA GLU V 161 25.76 -55.37 -39.88
C GLU V 161 26.20 -53.93 -40.09
N THR V 162 25.28 -53.07 -40.45
CA THR V 162 25.61 -51.65 -40.59
C THR V 162 25.45 -50.99 -39.23
N ARG V 163 26.56 -50.50 -38.68
CA ARG V 163 26.57 -49.91 -37.36
C ARG V 163 26.89 -48.43 -37.45
N LEU V 164 26.32 -47.67 -36.52
CA LEU V 164 26.46 -46.22 -36.45
C LEU V 164 27.02 -45.86 -35.08
N TYR V 165 28.13 -45.13 -35.05
CA TYR V 165 28.78 -44.75 -33.80
C TYR V 165 29.16 -43.28 -33.85
N LYS V 166 28.99 -42.57 -32.74
CA LYS V 166 29.41 -41.19 -32.68
C LYS V 166 30.92 -41.09 -32.52
N SER V 167 31.52 -40.07 -33.14
CA SER V 167 32.94 -39.83 -33.07
C SER V 167 33.19 -38.55 -32.30
N ASP V 168 34.12 -38.60 -31.36
CA ASP V 168 34.32 -37.47 -30.47
C ASP V 168 34.81 -36.26 -31.26
N ALA V 169 34.31 -35.08 -30.91
CA ALA V 169 34.68 -33.88 -31.63
C ALA V 169 36.14 -33.49 -31.44
N MET V 170 36.71 -33.73 -30.26
CA MET V 170 38.10 -33.37 -30.01
C MET V 170 39.09 -34.21 -30.79
N SER V 171 38.67 -35.28 -31.46
CA SER V 171 39.60 -36.16 -32.13
C SER V 171 39.25 -36.45 -33.58
N THR V 172 38.28 -35.75 -34.15
CA THR V 172 37.83 -36.03 -35.52
C THR V 172 37.71 -34.74 -36.32
N PHE V 173 38.07 -34.80 -37.60
CA PHE V 173 37.80 -33.65 -38.46
C PHE V 173 37.76 -34.10 -39.90
N ILE V 174 37.27 -33.22 -40.77
CA ILE V 174 37.10 -33.51 -42.19
C ILE V 174 37.81 -32.47 -43.04
N ILE V 175 38.41 -32.93 -44.14
CA ILE V 175 39.07 -32.10 -45.13
C ILE V 175 38.14 -32.07 -46.34
N TYR V 176 37.69 -30.88 -46.74
CA TYR V 176 36.72 -30.73 -47.81
C TYR V 176 37.33 -30.31 -49.15
N ASP V 177 36.63 -30.68 -50.21
CA ASP V 177 36.91 -30.18 -51.55
C ASP V 177 36.89 -28.65 -51.54
N ASN V 178 37.82 -28.04 -52.28
CA ASN V 178 37.86 -26.59 -52.30
C ASN V 178 36.77 -25.92 -53.13
N THR V 179 36.00 -26.65 -53.93
CA THR V 179 34.97 -25.99 -54.73
C THR V 179 33.83 -25.50 -53.86
N VAL V 180 33.00 -24.64 -54.45
CA VAL V 180 31.87 -24.04 -53.74
C VAL V 180 30.91 -25.10 -53.21
N GLU V 181 30.90 -26.28 -53.80
CA GLU V 181 30.04 -27.37 -53.33
C GLU V 181 30.58 -28.00 -52.06
N ARG V 182 31.88 -27.89 -51.81
CA ARG V 182 32.56 -28.47 -50.66
C ARG V 182 32.11 -29.89 -50.32
N ASN V 183 32.36 -30.79 -51.26
CA ASN V 183 32.23 -32.20 -50.97
C ASN V 183 33.31 -32.60 -49.98
N SER V 184 33.03 -33.57 -49.12
CA SER V 184 34.01 -34.01 -48.15
C SER V 184 35.01 -34.96 -48.79
N ILE V 185 36.27 -34.56 -48.84
CA ILE V 185 37.30 -35.39 -49.47
C ILE V 185 37.76 -36.50 -48.52
N ALA V 186 38.18 -36.15 -47.31
CA ALA V 186 38.67 -37.20 -46.42
C ALA V 186 38.41 -36.83 -44.96
N GLY V 187 38.23 -37.84 -44.13
CA GLY V 187 38.04 -37.63 -42.70
C GLY V 187 39.17 -38.26 -41.92
N VAL V 188 39.49 -37.67 -40.77
CA VAL V 188 40.51 -38.28 -39.91
C VAL V 188 40.02 -38.37 -38.48
N ARG V 189 40.49 -39.43 -37.80
CA ARG V 189 40.30 -39.65 -36.38
C ARG V 189 41.66 -39.97 -35.80
N TYR V 190 42.00 -39.40 -34.66
CA TYR V 190 43.28 -39.72 -34.05
C TYR V 190 43.16 -39.73 -32.55
N LEU V 191 43.77 -40.74 -31.91
CA LEU V 191 43.64 -40.89 -30.46
C LEU V 191 44.96 -41.19 -29.77
N ARG V 192 45.14 -40.51 -28.63
CA ARG V 192 46.13 -40.80 -27.61
C ARG V 192 45.87 -42.09 -26.85
N THR V 193 46.09 -43.23 -27.49
CA THR V 193 46.06 -44.50 -26.77
C THR V 193 47.16 -44.54 -25.72
N LYS V 194 46.78 -44.79 -24.47
CA LYS V 194 47.73 -44.91 -23.37
C LYS V 194 47.29 -45.99 -22.40
N PRO V 195 48.25 -46.72 -21.80
CA PRO V 195 47.95 -47.46 -20.58
C PRO V 195 47.75 -46.54 -19.37
N ILE V 196 47.23 -47.15 -18.31
CA ILE V 196 46.87 -46.41 -17.09
C ILE V 196 48.05 -46.10 -16.18
N ASP V 197 49.16 -46.84 -16.26
CA ASP V 197 50.15 -46.85 -15.20
C ASP V 197 51.31 -45.89 -15.39
N LYS V 198 51.49 -45.32 -16.58
CA LYS V 198 52.73 -44.63 -16.90
C LYS V 198 52.44 -43.53 -17.92
N THR V 199 53.36 -42.57 -18.01
CA THR V 199 53.16 -41.35 -18.79
C THR V 199 54.39 -41.06 -19.65
N ASP V 200 54.94 -42.09 -20.28
CA ASP V 200 56.15 -41.97 -21.09
C ASP V 200 55.81 -41.63 -22.55
N GLU V 201 55.35 -42.62 -23.31
CA GLU V 201 55.08 -42.48 -24.75
C GLU V 201 53.61 -42.22 -25.06
N ASP V 202 52.85 -41.67 -24.10
CA ASP V 202 51.43 -41.39 -24.37
C ASP V 202 51.22 -40.41 -25.53
N GLU V 203 52.22 -39.61 -25.90
CA GLU V 203 52.09 -38.82 -27.13
C GLU V 203 52.20 -39.66 -28.42
N VAL V 204 52.11 -40.98 -28.37
CA VAL V 204 51.78 -41.79 -29.55
C VAL V 204 50.30 -41.66 -29.86
N PHE V 205 49.98 -41.13 -31.05
CA PHE V 205 48.61 -41.08 -31.56
C PHE V 205 48.41 -42.07 -32.70
N THR V 206 47.42 -42.93 -32.53
CA THR V 206 46.92 -43.80 -33.60
C THR V 206 46.02 -42.99 -34.51
N VAL V 207 46.34 -42.93 -35.80
CA VAL V 207 45.57 -42.16 -36.77
C VAL V 207 44.81 -43.10 -37.69
N ASP V 208 43.54 -42.80 -37.94
CA ASP V 208 42.75 -43.45 -38.97
C ASP V 208 42.31 -42.39 -39.97
N LEU V 209 42.60 -42.62 -41.24
CA LEU V 209 42.26 -41.71 -42.33
C LEU V 209 41.22 -42.39 -43.22
N PHE V 210 40.05 -41.78 -43.37
CA PHE V 210 38.95 -42.36 -44.12
C PHE V 210 38.81 -41.68 -45.47
N THR V 211 38.88 -42.48 -46.53
CA THR V 211 38.68 -42.04 -47.89
C THR V 211 37.39 -42.65 -48.42
N SER V 212 37.04 -42.30 -49.66
CA SER V 212 35.82 -42.84 -50.24
C SER V 212 35.91 -44.32 -50.54
N HIS V 213 37.08 -44.94 -50.41
CA HIS V 213 37.27 -46.35 -50.74
C HIS V 213 37.80 -47.20 -49.60
N GLY V 214 38.14 -46.63 -48.45
CA GLY V 214 38.70 -47.44 -47.40
C GLY V 214 39.24 -46.59 -46.26
N VAL V 215 39.80 -47.29 -45.27
CA VAL V 215 40.51 -46.69 -44.16
C VAL V 215 41.99 -46.97 -44.32
N TYR V 216 42.81 -45.96 -44.08
CA TYR V 216 44.24 -46.13 -43.89
C TYR V 216 44.55 -45.95 -42.42
N ARG V 217 45.28 -46.89 -41.83
CA ARG V 217 45.60 -46.87 -40.42
C ARG V 217 47.09 -46.58 -40.23
N TYR V 218 47.40 -45.66 -39.33
CA TYR V 218 48.76 -45.21 -39.09
C TYR V 218 49.07 -45.14 -37.60
N LEU V 219 50.36 -45.00 -37.33
CA LEU V 219 50.89 -44.54 -36.06
C LEU V 219 51.70 -43.26 -36.25
N THR V 220 51.67 -42.42 -35.22
CA THR V 220 52.32 -41.11 -35.23
C THR V 220 52.70 -40.73 -33.81
N ASN V 221 53.56 -39.71 -33.69
CA ASN V 221 53.73 -39.04 -32.42
C ASN V 221 54.05 -37.58 -32.67
N ARG V 222 53.77 -36.74 -31.67
CA ARG V 222 53.99 -35.31 -31.84
C ARG V 222 55.46 -34.99 -32.10
N THR V 223 56.37 -35.80 -31.59
CA THR V 223 57.73 -35.32 -31.32
C THR V 223 58.77 -35.78 -32.34
N ASN V 224 58.46 -36.70 -33.24
CA ASN V 224 59.15 -36.72 -34.53
C ASN V 224 58.51 -35.77 -35.54
N GLY V 225 57.49 -35.03 -35.14
CA GLY V 225 56.77 -34.16 -36.03
C GLY V 225 55.62 -34.78 -36.79
N LEU V 226 54.99 -35.81 -36.24
CA LEU V 226 53.79 -36.41 -36.83
C LEU V 226 54.02 -37.05 -38.19
N LYS V 227 55.17 -37.69 -38.40
CA LYS V 227 55.31 -38.50 -39.59
C LYS V 227 54.35 -39.69 -39.50
N LEU V 228 53.45 -39.79 -40.46
CA LEU V 228 52.48 -40.88 -40.52
C LEU V 228 53.11 -42.17 -41.04
N THR V 229 53.03 -43.26 -40.27
CA THR V 229 53.59 -44.52 -40.72
C THR V 229 52.56 -45.65 -40.68
N PRO V 230 52.53 -46.52 -41.68
CA PRO V 230 51.52 -47.61 -41.71
C PRO V 230 51.51 -48.45 -40.43
N ARG V 231 50.34 -48.57 -39.83
CA ARG V 231 50.14 -49.59 -38.80
C ARG V 231 50.12 -50.98 -39.43
N GLU V 232 50.10 -52.00 -38.57
CA GLU V 232 49.83 -53.36 -39.02
C GLU V 232 48.51 -53.45 -39.78
N ASN V 233 48.50 -54.20 -40.88
CA ASN V 233 47.33 -54.33 -41.75
C ASN V 233 46.73 -52.96 -42.04
N SER V 234 47.56 -52.12 -42.66
CA SER V 234 47.31 -50.69 -42.68
C SER V 234 46.06 -50.31 -43.45
N PHE V 235 45.81 -50.91 -44.61
CA PHE V 235 44.66 -50.52 -45.41
C PHE V 235 43.51 -51.51 -45.28
N GLU V 236 42.30 -50.98 -45.17
CA GLU V 236 41.11 -51.79 -44.93
C GLU V 236 39.94 -51.25 -45.75
N SER V 237 39.55 -51.99 -46.79
CA SER V 237 38.52 -51.56 -47.72
C SER V 237 37.14 -51.47 -47.05
N HIS V 238 36.33 -50.51 -47.51
CA HIS V 238 34.93 -50.41 -47.12
C HIS V 238 34.04 -50.30 -48.35
N SER V 239 32.84 -50.86 -48.26
CA SER V 239 31.95 -51.02 -49.41
C SER V 239 31.05 -49.83 -49.68
N PHE V 240 31.20 -48.72 -48.96
CA PHE V 240 30.45 -47.53 -49.34
C PHE V 240 31.13 -46.92 -50.56
N GLU V 241 30.57 -45.83 -51.07
CA GLU V 241 31.17 -45.16 -52.21
C GLU V 241 31.43 -43.69 -51.93
N ARG V 242 31.46 -43.32 -50.66
CA ARG V 242 31.77 -41.96 -50.24
C ARG V 242 32.32 -42.04 -48.84
N MET V 243 33.02 -40.99 -48.42
CA MET V 243 33.69 -41.03 -47.13
C MET V 243 32.66 -41.28 -46.02
N PRO V 244 32.86 -42.29 -45.17
CA PRO V 244 31.81 -42.65 -44.21
C PRO V 244 31.51 -41.64 -43.11
N ILE V 245 32.43 -40.78 -42.73
CA ILE V 245 32.14 -39.87 -41.62
C ILE V 245 31.25 -38.73 -42.07
N THR V 246 30.31 -38.35 -41.21
CA THR V 246 29.38 -37.26 -41.46
C THR V 246 29.55 -36.20 -40.39
N GLU V 247 29.42 -34.93 -40.76
CA GLU V 247 29.51 -33.81 -39.85
C GLU V 247 28.17 -33.08 -39.77
N PHE V 248 27.84 -32.61 -38.57
CA PHE V 248 26.63 -31.87 -38.29
C PHE V 248 27.01 -30.55 -37.63
N SER V 249 26.12 -29.55 -37.73
CA SER V 249 26.42 -28.20 -37.28
C SER V 249 25.27 -27.62 -36.47
N ASN V 250 25.61 -26.84 -35.44
CA ASN V 250 24.62 -26.16 -34.63
C ASN V 250 24.04 -24.96 -35.35
N ASN V 251 24.85 -24.31 -36.17
CA ASN V 251 24.46 -23.14 -36.94
C ASN V 251 25.54 -22.96 -38.00
N GLU V 252 25.32 -22.02 -38.91
CA GLU V 252 26.25 -21.86 -40.01
C GLU V 252 27.65 -21.48 -39.55
N ARG V 253 27.79 -20.88 -38.38
CA ARG V 253 29.11 -20.61 -37.81
C ARG V 253 29.71 -21.79 -37.06
N ARG V 254 28.98 -22.88 -36.87
CA ARG V 254 29.44 -23.98 -36.02
C ARG V 254 29.91 -23.46 -34.66
N LYS V 255 29.02 -22.73 -33.99
CA LYS V 255 29.27 -22.19 -32.66
C LYS V 255 28.24 -22.68 -31.65
N GLY V 256 28.69 -22.96 -30.43
CA GLY V 256 27.91 -23.70 -29.46
C GLY V 256 27.20 -22.80 -28.47
N ASP V 257 26.21 -23.39 -27.79
CA ASP V 257 25.12 -22.59 -27.22
C ASP V 257 25.53 -21.70 -26.06
N TYR V 258 26.62 -21.97 -25.36
CA TYR V 258 27.07 -21.06 -24.31
C TYR V 258 28.40 -20.38 -24.62
N GLU V 259 28.98 -20.66 -25.77
CA GLU V 259 30.30 -20.12 -26.06
C GLU V 259 30.29 -18.61 -25.91
N LYS V 260 29.23 -17.97 -26.36
CA LYS V 260 29.18 -16.51 -26.35
C LYS V 260 28.90 -15.91 -24.99
N VAL V 261 28.59 -16.72 -23.96
CA VAL V 261 28.32 -16.21 -22.63
C VAL V 261 29.31 -16.74 -21.61
N ILE V 262 30.35 -17.43 -22.06
CA ILE V 262 31.35 -17.91 -21.12
C ILE V 262 31.94 -16.76 -20.30
N THR V 263 32.10 -15.58 -20.90
CA THR V 263 32.64 -14.45 -20.14
C THR V 263 31.69 -14.01 -19.03
N LEU V 264 30.39 -14.15 -19.23
CA LEU V 264 29.47 -13.79 -18.16
C LEU V 264 29.49 -14.86 -17.08
N ILE V 265 29.68 -16.11 -17.46
CA ILE V 265 29.78 -17.15 -16.45
C ILE V 265 31.01 -16.90 -15.59
N ASP V 266 32.12 -16.51 -16.22
CA ASP V 266 33.32 -16.15 -15.47
C ASP V 266 33.03 -15.02 -14.49
N LEU V 267 32.35 -13.98 -14.95
CA LEU V 267 32.07 -12.86 -14.05
C LEU V 267 31.20 -13.28 -12.88
N TYR V 268 30.25 -14.17 -13.11
CA TYR V 268 29.39 -14.57 -12.00
C TYR V 268 30.17 -15.41 -11.00
N ASP V 269 31.06 -16.27 -11.49
CA ASP V 269 31.96 -16.99 -10.59
C ASP V 269 32.77 -16.04 -9.74
N ASN V 270 33.44 -15.07 -10.36
CA ASN V 270 34.24 -14.13 -9.60
C ASN V 270 33.41 -13.41 -8.55
N ALA V 271 32.24 -12.89 -8.92
CA ALA V 271 31.46 -12.15 -7.94
C ALA V 271 31.05 -13.02 -6.77
N GLU V 272 30.59 -14.24 -7.03
CA GLU V 272 30.17 -15.10 -5.94
C GLU V 272 31.34 -15.50 -5.04
N SER V 273 32.47 -15.90 -5.62
CA SER V 273 33.61 -16.23 -4.76
C SER V 273 34.16 -15.03 -4.02
N ASP V 274 33.98 -13.82 -4.57
CA ASP V 274 34.34 -12.62 -3.82
C ASP V 274 33.48 -12.49 -2.57
N THR V 275 32.18 -12.61 -2.73
CA THR V 275 31.34 -12.52 -1.54
C THR V 275 31.64 -13.66 -0.56
N ALA V 276 31.97 -14.85 -1.06
CA ALA V 276 32.36 -15.93 -0.15
C ALA V 276 33.61 -15.59 0.63
N ASN V 277 34.56 -14.89 0.01
CA ASN V 277 35.73 -14.44 0.75
C ASN V 277 35.38 -13.40 1.80
N TYR V 278 34.62 -12.39 1.42
CA TYR V 278 34.19 -11.41 2.42
C TYR V 278 33.49 -12.07 3.59
N MET V 279 32.68 -13.11 3.33
CA MET V 279 32.01 -13.78 4.43
C MET V 279 33.00 -14.53 5.31
N SER V 280 33.93 -15.25 4.67
CA SER V 280 34.90 -16.03 5.41
C SER V 280 35.83 -15.19 6.27
N ASP V 281 36.32 -14.07 5.75
CA ASP V 281 37.50 -13.43 6.33
C ASP V 281 37.24 -12.31 7.33
N LEU V 282 36.07 -11.68 7.34
CA LEU V 282 35.77 -10.65 8.31
C LEU V 282 34.86 -11.14 9.43
N ASN V 283 35.12 -10.66 10.64
CA ASN V 283 34.30 -10.97 11.80
C ASN V 283 32.95 -10.29 11.68
N ASP V 284 31.89 -11.02 12.02
CA ASP V 284 30.54 -10.46 11.90
C ASP V 284 30.35 -9.24 12.79
N ALA V 285 30.68 -9.35 14.07
CA ALA V 285 30.52 -8.23 14.98
C ALA V 285 31.46 -8.38 16.15
N MET V 286 31.77 -7.27 16.80
CA MET V 286 32.65 -7.27 17.95
C MET V 286 32.20 -6.21 18.95
N LEU V 287 32.46 -6.48 20.22
CA LEU V 287 32.27 -5.50 21.27
C LEU V 287 33.51 -4.62 21.34
N LEU V 288 33.39 -3.36 20.94
CA LEU V 288 34.49 -2.43 20.98
C LEU V 288 34.53 -1.70 22.30
N ILE V 289 35.67 -1.72 22.98
CA ILE V 289 35.89 -1.00 24.23
C ILE V 289 37.11 -0.13 24.05
N LYS V 290 36.97 1.16 24.30
CA LYS V 290 38.04 2.14 24.14
C LYS V 290 38.47 2.66 25.50
N GLY V 291 39.50 3.48 25.49
CA GLY V 291 39.94 4.17 26.68
C GLY V 291 40.93 3.39 27.52
N ASN V 292 41.67 4.14 28.34
CA ASN V 292 42.67 3.58 29.23
C ASN V 292 41.98 2.75 30.30
N LEU V 293 42.24 1.44 30.32
CA LEU V 293 41.51 0.56 31.22
C LEU V 293 42.33 -0.69 31.46
N ASN V 294 41.95 -1.43 32.51
CA ASN V 294 42.52 -2.74 32.79
C ASN V 294 41.48 -3.79 32.48
N LEU V 295 41.76 -4.64 31.51
CA LEU V 295 40.89 -5.78 31.20
C LEU V 295 41.63 -7.05 31.55
N ASP V 296 41.05 -7.84 32.43
CA ASP V 296 41.64 -9.11 32.76
C ASP V 296 41.18 -10.11 31.71
N PRO V 297 42.09 -10.73 30.95
CA PRO V 297 41.64 -11.67 29.92
C PRO V 297 40.94 -12.86 30.49
N VAL V 298 41.02 -13.07 31.80
CA VAL V 298 40.22 -14.13 32.42
C VAL V 298 38.79 -13.64 32.61
N GLU V 299 38.63 -12.35 32.87
CA GLU V 299 37.30 -11.79 33.06
C GLU V 299 36.58 -11.60 31.74
N VAL V 300 37.30 -11.24 30.68
CA VAL V 300 36.66 -11.07 29.39
C VAL V 300 35.92 -12.33 28.97
N ARG V 301 36.31 -13.51 29.48
CA ARG V 301 35.60 -14.72 29.13
C ARG V 301 34.15 -14.70 29.59
N LYS V 302 33.82 -13.86 30.57
CA LYS V 302 32.44 -13.72 31.03
C LYS V 302 31.59 -12.86 30.10
N GLN V 303 32.20 -12.28 29.07
CA GLN V 303 31.46 -11.38 28.19
C GLN V 303 30.13 -11.98 27.73
N LYS V 304 30.10 -13.27 27.40
CA LYS V 304 28.86 -13.86 26.93
C LYS V 304 27.76 -13.91 27.98
N GLU V 305 28.10 -13.86 29.26
CA GLU V 305 27.11 -14.10 30.30
C GLU V 305 26.96 -12.95 31.29
N ALA V 306 27.68 -11.85 31.10
CA ALA V 306 27.50 -10.70 31.97
C ALA V 306 26.29 -9.89 31.54
N ASN V 307 25.66 -9.23 32.50
CA ASN V 307 24.53 -8.35 32.22
C ASN V 307 24.92 -6.88 32.20
N VAL V 308 25.82 -6.47 33.09
CA VAL V 308 26.26 -5.09 33.20
C VAL V 308 27.71 -4.99 32.76
N LEU V 309 28.02 -3.98 31.98
CA LEU V 309 29.39 -3.63 31.63
C LEU V 309 29.69 -2.31 32.32
N PHE V 310 30.67 -2.30 33.22
CA PHE V 310 31.00 -1.11 33.97
C PHE V 310 32.39 -0.62 33.61
N LEU V 311 32.47 0.61 33.11
CA LEU V 311 33.72 1.21 32.68
C LEU V 311 34.08 2.35 33.64
N GLU V 312 35.17 2.19 34.37
CA GLU V 312 35.60 3.21 35.32
C GLU V 312 36.82 3.91 34.75
N PRO V 313 36.74 5.20 34.42
CA PRO V 313 37.85 5.86 33.73
C PRO V 313 39.04 6.14 34.63
N THR V 314 40.22 6.09 34.03
CA THR V 314 41.43 6.47 34.73
C THR V 314 41.38 7.93 35.14
N VAL V 315 41.80 8.21 36.37
CA VAL V 315 41.86 9.57 36.88
C VAL V 315 43.31 10.05 36.82
N TYR V 316 43.54 11.16 36.14
CA TYR V 316 44.87 11.74 36.00
C TYR V 316 45.03 12.89 36.97
N VAL V 317 46.14 12.90 37.71
CA VAL V 317 46.44 13.91 38.71
C VAL V 317 47.55 14.80 38.18
N ASP V 318 47.30 16.10 38.17
CA ASP V 318 48.29 17.06 37.72
C ASP V 318 49.23 17.39 38.87
N ALA V 319 50.46 17.81 38.52
CA ALA V 319 51.43 18.08 39.56
C ALA V 319 50.96 19.17 40.50
N GLU V 320 50.17 20.13 40.02
CA GLU V 320 49.63 21.19 40.86
C GLU V 320 48.35 20.77 41.57
N GLY V 321 47.99 19.48 41.52
CA GLY V 321 46.84 18.97 42.23
C GLY V 321 45.54 18.86 41.45
N ARG V 322 45.51 19.29 40.19
CA ARG V 322 44.28 19.15 39.41
C ARG V 322 44.00 17.68 39.17
N GLU V 323 42.72 17.33 38.98
CA GLU V 323 42.33 15.97 38.67
C GLU V 323 41.38 15.96 37.48
N THR V 324 41.57 15.00 36.57
CA THR V 324 40.77 14.93 35.36
C THR V 324 40.66 13.47 34.92
N GLU V 325 39.59 13.17 34.18
CA GLU V 325 39.24 11.81 33.80
C GLU V 325 39.51 11.50 32.34
N GLY V 326 39.98 10.28 32.08
CA GLY V 326 40.11 9.79 30.72
C GLY V 326 38.75 9.50 30.09
N SER V 327 38.73 9.42 28.76
CA SER V 327 37.50 9.18 28.01
C SER V 327 37.32 7.69 27.70
N VAL V 328 36.50 7.02 28.51
CA VAL V 328 36.13 5.63 28.26
C VAL V 328 34.97 5.58 27.27
N ASP V 329 34.86 4.48 26.54
CA ASP V 329 33.74 4.29 25.64
C ASP V 329 33.55 2.80 25.34
N GLY V 330 32.33 2.45 24.91
CA GLY V 330 32.03 1.07 24.57
C GLY V 330 30.78 0.89 23.74
N GLY V 331 30.80 -0.04 22.78
CA GLY V 331 29.64 -0.28 21.94
C GLY V 331 29.97 -1.35 20.92
N TYR V 332 28.92 -1.91 20.33
CA TYR V 332 29.11 -2.93 19.31
C TYR V 332 29.36 -2.34 17.93
N ILE V 333 30.20 -3.04 17.15
CA ILE V 333 30.43 -2.71 15.75
C ILE V 333 30.25 -3.98 14.93
N TYR V 334 29.74 -3.82 13.71
CA TYR V 334 29.46 -4.98 12.87
C TYR V 334 29.80 -4.72 11.42
N LYS V 335 30.27 -5.75 10.73
CA LYS V 335 30.66 -5.63 9.33
C LYS V 335 29.44 -5.48 8.44
N GLN V 336 29.64 -4.84 7.30
CA GLN V 336 28.54 -4.57 6.37
C GLN V 336 29.10 -4.46 4.96
N TYR V 337 28.27 -4.74 3.96
CA TYR V 337 28.69 -4.57 2.57
C TYR V 337 27.53 -4.04 1.74
N ASP V 338 27.85 -3.57 0.53
CA ASP V 338 26.87 -2.99 -0.39
C ASP V 338 25.97 -4.07 -0.99
N VAL V 339 24.99 -4.48 -0.20
CA VAL V 339 24.05 -5.51 -0.66
C VAL V 339 23.27 -5.03 -1.86
N GLN V 340 22.80 -3.78 -1.84
CA GLN V 340 22.00 -3.28 -2.95
C GLN V 340 22.76 -3.37 -4.27
N GLY V 341 23.97 -2.83 -4.31
CA GLY V 341 24.70 -2.82 -5.56
C GLY V 341 25.22 -4.18 -5.99
N THR V 342 25.57 -5.03 -5.04
CA THR V 342 26.09 -6.32 -5.47
C THR V 342 24.98 -7.24 -5.91
N GLU V 343 23.81 -7.18 -5.27
CA GLU V 343 22.72 -8.02 -5.75
C GLU V 343 22.15 -7.50 -7.05
N ALA V 344 22.11 -6.18 -7.24
CA ALA V 344 21.68 -5.69 -8.55
C ALA V 344 22.64 -6.10 -9.65
N TYR V 345 23.93 -6.16 -9.34
CA TYR V 345 24.91 -6.56 -10.35
C TYR V 345 24.81 -8.05 -10.66
N LYS V 346 24.77 -8.89 -9.62
CA LYS V 346 24.66 -10.32 -9.88
C LYS V 346 23.33 -10.66 -10.53
N ASP V 347 22.26 -9.96 -10.19
CA ASP V 347 21.00 -10.19 -10.88
C ASP V 347 21.10 -9.82 -12.34
N ARG V 348 21.85 -8.76 -12.65
CA ARG V 348 21.99 -8.41 -14.05
C ARG V 348 22.77 -9.47 -14.81
N LEU V 349 23.84 -9.99 -14.21
CA LEU V 349 24.58 -11.05 -14.89
C LEU V 349 23.70 -12.25 -15.16
N ASN V 350 22.96 -12.72 -14.14
CA ASN V 350 22.11 -13.87 -14.35
C ASN V 350 21.07 -13.62 -15.43
N SER V 351 20.44 -12.46 -15.39
CA SER V 351 19.43 -12.14 -16.40
C SER V 351 20.03 -12.14 -17.79
N ASP V 352 21.23 -11.59 -17.95
CA ASP V 352 21.82 -11.55 -19.28
C ASP V 352 22.23 -12.93 -19.76
N ILE V 353 22.74 -13.78 -18.86
CA ILE V 353 23.07 -15.13 -19.29
C ILE V 353 21.86 -15.86 -19.81
N HIS V 354 20.70 -15.68 -19.17
CA HIS V 354 19.53 -16.34 -19.72
C HIS V 354 18.99 -15.65 -20.97
N MET V 355 19.05 -14.33 -21.03
CA MET V 355 18.51 -13.62 -22.19
C MET V 355 19.26 -14.00 -23.46
N PHE V 356 20.59 -13.97 -23.43
CA PHE V 356 21.33 -14.25 -24.65
C PHE V 356 21.31 -15.71 -25.07
N THR V 357 20.80 -16.61 -24.24
CA THR V 357 20.71 -18.02 -24.60
C THR V 357 19.27 -18.46 -24.72
N ASN V 358 18.32 -17.54 -24.66
CA ASN V 358 16.91 -17.88 -24.84
C ASN V 358 16.46 -18.97 -23.88
N THR V 359 17.03 -18.99 -22.71
CA THR V 359 16.64 -19.97 -21.71
C THR V 359 15.73 -19.30 -20.69
N PRO V 360 14.67 -19.94 -20.21
CA PRO V 360 13.76 -19.24 -19.29
C PRO V 360 14.43 -18.87 -17.98
N ASN V 361 14.32 -17.60 -17.61
CA ASN V 361 14.88 -17.04 -16.38
C ASN V 361 13.99 -17.43 -15.21
N MET V 362 14.32 -18.55 -14.56
CA MET V 362 13.49 -19.08 -13.50
C MET V 362 13.28 -18.12 -12.35
N LYS V 363 14.22 -17.20 -12.11
CA LYS V 363 14.08 -16.33 -10.95
C LYS V 363 13.02 -15.26 -11.14
N ASP V 364 12.67 -14.92 -12.37
CA ASP V 364 11.66 -13.90 -12.67
C ASP V 364 10.57 -14.50 -13.54
N ASP V 365 9.75 -15.37 -12.96
CA ASP V 365 8.78 -16.13 -13.75
C ASP V 365 7.48 -16.33 -12.99
N ASN V 366 6.38 -16.35 -13.75
CA ASN V 366 5.04 -16.67 -13.23
C ASN V 366 4.32 -17.53 -14.26
N PHE V 367 3.60 -18.55 -13.78
CA PHE V 367 2.80 -19.40 -14.66
C PHE V 367 1.41 -18.81 -14.86
N SER V 368 0.82 -19.11 -16.02
CA SER V 368 -0.49 -18.63 -16.40
C SER V 368 -1.52 -19.77 -16.38
N GLY V 369 -2.54 -19.63 -15.54
CA GLY V 369 -3.66 -20.55 -15.54
C GLY V 369 -3.24 -22.00 -15.39
N THR V 370 -3.75 -22.84 -16.30
CA THR V 370 -3.46 -24.28 -16.27
C THR V 370 -2.73 -24.80 -17.50
N GLN V 371 -2.93 -24.20 -18.67
CA GLN V 371 -2.46 -24.80 -19.93
C GLN V 371 -0.97 -24.54 -20.14
N SER V 372 -0.16 -25.57 -19.93
CA SER V 372 1.29 -25.40 -19.85
C SER V 372 1.93 -25.19 -21.22
N GLY V 373 1.44 -25.88 -22.25
CA GLY V 373 2.06 -25.80 -23.55
C GLY V 373 2.03 -24.42 -24.18
N GLU V 374 0.98 -23.65 -23.94
CA GLU V 374 0.88 -22.35 -24.59
C GLU V 374 1.71 -21.29 -23.88
N ALA V 375 1.71 -21.30 -22.56
CA ALA V 375 2.70 -20.50 -21.83
C ALA V 375 4.12 -20.87 -22.25
N MET V 376 4.38 -22.16 -22.49
CA MET V 376 5.74 -22.55 -22.86
C MET V 376 6.09 -22.09 -24.26
N LYS V 377 5.16 -22.15 -25.22
CA LYS V 377 5.49 -21.64 -26.54
C LYS V 377 5.69 -20.13 -26.51
N TYR V 378 4.98 -19.43 -25.63
CA TYR V 378 5.25 -18.01 -25.48
C TYR V 378 6.65 -17.77 -24.95
N LYS V 379 7.05 -18.50 -23.92
CA LYS V 379 8.33 -18.20 -23.30
C LYS V 379 9.51 -18.74 -24.10
N LEU V 380 9.30 -19.81 -24.86
CA LEU V 380 10.35 -20.39 -25.69
C LEU V 380 10.27 -19.93 -27.14
N PHE V 381 9.51 -18.88 -27.43
CA PHE V 381 9.46 -18.39 -28.80
C PHE V 381 10.85 -18.04 -29.32
N GLY V 382 11.66 -17.37 -28.51
CA GLY V 382 12.98 -16.99 -28.99
C GLY V 382 13.87 -18.20 -29.24
N LEU V 383 13.79 -19.20 -28.38
CA LEU V 383 14.57 -20.41 -28.56
C LEU V 383 14.10 -21.21 -29.78
N GLU V 384 12.82 -21.14 -30.10
CA GLU V 384 12.31 -21.82 -31.28
C GLU V 384 12.95 -21.31 -32.55
N GLN V 385 13.22 -20.02 -32.65
CA GLN V 385 13.79 -19.46 -33.86
C GLN V 385 15.15 -20.07 -34.19
N ARG V 386 16.01 -20.27 -33.18
CA ARG V 386 17.30 -20.91 -33.40
C ARG V 386 17.16 -22.40 -33.69
N THR V 387 16.20 -23.03 -33.03
CA THR V 387 16.01 -24.46 -33.23
C THR V 387 15.54 -24.78 -34.64
N LYS V 388 14.75 -23.94 -35.27
CA LYS V 388 14.31 -24.27 -36.62
C LYS V 388 15.47 -24.29 -37.62
N THR V 389 16.44 -23.38 -37.45
CA THR V 389 17.66 -23.42 -38.25
C THR V 389 18.46 -24.69 -37.96
N LYS V 390 18.64 -25.00 -36.68
CA LYS V 390 19.31 -26.24 -36.33
C LYS V 390 18.58 -27.46 -36.87
N GLU V 391 17.26 -27.39 -36.96
CA GLU V 391 16.50 -28.47 -37.58
C GLU V 391 16.82 -28.63 -39.05
N GLY V 392 17.03 -27.51 -39.73
CA GLY V 392 17.37 -27.61 -41.14
C GLY V 392 18.71 -28.29 -41.34
N LEU V 393 19.72 -27.83 -40.60
CA LEU V 393 21.06 -28.42 -40.70
C LEU V 393 21.10 -29.88 -40.24
N PHE V 394 20.31 -30.22 -39.23
CA PHE V 394 20.25 -31.61 -38.80
C PHE V 394 19.65 -32.50 -39.88
N THR V 395 18.56 -32.07 -40.52
CA THR V 395 18.02 -32.91 -41.58
C THR V 395 19.01 -33.03 -42.73
N LYS V 396 19.72 -31.94 -43.03
CA LYS V 396 20.73 -32.03 -44.09
C LYS V 396 21.74 -33.12 -43.80
N GLY V 397 22.04 -33.35 -42.52
CA GLY V 397 22.95 -34.44 -42.18
C GLY V 397 22.31 -35.82 -42.23
N LEU V 398 21.08 -35.90 -41.74
CA LEU V 398 20.36 -37.17 -41.79
C LEU V 398 20.25 -37.69 -43.21
N ARG V 399 20.09 -36.78 -44.18
CA ARG V 399 20.00 -37.25 -45.57
C ARG V 399 21.27 -37.94 -46.02
N ARG V 400 22.43 -37.48 -45.56
CA ARG V 400 23.67 -38.17 -45.92
C ARG V 400 23.73 -39.53 -45.24
N ARG V 401 23.29 -39.59 -43.99
CA ARG V 401 23.23 -40.90 -43.32
C ARG V 401 22.39 -41.87 -44.13
N ALA V 402 21.25 -41.40 -44.65
CA ALA V 402 20.41 -42.26 -45.48
C ALA V 402 21.10 -42.62 -46.79
N LYS V 403 21.81 -41.67 -47.40
CA LYS V 403 22.52 -41.95 -48.63
C LYS V 403 23.52 -43.10 -48.46
N LEU V 404 24.26 -43.07 -47.35
CA LEU V 404 25.20 -44.15 -47.07
C LEU V 404 24.45 -45.46 -46.87
N LEU V 405 23.36 -45.43 -46.12
CA LEU V 405 22.63 -46.66 -45.86
C LEU V 405 22.12 -47.27 -47.16
N GLU V 406 21.57 -46.44 -48.05
CA GLU V 406 21.08 -47.00 -49.31
C GLU V 406 22.23 -47.58 -50.13
N THR V 407 23.41 -46.98 -50.05
CA THR V 407 24.50 -47.47 -50.86
C THR V 407 24.96 -48.85 -50.38
N ILE V 408 25.12 -49.00 -49.08
CA ILE V 408 25.57 -50.29 -48.57
C ILE V 408 24.49 -51.36 -48.78
N LEU V 409 23.22 -50.99 -48.64
CA LEU V 409 22.17 -51.97 -48.88
C LEU V 409 22.17 -52.43 -50.32
N LYS V 410 22.36 -51.51 -51.27
CA LYS V 410 22.35 -51.93 -52.66
C LYS V 410 23.58 -52.77 -52.98
N ASN V 411 24.76 -52.39 -52.47
CA ASN V 411 25.95 -53.17 -52.79
C ASN V 411 25.86 -54.57 -52.19
N THR V 412 25.12 -54.75 -51.10
CA THR V 412 24.91 -56.09 -50.59
C THR V 412 23.67 -56.72 -51.20
N ARG V 413 22.95 -56.00 -52.06
CA ARG V 413 21.69 -56.44 -52.64
C ARG V 413 20.70 -56.88 -51.57
N SER V 414 20.74 -56.22 -50.42
CA SER V 414 19.75 -56.43 -49.37
C SER V 414 18.48 -55.66 -49.67
N ILE V 415 18.49 -54.87 -50.75
CA ILE V 415 17.33 -54.12 -51.19
C ILE V 415 17.42 -53.98 -52.71
N ASP V 416 16.27 -53.79 -53.34
CA ASP V 416 16.24 -53.65 -54.79
C ASP V 416 16.92 -52.36 -55.23
N ALA V 417 17.73 -52.46 -56.29
CA ALA V 417 18.39 -51.28 -56.82
C ALA V 417 17.41 -50.22 -57.28
N ASN V 418 16.14 -50.59 -57.44
CA ASN V 418 15.10 -49.64 -57.85
C ASN V 418 14.75 -48.62 -56.78
N LYS V 419 15.00 -48.91 -55.51
CA LYS V 419 14.54 -48.02 -54.44
C LYS V 419 15.34 -46.74 -54.36
N ASP V 420 14.69 -45.70 -53.82
CA ASP V 420 15.29 -44.40 -53.61
C ASP V 420 14.97 -43.96 -52.18
N PHE V 421 16.00 -43.55 -51.44
CA PHE V 421 15.83 -43.14 -50.05
C PHE V 421 15.59 -41.65 -49.87
N ASN V 422 15.83 -40.83 -50.88
CA ASN V 422 15.65 -39.39 -50.68
C ASN V 422 14.20 -38.98 -50.57
N THR V 423 13.24 -39.89 -50.75
CA THR V 423 11.84 -39.55 -50.56
C THR V 423 11.44 -39.50 -49.09
N VAL V 424 12.29 -40.00 -48.19
CA VAL V 424 11.95 -40.02 -46.78
C VAL V 424 11.71 -38.61 -46.25
N ARG V 425 10.63 -38.45 -45.48
CA ARG V 425 10.27 -37.20 -44.83
C ARG V 425 10.58 -37.34 -43.35
N TYR V 426 11.42 -36.45 -42.84
CA TYR V 426 11.76 -36.43 -41.41
C TYR V 426 10.85 -35.44 -40.70
N VAL V 427 10.06 -35.92 -39.73
CA VAL V 427 9.10 -35.11 -39.02
C VAL V 427 9.60 -34.86 -37.60
N TYR V 428 9.68 -33.60 -37.22
CA TYR V 428 10.19 -33.18 -35.92
C TYR V 428 9.07 -32.70 -35.01
N ASN V 429 9.13 -33.12 -33.75
CA ASN V 429 8.23 -32.63 -32.72
C ASN V 429 9.06 -32.05 -31.59
N ARG V 430 8.63 -30.94 -31.03
CA ARG V 430 9.33 -30.39 -29.89
C ARG V 430 8.92 -31.15 -28.64
N ASN V 431 9.76 -31.09 -27.61
CA ASN V 431 9.47 -31.81 -26.36
C ASN V 431 8.60 -31.00 -25.41
N LEU V 432 7.59 -30.30 -25.92
CA LEU V 432 6.72 -29.51 -25.06
C LEU V 432 5.88 -30.40 -24.14
N PRO V 433 5.48 -29.88 -22.98
CA PRO V 433 4.57 -30.64 -22.11
C PRO V 433 3.17 -30.74 -22.70
N LYS V 434 2.48 -31.82 -22.34
CA LYS V 434 1.21 -32.16 -22.97
C LYS V 434 0.23 -32.65 -21.91
N SER V 435 -1.05 -32.73 -22.29
CA SER V 435 -2.15 -33.01 -21.37
C SER V 435 -3.05 -34.08 -21.98
N LEU V 436 -2.77 -35.34 -21.67
CA LEU V 436 -3.50 -36.45 -22.28
C LEU V 436 -5.01 -36.36 -22.11
N ILE V 437 -5.50 -35.77 -21.02
CA ILE V 437 -6.95 -35.70 -20.86
C ILE V 437 -7.55 -34.72 -21.86
N GLU V 438 -6.92 -33.57 -22.05
CA GLU V 438 -7.45 -32.63 -23.02
C GLU V 438 -7.25 -33.15 -24.44
N GLU V 439 -6.18 -33.90 -24.68
CA GLU V 439 -6.00 -34.44 -26.02
C GLU V 439 -7.03 -35.53 -26.32
N LEU V 440 -7.32 -36.41 -25.36
CA LEU V 440 -8.40 -37.36 -25.58
C LEU V 440 -9.71 -36.65 -25.86
N LYS V 441 -10.05 -35.65 -25.06
CA LYS V 441 -11.33 -34.99 -25.28
C LYS V 441 -11.36 -34.32 -26.65
N ALA V 442 -10.23 -33.81 -27.12
CA ALA V 442 -10.18 -33.18 -28.43
C ALA V 442 -10.18 -34.19 -29.57
N TYR V 443 -9.74 -35.41 -29.31
CA TYR V 443 -9.73 -36.43 -30.35
C TYR V 443 -11.05 -37.14 -30.46
N ILE V 444 -11.73 -37.37 -29.35
CA ILE V 444 -12.99 -38.07 -29.43
C ILE V 444 -14.12 -37.11 -29.78
N ASP V 445 -14.11 -35.89 -29.25
CA ASP V 445 -14.90 -34.92 -29.97
C ASP V 445 -14.28 -34.78 -31.35
N SER V 446 -15.08 -34.35 -32.31
CA SER V 446 -14.61 -34.23 -33.68
C SER V 446 -14.39 -35.57 -34.37
N GLY V 447 -14.95 -36.66 -33.85
CA GLY V 447 -15.05 -37.91 -34.60
C GLY V 447 -13.96 -38.95 -34.47
N GLY V 448 -13.11 -38.90 -33.45
CA GLY V 448 -12.13 -39.97 -33.30
C GLY V 448 -12.74 -41.25 -32.78
N LYS V 449 -12.01 -42.35 -32.97
CA LYS V 449 -12.41 -43.67 -32.46
C LYS V 449 -11.23 -44.32 -31.75
N ILE V 450 -11.53 -45.09 -30.69
CA ILE V 450 -10.50 -45.85 -29.97
C ILE V 450 -11.02 -47.22 -29.59
N SER V 451 -10.19 -48.24 -29.79
CA SER V 451 -10.52 -49.59 -29.34
C SER V 451 -10.44 -49.67 -27.82
N GLN V 452 -11.34 -50.45 -27.23
CA GLN V 452 -11.43 -50.51 -25.77
C GLN V 452 -10.08 -50.82 -25.11
N THR V 453 -9.36 -51.82 -25.59
CA THR V 453 -8.10 -52.17 -24.94
C THR V 453 -7.10 -51.01 -25.03
N THR V 454 -7.11 -50.30 -26.15
CA THR V 454 -6.21 -49.17 -26.30
C THR V 454 -6.60 -48.05 -25.35
N LEU V 455 -7.88 -47.72 -25.30
CA LEU V 455 -8.34 -46.67 -24.40
C LEU V 455 -7.96 -46.99 -22.97
N MET V 456 -8.16 -48.25 -22.56
CA MET V 456 -7.81 -48.62 -21.19
C MET V 456 -6.32 -48.44 -20.94
N SER V 457 -5.48 -48.75 -21.93
CA SER V 457 -4.05 -48.66 -21.70
C SER V 457 -3.59 -47.24 -21.36
N LEU V 458 -4.39 -46.21 -21.65
CA LEU V 458 -3.98 -44.85 -21.35
C LEU V 458 -4.20 -44.44 -19.90
N PHE V 459 -5.06 -45.13 -19.17
CA PHE V 459 -5.40 -44.75 -17.80
C PHE V 459 -4.83 -45.78 -16.83
N SER V 460 -4.05 -45.31 -15.87
CA SER V 460 -3.32 -46.18 -14.96
C SER V 460 -4.13 -46.66 -13.77
N PHE V 461 -5.41 -46.34 -13.65
CA PHE V 461 -6.17 -46.91 -12.55
C PHE V 461 -6.64 -48.33 -12.85
N PHE V 462 -6.60 -48.76 -14.11
CA PHE V 462 -6.90 -50.14 -14.45
C PHE V 462 -5.72 -51.02 -14.07
N GLN V 463 -5.92 -51.88 -13.07
CA GLN V 463 -4.82 -52.72 -12.60
C GLN V 463 -4.45 -53.79 -13.60
N ASP V 464 -5.42 -54.29 -14.38
CA ASP V 464 -5.18 -55.30 -15.42
C ASP V 464 -5.92 -54.86 -16.68
N PRO V 465 -5.26 -54.11 -17.55
CA PRO V 465 -5.93 -53.56 -18.73
C PRO V 465 -6.51 -54.60 -19.65
N GLU V 466 -6.11 -55.86 -19.56
CA GLU V 466 -6.67 -56.89 -20.42
C GLU V 466 -7.72 -57.71 -19.70
N LEU V 467 -7.41 -58.14 -18.48
CA LEU V 467 -8.36 -58.91 -17.69
C LEU V 467 -9.68 -58.16 -17.54
N GLU V 468 -9.61 -56.84 -17.44
CA GLU V 468 -10.83 -56.05 -17.30
C GLU V 468 -11.84 -56.34 -18.41
N VAL V 469 -11.37 -56.68 -19.62
CA VAL V 469 -12.32 -56.94 -20.70
C VAL V 469 -13.13 -58.20 -20.42
N LYS V 470 -12.46 -59.27 -19.98
CA LYS V 470 -13.18 -60.48 -19.62
C LYS V 470 -14.15 -60.17 -18.49
N LYS V 471 -13.68 -59.41 -17.51
CA LYS V 471 -14.51 -59.08 -16.36
C LYS V 471 -15.71 -58.24 -16.77
N ILE V 472 -15.61 -57.51 -17.87
CA ILE V 472 -16.76 -56.77 -18.37
C ILE V 472 -17.71 -57.70 -19.11
N GLU V 473 -17.16 -58.63 -19.87
CA GLU V 473 -18.00 -59.60 -20.57
C GLU V 473 -18.86 -60.39 -19.60
N GLU V 474 -18.29 -60.77 -18.45
CA GLU V 474 -19.08 -61.51 -17.48
C GLU V 474 -20.30 -60.71 -17.01
N ASP V 475 -20.07 -59.44 -16.65
CA ASP V 475 -21.17 -58.58 -16.22
C ASP V 475 -22.19 -58.45 -17.34
N GLU V 476 -21.71 -58.13 -18.55
CA GLU V 476 -22.59 -57.96 -19.69
C GLU V 476 -23.34 -59.24 -20.03
N LYS V 477 -22.83 -60.38 -19.59
CA LYS V 477 -23.52 -61.65 -19.80
C LYS V 477 -24.61 -61.86 -18.77
N GLU V 478 -24.28 -61.71 -17.49
CA GLU V 478 -25.27 -61.91 -16.46
C GLU V 478 -26.34 -60.85 -16.50
N SER V 479 -26.08 -59.73 -17.17
CA SER V 479 -27.11 -58.71 -17.37
C SER V 479 -28.19 -59.17 -18.34
N ILE V 480 -27.93 -60.25 -19.09
CA ILE V 480 -28.91 -60.76 -20.04
C ILE V 480 -30.03 -61.55 -19.36
N LYS V 481 -29.80 -62.02 -18.14
CA LYS V 481 -30.74 -62.89 -17.44
C LYS V 481 -31.68 -62.09 -16.54
N MET W 1 60.33 -25.83 7.16
CA MET W 1 59.10 -25.51 6.37
C MET W 1 59.42 -24.54 5.25
N LEU W 2 60.60 -24.70 4.64
CA LEU W 2 60.83 -24.32 3.26
C LEU W 2 60.16 -25.37 2.38
N LYS W 3 59.22 -24.94 1.53
CA LYS W 3 58.21 -25.86 1.02
C LYS W 3 58.81 -27.10 0.37
N VAL W 4 59.94 -26.96 -0.32
CA VAL W 4 60.55 -28.12 -0.96
C VAL W 4 60.86 -29.25 0.01
N ASN W 5 61.00 -28.94 1.31
CA ASN W 5 61.25 -29.97 2.32
C ASN W 5 60.00 -30.68 2.83
N GLU W 6 58.82 -30.09 2.64
CA GLU W 6 57.66 -30.54 3.38
C GLU W 6 57.30 -31.99 3.08
N PHE W 7 57.75 -32.50 1.92
CA PHE W 7 57.62 -33.93 1.65
C PHE W 7 58.43 -34.74 2.64
N GLU W 8 59.74 -34.48 2.68
CA GLU W 8 60.63 -35.31 3.48
C GLU W 8 60.30 -35.18 4.95
N THR W 9 59.81 -34.03 5.37
CA THR W 9 59.41 -33.86 6.77
C THR W 9 57.96 -34.23 7.03
N ASP W 10 57.24 -34.74 6.02
CA ASP W 10 55.83 -35.08 6.20
C ASP W 10 55.05 -33.89 6.74
N THR W 11 55.49 -32.68 6.43
CA THR W 11 54.73 -31.49 6.79
C THR W 11 53.64 -31.18 5.77
N ASP W 12 53.74 -31.72 4.56
CA ASP W 12 52.91 -31.27 3.45
C ASP W 12 51.42 -31.37 3.78
N LEU W 13 50.65 -30.43 3.24
CA LEU W 13 49.41 -29.98 3.85
C LEU W 13 48.19 -30.86 3.57
N ARG W 14 48.31 -32.14 3.88
CA ARG W 14 47.18 -33.04 4.20
C ARG W 14 46.24 -33.23 3.01
N GLY W 15 44.92 -33.16 3.21
CA GLY W 15 43.91 -33.62 2.26
C GLY W 15 43.57 -32.77 1.05
N ASN W 16 44.44 -31.88 0.63
CA ASN W 16 44.11 -30.86 -0.35
C ASN W 16 43.95 -31.41 -1.81
N ILE W 17 43.99 -32.70 -2.11
CA ILE W 17 43.65 -33.15 -3.46
C ILE W 17 42.20 -32.77 -3.79
N ASN W 18 41.93 -32.55 -5.08
CA ASN W 18 40.61 -32.11 -5.52
C ASN W 18 39.58 -33.23 -5.46
N TYR W 19 39.97 -34.43 -5.86
CA TYR W 19 39.11 -35.59 -6.01
C TYR W 19 37.96 -35.48 -7.01
N LEU W 20 37.02 -34.54 -6.85
CA LEU W 20 35.86 -34.56 -7.73
C LEU W 20 36.25 -34.29 -9.18
N PHE W 21 36.97 -33.21 -9.44
CA PHE W 21 37.26 -32.78 -10.79
C PHE W 21 38.61 -33.22 -11.30
N ASN W 22 39.30 -34.10 -10.57
CA ASN W 22 40.58 -34.60 -11.04
C ASN W 22 40.39 -35.31 -12.37
N ASP W 23 41.47 -35.33 -13.17
CA ASP W 23 41.44 -35.99 -14.48
C ASP W 23 41.47 -37.50 -14.38
N GLU W 24 42.15 -38.05 -13.38
CA GLU W 24 42.23 -39.51 -13.30
C GLU W 24 40.93 -40.13 -12.85
N ALA W 25 40.19 -39.44 -11.99
CA ALA W 25 38.88 -39.94 -11.60
C ALA W 25 37.93 -39.92 -12.78
N ASN W 26 36.93 -40.80 -12.73
CA ASN W 26 35.83 -40.83 -13.69
C ASN W 26 36.25 -41.24 -15.10
N VAL W 27 37.50 -41.66 -15.29
CA VAL W 27 37.92 -42.18 -16.61
C VAL W 27 37.29 -43.54 -16.88
N VAL W 28 37.24 -43.91 -18.16
CA VAL W 28 36.77 -45.23 -18.59
C VAL W 28 37.98 -46.12 -18.82
N TYR W 29 38.03 -47.25 -18.13
CA TYR W 29 39.11 -48.22 -18.30
C TYR W 29 38.99 -48.99 -19.59
N THR W 30 40.06 -49.00 -20.38
CA THR W 30 40.12 -49.75 -21.63
C THR W 30 41.36 -50.63 -21.66
N TYR W 31 41.28 -51.68 -22.46
CA TYR W 31 42.37 -52.62 -22.64
C TYR W 31 42.50 -52.94 -24.13
N ASP W 32 43.75 -53.02 -24.59
CA ASP W 32 44.02 -53.26 -26.01
C ASP W 32 43.86 -54.71 -26.42
N GLY W 33 44.10 -55.65 -25.51
CA GLY W 33 44.10 -57.05 -25.87
C GLY W 33 42.74 -57.71 -25.74
N THR W 34 42.68 -58.96 -26.17
CA THR W 34 41.49 -59.74 -25.99
C THR W 34 41.35 -60.18 -24.54
N GLU W 35 40.20 -60.78 -24.24
CA GLU W 35 39.97 -61.32 -22.91
C GLU W 35 41.07 -62.30 -22.53
N SER W 36 41.49 -63.15 -23.48
CA SER W 36 42.58 -64.08 -23.18
C SER W 36 43.88 -63.34 -22.90
N ASP W 37 44.16 -62.29 -23.68
CA ASP W 37 45.38 -61.52 -23.46
C ASP W 37 45.38 -60.87 -22.10
N LEU W 38 44.21 -60.59 -21.56
CA LEU W 38 44.13 -60.03 -20.21
C LEU W 38 44.26 -61.12 -19.16
N LEU W 39 43.49 -62.19 -19.32
CA LEU W 39 43.43 -63.24 -18.32
C LEU W 39 44.77 -63.96 -18.17
N GLN W 40 45.56 -64.08 -19.24
CA GLN W 40 46.88 -64.70 -19.07
C GLN W 40 47.83 -63.83 -18.28
N ASN W 41 47.55 -62.53 -18.17
CA ASN W 41 48.44 -61.60 -17.47
C ASN W 41 47.69 -60.92 -16.33
N VAL W 42 47.17 -61.73 -15.41
CA VAL W 42 46.31 -61.24 -14.33
C VAL W 42 46.89 -60.02 -13.61
N ASN W 43 48.21 -59.87 -13.62
CA ASN W 43 48.81 -58.69 -13.00
C ASN W 43 48.20 -57.37 -13.50
N GLU W 44 47.84 -57.32 -14.79
CA GLU W 44 47.29 -56.08 -15.33
C GLU W 44 46.01 -55.71 -14.60
N VAL W 45 45.21 -56.71 -14.24
CA VAL W 45 44.02 -56.43 -13.46
C VAL W 45 44.43 -55.82 -12.13
N SER W 46 45.57 -56.24 -11.59
CA SER W 46 46.05 -55.62 -10.36
C SER W 46 46.31 -54.14 -10.58
N LYS W 47 46.91 -53.77 -11.72
CA LYS W 47 47.08 -52.34 -11.99
C LYS W 47 45.74 -51.61 -12.03
N TYR W 48 44.77 -52.14 -12.76
CA TYR W 48 43.46 -51.47 -12.77
C TYR W 48 42.86 -51.34 -11.39
N ILE W 49 42.93 -52.39 -10.57
CA ILE W 49 42.42 -52.29 -9.21
C ILE W 49 43.13 -51.19 -8.44
N GLU W 50 44.46 -51.16 -8.50
CA GLU W 50 45.20 -50.10 -7.82
C GLU W 50 44.77 -48.72 -8.27
N HIS W 51 44.73 -48.49 -9.58
CA HIS W 51 44.28 -47.21 -10.10
C HIS W 51 42.90 -46.84 -9.59
N HIS W 52 41.97 -47.79 -9.62
CA HIS W 52 40.64 -47.50 -9.11
C HIS W 52 40.68 -47.05 -7.65
N MET W 53 41.34 -47.84 -6.79
CA MET W 53 41.47 -47.48 -5.39
C MET W 53 42.08 -46.11 -5.20
N ASP W 54 43.12 -45.77 -5.95
CA ASP W 54 43.80 -44.52 -5.69
C ASP W 54 43.08 -43.30 -6.26
N TYR W 55 42.32 -43.44 -7.34
CA TYR W 55 41.76 -42.25 -7.96
C TYR W 55 40.25 -42.24 -8.08
N GLN W 56 39.63 -43.32 -8.53
CA GLN W 56 38.18 -43.28 -8.65
C GLN W 56 37.47 -43.41 -7.31
N ARG W 57 37.84 -44.39 -6.49
CA ARG W 57 37.12 -44.55 -5.23
C ARG W 57 37.01 -43.28 -4.40
N PRO W 58 38.07 -42.57 -4.08
CA PRO W 58 37.90 -41.31 -3.34
C PRO W 58 36.79 -40.40 -3.82
N ARG W 59 36.67 -40.14 -5.12
CA ARG W 59 35.55 -39.35 -5.62
C ARG W 59 34.22 -39.94 -5.17
N LEU W 60 34.00 -41.22 -5.47
CA LEU W 60 32.74 -41.85 -5.10
C LEU W 60 32.48 -41.77 -3.61
N LYS W 61 33.50 -42.03 -2.80
CA LYS W 61 33.37 -41.90 -1.36
C LYS W 61 32.88 -40.53 -0.96
N VAL W 62 33.54 -39.47 -1.45
CA VAL W 62 33.07 -38.11 -1.15
C VAL W 62 31.59 -37.96 -1.48
N LEU W 63 31.21 -38.31 -2.72
CA LEU W 63 29.80 -38.24 -3.10
C LEU W 63 28.91 -38.97 -2.11
N SER W 64 29.28 -40.19 -1.74
CA SER W 64 28.45 -40.95 -0.83
C SER W 64 28.33 -40.26 0.53
N ASP W 65 29.43 -39.75 1.06
CA ASP W 65 29.33 -39.08 2.35
C ASP W 65 28.41 -37.88 2.27
N TYR W 66 28.42 -37.16 1.15
CA TYR W 66 27.45 -36.09 1.01
C TYR W 66 26.03 -36.62 0.98
N TYR W 67 25.81 -37.76 0.32
CA TYR W 67 24.45 -38.28 0.37
C TYR W 67 24.07 -38.65 1.79
N GLU W 68 25.01 -39.12 2.59
CA GLU W 68 24.71 -39.41 3.98
C GLU W 68 24.77 -38.18 4.87
N GLY W 69 24.92 -37.00 4.29
CA GLY W 69 24.91 -35.76 5.04
C GLY W 69 26.17 -35.47 5.84
N LYS W 70 27.19 -36.31 5.75
CA LYS W 70 28.45 -36.10 6.45
C LYS W 70 29.31 -35.06 5.74
N THR W 71 28.76 -33.89 5.43
CA THR W 71 29.49 -32.91 4.65
C THR W 71 30.80 -32.52 5.33
N LYS W 72 31.69 -31.95 4.52
CA LYS W 72 32.99 -31.48 4.98
C LYS W 72 32.91 -30.64 6.26
N ASN W 73 31.85 -29.86 6.41
CA ASN W 73 31.74 -29.02 7.60
C ASN W 73 31.67 -29.81 8.90
N LEU W 74 31.11 -31.03 8.89
CA LEU W 74 31.11 -31.83 10.12
C LEU W 74 32.50 -32.32 10.48
N VAL W 75 33.19 -32.95 9.53
CA VAL W 75 34.48 -33.55 9.83
C VAL W 75 35.55 -32.49 10.06
N GLU W 76 35.68 -31.52 9.15
CA GLU W 76 36.75 -30.53 9.29
C GLU W 76 36.70 -29.78 10.60
N LEU W 77 35.52 -29.32 11.04
CA LEU W 77 35.45 -28.62 12.32
C LEU W 77 35.85 -29.47 13.52
N THR W 78 36.17 -30.75 13.33
CA THR W 78 36.79 -31.49 14.42
C THR W 78 38.04 -30.75 14.89
N ARG W 79 38.70 -30.06 13.97
CA ARG W 79 39.88 -29.24 14.22
C ARG W 79 39.54 -27.81 14.68
N ARG W 80 38.26 -27.53 14.94
CA ARG W 80 37.82 -26.21 15.42
C ARG W 80 38.48 -25.86 16.75
N LYS W 81 38.39 -24.57 17.11
CA LYS W 81 38.83 -24.06 18.41
C LYS W 81 37.95 -24.62 19.52
N GLU W 82 38.29 -25.84 19.94
CA GLU W 82 37.57 -26.57 20.97
C GLU W 82 37.82 -26.03 22.38
N GLU W 83 37.74 -24.72 22.56
CA GLU W 83 37.93 -24.13 23.87
C GLU W 83 36.61 -24.22 24.64
N TYR W 84 36.41 -23.36 25.64
CA TYR W 84 35.16 -23.37 26.40
C TYR W 84 33.98 -22.85 25.58
N MET W 85 34.12 -22.79 24.25
CA MET W 85 33.10 -22.32 23.34
C MET W 85 32.17 -23.45 22.90
N ALA W 86 31.05 -23.07 22.29
CA ALA W 86 30.09 -24.01 21.73
C ALA W 86 30.59 -24.63 20.42
N ASP W 87 30.03 -25.80 20.08
CA ASP W 87 30.47 -26.55 18.90
C ASP W 87 29.99 -25.92 17.59
N ASN W 88 28.67 -25.81 17.41
CA ASN W 88 28.06 -25.26 16.19
C ASN W 88 28.44 -26.00 14.91
N ARG W 89 28.49 -27.33 14.97
CA ARG W 89 28.61 -28.15 13.77
C ARG W 89 27.29 -28.20 13.00
N VAL W 90 27.31 -27.95 11.69
CA VAL W 90 26.09 -27.93 10.88
C VAL W 90 26.28 -28.62 9.54
N ALA W 91 25.24 -29.33 9.09
CA ALA W 91 25.22 -30.00 7.78
C ALA W 91 23.79 -29.95 7.23
N HIS W 92 23.62 -29.40 6.02
CA HIS W 92 22.28 -29.18 5.46
C HIS W 92 21.66 -30.31 4.63
N ASP W 93 22.35 -31.39 4.27
CA ASP W 93 21.70 -32.54 3.61
C ASP W 93 21.07 -32.22 2.23
N TYR W 94 21.44 -31.11 1.59
CA TYR W 94 20.89 -30.82 0.27
C TYR W 94 21.08 -31.99 -0.69
N ALA W 95 22.21 -32.68 -0.60
CA ALA W 95 22.49 -33.77 -1.53
C ALA W 95 21.43 -34.85 -1.48
N SER W 96 20.93 -35.12 -0.28
CA SER W 96 19.90 -36.15 -0.18
C SER W 96 18.58 -35.63 -0.68
N TYR W 97 18.22 -34.41 -0.29
CA TYR W 97 16.98 -33.84 -0.80
C TYR W 97 16.92 -33.93 -2.33
N ILE W 98 18.00 -33.52 -2.98
CA ILE W 98 18.07 -33.53 -4.45
C ILE W 98 17.96 -34.95 -5.00
N SER W 99 18.84 -35.84 -4.54
CA SER W 99 18.86 -37.17 -5.14
C SER W 99 17.54 -37.89 -4.95
N ASP W 100 16.92 -37.76 -3.78
CA ASP W 100 15.65 -38.44 -3.58
C ASP W 100 14.60 -37.87 -4.51
N PHE W 101 14.58 -36.56 -4.70
CA PHE W 101 13.55 -35.98 -5.54
C PHE W 101 13.71 -36.44 -6.99
N ILE W 102 14.91 -36.29 -7.54
CA ILE W 102 15.12 -36.63 -8.95
C ILE W 102 14.90 -38.11 -9.21
N ASN W 103 15.36 -38.97 -8.31
CA ASN W 103 15.18 -40.40 -8.54
C ASN W 103 13.71 -40.77 -8.46
N GLY W 104 13.00 -40.28 -7.45
CA GLY W 104 11.60 -40.60 -7.36
C GLY W 104 10.85 -40.15 -8.59
N TYR W 105 11.20 -38.97 -9.11
CA TYR W 105 10.53 -38.49 -10.31
C TYR W 105 10.77 -39.41 -11.49
N PHE W 106 11.97 -39.95 -11.61
CA PHE W 106 12.26 -40.77 -12.78
C PHE W 106 11.69 -42.18 -12.67
N LEU W 107 11.89 -42.85 -11.54
CA LEU W 107 11.51 -44.25 -11.40
C LEU W 107 10.49 -44.52 -10.31
N GLY W 108 9.86 -43.49 -9.76
CA GLY W 108 8.85 -43.78 -8.76
C GLY W 108 7.70 -44.58 -9.33
N ASN W 109 7.50 -44.54 -10.64
CA ASN W 109 6.40 -45.26 -11.28
C ASN W 109 6.99 -46.40 -12.10
N PRO W 110 6.64 -47.65 -11.82
CA PRO W 110 7.33 -48.78 -12.46
C PRO W 110 7.34 -48.73 -13.98
N ILE W 111 8.45 -49.18 -14.57
CA ILE W 111 8.56 -49.34 -16.01
C ILE W 111 7.63 -50.46 -16.47
N GLN W 112 6.85 -50.19 -17.51
CA GLN W 112 5.96 -51.19 -18.09
C GLN W 112 6.60 -51.82 -19.31
N TYR W 113 6.18 -53.03 -19.64
CA TYR W 113 6.75 -53.79 -20.74
C TYR W 113 5.67 -54.16 -21.74
N GLN W 114 5.97 -54.01 -23.03
CA GLN W 114 5.08 -54.47 -24.07
C GLN W 114 5.86 -55.34 -25.04
N ASP W 115 5.19 -56.35 -25.57
CA ASP W 115 5.79 -57.12 -26.65
C ASP W 115 4.68 -57.75 -27.48
N ASP W 116 5.03 -58.06 -28.73
CA ASP W 116 4.08 -58.72 -29.61
C ASP W 116 4.01 -60.21 -29.38
N ASP W 117 5.03 -60.82 -28.78
CA ASP W 117 5.04 -62.26 -28.51
C ASP W 117 4.84 -62.50 -27.01
N LYS W 118 3.75 -63.19 -26.69
CA LYS W 118 3.41 -63.43 -25.30
C LYS W 118 4.34 -64.40 -24.62
N ASP W 119 5.03 -65.27 -25.36
CA ASP W 119 5.94 -66.20 -24.70
C ASP W 119 7.11 -65.44 -24.10
N VAL W 120 7.68 -64.52 -24.87
CA VAL W 120 8.77 -63.70 -24.36
C VAL W 120 8.26 -62.78 -23.28
N LEU W 121 7.11 -62.14 -23.52
CA LEU W 121 6.60 -61.23 -22.51
C LEU W 121 6.38 -61.92 -21.18
N GLU W 122 5.82 -63.13 -21.17
CA GLU W 122 5.60 -63.80 -19.90
C GLU W 122 6.89 -64.34 -19.30
N ALA W 123 7.89 -64.65 -20.11
CA ALA W 123 9.15 -65.08 -19.50
C ALA W 123 9.82 -63.90 -18.82
N ILE W 124 9.73 -62.73 -19.44
CA ILE W 124 10.23 -61.50 -18.83
C ILE W 124 9.48 -61.22 -17.54
N GLU W 125 8.15 -61.27 -17.59
CA GLU W 125 7.37 -60.99 -16.39
C GLU W 125 7.69 -61.95 -15.27
N ALA W 126 7.94 -63.22 -15.60
CA ALA W 126 8.29 -64.18 -14.56
C ALA W 126 9.61 -63.79 -13.91
N PHE W 127 10.60 -63.46 -14.74
CA PHE W 127 11.89 -63.06 -14.18
C PHE W 127 11.77 -61.79 -13.34
N ASN W 128 10.98 -60.82 -13.81
CA ASN W 128 10.82 -59.58 -13.07
C ASN W 128 10.17 -59.83 -11.73
N ASP W 129 9.14 -60.66 -11.69
CA ASP W 129 8.47 -60.93 -10.44
C ASP W 129 9.39 -61.67 -9.48
N LEU W 130 10.11 -62.67 -9.98
CA LEU W 130 11.04 -63.40 -9.12
C LEU W 130 12.09 -62.48 -8.52
N ASN W 131 12.67 -61.58 -9.33
CA ASN W 131 13.73 -60.71 -8.84
C ASN W 131 13.25 -59.39 -8.25
N ASP W 132 11.94 -59.17 -8.16
CA ASP W 132 11.41 -57.92 -7.63
C ASP W 132 12.06 -56.73 -8.33
N VAL W 133 12.10 -56.82 -9.65
CA VAL W 133 12.82 -55.84 -10.47
C VAL W 133 12.36 -54.41 -10.23
N GLU W 134 11.11 -54.20 -9.79
CA GLU W 134 10.69 -52.82 -9.52
C GLU W 134 11.60 -52.15 -8.49
N SER W 135 11.78 -52.78 -7.33
CA SER W 135 12.64 -52.20 -6.31
C SER W 135 14.06 -52.11 -6.80
N HIS W 136 14.51 -53.12 -7.54
CA HIS W 136 15.86 -53.10 -8.07
C HIS W 136 16.07 -51.88 -8.95
N ASN W 137 15.16 -51.66 -9.90
CA ASN W 137 15.27 -50.51 -10.78
C ASN W 137 15.33 -49.21 -9.99
N ARG W 138 14.47 -49.06 -8.98
CA ARG W 138 14.53 -47.83 -8.20
C ARG W 138 15.89 -47.66 -7.53
N SER W 139 16.45 -48.74 -7.01
CA SER W 139 17.75 -48.59 -6.35
C SER W 139 18.83 -48.23 -7.35
N LEU W 140 18.75 -48.78 -8.57
CA LEU W 140 19.72 -48.40 -9.58
C LEU W 140 19.58 -46.93 -9.92
N GLY W 141 18.35 -46.46 -10.07
CA GLY W 141 18.15 -45.05 -10.34
C GLY W 141 18.75 -44.17 -9.26
N LEU W 142 18.67 -44.63 -8.01
CA LEU W 142 19.26 -43.83 -6.93
C LEU W 142 20.78 -43.80 -7.01
N ASP W 143 21.40 -44.94 -7.33
CA ASP W 143 22.85 -44.90 -7.52
C ASP W 143 23.22 -44.03 -8.71
N LEU W 144 22.44 -44.08 -9.78
CA LEU W 144 22.69 -43.20 -10.91
C LEU W 144 22.67 -41.75 -10.47
N SER W 145 21.74 -41.41 -9.58
CA SER W 145 21.62 -40.03 -9.16
C SER W 145 22.79 -39.59 -8.29
N ILE W 146 23.21 -40.41 -7.32
CA ILE W 146 24.28 -39.94 -6.44
C ILE W 146 25.66 -40.15 -7.06
N TYR W 147 26.00 -41.36 -7.48
CA TYR W 147 27.34 -41.60 -8.00
C TYR W 147 27.48 -41.28 -9.48
N GLY W 148 26.39 -41.26 -10.22
CA GLY W 148 26.46 -41.05 -11.64
C GLY W 148 26.59 -42.32 -12.44
N LYS W 149 26.87 -43.44 -11.80
CA LYS W 149 26.96 -44.72 -12.50
C LYS W 149 26.53 -45.80 -11.53
N ALA W 150 26.05 -46.92 -12.08
CA ALA W 150 25.59 -48.02 -11.25
C ALA W 150 25.85 -49.33 -11.95
N TYR W 151 25.95 -50.41 -11.20
CA TYR W 151 26.28 -51.71 -11.78
C TYR W 151 25.31 -52.78 -11.29
N GLU W 152 24.97 -53.72 -12.18
CA GLU W 152 24.15 -54.86 -11.78
C GLU W 152 24.79 -56.16 -12.21
N LEU W 153 24.72 -57.16 -11.34
CA LEU W 153 25.29 -58.48 -11.55
C LEU W 153 24.19 -59.52 -11.66
N MET W 154 24.27 -60.38 -12.67
CA MET W 154 23.30 -61.44 -12.88
C MET W 154 23.97 -62.79 -12.75
N ILE W 155 23.41 -63.68 -11.92
CA ILE W 155 24.03 -64.98 -11.66
C ILE W 155 22.97 -66.07 -11.63
N ARG W 156 23.33 -67.25 -12.14
CA ARG W 156 22.50 -68.43 -12.00
C ARG W 156 22.77 -69.02 -10.63
N ASN W 157 21.77 -68.96 -9.76
CA ASN W 157 21.86 -69.32 -8.35
C ASN W 157 22.03 -70.82 -8.16
N GLN W 158 22.40 -71.18 -6.93
CA GLN W 158 22.55 -72.58 -6.57
C GLN W 158 21.22 -73.31 -6.66
N ASP W 159 20.14 -72.63 -6.29
CA ASP W 159 18.79 -73.19 -6.40
C ASP W 159 18.28 -73.23 -7.82
N ASP W 160 19.15 -72.98 -8.80
CA ASP W 160 18.79 -73.06 -10.20
C ASP W 160 17.72 -72.02 -10.58
N GLU W 161 18.06 -70.75 -10.34
CA GLU W 161 17.21 -69.61 -10.68
C GLU W 161 18.10 -68.48 -11.17
N THR W 162 17.58 -67.66 -12.08
CA THR W 162 18.33 -66.51 -12.58
C THR W 162 18.08 -65.33 -11.64
N ARG W 163 19.13 -64.88 -10.95
CA ARG W 163 19.00 -63.81 -9.97
C ARG W 163 19.76 -62.58 -10.42
N LEU W 164 19.22 -61.42 -10.04
CA LEU W 164 19.75 -60.11 -10.39
C LEU W 164 19.99 -59.30 -9.12
N TYR W 165 21.23 -58.84 -8.91
CA TYR W 165 21.60 -58.12 -7.71
C TYR W 165 22.39 -56.86 -8.05
N LYS W 166 22.15 -55.77 -7.33
CA LYS W 166 22.93 -54.56 -7.55
C LYS W 166 24.31 -54.71 -6.92
N SER W 167 25.32 -54.16 -7.59
CA SER W 167 26.71 -54.19 -7.12
C SER W 167 27.15 -52.76 -6.81
N ASP W 168 27.72 -52.56 -5.62
CA ASP W 168 28.02 -51.22 -5.19
C ASP W 168 29.05 -50.57 -6.10
N ALA W 169 28.88 -49.27 -6.36
CA ALA W 169 29.77 -48.56 -7.26
C ALA W 169 31.17 -48.41 -6.69
N MET W 170 31.30 -48.21 -5.38
CA MET W 170 32.62 -48.12 -4.78
C MET W 170 33.45 -49.39 -4.91
N SER W 171 32.85 -50.51 -5.29
CA SER W 171 33.56 -51.78 -5.31
C SER W 171 33.52 -52.49 -6.66
N THR W 172 32.99 -51.88 -7.71
CA THR W 172 32.83 -52.57 -8.98
C THR W 172 33.31 -51.69 -10.12
N PHE W 173 33.94 -52.31 -11.12
CA PHE W 173 34.23 -51.56 -12.34
C PHE W 173 34.41 -52.51 -13.49
N ILE W 174 34.38 -51.96 -14.71
CA ILE W 174 34.46 -52.76 -15.92
C ILE W 174 35.60 -52.27 -16.79
N ILE W 175 36.31 -53.22 -17.41
CA ILE W 175 37.40 -52.96 -18.32
C ILE W 175 36.88 -53.27 -19.71
N TYR W 176 36.89 -52.26 -20.59
CA TYR W 176 36.31 -52.35 -21.93
C TYR W 176 37.33 -52.56 -23.03
N ASP W 177 36.85 -53.20 -24.09
CA ASP W 177 37.60 -53.31 -25.35
C ASP W 177 37.99 -51.93 -25.83
N ASN W 178 39.21 -51.79 -26.36
CA ASN W 178 39.65 -50.48 -26.81
C ASN W 178 39.00 -50.00 -28.09
N THR W 179 38.30 -50.85 -28.83
CA THR W 179 37.72 -50.41 -30.10
C THR W 179 36.56 -49.43 -29.88
N VAL W 180 36.18 -48.76 -30.97
CA VAL W 180 35.09 -47.78 -30.94
C VAL W 180 33.79 -48.41 -30.50
N GLU W 181 33.66 -49.72 -30.63
CA GLU W 181 32.45 -50.42 -30.20
C GLU W 181 32.37 -50.54 -28.68
N ARG W 182 33.51 -50.50 -28.01
CA ARG W 182 33.63 -50.67 -26.55
C ARG W 182 32.76 -51.78 -25.98
N ASN W 183 33.05 -53.00 -26.41
CA ASN W 183 32.49 -54.15 -25.71
C ASN W 183 33.15 -54.22 -24.34
N SER W 184 32.43 -54.76 -23.35
CA SER W 184 33.02 -54.95 -22.03
C SER W 184 33.82 -56.24 -22.01
N ILE W 185 35.13 -56.13 -21.73
CA ILE W 185 35.98 -57.31 -21.70
C ILE W 185 35.84 -58.05 -20.38
N ALA W 186 36.05 -57.36 -19.25
CA ALA W 186 35.96 -58.05 -17.97
C ALA W 186 35.53 -57.09 -16.88
N GLY W 187 34.83 -57.61 -15.88
CA GLY W 187 34.38 -56.81 -14.76
C GLY W 187 35.01 -57.30 -13.47
N VAL W 188 35.23 -56.40 -12.53
CA VAL W 188 35.77 -56.81 -11.24
C VAL W 188 34.99 -56.22 -10.10
N ARG W 189 34.92 -57.00 -9.02
CA ARG W 189 34.33 -56.61 -7.74
C ARG W 189 35.37 -56.91 -6.68
N TYR W 190 35.56 -56.00 -5.74
CA TYR W 190 36.49 -56.30 -4.65
C TYR W 190 36.01 -55.67 -3.36
N LEU W 191 35.98 -56.48 -2.30
CA LEU W 191 35.45 -56.04 -1.00
C LEU W 191 36.49 -56.21 0.09
N ARG W 192 36.61 -55.19 0.94
CA ARG W 192 37.40 -55.28 2.16
C ARG W 192 36.69 -56.20 3.15
N THR W 193 37.26 -57.36 3.43
CA THR W 193 36.90 -58.07 4.65
C THR W 193 37.56 -57.38 5.84
N LYS W 194 36.85 -57.30 6.96
CA LYS W 194 37.46 -56.91 8.23
C LYS W 194 36.73 -57.61 9.36
N PRO W 195 37.44 -57.93 10.44
CA PRO W 195 36.73 -58.35 11.66
C PRO W 195 36.00 -57.16 12.26
N ILE W 196 35.03 -57.47 13.13
CA ILE W 196 34.36 -56.38 13.82
C ILE W 196 35.19 -55.86 14.98
N ASP W 197 35.98 -56.72 15.63
CA ASP W 197 36.60 -56.36 16.90
C ASP W 197 37.96 -55.69 16.76
N LYS W 198 38.51 -55.62 15.56
CA LYS W 198 39.84 -55.03 15.35
C LYS W 198 39.83 -54.25 14.04
N THR W 199 40.84 -53.41 13.85
CA THR W 199 41.27 -53.05 12.50
C THR W 199 42.33 -54.03 12.05
N ASP W 200 41.99 -54.87 11.09
CA ASP W 200 42.97 -55.67 10.36
C ASP W 200 43.98 -54.76 9.66
N GLU W 201 45.26 -54.84 10.06
CA GLU W 201 46.23 -53.88 9.54
C GLU W 201 46.41 -54.02 8.03
N ASP W 202 46.41 -55.25 7.51
CA ASP W 202 46.75 -55.40 6.10
C ASP W 202 45.65 -54.90 5.19
N GLU W 203 44.43 -54.77 5.69
CA GLU W 203 43.28 -54.38 4.87
C GLU W 203 43.11 -55.37 3.70
N VAL W 204 42.70 -56.58 4.10
CA VAL W 204 42.52 -57.69 3.18
C VAL W 204 41.33 -57.44 2.26
N PHE W 205 41.55 -57.58 0.95
CA PHE W 205 40.50 -57.49 -0.06
C PHE W 205 40.25 -58.81 -0.78
N THR W 206 38.99 -59.21 -0.87
CA THR W 206 38.56 -60.36 -1.66
C THR W 206 38.09 -59.89 -3.03
N VAL W 207 38.73 -60.44 -4.09
CA VAL W 207 38.62 -59.95 -5.46
C VAL W 207 37.95 -61.00 -6.33
N ASP W 208 36.89 -60.61 -7.03
CA ASP W 208 36.22 -61.44 -8.02
C ASP W 208 36.37 -60.82 -9.39
N LEU W 209 36.87 -61.59 -10.35
CA LEU W 209 37.08 -61.15 -11.73
C LEU W 209 36.15 -61.93 -12.65
N PHE W 210 35.26 -61.22 -13.34
CA PHE W 210 34.24 -61.82 -14.20
C PHE W 210 34.64 -61.69 -15.66
N THR W 211 34.71 -62.82 -16.34
CA THR W 211 34.98 -62.90 -17.77
C THR W 211 33.70 -63.32 -18.49
N SER W 212 33.78 -63.41 -19.81
CA SER W 212 32.64 -63.87 -20.58
C SER W 212 32.37 -65.37 -20.42
N HIS W 213 33.27 -66.11 -19.79
CA HIS W 213 33.11 -67.55 -19.64
C HIS W 213 33.12 -68.04 -18.19
N GLY W 214 33.42 -67.19 -17.21
CA GLY W 214 33.43 -67.67 -15.84
C GLY W 214 33.87 -66.59 -14.87
N VAL W 215 33.82 -66.94 -13.60
CA VAL W 215 34.27 -66.09 -12.50
C VAL W 215 35.56 -66.66 -11.93
N TYR W 216 36.55 -65.80 -11.74
CA TYR W 216 37.81 -66.14 -11.11
C TYR W 216 37.86 -65.47 -9.75
N ARG W 217 38.23 -66.19 -8.70
CA ARG W 217 38.30 -65.61 -7.37
C ARG W 217 39.74 -65.54 -6.85
N TYR W 218 40.09 -64.41 -6.26
CA TYR W 218 41.42 -64.17 -5.73
C TYR W 218 41.35 -63.48 -4.37
N LEU W 219 42.47 -63.56 -3.67
CA LEU W 219 42.66 -62.91 -2.38
C LEU W 219 43.88 -61.99 -2.43
N THR W 220 43.76 -60.85 -1.77
CA THR W 220 44.78 -59.81 -1.76
C THR W 220 44.70 -59.04 -0.44
N ASN W 221 45.62 -58.11 -0.26
CA ASN W 221 45.50 -57.06 0.73
C ASN W 221 46.26 -55.85 0.24
N ARG W 222 45.98 -54.68 0.80
CA ARG W 222 46.58 -53.49 0.22
C ARG W 222 48.11 -53.48 0.37
N THR W 223 48.62 -53.79 1.55
CA THR W 223 50.04 -53.59 1.82
C THR W 223 50.94 -54.55 1.04
N ASN W 224 50.47 -55.73 0.68
CA ASN W 224 51.27 -56.61 -0.17
C ASN W 224 51.29 -56.15 -1.62
N GLY W 225 50.88 -54.90 -1.87
CA GLY W 225 50.75 -54.38 -3.22
C GLY W 225 49.72 -55.06 -4.09
N LEU W 226 48.69 -55.64 -3.49
CA LEU W 226 47.58 -56.25 -4.24
C LEU W 226 48.02 -57.39 -5.14
N LYS W 227 49.01 -58.18 -4.71
CA LYS W 227 49.39 -59.36 -5.48
C LYS W 227 48.23 -60.35 -5.46
N LEU W 228 47.63 -60.61 -6.62
CA LEU W 228 46.49 -61.53 -6.72
C LEU W 228 46.92 -62.97 -6.54
N THR W 229 46.45 -63.62 -5.47
CA THR W 229 46.69 -65.04 -5.29
C THR W 229 45.37 -65.80 -5.45
N PRO W 230 45.26 -66.74 -6.39
CA PRO W 230 43.99 -67.43 -6.57
C PRO W 230 43.51 -68.05 -5.27
N ARG W 231 42.23 -67.87 -4.99
CA ARG W 231 41.60 -68.54 -3.88
C ARG W 231 41.38 -70.02 -4.20
N GLU W 232 41.35 -70.84 -3.15
CA GLU W 232 41.04 -72.25 -3.34
C GLU W 232 39.71 -72.40 -4.04
N ASN W 233 39.68 -73.24 -5.08
CA ASN W 233 38.53 -73.34 -5.97
C ASN W 233 38.25 -71.97 -6.59
N SER W 234 39.29 -71.47 -7.23
CA SER W 234 39.28 -70.14 -7.83
C SER W 234 38.25 -69.99 -8.93
N PHE W 235 38.24 -70.90 -9.89
CA PHE W 235 37.38 -70.76 -11.06
C PHE W 235 35.99 -71.32 -10.85
N GLU W 236 35.02 -70.68 -11.50
CA GLU W 236 33.62 -71.11 -11.46
C GLU W 236 32.95 -70.75 -12.78
N SER W 237 32.53 -71.74 -13.55
CA SER W 237 31.91 -71.47 -14.83
C SER W 237 30.50 -70.89 -14.69
N HIS W 238 30.14 -70.04 -15.65
CA HIS W 238 28.80 -69.48 -15.76
C HIS W 238 28.32 -69.67 -17.19
N SER W 239 27.01 -69.86 -17.34
CA SER W 239 26.42 -70.27 -18.61
C SER W 239 26.03 -69.11 -19.52
N PHE W 240 26.31 -67.86 -19.17
CA PHE W 240 26.09 -66.80 -20.14
C PHE W 240 27.19 -66.87 -21.18
N GLU W 241 27.10 -66.01 -22.20
CA GLU W 241 28.13 -65.97 -23.22
C GLU W 241 28.74 -64.58 -23.35
N ARG W 242 28.57 -63.75 -22.32
CA ARG W 242 29.11 -62.41 -22.26
C ARG W 242 29.26 -62.05 -20.80
N MET W 243 30.08 -61.04 -20.52
CA MET W 243 30.38 -60.69 -19.15
C MET W 243 29.09 -60.33 -18.41
N PRO W 244 28.81 -60.94 -17.25
CA PRO W 244 27.50 -60.76 -16.62
C PRO W 244 27.23 -59.37 -16.05
N ILE W 245 28.23 -58.60 -15.68
CA ILE W 245 27.95 -57.30 -15.08
C ILE W 245 27.57 -56.30 -16.15
N THR W 246 26.58 -55.46 -15.85
CA THR W 246 26.17 -54.39 -16.73
C THR W 246 26.32 -53.06 -16.00
N GLU W 247 26.70 -52.03 -16.74
CA GLU W 247 26.87 -50.69 -16.18
C GLU W 247 25.84 -49.73 -16.76
N PHE W 248 25.31 -48.88 -15.90
CA PHE W 248 24.35 -47.85 -16.26
C PHE W 248 24.97 -46.50 -15.95
N SER W 249 24.62 -45.49 -16.76
CA SER W 249 25.21 -44.16 -16.68
C SER W 249 24.13 -43.10 -16.53
N ASN W 250 24.41 -42.11 -15.70
CA ASN W 250 23.48 -41.00 -15.52
C ASN W 250 23.44 -40.10 -16.73
N ASN W 251 24.55 -39.94 -17.42
CA ASN W 251 24.61 -39.16 -18.64
C ASN W 251 25.91 -39.51 -19.35
N GLU W 252 26.11 -38.91 -20.52
CA GLU W 252 27.31 -39.20 -21.30
C GLU W 252 28.57 -39.13 -20.45
N ARG W 253 28.67 -38.13 -19.58
CA ARG W 253 29.86 -37.93 -18.75
C ARG W 253 29.85 -38.75 -17.47
N ARG W 254 28.78 -39.48 -17.18
CA ARG W 254 28.64 -40.25 -15.93
C ARG W 254 28.87 -39.40 -14.69
N LYS W 255 28.48 -38.14 -14.74
CA LYS W 255 28.55 -37.24 -13.59
C LYS W 255 27.25 -37.26 -12.78
N GLY W 256 27.41 -37.18 -11.46
CA GLY W 256 26.28 -37.24 -10.56
C GLY W 256 25.41 -36.00 -10.67
N ASP W 257 24.31 -36.02 -9.93
CA ASP W 257 23.34 -34.94 -10.02
C ASP W 257 23.73 -33.72 -9.21
N TYR W 258 24.19 -33.90 -7.98
CA TYR W 258 24.63 -32.77 -7.17
C TYR W 258 26.14 -32.59 -7.20
N GLU W 259 26.86 -33.42 -7.94
CA GLU W 259 28.30 -33.30 -8.01
C GLU W 259 28.75 -31.87 -8.28
N LYS W 260 28.02 -31.16 -9.12
CA LYS W 260 28.43 -29.83 -9.54
C LYS W 260 28.01 -28.70 -8.60
N VAL W 261 27.33 -28.99 -7.49
CA VAL W 261 26.93 -27.94 -6.56
C VAL W 261 27.45 -28.19 -5.15
N ILE W 262 28.30 -29.18 -4.97
CA ILE W 262 28.88 -29.43 -3.66
C ILE W 262 29.54 -28.18 -3.08
N THR W 263 30.24 -27.40 -3.90
CA THR W 263 30.85 -26.19 -3.37
C THR W 263 29.80 -25.22 -2.85
N LEU W 264 28.65 -25.12 -3.52
CA LEU W 264 27.61 -24.25 -2.99
C LEU W 264 27.06 -24.78 -1.68
N ILE W 265 26.92 -26.10 -1.56
CA ILE W 265 26.43 -26.64 -0.30
C ILE W 265 27.41 -26.34 0.82
N ASP W 266 28.70 -26.53 0.56
CA ASP W 266 29.73 -26.16 1.53
C ASP W 266 29.63 -24.70 1.96
N LEU W 267 29.52 -23.79 0.98
CA LEU W 267 29.37 -22.38 1.33
C LEU W 267 28.16 -22.14 2.22
N TYR W 268 27.05 -22.82 1.94
CA TYR W 268 25.88 -22.59 2.78
C TYR W 268 26.13 -23.11 4.19
N ASP W 269 26.82 -24.24 4.31
CA ASP W 269 27.17 -24.75 5.64
C ASP W 269 28.00 -23.75 6.40
N ASN W 270 29.05 -23.23 5.76
CA ASN W 270 29.93 -22.29 6.43
C ASN W 270 29.17 -21.04 6.85
N ALA W 271 28.33 -20.49 5.98
CA ALA W 271 27.60 -19.29 6.32
C ALA W 271 26.69 -19.52 7.52
N GLU W 272 25.93 -20.61 7.50
CA GLU W 272 25.01 -20.85 8.61
C GLU W 272 25.75 -21.09 9.92
N SER W 273 26.84 -21.86 9.89
CA SER W 273 27.57 -22.04 11.15
C SER W 273 28.28 -20.76 11.59
N ASP W 274 28.55 -19.83 10.66
CA ASP W 274 29.09 -18.54 11.07
C ASP W 274 28.05 -17.73 11.82
N THR W 275 26.83 -17.69 11.29
CA THR W 275 25.79 -17.01 12.06
C THR W 275 25.54 -17.70 13.39
N ALA W 276 25.66 -19.03 13.43
CA ALA W 276 25.48 -19.73 14.69
C ALA W 276 26.53 -19.31 15.71
N ASN W 277 27.78 -19.15 15.26
CA ASN W 277 28.83 -18.68 16.16
C ASN W 277 28.55 -17.27 16.64
N TYR W 278 28.16 -16.38 15.72
CA TYR W 278 27.78 -15.04 16.13
C TYR W 278 26.69 -15.05 17.19
N MET W 279 25.71 -15.94 17.05
CA MET W 279 24.65 -16.01 18.04
C MET W 279 25.18 -16.50 19.38
N SER W 280 25.96 -17.57 19.35
CA SER W 280 26.47 -18.17 20.59
C SER W 280 27.41 -17.24 21.36
N ASP W 281 28.33 -16.58 20.68
CA ASP W 281 29.45 -15.96 21.40
C ASP W 281 29.28 -14.51 21.84
N LEU W 282 28.35 -13.75 21.30
CA LEU W 282 28.16 -12.38 21.75
C LEU W 282 26.93 -12.24 22.63
N ASN W 283 27.04 -11.39 23.64
CA ASN W 283 25.91 -11.12 24.51
C ASN W 283 24.86 -10.30 23.77
N ASP W 284 23.60 -10.67 23.93
CA ASP W 284 22.54 -9.99 23.18
C ASP W 284 22.50 -8.50 23.51
N ALA W 285 22.52 -8.17 24.79
CA ALA W 285 22.49 -6.77 25.19
C ALA W 285 23.07 -6.66 26.59
N MET W 286 23.50 -5.44 26.92
CA MET W 286 24.04 -5.19 28.24
C MET W 286 23.71 -3.77 28.67
N LEU W 287 23.61 -3.58 29.96
CA LEU W 287 23.48 -2.25 30.55
C LEU W 287 24.89 -1.69 30.74
N LEU W 288 25.26 -0.71 29.94
CA LEU W 288 26.56 -0.07 30.02
C LEU W 288 26.49 1.09 30.99
N ILE W 289 27.41 1.15 31.94
CA ILE W 289 27.52 2.24 32.89
C ILE W 289 28.94 2.79 32.81
N LYS W 290 29.06 4.10 32.64
CA LYS W 290 30.35 4.77 32.55
C LYS W 290 30.58 5.67 33.75
N GLY W 291 31.79 6.21 33.82
CA GLY W 291 32.15 7.19 34.82
C GLY W 291 32.65 6.60 36.12
N ASN W 292 33.39 7.42 36.86
CA ASN W 292 33.94 7.03 38.15
C ASN W 292 32.82 6.84 39.15
N LEU W 293 32.66 5.62 39.66
CA LEU W 293 31.51 5.32 40.50
C LEU W 293 31.83 4.10 41.35
N ASN W 294 31.03 3.90 42.39
CA ASN W 294 31.14 2.71 43.23
C ASN W 294 29.94 1.83 42.92
N LEU W 295 30.19 0.65 42.37
CA LEU W 295 29.14 -0.33 42.17
C LEU W 295 29.40 -1.51 43.08
N ASP W 296 28.46 -1.78 43.94
CA ASP W 296 28.57 -2.91 44.83
C ASP W 296 28.11 -4.15 44.07
N PRO W 297 28.96 -5.16 43.89
CA PRO W 297 28.53 -6.35 43.15
C PRO W 297 27.40 -7.07 43.83
N VAL W 298 27.10 -6.72 45.08
CA VAL W 298 25.92 -7.25 45.73
C VAL W 298 24.70 -6.47 45.29
N GLU W 299 24.86 -5.17 45.05
CA GLU W 299 23.75 -4.34 44.62
C GLU W 299 23.41 -4.58 43.15
N VAL W 300 24.41 -4.84 42.33
CA VAL W 300 24.14 -5.11 40.92
C VAL W 300 23.14 -6.25 40.75
N ARG W 301 23.02 -7.15 41.72
CA ARG W 301 22.06 -8.23 41.57
C ARG W 301 20.62 -7.72 41.53
N LYS W 302 20.37 -6.52 42.02
CA LYS W 302 19.04 -5.94 41.93
C LYS W 302 18.70 -5.43 40.54
N GLN W 303 19.66 -5.48 39.61
CA GLN W 303 19.45 -4.89 38.29
C GLN W 303 18.15 -5.37 37.63
N LYS W 304 17.81 -6.65 37.79
CA LYS W 304 16.59 -7.14 37.15
C LYS W 304 15.31 -6.61 37.76
N GLU W 305 15.34 -6.11 38.99
CA GLU W 305 14.11 -5.72 39.67
C GLU W 305 14.08 -4.27 40.10
N ALA W 306 15.12 -3.49 39.82
CA ALA W 306 15.09 -2.07 40.15
C ALA W 306 14.32 -1.30 39.09
N ASN W 307 13.67 -0.22 39.53
CA ASN W 307 12.97 0.69 38.64
C ASN W 307 13.76 1.95 38.31
N VAL W 308 14.42 2.54 39.29
CA VAL W 308 15.19 3.77 39.11
C VAL W 308 16.66 3.45 39.18
N LEU W 309 17.44 3.98 38.25
CA LEU W 309 18.89 3.91 38.28
C LEU W 309 19.40 5.31 38.56
N PHE W 310 20.06 5.49 39.69
CA PHE W 310 20.56 6.79 40.11
C PHE W 310 22.08 6.79 40.07
N LEU W 311 22.65 7.68 39.26
CA LEU W 311 24.09 7.82 39.13
C LEU W 311 24.49 9.16 39.73
N GLU W 312 25.29 9.12 40.79
CA GLU W 312 25.73 10.35 41.43
C GLU W 312 27.19 10.57 41.08
N PRO W 313 27.52 11.63 40.35
CA PRO W 313 28.89 11.78 39.86
C PRO W 313 29.86 12.18 40.95
N THR W 314 31.10 11.70 40.82
CA THR W 314 32.15 12.09 41.73
C THR W 314 32.44 13.58 41.60
N VAL W 315 32.60 14.24 42.75
CA VAL W 315 32.94 15.65 42.79
C VAL W 315 34.44 15.75 43.09
N TYR W 316 35.18 16.41 42.22
CA TYR W 316 36.61 16.58 42.40
C TYR W 316 36.88 17.93 43.05
N VAL W 317 37.75 17.95 44.04
CA VAL W 317 38.10 19.16 44.77
C VAL W 317 39.51 19.57 44.36
N ASP W 318 39.65 20.82 43.95
CA ASP W 318 40.93 21.37 43.55
C ASP W 318 41.69 21.85 44.78
N ALA W 319 43.01 21.86 44.70
CA ALA W 319 43.79 22.29 45.86
C ALA W 319 43.49 23.72 46.22
N GLU W 320 43.14 24.55 45.23
CA GLU W 320 42.76 25.93 45.48
C GLU W 320 41.29 26.09 45.82
N GLY W 321 40.58 24.99 46.08
CA GLY W 321 39.21 25.01 46.53
C GLY W 321 38.13 24.89 45.47
N ARG W 322 38.48 24.86 44.19
CA ARG W 322 37.47 24.73 43.16
C ARG W 322 36.83 23.34 43.22
N GLU W 323 35.60 23.25 42.72
CA GLU W 323 34.89 21.97 42.69
C GLU W 323 34.35 21.71 41.29
N THR W 324 34.44 20.46 40.85
CA THR W 324 34.02 20.06 39.52
C THR W 324 33.54 18.61 39.55
N GLU W 325 32.64 18.27 38.63
CA GLU W 325 31.97 16.98 38.61
C GLU W 325 32.48 16.05 37.51
N GLY W 326 32.60 14.77 37.85
CA GLY W 326 32.89 13.75 36.86
C GLY W 326 31.71 13.49 35.96
N SER W 327 32.00 12.90 34.79
CA SER W 327 30.98 12.62 33.77
C SER W 327 30.47 11.19 33.89
N VAL W 328 29.30 11.03 34.51
CA VAL W 328 28.62 9.73 34.57
C VAL W 328 27.75 9.57 33.34
N ASP W 329 27.50 8.32 32.95
CA ASP W 329 26.57 8.05 31.85
C ASP W 329 26.07 6.62 31.95
N GLY W 330 24.92 6.36 31.34
CA GLY W 330 24.35 5.02 31.39
C GLY W 330 23.35 4.73 30.29
N GLY W 331 23.34 3.51 29.76
CA GLY W 331 22.38 3.16 28.73
C GLY W 331 22.59 1.73 28.27
N TYR W 332 21.55 1.19 27.64
CA TYR W 332 21.66 -0.16 27.10
C TYR W 332 22.33 -0.16 25.74
N ILE W 333 23.09 -1.22 25.48
CA ILE W 333 23.71 -1.47 24.19
C ILE W 333 23.33 -2.87 23.76
N TYR W 334 23.19 -3.07 22.45
CA TYR W 334 22.77 -4.38 21.94
C TYR W 334 23.53 -4.74 20.68
N LYS W 335 23.82 -6.03 20.54
CA LYS W 335 24.55 -6.54 19.38
C LYS W 335 23.68 -6.55 18.14
N GLN W 336 24.33 -6.48 16.98
CA GLN W 336 23.65 -6.42 15.70
C GLN W 336 24.56 -6.99 14.63
N TYR W 337 23.95 -7.46 13.53
CA TYR W 337 24.72 -7.92 12.38
C TYR W 337 24.01 -7.54 11.10
N ASP W 338 24.74 -7.63 9.98
CA ASP W 338 24.22 -7.24 8.66
C ASP W 338 23.19 -8.26 8.18
N VAL W 339 21.97 -8.14 8.69
CA VAL W 339 20.91 -9.08 8.31
C VAL W 339 20.60 -8.97 6.83
N GLN W 340 20.53 -7.75 6.30
CA GLN W 340 20.19 -7.60 4.89
C GLN W 340 21.16 -8.36 4.01
N GLY W 341 22.46 -8.10 4.19
CA GLY W 341 23.44 -8.69 3.30
C GLY W 341 23.61 -10.18 3.51
N THR W 342 23.49 -10.65 4.75
CA THR W 342 23.67 -12.08 4.92
C THR W 342 22.45 -12.85 4.43
N GLU W 343 21.25 -12.33 4.63
CA GLU W 343 20.11 -13.07 4.13
C GLU W 343 20.04 -13.01 2.62
N ALA W 344 20.43 -11.90 2.00
CA ALA W 344 20.47 -11.90 0.55
C ALA W 344 21.50 -12.88 0.02
N TYR W 345 22.59 -13.07 0.75
CA TYR W 345 23.61 -14.01 0.29
C TYR W 345 23.16 -15.45 0.44
N LYS W 346 22.62 -15.80 1.60
CA LYS W 346 22.17 -17.18 1.79
C LYS W 346 20.98 -17.49 0.90
N ASP W 347 20.13 -16.51 0.62
CA ASP W 347 19.03 -16.75 -0.32
C ASP W 347 19.57 -16.99 -1.71
N ARG W 348 20.65 -16.31 -2.10
CA ARG W 348 21.20 -16.55 -3.41
C ARG W 348 21.80 -17.94 -3.49
N LEU W 349 22.50 -18.38 -2.45
CA LEU W 349 23.05 -19.73 -2.48
C LEU W 349 21.94 -20.77 -2.63
N ASN W 350 20.88 -20.64 -1.83
CA ASN W 350 19.79 -21.60 -1.93
C ASN W 350 19.16 -21.60 -3.32
N SER W 351 18.92 -20.42 -3.87
CA SER W 351 18.30 -20.35 -5.18
C SER W 351 19.18 -21.00 -6.22
N ASP W 352 20.48 -20.76 -6.17
CA ASP W 352 21.36 -21.32 -7.18
C ASP W 352 21.47 -22.84 -7.06
N ILE W 353 21.49 -23.35 -5.83
CA ILE W 353 21.52 -24.80 -5.65
C ILE W 353 20.30 -25.44 -6.28
N HIS W 354 19.14 -24.81 -6.15
CA HIS W 354 17.97 -25.39 -6.80
C HIS W 354 17.97 -25.19 -8.30
N MET W 355 18.40 -24.02 -8.78
CA MET W 355 18.38 -23.77 -10.21
C MET W 355 19.28 -24.75 -10.96
N PHE W 356 20.51 -24.93 -10.51
CA PHE W 356 21.41 -25.80 -11.26
C PHE W 356 21.05 -27.27 -11.16
N THR W 357 20.07 -27.63 -10.34
CA THR W 357 19.63 -29.01 -10.27
C THR W 357 18.17 -29.14 -10.71
N ASN W 358 17.61 -28.07 -11.30
CA ASN W 358 16.24 -28.10 -11.81
C ASN W 358 15.25 -28.57 -10.76
N THR W 359 15.54 -28.30 -9.51
CA THR W 359 14.65 -28.76 -8.46
C THR W 359 13.76 -27.61 -8.00
N PRO W 360 12.48 -27.83 -7.70
CA PRO W 360 11.60 -26.71 -7.36
C PRO W 360 12.04 -26.01 -6.08
N ASN W 361 12.22 -24.71 -6.17
CA ASN W 361 12.66 -23.87 -5.05
C ASN W 361 11.46 -23.63 -4.14
N MET W 362 11.32 -24.49 -3.13
CA MET W 362 10.15 -24.42 -2.26
C MET W 362 9.99 -23.07 -1.57
N LYS W 363 11.08 -22.36 -1.32
CA LYS W 363 10.95 -21.10 -0.60
C LYS W 363 10.32 -20.00 -1.45
N ASP W 364 10.41 -20.08 -2.77
CA ASP W 364 9.88 -19.06 -3.68
C ASP W 364 8.90 -19.73 -4.63
N ASP W 365 7.77 -20.18 -4.11
CA ASP W 365 6.87 -21.05 -4.84
C ASP W 365 5.42 -20.59 -4.68
N ASN W 366 4.64 -20.81 -5.75
CA ASN W 366 3.26 -20.36 -5.82
C ASN W 366 2.45 -21.42 -6.57
N PHE W 367 1.15 -21.50 -6.28
CA PHE W 367 0.30 -22.53 -6.84
C PHE W 367 -0.89 -21.95 -7.59
N SER W 368 -1.30 -22.67 -8.63
CA SER W 368 -2.34 -22.24 -9.57
C SER W 368 -3.49 -23.24 -9.56
N GLY W 369 -4.70 -22.74 -9.29
CA GLY W 369 -5.89 -23.57 -9.41
C GLY W 369 -5.85 -24.81 -8.55
N THR W 370 -6.22 -25.95 -9.13
CA THR W 370 -6.11 -27.23 -8.46
C THR W 370 -5.55 -28.35 -9.34
N GLN W 371 -5.23 -28.09 -10.61
CA GLN W 371 -4.73 -29.13 -11.51
C GLN W 371 -3.22 -29.31 -11.33
N SER W 372 -2.90 -29.95 -10.20
CA SER W 372 -1.53 -30.00 -9.70
C SER W 372 -0.59 -30.56 -10.75
N GLY W 373 -1.02 -31.60 -11.47
CA GLY W 373 -0.14 -32.17 -12.48
C GLY W 373 0.20 -31.19 -13.57
N GLU W 374 -0.70 -30.27 -13.86
CA GLU W 374 -0.47 -29.34 -14.96
C GLU W 374 0.37 -28.17 -14.52
N ALA W 375 0.32 -27.81 -13.24
CA ALA W 375 1.35 -26.91 -12.72
C ALA W 375 2.71 -27.59 -12.68
N MET W 376 2.75 -28.85 -12.27
CA MET W 376 4.01 -29.57 -12.14
C MET W 376 4.71 -29.75 -13.48
N LYS W 377 3.98 -30.16 -14.51
CA LYS W 377 4.64 -30.34 -15.81
C LYS W 377 5.26 -29.04 -16.31
N TYR W 378 4.74 -27.88 -15.90
CA TYR W 378 5.45 -26.64 -16.20
C TYR W 378 6.69 -26.47 -15.34
N LYS W 379 6.55 -26.64 -14.02
CA LYS W 379 7.68 -26.34 -13.14
C LYS W 379 8.84 -27.32 -13.31
N LEU W 380 8.55 -28.57 -13.62
CA LEU W 380 9.57 -29.58 -13.83
C LEU W 380 10.00 -29.69 -15.28
N PHE W 381 9.67 -28.71 -16.12
CA PHE W 381 10.07 -28.79 -17.52
C PHE W 381 11.59 -28.92 -17.66
N GLY W 382 12.35 -28.19 -16.85
CA GLY W 382 13.79 -28.30 -16.97
C GLY W 382 14.29 -29.66 -16.57
N LEU W 383 13.71 -30.22 -15.51
CA LEU W 383 14.13 -31.54 -15.05
C LEU W 383 13.75 -32.62 -16.05
N GLU W 384 12.64 -32.46 -16.75
CA GLU W 384 12.25 -33.44 -17.76
C GLU W 384 13.29 -33.57 -18.87
N GLN W 385 13.89 -32.46 -19.29
CA GLN W 385 14.87 -32.54 -20.37
C GLN W 385 16.02 -33.48 -20.05
N ARG W 386 16.54 -33.42 -18.82
CA ARG W 386 17.62 -34.33 -18.44
C ARG W 386 17.12 -35.76 -18.28
N THR W 387 15.95 -35.92 -17.67
CA THR W 387 15.43 -37.25 -17.45
C THR W 387 15.22 -37.99 -18.76
N LYS W 388 14.89 -37.30 -19.84
CA LYS W 388 14.70 -38.01 -21.10
C LYS W 388 15.99 -38.62 -21.64
N THR W 389 17.13 -37.98 -21.38
CA THR W 389 18.40 -38.57 -21.77
C THR W 389 18.71 -39.74 -20.86
N LYS W 390 18.51 -39.54 -19.56
CA LYS W 390 18.73 -40.65 -18.65
C LYS W 390 17.88 -41.84 -19.05
N GLU W 391 16.65 -41.59 -19.49
CA GLU W 391 15.76 -42.66 -19.93
C GLU W 391 16.33 -43.38 -21.14
N GLY W 392 16.97 -42.65 -22.03
CA GLY W 392 17.58 -43.30 -23.17
C GLY W 392 18.68 -44.25 -22.74
N LEU W 393 19.59 -43.77 -21.90
CA LEU W 393 20.68 -44.62 -21.46
C LEU W 393 20.17 -45.80 -20.62
N PHE W 394 19.14 -45.58 -19.82
CA PHE W 394 18.60 -46.67 -19.02
C PHE W 394 18.06 -47.77 -19.91
N THR W 395 17.32 -47.40 -20.96
CA THR W 395 16.85 -48.44 -21.86
C THR W 395 18.04 -49.13 -22.52
N LYS W 396 19.09 -48.37 -22.84
CA LYS W 396 20.26 -49.00 -23.43
C LYS W 396 20.80 -50.08 -22.52
N GLY W 397 20.67 -49.91 -21.21
CA GLY W 397 21.12 -50.94 -20.28
C GLY W 397 20.16 -52.11 -20.15
N LEU W 398 18.87 -51.80 -20.07
CA LEU W 398 17.89 -52.86 -19.97
C LEU W 398 17.96 -53.80 -21.15
N ARG W 399 18.28 -53.29 -22.35
CA ARG W 399 18.37 -54.20 -23.49
C ARG W 399 19.46 -55.24 -23.27
N ARG W 400 20.57 -54.85 -22.64
CA ARG W 400 21.59 -55.84 -22.34
C ARG W 400 21.11 -56.82 -21.28
N ARG W 401 20.40 -56.32 -20.28
CA ARG W 401 19.83 -57.23 -19.29
C ARG W 401 18.97 -58.30 -19.96
N ALA W 402 18.16 -57.88 -20.93
CA ALA W 402 17.32 -58.83 -21.65
C ALA W 402 18.15 -59.79 -22.50
N LYS W 403 19.20 -59.28 -23.14
CA LYS W 403 20.04 -60.15 -23.95
C LYS W 403 20.65 -61.26 -23.10
N LEU W 404 21.08 -60.93 -21.89
CA LEU W 404 21.59 -61.95 -20.98
C LEU W 404 20.50 -62.93 -20.60
N LEU W 405 19.33 -62.43 -20.25
CA LEU W 405 18.28 -63.33 -19.80
C LEU W 405 17.91 -64.31 -20.90
N GLU W 406 17.77 -63.84 -22.15
CA GLU W 406 17.44 -64.78 -23.20
C GLU W 406 18.54 -65.80 -23.38
N THR W 407 19.78 -65.40 -23.19
CA THR W 407 20.87 -66.35 -23.42
C THR W 407 20.81 -67.47 -22.40
N ILE W 408 20.60 -67.12 -21.13
CA ILE W 408 20.55 -68.18 -20.12
C ILE W 408 19.31 -69.04 -20.28
N LEU W 409 18.17 -68.43 -20.67
CA LEU W 409 16.98 -69.24 -20.89
C LEU W 409 17.18 -70.23 -22.02
N LYS W 410 17.83 -69.81 -23.09
CA LYS W 410 18.06 -70.73 -24.20
C LYS W 410 19.07 -71.81 -23.81
N ASN W 411 20.12 -71.44 -23.10
CA ASN W 411 21.10 -72.45 -22.72
C ASN W 411 20.51 -73.46 -21.75
N THR W 412 19.48 -73.08 -20.99
CA THR W 412 18.77 -74.06 -20.16
C THR W 412 17.58 -74.65 -20.89
N ARG W 413 17.33 -74.25 -22.13
CA ARG W 413 16.20 -74.74 -22.92
C ARG W 413 14.88 -74.55 -22.20
N SER W 414 14.78 -73.48 -21.41
CA SER W 414 13.51 -73.12 -20.79
C SER W 414 12.62 -72.36 -21.73
N ILE W 415 13.12 -72.03 -22.93
CA ILE W 415 12.35 -71.32 -23.95
C ILE W 415 12.85 -71.77 -25.31
N ASP W 416 12.02 -71.61 -26.33
CA ASP W 416 12.42 -72.01 -27.67
C ASP W 416 13.56 -71.15 -28.18
N ALA W 417 14.54 -71.80 -28.81
CA ALA W 417 15.67 -71.08 -29.37
C ALA W 417 15.27 -70.10 -30.46
N ASN W 418 14.03 -70.21 -30.96
CA ASN W 418 13.52 -69.31 -31.99
C ASN W 418 13.24 -67.90 -31.49
N LYS W 419 13.01 -67.70 -30.20
CA LYS W 419 12.57 -66.40 -29.70
C LYS W 419 13.66 -65.35 -29.77
N ASP W 420 13.22 -64.09 -29.83
CA ASP W 420 14.08 -62.90 -29.85
C ASP W 420 13.53 -61.90 -28.85
N PHE W 421 14.40 -61.41 -27.96
CA PHE W 421 13.99 -60.47 -26.93
C PHE W 421 14.15 -59.00 -27.32
N ASN W 422 14.85 -58.69 -28.40
CA ASN W 422 15.04 -57.28 -28.73
C ASN W 422 13.77 -56.59 -29.20
N THR W 423 12.66 -57.31 -29.36
CA THR W 423 11.40 -56.68 -29.75
C THR W 423 10.68 -56.01 -28.60
N VAL W 424 11.06 -56.29 -27.35
CA VAL W 424 10.38 -55.71 -26.20
C VAL W 424 10.44 -54.19 -26.24
N ARG W 425 9.31 -53.55 -25.94
CA ARG W 425 9.20 -52.10 -25.83
C ARG W 425 9.09 -51.72 -24.37
N TYR W 426 10.02 -50.89 -23.91
CA TYR W 426 10.03 -50.41 -22.52
C TYR W 426 9.29 -49.08 -22.45
N VAL W 427 8.21 -49.03 -21.68
CA VAL W 427 7.36 -47.85 -21.58
C VAL W 427 7.58 -47.21 -20.22
N TYR W 428 7.92 -45.93 -20.21
CA TYR W 428 8.22 -45.16 -19.01
C TYR W 428 7.10 -44.18 -18.73
N ASN W 429 6.68 -44.08 -17.47
CA ASN W 429 5.73 -43.07 -17.02
C ASN W 429 6.35 -42.26 -15.90
N ARG W 430 6.12 -40.96 -15.90
CA ARG W 430 6.67 -40.13 -14.83
C ARG W 430 5.81 -40.27 -13.59
N ASN W 431 6.42 -39.96 -12.44
CA ASN W 431 5.72 -40.06 -11.16
C ASN W 431 4.96 -38.80 -10.82
N LEU W 432 4.33 -38.17 -11.81
CA LEU W 432 3.53 -36.98 -11.55
C LEU W 432 2.28 -37.30 -10.75
N PRO W 433 1.75 -36.33 -10.00
CA PRO W 433 0.50 -36.55 -9.28
C PRO W 433 -0.68 -36.62 -10.23
N LYS W 434 -1.68 -37.41 -9.85
CA LYS W 434 -2.81 -37.70 -10.72
C LYS W 434 -4.09 -37.64 -9.91
N SER W 435 -5.22 -37.55 -10.63
CA SER W 435 -6.51 -37.24 -10.05
C SER W 435 -7.53 -38.27 -10.56
N LEU W 436 -7.77 -39.30 -9.76
CA LEU W 436 -8.64 -40.38 -10.18
C LEU W 436 -10.04 -39.93 -10.53
N ILE W 437 -10.57 -38.90 -9.87
CA ILE W 437 -11.91 -38.44 -10.20
C ILE W 437 -11.95 -37.86 -11.60
N GLU W 438 -10.98 -37.03 -11.94
CA GLU W 438 -10.93 -36.45 -13.27
C GLU W 438 -10.64 -37.52 -14.31
N GLU W 439 -9.78 -38.48 -14.00
CA GLU W 439 -9.49 -39.51 -14.98
C GLU W 439 -10.68 -40.44 -15.20
N LEU W 440 -11.43 -40.77 -14.15
CA LEU W 440 -12.66 -41.52 -14.38
C LEU W 440 -13.60 -40.74 -15.28
N LYS W 441 -13.77 -39.45 -15.02
CA LYS W 441 -14.69 -38.70 -15.87
C LYS W 441 -14.20 -38.65 -17.30
N ALA W 442 -12.88 -38.60 -17.50
CA ALA W 442 -12.31 -38.56 -18.85
C ALA W 442 -12.36 -39.91 -19.55
N TYR W 443 -12.35 -41.00 -18.80
CA TYR W 443 -12.42 -42.32 -19.41
C TYR W 443 -13.84 -42.76 -19.69
N ILE W 444 -14.78 -42.42 -18.82
CA ILE W 444 -16.14 -42.85 -19.05
C ILE W 444 -16.83 -41.92 -20.02
N ASP W 445 -16.60 -40.62 -19.94
CA ASP W 445 -16.91 -39.86 -21.12
C ASP W 445 -16.01 -40.39 -22.21
N SER W 446 -16.40 -40.20 -23.46
CA SER W 446 -15.61 -40.72 -24.57
C SER W 446 -15.69 -42.24 -24.70
N GLY W 447 -16.69 -42.88 -24.09
CA GLY W 447 -17.01 -44.26 -24.42
C GLY W 447 -16.35 -45.38 -23.64
N GLY W 448 -15.75 -45.12 -22.49
CA GLY W 448 -15.17 -46.20 -21.72
C GLY W 448 -16.22 -47.05 -21.03
N LYS W 449 -15.82 -48.27 -20.66
CA LYS W 449 -16.66 -49.20 -19.90
C LYS W 449 -15.90 -49.73 -18.70
N ILE W 450 -16.61 -49.95 -17.58
CA ILE W 450 -16.02 -50.51 -16.39
C ILE W 450 -16.97 -51.53 -15.77
N SER W 451 -16.41 -52.65 -15.32
CA SER W 451 -17.20 -53.64 -14.59
C SER W 451 -17.55 -53.10 -13.21
N GLN W 452 -18.75 -53.43 -12.74
CA GLN W 452 -19.22 -52.93 -11.45
C GLN W 452 -18.21 -53.21 -10.33
N THR W 453 -17.70 -54.43 -10.26
CA THR W 453 -16.78 -54.75 -9.18
C THR W 453 -15.51 -53.89 -9.25
N THR W 454 -15.04 -53.61 -10.45
CA THR W 454 -13.85 -52.77 -10.57
C THR W 454 -14.15 -51.34 -10.14
N LEU W 455 -15.25 -50.80 -10.65
CA LEU W 455 -15.60 -49.43 -10.31
C LEU W 455 -15.74 -49.29 -8.81
N MET W 456 -16.39 -50.27 -8.16
CA MET W 456 -16.49 -50.21 -6.71
C MET W 456 -15.12 -50.28 -6.07
N SER W 457 -14.22 -51.08 -6.63
CA SER W 457 -12.90 -51.20 -6.03
C SER W 457 -12.13 -49.90 -6.08
N LEU W 458 -12.52 -48.97 -6.96
CA LEU W 458 -11.75 -47.72 -7.01
C LEU W 458 -12.11 -46.73 -5.90
N PHE W 459 -13.27 -46.85 -5.27
CA PHE W 459 -13.72 -45.89 -4.27
C PHE W 459 -13.67 -46.52 -2.89
N SER W 460 -13.00 -45.83 -1.96
CA SER W 460 -12.77 -46.38 -0.63
C SER W 460 -13.92 -46.20 0.34
N PHE W 461 -15.06 -45.64 -0.05
CA PHE W 461 -16.17 -45.61 0.89
C PHE W 461 -16.92 -46.94 0.95
N PHE W 462 -16.72 -47.82 -0.03
CA PHE W 462 -17.29 -49.16 0.01
C PHE W 462 -16.50 -50.04 0.97
N GLN W 463 -17.14 -50.41 2.08
CA GLN W 463 -16.47 -51.24 3.08
C GLN W 463 -16.31 -52.68 2.61
N ASP W 464 -17.22 -53.18 1.78
CA ASP W 464 -17.14 -54.54 1.23
C ASP W 464 -17.41 -54.47 -0.27
N PRO W 465 -16.35 -54.29 -1.08
CA PRO W 465 -16.56 -54.11 -2.52
C PRO W 465 -17.25 -55.26 -3.21
N GLU W 466 -17.28 -56.44 -2.61
CA GLU W 466 -17.99 -57.56 -3.23
C GLU W 466 -19.34 -57.81 -2.60
N LEU W 467 -19.42 -57.79 -1.27
CA LEU W 467 -20.71 -57.98 -0.61
C LEU W 467 -21.72 -56.98 -1.13
N GLU W 468 -21.27 -55.76 -1.44
CA GLU W 468 -22.20 -54.78 -1.97
C GLU W 468 -22.95 -55.31 -3.19
N VAL W 469 -22.32 -56.16 -4.01
CA VAL W 469 -23.02 -56.65 -5.19
C VAL W 469 -24.21 -57.51 -4.79
N LYS W 470 -24.01 -58.40 -3.81
CA LYS W 470 -25.12 -59.21 -3.32
C LYS W 470 -26.21 -58.30 -2.75
N LYS W 471 -25.79 -57.30 -1.98
CA LYS W 471 -26.75 -56.40 -1.35
C LYS W 471 -27.52 -55.60 -2.39
N ILE W 472 -26.93 -55.35 -3.55
CA ILE W 472 -27.66 -54.67 -4.62
C ILE W 472 -28.62 -55.64 -5.29
N GLU W 473 -28.20 -56.88 -5.47
CA GLU W 473 -29.10 -57.87 -6.06
C GLU W 473 -30.34 -58.06 -5.20
N GLU W 474 -30.19 -58.05 -3.88
CA GLU W 474 -31.38 -58.19 -3.03
C GLU W 474 -32.39 -57.09 -3.30
N ASP W 475 -31.93 -55.84 -3.31
CA ASP W 475 -32.81 -54.72 -3.59
C ASP W 475 -33.42 -54.85 -4.98
N GLU W 476 -32.58 -55.09 -5.98
CA GLU W 476 -33.04 -55.19 -7.36
C GLU W 476 -34.00 -56.36 -7.56
N LYS W 477 -33.94 -57.38 -6.71
CA LYS W 477 -34.88 -58.48 -6.82
C LYS W 477 -36.21 -58.16 -6.16
N GLU W 478 -36.16 -57.65 -4.93
CA GLU W 478 -37.41 -57.31 -4.26
C GLU W 478 -38.10 -56.15 -4.96
N SER W 479 -37.39 -55.41 -5.80
CA SER W 479 -38.03 -54.37 -6.59
C SER W 479 -38.93 -54.97 -7.65
N ILE W 480 -38.80 -56.26 -7.94
CA ILE W 480 -39.64 -56.90 -8.94
C ILE W 480 -41.02 -57.20 -8.40
N LYS W 481 -41.17 -57.26 -7.09
CA LYS W 481 -42.43 -57.64 -6.45
C LYS W 481 -43.27 -56.44 -6.05
N ASN X 16 26.36 -35.82 20.28
CA ASN X 16 25.47 -36.13 19.11
C ASN X 16 26.29 -36.58 17.92
N ILE X 17 26.97 -35.63 17.27
CA ILE X 17 27.72 -35.89 16.05
C ILE X 17 28.56 -37.15 16.19
N ASN X 18 29.31 -37.24 17.28
CA ASN X 18 30.21 -38.36 17.49
C ASN X 18 29.50 -39.70 17.61
N TYR X 19 28.19 -39.71 17.77
CA TYR X 19 27.43 -40.96 17.82
C TYR X 19 26.60 -41.20 16.58
N LEU X 20 26.03 -40.16 16.00
CA LEU X 20 25.21 -40.35 14.82
C LEU X 20 26.04 -40.62 13.58
N PHE X 21 27.20 -39.98 13.45
CA PHE X 21 27.99 -40.12 12.23
C PHE X 21 29.25 -40.95 12.41
N ASN X 22 29.33 -41.73 13.48
CA ASN X 22 30.45 -42.66 13.64
C ASN X 22 30.39 -43.76 12.58
N ASP X 23 31.51 -43.99 11.89
CA ASP X 23 31.56 -45.02 10.86
C ASP X 23 31.21 -46.42 11.37
N GLU X 24 31.42 -46.70 12.66
CA GLU X 24 31.09 -48.02 13.16
C GLU X 24 29.60 -48.19 13.42
N ALA X 25 28.90 -47.12 13.72
CA ALA X 25 27.46 -47.21 13.84
C ALA X 25 26.82 -47.50 12.48
N ASN X 26 25.62 -48.07 12.52
CA ASN X 26 24.79 -48.28 11.34
C ASN X 26 25.35 -49.31 10.35
N VAL X 27 26.43 -50.03 10.69
CA VAL X 27 26.95 -51.03 9.76
C VAL X 27 26.08 -52.27 9.73
N VAL X 28 26.23 -53.05 8.66
CA VAL X 28 25.55 -54.33 8.45
C VAL X 28 26.46 -55.46 8.88
N TYR X 29 26.02 -56.28 9.83
CA TYR X 29 26.85 -57.40 10.29
C TYR X 29 26.84 -58.54 9.28
N THR X 30 28.03 -59.07 9.00
CA THR X 30 28.20 -60.22 8.12
C THR X 30 29.05 -61.29 8.78
N TYR X 31 28.75 -62.54 8.43
CA TYR X 31 29.50 -63.69 8.89
C TYR X 31 29.84 -64.58 7.71
N ASP X 32 31.11 -65.00 7.65
CA ASP X 32 31.61 -65.82 6.56
C ASP X 32 31.21 -67.29 6.66
N GLY X 33 31.10 -67.83 7.87
CA GLY X 33 30.79 -69.24 8.03
C GLY X 33 29.30 -69.53 8.01
N THR X 34 28.99 -70.82 7.96
CA THR X 34 27.61 -71.24 7.99
C THR X 34 27.02 -71.08 9.39
N GLU X 35 25.72 -71.29 9.45
CA GLU X 35 25.02 -71.27 10.73
C GLU X 35 25.65 -72.25 11.71
N SER X 36 26.03 -73.43 11.24
CA SER X 36 26.70 -74.38 12.11
C SER X 36 28.05 -73.86 12.59
N ASP X 37 28.80 -73.25 11.67
CA ASP X 37 30.09 -72.66 12.05
C ASP X 37 29.94 -71.61 13.13
N LEU X 38 28.82 -70.89 13.13
CA LEU X 38 28.57 -69.92 14.19
C LEU X 38 28.18 -70.62 15.47
N LEU X 39 27.16 -71.45 15.38
CA LEU X 39 26.56 -72.08 16.55
C LEU X 39 27.59 -72.89 17.32
N GLN X 40 28.52 -73.57 16.64
CA GLN X 40 29.60 -74.22 17.36
C GLN X 40 30.54 -73.21 18.02
N ASN X 41 30.65 -72.00 17.45
CA ASN X 41 31.59 -71.00 17.95
C ASN X 41 30.85 -69.77 18.48
N VAL X 42 29.85 -70.00 19.31
CA VAL X 42 28.96 -68.98 19.87
C VAL X 42 29.68 -67.72 20.34
N ASN X 43 30.94 -67.83 20.73
CA ASN X 43 31.68 -66.64 21.16
C ASN X 43 31.59 -65.50 20.15
N GLU X 44 31.59 -65.82 18.85
CA GLU X 44 31.53 -64.75 17.86
C GLU X 44 30.26 -63.92 18.03
N VAL X 45 29.17 -64.58 18.41
CA VAL X 45 27.97 -63.84 18.75
C VAL X 45 28.25 -62.88 19.89
N SER X 46 29.08 -63.30 20.84
CA SER X 46 29.46 -62.40 21.92
C SER X 46 30.18 -61.16 21.37
N LYS X 47 31.04 -61.35 20.38
CA LYS X 47 31.72 -60.19 19.82
C LYS X 47 30.74 -59.24 19.15
N TYR X 48 29.81 -59.79 18.36
CA TYR X 48 28.81 -58.92 17.74
C TYR X 48 27.99 -58.18 18.79
N ILE X 49 27.55 -58.87 19.84
CA ILE X 49 26.81 -58.19 20.90
C ILE X 49 27.62 -57.04 21.46
N GLU X 50 28.89 -57.28 21.77
CA GLU X 50 29.72 -56.20 22.29
C GLU X 50 29.79 -55.03 21.32
N HIS X 51 30.01 -55.32 20.04
CA HIS X 51 30.11 -54.23 19.07
C HIS X 51 28.81 -53.46 19.01
N HIS X 52 27.68 -54.16 19.03
CA HIS X 52 26.39 -53.48 19.04
C HIS X 52 26.30 -52.52 20.20
N MET X 53 26.57 -53.01 21.41
CA MET X 53 26.53 -52.16 22.60
C MET X 53 27.46 -50.96 22.49
N ASP X 54 28.68 -51.16 22.00
CA ASP X 54 29.63 -50.05 22.04
C ASP X 54 29.39 -49.03 20.93
N TYR X 55 28.81 -49.42 19.80
CA TYR X 55 28.66 -48.47 18.70
C TYR X 55 27.23 -48.25 18.25
N GLN X 56 26.50 -49.29 17.84
CA GLN X 56 25.16 -49.07 17.31
C GLN X 56 24.18 -48.58 18.38
N ARG X 57 24.17 -49.19 19.55
CA ARG X 57 23.20 -48.75 20.55
C ARG X 57 23.23 -47.26 20.83
N PRO X 58 24.34 -46.64 21.20
CA PRO X 58 24.34 -45.19 21.40
C PRO X 58 23.63 -44.37 20.33
N ARG X 59 23.89 -44.64 19.05
CA ARG X 59 23.18 -43.94 17.99
C ARG X 59 21.67 -44.06 18.18
N LEU X 60 21.17 -45.30 18.27
CA LEU X 60 19.74 -45.50 18.45
C LEU X 60 19.22 -44.78 19.69
N LYS X 61 19.94 -44.89 20.79
CA LYS X 61 19.50 -44.22 22.01
C LYS X 61 19.35 -42.72 21.78
N VAL X 62 20.28 -42.10 21.06
CA VAL X 62 20.18 -40.67 20.80
C VAL X 62 18.95 -40.37 19.95
N LEU X 63 18.72 -41.18 18.92
CA LEU X 63 17.54 -40.95 18.09
C LEU X 63 16.26 -41.08 18.91
N SER X 64 16.19 -42.09 19.76
CA SER X 64 15.03 -42.26 20.62
C SER X 64 14.83 -41.07 21.54
N ASP X 65 15.90 -40.62 22.17
CA ASP X 65 15.78 -39.46 23.06
C ASP X 65 15.26 -38.25 22.32
N TYR X 66 15.65 -38.08 21.06
CA TYR X 66 15.10 -36.95 20.34
C TYR X 66 13.63 -37.17 20.03
N TYR X 67 13.22 -38.40 19.78
CA TYR X 67 11.80 -38.62 19.58
C TYR X 67 11.02 -38.28 20.84
N GLU X 68 11.59 -38.61 21.99
CA GLU X 68 10.94 -38.27 23.26
C GLU X 68 11.13 -36.82 23.66
N GLY X 69 11.82 -36.02 22.85
CA GLY X 69 12.02 -34.63 23.17
C GLY X 69 13.07 -34.32 24.20
N LYS X 70 13.77 -35.32 24.71
CA LYS X 70 14.91 -35.11 25.61
C LYS X 70 16.12 -34.69 24.79
N THR X 71 15.99 -33.55 24.11
CA THR X 71 17.06 -33.04 23.27
C THR X 71 18.29 -32.67 24.09
N LYS X 72 19.41 -32.55 23.38
CA LYS X 72 20.68 -32.23 24.03
C LYS X 72 20.56 -31.04 24.96
N ASN X 73 19.79 -30.03 24.58
CA ASN X 73 19.73 -28.82 25.39
C ASN X 73 19.17 -29.07 26.78
N LEU X 74 18.28 -30.04 26.94
CA LEU X 74 17.76 -30.31 28.29
C LEU X 74 18.75 -31.06 29.16
N VAL X 75 19.50 -32.00 28.61
CA VAL X 75 20.38 -32.81 29.45
C VAL X 75 21.78 -32.23 29.60
N GLU X 76 22.24 -31.42 28.66
CA GLU X 76 23.56 -30.81 28.74
C GLU X 76 23.57 -29.62 29.70
N LEU X 77 23.19 -29.88 30.94
CA LEU X 77 23.24 -28.85 31.96
C LEU X 77 24.68 -28.48 32.34
N THR X 78 25.66 -29.21 31.81
CA THR X 78 27.05 -29.05 32.21
C THR X 78 27.57 -27.61 32.12
N ARG X 79 27.07 -26.81 31.18
CA ARG X 79 27.56 -25.44 31.02
C ARG X 79 26.52 -24.38 31.31
N ARG X 80 25.44 -24.73 32.01
CA ARG X 80 24.41 -23.77 32.38
C ARG X 80 24.77 -23.03 33.67
N LYS X 81 23.98 -22.01 33.97
CA LYS X 81 24.14 -21.14 35.13
C LYS X 81 22.81 -21.07 35.85
N GLU X 82 22.83 -21.05 37.20
CA GLU X 82 21.60 -20.90 37.96
C GLU X 82 21.83 -20.31 39.34
N GLU X 83 22.84 -19.45 39.48
CA GLU X 83 23.12 -18.88 40.80
C GLU X 83 22.01 -17.95 41.27
N TYR X 84 21.34 -17.26 40.36
CA TYR X 84 20.19 -16.45 40.72
C TYR X 84 19.21 -16.30 39.55
N MET X 85 19.71 -16.41 38.32
CA MET X 85 18.82 -16.39 37.16
C MET X 85 18.11 -17.74 37.03
N ALA X 86 17.08 -17.76 36.18
CA ALA X 86 16.40 -19.01 35.84
C ALA X 86 17.20 -19.78 34.79
N ASP X 87 16.89 -21.08 34.70
CA ASP X 87 17.60 -21.93 33.75
C ASP X 87 17.14 -21.72 32.30
N ASN X 88 15.83 -21.64 32.08
CA ASN X 88 15.25 -21.39 30.75
C ASN X 88 15.81 -22.29 29.66
N ARG X 89 16.21 -23.53 29.99
CA ARG X 89 16.53 -24.50 28.94
C ARG X 89 15.26 -24.92 28.21
N VAL X 90 15.39 -25.28 26.93
CA VAL X 90 14.24 -25.53 26.07
C VAL X 90 14.47 -26.69 25.11
N ALA X 91 13.38 -27.38 24.76
CA ALA X 91 13.36 -28.44 23.75
C ALA X 91 12.12 -28.27 22.87
N HIS X 92 12.27 -28.39 21.55
CA HIS X 92 11.18 -28.07 20.63
C HIS X 92 10.39 -29.24 20.03
N ASP X 93 10.83 -30.49 20.15
CA ASP X 93 10.02 -31.63 19.66
C ASP X 93 9.79 -31.64 18.14
N TYR X 94 10.67 -31.03 17.36
CA TYR X 94 10.54 -31.16 15.91
C TYR X 94 10.61 -32.62 15.50
N ALA X 95 11.41 -33.43 16.20
CA ALA X 95 11.57 -34.82 15.83
C ALA X 95 10.25 -35.56 15.83
N SER X 96 9.45 -35.35 16.86
CA SER X 96 8.16 -36.02 16.92
C SER X 96 7.21 -35.46 15.88
N TYR X 97 7.14 -34.14 15.73
CA TYR X 97 6.24 -33.60 14.72
C TYR X 97 6.52 -34.22 13.35
N ILE X 98 7.80 -34.29 12.98
CA ILE X 98 8.21 -34.84 11.69
C ILE X 98 7.85 -36.32 11.57
N SER X 99 8.27 -37.12 12.55
CA SER X 99 8.07 -38.56 12.40
C SER X 99 6.60 -38.91 12.39
N ASP X 100 5.78 -38.28 13.24
CA ASP X 100 4.37 -38.60 13.22
C ASP X 100 3.74 -38.21 11.90
N PHE X 101 4.13 -37.08 11.33
CA PHE X 101 3.52 -36.67 10.07
C PHE X 101 3.87 -37.66 8.97
N ILE X 102 5.16 -37.97 8.81
CA ILE X 102 5.56 -38.85 7.72
C ILE X 102 4.98 -40.25 7.89
N ASN X 103 4.96 -40.76 9.12
CA ASN X 103 4.46 -42.11 9.31
C ASN X 103 2.98 -42.18 9.05
N GLY X 104 2.21 -41.21 9.54
CA GLY X 104 0.80 -41.22 9.26
C GLY X 104 0.53 -41.15 7.77
N TYR X 105 1.30 -40.34 7.06
CA TYR X 105 1.10 -40.25 5.61
C TYR X 105 1.36 -41.58 4.94
N PHE X 106 2.36 -42.33 5.40
CA PHE X 106 2.65 -43.60 4.73
C PHE X 106 1.69 -44.72 5.10
N LEU X 107 1.45 -44.94 6.39
CA LEU X 107 0.66 -46.09 6.82
C LEU X 107 -0.59 -45.70 7.59
N GLY X 108 -0.97 -44.43 7.58
CA GLY X 108 -2.20 -44.08 8.25
C GLY X 108 -3.40 -44.76 7.64
N ASN X 109 -3.30 -45.16 6.38
CA ASN X 109 -4.38 -45.85 5.68
C ASN X 109 -4.00 -47.30 5.49
N PRO X 110 -4.77 -48.26 6.01
CA PRO X 110 -4.33 -49.67 6.00
C PRO X 110 -3.96 -50.19 4.62
N ILE X 111 -2.96 -51.07 4.59
CA ILE X 111 -2.58 -51.80 3.38
C ILE X 111 -3.65 -52.82 3.05
N GLN X 112 -4.08 -52.85 1.79
CA GLN X 112 -5.04 -53.84 1.33
C GLN X 112 -4.32 -55.01 0.65
N TYR X 113 -5.00 -56.15 0.60
CA TYR X 113 -4.45 -57.38 0.04
C TYR X 113 -5.35 -57.91 -1.07
N GLN X 114 -4.74 -58.31 -2.18
CA GLN X 114 -5.46 -58.96 -3.27
C GLN X 114 -4.74 -60.24 -3.65
N ASP X 115 -5.51 -61.26 -4.02
CA ASP X 115 -4.90 -62.47 -4.56
C ASP X 115 -5.93 -63.18 -5.43
N ASP X 116 -5.44 -64.04 -6.31
CA ASP X 116 -6.33 -64.79 -7.18
C ASP X 116 -6.98 -65.98 -6.50
N ASP X 117 -6.37 -66.51 -5.43
CA ASP X 117 -6.90 -67.68 -4.74
C ASP X 117 -7.46 -67.30 -3.39
N LYS X 118 -8.76 -67.57 -3.20
CA LYS X 118 -9.41 -67.18 -1.96
C LYS X 118 -8.94 -68.00 -0.78
N ASP X 119 -8.42 -69.21 -0.98
CA ASP X 119 -7.94 -69.97 0.17
C ASP X 119 -6.76 -69.26 0.81
N VAL X 120 -5.82 -68.82 -0.03
CA VAL X 120 -4.67 -68.08 0.47
C VAL X 120 -5.12 -66.73 1.00
N LEU X 121 -6.02 -66.06 0.28
CA LEU X 121 -6.44 -64.74 0.73
C LEU X 121 -7.09 -64.81 2.11
N GLU X 122 -7.95 -65.79 2.36
CA GLU X 122 -8.57 -65.84 3.67
C GLU X 122 -7.61 -66.35 4.73
N ALA X 123 -6.61 -67.16 4.37
CA ALA X 123 -5.64 -67.54 5.40
C ALA X 123 -4.82 -66.33 5.83
N ILE X 124 -4.45 -65.49 4.86
CA ILE X 124 -3.74 -64.26 5.17
C ILE X 124 -4.61 -63.36 6.02
N GLU X 125 -5.85 -63.12 5.58
CA GLU X 125 -6.73 -62.23 6.31
C GLU X 125 -6.99 -62.75 7.72
N ALA X 126 -7.09 -64.06 7.89
CA ALA X 126 -7.29 -64.61 9.23
C ALA X 126 -6.09 -64.29 10.12
N PHE X 127 -4.89 -64.50 9.60
CA PHE X 127 -3.71 -64.20 10.40
C PHE X 127 -3.61 -62.71 10.71
N ASN X 128 -3.89 -61.86 9.72
CA ASN X 128 -3.82 -60.42 9.95
C ASN X 128 -4.82 -59.98 11.00
N ASP X 129 -6.06 -60.48 10.93
CA ASP X 129 -7.04 -60.06 11.91
C ASP X 129 -6.67 -60.55 13.30
N LEU X 130 -6.25 -61.81 13.41
CA LEU X 130 -5.85 -62.31 14.72
C LEU X 130 -4.75 -61.45 15.31
N ASN X 131 -3.76 -61.06 14.51
CA ASN X 131 -2.62 -60.30 15.03
C ASN X 131 -2.81 -58.79 15.00
N ASP X 132 -3.98 -58.28 14.60
CA ASP X 132 -4.21 -56.84 14.52
C ASP X 132 -3.12 -56.17 13.69
N VAL X 133 -2.82 -56.77 12.55
CA VAL X 133 -1.70 -56.32 11.73
C VAL X 133 -1.81 -54.85 11.36
N GLU X 134 -3.01 -54.27 11.30
CA GLU X 134 -3.09 -52.86 10.97
C GLU X 134 -2.28 -51.99 11.93
N SER X 135 -2.50 -52.16 13.23
CA SER X 135 -1.74 -51.40 14.21
C SER X 135 -0.28 -51.79 14.19
N HIS X 136 0.00 -53.08 14.03
CA HIS X 136 1.38 -53.53 14.02
C HIS X 136 2.15 -52.86 12.91
N ASN X 137 1.60 -52.88 11.70
CA ASN X 137 2.24 -52.22 10.57
C ASN X 137 2.47 -50.75 10.87
N ARG X 138 1.49 -50.06 11.45
CA ARG X 138 1.73 -48.65 11.75
C ARG X 138 2.90 -48.49 12.74
N SER X 139 3.00 -49.37 13.72
CA SER X 139 4.10 -49.24 14.67
C SER X 139 5.44 -49.50 14.00
N LEU X 140 5.47 -50.43 13.06
CA LEU X 140 6.72 -50.65 12.33
C LEU X 140 7.07 -49.42 11.51
N GLY X 141 6.09 -48.83 10.84
CA GLY X 141 6.38 -47.62 10.08
C GLY X 141 6.96 -46.54 10.96
N LEU X 142 6.47 -46.45 12.19
CA LEU X 142 7.01 -45.43 13.11
C LEU X 142 8.45 -45.75 13.47
N ASP X 143 8.75 -47.00 13.79
CA ASP X 143 10.14 -47.35 14.08
C ASP X 143 11.02 -47.05 12.88
N LEU X 144 10.54 -47.33 11.67
CA LEU X 144 11.30 -47.01 10.48
C LEU X 144 11.59 -45.52 10.40
N SER X 145 10.60 -44.70 10.76
CA SER X 145 10.80 -43.26 10.66
C SER X 145 11.81 -42.75 11.67
N ILE X 146 11.75 -43.24 12.92
CA ILE X 146 12.67 -42.70 13.92
C ILE X 146 14.04 -43.38 13.86
N TYR X 147 14.10 -44.70 13.92
CA TYR X 147 15.41 -45.36 13.92
C TYR X 147 15.96 -45.65 12.54
N GLY X 148 15.10 -45.74 11.53
CA GLY X 148 15.53 -46.09 10.21
C GLY X 148 15.48 -47.58 9.92
N LYS X 149 15.31 -48.41 10.94
CA LYS X 149 15.24 -49.84 10.76
C LYS X 149 14.27 -50.40 11.79
N ALA X 150 13.66 -51.54 11.48
CA ALA X 150 12.73 -52.13 12.43
C ALA X 150 12.75 -53.65 12.31
N TYR X 151 12.39 -54.33 13.38
CA TYR X 151 12.42 -55.78 13.43
C TYR X 151 11.11 -56.36 13.90
N GLU X 152 10.69 -57.46 13.28
CA GLU X 152 9.53 -58.20 13.76
C GLU X 152 9.87 -59.67 13.93
N LEU X 153 9.35 -60.25 14.99
CA LEU X 153 9.56 -61.64 15.39
C LEU X 153 8.25 -62.41 15.27
N MET X 154 8.30 -63.59 14.67
CA MET X 154 7.12 -64.43 14.52
C MET X 154 7.34 -65.73 15.29
N ILE X 155 6.36 -66.11 16.11
CA ILE X 155 6.49 -67.29 16.96
C ILE X 155 5.19 -68.06 17.02
N ARG X 156 5.30 -69.39 17.03
CA ARG X 156 4.15 -70.27 17.25
C ARG X 156 3.93 -70.35 18.76
N ASN X 157 2.83 -69.77 19.22
CA ASN X 157 2.52 -69.58 20.62
C ASN X 157 2.21 -70.91 21.32
N GLN X 158 2.15 -70.82 22.64
CA GLN X 158 1.85 -71.99 23.46
C GLN X 158 0.44 -72.48 23.21
N ASP X 159 -0.50 -71.56 23.01
CA ASP X 159 -1.87 -71.92 22.67
C ASP X 159 -2.02 -72.37 21.22
N ASP X 160 -0.91 -72.62 20.53
CA ASP X 160 -0.91 -73.11 19.17
C ASP X 160 -1.55 -72.11 18.19
N GLU X 161 -0.96 -70.92 18.14
CA GLU X 161 -1.39 -69.88 17.22
C GLU X 161 -0.15 -69.18 16.68
N THR X 162 -0.21 -68.72 15.44
CA THR X 162 0.93 -68.00 14.89
C THR X 162 0.82 -66.53 15.29
N ARG X 163 1.77 -66.06 16.10
CA ARG X 163 1.74 -64.69 16.60
C ARG X 163 2.90 -63.88 16.04
N LEU X 164 2.66 -62.58 15.89
CA LEU X 164 3.63 -61.63 15.34
C LEU X 164 3.84 -60.49 16.32
N TYR X 165 5.10 -60.24 16.72
CA TYR X 165 5.41 -59.21 17.70
C TYR X 165 6.58 -58.35 17.25
N LYS X 166 6.51 -57.04 17.49
CA LYS X 166 7.63 -56.18 17.15
C LYS X 166 8.76 -56.35 18.16
N SER X 167 9.99 -56.27 17.68
CA SER X 167 11.18 -56.39 18.51
C SER X 167 11.92 -55.07 18.51
N ASP X 168 12.25 -54.57 19.69
CA ASP X 168 12.81 -53.23 19.78
C ASP X 168 14.15 -53.16 19.07
N ALA X 169 14.40 -52.04 18.40
CA ALA X 169 15.64 -51.88 17.65
C ALA X 169 16.86 -51.79 18.57
N MET X 170 16.71 -51.17 19.75
CA MET X 170 17.84 -51.02 20.66
C MET X 170 18.32 -52.33 21.25
N SER X 171 17.61 -53.43 21.05
CA SER X 171 18.00 -54.71 21.63
C SER X 171 18.00 -55.86 20.63
N THR X 172 17.86 -55.60 19.34
CA THR X 172 17.75 -56.66 18.34
C THR X 172 18.71 -56.41 17.19
N PHE X 173 19.34 -57.47 16.69
CA PHE X 173 20.10 -57.31 15.46
C PHE X 173 20.23 -58.65 14.74
N ILE X 174 20.59 -58.57 13.45
CA ILE X 174 20.74 -59.73 12.59
C ILE X 174 22.14 -59.82 12.00
N ILE X 175 22.68 -61.04 11.98
CA ILE X 175 23.96 -61.37 11.37
C ILE X 175 23.70 -62.08 10.05
N TYR X 176 24.10 -61.45 8.95
CA TYR X 176 23.84 -61.93 7.59
C TYR X 176 24.98 -62.75 6.98
N ASP X 177 24.58 -63.70 6.14
CA ASP X 177 25.49 -64.41 5.25
C ASP X 177 26.35 -63.46 4.44
N ASN X 178 27.65 -63.78 4.34
CA ASN X 178 28.57 -62.92 3.60
C ASN X 178 28.35 -62.88 2.09
N THR X 179 27.61 -63.80 1.50
CA THR X 179 27.46 -63.76 0.04
C THR X 179 26.65 -62.55 -0.41
N VAL X 180 26.74 -62.24 -1.70
CA VAL X 180 26.05 -61.09 -2.28
C VAL X 180 24.55 -61.18 -2.04
N GLU X 181 24.03 -62.38 -1.85
CA GLU X 181 22.60 -62.53 -1.59
C GLU X 181 22.24 -62.08 -0.18
N ARG X 182 23.20 -62.13 0.74
CA ARG X 182 23.03 -61.79 2.14
C ARG X 182 21.78 -62.40 2.77
N ASN X 183 21.72 -63.73 2.75
CA ASN X 183 20.74 -64.41 3.57
C ASN X 183 21.02 -64.10 5.04
N SER X 184 19.96 -64.01 5.84
CA SER X 184 20.10 -63.82 7.28
C SER X 184 20.48 -65.13 7.96
N ILE X 185 21.69 -65.18 8.52
CA ILE X 185 22.13 -66.36 9.24
C ILE X 185 21.47 -66.45 10.61
N ALA X 186 21.65 -65.45 11.47
CA ALA X 186 21.09 -65.56 12.82
C ALA X 186 20.65 -64.22 13.36
N GLY X 187 19.59 -64.22 14.17
CA GLY X 187 19.14 -63.03 14.87
C GLY X 187 19.31 -63.13 16.37
N VAL X 188 19.62 -62.01 17.03
CA VAL X 188 19.78 -62.01 18.46
C VAL X 188 18.94 -60.89 19.10
N ARG X 189 18.43 -61.19 20.28
CA ARG X 189 17.72 -60.24 21.14
C ARG X 189 18.36 -60.34 22.51
N TYR X 190 18.57 -59.19 23.16
CA TYR X 190 19.15 -59.22 24.49
C TYR X 190 18.58 -58.11 25.36
N LEU X 191 18.27 -58.43 26.60
CA LEU X 191 17.67 -57.47 27.52
C LEU X 191 18.34 -57.50 28.88
N ARG X 192 18.51 -56.31 29.46
CA ARG X 192 19.00 -56.15 30.82
C ARG X 192 17.87 -56.48 31.78
N THR X 193 17.87 -57.69 32.33
CA THR X 193 16.86 -58.06 33.31
C THR X 193 17.16 -57.40 34.64
N LYS X 194 16.15 -56.77 35.24
CA LYS X 194 16.31 -56.14 36.56
C LYS X 194 15.04 -56.25 37.38
N PRO X 195 15.12 -56.47 38.68
CA PRO X 195 14.03 -56.06 39.58
C PRO X 195 14.05 -54.54 39.79
N ILE X 196 13.00 -54.06 40.43
CA ILE X 196 12.88 -52.63 40.73
C ILE X 196 13.35 -52.26 42.14
N ASP X 197 14.36 -52.97 42.67
CA ASP X 197 14.86 -52.61 43.99
C ASP X 197 16.39 -52.51 44.03
N LYS X 198 17.09 -53.64 43.99
CA LYS X 198 18.56 -53.63 44.06
C LYS X 198 19.15 -53.12 42.75
N THR X 199 20.48 -53.15 42.68
CA THR X 199 21.19 -52.95 41.43
C THR X 199 22.46 -53.80 41.47
N ASP X 200 22.98 -54.13 40.28
CA ASP X 200 24.16 -54.97 40.16
C ASP X 200 25.20 -54.34 39.24
N GLU X 201 26.47 -54.47 39.63
CA GLU X 201 27.56 -54.06 38.75
C GLU X 201 27.76 -55.06 37.62
N ASP X 202 27.47 -56.33 37.86
CA ASP X 202 27.29 -57.26 36.76
C ASP X 202 26.04 -56.89 36.00
N GLU X 203 26.18 -56.08 34.96
CA GLU X 203 25.04 -55.77 34.10
C GLU X 203 24.66 -57.04 33.36
N VAL X 204 23.78 -57.84 33.95
CA VAL X 204 23.40 -59.14 33.43
C VAL X 204 22.41 -58.98 32.28
N PHE X 205 22.74 -59.55 31.13
CA PHE X 205 21.87 -59.58 29.97
C PHE X 205 21.39 -60.99 29.65
N THR X 206 20.09 -61.14 29.48
CA THR X 206 19.52 -62.36 28.93
C THR X 206 19.58 -62.25 27.41
N VAL X 207 20.07 -63.31 26.76
CA VAL X 207 20.32 -63.28 25.32
C VAL X 207 19.59 -64.44 24.66
N ASP X 208 18.79 -64.14 23.63
CA ASP X 208 18.14 -65.16 22.82
C ASP X 208 18.71 -65.12 21.41
N LEU X 209 19.20 -66.27 20.96
CA LEU X 209 19.82 -66.46 19.65
C LEU X 209 18.91 -67.31 18.76
N PHE X 210 18.41 -66.72 17.68
CA PHE X 210 17.45 -67.37 16.79
C PHE X 210 18.16 -67.86 15.54
N THR X 211 18.08 -69.15 15.29
CA THR X 211 18.63 -69.81 14.12
C THR X 211 17.48 -70.28 13.23
N SER X 212 17.83 -70.91 12.12
CA SER X 212 16.82 -71.45 11.24
C SER X 212 16.12 -72.68 11.80
N HIS X 213 16.63 -73.25 12.90
CA HIS X 213 16.03 -74.44 13.47
C HIS X 213 15.61 -74.31 14.93
N GLY X 214 15.91 -73.22 15.61
CA GLY X 214 15.48 -73.10 16.99
C GLY X 214 16.01 -71.84 17.64
N VAL X 215 15.61 -71.67 18.90
CA VAL X 215 16.03 -70.56 19.74
C VAL X 215 16.96 -71.11 20.83
N TYR X 216 18.10 -70.48 21.00
CA TYR X 216 19.05 -70.82 22.05
C TYR X 216 19.04 -69.68 23.07
N ARG X 217 18.93 -70.02 24.35
CA ARG X 217 18.88 -69.00 25.40
C ARG X 217 20.13 -69.03 26.25
N TYR X 218 20.66 -67.84 26.54
CA TYR X 218 21.88 -67.72 27.32
C TYR X 218 21.75 -66.59 28.32
N LEU X 219 22.71 -66.58 29.24
CA LEU X 219 22.89 -65.55 30.24
C LEU X 219 24.30 -64.98 30.10
N THR X 220 24.45 -63.70 30.39
CA THR X 220 25.74 -63.03 30.25
C THR X 220 25.77 -61.86 31.20
N ASN X 221 26.97 -61.32 31.41
CA ASN X 221 27.08 -59.95 31.90
C ASN X 221 28.26 -59.28 31.23
N ARG X 222 28.20 -57.95 31.18
CA ARG X 222 29.30 -57.18 30.59
C ARG X 222 30.60 -57.39 31.34
N THR X 223 30.54 -57.46 32.67
CA THR X 223 31.77 -57.44 33.46
C THR X 223 32.63 -58.67 33.24
N ASN X 224 32.04 -59.86 33.15
CA ASN X 224 32.85 -61.02 32.79
C ASN X 224 33.28 -61.04 31.33
N GLY X 225 32.92 -60.02 30.55
CA GLY X 225 33.21 -60.00 29.14
C GLY X 225 32.21 -60.68 28.24
N LEU X 226 30.94 -60.70 28.63
CA LEU X 226 29.86 -61.28 27.81
C LEU X 226 30.06 -62.77 27.52
N LYS X 227 30.58 -63.51 28.49
CA LYS X 227 30.70 -64.95 28.35
C LYS X 227 29.30 -65.59 28.35
N LEU X 228 28.86 -66.09 27.21
CA LEU X 228 27.57 -66.75 27.09
C LEU X 228 27.53 -68.07 27.84
N THR X 229 26.65 -68.17 28.84
CA THR X 229 26.43 -69.43 29.54
C THR X 229 25.02 -69.91 29.26
N PRO X 230 24.83 -71.12 28.74
CA PRO X 230 23.48 -71.59 28.40
C PRO X 230 22.55 -71.54 29.61
N ARG X 231 21.34 -71.02 29.39
CA ARG X 231 20.34 -71.03 30.44
C ARG X 231 19.74 -72.43 30.56
N GLU X 232 19.16 -72.70 31.73
CA GLU X 232 18.46 -73.96 31.93
C GLU X 232 17.39 -74.13 30.85
N ASN X 233 17.38 -75.31 30.22
CA ASN X 233 16.52 -75.54 29.05
C ASN X 233 16.86 -74.51 27.98
N SER X 234 18.14 -74.51 27.62
CA SER X 234 18.68 -73.53 26.69
C SER X 234 17.98 -73.58 25.33
N PHE X 235 17.87 -74.76 24.74
CA PHE X 235 17.34 -74.87 23.39
C PHE X 235 15.83 -75.04 23.35
N GLU X 236 15.22 -74.49 22.30
CA GLU X 236 13.78 -74.65 22.05
C GLU X 236 13.55 -74.65 20.55
N SER X 237 13.06 -75.77 20.01
CA SER X 237 12.83 -75.88 18.58
C SER X 237 11.63 -75.04 18.12
N HIS X 238 11.71 -74.57 16.88
CA HIS X 238 10.62 -73.87 16.19
C HIS X 238 10.43 -74.52 14.83
N SER X 239 9.19 -74.50 14.34
CA SER X 239 8.85 -75.25 13.14
C SER X 239 9.03 -74.48 11.84
N PHE X 240 9.53 -73.25 11.85
CA PHE X 240 9.83 -72.61 10.58
C PHE X 240 11.07 -73.26 9.97
N GLU X 241 11.43 -72.84 8.77
CA GLU X 241 12.62 -73.36 8.12
C GLU X 241 13.59 -72.26 7.75
N ARG X 242 13.47 -71.10 8.38
CA ARG X 242 14.37 -69.98 8.17
C ARG X 242 14.29 -69.12 9.43
N MET X 243 15.30 -68.28 9.62
CA MET X 243 15.38 -67.51 10.86
C MET X 243 14.15 -66.62 11.01
N PRO X 244 13.44 -66.68 12.16
CA PRO X 244 12.15 -65.99 12.26
C PRO X 244 12.17 -64.47 12.22
N ILE X 245 13.25 -63.80 12.58
CA ILE X 245 13.22 -62.34 12.63
C ILE X 245 13.35 -61.74 11.24
N THR X 246 12.56 -60.69 10.99
CA THR X 246 12.60 -59.95 9.73
C THR X 246 12.97 -58.51 10.01
N GLU X 247 13.80 -57.94 9.14
CA GLU X 247 14.25 -56.55 9.24
C GLU X 247 13.67 -55.70 8.12
N PHE X 248 13.18 -54.52 8.48
CA PHE X 248 12.64 -53.55 7.55
C PHE X 248 13.54 -52.33 7.57
N SER X 249 13.65 -51.65 6.43
CA SER X 249 14.56 -50.53 6.27
C SER X 249 13.83 -49.30 5.75
N ASN X 250 14.20 -48.13 6.28
CA ASN X 250 13.64 -46.88 5.82
C ASN X 250 14.14 -46.50 4.44
N ASN X 251 15.36 -46.90 4.11
CA ASN X 251 15.96 -46.65 2.80
C ASN X 251 17.20 -47.52 2.74
N GLU X 252 17.88 -47.51 1.58
CA GLU X 252 19.04 -48.37 1.43
C GLU X 252 20.06 -48.16 2.55
N ARG X 253 20.28 -46.92 2.96
CA ARG X 253 21.22 -46.62 4.05
C ARG X 253 20.63 -46.86 5.44
N ARG X 254 19.33 -47.09 5.57
CA ARG X 254 18.69 -47.26 6.87
C ARG X 254 18.83 -46.04 7.78
N LYS X 255 18.79 -44.85 7.20
CA LYS X 255 18.86 -43.61 7.97
C LYS X 255 17.48 -43.03 8.29
N GLY X 256 17.33 -42.52 9.51
CA GLY X 256 16.07 -41.99 9.98
C GLY X 256 15.66 -40.73 9.25
N ASP X 257 14.47 -40.22 9.62
CA ASP X 257 13.91 -39.07 8.92
C ASP X 257 14.44 -37.73 9.43
N TYR X 258 14.58 -37.56 10.73
CA TYR X 258 15.16 -36.33 11.29
C TYR X 258 16.62 -36.48 11.65
N GLU X 259 17.19 -37.66 11.43
CA GLU X 259 18.58 -37.89 11.77
C GLU X 259 19.48 -36.86 11.10
N LYS X 260 19.14 -36.45 9.88
CA LYS X 260 19.97 -35.51 9.16
C LYS X 260 19.75 -34.05 9.56
N VAL X 261 18.76 -33.72 10.39
CA VAL X 261 18.51 -32.34 10.77
C VAL X 261 18.64 -32.13 12.28
N ILE X 262 19.08 -33.15 13.00
CA ILE X 262 19.23 -32.99 14.45
C ILE X 262 20.08 -31.77 14.79
N THR X 263 21.14 -31.51 14.01
CA THR X 263 21.97 -30.35 14.29
C THR X 263 21.18 -29.05 14.18
N LEU X 264 20.22 -28.99 13.26
CA LEU X 264 19.44 -27.77 13.15
C LEU X 264 18.47 -27.66 14.31
N ILE X 265 17.92 -28.79 14.75
CA ILE X 265 17.04 -28.74 15.92
C ILE X 265 17.82 -28.20 17.11
N ASP X 266 19.07 -28.64 17.27
CA ASP X 266 19.91 -28.10 18.33
C ASP X 266 20.11 -26.60 18.18
N LEU X 267 20.43 -26.13 16.97
CA LEU X 267 20.65 -24.70 16.81
C LEU X 267 19.41 -23.91 17.18
N TYR X 268 18.23 -24.43 16.87
CA TYR X 268 17.01 -23.70 17.20
C TYR X 268 16.77 -23.72 18.70
N ASP X 269 17.07 -24.84 19.36
CA ASP X 269 16.94 -24.87 20.81
C ASP X 269 17.83 -23.82 21.44
N ASN X 270 19.08 -23.76 20.99
CA ASN X 270 20.02 -22.79 21.55
C ASN X 270 19.56 -21.37 21.31
N ALA X 271 19.11 -21.07 20.10
CA ALA X 271 18.69 -19.70 19.82
C ALA X 271 17.53 -19.30 20.70
N GLU X 272 16.55 -20.18 20.87
CA GLU X 272 15.40 -19.81 21.68
C GLU X 272 15.75 -19.70 23.16
N SER X 273 16.60 -20.58 23.68
CA SER X 273 16.99 -20.42 25.07
C SER X 273 17.85 -19.19 25.28
N ASP X 274 18.56 -18.76 24.24
CA ASP X 274 19.31 -17.51 24.34
C ASP X 274 18.36 -16.32 24.47
N THR X 275 17.33 -16.28 23.63
CA THR X 275 16.38 -15.19 23.77
C THR X 275 15.67 -15.26 25.10
N ALA X 276 15.40 -16.45 25.62
CA ALA X 276 14.72 -16.51 26.90
C ALA X 276 15.61 -16.01 28.02
N ASN X 277 16.93 -16.17 27.87
CA ASN X 277 17.83 -15.60 28.86
C ASN X 277 17.83 -14.09 28.77
N TYR X 278 17.98 -13.56 27.56
CA TYR X 278 17.90 -12.11 27.41
C TYR X 278 16.62 -11.55 28.01
N MET X 279 15.50 -12.26 27.87
CA MET X 279 14.26 -11.74 28.44
C MET X 279 14.29 -11.79 29.96
N SER X 280 14.70 -12.91 30.54
CA SER X 280 14.70 -13.05 31.98
C SER X 280 15.67 -12.08 32.67
N ASP X 281 16.90 -11.95 32.16
CA ASP X 281 17.96 -11.32 32.95
C ASP X 281 18.12 -9.82 32.81
N LEU X 282 17.62 -9.17 31.78
CA LEU X 282 17.75 -7.71 31.68
C LEU X 282 16.45 -7.02 32.02
N ASN X 283 16.58 -5.88 32.70
CA ASN X 283 15.43 -5.07 33.05
C ASN X 283 14.82 -4.40 31.82
N ASP X 284 13.50 -4.45 31.71
CA ASP X 284 12.85 -3.91 30.53
C ASP X 284 13.11 -2.41 30.37
N ALA X 285 12.89 -1.64 31.43
CA ALA X 285 13.13 -0.20 31.35
C ALA X 285 13.38 0.33 32.75
N MET X 286 14.07 1.47 32.81
CA MET X 286 14.36 2.10 34.08
C MET X 286 14.37 3.60 33.89
N LEU X 287 14.05 4.32 34.96
CA LEU X 287 14.20 5.76 34.99
C LEU X 287 15.62 6.10 35.40
N LEU X 288 16.41 6.63 34.48
CA LEU X 288 17.78 7.04 34.76
C LEU X 288 17.78 8.49 35.25
N ILE X 289 18.41 8.71 36.40
CA ILE X 289 18.58 10.05 36.96
C ILE X 289 20.07 10.25 37.19
N LYS X 290 20.61 11.34 36.66
CA LYS X 290 22.02 11.66 36.78
C LYS X 290 22.23 12.90 37.64
N GLY X 291 23.50 13.20 37.88
CA GLY X 291 23.88 14.42 38.56
C GLY X 291 23.91 14.28 40.07
N ASN X 292 24.66 15.19 40.69
CA ASN X 292 24.79 15.23 42.14
C ASN X 292 23.47 15.63 42.76
N LEU X 293 22.87 14.75 43.54
CA LEU X 293 21.51 15.00 44.03
C LEU X 293 21.28 14.19 45.29
N ASN X 294 20.23 14.55 46.01
CA ASN X 294 19.78 13.79 47.16
C ASN X 294 18.48 13.09 46.79
N LEU X 295 18.51 11.76 46.79
CA LEU X 295 17.31 10.98 46.58
C LEU X 295 17.00 10.24 47.87
N ASP X 296 15.82 10.46 48.40
CA ASP X 296 15.40 9.74 49.58
C ASP X 296 14.82 8.40 49.14
N PRO X 297 15.38 7.27 49.57
CA PRO X 297 14.84 5.99 49.11
C PRO X 297 13.42 5.74 49.55
N VAL X 298 12.91 6.56 50.48
CA VAL X 298 11.50 6.48 50.82
C VAL X 298 10.68 7.22 49.78
N GLU X 299 11.23 8.31 49.26
CA GLU X 299 10.53 9.12 48.27
C GLU X 299 10.55 8.48 46.90
N VAL X 300 11.62 7.78 46.56
CA VAL X 300 11.67 7.10 45.27
C VAL X 300 10.50 6.14 45.08
N ARG X 301 9.91 5.65 46.17
CA ARG X 301 8.79 4.72 46.00
C ARG X 301 7.55 5.41 45.47
N LYS X 302 7.47 6.73 45.54
CA LYS X 302 6.35 7.44 44.91
C LYS X 302 6.49 7.50 43.41
N GLN X 303 7.60 7.01 42.87
CA GLN X 303 7.87 7.10 41.44
C GLN X 303 6.69 6.63 40.59
N LYS X 304 5.98 5.61 41.04
CA LYS X 304 4.85 5.13 40.24
C LYS X 304 3.67 6.09 40.17
N GLU X 305 3.54 7.00 41.12
CA GLU X 305 2.34 7.82 41.21
C GLU X 305 2.60 9.31 41.18
N ALA X 306 3.84 9.75 41.02
CA ALA X 306 4.13 11.16 40.90
C ALA X 306 3.87 11.66 39.48
N ASN X 307 3.43 12.91 39.38
CA ASN X 307 3.21 13.55 38.09
C ASN X 307 4.36 14.44 37.67
N VAL X 308 4.94 15.21 38.59
CA VAL X 308 6.04 16.11 38.29
C VAL X 308 7.32 15.56 38.89
N LEU X 309 8.39 15.58 38.11
CA LEU X 309 9.72 15.27 38.58
C LEU X 309 10.53 16.54 38.55
N PHE X 310 10.98 17.00 39.71
CA PHE X 310 11.74 18.24 39.83
C PHE X 310 13.16 17.92 40.27
N LEU X 311 14.13 18.34 39.46
CA LEU X 311 15.54 18.15 39.76
C LEU X 311 16.16 19.51 40.03
N GLU X 312 16.63 19.72 41.25
CA GLU X 312 17.26 20.99 41.62
C GLU X 312 18.76 20.77 41.69
N PRO X 313 19.55 21.38 40.82
CA PRO X 313 20.97 21.06 40.77
C PRO X 313 21.76 21.62 41.93
N THR X 314 22.78 20.89 42.33
CA THR X 314 23.70 21.37 43.35
C THR X 314 24.41 22.62 42.88
N VAL X 315 24.52 23.61 43.75
CA VAL X 315 25.25 24.84 43.46
C VAL X 315 26.61 24.76 44.15
N TYR X 316 27.67 24.92 43.38
CA TYR X 316 29.03 24.90 43.90
C TYR X 316 29.51 26.32 44.09
N VAL X 317 30.10 26.59 45.25
CA VAL X 317 30.60 27.92 45.58
C VAL X 317 32.12 27.88 45.55
N ASP X 318 32.72 28.79 44.81
CA ASP X 318 34.16 28.90 44.71
C ASP X 318 34.69 29.76 45.85
N ALA X 319 35.94 29.52 46.22
CA ALA X 319 36.50 30.25 47.36
C ALA X 319 36.53 31.75 47.10
N GLU X 320 36.66 32.16 45.85
CA GLU X 320 36.66 33.56 45.50
C GLU X 320 35.24 34.10 45.28
N GLY X 321 34.23 33.34 45.67
CA GLY X 321 32.85 33.78 45.60
C GLY X 321 32.09 33.40 44.34
N ARG X 322 32.73 32.76 43.37
CA ARG X 322 32.00 32.36 42.17
C ARG X 322 30.98 31.28 42.51
N GLU X 323 29.97 31.17 41.67
CA GLU X 323 28.93 30.16 41.84
C GLU X 323 28.69 29.46 40.51
N THR X 324 28.52 28.15 40.56
CA THR X 324 28.27 27.37 39.35
C THR X 324 27.40 26.17 39.69
N GLU X 325 26.63 25.72 38.70
CA GLU X 325 25.63 24.68 38.90
C GLU X 325 26.06 23.31 38.37
N GLY X 326 25.70 22.27 39.11
CA GLY X 326 25.91 20.92 38.61
C GLY X 326 24.97 20.60 37.47
N SER X 327 25.32 19.57 36.70
CA SER X 327 24.54 19.15 35.53
C SER X 327 23.60 18.00 35.87
N VAL X 328 22.35 18.32 36.14
CA VAL X 328 21.33 17.30 36.38
C VAL X 328 20.77 16.82 35.04
N ASP X 329 20.28 15.58 35.02
CA ASP X 329 19.58 15.06 33.84
C ASP X 329 18.71 13.88 34.23
N GLY X 330 17.67 13.63 33.44
CA GLY X 330 16.78 12.53 33.74
C GLY X 330 15.96 12.04 32.56
N GLY X 331 15.77 10.75 32.44
CA GLY X 331 14.98 10.20 31.33
C GLY X 331 14.95 8.70 31.39
N TYR X 332 13.98 8.12 30.69
CA TYR X 332 13.84 6.68 30.68
C TYR X 332 14.80 6.03 29.70
N ILE X 333 15.28 4.84 30.05
CA ILE X 333 16.07 3.99 29.18
C ILE X 333 15.42 2.62 29.14
N TYR X 334 15.49 1.94 28.00
CA TYR X 334 14.86 0.64 27.85
C TYR X 334 15.73 -0.30 27.04
N LYS X 335 15.70 -1.58 27.41
CA LYS X 335 16.52 -2.57 26.71
C LYS X 335 15.94 -2.87 25.34
N GLN X 336 16.82 -3.28 24.43
CA GLN X 336 16.45 -3.53 23.05
C GLN X 336 17.37 -4.58 22.47
N TYR X 337 16.89 -5.32 21.48
CA TYR X 337 17.75 -6.29 20.80
C TYR X 337 17.45 -6.32 19.31
N ASP X 338 18.37 -6.92 18.56
CA ASP X 338 18.30 -7.01 17.10
C ASP X 338 17.19 -7.97 16.67
N VAL X 339 15.96 -7.48 16.73
CA VAL X 339 14.81 -8.30 16.35
C VAL X 339 14.91 -8.71 14.88
N GLN X 340 15.34 -7.81 14.02
CA GLN X 340 15.43 -8.14 12.60
C GLN X 340 16.34 -9.34 12.37
N GLY X 341 17.56 -9.29 12.88
CA GLY X 341 18.51 -10.34 12.59
C GLY X 341 18.17 -11.64 13.28
N THR X 342 17.65 -11.56 14.51
CA THR X 342 17.37 -12.81 15.19
C THR X 342 16.13 -13.48 14.62
N GLU X 343 15.12 -12.72 14.20
CA GLU X 343 13.96 -13.37 13.62
C GLU X 343 14.28 -13.91 12.23
N ALA X 344 15.08 -13.20 11.45
CA ALA X 344 15.44 -13.76 10.16
C ALA X 344 16.25 -15.04 10.30
N TYR X 345 17.08 -15.12 11.34
CA TYR X 345 17.87 -16.33 11.54
C TYR X 345 16.99 -17.49 12.00
N LYS X 346 16.14 -17.25 12.99
CA LYS X 346 15.28 -18.32 13.47
C LYS X 346 14.28 -18.76 12.41
N ASP X 347 13.81 -17.84 11.58
CA ASP X 347 12.93 -18.24 10.49
C ASP X 347 13.68 -19.08 9.47
N ARG X 348 14.97 -18.81 9.28
CA ARG X 348 15.71 -19.64 8.33
C ARG X 348 15.87 -21.05 8.88
N LEU X 349 16.19 -21.17 10.16
CA LEU X 349 16.32 -22.51 10.73
C LEU X 349 15.01 -23.29 10.61
N ASN X 350 13.90 -22.66 10.97
CA ASN X 350 12.61 -23.35 10.86
C ASN X 350 12.31 -23.77 9.42
N SER X 351 12.54 -22.85 8.47
CA SER X 351 12.28 -23.17 7.08
C SER X 351 13.15 -24.33 6.61
N ASP X 352 14.42 -24.34 6.99
CA ASP X 352 15.30 -25.39 6.52
C ASP X 352 14.93 -26.74 7.13
N ILE X 353 14.53 -26.75 8.40
CA ILE X 353 14.12 -28.02 9.00
C ILE X 353 12.95 -28.59 8.23
N HIS X 354 12.00 -27.76 7.83
CA HIS X 354 10.87 -28.30 7.06
C HIS X 354 11.28 -28.67 5.64
N MET X 355 12.15 -27.89 5.01
CA MET X 355 12.52 -28.17 3.62
C MET X 355 13.24 -29.50 3.51
N PHE X 356 14.22 -29.75 4.38
CA PHE X 356 14.98 -30.98 4.23
C PHE X 356 14.21 -32.23 4.63
N THR X 357 13.03 -32.08 5.24
CA THR X 357 12.22 -33.24 5.61
C THR X 357 10.91 -33.29 4.83
N ASN X 358 10.76 -32.44 3.81
CA ASN X 358 9.58 -32.44 2.95
C ASN X 358 8.30 -32.31 3.75
N THR X 359 8.36 -31.63 4.88
CA THR X 359 7.18 -31.45 5.69
C THR X 359 6.60 -30.06 5.45
N PRO X 360 5.29 -29.89 5.33
CA PRO X 360 4.77 -28.57 4.94
C PRO X 360 5.07 -27.52 6.00
N ASN X 361 5.67 -26.42 5.55
CA ASN X 361 6.06 -25.31 6.41
C ASN X 361 4.82 -24.49 6.74
N MET X 362 4.18 -24.85 7.85
CA MET X 362 2.90 -24.23 8.20
C MET X 362 2.99 -22.73 8.34
N LYS X 363 4.15 -22.20 8.72
CA LYS X 363 4.24 -20.75 8.94
C LYS X 363 4.20 -19.96 7.65
N ASP X 364 4.57 -20.57 6.52
CA ASP X 364 4.61 -19.89 5.23
C ASP X 364 3.71 -20.66 4.27
N ASP X 365 2.40 -20.64 4.56
CA ASP X 365 1.47 -21.51 3.86
C ASP X 365 0.20 -20.75 3.47
N ASN X 366 -0.34 -21.12 2.31
CA ASN X 366 -1.50 -20.49 1.71
C ASN X 366 -2.31 -21.57 1.02
N PHE X 367 -3.63 -21.41 0.99
CA PHE X 367 -4.51 -22.45 0.47
C PHE X 367 -5.41 -21.93 -0.65
N SER X 368 -5.63 -22.80 -1.63
CA SER X 368 -6.37 -22.49 -2.86
C SER X 368 -7.77 -23.07 -2.80
N GLY X 369 -8.77 -22.22 -2.96
CA GLY X 369 -10.14 -22.67 -3.13
C GLY X 369 -10.64 -23.54 -1.99
N THR X 370 -11.10 -24.75 -2.32
CA THR X 370 -11.63 -25.67 -1.32
C THR X 370 -11.15 -27.12 -1.44
N GLN X 371 -10.66 -27.57 -2.60
CA GLN X 371 -10.29 -28.98 -2.81
C GLN X 371 -8.96 -29.30 -2.11
N SER X 372 -9.08 -29.97 -0.95
CA SER X 372 -7.90 -30.30 -0.15
C SER X 372 -6.96 -31.25 -0.87
N GLY X 373 -7.52 -32.26 -1.57
CA GLY X 373 -6.71 -33.39 -1.98
C GLY X 373 -5.64 -33.05 -3.01
N GLU X 374 -6.00 -32.27 -4.02
CA GLU X 374 -5.03 -31.97 -5.07
C GLU X 374 -3.97 -31.00 -4.56
N ALA X 375 -4.36 -30.01 -3.78
CA ALA X 375 -3.35 -29.11 -3.22
C ALA X 375 -2.39 -29.88 -2.32
N MET X 376 -2.89 -30.84 -1.55
CA MET X 376 -2.00 -31.69 -0.76
C MET X 376 -1.07 -32.49 -1.66
N LYS X 377 -1.60 -33.14 -2.69
CA LYS X 377 -0.72 -33.88 -3.59
C LYS X 377 0.29 -33.01 -4.30
N TYR X 378 0.02 -31.71 -4.42
CA TYR X 378 1.09 -30.81 -4.88
C TYR X 378 2.14 -30.64 -3.79
N LYS X 379 1.73 -30.17 -2.62
CA LYS X 379 2.73 -29.77 -1.63
C LYS X 379 3.52 -30.94 -1.09
N LEU X 380 2.93 -32.14 -1.06
CA LEU X 380 3.61 -33.33 -0.60
C LEU X 380 4.28 -34.09 -1.73
N PHE X 381 4.47 -33.45 -2.88
CA PHE X 381 5.11 -34.14 -3.99
C PHE X 381 6.49 -34.64 -3.59
N GLY X 382 7.26 -33.82 -2.87
CA GLY X 382 8.58 -34.26 -2.48
C GLY X 382 8.55 -35.43 -1.51
N LEU X 383 7.59 -35.41 -0.59
CA LEU X 383 7.48 -36.50 0.37
C LEU X 383 7.06 -37.80 -0.30
N GLU X 384 6.24 -37.71 -1.34
CA GLU X 384 5.81 -38.91 -2.04
C GLU X 384 6.98 -39.63 -2.69
N GLN X 385 7.96 -38.89 -3.21
CA GLN X 385 9.10 -39.54 -3.84
C GLN X 385 9.87 -40.44 -2.87
N ARG X 386 10.07 -40.00 -1.63
CA ARG X 386 10.75 -40.83 -0.65
C ARG X 386 9.86 -42.00 -0.22
N THR X 387 8.58 -41.71 0.00
CA THR X 387 7.66 -42.74 0.44
C THR X 387 7.55 -43.87 -0.57
N LYS X 388 7.69 -43.59 -1.86
CA LYS X 388 7.57 -44.69 -2.83
C LYS X 388 8.73 -45.68 -2.69
N THR X 389 9.91 -45.20 -2.32
CA THR X 389 11.02 -46.10 -2.07
C THR X 389 10.77 -46.89 -0.80
N LYS X 390 10.32 -46.18 0.25
CA LYS X 390 10.00 -46.89 1.48
C LYS X 390 8.96 -47.97 1.20
N GLU X 391 8.01 -47.69 0.32
CA GLU X 391 6.98 -48.67 0.01
C GLU X 391 7.58 -49.90 -0.64
N GLY X 392 8.59 -49.70 -1.47
CA GLY X 392 9.23 -50.86 -2.09
C GLY X 392 9.89 -51.73 -1.05
N LEU X 393 10.68 -51.12 -0.17
CA LEU X 393 11.36 -51.90 0.87
C LEU X 393 10.37 -52.55 1.82
N PHE X 394 9.26 -51.88 2.12
CA PHE X 394 8.27 -52.47 3.00
C PHE X 394 7.63 -53.70 2.38
N THR X 395 7.27 -53.63 1.10
CA THR X 395 6.71 -54.82 0.48
C THR X 395 7.73 -55.93 0.47
N LYS X 396 9.00 -55.59 0.23
CA LYS X 396 10.03 -56.62 0.28
C LYS X 396 10.02 -57.34 1.61
N GLY X 397 9.70 -56.63 2.69
CA GLY X 397 9.63 -57.28 3.99
C GLY X 397 8.37 -58.12 4.19
N LEU X 398 7.23 -57.57 3.76
CA LEU X 398 5.99 -58.31 3.90
C LEU X 398 6.03 -59.63 3.13
N ARG X 399 6.73 -59.66 1.99
CA ARG X 399 6.81 -60.93 1.28
C ARG X 399 7.49 -62.01 2.11
N ARG X 400 8.48 -61.63 2.90
CA ARG X 400 9.11 -62.60 3.79
C ARG X 400 8.16 -63.01 4.89
N ARG X 401 7.43 -62.06 5.44
CA ARG X 401 6.43 -62.43 6.45
C ARG X 401 5.49 -63.49 5.89
N ALA X 402 5.07 -63.33 4.65
CA ALA X 402 4.19 -64.31 4.02
C ALA X 402 4.90 -65.64 3.82
N LYS X 403 6.17 -65.62 3.43
CA LYS X 403 6.90 -66.86 3.27
C LYS X 403 6.95 -67.66 4.57
N LEU X 404 7.19 -66.96 5.68
CA LEU X 404 7.21 -67.62 6.98
C LEU X 404 5.85 -68.20 7.29
N LEU X 405 4.80 -67.41 7.06
CA LEU X 405 3.46 -67.89 7.37
C LEU X 405 3.09 -69.12 6.56
N GLU X 406 3.41 -69.13 5.26
CA GLU X 406 3.07 -70.31 4.49
C GLU X 406 3.85 -71.51 4.98
N THR X 407 5.08 -71.30 5.45
CA THR X 407 5.86 -72.45 5.89
C THR X 407 5.26 -73.06 7.14
N ILE X 408 4.88 -72.23 8.10
CA ILE X 408 4.29 -72.78 9.31
C ILE X 408 2.92 -73.39 9.04
N LEU X 409 2.13 -72.79 8.14
CA LEU X 409 0.85 -73.38 7.81
C LEU X 409 1.00 -74.75 7.17
N LYS X 410 1.97 -74.90 6.27
CA LYS X 410 2.15 -76.20 5.65
C LYS X 410 2.67 -77.22 6.66
N ASN X 411 3.61 -76.83 7.52
CA ASN X 411 4.13 -77.81 8.46
C ASN X 411 3.06 -78.23 9.47
N THR X 412 2.07 -77.38 9.72
CA THR X 412 0.95 -77.78 10.56
C THR X 412 -0.18 -78.37 9.74
N ARG X 413 -0.02 -78.46 8.42
CA ARG X 413 -1.04 -78.97 7.52
C ARG X 413 -2.37 -78.24 7.69
N SER X 414 -2.32 -76.96 8.04
CA SER X 414 -3.54 -76.18 8.11
C SER X 414 -3.96 -75.69 6.73
N ILE X 415 -3.14 -75.95 5.71
CA ILE X 415 -3.44 -75.58 4.33
C ILE X 415 -2.74 -76.57 3.41
N ASP X 416 -3.26 -76.70 2.20
CA ASP X 416 -2.69 -77.65 1.26
C ASP X 416 -1.28 -77.24 0.84
N ALA X 417 -0.38 -78.22 0.78
CA ALA X 417 0.99 -77.97 0.36
C ALA X 417 1.06 -77.43 -1.06
N ASN X 418 -0.04 -77.53 -1.81
CA ASN X 418 -0.11 -77.05 -3.18
C ASN X 418 -0.10 -75.53 -3.29
N LYS X 419 -0.51 -74.80 -2.24
CA LYS X 419 -0.66 -73.36 -2.35
C LYS X 419 0.68 -72.65 -2.43
N ASP X 420 0.63 -71.44 -2.99
CA ASP X 420 1.78 -70.53 -3.10
C ASP X 420 1.34 -69.14 -2.67
N PHE X 421 2.09 -68.53 -1.75
CA PHE X 421 1.77 -67.22 -1.23
C PHE X 421 2.44 -66.05 -1.97
N ASN X 422 3.41 -66.32 -2.84
CA ASN X 422 4.08 -65.21 -3.51
C ASN X 422 3.21 -64.49 -4.52
N THR X 423 2.00 -64.97 -4.80
CA THR X 423 1.12 -64.28 -5.74
C THR X 423 0.38 -63.10 -5.13
N VAL X 424 0.35 -62.97 -3.81
CA VAL X 424 -0.38 -61.88 -3.18
C VAL X 424 0.13 -60.53 -3.66
N ARG X 425 -0.79 -59.64 -3.98
CA ARG X 425 -0.50 -58.27 -4.37
C ARG X 425 -0.87 -57.34 -3.24
N TYR X 426 0.10 -56.59 -2.76
CA TYR X 426 -0.08 -55.63 -1.67
C TYR X 426 -0.40 -54.26 -2.27
N VAL X 427 -1.57 -53.71 -1.93
CA VAL X 427 -2.04 -52.44 -2.48
C VAL X 427 -1.97 -51.39 -1.39
N TYR X 428 -1.26 -50.29 -1.67
CA TYR X 428 -1.05 -49.21 -0.74
C TYR X 428 -1.87 -47.99 -1.12
N ASN X 429 -2.48 -47.35 -0.12
CA ASN X 429 -3.17 -46.07 -0.30
C ASN X 429 -2.56 -45.05 0.64
N ARG X 430 -2.43 -43.81 0.17
CA ARG X 430 -1.94 -42.75 1.02
C ARG X 430 -3.07 -42.22 1.89
N ASN X 431 -2.71 -41.54 2.98
CA ASN X 431 -3.70 -40.98 3.89
C ASN X 431 -4.15 -39.58 3.51
N LEU X 432 -4.32 -39.28 2.22
CA LEU X 432 -4.82 -37.98 1.82
C LEU X 432 -6.25 -37.75 2.32
N PRO X 433 -6.65 -36.50 2.48
CA PRO X 433 -8.02 -36.21 2.89
C PRO X 433 -8.97 -36.40 1.72
N LYS X 434 -10.13 -37.00 2.01
CA LYS X 434 -11.06 -37.40 0.97
C LYS X 434 -12.44 -36.84 1.24
N SER X 435 -13.25 -36.80 0.18
CA SER X 435 -14.44 -35.97 0.10
C SER X 435 -15.60 -36.82 -0.37
N LEU X 436 -16.29 -37.45 0.58
CA LEU X 436 -17.27 -38.47 0.25
C LEU X 436 -18.37 -37.95 -0.65
N ILE X 437 -18.71 -36.66 -0.58
CA ILE X 437 -19.77 -36.14 -1.44
C ILE X 437 -19.30 -36.06 -2.88
N GLU X 438 -18.08 -35.57 -3.11
CA GLU X 438 -17.50 -35.56 -4.45
C GLU X 438 -17.31 -36.96 -4.99
N GLU X 439 -16.97 -37.92 -4.13
CA GLU X 439 -16.77 -39.27 -4.61
C GLU X 439 -18.09 -39.97 -4.91
N LEU X 440 -19.11 -39.79 -4.08
CA LEU X 440 -20.42 -40.32 -4.43
C LEU X 440 -20.87 -39.75 -5.76
N LYS X 441 -20.72 -38.45 -5.96
CA LYS X 441 -21.17 -37.89 -7.23
C LYS X 441 -20.36 -38.47 -8.39
N ALA X 442 -19.07 -38.74 -8.19
CA ALA X 442 -18.26 -39.31 -9.26
C ALA X 442 -18.54 -40.78 -9.49
N TYR X 443 -19.02 -41.49 -8.48
CA TYR X 443 -19.31 -42.91 -8.62
C TYR X 443 -20.71 -43.16 -9.16
N ILE X 444 -21.67 -42.33 -8.79
CA ILE X 444 -23.02 -42.54 -9.28
C ILE X 444 -23.17 -41.94 -10.66
N ASP X 445 -22.59 -40.77 -10.92
CA ASP X 445 -22.35 -40.49 -12.32
C ASP X 445 -21.39 -41.56 -12.79
N SER X 446 -21.39 -41.82 -14.09
CA SER X 446 -20.55 -42.87 -14.64
C SER X 446 -21.04 -44.27 -14.32
N GLY X 447 -22.31 -44.42 -13.91
CA GLY X 447 -22.93 -45.74 -13.89
C GLY X 447 -22.84 -46.56 -12.62
N GLY X 448 -22.47 -45.99 -11.49
CA GLY X 448 -22.40 -46.78 -10.28
C GLY X 448 -23.78 -47.13 -9.73
N LYS X 449 -23.80 -48.15 -8.87
CA LYS X 449 -25.01 -48.59 -8.17
C LYS X 449 -24.73 -48.71 -6.69
N ILE X 450 -25.72 -48.38 -5.85
CA ILE X 450 -25.62 -48.54 -4.41
C ILE X 450 -26.94 -49.05 -3.84
N SER X 451 -26.84 -50.01 -2.92
CA SER X 451 -28.02 -50.47 -2.20
C SER X 451 -28.49 -49.38 -1.24
N GLN X 452 -29.81 -49.26 -1.12
CA GLN X 452 -30.39 -48.20 -0.29
C GLN X 452 -29.82 -48.19 1.12
N THR X 453 -29.69 -49.36 1.74
CA THR X 453 -29.19 -49.39 3.11
C THR X 453 -27.76 -48.89 3.20
N THR X 454 -26.93 -49.21 2.22
CA THR X 454 -25.54 -48.75 2.24
C THR X 454 -25.49 -47.24 2.04
N LEU X 455 -26.23 -46.76 1.04
CA LEU X 455 -26.25 -45.33 0.78
C LEU X 455 -26.69 -44.57 2.02
N MET X 456 -27.70 -45.08 2.72
CA MET X 456 -28.13 -44.44 3.95
C MET X 456 -27.03 -44.50 4.99
N SER X 457 -26.31 -45.62 5.07
CA SER X 457 -25.27 -45.75 6.07
C SER X 457 -24.17 -44.72 5.86
N LEU X 458 -24.09 -44.13 4.67
CA LEU X 458 -23.03 -43.13 4.46
C LEU X 458 -23.35 -41.77 5.04
N PHE X 459 -24.62 -41.42 5.26
CA PHE X 459 -25.02 -40.10 5.72
C PHE X 459 -25.50 -40.17 7.16
N SER X 460 -24.90 -39.36 8.02
CA SER X 460 -25.16 -39.42 9.45
C SER X 460 -26.40 -38.67 9.91
N PHE X 461 -27.23 -38.13 9.01
CA PHE X 461 -28.48 -37.55 9.48
C PHE X 461 -29.57 -38.60 9.69
N PHE X 462 -29.39 -39.81 9.17
CA PHE X 462 -30.30 -40.91 9.45
C PHE X 462 -30.00 -41.46 10.83
N GLN X 463 -30.91 -41.25 11.78
CA GLN X 463 -30.68 -41.75 13.13
C GLN X 463 -30.88 -43.26 13.20
N ASP X 464 -31.72 -43.83 12.32
CA ASP X 464 -31.95 -45.27 12.29
C ASP X 464 -31.86 -45.74 10.84
N PRO X 465 -30.66 -46.10 10.37
CA PRO X 465 -30.47 -46.43 8.96
C PRO X 465 -31.29 -47.60 8.47
N GLU X 466 -31.76 -48.47 9.34
CA GLU X 466 -32.58 -49.60 8.91
C GLU X 466 -34.06 -49.33 9.09
N LEU X 467 -34.43 -48.76 10.24
CA LEU X 467 -35.82 -48.44 10.48
C LEU X 467 -36.36 -47.55 9.35
N GLU X 468 -35.50 -46.68 8.82
CA GLU X 468 -35.95 -45.83 7.73
C GLU X 468 -36.51 -46.64 6.56
N VAL X 469 -35.98 -47.84 6.29
CA VAL X 469 -36.50 -48.61 5.17
C VAL X 469 -37.94 -49.04 5.43
N LYS X 470 -38.23 -49.48 6.65
CA LYS X 470 -39.61 -49.83 7.00
C LYS X 470 -40.51 -48.62 6.85
N LYS X 471 -40.05 -47.48 7.36
CA LYS X 471 -40.86 -46.28 7.31
C LYS X 471 -41.11 -45.83 5.86
N ILE X 472 -40.18 -46.15 4.97
CA ILE X 472 -40.39 -45.82 3.58
C ILE X 472 -41.36 -46.81 2.96
N GLU X 473 -41.28 -48.07 3.35
CA GLU X 473 -42.24 -49.03 2.84
C GLU X 473 -43.65 -48.62 3.23
N GLU X 474 -43.82 -48.12 4.46
CA GLU X 474 -45.15 -47.68 4.88
C GLU X 474 -45.64 -46.53 4.01
N ASP X 475 -44.79 -45.51 3.81
CA ASP X 475 -45.21 -44.40 2.96
C ASP X 475 -45.51 -44.87 1.55
N GLU X 476 -44.61 -45.64 0.96
CA GLU X 476 -44.76 -46.16 -0.39
C GLU X 476 -45.97 -47.07 -0.52
N LYS X 477 -46.43 -47.66 0.57
CA LYS X 477 -47.63 -48.49 0.52
C LYS X 477 -48.88 -47.64 0.53
N GLU X 478 -48.94 -46.68 1.45
CA GLU X 478 -50.12 -45.83 1.51
C GLU X 478 -50.22 -44.92 0.29
N SER X 479 -49.12 -44.73 -0.44
CA SER X 479 -49.18 -43.98 -1.69
C SER X 479 -49.91 -44.75 -2.78
N ILE X 480 -50.15 -46.05 -2.59
CA ILE X 480 -50.89 -46.85 -3.58
C ILE X 480 -52.38 -46.59 -3.50
N LYS X 481 -52.86 -46.09 -2.36
CA LYS X 481 -54.27 -45.93 -2.10
C LYS X 481 -54.75 -44.51 -2.42
N MET Y 1 18.64 -19.61 59.86
CA MET Y 1 18.42 -20.80 60.75
C MET Y 1 18.78 -22.08 60.01
N LEU Y 2 19.44 -23.01 60.71
CA LEU Y 2 19.86 -24.25 60.07
C LEU Y 2 18.63 -25.03 59.62
N LYS Y 3 18.55 -25.31 58.32
CA LYS Y 3 17.35 -25.93 57.78
C LYS Y 3 17.03 -27.28 58.41
N VAL Y 4 18.02 -27.98 58.96
CA VAL Y 4 17.76 -29.24 59.66
C VAL Y 4 16.76 -29.11 60.80
N ASN Y 5 16.66 -27.96 61.47
CA ASN Y 5 15.69 -27.81 62.54
C ASN Y 5 14.55 -26.83 62.23
N GLU Y 6 14.37 -26.47 60.96
CA GLU Y 6 13.13 -25.83 60.54
C GLU Y 6 11.93 -26.77 60.56
N PHE Y 7 12.15 -28.04 60.85
CA PHE Y 7 11.06 -28.94 61.22
C PHE Y 7 10.70 -28.74 62.69
N GLU Y 8 11.72 -28.73 63.53
CA GLU Y 8 11.51 -28.75 64.97
C GLU Y 8 10.87 -27.45 65.44
N THR Y 9 11.22 -26.32 64.83
CA THR Y 9 10.66 -25.04 65.26
C THR Y 9 9.40 -24.65 64.50
N ASP Y 10 8.57 -25.63 64.14
CA ASP Y 10 7.37 -25.43 63.35
C ASP Y 10 7.66 -24.94 61.92
N THR Y 11 8.30 -23.79 61.78
CA THR Y 11 8.54 -23.20 60.45
C THR Y 11 9.10 -24.22 59.46
N ASN Y 16 9.60 -29.21 37.23
CA ASN Y 16 9.01 -29.64 35.96
C ASN Y 16 9.90 -30.67 35.27
N ILE Y 17 11.01 -30.18 34.71
CA ILE Y 17 11.91 -31.05 33.94
C ILE Y 17 12.22 -32.30 34.73
N ASN Y 18 12.63 -32.12 35.99
CA ASN Y 18 13.05 -33.23 36.83
C ASN Y 18 11.94 -34.23 37.08
N TYR Y 19 10.69 -33.88 36.85
CA TYR Y 19 9.59 -34.82 37.00
C TYR Y 19 9.16 -35.42 35.67
N LEU Y 20 8.95 -34.58 34.65
CA LEU Y 20 8.43 -35.08 33.39
C LEU Y 20 9.43 -36.00 32.69
N PHE Y 21 10.70 -35.62 32.69
CA PHE Y 21 11.72 -36.35 31.95
C PHE Y 21 12.67 -37.11 32.85
N ASN Y 22 12.18 -37.51 34.03
CA ASN Y 22 12.87 -38.53 34.79
C ASN Y 22 12.76 -39.85 34.04
N ASP Y 23 13.87 -40.59 33.96
CA ASP Y 23 13.86 -41.87 33.28
C ASP Y 23 13.06 -42.93 34.01
N GLU Y 24 12.75 -42.72 35.28
CA GLU Y 24 11.88 -43.65 36.00
C GLU Y 24 10.39 -43.38 35.83
N ALA Y 25 10.01 -42.20 35.40
CA ALA Y 25 8.66 -42.04 34.89
C ALA Y 25 8.52 -42.72 33.53
N ASN Y 26 7.28 -43.06 33.17
CA ASN Y 26 6.94 -43.82 31.97
C ASN Y 26 7.52 -45.22 31.88
N VAL Y 27 8.14 -45.76 32.93
CA VAL Y 27 8.49 -47.18 32.85
C VAL Y 27 7.24 -48.04 32.83
N VAL Y 28 7.39 -49.25 32.30
CA VAL Y 28 6.33 -50.26 32.31
C VAL Y 28 6.70 -51.28 33.37
N TYR Y 29 5.80 -51.55 34.31
CA TYR Y 29 6.10 -52.51 35.35
C TYR Y 29 6.00 -53.92 34.77
N THR Y 30 7.10 -54.66 34.81
CA THR Y 30 7.13 -56.05 34.39
C THR Y 30 7.57 -56.92 35.55
N TYR Y 31 7.05 -58.13 35.60
CA TYR Y 31 7.36 -59.08 36.67
C TYR Y 31 7.61 -60.46 36.07
N ASP Y 32 8.63 -61.14 36.60
CA ASP Y 32 9.08 -62.38 35.97
C ASP Y 32 8.22 -63.59 36.32
N GLY Y 33 7.67 -63.63 37.52
CA GLY Y 33 6.91 -64.77 37.97
C GLY Y 33 5.54 -64.87 37.34
N THR Y 34 4.85 -65.95 37.71
CA THR Y 34 3.43 -66.06 37.47
C THR Y 34 2.63 -65.20 38.45
N GLU Y 35 1.33 -65.15 38.19
CA GLU Y 35 0.39 -64.57 39.13
C GLU Y 35 0.54 -65.19 40.51
N SER Y 36 0.63 -66.51 40.57
CA SER Y 36 0.78 -67.18 41.86
C SER Y 36 2.06 -66.75 42.57
N ASP Y 37 3.15 -66.62 41.81
CA ASP Y 37 4.41 -66.22 42.41
C ASP Y 37 4.33 -64.82 43.01
N LEU Y 38 3.53 -63.95 42.40
CA LEU Y 38 3.37 -62.61 42.97
C LEU Y 38 2.46 -62.62 44.19
N LEU Y 39 1.31 -63.30 44.05
CA LEU Y 39 0.29 -63.28 45.08
C LEU Y 39 0.77 -63.96 46.36
N GLN Y 40 1.62 -64.98 46.25
CA GLN Y 40 2.18 -65.54 47.48
C GLN Y 40 3.21 -64.60 48.08
N ASN Y 41 3.78 -63.70 47.29
CA ASN Y 41 4.82 -62.81 47.76
C ASN Y 41 4.41 -61.35 47.60
N VAL Y 42 3.26 -61.03 48.19
CA VAL Y 42 2.62 -59.71 48.09
C VAL Y 42 3.57 -58.56 48.39
N ASN Y 43 4.66 -58.80 49.09
CA ASN Y 43 5.60 -57.71 49.37
C ASN Y 43 6.10 -57.06 48.08
N GLU Y 44 6.24 -57.85 47.02
CA GLU Y 44 6.67 -57.29 45.75
C GLU Y 44 5.73 -56.16 45.32
N VAL Y 45 4.42 -56.37 45.50
CA VAL Y 45 3.48 -55.33 45.17
C VAL Y 45 3.77 -54.08 45.99
N SER Y 46 4.27 -54.25 47.20
CA SER Y 46 4.62 -53.07 47.98
C SER Y 46 5.79 -52.33 47.35
N LYS Y 47 6.75 -53.08 46.79
CA LYS Y 47 7.85 -52.40 46.11
C LYS Y 47 7.34 -51.61 44.91
N TYR Y 48 6.41 -52.19 44.14
CA TYR Y 48 5.86 -51.46 43.01
C TYR Y 48 5.06 -50.24 43.43
N ILE Y 49 4.23 -50.39 44.46
CA ILE Y 49 3.46 -49.24 44.93
C ILE Y 49 4.39 -48.12 45.37
N GLU Y 50 5.49 -48.46 46.05
CA GLU Y 50 6.38 -47.40 46.47
C GLU Y 50 7.07 -46.74 45.28
N HIS Y 51 7.49 -47.52 44.30
CA HIS Y 51 8.08 -46.90 43.11
C HIS Y 51 7.08 -46.01 42.39
N HIS Y 52 5.82 -46.43 42.34
CA HIS Y 52 4.81 -45.62 41.69
C HIS Y 52 4.59 -44.30 42.43
N MET Y 53 4.59 -44.34 43.76
CA MET Y 53 4.43 -43.10 44.52
C MET Y 53 5.63 -42.21 44.37
N ASP Y 54 6.83 -42.76 44.37
CA ASP Y 54 7.99 -41.90 44.42
C ASP Y 54 8.40 -41.38 43.05
N TYR Y 55 7.95 -42.00 41.97
CA TYR Y 55 8.43 -41.59 40.66
C TYR Y 55 7.34 -41.25 39.66
N GLN Y 56 6.33 -42.11 39.51
CA GLN Y 56 5.35 -41.83 38.47
C GLN Y 56 4.32 -40.83 38.92
N ARG Y 57 3.83 -40.94 40.13
CA ARG Y 57 2.78 -40.04 40.59
C ARG Y 57 3.16 -38.58 40.47
N PRO Y 58 4.39 -38.16 40.78
CA PRO Y 58 4.76 -36.75 40.53
C PRO Y 58 4.58 -36.28 39.09
N ARG Y 59 4.99 -37.07 38.10
CA ARG Y 59 4.82 -36.66 36.71
C ARG Y 59 3.34 -36.46 36.41
N LEU Y 60 2.52 -37.41 36.81
CA LEU Y 60 1.10 -37.32 36.50
C LEU Y 60 0.49 -36.12 37.21
N LYS Y 61 0.92 -35.86 38.45
CA LYS Y 61 0.42 -34.68 39.15
C LYS Y 61 0.77 -33.41 38.41
N VAL Y 62 1.99 -33.30 37.88
CA VAL Y 62 2.35 -32.07 37.19
C VAL Y 62 1.48 -31.90 35.95
N LEU Y 63 1.30 -32.97 35.17
CA LEU Y 63 0.48 -32.85 33.97
C LEU Y 63 -0.96 -32.51 34.31
N SER Y 64 -1.46 -33.00 35.43
CA SER Y 64 -2.78 -32.60 35.88
C SER Y 64 -2.82 -31.13 36.25
N ASP Y 65 -1.83 -30.67 37.01
CA ASP Y 65 -1.82 -29.26 37.41
C ASP Y 65 -1.84 -28.35 36.18
N TYR Y 66 -1.17 -28.77 35.12
CA TYR Y 66 -1.20 -27.93 33.93
C TYR Y 66 -2.56 -27.99 33.26
N TYR Y 67 -3.24 -29.14 33.28
CA TYR Y 67 -4.60 -29.12 32.74
C TYR Y 67 -5.48 -28.19 33.55
N GLU Y 68 -5.31 -28.17 34.86
CA GLU Y 68 -6.10 -27.28 35.70
C GLU Y 68 -5.59 -25.84 35.69
N GLY Y 69 -4.55 -25.54 34.92
CA GLY Y 69 -4.05 -24.19 34.86
C GLY Y 69 -3.21 -23.74 36.02
N LYS Y 70 -2.86 -24.65 36.94
CA LYS Y 70 -2.00 -24.33 38.07
C LYS Y 70 -0.53 -24.42 37.63
N THR Y 71 -0.20 -23.64 36.60
CA THR Y 71 1.14 -23.69 36.05
C THR Y 71 2.18 -23.26 37.08
N LYS Y 72 3.44 -23.60 36.79
CA LYS Y 72 4.55 -23.27 37.68
C LYS Y 72 4.56 -21.82 38.09
N ASN Y 73 4.20 -20.93 37.18
CA ASN Y 73 4.27 -19.50 37.47
C ASN Y 73 3.35 -19.08 38.60
N LEU Y 74 2.21 -19.75 38.78
CA LEU Y 74 1.33 -19.36 39.87
C LEU Y 74 1.85 -19.80 41.23
N VAL Y 75 2.41 -21.00 41.33
CA VAL Y 75 2.78 -21.53 42.63
C VAL Y 75 4.21 -21.18 43.05
N GLU Y 76 5.10 -20.90 42.11
CA GLU Y 76 6.49 -20.59 42.43
C GLU Y 76 6.67 -19.17 42.99
N LEU Y 77 6.02 -18.93 44.13
CA LEU Y 77 6.17 -17.64 44.81
C LEU Y 77 7.53 -17.45 45.45
N THR Y 78 8.36 -18.50 45.51
CA THR Y 78 9.64 -18.48 46.21
C THR Y 78 10.50 -17.26 45.90
N ARG Y 79 10.57 -16.84 44.63
CA ARG Y 79 11.45 -15.73 44.24
C ARG Y 79 10.72 -14.45 43.86
N ARG Y 80 9.43 -14.34 44.21
CA ARG Y 80 8.64 -13.17 43.85
C ARG Y 80 8.89 -12.00 44.80
N LYS Y 81 8.37 -10.84 44.42
CA LYS Y 81 8.50 -9.57 45.13
C LYS Y 81 7.11 -8.99 45.37
N GLU Y 82 6.90 -8.42 46.56
CA GLU Y 82 5.62 -7.80 46.86
C GLU Y 82 5.73 -6.78 47.99
N GLU Y 83 6.86 -6.07 48.07
CA GLU Y 83 7.00 -5.09 49.15
C GLU Y 83 6.08 -3.90 48.95
N TYR Y 84 5.78 -3.54 47.69
CA TYR Y 84 4.80 -2.49 47.43
C TYR Y 84 4.16 -2.67 46.06
N MET Y 85 4.86 -3.33 45.14
CA MET Y 85 4.29 -3.61 43.83
C MET Y 85 3.32 -4.79 43.91
N ALA Y 86 2.55 -4.97 42.84
CA ALA Y 86 1.67 -6.12 42.69
C ALA Y 86 2.46 -7.33 42.20
N ASP Y 87 1.89 -8.51 42.44
CA ASP Y 87 2.57 -9.75 42.05
C ASP Y 87 2.47 -9.99 40.54
N ASN Y 88 1.29 -9.81 39.96
CA ASN Y 88 1.07 -9.99 38.53
C ASN Y 88 1.56 -11.34 38.00
N ARG Y 89 1.51 -12.39 38.81
CA ARG Y 89 1.76 -13.74 38.30
C ARG Y 89 0.59 -14.18 37.43
N VAL Y 90 0.87 -14.99 36.40
CA VAL Y 90 -0.10 -15.30 35.35
C VAL Y 90 -0.02 -16.76 34.92
N ALA Y 91 -1.15 -17.29 34.46
CA ALA Y 91 -1.25 -18.63 33.88
C ALA Y 91 -2.11 -18.59 32.62
N HIS Y 92 -1.66 -19.24 31.54
CA HIS Y 92 -2.34 -19.13 30.24
C HIS Y 92 -3.25 -20.28 29.82
N ASP Y 93 -3.28 -21.42 30.50
CA ASP Y 93 -4.25 -22.47 30.17
C ASP Y 93 -4.12 -23.04 28.76
N TYR Y 94 -2.94 -22.97 28.15
CA TYR Y 94 -2.77 -23.63 26.86
C TYR Y 94 -3.05 -25.11 26.98
N ALA Y 95 -2.72 -25.72 28.11
CA ALA Y 95 -2.89 -27.15 28.26
C ALA Y 95 -4.35 -27.55 28.06
N SER Y 96 -5.25 -26.83 28.70
CA SER Y 96 -6.66 -27.15 28.52
C SER Y 96 -7.10 -26.88 27.10
N TYR Y 97 -6.71 -25.74 26.53
CA TYR Y 97 -7.13 -25.48 25.15
C TYR Y 97 -6.72 -26.62 24.22
N ILE Y 98 -5.45 -27.01 24.30
CA ILE Y 98 -4.91 -28.10 23.48
C ILE Y 98 -5.71 -29.38 23.70
N SER Y 99 -5.78 -29.84 24.95
CA SER Y 99 -6.37 -31.15 25.20
C SER Y 99 -7.83 -31.19 24.81
N ASP Y 100 -8.60 -30.16 25.16
CA ASP Y 100 -10.01 -30.19 24.80
C ASP Y 100 -10.19 -30.24 23.30
N PHE Y 101 -9.37 -29.50 22.55
CA PHE Y 101 -9.51 -29.52 21.10
C PHE Y 101 -9.21 -30.91 20.55
N ILE Y 102 -8.07 -31.47 20.93
CA ILE Y 102 -7.61 -32.71 20.34
C ILE Y 102 -8.50 -33.88 20.73
N ASN Y 103 -9.06 -33.86 21.94
CA ASN Y 103 -9.96 -34.92 22.32
C ASN Y 103 -11.29 -34.78 21.62
N GLY Y 104 -11.86 -33.57 21.61
CA GLY Y 104 -13.14 -33.42 20.93
C GLY Y 104 -13.03 -33.85 19.48
N TYR Y 105 -11.91 -33.55 18.84
CA TYR Y 105 -11.74 -33.98 17.46
C TYR Y 105 -11.74 -35.50 17.36
N PHE Y 106 -11.11 -36.18 18.30
CA PHE Y 106 -11.07 -37.64 18.19
C PHE Y 106 -12.40 -38.27 18.52
N LEU Y 107 -12.92 -38.00 19.71
CA LEU Y 107 -14.03 -38.75 20.29
C LEU Y 107 -15.30 -37.94 20.50
N GLY Y 108 -15.37 -36.72 19.99
CA GLY Y 108 -16.60 -35.99 20.11
C GLY Y 108 -17.77 -36.64 19.39
N ASN Y 109 -17.48 -37.48 18.41
CA ASN Y 109 -18.52 -38.13 17.63
C ASN Y 109 -18.55 -39.61 18.01
N PRO Y 110 -19.68 -40.14 18.47
CA PRO Y 110 -19.70 -41.51 19.02
C PRO Y 110 -19.15 -42.56 18.06
N ILE Y 111 -18.46 -43.53 18.64
CA ILE Y 111 -18.00 -44.70 17.90
C ILE Y 111 -19.19 -45.58 17.55
N GLN Y 112 -19.27 -46.01 16.30
CA GLN Y 112 -20.33 -46.90 15.86
C GLN Y 112 -19.83 -48.34 15.84
N TYR Y 113 -20.76 -49.27 15.92
CA TYR Y 113 -20.45 -50.70 15.98
C TYR Y 113 -21.18 -51.45 14.88
N GLN Y 114 -20.48 -52.37 14.23
CA GLN Y 114 -21.11 -53.25 13.25
C GLN Y 114 -20.75 -54.69 13.57
N ASP Y 115 -21.67 -55.59 13.31
CA ASP Y 115 -21.35 -57.01 13.41
C ASP Y 115 -22.26 -57.80 12.48
N ASP Y 116 -21.79 -58.99 12.13
CA ASP Y 116 -22.60 -59.88 11.29
C ASP Y 116 -23.65 -60.63 12.10
N ASP Y 117 -23.48 -60.76 13.41
CA ASP Y 117 -24.43 -61.47 14.25
C ASP Y 117 -25.21 -60.46 15.08
N LYS Y 118 -26.53 -60.43 14.86
CA LYS Y 118 -27.35 -59.47 15.57
C LYS Y 118 -27.47 -59.79 17.04
N ASP Y 119 -27.30 -61.05 17.44
CA ASP Y 119 -27.39 -61.37 18.86
C ASP Y 119 -26.26 -60.72 19.62
N VAL Y 120 -25.04 -60.84 19.08
CA VAL Y 120 -23.89 -60.20 19.72
C VAL Y 120 -24.01 -58.69 19.61
N LEU Y 121 -24.42 -58.20 18.44
CA LEU Y 121 -24.55 -56.76 18.29
C LEU Y 121 -25.51 -56.18 19.31
N GLU Y 122 -26.63 -56.85 19.57
CA GLU Y 122 -27.57 -56.32 20.55
C GLU Y 122 -27.07 -56.51 21.98
N ALA Y 123 -26.25 -57.52 22.25
CA ALA Y 123 -25.71 -57.64 23.60
C ALA Y 123 -24.72 -56.51 23.86
N ILE Y 124 -23.94 -56.18 22.85
CA ILE Y 124 -23.00 -55.06 22.93
C ILE Y 124 -23.78 -53.76 23.14
N GLU Y 125 -24.77 -53.52 22.29
CA GLU Y 125 -25.52 -52.27 22.39
C GLU Y 125 -26.24 -52.15 23.73
N ALA Y 126 -26.73 -53.27 24.27
CA ALA Y 126 -27.39 -53.22 25.57
C ALA Y 126 -26.39 -52.79 26.64
N PHE Y 127 -25.20 -53.39 26.63
CA PHE Y 127 -24.19 -53.00 27.61
C PHE Y 127 -23.80 -51.54 27.45
N ASN Y 128 -23.63 -51.08 26.21
CA ASN Y 128 -23.26 -49.69 25.97
C ASN Y 128 -24.30 -48.73 26.50
N ASP Y 129 -25.58 -49.04 26.25
CA ASP Y 129 -26.62 -48.15 26.72
C ASP Y 129 -26.68 -48.14 28.23
N LEU Y 130 -26.58 -49.31 28.85
CA LEU Y 130 -26.60 -49.37 30.31
C LEU Y 130 -25.48 -48.52 30.92
N ASN Y 131 -24.27 -48.60 30.36
CA ASN Y 131 -23.14 -47.88 30.92
C ASN Y 131 -22.90 -46.48 30.35
N ASP Y 132 -23.74 -45.97 29.45
CA ASP Y 132 -23.51 -44.66 28.86
C ASP Y 132 -22.10 -44.57 28.27
N VAL Y 133 -21.75 -45.59 27.49
CA VAL Y 133 -20.38 -45.75 26.99
C VAL Y 133 -19.90 -44.55 26.19
N GLU Y 134 -20.78 -43.79 25.56
CA GLU Y 134 -20.30 -42.63 24.80
C GLU Y 134 -19.52 -41.65 25.67
N SER Y 135 -20.11 -41.25 26.80
CA SER Y 135 -19.44 -40.32 27.70
C SER Y 135 -18.19 -40.95 28.29
N HIS Y 136 -18.25 -42.24 28.59
CA HIS Y 136 -17.10 -42.92 29.14
C HIS Y 136 -15.93 -42.85 28.16
N ASN Y 137 -16.18 -43.20 26.91
CA ASN Y 137 -15.12 -43.11 25.91
C ASN Y 137 -14.57 -41.71 25.84
N ARG Y 138 -15.42 -40.68 25.92
CA ARG Y 138 -14.88 -39.33 25.88
C ARG Y 138 -13.93 -39.06 27.04
N SER Y 139 -14.20 -39.63 28.20
CA SER Y 139 -13.33 -39.31 29.33
C SER Y 139 -12.04 -40.10 29.29
N LEU Y 140 -12.06 -41.28 28.70
CA LEU Y 140 -10.80 -41.94 28.38
C LEU Y 140 -10.00 -41.14 27.37
N GLY Y 141 -10.65 -40.64 26.32
CA GLY Y 141 -9.96 -39.75 25.40
C GLY Y 141 -9.31 -38.58 26.10
N LEU Y 142 -9.93 -38.09 27.16
CA LEU Y 142 -9.36 -36.94 27.86
C LEU Y 142 -8.15 -37.34 28.70
N ASP Y 143 -8.23 -38.45 29.43
CA ASP Y 143 -7.04 -38.91 30.14
C ASP Y 143 -5.92 -39.29 29.18
N LEU Y 144 -6.25 -39.91 28.05
CA LEU Y 144 -5.26 -40.16 27.02
C LEU Y 144 -4.55 -38.89 26.61
N SER Y 145 -5.26 -37.77 26.58
CA SER Y 145 -4.61 -36.56 26.11
C SER Y 145 -3.80 -35.89 27.23
N ILE Y 146 -4.36 -35.84 28.44
CA ILE Y 146 -3.67 -35.23 29.57
C ILE Y 146 -2.45 -36.04 29.97
N TYR Y 147 -2.67 -37.29 30.40
CA TYR Y 147 -1.63 -38.10 31.01
C TYR Y 147 -0.85 -38.94 30.02
N GLY Y 148 -1.43 -39.27 28.88
CA GLY Y 148 -0.85 -40.23 27.98
C GLY Y 148 -1.38 -41.64 28.12
N LYS Y 149 -2.16 -41.92 29.16
CA LYS Y 149 -2.68 -43.25 29.38
C LYS Y 149 -3.97 -43.18 30.18
N ALA Y 150 -4.77 -44.24 30.11
CA ALA Y 150 -6.00 -44.24 30.87
C ALA Y 150 -6.41 -45.67 31.21
N TYR Y 151 -7.12 -45.84 32.32
CA TYR Y 151 -7.51 -47.16 32.79
C TYR Y 151 -9.02 -47.27 32.93
N GLU Y 152 -9.56 -48.45 32.64
CA GLU Y 152 -10.96 -48.71 32.93
C GLU Y 152 -11.12 -50.03 33.66
N LEU Y 153 -12.00 -50.02 34.66
CA LEU Y 153 -12.26 -51.13 35.56
C LEU Y 153 -13.69 -51.64 35.34
N MET Y 154 -13.83 -52.94 35.12
CA MET Y 154 -15.14 -53.55 34.89
C MET Y 154 -15.48 -54.48 36.05
N ILE Y 155 -16.68 -54.34 36.60
CA ILE Y 155 -17.11 -55.13 37.76
C ILE Y 155 -18.55 -55.59 37.63
N ARG Y 156 -18.83 -56.80 38.11
CA ARG Y 156 -20.20 -57.29 38.21
C ARG Y 156 -20.77 -56.75 39.52
N ASN Y 157 -21.74 -55.85 39.40
CA ASN Y 157 -22.32 -55.12 40.52
C ASN Y 157 -23.16 -56.02 41.41
N GLN Y 158 -23.49 -55.46 42.58
CA GLN Y 158 -24.32 -56.19 43.54
C GLN Y 158 -25.72 -56.39 42.99
N ASP Y 159 -26.24 -55.43 42.23
CA ASP Y 159 -27.53 -55.59 41.58
C ASP Y 159 -27.46 -56.51 40.38
N ASP Y 160 -26.33 -57.22 40.22
CA ASP Y 160 -26.15 -58.18 39.13
C ASP Y 160 -26.19 -57.50 37.75
N GLU Y 161 -25.29 -56.55 37.56
CA GLU Y 161 -25.18 -55.83 36.30
C GLU Y 161 -23.70 -55.64 35.99
N THR Y 162 -23.34 -55.66 34.71
CA THR Y 162 -21.95 -55.45 34.32
C THR Y 162 -21.71 -53.94 34.21
N ARG Y 163 -20.91 -53.39 35.11
CA ARG Y 163 -20.67 -51.96 35.14
C ARG Y 163 -19.23 -51.66 34.77
N LEU Y 164 -19.04 -50.53 34.10
CA LEU Y 164 -17.75 -50.06 33.61
C LEU Y 164 -17.45 -48.70 34.19
N TYR Y 165 -16.30 -48.55 34.86
CA TYR Y 165 -15.95 -47.29 35.51
C TYR Y 165 -14.52 -46.90 35.17
N LYS Y 166 -14.28 -45.61 34.93
CA LYS Y 166 -12.93 -45.12 34.72
C LYS Y 166 -12.16 -45.09 36.02
N SER Y 167 -10.90 -45.54 35.98
CA SER Y 167 -10.04 -45.56 37.16
C SER Y 167 -8.94 -44.51 37.04
N ASP Y 168 -8.73 -43.76 38.11
CA ASP Y 168 -7.90 -42.56 38.04
C ASP Y 168 -6.46 -42.94 37.72
N ALA Y 169 -5.86 -42.26 36.75
CA ALA Y 169 -4.49 -42.57 36.34
C ALA Y 169 -3.46 -42.32 37.44
N MET Y 170 -3.75 -41.45 38.41
CA MET Y 170 -2.80 -41.14 39.48
C MET Y 170 -2.85 -42.12 40.64
N SER Y 171 -3.67 -43.16 40.55
CA SER Y 171 -3.82 -44.09 41.66
C SER Y 171 -4.04 -45.50 41.16
N THR Y 172 -3.80 -45.78 39.89
CA THR Y 172 -3.99 -47.08 39.31
C THR Y 172 -2.74 -47.42 38.50
N PHE Y 173 -2.32 -48.68 38.53
CA PHE Y 173 -1.26 -49.12 37.63
C PHE Y 173 -1.39 -50.62 37.41
N ILE Y 174 -0.67 -51.14 36.41
CA ILE Y 174 -0.76 -52.56 36.08
C ILE Y 174 0.63 -53.17 35.97
N ILE Y 175 0.76 -54.43 36.39
CA ILE Y 175 1.99 -55.20 36.35
C ILE Y 175 1.83 -56.27 35.28
N TYR Y 176 2.77 -56.31 34.33
CA TYR Y 176 2.73 -57.21 33.19
C TYR Y 176 3.63 -58.43 33.35
N ASP Y 177 3.21 -59.51 32.70
CA ASP Y 177 4.08 -60.63 32.37
C ASP Y 177 5.36 -60.15 31.69
N ASN Y 178 6.47 -60.79 32.06
CA ASN Y 178 7.79 -60.42 31.56
C ASN Y 178 8.00 -60.76 30.09
N THR Y 179 7.22 -61.68 29.53
CA THR Y 179 7.48 -62.16 28.17
C THR Y 179 7.12 -61.11 27.13
N VAL Y 180 7.62 -61.32 25.91
CA VAL Y 180 7.38 -60.38 24.82
C VAL Y 180 5.90 -60.17 24.58
N GLU Y 181 5.07 -61.12 25.00
CA GLU Y 181 3.64 -60.98 24.81
C GLU Y 181 3.03 -59.94 25.75
N ARG Y 182 3.67 -59.71 26.88
CA ARG Y 182 3.20 -58.80 27.93
C ARG Y 182 1.71 -58.90 28.23
N ASN Y 183 1.27 -60.05 28.73
CA ASN Y 183 -0.02 -60.11 29.38
C ASN Y 183 0.05 -59.32 30.69
N SER Y 184 -1.06 -58.71 31.09
CA SER Y 184 -1.09 -58.13 32.41
C SER Y 184 -1.26 -59.23 33.44
N ILE Y 185 -0.46 -59.16 34.51
CA ILE Y 185 -0.56 -60.08 35.62
C ILE Y 185 -1.56 -59.60 36.65
N ALA Y 186 -1.36 -58.37 37.12
CA ALA Y 186 -2.19 -57.88 38.21
C ALA Y 186 -2.30 -56.38 38.13
N GLY Y 187 -3.35 -55.83 38.70
CA GLY Y 187 -3.58 -54.39 38.62
C GLY Y 187 -3.90 -53.83 39.98
N VAL Y 188 -3.39 -52.64 40.25
CA VAL Y 188 -3.38 -52.08 41.59
C VAL Y 188 -4.17 -50.79 41.57
N ARG Y 189 -5.07 -50.62 42.53
CA ARG Y 189 -5.67 -49.33 42.81
C ARG Y 189 -5.32 -49.00 44.25
N TYR Y 190 -5.04 -47.73 44.53
CA TYR Y 190 -4.74 -47.35 45.91
C TYR Y 190 -5.19 -45.93 46.20
N LEU Y 191 -6.18 -45.79 47.07
CA LEU Y 191 -6.75 -44.49 47.38
C LEU Y 191 -6.24 -44.00 48.73
N ARG Y 192 -5.79 -42.75 48.77
CA ARG Y 192 -5.60 -42.02 50.01
C ARG Y 192 -6.97 -41.76 50.62
N THR Y 193 -7.32 -42.47 51.67
CA THR Y 193 -8.47 -42.04 52.46
C THR Y 193 -8.10 -40.77 53.20
N LYS Y 194 -9.04 -39.83 53.30
CA LYS Y 194 -8.86 -38.68 54.19
C LYS Y 194 -10.18 -38.22 54.77
N PRO Y 195 -10.19 -37.74 56.02
CA PRO Y 195 -11.33 -36.96 56.50
C PRO Y 195 -11.28 -35.54 55.92
N ILE Y 196 -12.37 -34.81 56.15
CA ILE Y 196 -12.37 -33.38 55.86
C ILE Y 196 -11.83 -32.53 57.02
N ASP Y 197 -11.96 -32.99 58.26
CA ASP Y 197 -11.66 -32.12 59.39
C ASP Y 197 -10.16 -32.09 59.71
N LYS Y 198 -9.57 -33.22 60.06
CA LYS Y 198 -8.13 -33.27 60.24
C LYS Y 198 -7.40 -32.92 58.95
N THR Y 199 -6.25 -32.27 59.07
CA THR Y 199 -5.18 -32.35 58.08
C THR Y 199 -4.27 -33.51 58.48
N ASP Y 200 -4.68 -34.72 58.14
CA ASP Y 200 -3.99 -35.90 58.63
C ASP Y 200 -2.63 -36.11 57.95
N GLU Y 201 -1.70 -36.67 58.73
CA GLU Y 201 -0.43 -37.17 58.22
C GLU Y 201 -0.60 -38.47 57.45
N ASP Y 202 -1.22 -39.46 58.07
CA ASP Y 202 -1.30 -40.79 57.45
C ASP Y 202 -2.38 -40.84 56.39
N GLU Y 203 -1.95 -41.11 55.16
CA GLU Y 203 -2.86 -41.34 54.06
C GLU Y 203 -3.63 -42.66 54.23
N VAL Y 204 -3.15 -43.54 55.12
CA VAL Y 204 -3.72 -44.86 55.35
C VAL Y 204 -4.18 -45.50 54.04
N PHE Y 205 -3.29 -45.52 53.05
CA PHE Y 205 -3.65 -45.95 51.70
C PHE Y 205 -4.39 -47.28 51.70
N THR Y 206 -5.67 -47.26 51.33
CA THR Y 206 -6.38 -48.49 51.04
C THR Y 206 -5.94 -48.99 49.68
N VAL Y 207 -5.49 -50.25 49.61
CA VAL Y 207 -4.96 -50.83 48.38
C VAL Y 207 -5.82 -52.01 47.98
N ASP Y 208 -6.32 -52.00 46.75
CA ASP Y 208 -7.00 -53.14 46.17
C ASP Y 208 -6.13 -53.71 45.06
N LEU Y 209 -5.85 -55.00 45.13
CA LEU Y 209 -5.05 -55.70 44.15
C LEU Y 209 -5.97 -56.63 43.36
N PHE Y 210 -6.04 -56.42 42.06
CA PHE Y 210 -6.86 -57.21 41.16
C PHE Y 210 -5.99 -58.29 40.52
N THR Y 211 -6.56 -59.47 40.40
CA THR Y 211 -5.88 -60.62 39.79
C THR Y 211 -6.88 -61.33 38.90
N SER Y 212 -6.39 -62.29 38.14
CA SER Y 212 -7.25 -62.95 37.16
C SER Y 212 -8.39 -63.73 37.79
N HIS Y 213 -8.37 -63.97 39.10
CA HIS Y 213 -9.41 -64.76 39.74
C HIS Y 213 -10.16 -64.04 40.85
N GLY Y 214 -9.72 -62.86 41.28
CA GLY Y 214 -10.43 -62.17 42.35
C GLY Y 214 -9.71 -60.91 42.76
N VAL Y 215 -10.36 -60.18 43.67
CA VAL Y 215 -9.84 -58.94 44.23
C VAL Y 215 -9.40 -59.18 45.67
N TYR Y 216 -8.20 -58.70 46.00
CA TYR Y 216 -7.69 -58.75 47.37
C TYR Y 216 -7.65 -57.33 47.91
N ARG Y 217 -8.13 -57.12 49.13
CA ARG Y 217 -8.13 -55.79 49.72
C ARG Y 217 -7.17 -55.72 50.89
N TYR Y 218 -6.49 -54.59 51.01
CA TYR Y 218 -5.49 -54.39 52.05
C TYR Y 218 -5.53 -52.95 52.56
N LEU Y 219 -4.92 -52.77 53.73
CA LEU Y 219 -4.58 -51.47 54.25
C LEU Y 219 -3.07 -51.33 54.31
N THR Y 220 -2.60 -50.09 54.13
CA THR Y 220 -1.18 -49.76 54.28
C THR Y 220 -1.05 -48.35 54.82
N ASN Y 221 0.18 -48.01 55.22
CA ASN Y 221 0.57 -46.62 55.33
C ASN Y 221 2.01 -46.48 54.85
N ARG Y 222 2.37 -45.25 54.48
CA ARG Y 222 3.70 -45.02 53.91
C ARG Y 222 4.79 -45.27 54.95
N THR Y 223 4.55 -44.86 56.19
CA THR Y 223 5.62 -44.72 57.18
C THR Y 223 6.09 -46.04 57.77
N ASN Y 224 5.21 -47.03 57.94
CA ASN Y 224 5.69 -48.37 58.22
C ASN Y 224 6.38 -49.03 57.03
N GLY Y 225 6.53 -48.33 55.91
CA GLY Y 225 7.11 -48.93 54.72
C GLY Y 225 6.13 -49.64 53.84
N LEU Y 226 4.85 -49.25 53.88
CA LEU Y 226 3.82 -49.88 53.04
C LEU Y 226 3.72 -51.39 53.26
N LYS Y 227 3.82 -51.81 54.51
CA LYS Y 227 3.65 -53.23 54.83
C LYS Y 227 2.17 -53.55 54.65
N LEU Y 228 1.85 -54.39 53.66
CA LEU Y 228 0.47 -54.73 53.36
C LEU Y 228 -0.14 -55.60 54.45
N THR Y 229 -1.25 -55.15 55.03
CA THR Y 229 -2.01 -55.98 55.97
C THR Y 229 -3.37 -56.25 55.36
N PRO Y 230 -3.77 -57.52 55.22
CA PRO Y 230 -5.09 -57.81 54.64
C PRO Y 230 -6.21 -57.13 55.42
N ARG Y 231 -7.14 -56.54 54.68
CA ARG Y 231 -8.31 -55.97 55.33
C ARG Y 231 -9.29 -57.08 55.69
N GLU Y 232 -10.11 -56.82 56.70
CA GLU Y 232 -11.16 -57.77 57.06
C GLU Y 232 -12.05 -58.03 55.85
N ASN Y 233 -12.32 -59.30 55.58
CA ASN Y 233 -13.00 -59.72 54.36
C ASN Y 233 -12.17 -59.25 53.16
N SER Y 234 -10.90 -59.66 53.17
CA SER Y 234 -9.93 -59.25 52.17
C SER Y 234 -10.32 -59.69 50.76
N PHE Y 235 -10.57 -60.98 50.57
CA PHE Y 235 -10.79 -61.51 49.23
C PHE Y 235 -12.25 -61.43 48.78
N GLU Y 236 -12.42 -61.24 47.47
CA GLU Y 236 -13.74 -61.23 46.86
C GLU Y 236 -13.60 -61.74 45.44
N SER Y 237 -14.24 -62.87 45.15
CA SER Y 237 -14.15 -63.49 43.84
C SER Y 237 -14.89 -62.69 42.77
N HIS Y 238 -14.37 -62.75 41.54
CA HIS Y 238 -15.01 -62.19 40.36
C HIS Y 238 -15.05 -63.24 39.27
N SER Y 239 -16.09 -63.20 38.45
CA SER Y 239 -16.36 -64.25 37.48
C SER Y 239 -15.68 -64.06 36.13
N PHE Y 240 -14.83 -63.05 35.97
CA PHE Y 240 -14.06 -62.99 34.73
C PHE Y 240 -12.95 -64.03 34.82
N GLU Y 241 -12.19 -64.17 33.75
CA GLU Y 241 -11.08 -65.12 33.74
C GLU Y 241 -9.76 -64.45 33.39
N ARG Y 242 -9.72 -63.13 33.51
CA ARG Y 242 -8.52 -62.34 33.27
C ARG Y 242 -8.65 -61.07 34.09
N MET Y 243 -7.51 -60.44 34.35
CA MET Y 243 -7.47 -59.30 35.25
C MET Y 243 -8.37 -58.17 34.72
N PRO Y 244 -9.37 -57.71 35.47
CA PRO Y 244 -10.38 -56.80 34.90
C PRO Y 244 -9.90 -55.44 34.44
N ILE Y 245 -8.83 -54.87 34.99
CA ILE Y 245 -8.46 -53.52 34.56
C ILE Y 245 -7.86 -53.58 33.16
N THR Y 246 -8.20 -52.58 32.35
CA THR Y 246 -7.64 -52.42 31.01
C THR Y 246 -6.94 -51.07 30.91
N GLU Y 247 -5.79 -51.05 30.23
CA GLU Y 247 -5.02 -49.81 30.03
C GLU Y 247 -5.00 -49.42 28.56
N PHE Y 248 -5.13 -48.12 28.30
CA PHE Y 248 -5.09 -47.53 26.98
C PHE Y 248 -3.90 -46.58 26.93
N SER Y 249 -3.29 -46.45 25.75
CA SER Y 249 -2.13 -45.58 25.56
C SER Y 249 -2.42 -44.53 24.51
N ASN Y 250 -1.86 -43.34 24.70
CA ASN Y 250 -2.01 -42.28 23.72
C ASN Y 250 -1.14 -42.50 22.51
N ASN Y 251 -0.04 -43.20 22.68
CA ASN Y 251 0.89 -43.53 21.60
C ASN Y 251 1.85 -44.57 22.17
N GLU Y 252 2.74 -45.06 21.32
CA GLU Y 252 3.71 -46.06 21.74
C GLU Y 252 4.39 -45.68 23.05
N ARG Y 253 4.71 -44.40 23.25
CA ARG Y 253 5.45 -43.93 24.42
C ARG Y 253 4.57 -43.49 25.58
N ARG Y 254 3.26 -43.59 25.48
CA ARG Y 254 2.36 -43.07 26.51
C ARG Y 254 2.64 -41.61 26.87
N LYS Y 255 3.05 -40.81 25.89
CA LYS Y 255 3.26 -39.37 26.08
C LYS Y 255 1.96 -38.59 25.92
N GLY Y 256 1.76 -37.59 26.77
CA GLY Y 256 0.61 -36.71 26.64
C GLY Y 256 0.73 -35.78 25.44
N ASP Y 257 -0.33 -35.01 25.20
CA ASP Y 257 -0.37 -34.17 24.00
C ASP Y 257 0.28 -32.81 24.17
N TYR Y 258 0.45 -32.32 25.40
CA TYR Y 258 1.19 -31.09 25.65
C TYR Y 258 2.36 -31.31 26.59
N GLU Y 259 2.66 -32.55 26.94
CA GLU Y 259 3.81 -32.82 27.79
C GLU Y 259 5.09 -32.26 27.19
N LYS Y 260 5.17 -32.18 25.87
CA LYS Y 260 6.40 -31.75 25.20
C LYS Y 260 6.50 -30.25 24.97
N VAL Y 261 5.49 -29.46 25.33
CA VAL Y 261 5.53 -28.01 25.15
C VAL Y 261 5.38 -27.25 26.46
N ILE Y 262 5.38 -27.97 27.58
CA ILE Y 262 5.24 -27.30 28.87
C ILE Y 262 6.32 -26.24 29.08
N THR Y 263 7.54 -26.47 28.57
CA THR Y 263 8.57 -25.45 28.74
C THR Y 263 8.21 -24.19 27.96
N LEU Y 264 7.52 -24.33 26.83
CA LEU Y 264 7.13 -23.15 26.09
C LEU Y 264 5.98 -22.44 26.77
N ILE Y 265 5.08 -23.20 27.39
CA ILE Y 265 4.01 -22.55 28.14
C ILE Y 265 4.61 -21.75 29.27
N ASP Y 266 5.59 -22.31 29.98
CA ASP Y 266 6.27 -21.56 31.03
C ASP Y 266 6.92 -20.30 30.50
N LEU Y 267 7.60 -20.39 29.35
CA LEU Y 267 8.24 -19.17 28.83
C LEU Y 267 7.20 -18.11 28.50
N TYR Y 268 6.04 -18.50 27.99
CA TYR Y 268 5.04 -17.49 27.68
C TYR Y 268 4.46 -16.87 28.94
N ASP Y 269 4.27 -17.68 29.97
CA ASP Y 269 3.81 -17.13 31.25
C ASP Y 269 4.81 -16.12 31.77
N ASN Y 270 6.09 -16.47 31.73
CA ASN Y 270 7.11 -15.58 32.27
C ASN Y 270 7.17 -14.27 31.47
N ALA Y 271 7.11 -14.36 30.14
CA ALA Y 271 7.17 -13.14 29.34
C ALA Y 271 5.98 -12.24 29.61
N GLU Y 272 4.79 -12.81 29.70
CA GLU Y 272 3.63 -11.95 29.93
C GLU Y 272 3.64 -11.35 31.32
N SER Y 273 4.03 -12.12 32.33
CA SER Y 273 4.11 -11.53 33.66
C SER Y 273 5.22 -10.49 33.75
N ASP Y 274 6.27 -10.63 32.94
CA ASP Y 274 7.29 -9.58 32.91
C ASP Y 274 6.73 -8.29 32.33
N THR Y 275 5.98 -8.39 31.23
CA THR Y 275 5.36 -7.19 30.69
C THR Y 275 4.36 -6.60 31.67
N ALA Y 276 3.65 -7.44 32.41
CA ALA Y 276 2.70 -6.88 33.36
C ALA Y 276 3.41 -6.19 34.51
N ASN Y 277 4.62 -6.64 34.85
CA ASN Y 277 5.37 -5.93 35.88
C ASN Y 277 5.81 -4.58 35.35
N TYR Y 278 6.37 -4.56 34.15
CA TYR Y 278 6.77 -3.31 33.53
C TYR Y 278 5.62 -2.31 33.51
N MET Y 279 4.42 -2.78 33.20
CA MET Y 279 3.29 -1.85 33.16
C MET Y 279 2.94 -1.36 34.55
N SER Y 280 2.84 -2.26 35.51
CA SER Y 280 2.45 -1.88 36.86
C SER Y 280 3.43 -0.91 37.53
N ASP Y 281 4.73 -1.14 37.38
CA ASP Y 281 5.70 -0.47 38.25
C ASP Y 281 6.27 0.86 37.76
N LEU Y 282 6.24 1.16 36.46
CA LEU Y 282 6.79 2.43 35.98
C LEU Y 282 5.71 3.45 35.68
N ASN Y 283 6.06 4.71 35.91
CA ASN Y 283 5.18 5.83 35.59
C ASN Y 283 5.08 6.02 34.08
N ASP Y 284 3.86 6.20 33.58
CA ASP Y 284 3.66 6.35 32.13
C ASP Y 284 4.41 7.57 31.61
N ALA Y 285 4.19 8.73 32.23
CA ALA Y 285 4.88 9.94 31.80
C ALA Y 285 4.93 10.91 32.97
N MET Y 286 5.86 11.85 32.87
CA MET Y 286 6.03 12.86 33.90
C MET Y 286 6.50 14.16 33.27
N LEU Y 287 6.16 15.25 33.93
CA LEU Y 287 6.67 16.57 33.57
C LEU Y 287 7.98 16.77 34.32
N LEU Y 288 9.09 16.76 33.59
CA LEU Y 288 10.40 16.99 34.15
C LEU Y 288 10.70 18.48 34.16
N ILE Y 289 11.06 19.01 35.33
CA ILE Y 289 11.49 20.39 35.49
C ILE Y 289 12.87 20.38 36.11
N LYS Y 290 13.82 21.05 35.48
CA LYS Y 290 15.20 21.11 35.92
C LYS Y 290 15.55 22.51 36.40
N GLY Y 291 16.75 22.63 36.96
CA GLY Y 291 17.32 23.91 37.30
C GLY Y 291 16.97 24.40 38.70
N ASN Y 292 17.80 25.31 39.18
CA ASN Y 292 17.62 25.90 40.50
C ASN Y 292 16.37 26.77 40.48
N LEU Y 293 15.37 26.40 41.27
CA LEU Y 293 14.07 27.03 41.15
C LEU Y 293 13.31 26.84 42.45
N ASN Y 294 12.26 27.64 42.61
CA ASN Y 294 11.33 27.49 43.72
C ASN Y 294 10.04 26.92 43.18
N LEU Y 295 9.69 25.72 43.59
CA LEU Y 295 8.40 25.12 43.28
C LEU Y 295 7.62 24.97 44.56
N ASP Y 296 6.44 25.57 44.62
CA ASP Y 296 5.59 25.43 45.77
C ASP Y 296 4.77 24.16 45.61
N PRO Y 297 4.85 23.19 46.53
CA PRO Y 297 4.07 21.97 46.37
C PRO Y 297 2.58 22.21 46.42
N VAL Y 298 2.15 23.40 46.81
CA VAL Y 298 0.75 23.77 46.70
C VAL Y 298 0.45 24.21 45.28
N GLU Y 299 1.42 24.87 44.64
CA GLU Y 299 1.23 25.34 43.28
C GLU Y 299 1.31 24.22 42.26
N VAL Y 300 2.14 23.22 42.51
CA VAL Y 300 2.24 22.07 41.61
C VAL Y 300 0.90 21.39 41.37
N ARG Y 301 -0.07 21.55 42.27
CA ARG Y 301 -1.37 20.93 42.02
C ARG Y 301 -2.10 21.56 40.84
N LYS Y 302 -1.73 22.77 40.44
CA LYS Y 302 -2.34 23.38 39.25
C LYS Y 302 -1.84 22.77 37.95
N GLN Y 303 -0.84 21.89 38.03
CA GLN Y 303 -0.21 21.35 36.83
C GLN Y 303 -1.24 20.83 35.83
N LYS Y 304 -2.32 20.21 36.32
CA LYS Y 304 -3.33 19.70 35.39
C LYS Y 304 -4.16 20.78 34.71
N GLU Y 305 -4.20 21.99 35.23
CA GLU Y 305 -5.12 22.98 34.69
C GLU Y 305 -4.47 24.29 34.27
N ALA Y 306 -3.15 24.44 34.41
CA ALA Y 306 -2.48 25.63 33.93
C ALA Y 306 -2.21 25.53 32.44
N ASN Y 307 -2.21 26.69 31.78
CA ASN Y 307 -1.89 26.77 30.36
C ASN Y 307 -0.47 27.18 30.08
N VAL Y 308 0.07 28.12 30.85
CA VAL Y 308 1.42 28.63 30.66
C VAL Y 308 2.29 28.15 31.82
N LEU Y 309 3.47 27.66 31.48
CA LEU Y 309 4.50 27.30 32.45
C LEU Y 309 5.61 28.32 32.29
N PHE Y 310 5.90 29.07 33.34
CA PHE Y 310 6.91 30.11 33.32
C PHE Y 310 8.04 29.73 34.25
N LEU Y 311 9.24 29.58 33.69
CA LEU Y 311 10.43 29.24 34.47
C LEU Y 311 11.38 30.42 34.44
N GLU Y 312 11.62 31.03 35.60
CA GLU Y 312 12.48 32.19 35.67
C GLU Y 312 13.80 31.76 36.28
N PRO Y 313 14.91 31.83 35.55
CA PRO Y 313 16.16 31.27 36.07
C PRO Y 313 16.76 32.12 37.18
N THR Y 314 17.36 31.45 38.14
CA THR Y 314 18.08 32.14 39.20
C THR Y 314 19.22 32.95 38.62
N VAL Y 315 19.39 34.17 39.13
CA VAL Y 315 20.49 35.04 38.72
C VAL Y 315 21.58 34.98 39.79
N TYR Y 316 22.78 34.61 39.38
CA TYR Y 316 23.91 34.52 40.28
C TYR Y 316 24.73 35.79 40.17
N VAL Y 317 25.04 36.40 41.30
CA VAL Y 317 25.78 37.66 41.34
C VAL Y 317 27.20 37.37 41.81
N ASP Y 318 28.16 37.81 41.02
CA ASP Y 318 29.57 37.59 41.33
C ASP Y 318 30.07 38.65 42.30
N ALA Y 319 31.11 38.31 43.05
CA ALA Y 319 31.62 39.25 44.05
C ALA Y 319 32.10 40.53 43.41
N GLU Y 320 32.59 40.47 42.18
CA GLU Y 320 33.01 41.68 41.47
C GLU Y 320 31.87 42.35 40.73
N GLY Y 321 30.63 41.92 40.98
CA GLY Y 321 29.46 42.53 40.37
C GLY Y 321 28.93 41.88 39.11
N ARG Y 322 29.58 40.84 38.60
CA ARG Y 322 29.06 40.19 37.39
C ARG Y 322 27.75 39.48 37.70
N GLU Y 323 26.95 39.32 36.66
CA GLU Y 323 25.65 38.65 36.76
C GLU Y 323 25.56 37.56 35.70
N THR Y 324 25.00 36.42 36.10
CA THR Y 324 24.87 35.29 35.19
C THR Y 324 23.64 34.47 35.59
N GLU Y 325 23.07 33.77 34.62
CA GLU Y 325 21.81 33.06 34.79
C GLU Y 325 21.99 31.54 34.87
N GLY Y 326 21.23 30.92 35.77
CA GLY Y 326 21.17 29.46 35.81
C GLY Y 326 20.44 28.90 34.61
N SER Y 327 20.67 27.61 34.34
CA SER Y 327 20.07 26.93 33.19
C SER Y 327 18.80 26.18 33.58
N VAL Y 328 17.63 26.78 33.36
CA VAL Y 328 16.34 26.14 33.59
C VAL Y 328 15.96 25.33 32.37
N ASP Y 329 15.15 24.29 32.57
CA ASP Y 329 14.63 23.51 31.46
C ASP Y 329 13.38 22.76 31.90
N GLY Y 330 12.55 22.40 30.94
CA GLY Y 330 11.31 21.69 31.25
C GLY Y 330 10.72 20.95 30.08
N GLY Y 331 10.18 19.76 30.30
CA GLY Y 331 9.60 18.99 29.20
C GLY Y 331 9.08 17.66 29.71
N TYR Y 332 8.21 17.06 28.91
CA TYR Y 332 7.66 15.76 29.29
C TYR Y 332 8.59 14.62 28.91
N ILE Y 333 8.60 13.59 29.75
CA ILE Y 333 9.30 12.34 29.48
C ILE Y 333 8.30 11.21 29.67
N TYR Y 334 8.46 10.14 28.91
CA TYR Y 334 7.53 9.02 28.97
C TYR Y 334 8.26 7.70 28.82
N LYS Y 335 7.75 6.68 29.52
CA LYS Y 335 8.38 5.37 29.48
C LYS Y 335 8.10 4.67 28.16
N GLN Y 336 9.02 3.79 27.77
CA GLN Y 336 8.93 3.11 26.49
C GLN Y 336 9.62 1.75 26.62
N TYR Y 337 9.19 0.79 25.81
CA TYR Y 337 9.86 -0.51 25.81
C TYR Y 337 9.91 -1.06 24.39
N ASP Y 338 10.76 -2.08 24.20
CA ASP Y 338 10.98 -2.68 22.89
C ASP Y 338 9.79 -3.53 22.47
N VAL Y 339 8.75 -2.85 21.99
CA VAL Y 339 7.54 -3.52 21.55
C VAL Y 339 7.83 -4.44 20.38
N GLN Y 340 8.66 -3.99 19.42
CA GLN Y 340 8.92 -4.84 18.26
C GLN Y 340 9.50 -6.17 18.66
N GLY Y 341 10.54 -6.16 19.48
CA GLY Y 341 11.20 -7.41 19.82
C GLY Y 341 10.40 -8.27 20.77
N THR Y 342 9.68 -7.65 21.69
CA THR Y 342 8.94 -8.49 22.63
C THR Y 342 7.69 -9.08 21.98
N GLU Y 343 7.03 -8.33 21.10
CA GLU Y 343 5.87 -8.90 20.44
C GLU Y 343 6.30 -9.96 19.43
N ALA Y 344 7.42 -9.76 18.74
CA ALA Y 344 7.87 -10.81 17.83
C ALA Y 344 8.25 -12.08 18.58
N TYR Y 345 8.81 -11.93 19.78
CA TYR Y 345 9.18 -13.11 20.55
C TYR Y 345 7.95 -13.84 21.05
N LYS Y 346 6.99 -13.11 21.63
CA LYS Y 346 5.81 -13.78 22.13
C LYS Y 346 5.00 -14.41 20.99
N ASP Y 347 5.01 -13.79 19.81
CA ASP Y 347 4.33 -14.41 18.69
C ASP Y 347 5.02 -15.69 18.28
N ARG Y 348 6.35 -15.73 18.40
CA ARG Y 348 7.03 -16.98 18.05
C ARG Y 348 6.68 -18.08 19.04
N LEU Y 349 6.64 -17.76 20.33
CA LEU Y 349 6.24 -18.77 21.30
C LEU Y 349 4.85 -19.31 21.02
N ASN Y 350 3.89 -18.43 20.78
CA ASN Y 350 2.53 -18.88 20.49
C ASN Y 350 2.48 -19.75 19.24
N SER Y 351 3.14 -19.31 18.18
CA SER Y 351 3.13 -20.07 16.94
C SER Y 351 3.74 -21.44 17.15
N ASP Y 352 4.83 -21.54 17.90
CA ASP Y 352 5.46 -22.84 18.10
C ASP Y 352 4.59 -23.76 18.95
N ILE Y 353 3.94 -23.22 19.98
CA ILE Y 353 3.06 -24.07 20.77
C ILE Y 353 1.99 -24.67 19.89
N HIS Y 354 1.43 -23.89 18.97
CA HIS Y 354 0.42 -24.46 18.10
C HIS Y 354 1.01 -25.40 17.05
N MET Y 355 2.20 -25.09 16.54
CA MET Y 355 2.79 -25.95 15.52
C MET Y 355 3.10 -27.34 16.06
N PHE Y 356 3.72 -27.42 17.23
CA PHE Y 356 4.10 -28.73 17.74
C PHE Y 356 2.94 -29.56 18.23
N THR Y 357 1.74 -28.98 18.34
CA THR Y 357 0.57 -29.73 18.76
C THR Y 357 -0.47 -29.77 17.66
N ASN Y 358 -0.13 -29.37 16.45
CA ASN Y 358 -1.03 -29.48 15.31
C ASN Y 358 -2.38 -28.86 15.60
N THR Y 359 -2.39 -27.85 16.42
CA THR Y 359 -3.63 -27.17 16.79
C THR Y 359 -3.75 -25.90 15.95
N PRO Y 360 -4.91 -25.56 15.40
CA PRO Y 360 -4.99 -24.41 14.50
C PRO Y 360 -4.64 -23.10 15.21
N ASN Y 361 -3.69 -22.37 14.63
CA ASN Y 361 -3.22 -21.09 15.15
C ASN Y 361 -4.24 -20.01 14.82
N MET Y 362 -5.18 -19.79 15.73
CA MET Y 362 -6.27 -18.86 15.48
C MET Y 362 -5.80 -17.44 15.20
N LYS Y 363 -4.64 -17.05 15.72
CA LYS Y 363 -4.21 -15.67 15.54
C LYS Y 363 -3.76 -15.38 14.12
N ASP Y 364 -3.33 -16.40 13.39
CA ASP Y 364 -2.84 -16.21 12.03
C ASP Y 364 -3.62 -17.10 11.06
N ASP Y 365 -4.92 -16.85 10.94
CA ASP Y 365 -5.78 -17.74 10.18
C ASP Y 365 -6.92 -16.96 9.53
N ASN Y 366 -7.30 -17.38 8.34
CA ASN Y 366 -8.40 -16.77 7.61
C ASN Y 366 -9.07 -17.82 6.74
N PHE Y 367 -10.36 -17.61 6.48
CA PHE Y 367 -11.22 -18.61 5.87
C PHE Y 367 -11.88 -18.06 4.61
N SER Y 368 -12.07 -18.96 3.65
CA SER Y 368 -12.42 -18.60 2.29
C SER Y 368 -13.45 -19.58 1.74
N GLY Y 369 -14.23 -19.11 0.77
CA GLY Y 369 -15.43 -19.82 0.36
C GLY Y 369 -16.41 -19.94 1.49
N THR Y 370 -17.04 -21.11 1.58
CA THR Y 370 -18.05 -21.37 2.61
C THR Y 370 -18.01 -22.78 3.19
N GLN Y 371 -17.28 -23.71 2.58
CA GLN Y 371 -17.19 -25.10 3.05
C GLN Y 371 -16.26 -25.18 4.25
N SER Y 372 -16.83 -25.10 5.45
CA SER Y 372 -16.03 -25.26 6.66
C SER Y 372 -15.47 -26.67 6.83
N GLY Y 373 -16.10 -27.66 6.19
CA GLY Y 373 -15.62 -29.02 6.32
C GLY Y 373 -14.26 -29.22 5.70
N GLU Y 374 -14.07 -28.70 4.49
CA GLU Y 374 -12.82 -28.94 3.78
C GLU Y 374 -11.69 -28.09 4.34
N ALA Y 375 -11.94 -26.81 4.65
CA ALA Y 375 -10.86 -26.02 5.23
C ALA Y 375 -10.40 -26.60 6.55
N MET Y 376 -11.32 -27.09 7.38
CA MET Y 376 -10.90 -27.82 8.57
C MET Y 376 -10.10 -29.06 8.18
N LYS Y 377 -10.65 -29.91 7.31
CA LYS Y 377 -9.99 -31.16 6.98
C LYS Y 377 -8.61 -30.98 6.37
N TYR Y 378 -8.37 -29.87 5.69
CA TYR Y 378 -7.02 -29.56 5.23
C TYR Y 378 -6.12 -29.07 6.36
N LYS Y 379 -6.60 -28.13 7.16
CA LYS Y 379 -5.74 -27.57 8.19
C LYS Y 379 -5.41 -28.58 9.28
N LEU Y 380 -6.33 -29.47 9.58
CA LEU Y 380 -6.14 -30.56 10.54
C LEU Y 380 -5.42 -31.76 9.95
N PHE Y 381 -4.76 -31.63 8.81
CA PHE Y 381 -4.10 -32.80 8.26
C PHE Y 381 -3.01 -33.31 9.18
N GLY Y 382 -2.25 -32.39 9.79
CA GLY Y 382 -1.20 -32.83 10.69
C GLY Y 382 -1.76 -33.54 11.91
N LEU Y 383 -2.91 -33.08 12.40
CA LEU Y 383 -3.54 -33.71 13.55
C LEU Y 383 -4.09 -35.08 13.20
N GLU Y 384 -4.57 -35.27 11.97
CA GLU Y 384 -5.15 -36.55 11.61
C GLU Y 384 -4.11 -37.67 11.66
N GLN Y 385 -2.86 -37.38 11.28
CA GLN Y 385 -1.84 -38.42 11.29
C GLN Y 385 -1.64 -39.03 12.68
N ARG Y 386 -1.62 -38.21 13.71
CA ARG Y 386 -1.48 -38.74 15.07
C ARG Y 386 -2.75 -39.46 15.52
N THR Y 387 -3.90 -38.85 15.27
CA THR Y 387 -5.16 -39.45 15.70
C THR Y 387 -5.37 -40.84 15.11
N LYS Y 388 -4.89 -41.09 13.90
CA LYS Y 388 -5.09 -42.43 13.34
C LYS Y 388 -4.33 -43.51 14.11
N THR Y 389 -3.19 -43.15 14.69
CA THR Y 389 -2.48 -44.09 15.53
C THR Y 389 -3.22 -44.25 16.86
N LYS Y 390 -3.61 -43.13 17.45
CA LYS Y 390 -4.40 -43.20 18.66
C LYS Y 390 -5.60 -44.10 18.46
N GLU Y 391 -6.22 -44.04 17.28
CA GLU Y 391 -7.38 -44.86 16.98
C GLU Y 391 -7.03 -46.33 16.96
N GLY Y 392 -5.83 -46.66 16.49
CA GLY Y 392 -5.44 -48.06 16.50
C GLY Y 392 -5.29 -48.59 17.91
N LEU Y 393 -4.57 -47.86 18.75
CA LEU Y 393 -4.41 -48.28 20.14
C LEU Y 393 -5.75 -48.32 20.90
N PHE Y 394 -6.63 -47.37 20.63
CA PHE Y 394 -7.96 -47.39 21.24
C PHE Y 394 -8.73 -48.65 20.87
N THR Y 395 -8.74 -49.00 19.58
CA THR Y 395 -9.45 -50.22 19.21
C THR Y 395 -8.82 -51.42 19.88
N LYS Y 396 -7.49 -51.44 19.97
CA LYS Y 396 -6.83 -52.56 20.64
C LYS Y 396 -7.34 -52.71 22.06
N GLY Y 397 -7.68 -51.60 22.71
CA GLY Y 397 -8.24 -51.68 24.06
C GLY Y 397 -9.70 -52.11 24.10
N LEU Y 398 -10.48 -51.58 23.17
CA LEU Y 398 -11.89 -51.97 23.11
C LEU Y 398 -12.04 -53.46 22.87
N ARG Y 399 -11.12 -54.07 22.11
CA ARG Y 399 -11.25 -55.51 21.92
C ARG Y 399 -11.13 -56.26 23.23
N ARG Y 400 -10.26 -55.80 24.13
CA ARG Y 400 -10.17 -56.45 25.43
C ARG Y 400 -11.44 -56.21 26.24
N ARG Y 401 -11.98 -55.01 26.18
CA ARG Y 401 -13.26 -54.78 26.86
C ARG Y 401 -14.30 -55.78 26.39
N ALA Y 402 -14.37 -56.01 25.08
CA ALA Y 402 -15.34 -56.97 24.54
C ALA Y 402 -15.01 -58.39 24.97
N LYS Y 403 -13.73 -58.73 25.02
CA LYS Y 403 -13.34 -60.07 25.48
C LYS Y 403 -13.83 -60.32 26.89
N LEU Y 404 -13.70 -59.31 27.75
CA LEU Y 404 -14.20 -59.44 29.11
C LEU Y 404 -15.71 -59.56 29.13
N LEU Y 405 -16.40 -58.73 28.36
CA LEU Y 405 -17.85 -58.77 28.37
C LEU Y 405 -18.38 -60.12 27.90
N GLU Y 406 -17.80 -60.67 26.84
CA GLU Y 406 -18.28 -61.97 26.40
C GLU Y 406 -18.01 -63.02 27.46
N THR Y 407 -16.91 -62.89 28.19
CA THR Y 407 -16.61 -63.92 29.19
C THR Y 407 -17.63 -63.89 30.31
N ILE Y 408 -17.97 -62.69 30.79
CA ILE Y 408 -18.96 -62.63 31.86
C ILE Y 408 -20.34 -63.04 31.38
N LEU Y 409 -20.70 -62.68 30.13
CA LEU Y 409 -21.99 -63.11 29.62
C LEU Y 409 -22.06 -64.63 29.53
N LYS Y 410 -20.98 -65.26 29.08
CA LYS Y 410 -20.99 -66.72 28.96
C LYS Y 410 -21.03 -67.38 30.33
N ASN Y 411 -20.26 -66.87 31.29
CA ASN Y 411 -20.27 -67.49 32.61
C ASN Y 411 -21.62 -67.31 33.29
N THR Y 412 -22.36 -66.27 32.95
CA THR Y 412 -23.72 -66.14 33.45
C THR Y 412 -24.73 -66.81 32.53
N ARG Y 413 -24.26 -67.36 31.41
CA ARG Y 413 -25.11 -68.03 30.43
C ARG Y 413 -26.25 -67.13 29.97
N SER Y 414 -25.98 -65.84 29.88
CA SER Y 414 -26.91 -64.89 29.29
C SER Y 414 -26.78 -64.86 27.77
N ILE Y 415 -25.81 -65.60 27.22
CA ILE Y 415 -25.62 -65.72 25.78
C ILE Y 415 -25.01 -67.09 25.52
N ASP Y 416 -25.22 -67.59 24.30
CA ASP Y 416 -24.71 -68.90 23.94
C ASP Y 416 -23.20 -68.93 23.89
N ALA Y 417 -22.62 -70.02 24.41
CA ALA Y 417 -21.18 -70.21 24.38
C ALA Y 417 -20.65 -70.29 22.96
N ASN Y 418 -21.53 -70.47 21.98
CA ASN Y 418 -21.14 -70.53 20.57
C ASN Y 418 -20.69 -69.18 20.01
N LYS Y 419 -21.11 -68.07 20.63
CA LYS Y 419 -20.85 -66.76 20.05
C LYS Y 419 -19.38 -66.37 20.17
N ASP Y 420 -18.96 -65.48 19.28
CA ASP Y 420 -17.62 -64.90 19.30
C ASP Y 420 -17.77 -63.39 19.10
N PHE Y 421 -17.11 -62.61 19.96
CA PHE Y 421 -17.19 -61.16 19.90
C PHE Y 421 -16.10 -60.50 19.08
N ASN Y 422 -15.05 -61.22 18.70
CA ASN Y 422 -13.98 -60.58 17.94
C ASN Y 422 -14.40 -60.19 16.53
N THR Y 423 -15.60 -60.56 16.08
CA THR Y 423 -16.04 -60.14 14.76
C THR Y 423 -16.53 -58.70 14.70
N VAL Y 424 -16.78 -58.06 15.84
CA VAL Y 424 -17.26 -56.69 15.85
C VAL Y 424 -16.29 -55.76 15.15
N ARG Y 425 -16.83 -54.88 14.30
CA ARG Y 425 -16.08 -53.85 13.61
C ARG Y 425 -16.38 -52.50 14.26
N TYR Y 426 -15.33 -51.83 14.75
CA TYR Y 426 -15.46 -50.50 15.35
C TYR Y 426 -15.26 -49.45 14.27
N VAL Y 427 -16.27 -48.60 14.06
CA VAL Y 427 -16.24 -47.57 13.03
C VAL Y 427 -16.13 -46.21 13.71
N TYR Y 428 -15.10 -45.44 13.32
CA TYR Y 428 -14.79 -44.16 13.90
C TYR Y 428 -15.14 -43.03 12.93
N ASN Y 429 -15.74 -41.96 13.46
CA ASN Y 429 -15.98 -40.75 12.70
C ASN Y 429 -15.35 -39.58 13.43
N ARG Y 430 -14.76 -38.66 12.67
CA ARG Y 430 -14.21 -37.45 13.25
C ARG Y 430 -15.32 -36.46 13.51
N ASN Y 431 -15.05 -35.48 14.37
CA ASN Y 431 -16.04 -34.46 14.72
C ASN Y 431 -15.98 -33.25 13.79
N LEU Y 432 -15.63 -33.44 12.53
CA LEU Y 432 -15.60 -32.34 11.58
C LEU Y 432 -16.99 -31.74 11.37
N PRO Y 433 -17.08 -30.44 11.08
CA PRO Y 433 -18.39 -29.82 10.87
C PRO Y 433 -19.02 -30.26 9.56
N LYS Y 434 -20.35 -30.33 9.56
CA LYS Y 434 -21.11 -30.93 8.48
C LYS Y 434 -22.25 -30.01 8.05
N SER Y 435 -22.81 -30.27 6.87
CA SER Y 435 -23.69 -29.34 6.17
C SER Y 435 -24.92 -30.08 5.65
N LEU Y 436 -25.96 -30.13 6.49
CA LEU Y 436 -27.11 -30.98 6.21
C LEU Y 436 -27.78 -30.65 4.89
N ILE Y 437 -27.75 -29.39 4.44
CA ILE Y 437 -28.36 -29.08 3.15
C ILE Y 437 -27.57 -29.71 2.02
N GLU Y 438 -26.24 -29.58 2.06
CA GLU Y 438 -25.41 -30.21 1.05
C GLU Y 438 -25.53 -31.72 1.09
N GLU Y 439 -25.73 -32.28 2.28
CA GLU Y 439 -25.81 -33.74 2.36
C GLU Y 439 -27.17 -34.24 1.89
N LEU Y 440 -28.25 -33.54 2.21
CA LEU Y 440 -29.53 -33.92 1.64
C LEU Y 440 -29.48 -33.86 0.13
N LYS Y 441 -28.94 -32.78 -0.42
CA LYS Y 441 -28.93 -32.69 -1.88
C LYS Y 441 -28.08 -33.81 -2.48
N ALA Y 442 -26.98 -34.16 -1.82
CA ALA Y 442 -26.13 -35.23 -2.34
C ALA Y 442 -26.73 -36.61 -2.14
N TYR Y 443 -27.61 -36.78 -1.16
CA TYR Y 443 -28.25 -38.07 -0.93
C TYR Y 443 -29.50 -38.27 -1.75
N ILE Y 444 -30.27 -37.21 -1.98
CA ILE Y 444 -31.49 -37.35 -2.75
C ILE Y 444 -31.17 -37.32 -4.23
N ASP Y 445 -30.26 -36.46 -4.67
CA ASP Y 445 -29.67 -36.76 -5.94
C ASP Y 445 -28.92 -38.06 -5.77
N SER Y 446 -28.72 -38.79 -6.85
CA SER Y 446 -28.08 -40.09 -6.78
C SER Y 446 -29.00 -41.17 -6.20
N GLY Y 447 -30.31 -40.94 -6.20
CA GLY Y 447 -31.27 -42.00 -5.96
C GLY Y 447 -31.68 -42.31 -4.53
N GLY Y 448 -31.39 -41.46 -3.57
CA GLY Y 448 -31.84 -41.73 -2.22
C GLY Y 448 -33.33 -41.53 -2.04
N LYS Y 449 -33.87 -42.10 -0.97
CA LYS Y 449 -35.27 -41.97 -0.60
C LYS Y 449 -35.38 -41.57 0.86
N ILE Y 450 -36.40 -40.76 1.19
CA ILE Y 450 -36.68 -40.40 2.59
C ILE Y 450 -38.18 -40.39 2.82
N SER Y 451 -38.60 -40.92 3.97
CA SER Y 451 -39.99 -40.86 4.38
C SER Y 451 -40.37 -39.43 4.78
N GLN Y 452 -41.60 -39.05 4.47
CA GLN Y 452 -42.06 -37.69 4.73
C GLN Y 452 -41.81 -37.27 6.18
N THR Y 453 -42.16 -38.12 7.13
CA THR Y 453 -42.00 -37.75 8.53
C THR Y 453 -40.54 -37.50 8.90
N THR Y 454 -39.63 -38.29 8.35
CA THR Y 454 -38.22 -38.09 8.64
C THR Y 454 -37.70 -36.81 8.00
N LEU Y 455 -38.05 -36.62 6.73
CA LEU Y 455 -37.61 -35.42 6.06
C LEU Y 455 -38.08 -34.20 6.82
N MET Y 456 -39.33 -34.20 7.26
CA MET Y 456 -39.83 -33.07 8.05
C MET Y 456 -39.04 -32.94 9.34
N SER Y 457 -38.69 -34.07 9.96
CA SER Y 457 -37.98 -33.98 11.23
C SER Y 457 -36.61 -33.33 11.04
N LEU Y 458 -36.10 -33.28 9.82
CA LEU Y 458 -34.79 -32.64 9.65
C LEU Y 458 -34.85 -31.11 9.63
N PHE Y 459 -35.99 -30.51 9.34
CA PHE Y 459 -36.10 -29.06 9.19
C PHE Y 459 -36.86 -28.49 10.38
N SER Y 460 -36.24 -27.53 11.07
CA SER Y 460 -36.81 -27.00 12.30
C SER Y 460 -37.86 -25.92 12.10
N PHE Y 461 -38.26 -25.59 10.87
CA PHE Y 461 -39.37 -24.65 10.74
C PHE Y 461 -40.72 -25.32 10.93
N PHE Y 462 -40.80 -26.64 10.85
CA PHE Y 462 -42.03 -27.36 11.15
C PHE Y 462 -42.25 -27.39 12.66
N GLN Y 463 -43.28 -26.68 13.12
CA GLN Y 463 -43.55 -26.64 14.55
C GLN Y 463 -44.15 -27.96 15.06
N ASP Y 464 -44.90 -28.68 14.23
CA ASP Y 464 -45.44 -29.99 14.59
C ASP Y 464 -45.19 -30.94 13.42
N PRO Y 465 -44.05 -31.63 13.42
CA PRO Y 465 -43.68 -32.47 12.29
C PRO Y 465 -44.66 -33.57 11.96
N GLU Y 466 -45.51 -33.98 12.90
CA GLU Y 466 -46.47 -35.04 12.60
C GLU Y 466 -47.84 -34.48 12.30
N LEU Y 467 -48.28 -33.50 13.09
CA LEU Y 467 -49.57 -32.88 12.83
C LEU Y 467 -49.62 -32.36 11.40
N GLU Y 468 -48.48 -31.89 10.90
CA GLU Y 468 -48.42 -31.42 9.52
C GLU Y 468 -48.92 -32.46 8.53
N VAL Y 469 -48.73 -33.76 8.82
CA VAL Y 469 -49.19 -34.78 7.89
C VAL Y 469 -50.71 -34.81 7.82
N LYS Y 470 -51.38 -34.72 8.96
CA LYS Y 470 -52.84 -34.65 8.95
C LYS Y 470 -53.29 -33.41 8.21
N LYS Y 471 -52.62 -32.30 8.49
CA LYS Y 471 -52.97 -31.03 7.87
C LYS Y 471 -52.75 -31.07 6.36
N ILE Y 472 -51.83 -31.91 5.91
CA ILE Y 472 -51.61 -32.07 4.47
C ILE Y 472 -52.72 -32.94 3.89
N GLU Y 473 -53.13 -33.96 4.63
CA GLU Y 473 -54.23 -34.80 4.14
C GLU Y 473 -55.49 -33.99 3.93
N GLU Y 474 -55.76 -33.01 4.81
CA GLU Y 474 -56.95 -32.19 4.59
C GLU Y 474 -56.91 -31.48 3.24
N ASP Y 475 -55.78 -30.83 2.94
CA ASP Y 475 -55.60 -30.15 1.67
C ASP Y 475 -55.68 -31.12 0.51
N GLU Y 476 -54.92 -32.21 0.59
CA GLU Y 476 -54.89 -33.21 -0.47
C GLU Y 476 -56.24 -33.86 -0.69
N LYS Y 477 -57.11 -33.82 0.32
CA LYS Y 477 -58.45 -34.37 0.19
C LYS Y 477 -59.39 -33.39 -0.49
N GLU Y 478 -59.41 -32.15 -0.02
CA GLU Y 478 -60.26 -31.16 -0.66
C GLU Y 478 -59.78 -30.83 -2.07
N SER Y 479 -58.55 -31.20 -2.41
CA SER Y 479 -58.07 -31.06 -3.79
C SER Y 479 -58.75 -32.04 -4.74
N ILE Y 480 -59.37 -33.09 -4.21
CA ILE Y 480 -60.03 -34.07 -5.06
C ILE Y 480 -61.37 -33.56 -5.58
N LYS Y 481 -61.94 -32.56 -4.93
CA LYS Y 481 -63.28 -32.08 -5.24
C LYS Y 481 -63.27 -30.92 -6.22
N ASN Z 16 -7.85 -13.47 45.00
CA ASN Z 16 -8.27 -14.28 43.82
C ASN Z 16 -7.59 -15.64 43.80
N ILE Z 17 -6.31 -15.65 43.41
CA ILE Z 17 -5.58 -16.90 43.24
C ILE Z 17 -5.81 -17.82 44.43
N ASN Z 18 -5.58 -17.30 45.63
CA ASN Z 18 -5.67 -18.12 46.83
C ASN Z 18 -7.06 -18.71 47.05
N TYR Z 19 -8.08 -18.18 46.38
CA TYR Z 19 -9.42 -18.75 46.48
C TYR Z 19 -9.79 -19.63 45.31
N LEU Z 20 -9.44 -19.25 44.09
CA LEU Z 20 -9.86 -20.04 42.95
C LEU Z 20 -9.03 -21.31 42.83
N PHE Z 21 -7.72 -21.22 43.02
CA PHE Z 21 -6.85 -22.35 42.76
C PHE Z 21 -6.41 -23.07 44.03
N ASN Z 22 -7.08 -22.82 45.14
CA ASN Z 22 -6.76 -23.54 46.35
C ASN Z 22 -7.10 -25.02 46.18
N ASP Z 23 -6.43 -25.86 46.97
CA ASP Z 23 -6.67 -27.30 46.86
C ASP Z 23 -7.94 -27.75 47.55
N GLU Z 24 -8.38 -27.05 48.60
CA GLU Z 24 -9.56 -27.51 49.31
C GLU Z 24 -10.86 -27.09 48.65
N ALA Z 25 -10.86 -26.02 47.86
CA ALA Z 25 -12.05 -25.70 47.13
C ALA Z 25 -12.23 -26.70 46.01
N ASN Z 26 -13.46 -26.79 45.48
CA ASN Z 26 -13.71 -27.61 44.31
C ASN Z 26 -13.51 -29.11 44.55
N VAL Z 27 -13.43 -29.57 45.80
CA VAL Z 27 -13.33 -31.01 46.06
C VAL Z 27 -14.71 -31.63 46.10
N VAL Z 28 -14.77 -32.95 45.93
CA VAL Z 28 -16.00 -33.73 46.03
C VAL Z 28 -16.05 -34.41 47.40
N TYR Z 29 -17.13 -34.15 48.15
CA TYR Z 29 -17.29 -34.76 49.47
C TYR Z 29 -17.74 -36.20 49.36
N THR Z 30 -17.09 -37.08 50.11
CA THR Z 30 -17.47 -38.49 50.17
C THR Z 30 -17.63 -38.90 51.62
N TYR Z 31 -18.45 -39.92 51.82
CA TYR Z 31 -18.69 -40.49 53.14
C TYR Z 31 -18.58 -42.00 53.03
N ASP Z 32 -17.88 -42.60 54.00
CA ASP Z 32 -17.63 -44.03 53.99
C ASP Z 32 -18.84 -44.87 54.37
N GLY Z 33 -19.69 -44.36 55.26
CA GLY Z 33 -20.79 -45.14 55.78
C GLY Z 33 -22.03 -45.09 54.92
N THR Z 34 -23.03 -45.86 55.33
CA THR Z 34 -24.32 -45.83 54.69
C THR Z 34 -25.09 -44.56 55.08
N GLU Z 35 -26.22 -44.40 54.42
CA GLU Z 35 -27.13 -43.32 54.76
C GLU Z 35 -27.47 -43.35 56.24
N SER Z 36 -27.74 -44.54 56.77
CA SER Z 36 -28.03 -44.65 58.20
C SER Z 36 -26.83 -44.23 59.05
N ASP Z 37 -25.63 -44.66 58.66
CA ASP Z 37 -24.44 -44.30 59.42
C ASP Z 37 -24.23 -42.80 59.44
N LEU Z 38 -24.69 -42.10 58.41
CA LEU Z 38 -24.60 -40.65 58.43
C LEU Z 38 -25.73 -40.04 59.27
N LEU Z 39 -26.95 -40.50 59.01
CA LEU Z 39 -28.13 -39.89 59.62
C LEU Z 39 -28.14 -40.05 61.14
N GLN Z 40 -27.56 -41.13 61.66
CA GLN Z 40 -27.48 -41.25 63.11
C GLN Z 40 -26.48 -40.28 63.72
N ASN Z 41 -25.52 -39.80 62.94
CA ASN Z 41 -24.45 -38.94 63.46
C ASN Z 41 -24.45 -37.59 62.76
N VAL Z 42 -25.55 -36.85 62.87
CA VAL Z 42 -25.75 -35.64 62.07
C VAL Z 42 -24.65 -34.61 62.26
N ASN Z 43 -23.91 -34.68 63.36
CA ASN Z 43 -22.76 -33.80 63.53
C ASN Z 43 -21.77 -33.87 62.37
N GLU Z 44 -21.68 -35.01 61.68
CA GLU Z 44 -20.80 -35.09 60.52
C GLU Z 44 -21.26 -34.12 59.43
N VAL Z 45 -22.57 -33.96 59.29
CA VAL Z 45 -23.09 -32.98 58.36
C VAL Z 45 -22.67 -31.59 58.79
N SER Z 46 -22.56 -31.35 60.10
CA SER Z 46 -22.01 -30.07 60.55
C SER Z 46 -20.59 -29.90 60.03
N LYS Z 47 -19.79 -30.95 60.06
CA LYS Z 47 -18.42 -30.77 59.59
C LYS Z 47 -18.39 -30.46 58.10
N TYR Z 48 -19.22 -31.14 57.32
CA TYR Z 48 -19.24 -30.86 55.89
C TYR Z 48 -19.74 -29.45 55.61
N ILE Z 49 -20.77 -29.00 56.32
CA ILE Z 49 -21.26 -27.64 56.12
C ILE Z 49 -20.18 -26.64 56.45
N GLU Z 50 -19.46 -26.87 57.54
CA GLU Z 50 -18.39 -25.96 57.93
C GLU Z 50 -17.31 -25.89 56.87
N HIS Z 51 -16.89 -27.04 56.35
CA HIS Z 51 -15.89 -27.04 55.30
C HIS Z 51 -16.39 -26.30 54.07
N HIS Z 52 -17.65 -26.51 53.71
CA HIS Z 52 -18.20 -25.82 52.55
C HIS Z 52 -18.14 -24.32 52.75
N MET Z 53 -18.53 -23.84 53.93
CA MET Z 53 -18.52 -22.41 54.20
C MET Z 53 -17.11 -21.85 54.16
N ASP Z 54 -16.14 -22.57 54.71
CA ASP Z 54 -14.80 -22.01 54.84
C ASP Z 54 -13.94 -22.16 53.61
N TYR Z 55 -14.28 -23.04 52.68
CA TYR Z 55 -13.43 -23.20 51.51
C TYR Z 55 -14.17 -23.06 50.19
N GLN Z 56 -15.31 -23.73 50.03
CA GLN Z 56 -15.93 -23.74 48.72
C GLN Z 56 -16.68 -22.46 48.44
N ARG Z 57 -17.47 -21.99 49.39
CA ARG Z 57 -18.27 -20.79 49.14
C ARG Z 57 -17.44 -19.60 48.71
N PRO Z 58 -16.31 -19.28 49.32
CA PRO Z 58 -15.51 -18.16 48.82
C PRO Z 58 -15.22 -18.20 47.33
N ARG Z 59 -14.83 -19.36 46.81
CA ARG Z 59 -14.58 -19.49 45.37
C ARG Z 59 -15.82 -19.17 44.56
N LEU Z 60 -16.96 -19.72 44.96
CA LEU Z 60 -18.18 -19.45 44.22
C LEU Z 60 -18.60 -18.00 44.32
N LYS Z 61 -18.39 -17.36 45.47
CA LYS Z 61 -18.64 -15.93 45.57
C LYS Z 61 -17.77 -15.13 44.61
N VAL Z 62 -16.51 -15.52 44.46
CA VAL Z 62 -15.66 -14.74 43.57
C VAL Z 62 -16.11 -14.90 42.12
N LEU Z 63 -16.39 -16.14 41.72
CA LEU Z 63 -16.87 -16.36 40.35
C LEU Z 63 -18.16 -15.59 40.08
N SER Z 64 -19.09 -15.59 41.04
CA SER Z 64 -20.29 -14.80 40.87
C SER Z 64 -20.03 -13.30 40.81
N ASP Z 65 -19.16 -12.78 41.67
CA ASP Z 65 -18.85 -11.36 41.58
C ASP Z 65 -18.32 -11.00 40.20
N TYR Z 66 -17.55 -11.89 39.60
CA TYR Z 66 -17.05 -11.58 38.27
C TYR Z 66 -18.16 -11.62 37.24
N TYR Z 67 -19.12 -12.53 37.39
CA TYR Z 67 -20.24 -12.49 36.46
C TYR Z 67 -21.08 -11.24 36.66
N GLU Z 68 -21.16 -10.72 37.88
CA GLU Z 68 -21.87 -9.48 38.11
C GLU Z 68 -21.03 -8.25 37.78
N GLY Z 69 -19.79 -8.44 37.33
CA GLY Z 69 -18.97 -7.30 36.97
C GLY Z 69 -18.33 -6.55 38.11
N LYS Z 70 -18.43 -7.07 39.34
CA LYS Z 70 -17.78 -6.47 40.50
C LYS Z 70 -16.34 -6.96 40.61
N THR Z 71 -15.58 -6.78 39.54
CA THR Z 71 -14.21 -7.28 39.51
C THR Z 71 -13.36 -6.65 40.60
N LYS Z 72 -12.23 -7.32 40.88
CA LYS Z 72 -11.32 -6.87 41.93
C LYS Z 72 -10.98 -5.39 41.80
N ASN Z 73 -10.86 -4.89 40.58
CA ASN Z 73 -10.43 -3.51 40.41
C ASN Z 73 -11.43 -2.52 40.99
N LEU Z 74 -12.73 -2.85 41.00
CA LEU Z 74 -13.70 -1.94 41.59
C LEU Z 74 -13.65 -1.94 43.11
N VAL Z 75 -13.45 -3.10 43.72
CA VAL Z 75 -13.54 -3.20 45.17
C VAL Z 75 -12.21 -2.95 45.88
N GLU Z 76 -11.08 -3.11 45.19
CA GLU Z 76 -9.77 -2.92 45.82
C GLU Z 76 -9.43 -1.43 45.94
N LEU Z 77 -10.27 -0.71 46.67
CA LEU Z 77 -10.04 0.69 46.99
C LEU Z 77 -8.92 0.88 48.01
N THR Z 78 -8.44 -0.20 48.63
CA THR Z 78 -7.50 -0.10 49.75
C THR Z 78 -6.28 0.77 49.44
N ARG Z 79 -5.74 0.67 48.23
CA ARG Z 79 -4.56 1.44 47.86
C ARG Z 79 -4.86 2.57 46.86
N ARG Z 80 -6.12 2.92 46.67
CA ARG Z 80 -6.46 3.95 45.69
C ARG Z 80 -6.16 5.35 46.25
N LYS Z 81 -6.17 6.32 45.34
CA LYS Z 81 -5.78 7.70 45.60
C LYS Z 81 -6.93 8.60 45.15
N GLU Z 82 -7.23 9.62 45.96
CA GLU Z 82 -8.29 10.55 45.59
C GLU Z 82 -8.12 11.90 46.28
N GLU Z 83 -6.87 12.26 46.59
CA GLU Z 83 -6.63 13.53 47.26
C GLU Z 83 -6.96 14.72 46.35
N TYR Z 84 -6.81 14.55 45.04
CA TYR Z 84 -7.23 15.58 44.09
C TYR Z 84 -7.55 14.99 42.73
N MET Z 85 -6.92 13.86 42.37
CA MET Z 85 -7.25 13.20 41.12
C MET Z 85 -8.55 12.43 41.24
N ALA Z 86 -9.07 12.01 40.09
CA ALA Z 86 -10.23 11.13 40.03
C ALA Z 86 -9.81 9.68 40.27
N ASP Z 87 -10.80 8.85 40.62
CA ASP Z 87 -10.53 7.45 40.93
C ASP Z 87 -10.28 6.61 39.68
N ASN Z 88 -11.10 6.78 38.64
CA ASN Z 88 -10.92 6.08 37.36
C ASN Z 88 -10.74 4.57 37.50
N ARG Z 89 -11.31 3.95 38.54
CA ARG Z 89 -11.34 2.49 38.60
C ARG Z 89 -12.35 1.95 37.58
N VAL Z 90 -12.08 0.75 37.04
CA VAL Z 90 -12.78 0.23 35.88
C VAL Z 90 -13.03 -1.28 35.98
N ALA Z 91 -14.12 -1.74 35.36
CA ALA Z 91 -14.43 -3.16 35.23
C ALA Z 91 -14.93 -3.42 33.80
N HIS Z 92 -14.45 -4.52 33.18
CA HIS Z 92 -14.76 -4.77 31.77
C HIS Z 92 -15.84 -5.81 31.45
N ASP Z 93 -16.30 -6.63 32.39
CA ASP Z 93 -17.43 -7.54 32.12
C ASP Z 93 -17.15 -8.62 31.06
N TYR Z 94 -15.88 -9.02 30.89
CA TYR Z 94 -15.62 -10.18 30.03
C TYR Z 94 -16.31 -11.42 30.55
N ALA Z 95 -16.41 -11.58 31.86
CA ALA Z 95 -17.01 -12.78 32.41
C ALA Z 95 -18.46 -12.94 31.93
N SER Z 96 -19.23 -11.86 31.95
CA SER Z 96 -20.58 -11.94 31.46
C SER Z 96 -20.61 -12.18 29.95
N TYR Z 97 -19.80 -11.45 29.20
CA TYR Z 97 -19.80 -11.67 27.76
C TYR Z 97 -19.55 -13.13 27.42
N ILE Z 98 -18.50 -13.70 27.98
CA ILE Z 98 -18.14 -15.10 27.77
C ILE Z 98 -19.28 -16.04 28.17
N SER Z 99 -19.77 -15.92 29.40
CA SER Z 99 -20.76 -16.88 29.89
C SER Z 99 -22.06 -16.83 29.11
N ASP Z 100 -22.54 -15.62 28.78
CA ASP Z 100 -23.76 -15.54 28.00
C ASP Z 100 -23.56 -16.11 26.61
N PHE Z 101 -22.41 -15.86 25.99
CA PHE Z 101 -22.19 -16.40 24.66
C PHE Z 101 -22.19 -17.92 24.69
N ILE Z 102 -21.39 -18.51 25.58
CA ILE Z 102 -21.22 -19.96 25.60
C ILE Z 102 -22.51 -20.66 25.97
N ASN Z 103 -23.27 -20.10 26.92
CA ASN Z 103 -24.51 -20.76 27.29
C ASN Z 103 -25.55 -20.62 26.19
N GLY Z 104 -25.69 -19.44 25.59
CA GLY Z 104 -26.63 -19.32 24.50
C GLY Z 104 -26.32 -20.28 23.38
N TYR Z 105 -25.04 -20.46 23.08
CA TYR Z 105 -24.68 -21.41 22.03
C TYR Z 105 -25.09 -22.82 22.38
N PHE Z 106 -24.89 -23.23 23.63
CA PHE Z 106 -25.19 -24.62 23.97
C PHE Z 106 -26.69 -24.88 24.07
N LEU Z 107 -27.41 -24.03 24.81
CA LEU Z 107 -28.81 -24.29 25.15
C LEU Z 107 -29.77 -23.22 24.65
N GLY Z 108 -29.31 -22.31 23.79
CA GLY Z 108 -30.24 -21.36 23.21
C GLY Z 108 -31.34 -22.00 22.38
N ASN Z 109 -31.12 -23.22 21.91
CA ASN Z 109 -32.12 -23.93 21.14
C ASN Z 109 -32.64 -25.10 21.95
N PRO Z 110 -33.96 -25.17 22.24
CA PRO Z 110 -34.46 -26.18 23.18
C PRO Z 110 -34.09 -27.61 22.81
N ILE Z 111 -33.83 -28.41 23.84
CA ILE Z 111 -33.59 -29.84 23.68
C ILE Z 111 -34.87 -30.54 23.26
N GLN Z 112 -34.79 -31.40 22.25
CA GLN Z 112 -35.93 -32.17 21.81
C GLN Z 112 -35.87 -33.58 22.39
N TYR Z 113 -37.03 -34.23 22.45
CA TYR Z 113 -37.16 -35.57 23.02
C TYR Z 113 -37.75 -36.53 22.01
N GLN Z 114 -37.21 -37.74 21.95
CA GLN Z 114 -37.76 -38.80 21.14
C GLN Z 114 -37.96 -40.03 22.00
N ASP Z 115 -39.02 -40.79 21.73
CA ASP Z 115 -39.17 -42.08 22.35
C ASP Z 115 -40.04 -42.96 21.47
N ASP Z 116 -39.90 -44.27 21.66
CA ASP Z 116 -40.74 -45.20 20.94
C ASP Z 116 -42.12 -45.36 21.55
N ASP Z 117 -42.28 -45.01 22.83
CA ASP Z 117 -43.55 -45.15 23.52
C ASP Z 117 -44.18 -43.78 23.75
N LYS Z 118 -45.36 -43.58 23.16
CA LYS Z 118 -46.03 -42.29 23.27
C LYS Z 118 -46.56 -42.04 24.67
N ASP Z 119 -46.80 -43.08 25.46
CA ASP Z 119 -47.29 -42.84 26.81
C ASP Z 119 -46.21 -42.16 27.63
N VAL Z 120 -44.98 -42.67 27.54
CA VAL Z 120 -43.87 -42.06 28.25
C VAL Z 120 -43.57 -40.70 27.66
N LEU Z 121 -43.54 -40.61 26.33
CA LEU Z 121 -43.24 -39.33 25.71
C LEU Z 121 -44.22 -38.25 26.15
N GLU Z 122 -45.51 -38.56 26.22
CA GLU Z 122 -46.46 -37.53 26.65
C GLU Z 122 -46.38 -37.28 28.15
N ALA Z 123 -45.97 -38.26 28.95
CA ALA Z 123 -45.84 -37.95 30.37
C ALA Z 123 -44.66 -37.00 30.58
N ILE Z 124 -43.58 -37.24 29.84
CA ILE Z 124 -42.42 -36.36 29.88
C ILE Z 124 -42.81 -34.97 29.44
N GLU Z 125 -43.44 -34.87 28.27
CA GLU Z 125 -43.81 -33.57 27.73
C GLU Z 125 -44.79 -32.83 28.64
N ALA Z 126 -45.69 -33.54 29.31
CA ALA Z 126 -46.59 -32.87 30.25
C ALA Z 126 -45.80 -32.27 31.39
N PHE Z 127 -44.88 -33.05 31.94
CA PHE Z 127 -44.05 -32.54 33.04
C PHE Z 127 -43.20 -31.36 32.59
N ASN Z 128 -42.63 -31.44 31.38
CA ASN Z 128 -41.82 -30.35 30.86
C ASN Z 128 -42.65 -29.09 30.69
N ASP Z 129 -43.88 -29.23 30.20
CA ASP Z 129 -44.71 -28.06 30.01
C ASP Z 129 -45.07 -27.43 31.35
N LEU Z 130 -45.47 -28.26 32.30
CA LEU Z 130 -45.82 -27.72 33.61
C LEU Z 130 -44.65 -26.97 34.22
N ASN Z 131 -43.44 -27.51 34.11
CA ASN Z 131 -42.28 -26.89 34.74
C ASN Z 131 -41.52 -25.91 33.86
N ASP Z 132 -41.98 -25.62 32.65
CA ASP Z 132 -41.28 -24.69 31.76
C ASP Z 132 -39.81 -25.09 31.63
N VAL Z 133 -39.59 -26.38 31.40
CA VAL Z 133 -38.24 -26.94 31.43
C VAL Z 133 -37.28 -26.24 30.49
N GLU Z 134 -37.77 -25.62 29.41
CA GLU Z 134 -36.85 -24.92 28.52
C GLU Z 134 -36.06 -23.82 29.24
N SER Z 135 -36.78 -22.95 29.95
CA SER Z 135 -36.10 -21.89 30.69
C SER Z 135 -35.25 -22.47 31.81
N HIS Z 136 -35.74 -23.51 32.46
CA HIS Z 136 -34.98 -24.13 33.53
C HIS Z 136 -33.65 -24.65 33.01
N ASN Z 137 -33.68 -25.40 31.91
CA ASN Z 137 -32.45 -25.89 31.32
C ASN Z 137 -31.49 -24.76 31.00
N ARG Z 138 -32.00 -23.66 30.45
CA ARG Z 138 -31.07 -22.55 30.17
C ARG Z 138 -30.44 -22.01 31.45
N SER Z 139 -31.21 -21.91 32.53
CA SER Z 139 -30.61 -21.37 33.76
C SER Z 139 -29.62 -22.35 34.38
N LEU Z 140 -29.83 -23.66 34.20
CA LEU Z 140 -28.79 -24.62 34.58
C LEU Z 140 -27.55 -24.45 33.72
N GLY Z 141 -27.71 -24.32 32.42
CA GLY Z 141 -26.53 -24.20 31.56
C GLY Z 141 -25.76 -22.93 31.84
N LEU Z 142 -26.45 -21.91 32.34
CA LEU Z 142 -25.75 -20.71 32.77
C LEU Z 142 -25.00 -20.94 34.08
N ASP Z 143 -25.64 -21.55 35.07
CA ASP Z 143 -24.90 -21.85 36.29
C ASP Z 143 -23.69 -22.75 36.00
N LEU Z 144 -23.87 -23.74 35.12
CA LEU Z 144 -22.73 -24.53 34.64
C LEU Z 144 -21.64 -23.65 34.08
N SER Z 145 -21.99 -22.52 33.50
CA SER Z 145 -20.97 -21.71 32.86
C SER Z 145 -20.29 -20.76 33.84
N ILE Z 146 -21.03 -20.28 34.83
CA ILE Z 146 -20.45 -19.41 35.86
C ILE Z 146 -19.65 -20.22 36.87
N TYR Z 147 -20.31 -21.12 37.60
CA TYR Z 147 -19.67 -21.84 38.70
C TYR Z 147 -19.04 -23.16 38.30
N GLY Z 148 -19.30 -23.67 37.10
CA GLY Z 148 -18.85 -24.98 36.76
C GLY Z 148 -19.69 -26.13 37.28
N LYS Z 149 -20.73 -25.86 38.05
CA LYS Z 149 -21.64 -26.92 38.48
C LYS Z 149 -22.98 -26.29 38.80
N ALA Z 150 -24.04 -27.10 38.75
CA ALA Z 150 -25.36 -26.57 39.08
C ALA Z 150 -26.24 -27.68 39.64
N TYR Z 151 -27.24 -27.29 40.42
CA TYR Z 151 -28.07 -28.26 41.12
C TYR Z 151 -29.54 -28.08 40.77
N GLU Z 152 -30.31 -29.18 40.86
CA GLU Z 152 -31.76 -29.07 40.74
C GLU Z 152 -32.44 -29.96 41.75
N LEU Z 153 -33.52 -29.45 42.33
CA LEU Z 153 -34.31 -30.12 43.36
C LEU Z 153 -35.70 -30.42 42.81
N MET Z 154 -36.17 -31.65 43.00
CA MET Z 154 -37.49 -32.06 42.55
C MET Z 154 -38.35 -32.39 43.76
N ILE Z 155 -39.56 -31.82 43.82
CA ILE Z 155 -40.43 -32.00 44.97
C ILE Z 155 -41.88 -32.20 44.54
N ARG Z 156 -42.59 -33.05 45.26
CA ARG Z 156 -44.03 -33.19 45.08
C ARG Z 156 -44.68 -32.05 45.87
N ASN Z 157 -45.29 -31.11 45.16
CA ASN Z 157 -45.82 -29.90 45.73
C ASN Z 157 -47.01 -30.17 46.65
N GLN Z 158 -47.41 -29.12 47.38
CA GLN Z 158 -48.57 -29.23 48.26
C GLN Z 158 -49.83 -29.47 47.45
N ASP Z 159 -49.94 -28.85 46.28
CA ASP Z 159 -51.07 -29.05 45.40
C ASP Z 159 -51.02 -30.38 44.67
N ASP Z 160 -50.10 -31.26 45.06
CA ASP Z 160 -49.96 -32.59 44.48
C ASP Z 160 -49.60 -32.52 42.99
N GLU Z 161 -48.45 -31.91 42.72
CA GLU Z 161 -47.88 -31.78 41.38
C GLU Z 161 -46.38 -31.97 41.47
N THR Z 162 -45.77 -32.55 40.45
CA THR Z 162 -44.32 -32.75 40.46
C THR Z 162 -43.65 -31.48 39.96
N ARG Z 163 -42.90 -30.81 40.84
CA ARG Z 163 -42.26 -29.55 40.50
C ARG Z 163 -40.74 -29.69 40.53
N LEU Z 164 -40.10 -28.90 39.68
CA LEU Z 164 -38.65 -28.87 39.51
C LEU Z 164 -38.14 -27.46 39.73
N TYR Z 165 -37.21 -27.28 40.66
CA TYR Z 165 -36.68 -25.96 40.99
C TYR Z 165 -35.16 -25.99 41.02
N LYS Z 166 -34.52 -25.00 40.43
CA LYS Z 166 -33.07 -24.92 40.51
C LYS Z 166 -32.64 -24.56 41.92
N SER Z 167 -31.54 -25.12 42.39
CA SER Z 167 -31.02 -24.80 43.71
C SER Z 167 -29.71 -24.04 43.60
N ASP Z 168 -29.62 -22.95 44.35
CA ASP Z 168 -28.47 -22.06 44.27
C ASP Z 168 -27.17 -22.80 44.59
N ALA Z 169 -26.20 -22.68 43.69
CA ALA Z 169 -24.91 -23.36 43.87
C ALA Z 169 -24.15 -22.92 45.12
N MET Z 170 -24.35 -21.70 45.57
CA MET Z 170 -23.67 -21.24 46.78
C MET Z 170 -24.24 -21.78 48.08
N SER Z 171 -25.41 -22.44 48.05
CA SER Z 171 -26.03 -22.92 49.26
C SER Z 171 -26.39 -24.39 49.22
N THR Z 172 -25.92 -25.14 48.24
CA THR Z 172 -26.28 -26.53 48.07
C THR Z 172 -25.02 -27.36 47.89
N PHE Z 173 -25.00 -28.57 48.46
CA PHE Z 173 -23.97 -29.52 48.04
C PHE Z 173 -24.46 -30.95 48.29
N ILE Z 174 -23.69 -31.91 47.80
CA ILE Z 174 -24.04 -33.33 47.93
C ILE Z 174 -22.86 -34.11 48.51
N ILE Z 175 -23.19 -35.08 49.36
CA ILE Z 175 -22.24 -36.00 49.98
C ILE Z 175 -22.43 -37.33 49.29
N TYR Z 176 -21.37 -37.85 48.65
CA TYR Z 176 -21.43 -39.08 47.86
C TYR Z 176 -20.91 -40.31 48.58
N ASP Z 177 -21.43 -41.45 48.14
CA ASP Z 177 -20.91 -42.76 48.51
C ASP Z 177 -19.42 -42.87 48.20
N ASN Z 178 -18.64 -43.30 49.18
CA ASN Z 178 -17.21 -43.52 48.97
C ASN Z 178 -16.84 -44.48 47.84
N THR Z 179 -17.70 -45.42 47.47
CA THR Z 179 -17.28 -46.42 46.48
C THR Z 179 -17.06 -45.83 45.10
N VAL Z 180 -16.43 -46.64 44.23
CA VAL Z 180 -16.16 -46.26 42.84
C VAL Z 180 -17.41 -45.82 42.12
N GLU Z 181 -18.57 -46.29 42.56
CA GLU Z 181 -19.81 -45.95 41.88
C GLU Z 181 -20.28 -44.54 42.21
N ARG Z 182 -19.86 -44.02 43.36
CA ARG Z 182 -20.27 -42.71 43.87
C ARG Z 182 -21.76 -42.45 43.71
N ASN Z 183 -22.56 -43.27 44.38
CA ASN Z 183 -23.96 -42.93 44.53
C ASN Z 183 -24.06 -41.72 45.45
N SER Z 184 -25.09 -40.91 45.25
CA SER Z 184 -25.29 -39.78 46.14
C SER Z 184 -25.97 -40.24 47.42
N ILE Z 185 -25.28 -40.06 48.55
CA ILE Z 185 -25.83 -40.46 49.84
C ILE Z 185 -26.81 -39.42 50.34
N ALA Z 186 -26.39 -38.16 50.42
CA ALA Z 186 -27.29 -37.15 50.97
C ALA Z 186 -27.00 -35.80 50.35
N GLY Z 187 -28.02 -34.96 50.27
CA GLY Z 187 -27.87 -33.61 49.77
C GLY Z 187 -28.21 -32.63 50.89
N VAL Z 188 -27.57 -31.48 50.89
CA VAL Z 188 -27.90 -30.49 51.88
C VAL Z 188 -28.07 -29.12 51.24
N ARG Z 189 -28.96 -28.34 51.84
CA ARG Z 189 -29.23 -26.96 51.50
C ARG Z 189 -29.19 -26.17 52.81
N TYR Z 190 -28.52 -25.03 52.81
CA TYR Z 190 -28.49 -24.22 54.01
C TYR Z 190 -28.55 -22.75 53.65
N LEU Z 191 -29.45 -22.01 54.30
CA LEU Z 191 -29.69 -20.61 53.97
C LEU Z 191 -29.70 -19.73 55.21
N ARG Z 192 -29.13 -18.54 55.08
CA ARG Z 192 -29.25 -17.56 56.16
C ARG Z 192 -30.67 -17.02 56.23
N THR Z 193 -31.21 -16.94 57.44
CA THR Z 193 -32.53 -16.36 57.67
C THR Z 193 -32.38 -15.06 58.44
N LYS Z 194 -32.91 -13.97 57.89
CA LYS Z 194 -32.95 -12.70 58.58
C LYS Z 194 -34.13 -11.87 58.06
N PRO Z 195 -34.71 -11.02 58.89
CA PRO Z 195 -35.42 -9.85 58.36
C PRO Z 195 -34.44 -8.80 57.86
N ILE Z 196 -34.93 -7.91 57.00
CA ILE Z 196 -34.07 -6.91 56.40
C ILE Z 196 -33.51 -5.92 57.42
N ASP Z 197 -34.17 -5.74 58.56
CA ASP Z 197 -33.76 -4.70 59.50
C ASP Z 197 -32.73 -5.16 60.53
N LYS Z 198 -32.44 -6.45 60.62
CA LYS Z 198 -31.48 -6.97 61.60
C LYS Z 198 -30.14 -7.29 60.97
N THR Z 199 -29.08 -6.91 61.66
CA THR Z 199 -27.70 -7.35 61.38
C THR Z 199 -27.04 -7.79 62.68
N ASP Z 200 -27.75 -8.61 63.44
CA ASP Z 200 -27.35 -9.02 64.78
C ASP Z 200 -26.42 -10.24 64.78
N GLU Z 201 -25.90 -10.53 65.98
CA GLU Z 201 -24.79 -11.47 66.15
C GLU Z 201 -25.14 -12.87 65.66
N ASP Z 202 -26.29 -13.42 66.07
CA ASP Z 202 -26.65 -14.80 65.74
C ASP Z 202 -27.16 -14.91 64.30
N GLU Z 203 -26.20 -15.01 63.38
CA GLU Z 203 -26.45 -15.31 61.96
C GLU Z 203 -26.93 -16.77 61.82
N VAL Z 204 -28.23 -16.96 62.06
CA VAL Z 204 -28.81 -18.30 62.00
C VAL Z 204 -28.89 -18.81 60.57
N PHE Z 205 -28.45 -20.04 60.36
CA PHE Z 205 -28.66 -20.78 59.11
C PHE Z 205 -29.68 -21.89 59.30
N THR Z 206 -30.72 -21.87 58.49
CA THR Z 206 -31.68 -22.97 58.41
C THR Z 206 -31.11 -24.05 57.51
N VAL Z 207 -31.16 -25.31 57.94
CA VAL Z 207 -30.55 -26.42 57.21
C VAL Z 207 -31.63 -27.42 56.81
N ASP Z 208 -31.64 -27.81 55.54
CA ASP Z 208 -32.40 -28.93 55.03
C ASP Z 208 -31.45 -30.04 54.60
N LEU Z 209 -31.69 -31.25 55.12
CA LEU Z 209 -30.88 -32.42 54.82
C LEU Z 209 -31.77 -33.42 54.09
N PHE Z 210 -31.45 -33.71 52.84
CA PHE Z 210 -32.26 -34.58 51.99
C PHE Z 210 -31.63 -35.96 51.93
N THR Z 211 -32.40 -36.97 52.29
CA THR Z 211 -32.00 -38.37 52.21
C THR Z 211 -32.95 -39.10 51.27
N SER Z 212 -32.66 -40.38 51.03
CA SER Z 212 -33.43 -41.14 50.07
C SER Z 212 -34.88 -41.38 50.51
N HIS Z 213 -35.24 -41.07 51.75
CA HIS Z 213 -36.60 -41.28 52.22
C HIS Z 213 -37.32 -40.02 52.67
N GLY Z 214 -36.62 -38.90 52.85
CA GLY Z 214 -37.28 -37.72 53.39
C GLY Z 214 -36.31 -36.59 53.59
N VAL Z 215 -36.85 -35.47 54.05
CA VAL Z 215 -36.09 -34.28 54.41
C VAL Z 215 -36.06 -34.16 55.92
N TYR Z 216 -34.88 -33.97 56.49
CA TYR Z 216 -34.74 -33.53 57.88
C TYR Z 216 -34.47 -32.04 57.88
N ARG Z 217 -35.03 -31.32 58.84
CA ARG Z 217 -34.86 -29.89 58.91
C ARG Z 217 -34.29 -29.49 60.27
N TYR Z 218 -33.36 -28.55 60.26
CA TYR Z 218 -32.67 -28.14 61.47
C TYR Z 218 -32.49 -26.62 61.47
N LEU Z 219 -32.12 -26.10 62.64
CA LEU Z 219 -31.54 -24.77 62.76
C LEU Z 219 -30.12 -24.86 63.31
N THR Z 220 -29.30 -23.90 62.90
CA THR Z 220 -27.91 -23.83 63.34
C THR Z 220 -27.51 -22.37 63.39
N ASN Z 221 -26.46 -22.09 64.15
CA ASN Z 221 -25.73 -20.85 63.94
C ASN Z 221 -24.24 -21.14 64.04
N ARG Z 222 -23.44 -20.31 63.38
CA ARG Z 222 -22.00 -20.47 63.45
C ARG Z 222 -21.49 -20.25 64.86
N THR Z 223 -22.12 -19.34 65.60
CA THR Z 223 -21.66 -19.03 66.96
C THR Z 223 -21.54 -20.28 67.82
N ASN Z 224 -22.57 -21.12 67.85
CA ASN Z 224 -22.52 -22.29 68.71
C ASN Z 224 -21.71 -23.43 68.11
N GLY Z 225 -21.13 -23.24 66.92
CA GLY Z 225 -20.40 -24.30 66.24
C GLY Z 225 -21.21 -25.15 65.30
N LEU Z 226 -22.30 -24.62 64.74
CA LEU Z 226 -23.15 -25.38 63.82
C LEU Z 226 -23.60 -26.69 64.43
N LYS Z 227 -24.05 -26.63 65.68
CA LYS Z 227 -24.76 -27.76 66.28
C LYS Z 227 -26.15 -27.84 65.67
N LEU Z 228 -26.43 -28.92 64.94
CA LEU Z 228 -27.72 -29.05 64.28
C LEU Z 228 -28.81 -29.32 65.31
N THR Z 229 -29.76 -28.38 65.45
CA THR Z 229 -30.88 -28.56 66.36
C THR Z 229 -32.13 -28.90 65.57
N PRO Z 230 -32.85 -29.96 65.91
CA PRO Z 230 -34.16 -30.23 65.29
C PRO Z 230 -35.13 -29.06 65.40
N ARG Z 231 -36.18 -29.10 64.58
CA ARG Z 231 -36.98 -27.92 64.26
C ARG Z 231 -38.45 -28.32 64.22
N GLU Z 232 -39.32 -27.31 64.20
CA GLU Z 232 -40.73 -27.53 63.88
C GLU Z 232 -40.88 -28.47 62.69
N ASN Z 233 -41.72 -29.49 62.85
CA ASN Z 233 -41.91 -30.49 61.82
C ASN Z 233 -40.57 -31.06 61.34
N SER Z 234 -39.80 -31.57 62.32
CA SER Z 234 -38.39 -31.82 62.12
C SER Z 234 -38.09 -32.77 60.96
N PHE Z 235 -39.06 -33.57 60.52
CA PHE Z 235 -38.87 -34.48 59.40
C PHE Z 235 -40.07 -34.42 58.48
N GLU Z 236 -39.85 -34.66 57.19
CA GLU Z 236 -40.90 -34.56 56.18
C GLU Z 236 -40.67 -35.57 55.07
N SER Z 237 -41.50 -36.59 55.01
CA SER Z 237 -41.31 -37.70 54.07
C SER Z 237 -41.51 -37.25 52.63
N HIS Z 238 -40.85 -37.97 51.70
CA HIS Z 238 -41.10 -37.80 50.27
C HIS Z 238 -41.16 -39.17 49.60
N SER Z 239 -41.86 -39.22 48.46
CA SER Z 239 -42.22 -40.47 47.81
C SER Z 239 -41.22 -40.93 46.75
N PHE Z 240 -40.10 -40.26 46.57
CA PHE Z 240 -39.08 -40.82 45.71
C PHE Z 240 -38.40 -41.95 46.45
N GLU Z 241 -37.48 -42.65 45.78
CA GLU Z 241 -36.73 -43.71 46.43
C GLU Z 241 -35.24 -43.46 46.31
N ARG Z 242 -34.85 -42.23 46.01
CA ARG Z 242 -33.46 -41.84 45.91
C ARG Z 242 -33.39 -40.35 46.22
N MET Z 243 -32.21 -39.89 46.60
CA MET Z 243 -32.07 -38.52 47.06
C MET Z 243 -32.51 -37.57 45.94
N PRO Z 244 -33.43 -36.62 46.21
CA PRO Z 244 -34.00 -35.82 45.12
C PRO Z 244 -33.06 -34.83 44.46
N ILE Z 245 -32.02 -34.34 45.10
CA ILE Z 245 -31.19 -33.33 44.45
C ILE Z 245 -30.30 -33.98 43.41
N THR Z 246 -30.16 -33.32 42.26
CA THR Z 246 -29.30 -33.77 41.18
C THR Z 246 -28.25 -32.71 40.89
N GLU Z 247 -27.01 -33.14 40.65
CA GLU Z 247 -25.93 -32.23 40.31
C GLU Z 247 -25.49 -32.43 38.87
N PHE Z 248 -25.28 -31.30 38.18
CA PHE Z 248 -24.73 -31.26 36.84
C PHE Z 248 -23.34 -30.65 36.93
N SER Z 249 -22.41 -31.15 36.11
CA SER Z 249 -21.04 -30.65 36.08
C SER Z 249 -20.74 -30.06 34.72
N ASN Z 250 -19.98 -28.96 34.71
CA ASN Z 250 -19.63 -28.35 33.44
C ASN Z 250 -18.64 -29.21 32.67
N ASN Z 251 -17.81 -29.95 33.38
CA ASN Z 251 -16.83 -30.84 32.78
C ASN Z 251 -16.33 -31.75 33.90
N GLU Z 252 -15.38 -32.63 33.56
CA GLU Z 252 -14.91 -33.59 34.54
C GLU Z 252 -14.43 -32.90 35.81
N ARG Z 253 -13.86 -31.70 35.70
CA ARG Z 253 -13.30 -30.97 36.84
C ARG Z 253 -14.28 -30.01 37.50
N ARG Z 254 -15.50 -29.90 36.99
CA ARG Z 254 -16.47 -28.95 37.53
C ARG Z 254 -15.97 -27.51 37.56
N LYS Z 255 -15.11 -27.13 36.62
CA LYS Z 255 -14.62 -25.76 36.55
C LYS Z 255 -15.45 -24.89 35.60
N GLY Z 256 -15.60 -23.63 35.94
CA GLY Z 256 -16.38 -22.71 35.15
C GLY Z 256 -15.67 -22.37 33.86
N ASP Z 257 -16.29 -21.47 33.10
CA ASP Z 257 -15.78 -21.19 31.76
C ASP Z 257 -14.69 -20.12 31.72
N TYR Z 258 -14.79 -19.07 32.54
CA TYR Z 258 -13.77 -18.03 32.59
C TYR Z 258 -12.89 -18.11 33.83
N GLU Z 259 -13.10 -19.13 34.65
CA GLU Z 259 -12.30 -19.28 35.86
C GLU Z 259 -10.83 -19.22 35.54
N LYS Z 260 -10.43 -19.73 34.38
CA LYS Z 260 -9.03 -19.82 34.04
C LYS Z 260 -8.49 -18.56 33.39
N VAL Z 261 -9.31 -17.53 33.15
CA VAL Z 261 -8.81 -16.30 32.55
C VAL Z 261 -9.06 -15.10 33.43
N ILE Z 262 -9.55 -15.32 34.65
CA ILE Z 262 -9.77 -14.18 35.54
C ILE Z 262 -8.50 -13.34 35.73
N THR Z 263 -7.32 -13.97 35.73
CA THR Z 263 -6.09 -13.19 35.88
C THR Z 263 -5.82 -12.28 34.69
N LEU Z 264 -6.23 -12.69 33.49
CA LEU Z 264 -6.05 -11.80 32.35
C LEU Z 264 -7.08 -10.70 32.39
N ILE Z 265 -8.28 -11.01 32.86
CA ILE Z 265 -9.28 -9.95 32.99
C ILE Z 265 -8.77 -8.88 33.94
N ASP Z 266 -8.20 -9.32 35.07
CA ASP Z 266 -7.62 -8.36 36.02
C ASP Z 266 -6.52 -7.53 35.37
N LEU Z 267 -5.63 -8.17 34.61
CA LEU Z 267 -4.56 -7.39 34.00
C LEU Z 267 -5.12 -6.36 33.04
N TYR Z 268 -6.20 -6.69 32.34
CA TYR Z 268 -6.77 -5.73 31.41
C TYR Z 268 -7.42 -4.57 32.16
N ASP Z 269 -8.06 -4.87 33.29
CA ASP Z 269 -8.62 -3.80 34.10
C ASP Z 269 -7.54 -2.85 34.57
N ASN Z 270 -6.42 -3.40 35.05
CA ASN Z 270 -5.35 -2.55 35.55
C ASN Z 270 -4.75 -1.71 34.44
N ALA Z 271 -4.51 -2.31 33.27
CA ALA Z 271 -3.91 -1.56 32.18
C ALA Z 271 -4.79 -0.39 31.78
N GLU Z 272 -6.09 -0.63 31.64
CA GLU Z 272 -6.96 0.45 31.19
C GLU Z 272 -7.13 1.51 32.25
N SER Z 273 -7.23 1.14 33.52
CA SER Z 273 -7.31 2.20 34.53
C SER Z 273 -6.00 2.96 34.63
N ASP Z 274 -4.89 2.34 34.27
CA ASP Z 274 -3.63 3.06 34.26
C ASP Z 274 -3.65 4.14 33.18
N THR Z 275 -4.08 3.77 31.97
CA THR Z 275 -4.18 4.79 30.93
C THR Z 275 -5.17 5.87 31.31
N ALA Z 276 -6.25 5.53 32.02
CA ALA Z 276 -7.20 6.57 32.40
C ALA Z 276 -6.61 7.51 33.44
N ASN Z 277 -5.69 7.01 34.26
CA ASN Z 277 -5.01 7.91 35.19
C ASN Z 277 -4.09 8.84 34.44
N TYR Z 278 -3.29 8.28 33.54
CA TYR Z 278 -2.42 9.13 32.73
C TYR Z 278 -3.20 10.21 32.02
N MET Z 279 -4.39 9.89 31.51
CA MET Z 279 -5.15 10.91 30.80
C MET Z 279 -5.67 11.98 31.74
N SER Z 280 -6.24 11.58 32.87
CA SER Z 280 -6.80 12.55 33.81
C SER Z 280 -5.74 13.47 34.41
N ASP Z 281 -4.59 12.93 34.82
CA ASP Z 281 -3.71 13.69 35.71
C ASP Z 281 -2.67 14.59 35.05
N LEU Z 282 -2.33 14.40 33.77
CA LEU Z 282 -1.34 15.25 33.12
C LEU Z 282 -1.96 16.25 32.16
N ASN Z 283 -1.37 17.44 32.10
CA ASN Z 283 -1.83 18.47 31.19
C ASN Z 283 -1.50 18.10 29.75
N ASP Z 284 -2.46 18.29 28.84
CA ASP Z 284 -2.23 17.91 27.45
C ASP Z 284 -1.06 18.66 26.85
N ALA Z 285 -1.07 19.98 26.98
CA ALA Z 285 0.00 20.78 26.41
C ALA Z 285 0.05 22.10 27.15
N MET Z 286 1.21 22.75 27.07
CA MET Z 286 1.39 24.04 27.71
C MET Z 286 2.35 24.88 26.91
N LEU Z 287 2.18 26.19 27.01
CA LEU Z 287 3.12 27.15 26.45
C LEU Z 287 4.21 27.36 27.48
N LEU Z 288 5.41 26.89 27.17
CA LEU Z 288 6.57 27.05 28.03
C LEU Z 288 7.28 28.34 27.69
N ILE Z 289 7.55 29.16 28.70
CA ILE Z 289 8.31 30.39 28.55
C ILE Z 289 9.45 30.35 29.55
N LYS Z 290 10.66 30.56 29.06
CA LYS Z 290 11.85 30.55 29.89
C LYS Z 290 12.44 31.95 29.98
N GLY Z 291 13.47 32.07 30.80
CA GLY Z 291 14.27 33.27 30.87
C GLY Z 291 13.71 34.32 31.82
N ASN Z 292 14.63 35.17 32.25
CA ASN Z 292 14.32 36.25 33.18
C ASN Z 292 13.44 37.28 32.50
N LEU Z 293 12.21 37.43 32.99
CA LEU Z 293 11.22 38.24 32.29
C LEU Z 293 10.16 38.69 33.29
N ASN Z 294 9.36 39.68 32.88
CA ASN Z 294 8.20 40.13 33.65
C ASN Z 294 6.95 39.66 32.92
N LEU Z 295 6.19 38.77 33.55
CA LEU Z 295 4.90 38.36 33.03
C LEU Z 295 3.82 38.83 33.99
N ASP Z 296 2.90 39.63 33.48
CA ASP Z 296 1.77 40.05 34.30
C ASP Z 296 0.69 38.99 34.20
N PRO Z 297 0.27 38.38 35.31
CA PRO Z 297 -0.78 37.36 35.22
C PRO Z 297 -2.08 37.91 34.70
N VAL Z 298 -2.21 39.24 34.63
CA VAL Z 298 -3.37 39.84 34.00
C VAL Z 298 -3.19 39.82 32.48
N GLU Z 299 -1.95 39.95 32.02
CA GLU Z 299 -1.68 39.91 30.59
C GLU Z 299 -1.74 38.49 30.05
N VAL Z 300 -1.27 37.52 30.85
CA VAL Z 300 -1.31 36.13 30.44
C VAL Z 300 -2.70 35.65 30.06
N ARG Z 301 -3.75 36.30 30.55
CA ARG Z 301 -5.09 35.87 30.16
C ARG Z 301 -5.36 36.14 28.68
N LYS Z 302 -4.60 37.02 28.05
CA LYS Z 302 -4.72 37.23 26.60
C LYS Z 302 -4.13 36.10 25.80
N GLN Z 303 -3.49 35.13 26.47
CA GLN Z 303 -2.80 34.06 25.76
C GLN Z 303 -3.67 33.41 24.70
N LYS Z 304 -4.96 33.23 24.98
CA LYS Z 304 -5.83 32.58 24.00
C LYS Z 304 -6.09 33.41 22.76
N GLU Z 305 -5.88 34.72 22.80
CA GLU Z 305 -6.24 35.55 21.67
C GLU Z 305 -5.11 36.41 21.13
N ALA Z 306 -3.91 36.32 21.66
CA ALA Z 306 -2.82 37.08 21.11
C ALA Z 306 -2.27 36.40 19.87
N ASN Z 307 -1.84 37.20 18.90
CA ASN Z 307 -1.25 36.68 17.68
C ASN Z 307 0.27 36.71 17.71
N VAL Z 308 0.87 37.75 18.27
CA VAL Z 308 2.32 37.89 18.38
C VAL Z 308 2.71 37.71 19.83
N LEU Z 309 3.75 36.92 20.06
CA LEU Z 309 4.38 36.79 21.38
C LEU Z 309 5.75 37.43 21.28
N PHE Z 310 5.96 38.49 22.04
CA PHE Z 310 7.24 39.21 22.01
C PHE Z 310 7.95 39.00 23.34
N LEU Z 311 9.14 38.41 23.27
CA LEU Z 311 9.96 38.15 24.44
C LEU Z 311 11.18 39.06 24.39
N GLU Z 312 11.31 39.95 25.36
CA GLU Z 312 12.40 40.90 25.37
C GLU Z 312 13.38 40.53 26.47
N PRO Z 313 14.62 40.17 26.15
CA PRO Z 313 15.53 39.67 27.17
C PRO Z 313 16.05 40.76 28.09
N THR Z 314 16.24 40.39 29.36
CA THR Z 314 16.86 41.29 30.32
C THR Z 314 18.29 41.58 29.91
N VAL Z 315 18.68 42.84 30.02
CA VAL Z 315 20.05 43.26 29.73
C VAL Z 315 20.80 43.44 31.03
N TYR Z 316 21.92 42.74 31.19
CA TYR Z 316 22.73 42.81 32.39
C TYR Z 316 23.90 43.74 32.14
N VAL Z 317 24.15 44.65 33.07
CA VAL Z 317 25.22 45.63 32.95
C VAL Z 317 26.33 45.26 33.92
N ASP Z 318 27.54 45.17 33.40
CA ASP Z 318 28.72 44.84 34.20
C ASP Z 318 29.27 46.10 34.85
N ALA Z 319 29.97 45.92 35.98
CA ALA Z 319 30.49 47.07 36.70
C ALA Z 319 31.48 47.85 35.85
N GLU Z 320 32.21 47.18 34.96
CA GLU Z 320 33.12 47.89 34.06
C GLU Z 320 32.40 48.41 32.82
N GLY Z 321 31.08 48.40 32.82
CA GLY Z 321 30.30 48.96 31.74
C GLY Z 321 29.88 48.01 30.64
N ARG Z 322 30.27 46.74 30.70
CA ARG Z 322 29.86 45.81 29.65
C ARG Z 322 28.35 45.57 29.74
N GLU Z 323 27.78 45.16 28.61
CA GLU Z 323 26.37 44.84 28.54
C GLU Z 323 26.18 43.47 27.89
N THR Z 324 25.27 42.68 28.43
CA THR Z 324 25.03 41.33 27.91
C THR Z 324 23.58 40.94 28.14
N GLU Z 325 23.08 40.05 27.29
CA GLU Z 325 21.67 39.67 27.27
C GLU Z 325 21.36 38.33 27.90
N GLY Z 326 20.26 38.26 28.64
CA GLY Z 326 19.75 37.00 29.12
C GLY Z 326 19.17 36.15 28.00
N SER Z 327 19.05 34.84 28.25
CA SER Z 327 18.55 33.89 27.26
C SER Z 327 17.06 33.63 27.43
N VAL Z 328 16.24 34.29 26.61
CA VAL Z 328 14.80 34.04 26.58
C VAL Z 328 14.52 32.86 25.65
N ASP Z 329 13.41 32.17 25.90
CA ASP Z 329 12.97 31.11 24.97
C ASP Z 329 11.49 30.86 25.18
N GLY Z 330 10.85 30.31 24.15
CA GLY Z 330 9.43 30.05 24.21
C GLY Z 330 8.96 29.00 23.22
N GLY Z 331 8.04 28.13 23.63
CA GLY Z 331 7.52 27.12 22.72
C GLY Z 331 6.54 26.22 23.43
N TYR Z 332 5.73 25.53 22.64
CA TYR Z 332 4.77 24.60 23.21
C TYR Z 332 5.40 23.25 23.53
N ILE Z 333 4.95 22.63 24.62
CA ILE Z 333 5.31 21.27 25.00
C ILE Z 333 4.04 20.48 25.22
N TYR Z 334 4.07 19.18 24.94
CA TYR Z 334 2.88 18.36 25.07
C TYR Z 334 3.22 16.98 25.60
N LYS Z 335 2.29 16.43 26.38
CA LYS Z 335 2.47 15.12 26.99
C LYS Z 335 2.34 14.02 25.96
N GLN Z 336 2.99 12.88 26.22
CA GLN Z 336 2.99 11.78 25.28
C GLN Z 336 3.19 10.46 26.01
N TYR Z 337 2.70 9.37 25.44
CA TYR Z 337 2.94 8.06 26.01
C TYR Z 337 3.15 7.04 24.89
N ASP Z 338 3.72 5.88 25.26
CA ASP Z 338 4.05 4.83 24.30
C ASP Z 338 2.80 4.12 23.82
N VAL Z 339 2.14 4.75 22.84
CA VAL Z 339 0.93 4.18 22.28
C VAL Z 339 1.19 2.83 21.63
N GLN Z 340 2.29 2.71 20.90
CA GLN Z 340 2.56 1.44 20.22
C GLN Z 340 2.64 0.29 21.21
N GLY Z 341 3.46 0.44 22.25
CA GLY Z 341 3.67 -0.65 23.17
C GLY Z 341 2.47 -0.92 24.05
N THR Z 342 1.74 0.11 24.43
CA THR Z 342 0.60 -0.17 25.29
C THR Z 342 -0.55 -0.75 24.48
N GLU Z 343 -0.75 -0.30 23.25
CA GLU Z 343 -1.81 -0.90 22.45
C GLU Z 343 -1.47 -2.31 22.04
N ALA Z 344 -0.21 -2.60 21.75
CA ALA Z 344 0.13 -3.98 21.43
C ALA Z 344 -0.08 -4.89 22.64
N TYR Z 345 0.19 -4.39 23.84
CA TYR Z 345 0.00 -5.21 25.02
C TYR Z 345 -1.49 -5.43 25.31
N LYS Z 346 -2.29 -4.38 25.26
CA LYS Z 346 -3.71 -4.55 25.53
C LYS Z 346 -4.39 -5.37 24.44
N ASP Z 347 -3.95 -5.25 23.20
CA ASP Z 347 -4.51 -6.11 22.17
C ASP Z 347 -4.13 -7.56 22.43
N ARG Z 348 -2.94 -7.81 22.96
CA ARG Z 348 -2.59 -9.18 23.25
C ARG Z 348 -3.45 -9.74 24.36
N LEU Z 349 -3.70 -8.96 25.40
CA LEU Z 349 -4.57 -9.45 26.47
C LEU Z 349 -5.95 -9.79 25.93
N ASN Z 350 -6.55 -8.89 25.15
CA ASN Z 350 -7.87 -9.19 24.60
C ASN Z 350 -7.85 -10.44 23.74
N SER Z 351 -6.83 -10.57 22.89
CA SER Z 351 -6.74 -11.74 22.03
C SER Z 351 -6.63 -13.02 22.85
N ASP Z 352 -5.81 -13.02 23.90
CA ASP Z 352 -5.64 -14.24 24.67
C ASP Z 352 -6.90 -14.58 25.45
N ILE Z 353 -7.58 -13.58 26.01
CA ILE Z 353 -8.83 -13.88 26.71
C ILE Z 353 -9.81 -14.55 25.77
N HIS Z 354 -9.92 -14.08 24.53
CA HIS Z 354 -10.83 -14.76 23.62
C HIS Z 354 -10.30 -16.13 23.17
N MET Z 355 -8.99 -16.24 22.93
CA MET Z 355 -8.45 -17.51 22.46
C MET Z 355 -8.67 -18.63 23.46
N PHE Z 356 -8.33 -18.39 24.73
CA PHE Z 356 -8.46 -19.45 25.73
C PHE Z 356 -9.90 -19.77 26.07
N THR Z 357 -10.87 -18.98 25.61
CA THR Z 357 -12.27 -19.27 25.86
C THR Z 357 -13.01 -19.59 24.58
N ASN Z 358 -12.30 -19.75 23.47
CA ASN Z 358 -12.93 -20.18 22.22
C ASN Z 358 -14.11 -19.28 21.86
N THR Z 359 -14.01 -18.03 22.22
CA THR Z 359 -15.05 -17.06 21.92
C THR Z 359 -14.62 -16.21 20.73
N PRO Z 360 -15.48 -15.89 19.78
CA PRO Z 360 -15.02 -15.19 18.58
C PRO Z 360 -14.49 -13.79 18.89
N ASN Z 361 -13.27 -13.53 18.44
CA ASN Z 361 -12.58 -12.27 18.63
C ASN Z 361 -13.10 -11.26 17.62
N MET Z 362 -14.11 -10.49 18.03
CA MET Z 362 -14.77 -9.55 17.11
C MET Z 362 -13.82 -8.52 16.52
N LYS Z 363 -12.75 -8.16 17.22
CA LYS Z 363 -11.87 -7.11 16.70
C LYS Z 363 -11.02 -7.58 15.54
N ASP Z 364 -10.76 -8.87 15.42
CA ASP Z 364 -9.91 -9.42 14.36
C ASP Z 364 -10.72 -10.46 13.58
N ASP Z 365 -11.76 -10.03 12.89
CA ASP Z 365 -12.70 -10.95 12.28
C ASP Z 365 -13.17 -10.44 10.93
N ASN Z 366 -13.47 -11.39 10.04
CA ASN Z 366 -13.94 -11.10 8.69
C ASN Z 366 -14.93 -12.18 8.29
N PHE Z 367 -15.94 -11.81 7.51
CA PHE Z 367 -16.99 -12.75 7.12
C PHE Z 367 -17.17 -12.80 5.60
N SER Z 368 -17.52 -13.99 5.13
CA SER Z 368 -17.65 -14.31 3.71
C SER Z 368 -19.12 -14.41 3.31
N GLY Z 369 -19.54 -13.56 2.38
CA GLY Z 369 -20.84 -13.73 1.73
C GLY Z 369 -22.01 -13.68 2.69
N THR Z 370 -22.86 -14.71 2.62
CA THR Z 370 -24.15 -14.69 3.33
C THR Z 370 -24.51 -16.00 4.02
N GLN Z 371 -23.68 -17.05 3.94
CA GLN Z 371 -23.94 -18.30 4.64
C GLN Z 371 -23.42 -18.20 6.07
N SER Z 372 -24.14 -17.42 6.88
CA SER Z 372 -23.70 -17.11 8.23
C SER Z 372 -23.66 -18.32 9.15
N GLY Z 373 -24.24 -19.46 8.76
CA GLY Z 373 -24.08 -20.67 9.55
C GLY Z 373 -22.76 -21.37 9.35
N GLU Z 374 -22.13 -21.21 8.20
CA GLU Z 374 -21.04 -22.10 7.82
C GLU Z 374 -19.68 -21.57 8.25
N ALA Z 375 -19.41 -20.29 7.99
CA ALA Z 375 -18.24 -19.70 8.62
C ALA Z 375 -18.36 -19.75 10.13
N MET Z 376 -19.58 -19.69 10.66
CA MET Z 376 -19.75 -19.85 12.10
C MET Z 376 -19.35 -21.23 12.58
N LYS Z 377 -19.77 -22.28 11.88
CA LYS Z 377 -19.29 -23.61 12.27
C LYS Z 377 -17.77 -23.72 12.16
N TYR Z 378 -17.18 -23.02 11.20
CA TYR Z 378 -15.72 -23.00 11.13
C TYR Z 378 -15.13 -22.34 12.36
N LYS Z 379 -15.65 -21.18 12.72
CA LYS Z 379 -14.98 -20.37 13.72
C LYS Z 379 -15.28 -20.87 15.13
N LEU Z 380 -16.47 -21.44 15.33
CA LEU Z 380 -16.85 -22.03 16.60
C LEU Z 380 -16.47 -23.49 16.69
N PHE Z 381 -15.63 -23.99 15.77
CA PHE Z 381 -15.22 -25.39 15.88
C PHE Z 381 -14.55 -25.66 17.22
N GLY Z 382 -13.70 -24.76 17.68
CA GLY Z 382 -13.06 -24.98 18.97
C GLY Z 382 -14.04 -25.01 20.12
N LEU Z 383 -15.07 -24.17 20.05
CA LEU Z 383 -16.08 -24.17 21.10
C LEU Z 383 -16.95 -25.41 21.06
N GLU Z 384 -17.18 -25.97 19.86
CA GLU Z 384 -17.99 -27.18 19.77
C GLU Z 384 -17.33 -28.36 20.47
N GLN Z 385 -16.00 -28.46 20.42
CA GLN Z 385 -15.33 -29.58 21.06
C GLN Z 385 -15.63 -29.66 22.54
N ARG Z 386 -15.61 -28.53 23.24
CA ARG Z 386 -15.95 -28.53 24.66
C ARG Z 386 -17.44 -28.77 24.88
N THR Z 387 -18.28 -28.11 24.09
CA THR Z 387 -19.71 -28.28 24.25
C THR Z 387 -20.12 -29.72 24.06
N LYS Z 388 -19.42 -30.46 23.20
CA LYS Z 388 -19.82 -31.85 22.98
C LYS Z 388 -19.60 -32.70 24.22
N THR Z 389 -18.63 -32.34 25.06
CA THR Z 389 -18.46 -33.02 26.35
C THR Z 389 -19.52 -32.57 27.34
N LYS Z 390 -19.75 -31.26 27.42
CA LYS Z 390 -20.78 -30.77 28.32
C LYS Z 390 -22.14 -31.38 27.99
N GLU Z 391 -22.40 -31.62 26.71
CA GLU Z 391 -23.65 -32.26 26.31
C GLU Z 391 -23.75 -33.66 26.89
N GLY Z 392 -22.63 -34.38 26.96
CA GLY Z 392 -22.69 -35.71 27.52
C GLY Z 392 -23.03 -35.67 28.99
N LEU Z 393 -22.31 -34.84 29.74
CA LEU Z 393 -22.60 -34.76 31.17
C LEU Z 393 -24.02 -34.25 31.44
N PHE Z 394 -24.51 -33.32 30.61
CA PHE Z 394 -25.88 -32.85 30.77
C PHE Z 394 -26.88 -33.97 30.56
N THR Z 395 -26.68 -34.80 29.54
CA THR Z 395 -27.61 -35.92 29.36
C THR Z 395 -27.50 -36.89 30.52
N LYS Z 396 -26.28 -37.09 31.02
CA LYS Z 396 -26.11 -37.96 32.17
C LYS Z 396 -26.94 -37.47 33.35
N GLY Z 397 -27.13 -36.17 33.46
CA GLY Z 397 -27.99 -35.65 34.51
C GLY Z 397 -29.47 -35.78 34.20
N LEU Z 398 -29.83 -35.46 32.95
CA LEU Z 398 -31.23 -35.58 32.55
C LEU Z 398 -31.75 -36.99 32.74
N ARG Z 399 -30.91 -38.00 32.56
CA ARG Z 399 -31.38 -39.36 32.79
C ARG Z 399 -31.77 -39.59 34.24
N ARG Z 400 -31.05 -38.97 35.18
CA ARG Z 400 -31.45 -39.09 36.58
C ARG Z 400 -32.75 -38.34 36.84
N ARG Z 401 -32.90 -37.17 36.24
CA ARG Z 401 -34.17 -36.46 36.36
C ARG Z 401 -35.32 -37.34 35.91
N ALA Z 402 -35.14 -38.05 34.80
CA ALA Z 402 -36.19 -38.94 34.32
C ALA Z 402 -36.41 -40.11 35.27
N LYS Z 403 -35.34 -40.68 35.82
CA LYS Z 403 -35.50 -41.77 36.76
C LYS Z 403 -36.37 -41.35 37.94
N LEU Z 404 -36.15 -40.14 38.44
CA LEU Z 404 -36.98 -39.62 39.52
C LEU Z 404 -38.43 -39.47 39.07
N LEU Z 405 -38.63 -38.90 37.89
CA LEU Z 405 -39.99 -38.66 37.44
C LEU Z 405 -40.76 -39.96 37.28
N GLU Z 406 -40.11 -40.98 36.72
CA GLU Z 406 -40.83 -42.25 36.58
C GLU Z 406 -41.14 -42.84 37.94
N THR Z 407 -40.24 -42.65 38.91
CA THR Z 407 -40.51 -43.26 40.20
C THR Z 407 -41.71 -42.62 40.87
N ILE Z 408 -41.80 -41.29 40.81
CA ILE Z 408 -42.94 -40.63 41.44
C ILE Z 408 -44.23 -40.91 40.69
N LEU Z 409 -44.18 -40.99 39.36
CA LEU Z 409 -45.39 -41.32 38.61
C LEU Z 409 -45.88 -42.70 38.95
N LYS Z 410 -44.98 -43.67 39.09
CA LYS Z 410 -45.42 -45.02 39.44
C LYS Z 410 -45.95 -45.08 40.87
N ASN Z 411 -45.27 -44.43 41.81
CA ASN Z 411 -45.76 -44.50 43.18
C ASN Z 411 -47.10 -43.79 43.33
N THR Z 412 -47.40 -42.83 42.48
CA THR Z 412 -48.73 -42.23 42.48
C THR Z 412 -49.68 -42.97 41.54
N ARG Z 413 -49.19 -44.00 40.87
CA ARG Z 413 -50.00 -44.77 39.92
C ARG Z 413 -50.62 -43.88 38.86
N SER Z 414 -49.90 -42.82 38.49
CA SER Z 414 -50.34 -42.00 37.36
C SER Z 414 -49.93 -42.60 36.03
N ILE Z 415 -49.19 -43.71 36.06
CA ILE Z 415 -48.74 -44.42 34.87
C ILE Z 415 -48.61 -45.90 35.21
N ASP Z 416 -48.66 -46.74 34.19
CA ASP Z 416 -48.52 -48.18 34.41
C ASP Z 416 -47.11 -48.53 34.87
N ALA Z 417 -47.03 -49.42 35.86
CA ALA Z 417 -45.74 -49.85 36.39
C ALA Z 417 -44.89 -50.54 35.34
N ASN Z 418 -45.47 -50.90 34.20
CA ASN Z 418 -44.74 -51.54 33.11
C ASN Z 418 -43.77 -50.62 32.39
N LYS Z 419 -43.98 -49.31 32.44
CA LYS Z 419 -43.20 -48.39 31.61
C LYS Z 419 -41.75 -48.27 32.06
N ASP Z 420 -40.90 -47.87 31.11
CA ASP Z 420 -39.48 -47.61 31.32
C ASP Z 420 -39.12 -46.29 30.67
N PHE Z 421 -38.45 -45.40 31.42
CA PHE Z 421 -38.07 -44.09 30.91
C PHE Z 421 -36.66 -44.01 30.33
N ASN Z 422 -35.80 -45.01 30.54
CA ASN Z 422 -34.45 -44.89 30.00
C ASN Z 422 -34.37 -44.98 28.49
N THR Z 423 -35.48 -45.26 27.80
CA THR Z 423 -35.45 -45.31 26.35
C THR Z 423 -35.47 -43.93 25.70
N VAL Z 424 -35.78 -42.88 26.47
CA VAL Z 424 -35.86 -41.54 25.90
C VAL Z 424 -34.53 -41.14 25.28
N ARG Z 425 -34.58 -40.60 24.07
CA ARG Z 425 -33.42 -40.09 23.36
C ARG Z 425 -33.47 -38.57 23.40
N TYR Z 426 -32.42 -37.95 23.92
CA TYR Z 426 -32.31 -36.50 23.99
C TYR Z 426 -31.57 -35.98 22.76
N VAL Z 427 -32.22 -35.12 21.98
CA VAL Z 427 -31.66 -34.59 20.75
C VAL Z 427 -31.30 -33.13 20.98
N TYR Z 428 -30.03 -32.79 20.73
CA TYR Z 428 -29.52 -31.44 20.94
C TYR Z 428 -29.28 -30.75 19.62
N ASN Z 429 -29.68 -29.48 19.54
CA ASN Z 429 -29.36 -28.62 18.41
C ASN Z 429 -28.67 -27.36 18.91
N ARG Z 430 -27.65 -26.93 18.19
CA ARG Z 430 -26.95 -25.71 18.55
C ARG Z 430 -27.76 -24.50 18.11
N ASN Z 431 -27.45 -23.35 18.69
CA ASN Z 431 -28.15 -22.11 18.34
C ASN Z 431 -27.54 -21.39 17.16
N LEU Z 432 -27.09 -22.12 16.14
CA LEU Z 432 -26.54 -21.50 14.95
C LEU Z 432 -27.63 -20.72 14.19
N PRO Z 433 -27.25 -19.72 13.41
CA PRO Z 433 -28.23 -19.03 12.57
C PRO Z 433 -28.72 -19.93 11.45
N LYS Z 434 -29.95 -19.66 11.01
CA LYS Z 434 -30.61 -20.47 10.00
C LYS Z 434 -31.25 -19.56 8.97
N SER Z 435 -31.49 -20.11 7.77
CA SER Z 435 -31.98 -19.33 6.63
C SER Z 435 -33.23 -20.01 6.08
N LEU Z 436 -34.40 -19.53 6.52
CA LEU Z 436 -35.66 -20.17 6.13
C LEU Z 436 -35.85 -20.25 4.62
N ILE Z 437 -35.30 -19.31 3.86
CA ILE Z 437 -35.46 -19.40 2.41
C ILE Z 437 -34.61 -20.53 1.84
N GLU Z 438 -33.36 -20.63 2.27
CA GLU Z 438 -32.53 -21.74 1.82
C GLU Z 438 -33.14 -23.06 2.23
N GLU Z 439 -33.70 -23.13 3.43
CA GLU Z 439 -34.21 -24.41 3.90
C GLU Z 439 -35.51 -24.78 3.18
N LEU Z 440 -36.41 -23.83 2.96
CA LEU Z 440 -37.57 -24.14 2.15
C LEU Z 440 -37.17 -24.65 0.78
N LYS Z 441 -36.20 -23.99 0.15
CA LYS Z 441 -35.80 -24.47 -1.17
C LYS Z 441 -35.18 -25.85 -1.10
N ALA Z 442 -34.44 -26.16 -0.03
CA ALA Z 442 -33.85 -27.48 0.09
C ALA Z 442 -34.86 -28.55 0.48
N TYR Z 443 -35.94 -28.17 1.13
CA TYR Z 443 -36.96 -29.12 1.54
C TYR Z 443 -37.96 -29.40 0.44
N ILE Z 444 -38.32 -28.39 -0.34
CA ILE Z 444 -39.29 -28.63 -1.40
C ILE Z 444 -38.60 -29.17 -2.62
N ASP Z 445 -37.39 -28.71 -2.93
CA ASP Z 445 -36.60 -29.55 -3.78
C ASP Z 445 -36.40 -30.84 -3.02
N SER Z 446 -36.17 -31.92 -3.74
CA SER Z 446 -36.04 -33.23 -3.10
C SER Z 446 -37.37 -33.76 -2.58
N GLY Z 447 -38.50 -33.20 -3.03
CA GLY Z 447 -39.78 -33.85 -2.84
C GLY Z 447 -40.59 -33.54 -1.59
N GLY Z 448 -40.31 -32.47 -0.86
CA GLY Z 448 -41.12 -32.17 0.29
C GLY Z 448 -42.52 -31.68 -0.07
N LYS Z 449 -43.42 -31.74 0.91
CA LYS Z 449 -44.79 -31.26 0.78
C LYS Z 449 -45.13 -30.35 1.95
N ILE Z 450 -45.91 -29.30 1.70
CA ILE Z 450 -46.38 -28.40 2.76
C ILE Z 450 -47.83 -28.03 2.53
N SER Z 451 -48.60 -27.98 3.61
CA SER Z 451 -49.97 -27.51 3.54
C SER Z 451 -49.99 -25.99 3.33
N GLN Z 452 -50.97 -25.53 2.54
CA GLN Z 452 -51.05 -24.10 2.21
C GLN Z 452 -51.03 -23.20 3.43
N THR Z 453 -51.86 -23.52 4.44
CA THR Z 453 -51.91 -22.64 5.60
C THR Z 453 -50.57 -22.58 6.34
N THR Z 454 -49.86 -23.70 6.40
CA THR Z 454 -48.55 -23.69 7.06
C THR Z 454 -47.56 -22.85 6.26
N LEU Z 455 -47.52 -23.09 4.95
CA LEU Z 455 -46.59 -22.36 4.11
C LEU Z 455 -46.85 -20.87 4.23
N MET Z 456 -48.11 -20.47 4.24
CA MET Z 456 -48.41 -19.05 4.42
C MET Z 456 -47.93 -18.56 5.78
N SER Z 457 -48.05 -19.40 6.81
CA SER Z 457 -47.64 -18.97 8.13
C SER Z 457 -46.16 -18.68 8.19
N LEU Z 458 -45.39 -19.17 7.23
CA LEU Z 458 -43.95 -18.89 7.29
C LEU Z 458 -43.57 -17.49 6.83
N PHE Z 459 -44.38 -16.83 6.00
CA PHE Z 459 -44.03 -15.55 5.40
C PHE Z 459 -44.88 -14.44 6.00
N SER Z 460 -44.22 -13.40 6.52
CA SER Z 460 -44.91 -12.36 7.25
C SER Z 460 -45.53 -11.27 6.38
N PHE Z 461 -45.50 -11.37 5.05
CA PHE Z 461 -46.21 -10.37 4.26
C PHE Z 461 -47.71 -10.67 4.17
N PHE Z 462 -48.14 -11.87 4.53
CA PHE Z 462 -49.56 -12.19 4.63
C PHE Z 462 -50.12 -11.61 5.91
N GLN Z 463 -50.99 -10.60 5.77
CA GLN Z 463 -51.58 -9.96 6.94
C GLN Z 463 -52.62 -10.85 7.63
N ASP Z 464 -53.32 -11.70 6.87
CA ASP Z 464 -54.28 -12.65 7.42
C ASP Z 464 -54.04 -14.00 6.75
N PRO Z 465 -53.16 -14.82 7.33
CA PRO Z 465 -52.79 -16.10 6.69
C PRO Z 465 -53.94 -17.03 6.44
N GLU Z 466 -55.07 -16.88 7.14
CA GLU Z 466 -56.20 -17.77 6.94
C GLU Z 466 -57.26 -17.14 6.06
N LEU Z 467 -57.59 -15.88 6.29
CA LEU Z 467 -58.54 -15.21 5.42
C LEU Z 467 -58.09 -15.30 3.96
N GLU Z 468 -56.78 -15.25 3.75
CA GLU Z 468 -56.27 -15.37 2.38
C GLU Z 468 -56.78 -16.62 1.67
N VAL Z 469 -56.97 -17.73 2.38
CA VAL Z 469 -57.43 -18.94 1.70
C VAL Z 469 -58.84 -18.75 1.16
N LYS Z 470 -59.73 -18.16 1.95
CA LYS Z 470 -61.08 -17.90 1.47
C LYS Z 470 -61.02 -16.95 0.28
N LYS Z 471 -60.16 -15.93 0.40
CA LYS Z 471 -60.01 -14.95 -0.66
C LYS Z 471 -59.46 -15.58 -1.94
N ILE Z 472 -58.70 -16.66 -1.81
CA ILE Z 472 -58.22 -17.36 -2.99
C ILE Z 472 -59.32 -18.21 -3.58
N GLU Z 473 -60.14 -18.83 -2.73
CA GLU Z 473 -61.25 -19.62 -3.23
C GLU Z 473 -62.20 -18.78 -4.06
N GLU Z 474 -62.44 -17.53 -3.65
CA GLU Z 474 -63.33 -16.67 -4.45
C GLU Z 474 -62.77 -16.49 -5.86
N ASP Z 475 -61.49 -16.15 -5.96
CA ASP Z 475 -60.86 -15.98 -7.26
C ASP Z 475 -60.90 -17.27 -8.06
N GLU Z 476 -60.51 -18.37 -7.44
CA GLU Z 476 -60.50 -19.67 -8.09
C GLU Z 476 -61.89 -20.10 -8.53
N LYS Z 477 -62.93 -19.55 -7.90
CA LYS Z 477 -64.30 -19.85 -8.28
C LYS Z 477 -64.71 -19.06 -9.50
N GLU Z 478 -64.46 -17.74 -9.47
CA GLU Z 478 -64.82 -16.94 -10.63
C GLU Z 478 -63.97 -17.29 -11.84
N SER Z 479 -62.83 -17.95 -11.63
CA SER Z 479 -62.05 -18.44 -12.77
C SER Z 479 -62.74 -19.60 -13.48
N ILE Z 480 -63.74 -20.21 -12.84
CA ILE Z 480 -64.46 -21.32 -13.46
C ILE Z 480 -65.45 -20.84 -14.50
N LYS Z 481 -65.82 -19.57 -14.46
CA LYS Z 481 -66.82 -19.03 -15.35
C LYS Z 481 -66.15 -18.38 -16.55
N ASN AA 16 -21.97 6.95 41.34
CA ASN AA 16 -22.16 5.78 40.43
C ASN AA 16 -21.86 4.46 41.11
N ILE AA 17 -20.58 4.10 41.18
CA ILE AA 17 -20.18 2.80 41.72
C ILE AA 17 -20.93 2.51 43.01
N ASN AA 18 -20.90 3.46 43.95
CA ASN AA 18 -21.51 3.28 45.25
C ASN AA 18 -23.00 3.04 45.20
N TYR AA 19 -23.65 3.30 44.07
CA TYR AA 19 -25.08 3.00 43.93
C TYR AA 19 -25.35 1.79 43.05
N LEU AA 20 -24.66 1.65 41.94
CA LEU AA 20 -24.96 0.54 41.05
C LEU AA 20 -24.50 -0.77 41.62
N PHE AA 21 -23.32 -0.81 42.24
CA PHE AA 21 -22.74 -2.07 42.67
C PHE AA 21 -22.84 -2.30 44.16
N ASN AA 22 -23.69 -1.55 44.85
CA ASN AA 22 -23.89 -1.81 46.28
C ASN AA 22 -24.56 -3.16 46.46
N ASP AA 23 -24.35 -3.77 47.63
CA ASP AA 23 -24.91 -5.09 47.86
C ASP AA 23 -26.39 -5.06 48.23
N GLU AA 24 -26.87 -3.98 48.83
CA GLU AA 24 -28.27 -3.94 49.23
C GLU AA 24 -29.19 -3.62 48.07
N ALA AA 25 -28.68 -2.98 47.02
CA ALA AA 25 -29.49 -2.77 45.84
C ALA AA 25 -29.67 -4.08 45.09
N ASN AA 26 -30.70 -4.13 44.24
CA ASN AA 26 -30.96 -5.25 43.34
C ASN AA 26 -31.30 -6.56 44.05
N VAL AA 27 -31.52 -6.56 45.36
CA VAL AA 27 -31.95 -7.77 46.06
C VAL AA 27 -33.41 -8.07 45.80
N VAL AA 28 -33.83 -9.29 46.12
CA VAL AA 28 -35.22 -9.71 46.05
C VAL AA 28 -35.81 -9.72 47.46
N TYR AA 29 -36.92 -9.01 47.64
CA TYR AA 29 -37.57 -8.96 48.95
C TYR AA 29 -38.39 -10.23 49.18
N THR AA 30 -38.21 -10.83 50.36
CA THR AA 30 -38.98 -12.01 50.72
C THR AA 30 -39.52 -11.84 52.14
N TYR AA 31 -40.62 -12.55 52.40
CA TYR AA 31 -41.29 -12.51 53.69
C TYR AA 31 -41.61 -13.92 54.15
N ASP AA 32 -41.41 -14.17 55.44
CA ASP AA 32 -41.62 -15.49 56.01
C ASP AA 32 -43.09 -15.84 56.18
N GLY AA 33 -43.94 -14.86 56.49
CA GLY AA 33 -45.32 -15.15 56.82
C GLY AA 33 -46.24 -15.20 55.61
N THR AA 34 -47.48 -15.58 55.88
CA THR AA 34 -48.52 -15.57 54.86
C THR AA 34 -48.99 -14.15 54.61
N GLU AA 35 -49.81 -14.02 53.57
CA GLU AA 35 -50.41 -12.73 53.27
C GLU AA 35 -51.12 -12.16 54.48
N SER AA 36 -51.86 -13.00 55.21
CA SER AA 36 -52.54 -12.53 56.41
C SER AA 36 -51.55 -12.05 57.46
N ASP AA 37 -50.47 -12.80 57.66
CA ASP AA 37 -49.47 -12.43 58.65
C ASP AA 37 -48.83 -11.10 58.30
N LEU AA 38 -48.73 -10.79 57.02
CA LEU AA 38 -48.15 -9.50 56.62
C LEU AA 38 -49.18 -8.39 56.79
N LEU AA 39 -50.38 -8.62 56.27
CA LEU AA 39 -51.40 -7.58 56.23
C LEU AA 39 -51.85 -7.16 57.62
N GLN AA 40 -51.85 -8.08 58.59
CA GLN AA 40 -52.20 -7.67 59.94
C GLN AA 40 -51.14 -6.79 60.58
N ASN AA 41 -49.92 -6.82 60.05
CA ASN AA 41 -48.81 -6.08 60.63
C ASN AA 41 -48.20 -5.11 59.61
N VAL AA 42 -49.01 -4.16 59.14
CA VAL AA 42 -48.66 -3.27 58.04
C VAL AA 42 -47.34 -2.53 58.24
N ASN AA 43 -46.84 -2.47 59.47
CA ASN AA 43 -45.53 -1.83 59.67
C ASN AA 43 -44.42 -2.51 58.88
N GLU AA 44 -44.52 -3.83 58.70
CA GLU AA 44 -43.50 -4.53 57.93
C GLU AA 44 -43.38 -3.96 56.54
N VAL AA 45 -44.52 -3.68 55.91
CA VAL AA 45 -44.48 -3.10 54.57
C VAL AA 45 -43.76 -1.76 54.62
N SER AA 46 -43.88 -1.04 55.73
CA SER AA 46 -43.16 0.22 55.84
C SER AA 46 -41.67 -0.02 55.87
N LYS AA 47 -41.23 -1.10 56.52
CA LYS AA 47 -39.80 -1.40 56.50
C LYS AA 47 -39.33 -1.67 55.09
N TYR AA 48 -40.12 -2.43 54.33
CA TYR AA 48 -39.73 -2.70 52.94
C TYR AA 48 -39.69 -1.43 52.11
N ILE AA 49 -40.70 -0.58 52.25
CA ILE AA 49 -40.71 0.67 51.49
C ILE AA 49 -39.50 1.50 51.82
N GLU AA 50 -39.15 1.61 53.10
CA GLU AA 50 -38.00 2.42 53.47
C GLU AA 50 -36.72 1.84 52.89
N HIS AA 51 -36.56 0.52 52.94
CA HIS AA 51 -35.36 -0.08 52.37
C HIS AA 51 -35.31 0.15 50.86
N HIS AA 52 -36.46 0.09 50.21
CA HIS AA 52 -36.47 0.34 48.77
C HIS AA 52 -36.05 1.76 48.46
N MET AA 53 -36.62 2.74 49.18
CA MET AA 53 -36.25 4.13 48.94
C MET AA 53 -34.78 4.37 49.20
N ASP AA 54 -34.23 3.74 50.23
CA ASP AA 54 -32.86 4.05 50.62
C ASP AA 54 -31.82 3.29 49.83
N TYR AA 55 -32.17 2.20 49.18
CA TYR AA 55 -31.13 1.47 48.46
C TYR AA 55 -31.48 1.23 46.99
N GLN AA 56 -32.65 0.69 46.71
CA GLN AA 56 -32.94 0.33 45.33
C GLN AA 56 -33.23 1.55 44.47
N ARG AA 57 -33.98 2.51 44.97
CA ARG AA 57 -34.32 3.64 44.12
C ARG AA 57 -33.09 4.39 43.61
N PRO AA 58 -32.11 4.74 44.42
CA PRO AA 58 -30.92 5.40 43.85
C PRO AA 58 -30.34 4.70 42.64
N ARG AA 59 -30.20 3.38 42.67
CA ARG AA 59 -29.69 2.67 41.52
C ARG AA 59 -30.54 2.93 40.28
N LEU AA 60 -31.85 2.79 40.43
CA LEU AA 60 -32.73 2.99 39.29
C LEU AA 60 -32.67 4.42 38.79
N LYS AA 61 -32.62 5.39 39.70
CA LYS AA 61 -32.50 6.78 39.28
C LYS AA 61 -31.24 7.00 38.46
N VAL AA 62 -30.12 6.39 38.88
CA VAL AA 62 -28.89 6.57 38.13
C VAL AA 62 -29.03 5.98 36.74
N LEU AA 63 -29.59 4.78 36.65
CA LEU AA 63 -29.76 4.18 35.33
C LEU AA 63 -30.67 5.03 34.44
N SER AA 64 -31.76 5.54 35.00
CA SER AA 64 -32.63 6.42 34.24
C SER AA 64 -31.90 7.67 33.78
N ASP AA 65 -31.15 8.31 34.68
CA ASP AA 65 -30.37 9.49 34.29
C ASP AA 65 -29.48 9.19 33.11
N TYR AA 66 -28.85 8.01 33.09
CA TYR AA 66 -28.05 7.69 31.93
C TYR AA 66 -28.89 7.51 30.68
N TYR AA 67 -30.06 6.91 30.79
CA TYR AA 67 -30.90 6.84 29.59
C TYR AA 67 -31.24 8.22 29.08
N GLU AA 68 -31.53 9.16 29.98
CA GLU AA 68 -31.78 10.53 29.58
C GLU AA 68 -30.51 11.28 29.19
N GLY AA 69 -29.34 10.66 29.34
CA GLY AA 69 -28.08 11.31 29.07
C GLY AA 69 -27.57 12.29 30.10
N LYS AA 70 -28.19 12.39 31.27
CA LYS AA 70 -27.68 13.23 32.35
C LYS AA 70 -26.50 12.55 33.03
N THR AA 71 -25.50 12.12 32.25
CA THR AA 71 -24.36 11.40 32.81
C THR AA 71 -23.66 12.23 33.88
N LYS AA 72 -22.91 11.52 34.74
CA LYS AA 72 -22.14 12.13 35.81
C LYS AA 72 -21.39 13.37 35.37
N ASN AA 73 -20.79 13.35 34.18
CA ASN AA 73 -20.02 14.49 33.74
C ASN AA 73 -20.83 15.79 33.72
N LEU AA 74 -22.11 15.72 33.41
CA LEU AA 74 -22.90 16.95 33.39
C LEU AA 74 -23.14 17.51 34.78
N VAL AA 75 -23.51 16.65 35.74
CA VAL AA 75 -23.91 17.17 37.04
C VAL AA 75 -22.73 17.42 37.96
N GLU AA 76 -21.64 16.66 37.84
CA GLU AA 76 -20.51 16.83 38.74
C GLU AA 76 -19.73 18.12 38.50
N LEU AA 77 -20.42 19.26 38.59
CA LEU AA 77 -19.80 20.58 38.44
C LEU AA 77 -18.78 20.89 39.54
N THR AA 78 -18.78 20.11 40.62
CA THR AA 78 -17.97 20.42 41.80
C THR AA 78 -16.53 20.83 41.49
N ARG AA 79 -15.86 20.15 40.57
CA ARG AA 79 -14.44 20.42 40.31
C ARG AA 79 -14.17 21.14 38.98
N ARG AA 80 -15.19 21.69 38.35
CA ARG AA 80 -15.03 22.41 37.10
C ARG AA 80 -14.44 23.81 37.30
N LYS AA 81 -13.96 24.37 36.19
CA LYS AA 81 -13.33 25.69 36.13
C LYS AA 81 -14.08 26.57 35.13
N GLU AA 82 -14.37 27.81 35.53
CA GLU AA 82 -15.05 28.74 34.63
C GLU AA 82 -14.70 30.19 34.94
N GLU AA 83 -13.49 30.44 35.46
CA GLU AA 83 -13.11 31.80 35.79
C GLU AA 83 -12.94 32.65 34.54
N TYR AA 84 -12.56 32.04 33.42
CA TYR AA 84 -12.50 32.74 32.15
C TYR AA 84 -12.67 31.78 30.98
N MET AA 85 -12.31 30.51 31.14
CA MET AA 85 -12.54 29.54 30.09
C MET AA 85 -14.00 29.08 30.07
N ALA AA 86 -14.37 28.38 29.00
CA ALA AA 86 -15.65 27.70 28.89
C ALA AA 86 -15.66 26.41 29.71
N ASP AA 87 -16.87 26.01 30.11
CA ASP AA 87 -17.05 24.77 30.88
C ASP AA 87 -16.79 23.51 30.03
N ASN AA 88 -17.41 23.45 28.85
CA ASN AA 88 -17.22 22.34 27.90
C ASN AA 88 -17.47 20.95 28.49
N ARG AA 89 -18.37 20.83 29.47
CA ARG AA 89 -18.76 19.51 29.96
C ARG AA 89 -19.70 18.82 28.96
N VAL AA 90 -19.50 17.50 28.76
CA VAL AA 90 -20.08 16.75 27.63
C VAL AA 90 -20.74 15.45 28.07
N ALA AA 91 -21.81 15.07 27.35
CA ALA AA 91 -22.53 13.79 27.54
C ALA AA 91 -22.80 13.13 26.19
N HIS AA 92 -22.47 11.84 26.06
CA HIS AA 92 -22.56 11.11 24.78
C HIS AA 92 -23.81 10.29 24.48
N ASP AA 93 -24.68 9.95 25.44
CA ASP AA 93 -25.92 9.21 25.13
C ASP AA 93 -25.72 7.76 24.63
N TYR AA 94 -24.61 7.11 24.96
CA TYR AA 94 -24.48 5.71 24.59
C TYR AA 94 -25.59 4.87 25.21
N ALA AA 95 -26.03 5.21 26.41
CA ALA AA 95 -27.03 4.40 27.08
C ALA AA 95 -28.30 4.30 26.26
N SER AA 96 -28.77 5.43 25.72
CA SER AA 96 -29.95 5.39 24.90
C SER AA 96 -29.70 4.65 23.60
N TYR AA 97 -28.58 4.93 22.94
CA TYR AA 97 -28.30 4.22 21.70
C TYR AA 97 -28.37 2.70 21.89
N ILE AA 98 -27.73 2.21 22.95
CA ILE AA 98 -27.70 0.78 23.23
C ILE AA 98 -29.08 0.25 23.54
N SER AA 99 -29.79 0.87 24.49
CA SER AA 99 -31.06 0.31 24.91
C SER AA 99 -32.09 0.32 23.80
N ASP AA 100 -32.15 1.41 23.02
CA ASP AA 100 -33.11 1.43 21.93
C ASP AA 100 -32.80 0.38 20.89
N PHE AA 101 -31.52 0.19 20.58
CA PHE AA 101 -31.18 -0.83 19.59
C PHE AA 101 -31.59 -2.22 20.08
N ILE AA 102 -31.18 -2.59 21.30
CA ILE AA 102 -31.46 -3.93 21.81
C ILE AA 102 -32.95 -4.17 21.96
N ASN AA 103 -33.69 -3.16 22.42
CA ASN AA 103 -35.12 -3.37 22.57
C ASN AA 103 -35.81 -3.51 21.22
N GLY AA 104 -35.44 -2.67 20.26
CA GLY AA 104 -36.07 -2.80 18.96
C GLY AA 104 -35.81 -4.17 18.36
N TYR AA 105 -34.58 -4.67 18.54
CA TYR AA 105 -34.27 -5.99 18.00
C TYR AA 105 -35.14 -7.05 18.63
N PHE AA 106 -35.43 -6.92 19.92
CA PHE AA 106 -36.19 -7.96 20.61
C PHE AA 106 -37.69 -7.88 20.34
N LEU AA 107 -38.29 -6.71 20.50
CA LEU AA 107 -39.74 -6.57 20.40
C LEU AA 107 -40.20 -5.59 19.33
N GLY AA 108 -39.32 -5.21 18.40
CA GLY AA 108 -39.78 -4.35 17.33
C GLY AA 108 -40.82 -5.02 16.46
N ASN AA 109 -40.86 -6.35 16.47
CA ASN AA 109 -41.80 -7.12 15.67
C ASN AA 109 -42.81 -7.79 16.59
N PRO AA 110 -44.12 -7.57 16.43
CA PRO AA 110 -45.08 -8.09 17.42
C PRO AA 110 -44.98 -9.58 17.66
N ILE AA 111 -45.22 -9.96 18.93
CA ILE AA 111 -45.35 -11.36 19.29
C ILE AA 111 -46.64 -11.92 18.71
N GLN AA 112 -46.56 -13.10 18.10
CA GLN AA 112 -47.74 -13.75 17.56
C GLN AA 112 -48.26 -14.79 18.54
N TYR AA 113 -49.55 -15.09 18.45
CA TYR AA 113 -50.19 -16.03 19.35
C TYR AA 113 -50.85 -17.14 18.56
N GLN AA 114 -50.68 -18.37 19.01
CA GLN AA 114 -51.37 -19.52 18.44
C GLN AA 114 -52.06 -20.29 19.55
N ASP AA 115 -53.20 -20.88 19.23
CA ASP AA 115 -53.84 -21.76 20.18
C ASP AA 115 -54.67 -22.78 19.41
N ASP AA 116 -54.92 -23.91 20.07
CA ASP AA 116 -55.75 -24.93 19.43
C ASP AA 116 -57.24 -24.64 19.56
N ASP AA 117 -57.63 -23.85 20.56
CA ASP AA 117 -59.04 -23.52 20.77
C ASP AA 117 -59.28 -22.06 20.38
N LYS AA 118 -60.13 -21.87 19.38
CA LYS AA 118 -60.37 -20.52 18.90
C LYS AA 118 -61.13 -19.66 19.91
N ASP AA 119 -61.87 -20.24 20.84
CA ASP AA 119 -62.54 -19.38 21.80
C ASP AA 119 -61.54 -18.66 22.67
N VAL AA 120 -60.53 -19.40 23.14
CA VAL AA 120 -59.48 -18.78 23.93
C VAL AA 120 -58.66 -17.84 23.07
N LEU AA 121 -58.32 -18.28 21.86
CA LEU AA 121 -57.51 -17.42 21.00
C LEU AA 121 -58.21 -16.09 20.73
N GLU AA 122 -59.52 -16.11 20.46
CA GLU AA 122 -60.21 -14.86 20.20
C GLU AA 122 -60.40 -14.04 21.47
N ALA AA 123 -60.47 -14.68 22.64
CA ALA AA 123 -60.56 -13.88 23.84
C ALA AA 123 -59.24 -13.16 24.09
N ILE AA 124 -58.14 -13.86 23.84
CA ILE AA 124 -56.83 -13.24 23.96
C ILE AA 124 -56.71 -12.09 22.97
N GLU AA 125 -57.04 -12.35 21.71
CA GLU AA 125 -56.91 -11.32 20.69
C GLU AA 125 -57.78 -10.11 20.99
N ALA AA 126 -58.98 -10.33 21.54
CA ALA AA 126 -59.83 -9.20 21.92
C ALA AA 126 -59.19 -8.38 23.03
N PHE AA 127 -58.66 -9.06 24.04
CA PHE AA 127 -58.00 -8.33 25.12
C PHE AA 127 -56.78 -7.57 24.62
N ASN AA 128 -56.00 -8.20 23.75
CA ASN AA 128 -54.82 -7.53 23.21
C ASN AA 128 -55.20 -6.31 22.40
N ASP AA 129 -56.24 -6.42 21.58
CA ASP AA 129 -56.64 -5.28 20.77
C ASP AA 129 -57.12 -4.14 21.65
N LEU AA 130 -57.96 -4.45 22.63
CA LEU AA 130 -58.44 -3.40 23.52
C LEU AA 130 -57.29 -2.70 24.22
N ASN AA 131 -56.28 -3.46 24.68
CA ASN AA 131 -55.18 -2.87 25.43
C ASN AA 131 -54.00 -2.41 24.59
N ASP AA 132 -54.06 -2.50 23.26
CA ASP AA 132 -52.91 -2.09 22.44
C ASP AA 132 -51.65 -2.80 22.90
N VAL AA 133 -51.77 -4.11 23.12
CA VAL AA 133 -50.69 -4.88 23.74
C VAL AA 133 -49.37 -4.77 22.99
N GLU AA 134 -49.39 -4.54 21.68
CA GLU AA 134 -48.12 -4.43 20.97
C GLU AA 134 -47.25 -3.32 21.56
N SER AA 135 -47.81 -2.11 21.68
CA SER AA 135 -47.05 -1.00 22.22
C SER AA 135 -46.70 -1.25 23.68
N HIS AA 136 -47.61 -1.85 24.42
CA HIS AA 136 -47.33 -2.15 25.82
C HIS AA 136 -46.12 -3.06 25.94
N ASN AA 137 -46.12 -4.17 25.20
CA ASN AA 137 -45.00 -5.09 25.24
C ASN AA 137 -43.70 -4.37 24.89
N ARG AA 138 -43.71 -3.52 23.88
CA ARG AA 138 -42.48 -2.81 23.57
C ARG AA 138 -42.02 -1.93 24.73
N SER AA 139 -42.96 -1.25 25.40
CA SER AA 139 -42.54 -0.40 26.51
C SER AA 139 -41.99 -1.22 27.65
N LEU AA 140 -42.52 -2.43 27.84
CA LEU AA 140 -41.94 -3.31 28.85
C LEU AA 140 -40.53 -3.72 28.46
N GLY AA 141 -40.34 -4.12 27.21
CA GLY AA 141 -39.01 -4.49 26.78
C GLY AA 141 -38.02 -3.35 26.97
N LEU AA 142 -38.46 -2.13 26.76
CA LEU AA 142 -37.58 -0.99 26.96
C LEU AA 142 -37.21 -0.83 28.43
N ASP AA 143 -38.21 -0.90 29.33
CA ASP AA 143 -37.87 -0.83 30.74
C ASP AA 143 -36.94 -1.97 31.14
N LEU AA 144 -37.17 -3.16 30.59
CA LEU AA 144 -36.27 -4.27 30.87
C LEU AA 144 -34.85 -3.91 30.45
N SER AA 145 -34.71 -3.19 29.36
CA SER AA 145 -33.39 -2.84 28.89
C SER AA 145 -32.71 -1.82 29.79
N ILE AA 146 -33.42 -0.78 30.23
CA ILE AA 146 -32.72 0.24 31.02
C ILE AA 146 -32.63 -0.14 32.50
N TYR AA 147 -33.74 -0.53 33.13
CA TYR AA 147 -33.68 -0.83 34.55
C TYR AA 147 -33.35 -2.29 34.85
N GLY AA 148 -33.62 -3.20 33.92
CA GLY AA 148 -33.42 -4.60 34.16
C GLY AA 148 -34.64 -5.33 34.66
N LYS AA 149 -35.69 -4.61 35.06
CA LYS AA 149 -36.90 -5.24 35.55
C LYS AA 149 -38.08 -4.35 35.15
N ALA AA 150 -39.27 -4.94 35.08
CA ALA AA 150 -40.43 -4.15 34.70
C ALA AA 150 -41.67 -4.72 35.34
N TYR AA 151 -42.67 -3.87 35.53
CA TYR AA 151 -43.89 -4.29 36.22
C TYR AA 151 -45.11 -3.89 35.41
N GLU AA 152 -46.13 -4.74 35.43
CA GLU AA 152 -47.40 -4.39 34.81
C GLU AA 152 -48.54 -4.70 35.77
N LEU AA 153 -49.50 -3.79 35.82
CA LEU AA 153 -50.66 -3.88 36.70
C LEU AA 153 -51.90 -4.10 35.85
N MET AA 154 -52.72 -5.07 36.22
CA MET AA 154 -53.96 -5.35 35.51
C MET AA 154 -55.14 -5.03 36.42
N ILE AA 155 -56.10 -4.28 35.91
CA ILE AA 155 -57.23 -3.82 36.73
C ILE AA 155 -58.54 -3.90 35.96
N ARG AA 156 -59.62 -4.23 36.68
CA ARG AA 156 -60.96 -4.18 36.13
C ARG AA 156 -61.46 -2.75 36.24
N ASN AA 157 -61.63 -2.09 35.09
CA ASN AA 157 -61.93 -0.67 35.00
C ASN AA 157 -63.34 -0.35 35.47
N GLN AA 158 -63.58 0.95 35.65
CA GLN AA 158 -64.91 1.43 36.04
C GLN AA 158 -65.93 1.14 34.96
N ASP AA 159 -65.54 1.27 33.70
CA ASP AA 159 -66.40 0.95 32.57
C ASP AA 159 -66.52 -0.54 32.34
N ASP AA 160 -66.05 -1.35 33.30
CA ASP AA 160 -66.16 -2.81 33.25
C ASP AA 160 -65.43 -3.42 32.05
N GLU AA 161 -64.12 -3.16 32.00
CA GLU AA 161 -63.24 -3.72 30.99
C GLU AA 161 -61.93 -4.09 31.67
N THR AA 162 -61.27 -5.13 31.17
CA THR AA 162 -60.00 -5.53 31.75
C THR AA 162 -58.89 -4.72 31.09
N ARG AA 163 -58.19 -3.91 31.88
CA ARG AA 163 -57.16 -3.02 31.39
C ARG AA 163 -55.80 -3.43 31.92
N LEU AA 164 -54.78 -3.15 31.11
CA LEU AA 164 -53.39 -3.45 31.43
C LEU AA 164 -52.58 -2.17 31.34
N TYR AA 165 -51.87 -1.84 32.41
CA TYR AA 165 -51.08 -0.61 32.48
C TYR AA 165 -49.69 -0.90 33.02
N LYS AA 166 -48.68 -0.26 32.45
CA LYS AA 166 -47.33 -0.42 32.97
C LYS AA 166 -47.15 0.38 34.25
N SER AA 167 -46.37 -0.17 35.18
CA SER AA 167 -46.07 0.48 36.45
C SER AA 167 -44.59 0.81 36.50
N ASP AA 168 -44.26 2.05 36.85
CA ASP AA 168 -42.88 2.50 36.78
C ASP AA 168 -42.01 1.72 37.76
N ALA AA 169 -40.79 1.42 37.35
CA ALA AA 169 -39.89 0.64 38.19
C ALA AA 169 -39.44 1.41 39.43
N MET AA 170 -39.24 2.71 39.31
CA MET AA 170 -38.80 3.50 40.45
C MET AA 170 -39.83 3.61 41.55
N SER AA 171 -41.07 3.17 41.34
CA SER AA 171 -42.11 3.33 42.34
C SER AA 171 -42.87 2.05 42.65
N THR AA 172 -42.42 0.90 42.17
CA THR AA 172 -43.12 -0.35 42.35
C THR AA 172 -42.18 -1.46 42.79
N PHE AA 173 -42.66 -2.34 43.66
CA PHE AA 173 -41.86 -3.54 43.95
C PHE AA 173 -42.78 -4.62 44.50
N ILE AA 174 -42.26 -5.84 44.56
CA ILE AA 174 -43.03 -7.00 44.99
C ILE AA 174 -42.31 -7.73 46.11
N ILE AA 175 -43.09 -8.20 47.08
CA ILE AA 175 -42.62 -8.96 48.23
C ILE AA 175 -43.05 -10.41 48.02
N TYR AA 176 -42.07 -11.32 47.94
CA TYR AA 176 -42.31 -12.72 47.62
C TYR AA 176 -42.28 -13.64 48.83
N ASP AA 177 -43.04 -14.73 48.72
CA ASP AA 177 -43.00 -15.81 49.69
C ASP AA 177 -41.58 -16.33 49.86
N ASN AA 178 -41.19 -16.62 51.10
CA ASN AA 178 -39.81 -17.07 51.35
C ASN AA 178 -39.50 -18.46 50.81
N THR AA 179 -40.50 -19.27 50.48
CA THR AA 179 -40.22 -20.64 50.04
C THR AA 179 -39.54 -20.66 48.67
N VAL AA 180 -38.98 -21.82 48.34
CA VAL AA 180 -38.27 -21.99 47.07
C VAL AA 180 -39.16 -21.70 45.89
N GLU AA 181 -40.48 -21.81 46.07
CA GLU AA 181 -41.40 -21.56 44.98
C GLU AA 181 -41.52 -20.06 44.68
N ARG AA 182 -41.26 -19.23 45.69
CA ARG AA 182 -41.35 -17.78 45.60
C ARG AA 182 -42.60 -17.30 44.87
N ASN AA 183 -43.76 -17.61 45.45
CA ASN AA 183 -44.98 -16.97 45.03
C ASN AA 183 -44.92 -15.51 45.45
N SER AA 184 -45.56 -14.63 44.69
CA SER AA 184 -45.60 -13.23 45.06
C SER AA 184 -46.67 -13.00 46.12
N ILE AA 185 -46.25 -12.58 47.31
CA ILE AA 185 -47.22 -12.36 48.39
C ILE AA 185 -47.93 -11.03 48.22
N ALA AA 186 -47.20 -9.94 48.08
CA ALA AA 186 -47.86 -8.64 47.97
C ALA AA 186 -47.02 -7.68 47.14
N GLY AA 187 -47.68 -6.78 46.44
CA GLY AA 187 -46.99 -5.78 45.64
C GLY AA 187 -47.32 -4.39 46.15
N VAL AA 188 -46.40 -3.46 45.99
CA VAL AA 188 -46.68 -2.10 46.41
C VAL AA 188 -46.28 -1.11 45.32
N ARG AA 189 -47.05 -0.01 45.28
CA ARG AA 189 -46.80 1.14 44.44
C ARG AA 189 -46.85 2.36 45.34
N TYR AA 190 -45.96 3.31 45.15
CA TYR AA 190 -46.04 4.52 45.95
C TYR AA 190 -45.58 5.71 45.12
N LEU AA 191 -46.27 6.83 45.29
CA LEU AA 191 -45.98 8.00 44.47
C LEU AA 191 -45.96 9.28 45.29
N ARG AA 192 -44.98 10.14 45.00
CA ARG AA 192 -45.01 11.50 45.50
C ARG AA 192 -46.19 12.24 44.90
N THR AA 193 -47.02 12.83 45.75
CA THR AA 193 -48.14 13.66 45.31
C THR AA 193 -47.80 15.12 45.60
N LYS AA 194 -47.82 15.96 44.57
CA LYS AA 194 -47.43 17.34 44.72
C LYS AA 194 -48.22 18.24 43.79
N PRO AA 195 -48.47 19.49 44.18
CA PRO AA 195 -48.78 20.52 43.19
C PRO AA 195 -47.53 20.94 42.42
N ILE AA 196 -47.74 21.50 41.23
CA ILE AA 196 -46.61 22.01 40.47
C ILE AA 196 -46.04 23.29 41.05
N ASP AA 197 -46.78 24.00 41.90
CA ASP AA 197 -46.23 25.22 42.48
C ASP AA 197 -45.12 24.94 43.50
N LYS AA 198 -44.94 23.68 43.89
CA LYS AA 198 -43.90 23.28 44.85
C LYS AA 198 -43.84 24.22 46.05
N THR AA 199 -45.00 24.44 46.67
CA THR AA 199 -45.06 25.32 47.84
C THR AA 199 -44.16 24.82 48.96
N ASP AA 200 -44.39 23.59 49.44
CA ASP AA 200 -43.81 23.18 50.72
C ASP AA 200 -43.35 21.72 50.74
N GLU AA 201 -44.02 20.85 51.49
CA GLU AA 201 -43.53 19.51 51.79
C GLU AA 201 -43.82 18.56 50.62
N ASP AA 202 -42.80 18.36 49.78
CA ASP AA 202 -42.84 17.38 48.70
C ASP AA 202 -42.93 15.93 49.17
N GLU AA 203 -42.71 15.65 50.45
CA GLU AA 203 -42.39 14.32 50.92
C GLU AA 203 -43.61 13.46 51.27
N VAL AA 204 -44.82 13.87 50.86
CA VAL AA 204 -46.01 13.04 51.04
C VAL AA 204 -46.09 12.00 49.92
N PHE AA 205 -46.28 10.73 50.32
CA PHE AA 205 -46.47 9.62 49.38
C PHE AA 205 -47.83 8.96 49.55
N THR AA 206 -48.51 8.74 48.44
CA THR AA 206 -49.62 7.79 48.41
C THR AA 206 -49.05 6.40 48.26
N VAL AA 207 -49.57 5.44 49.04
CA VAL AA 207 -49.17 4.03 48.89
C VAL AA 207 -50.39 3.20 48.54
N ASP AA 208 -50.25 2.35 47.52
CA ASP AA 208 -51.24 1.34 47.19
C ASP AA 208 -50.60 -0.03 47.38
N LEU AA 209 -51.17 -0.85 48.26
CA LEU AA 209 -50.69 -2.18 48.58
C LEU AA 209 -51.64 -3.19 47.95
N PHE AA 210 -51.12 -4.05 47.08
CA PHE AA 210 -51.92 -5.02 46.34
C PHE AA 210 -51.73 -6.39 46.96
N THR AA 211 -52.84 -7.00 47.39
CA THR AA 211 -52.87 -8.35 47.90
C THR AA 211 -53.71 -9.20 46.96
N SER AA 212 -53.77 -10.50 47.24
CA SER AA 212 -54.48 -11.41 46.36
C SER AA 212 -55.99 -11.20 46.39
N HIS AA 213 -56.53 -10.41 47.32
CA HIS AA 213 -57.96 -10.19 47.43
C HIS AA 213 -58.40 -8.76 47.23
N GLY AA 214 -57.49 -7.79 47.21
CA GLY AA 214 -57.91 -6.41 47.04
C GLY AA 214 -56.72 -5.47 47.13
N VAL AA 215 -57.04 -4.18 47.03
CA VAL AA 215 -56.06 -3.10 47.19
C VAL AA 215 -56.34 -2.38 48.51
N TYR AA 216 -55.30 -2.21 49.31
CA TYR AA 216 -55.32 -1.34 50.48
C TYR AA 216 -54.64 -0.02 50.12
N ARG AA 217 -55.22 1.10 50.54
CA ARG AA 217 -54.70 2.42 50.23
C ARG AA 217 -54.29 3.15 51.50
N TYR AA 218 -53.10 3.73 51.47
CA TYR AA 218 -52.56 4.45 52.62
C TYR AA 218 -51.93 5.75 52.18
N LEU AA 219 -51.61 6.57 53.18
CA LEU AA 219 -50.73 7.72 53.03
C LEU AA 219 -49.57 7.62 53.99
N THR AA 220 -48.46 8.25 53.60
CA THR AA 220 -47.29 8.40 54.45
C THR AA 220 -46.62 9.71 54.09
N ASN AA 221 -45.69 10.14 54.95
CA ASN AA 221 -44.60 10.97 54.47
C ASN AA 221 -43.29 10.41 54.96
N ARG AA 222 -42.23 10.71 54.21
CA ARG AA 222 -40.88 10.27 54.58
C ARG AA 222 -40.51 10.78 55.97
N THR AA 223 -40.97 11.99 56.31
CA THR AA 223 -40.68 12.62 57.60
C THR AA 223 -40.99 11.72 58.79
N ASN AA 224 -42.25 11.30 58.96
CA ASN AA 224 -42.63 10.54 60.16
C ASN AA 224 -42.14 9.09 60.16
N GLY AA 225 -41.16 8.76 59.34
CA GLY AA 225 -40.73 7.38 59.18
C GLY AA 225 -41.76 6.47 58.57
N LEU AA 226 -42.59 7.00 57.67
CA LEU AA 226 -43.44 6.19 56.80
C LEU AA 226 -44.45 5.31 57.53
N LYS AA 227 -45.01 5.78 58.65
CA LYS AA 227 -46.03 4.96 59.30
C LYS AA 227 -47.34 5.08 58.53
N LEU AA 228 -47.84 3.95 58.04
CA LEU AA 228 -48.95 3.93 57.10
C LEU AA 228 -50.26 4.37 57.76
N THR AA 229 -50.95 5.34 57.15
CA THR AA 229 -52.27 5.78 57.60
C THR AA 229 -53.32 5.42 56.55
N PRO AA 230 -54.43 4.77 56.93
CA PRO AA 230 -55.53 4.55 55.97
C PRO AA 230 -55.97 5.81 55.23
N ARG AA 231 -56.15 5.69 53.91
CA ARG AA 231 -56.68 6.78 53.10
C ARG AA 231 -58.21 6.74 53.07
N GLU AA 232 -58.83 7.72 52.41
CA GLU AA 232 -60.19 7.56 51.94
C GLU AA 232 -60.32 6.26 51.15
N ASN AA 233 -61.49 5.61 51.28
CA ASN AA 233 -61.74 4.36 50.57
C ASN AA 233 -60.59 3.39 50.76
N SER AA 234 -60.22 3.19 52.02
CA SER AA 234 -58.95 2.56 52.32
C SER AA 234 -58.86 1.12 51.83
N PHE AA 235 -59.97 0.43 51.61
CA PHE AA 235 -59.91 -0.89 50.99
C PHE AA 235 -60.82 -0.96 49.77
N GLU AA 236 -60.41 -1.79 48.80
CA GLU AA 236 -61.18 -1.95 47.57
C GLU AA 236 -60.96 -3.34 47.01
N SER AA 237 -62.03 -4.12 46.89
CA SER AA 237 -61.92 -5.50 46.44
C SER AA 237 -61.64 -5.57 44.94
N HIS AA 238 -60.89 -6.59 44.53
CA HIS AA 238 -60.69 -6.93 43.13
C HIS AA 238 -61.04 -8.39 42.91
N SER AA 239 -61.53 -8.70 41.71
CA SER AA 239 -62.05 -10.03 41.40
C SER AA 239 -61.01 -11.03 40.93
N PHE AA 240 -59.73 -10.70 40.91
CA PHE AA 240 -58.75 -11.72 40.61
C PHE AA 240 -58.60 -12.59 41.86
N GLU AA 241 -57.79 -13.64 41.77
CA GLU AA 241 -57.56 -14.51 42.91
C GLU AA 241 -56.08 -14.64 43.23
N ARG AA 242 -55.29 -13.71 42.73
CA ARG AA 242 -53.85 -13.67 42.97
C ARG AA 242 -53.42 -12.23 42.80
N MET AA 243 -52.25 -11.89 43.33
CA MET AA 243 -51.85 -10.51 43.33
C MET AA 243 -51.76 -10.00 41.88
N PRO AA 244 -52.42 -8.89 41.54
CA PRO AA 244 -52.50 -8.48 40.13
C PRO AA 244 -51.20 -8.00 39.50
N ILE AA 245 -50.23 -7.50 40.24
CA ILE AA 245 -49.02 -6.98 39.58
C ILE AA 245 -48.16 -8.15 39.13
N THR AA 246 -47.56 -7.99 37.95
CA THR AA 246 -46.63 -8.97 37.40
C THR AA 246 -45.27 -8.32 37.22
N GLU AA 247 -44.21 -9.09 37.43
CA GLU AA 247 -42.85 -8.61 37.26
C GLU AA 247 -42.14 -9.40 36.17
N PHE AA 248 -41.38 -8.69 35.33
CA PHE AA 248 -40.58 -9.26 34.27
C PHE AA 248 -39.12 -8.93 34.54
N SER AA 249 -38.22 -9.82 34.12
CA SER AA 249 -36.80 -9.69 34.40
C SER AA 249 -36.00 -9.73 33.12
N ASN AA 250 -34.98 -8.88 33.03
CA ASN AA 250 -34.11 -8.85 31.87
C ASN AA 250 -33.24 -10.09 31.80
N ASN AA 251 -32.84 -10.59 32.96
CA ASN AA 251 -32.06 -11.81 33.06
C ASN AA 251 -32.15 -12.25 34.52
N GLU AA 252 -31.51 -13.37 34.84
CA GLU AA 252 -31.71 -13.94 36.16
C GLU AA 252 -31.15 -13.06 37.27
N ARG AA 253 -30.21 -12.16 36.96
CA ARG AA 253 -29.75 -11.15 37.89
C ARG AA 253 -30.57 -9.86 37.87
N ARG AA 254 -31.50 -9.72 36.93
CA ARG AA 254 -32.27 -8.47 36.81
C ARG AA 254 -31.36 -7.26 36.63
N LYS AA 255 -30.27 -7.44 35.89
CA LYS AA 255 -29.36 -6.35 35.58
C LYS AA 255 -29.65 -5.72 34.22
N GLY AA 256 -29.39 -4.42 34.13
CA GLY AA 256 -29.64 -3.68 32.91
C GLY AA 256 -28.64 -4.04 31.81
N ASP AA 257 -28.82 -3.39 30.66
CA ASP AA 257 -27.98 -3.70 29.50
C ASP AA 257 -26.67 -2.92 29.49
N TYR AA 258 -26.70 -1.62 29.78
CA TYR AA 258 -25.50 -0.81 29.83
C TYR AA 258 -24.97 -0.60 31.24
N GLU AA 259 -25.67 -1.17 32.23
CA GLU AA 259 -25.26 -1.00 33.61
C GLU AA 259 -23.82 -1.39 33.82
N LYS AA 260 -23.34 -2.38 33.07
CA LYS AA 260 -21.98 -2.85 33.24
C LYS AA 260 -20.94 -2.05 32.47
N VAL AA 261 -21.34 -1.07 31.66
CA VAL AA 261 -20.40 -0.25 30.90
C VAL AA 261 -20.50 1.22 31.25
N ILE AA 262 -21.28 1.55 32.28
CA ILE AA 262 -21.39 2.95 32.66
C ILE AA 262 -20.00 3.56 32.96
N THR AA 263 -19.09 2.78 33.55
CA THR AA 263 -17.77 3.35 33.83
C THR AA 263 -17.00 3.66 32.56
N LEU AA 264 -17.23 2.92 31.48
CA LEU AA 264 -16.55 3.24 30.24
C LEU AA 264 -17.19 4.45 29.59
N ILE AA 265 -18.50 4.58 29.73
CA ILE AA 265 -19.14 5.77 29.20
C ILE AA 265 -18.59 7.00 29.89
N ASP AA 266 -18.43 6.92 31.21
CA ASP AA 266 -17.78 7.99 31.96
C ASP AA 266 -16.41 8.32 31.40
N LEU AA 267 -15.58 7.30 31.20
CA LEU AA 267 -14.22 7.59 30.71
C LEU AA 267 -14.26 8.27 29.35
N TYR AA 268 -15.19 7.90 28.49
CA TYR AA 268 -15.24 8.55 27.19
C TYR AA 268 -15.70 10.00 27.31
N ASP AA 269 -16.66 10.26 28.20
CA ASP AA 269 -17.06 11.63 28.47
C ASP AA 269 -15.87 12.46 28.91
N ASN AA 270 -15.14 11.97 29.90
CA ASN AA 270 -13.99 12.70 30.43
C ASN AA 270 -12.96 12.97 29.34
N ALA AA 271 -12.61 11.97 28.56
CA ALA AA 271 -11.58 12.20 27.53
C ALA AA 271 -12.03 13.24 26.53
N GLU AA 272 -13.28 13.18 26.07
CA GLU AA 272 -13.73 14.16 25.10
C GLU AA 272 -13.77 15.57 25.69
N SER AA 273 -14.28 15.73 26.91
CA SER AA 273 -14.24 17.06 27.51
C SER AA 273 -12.81 17.55 27.71
N ASP AA 274 -11.87 16.65 27.98
CA ASP AA 274 -10.48 17.06 28.05
C ASP AA 274 -10.00 17.65 26.73
N THR AA 275 -10.23 16.94 25.64
CA THR AA 275 -9.81 17.50 24.35
C THR AA 275 -10.53 18.80 24.04
N ALA AA 276 -11.80 18.92 24.43
CA ALA AA 276 -12.50 20.18 24.19
C ALA AA 276 -11.86 21.33 24.97
N ASN AA 277 -11.40 21.06 26.18
CA ASN AA 277 -10.66 22.09 26.92
C ASN AA 277 -9.38 22.45 26.21
N TYR AA 278 -8.58 21.46 25.87
CA TYR AA 278 -7.34 21.75 25.15
C TYR AA 278 -7.59 22.57 23.90
N MET AA 279 -8.68 22.32 23.19
CA MET AA 279 -8.97 23.12 22.00
C MET AA 279 -9.34 24.55 22.36
N SER AA 280 -10.23 24.71 23.33
CA SER AA 280 -10.68 26.03 23.73
C SER AA 280 -9.56 26.91 24.30
N ASP AA 281 -8.71 26.35 25.17
CA ASP AA 281 -7.86 27.21 26.00
C ASP AA 281 -6.49 27.57 25.45
N LEU AA 282 -5.94 26.81 24.50
CA LEU AA 282 -4.62 27.15 23.97
C LEU AA 282 -4.71 27.80 22.59
N ASN AA 283 -3.82 28.76 22.35
CA ASN AA 283 -3.75 29.46 21.08
C ASN AA 283 -3.22 28.52 20.01
N ASP AA 284 -3.85 28.52 18.84
CA ASP AA 284 -3.43 27.60 17.79
C ASP AA 284 -2.00 27.86 17.36
N ALA AA 285 -1.66 29.11 17.09
CA ALA AA 285 -0.30 29.45 16.69
C ALA AA 285 -0.05 30.92 16.99
N MET AA 286 1.23 31.27 17.07
CA MET AA 286 1.63 32.64 17.32
C MET AA 286 2.95 32.92 16.61
N LEU AA 287 3.13 34.17 16.22
CA LEU AA 287 4.42 34.63 15.71
C LEU AA 287 5.29 35.00 16.90
N LEU AA 288 6.31 34.21 17.17
CA LEU AA 288 7.22 34.46 18.28
C LEU AA 288 8.37 35.32 17.80
N ILE AA 289 8.62 36.43 18.50
CA ILE AA 289 9.72 37.34 18.19
C ILE AA 289 10.56 37.50 19.45
N LYS AA 290 11.84 37.20 19.34
CA LYS AA 290 12.80 37.30 20.43
C LYS AA 290 13.82 38.40 20.15
N GLY AA 291 14.56 38.73 21.18
CA GLY AA 291 15.65 39.70 21.14
C GLY AA 291 15.21 41.11 21.46
N ASN AA 292 16.15 41.90 21.95
CA ASN AA 292 15.92 43.27 22.38
C ASN AA 292 15.54 44.16 21.21
N LEU AA 293 14.34 44.73 21.26
CA LEU AA 293 13.80 45.43 20.10
C LEU AA 293 12.71 46.40 20.55
N ASN AA 294 12.32 47.29 19.63
CA ASN AA 294 11.18 48.17 19.81
C ASN AA 294 10.05 47.65 18.93
N LEU AA 295 8.93 47.27 19.54
CA LEU AA 295 7.72 46.94 18.80
C LEU AA 295 6.63 47.92 19.16
N ASP AA 296 6.10 48.61 18.16
CA ASP AA 296 5.00 49.52 18.37
C ASP AA 296 3.69 48.74 18.31
N PRO AA 297 2.87 48.75 19.35
CA PRO AA 297 1.62 48.00 19.28
C PRO AA 297 0.69 48.51 18.21
N VAL AA 298 0.95 49.69 17.65
CA VAL AA 298 0.18 50.15 16.50
C VAL AA 298 0.71 49.52 15.23
N GLU AA 299 2.01 49.28 15.16
CA GLU AA 299 2.61 48.66 14.00
C GLU AA 299 2.31 47.17 13.95
N VAL AA 300 2.24 46.53 15.11
CA VAL AA 300 1.93 45.11 15.16
C VAL AA 300 0.60 44.77 14.48
N ARG AA 301 -0.31 45.73 14.37
CA ARG AA 301 -1.57 45.43 13.70
C ARG AA 301 -1.39 45.13 12.23
N LYS AA 302 -0.28 45.55 11.63
CA LYS AA 302 0.02 45.21 10.25
C LYS AA 302 0.45 43.76 10.09
N GLN AA 303 0.62 43.03 11.18
CA GLN AA 303 1.13 41.67 11.10
C GLN AA 303 0.38 40.84 10.08
N LYS AA 304 -0.94 41.00 9.99
CA LYS AA 304 -1.71 40.23 9.03
C LYS AA 304 -1.46 40.62 7.59
N GLU AA 305 -0.94 41.81 7.33
CA GLU AA 305 -0.84 42.30 5.96
C GLU AA 305 0.57 42.68 5.55
N ALA AA 306 1.56 42.50 6.40
CA ALA AA 306 2.94 42.74 6.00
C ALA AA 306 3.49 41.53 5.26
N ASN AA 307 4.39 41.80 4.33
CA ASN AA 307 5.09 40.75 3.59
C ASN AA 307 6.50 40.51 4.11
N VAL AA 308 7.21 41.56 4.49
CA VAL AA 308 8.58 41.48 4.98
C VAL AA 308 8.58 41.81 6.46
N LEU AA 309 9.27 41.00 7.25
CA LEU AA 309 9.53 41.28 8.65
C LEU AA 309 11.01 41.57 8.78
N PHE AA 310 11.36 42.77 9.21
CA PHE AA 310 12.74 43.20 9.35
C PHE AA 310 13.07 43.38 10.82
N LEU AA 311 14.03 42.60 11.31
CA LEU AA 311 14.47 42.65 12.70
C LEU AA 311 15.88 43.22 12.73
N GLU AA 312 16.03 44.39 13.32
CA GLU AA 312 17.34 45.02 13.39
C GLU AA 312 17.88 44.91 14.80
N PRO AA 313 18.98 44.22 15.03
CA PRO AA 313 19.43 43.99 16.41
C PRO AA 313 20.00 45.24 17.05
N THR AA 314 19.79 45.35 18.35
CA THR AA 314 20.38 46.41 19.13
C THR AA 314 21.90 46.30 19.10
N VAL AA 315 22.57 47.43 18.96
CA VAL AA 315 24.03 47.49 18.99
C VAL AA 315 24.45 47.99 20.36
N TYR AA 316 25.26 47.20 21.07
CA TYR AA 316 25.74 47.56 22.39
C TYR AA 316 27.14 48.12 22.25
N VAL AA 317 27.40 49.25 22.91
CA VAL AA 317 28.69 49.93 22.85
C VAL AA 317 29.42 49.70 24.15
N ASP AA 318 30.66 49.23 24.05
CA ASP AA 318 31.47 48.99 25.22
C ASP AA 318 32.14 50.28 25.64
N ALA AA 319 32.44 50.41 26.93
CA ALA AA 319 33.04 51.65 27.40
C ALA AA 319 34.38 51.89 26.73
N GLU AA 320 35.08 50.84 26.34
CA GLU AA 320 36.35 50.97 25.63
C GLU AA 320 36.15 51.11 24.13
N GLY AA 321 34.91 51.29 23.67
CA GLY AA 321 34.61 51.52 22.27
C GLY AA 321 34.22 50.30 21.44
N ARG AA 322 34.23 49.10 22.01
CA ARG AA 322 33.83 47.93 21.23
C ARG AA 322 32.33 47.98 20.94
N GLU AA 323 31.93 47.29 19.87
CA GLU AA 323 30.54 47.18 19.49
C GLU AA 323 30.15 45.73 19.27
N THR AA 324 28.95 45.37 19.74
CA THR AA 324 28.46 44.01 19.63
C THR AA 324 26.94 44.02 19.52
N GLU AA 325 26.41 42.98 18.89
CA GLU AA 325 25.01 42.90 18.52
C GLU AA 325 24.20 41.91 19.36
N GLY AA 326 22.97 42.30 19.69
CA GLY AA 326 22.04 41.38 20.31
C GLY AA 326 21.57 40.30 19.37
N SER AA 327 21.05 39.21 19.94
CA SER AA 327 20.55 38.07 19.18
C SER AA 327 19.05 38.19 18.96
N VAL AA 328 18.66 38.70 17.79
CA VAL AA 328 17.25 38.78 17.42
C VAL AA 328 16.80 37.47 16.83
N ASP AA 329 15.51 37.16 16.94
CA ASP AA 329 15.00 35.95 16.29
C ASP AA 329 13.51 36.06 16.04
N GLY AA 330 13.02 35.29 15.08
CA GLY AA 330 11.60 35.29 14.76
C GLY AA 330 11.10 34.06 14.04
N GLY AA 331 9.92 33.57 14.41
CA GLY AA 331 9.38 32.39 13.75
C GLY AA 331 8.06 32.00 14.38
N TYR AA 332 7.27 31.23 13.63
CA TYR AA 332 5.98 30.78 14.12
C TYR AA 332 6.09 29.56 15.02
N ILE AA 333 5.25 29.51 16.04
CA ILE AA 333 5.11 28.36 16.91
C ILE AA 333 3.64 27.99 16.97
N TYR AA 334 3.35 26.70 17.14
CA TYR AA 334 1.98 26.23 17.13
C TYR AA 334 1.77 25.11 18.14
N LYS AA 335 0.57 25.07 18.73
CA LYS AA 335 0.26 24.06 19.73
C LYS AA 335 0.06 22.70 19.07
N GLN AA 336 0.30 21.65 19.84
CA GLN AA 336 0.22 20.29 19.34
C GLN AA 336 -0.13 19.36 20.48
N TYR AA 337 -0.79 18.23 20.18
CA TYR AA 337 -1.08 17.24 21.19
C TYR AA 337 -0.92 15.84 20.61
N ASP AA 338 -0.82 14.85 21.50
CA ASP AA 338 -0.59 13.45 21.15
C ASP AA 338 -1.83 12.84 20.50
N VAL AA 339 -1.99 13.14 19.21
CA VAL AA 339 -3.13 12.64 18.46
C VAL AA 339 -3.12 11.12 18.38
N GLN AA 340 -1.96 10.52 18.12
CA GLN AA 340 -1.92 9.07 18.00
C GLN AA 340 -2.44 8.40 19.26
N GLY AA 341 -1.89 8.77 20.40
CA GLY AA 341 -2.25 8.08 21.63
C GLY AA 341 -3.64 8.39 22.09
N THR AA 342 -4.10 9.62 21.89
CA THR AA 342 -5.44 9.91 22.36
C THR AA 342 -6.49 9.27 21.47
N GLU AA 343 -6.27 9.24 20.16
CA GLU AA 343 -7.27 8.60 19.32
C GLU AA 343 -7.25 7.09 19.49
N ALA AA 344 -6.07 6.49 19.70
CA ALA AA 344 -6.08 5.05 19.95
C ALA AA 344 -6.79 4.71 21.24
N TYR AA 345 -6.68 5.57 22.25
CA TYR AA 345 -7.36 5.31 23.51
C TYR AA 345 -8.87 5.50 23.38
N LYS AA 346 -9.30 6.60 22.78
CA LYS AA 346 -10.74 6.83 22.63
C LYS AA 346 -11.37 5.79 21.72
N ASP AA 347 -10.64 5.31 20.72
CA ASP AA 347 -11.17 4.23 19.90
C ASP AA 347 -11.27 2.94 20.68
N ARG AA 348 -10.36 2.71 21.61
CA ARG AA 348 -10.49 1.49 22.39
C ARG AA 348 -11.72 1.56 23.28
N LEU AA 349 -11.97 2.71 23.90
CA LEU AA 349 -13.17 2.82 24.71
C LEU AA 349 -14.44 2.59 23.89
N ASN AA 350 -14.54 3.24 22.73
CA ASN AA 350 -15.73 3.03 21.91
C ASN AA 350 -15.87 1.57 21.52
N SER AA 351 -14.78 0.96 21.07
CA SER AA 351 -14.82 -0.44 20.67
C SER AA 351 -15.30 -1.32 21.80
N ASP AA 352 -14.81 -1.09 23.01
CA ASP AA 352 -15.19 -1.93 24.13
C ASP AA 352 -16.63 -1.72 24.53
N ILE AA 353 -17.11 -0.48 24.52
CA ILE AA 353 -18.52 -0.26 24.84
C ILE AA 353 -19.40 -1.04 23.89
N HIS AA 354 -19.04 -1.08 22.62
CA HIS AA 354 -19.85 -1.88 21.69
C HIS AA 354 -19.63 -3.38 21.87
N MET AA 355 -18.40 -3.82 22.14
CA MET AA 355 -18.15 -5.25 22.27
C MET AA 355 -18.90 -5.85 23.45
N PHE AA 356 -18.80 -5.22 24.62
CA PHE AA 356 -19.43 -5.80 25.80
C PHE AA 356 -20.94 -5.71 25.78
N THR AA 357 -21.52 -5.01 24.81
CA THR AA 357 -22.97 -4.92 24.69
C THR AA 357 -23.45 -5.56 23.41
N ASN AA 358 -22.59 -6.24 22.67
CA ASN AA 358 -22.99 -6.96 21.47
C ASN AA 358 -23.74 -6.08 20.49
N THR AA 359 -23.39 -4.80 20.46
CA THR AA 359 -23.99 -3.85 19.55
C THR AA 359 -23.06 -3.61 18.37
N PRO AA 360 -23.54 -3.50 17.14
CA PRO AA 360 -22.62 -3.37 16.00
C PRO AA 360 -21.83 -2.07 16.05
N ASN AA 361 -20.51 -2.20 15.95
CA ASN AA 361 -19.57 -1.08 15.99
C ASN AA 361 -19.56 -0.39 14.62
N MET AA 362 -20.40 0.62 14.47
CA MET AA 362 -20.56 1.29 13.18
C MET AA 362 -19.26 1.85 12.64
N LYS AA 363 -18.30 2.22 13.50
CA LYS AA 363 -17.08 2.82 12.99
C LYS AA 363 -16.16 1.82 12.32
N ASP AA 364 -16.26 0.55 12.68
CA ASP AA 364 -15.42 -0.50 12.11
C ASP AA 364 -16.32 -1.55 11.49
N ASP AA 365 -17.00 -1.17 10.42
CA ASP AA 365 -18.05 -2.00 9.84
C ASP AA 365 -17.91 -1.99 8.33
N ASN AA 366 -18.26 -3.12 7.71
CA ASN AA 366 -18.30 -3.26 6.26
C ASN AA 366 -19.55 -4.01 5.87
N PHE AA 367 -20.26 -3.49 4.88
CA PHE AA 367 -21.44 -4.18 4.36
C PHE AA 367 -21.02 -5.37 3.51
N SER AA 368 -21.49 -6.56 3.86
CA SER AA 368 -21.12 -7.78 3.16
C SER AA 368 -21.86 -7.86 1.83
N GLY AA 369 -21.12 -7.73 0.73
CA GLY AA 369 -21.71 -7.88 -0.58
C GLY AA 369 -22.86 -6.93 -0.83
N THR AA 370 -24.07 -7.46 -0.97
CA THR AA 370 -25.23 -6.64 -1.26
C THR AA 370 -26.49 -7.07 -0.52
N GLN AA 371 -26.46 -8.16 0.24
CA GLN AA 371 -27.65 -8.75 0.84
C GLN AA 371 -27.49 -8.77 2.35
N SER AA 372 -28.48 -8.19 3.05
CA SER AA 372 -28.30 -7.69 4.41
C SER AA 372 -28.69 -8.67 5.50
N GLY AA 373 -29.73 -9.47 5.28
CA GLY AA 373 -30.30 -10.23 6.38
C GLY AA 373 -29.31 -11.19 7.03
N GLU AA 374 -28.60 -11.96 6.20
CA GLU AA 374 -27.69 -12.95 6.77
C GLU AA 374 -26.45 -12.29 7.35
N ALA AA 375 -25.97 -11.22 6.76
CA ALA AA 375 -24.87 -10.48 7.38
C ALA AA 375 -25.27 -9.97 8.76
N MET AA 376 -26.51 -9.51 8.90
CA MET AA 376 -26.98 -9.12 10.22
C MET AA 376 -27.06 -10.30 11.17
N LYS AA 377 -27.60 -11.43 10.72
CA LYS AA 377 -27.65 -12.57 11.63
C LYS AA 377 -26.27 -13.05 12.04
N TYR AA 378 -25.25 -12.81 11.22
CA TYR AA 378 -23.89 -13.06 11.70
C TYR AA 378 -23.47 -12.03 12.73
N LYS AA 379 -23.60 -10.75 12.40
CA LYS AA 379 -23.02 -9.72 13.26
C LYS AA 379 -23.75 -9.60 14.59
N LEU AA 380 -25.03 -9.94 14.64
CA LEU AA 380 -25.80 -9.91 15.87
C LEU AA 380 -25.85 -11.27 16.56
N PHE AA 381 -25.00 -12.21 16.17
CA PHE AA 381 -25.05 -13.51 16.80
C PHE AA 381 -24.87 -13.42 18.30
N GLY AA 382 -23.94 -12.58 18.76
CA GLY AA 382 -23.74 -12.45 20.19
C GLY AA 382 -24.95 -11.87 20.90
N LEU AA 383 -25.64 -10.94 20.26
CA LEU AA 383 -26.84 -10.38 20.85
C LEU AA 383 -27.98 -11.39 20.89
N GLU AA 384 -28.03 -12.27 19.91
CA GLU AA 384 -29.08 -13.29 19.89
C GLU AA 384 -29.00 -14.19 21.10
N GLN AA 385 -27.79 -14.55 21.52
CA GLN AA 385 -27.65 -15.45 22.66
C GLN AA 385 -28.29 -14.90 23.93
N ARG AA 386 -28.13 -13.61 24.20
CA ARG AA 386 -28.79 -13.02 25.38
C ARG AA 386 -30.29 -12.90 25.18
N THR AA 387 -30.69 -12.44 24.00
CA THR AA 387 -32.11 -12.25 23.75
C THR AA 387 -32.91 -13.53 23.92
N LYS AA 388 -32.33 -14.68 23.59
CA LYS AA 388 -33.10 -15.92 23.74
C LYS AA 388 -33.42 -16.21 25.21
N THR AA 389 -32.54 -15.82 26.12
CA THR AA 389 -32.84 -15.99 27.53
C THR AA 389 -33.89 -14.98 27.96
N LYS AA 390 -33.71 -13.74 27.53
CA LYS AA 390 -34.71 -12.73 27.84
C LYS AA 390 -36.08 -13.21 27.37
N GLU AA 391 -36.11 -13.83 26.21
CA GLU AA 391 -37.36 -14.37 25.66
C GLU AA 391 -37.95 -15.42 26.57
N GLY AA 392 -37.10 -16.24 27.19
CA GLY AA 392 -37.62 -17.25 28.08
C GLY AA 392 -38.30 -16.63 29.29
N LEU AA 393 -37.61 -15.70 29.93
CA LEU AA 393 -38.20 -15.05 31.10
C LEU AA 393 -39.45 -14.24 30.72
N PHE AA 394 -39.46 -13.66 29.52
CA PHE AA 394 -40.63 -12.90 29.08
C PHE AA 394 -41.83 -13.80 28.94
N THR AA 395 -41.65 -14.97 28.31
CA THR AA 395 -42.79 -15.89 28.20
C THR AA 395 -43.24 -16.32 29.58
N LYS AA 396 -42.29 -16.53 30.50
CA LYS AA 396 -42.67 -16.90 31.85
C LYS AA 396 -43.58 -15.85 32.46
N GLY AA 397 -43.41 -14.60 32.09
CA GLY AA 397 -44.31 -13.55 32.58
C GLY AA 397 -45.65 -13.49 31.87
N LEU AA 398 -45.60 -13.61 30.55
CA LEU AA 398 -46.84 -13.60 29.77
C LEU AA 398 -47.79 -14.70 30.21
N ARG AA 399 -47.25 -15.85 30.63
CA ARG AA 399 -48.15 -16.89 31.14
C ARG AA 399 -48.92 -16.42 32.37
N ARG AA 400 -48.29 -15.63 33.23
CA ARG AA 400 -49.01 -15.10 34.38
C ARG AA 400 -50.06 -14.08 33.95
N ARG AA 401 -49.72 -13.23 32.99
CA ARG AA 401 -50.74 -12.32 32.45
C ARG AA 401 -51.95 -13.09 31.94
N ALA AA 402 -51.70 -14.20 31.24
CA ALA AA 402 -52.81 -15.00 30.74
C ALA AA 402 -53.59 -15.64 31.88
N LYS AA 403 -52.90 -16.11 32.92
CA LYS AA 403 -53.59 -16.69 34.06
C LYS AA 403 -54.54 -15.69 34.71
N LEU AA 404 -54.08 -14.44 34.83
CA LEU AA 404 -54.94 -13.41 35.39
C LEU AA 404 -56.14 -13.17 34.48
N LEU AA 405 -55.90 -13.08 33.19
CA LEU AA 405 -56.99 -12.78 32.27
C LEU AA 405 -58.04 -13.88 32.31
N GLU AA 406 -57.62 -15.15 32.32
CA GLU AA 406 -58.63 -16.19 32.35
C GLU AA 406 -59.40 -16.15 33.65
N THR AA 407 -58.74 -15.79 34.75
CA THR AA 407 -59.46 -15.82 36.01
C THR AA 407 -60.55 -14.75 36.03
N ILE AA 408 -60.23 -13.55 35.54
CA ILE AA 408 -61.23 -12.50 35.54
C ILE AA 408 -62.36 -12.82 34.54
N LEU AA 409 -62.01 -13.42 33.39
CA LEU AA 409 -63.05 -13.78 32.44
C LEU AA 409 -64.00 -14.81 33.03
N LYS AA 410 -63.46 -15.81 33.73
CA LYS AA 410 -64.35 -16.80 34.32
C LYS AA 410 -65.20 -16.21 35.43
N ASN AA 411 -64.61 -15.36 36.27
CA ASN AA 411 -65.40 -14.81 37.36
C ASN AA 411 -66.50 -13.91 36.84
N THR AA 412 -66.32 -13.32 35.66
CA THR AA 412 -67.41 -12.58 35.04
C THR AA 412 -68.26 -13.46 34.13
N ARG AA 413 -67.91 -14.74 34.03
CA ARG AA 413 -68.60 -15.67 33.14
C ARG AA 413 -68.62 -15.17 31.70
N SER AA 414 -67.58 -14.44 31.30
CA SER AA 414 -67.47 -14.02 29.91
C SER AA 414 -66.92 -15.15 29.04
N ILE AA 415 -66.56 -16.28 29.65
CA ILE AA 415 -66.10 -17.46 28.93
C ILE AA 415 -66.50 -18.67 29.75
N ASP AA 416 -66.60 -19.82 29.10
CA ASP AA 416 -66.96 -21.03 29.80
C ASP AA 416 -65.85 -21.43 30.77
N ALA AA 417 -66.25 -21.86 31.96
CA ALA AA 417 -65.30 -22.30 32.97
C ALA AA 417 -64.47 -23.49 32.50
N ASN AA 418 -64.88 -24.14 31.42
CA ASN AA 418 -64.16 -25.28 30.87
C ASN AA 418 -62.84 -24.90 30.21
N LYS AA 419 -62.68 -23.66 29.78
CA LYS AA 419 -61.50 -23.29 28.98
C LYS AA 419 -60.23 -23.26 29.81
N ASP AA 420 -59.10 -23.42 29.11
CA ASP AA 420 -57.77 -23.39 29.69
C ASP AA 420 -56.89 -22.48 28.83
N PHE AA 421 -56.20 -21.54 29.46
CA PHE AA 421 -55.34 -20.61 28.74
C PHE AA 421 -53.88 -21.03 28.67
N ASN AA 422 -53.43 -22.00 29.46
CA ASN AA 422 -52.02 -22.35 29.41
C ASN AA 422 -51.60 -23.06 28.13
N THR AA 423 -52.52 -23.38 27.23
CA THR AA 423 -52.14 -24.01 25.97
C THR AA 423 -51.62 -23.03 24.94
N VAL AA 424 -51.80 -21.73 25.15
CA VAL AA 424 -51.37 -20.72 24.17
C VAL AA 424 -49.88 -20.83 23.89
N ARG AA 425 -49.53 -20.76 22.61
CA ARG AA 425 -48.14 -20.78 22.15
C ARG AA 425 -47.74 -19.38 21.70
N TYR AA 426 -46.72 -18.82 22.36
CA TYR AA 426 -46.20 -17.50 22.03
C TYR AA 426 -45.06 -17.63 21.03
N VAL AA 427 -45.21 -17.04 19.84
CA VAL AA 427 -44.23 -17.15 18.77
C VAL AA 427 -43.53 -15.82 18.60
N TYR AA 428 -42.19 -15.83 18.67
CA TYR AA 428 -41.37 -14.63 18.59
C TYR AA 428 -40.64 -14.54 17.26
N ASN AA 429 -40.61 -13.33 16.70
CA ASN AA 429 -39.83 -13.04 15.51
C ASN AA 429 -38.90 -11.88 15.82
N ARG AA 430 -37.66 -11.96 15.32
CA ARG AA 430 -36.75 -10.83 15.49
C ARG AA 430 -37.08 -9.75 14.47
N ASN AA 431 -36.59 -8.54 14.74
CA ASN AA 431 -36.82 -7.42 13.81
C ASN AA 431 -35.75 -7.31 12.75
N LEU AA 432 -35.28 -8.44 12.22
CA LEU AA 432 -34.28 -8.39 11.18
C LEU AA 432 -34.86 -7.83 9.89
N PRO AA 433 -34.03 -7.22 9.04
CA PRO AA 433 -34.53 -6.68 7.77
C PRO AA 433 -34.95 -7.80 6.83
N LYS AA 434 -35.88 -7.47 5.94
CA LYS AA 434 -36.49 -8.46 5.07
C LYS AA 434 -36.58 -7.92 3.66
N SER AA 435 -36.85 -8.80 2.70
CA SER AA 435 -36.83 -8.46 1.27
C SER AA 435 -38.07 -9.08 0.62
N LEU AA 436 -39.11 -8.27 0.47
CA LEU AA 436 -40.38 -8.78 -0.05
C LEU AA 436 -40.23 -9.39 -1.44
N ILE AA 437 -39.31 -8.90 -2.26
CA ILE AA 437 -39.14 -9.49 -3.59
C ILE AA 437 -38.61 -10.92 -3.48
N GLU AA 438 -37.55 -11.12 -2.70
CA GLU AA 438 -37.03 -12.46 -2.54
C GLU AA 438 -38.03 -13.37 -1.85
N GLU AA 439 -38.81 -12.82 -0.92
CA GLU AA 439 -39.78 -13.67 -0.23
C GLU AA 439 -40.93 -14.06 -1.15
N LEU AA 440 -41.45 -13.15 -1.96
CA LEU AA 440 -42.44 -13.56 -2.94
C LEU AA 440 -41.89 -14.62 -3.86
N LYS AA 441 -40.68 -14.42 -4.38
CA LYS AA 441 -40.14 -15.42 -5.28
C LYS AA 441 -39.99 -16.77 -4.60
N ALA AA 442 -39.62 -16.76 -3.32
CA ALA AA 442 -39.49 -18.01 -2.57
C ALA AA 442 -40.81 -18.63 -2.20
N TYR AA 443 -41.87 -17.83 -2.10
CA TYR AA 443 -43.17 -18.37 -1.76
C TYR AA 443 -43.93 -18.86 -2.98
N ILE AA 444 -43.78 -18.19 -4.11
CA ILE AA 444 -44.52 -18.63 -5.28
C ILE AA 444 -43.77 -19.74 -5.97
N ASP AA 445 -42.45 -19.68 -6.05
CA ASP AA 445 -41.79 -20.94 -6.29
C ASP AA 445 -42.11 -21.82 -5.09
N SER AA 446 -42.05 -23.12 -5.29
CA SER AA 446 -42.40 -24.06 -4.24
C SER AA 446 -43.90 -24.13 -3.96
N GLY AA 447 -44.74 -23.63 -4.87
CA GLY AA 447 -46.16 -23.91 -4.81
C GLY AA 447 -47.08 -22.97 -4.07
N GLY AA 448 -46.67 -21.74 -3.78
CA GLY AA 448 -47.58 -20.81 -3.12
C GLY AA 448 -48.64 -20.29 -4.06
N LYS AA 449 -49.73 -19.78 -3.46
CA LYS AA 449 -50.84 -19.15 -4.18
C LYS AA 449 -51.17 -17.80 -3.56
N ILE AA 450 -51.53 -16.82 -4.39
CA ILE AA 450 -51.95 -15.51 -3.90
C ILE AA 450 -53.14 -15.01 -4.70
N SER AA 451 -54.12 -14.44 -3.99
CA SER AA 451 -55.25 -13.80 -4.65
C SER AA 451 -54.80 -12.50 -5.29
N GLN AA 452 -55.39 -12.19 -6.45
CA GLN AA 452 -54.98 -11.02 -7.22
C GLN AA 452 -54.98 -9.75 -6.39
N THR AA 453 -56.06 -9.52 -5.63
CA THR AA 453 -56.13 -8.28 -4.85
C THR AA 453 -55.01 -8.22 -3.83
N THR AA 454 -54.65 -9.35 -3.24
CA THR AA 454 -53.56 -9.37 -2.26
C THR AA 454 -52.23 -9.09 -2.93
N LEU AA 455 -51.99 -9.77 -4.05
CA LEU AA 455 -50.74 -9.57 -4.75
C LEU AA 455 -50.59 -8.11 -5.16
N MET AA 456 -51.66 -7.50 -5.65
CA MET AA 456 -51.56 -6.08 -6.00
C MET AA 456 -51.30 -5.24 -4.77
N SER AA 457 -51.91 -5.60 -3.64
CA SER AA 457 -51.70 -4.79 -2.45
C SER AA 457 -50.26 -4.79 -2.00
N LEU AA 458 -49.46 -5.74 -2.47
CA LEU AA 458 -48.06 -5.74 -2.02
C LEU AA 458 -47.18 -4.72 -2.76
N PHE AA 459 -47.56 -4.29 -3.95
CA PHE AA 459 -46.73 -3.41 -4.78
C PHE AA 459 -47.34 -2.02 -4.84
N SER AA 460 -46.53 -1.01 -4.52
CA SER AA 460 -47.05 0.35 -4.43
C SER AA 460 -47.12 1.10 -5.75
N PHE AA 461 -46.79 0.50 -6.89
CA PHE AA 461 -46.95 1.24 -8.13
C PHE AA 461 -48.41 1.24 -8.61
N PHE AA 462 -49.24 0.35 -8.07
CA PHE AA 462 -50.66 0.38 -8.35
C PHE AA 462 -51.33 1.51 -7.58
N GLN AA 463 -51.80 2.52 -8.29
CA GLN AA 463 -52.45 3.66 -7.64
C GLN AA 463 -53.80 3.27 -7.06
N ASP AA 464 -54.52 2.34 -7.68
CA ASP AA 464 -55.82 1.87 -7.21
C ASP AA 464 -55.83 0.35 -7.25
N PRO AA 465 -55.42 -0.29 -6.15
CA PRO AA 465 -55.31 -1.76 -6.13
C PRO AA 465 -56.62 -2.47 -6.39
N GLU AA 466 -57.76 -1.81 -6.22
CA GLU AA 466 -59.04 -2.46 -6.46
C GLU AA 466 -59.60 -2.12 -7.83
N LEU AA 467 -59.60 -0.83 -8.19
CA LEU AA 467 -60.09 -0.44 -9.49
C LEU AA 467 -59.37 -1.20 -10.59
N GLU AA 468 -58.08 -1.47 -10.39
CA GLU AA 468 -57.33 -2.17 -11.41
C GLU AA 468 -57.99 -3.49 -11.81
N VAL AA 469 -58.68 -4.15 -10.90
CA VAL AA 469 -59.32 -5.42 -11.27
C VAL AA 469 -60.41 -5.19 -12.31
N LYS AA 470 -61.24 -4.18 -12.11
CA LYS AA 470 -62.27 -3.86 -13.09
C LYS AA 470 -61.62 -3.49 -14.41
N LYS AA 471 -60.56 -2.69 -14.34
CA LYS AA 471 -59.87 -2.26 -15.55
C LYS AA 471 -59.26 -3.43 -16.29
N ILE AA 472 -58.93 -4.51 -15.57
CA ILE AA 472 -58.42 -5.71 -16.22
C ILE AA 472 -59.56 -6.50 -16.83
N GLU AA 473 -60.70 -6.58 -16.14
CA GLU AA 473 -61.84 -7.29 -16.68
C GLU AA 473 -62.29 -6.68 -18.00
N GLU AA 474 -62.25 -5.36 -18.12
CA GLU AA 474 -62.62 -4.73 -19.38
C GLU AA 474 -61.74 -5.23 -20.52
N ASP AA 475 -60.42 -5.21 -20.31
CA ASP AA 475 -59.49 -5.68 -21.32
C ASP AA 475 -59.72 -7.15 -21.65
N GLU AA 476 -59.79 -7.99 -20.63
CA GLU AA 476 -59.99 -9.42 -20.84
C GLU AA 476 -61.33 -9.70 -21.50
N LYS AA 477 -62.29 -8.77 -21.41
CA LYS AA 477 -63.56 -8.97 -22.08
C LYS AA 477 -63.45 -8.62 -23.55
N GLU AA 478 -62.86 -7.46 -23.86
CA GLU AA 478 -62.71 -7.11 -25.26
C GLU AA 478 -61.73 -8.03 -25.97
N SER AA 479 -60.92 -8.77 -25.22
CA SER AA 479 -60.06 -9.78 -25.84
C SER AA 479 -60.86 -10.96 -26.38
N ILE AA 480 -62.13 -11.09 -25.98
CA ILE AA 480 -62.96 -12.17 -26.46
C ILE AA 480 -63.50 -11.91 -27.86
N LYS AA 481 -63.54 -10.65 -28.28
CA LYS AA 481 -64.18 -10.27 -29.53
C LYS AA 481 -63.18 -10.19 -30.68
#